data_8ZEA
#
_entry.id   8ZEA
#
_entity_poly.entity_id   1
_entity_poly.type   'polypeptide(L)'
_entity_poly.pdbx_seq_one_letter_code
;MTDFYTIKDAQADLAIAPLNLTVLLAPYSTTPATTLESPTDGSLAIPPGYKSVGHFEKQAGLTLGNEFDSKDIEAYGEPE
PIRTIINKRTTTFDFAMYQNQRNVLELIWTQDFSNIQPSEFGGIVLEAPKVPKNIYYRAILVGMDDRNDRPIWLYWLMPK
VKLDKLDNQTLNDDNVIEYKPTLKAFRDDVVGYSVAQGFAGPGWRDLVATAGFGEALTALTITPGSPTVTVATGASHTAQ
LLVEGDNGINYTPDVVFTSSAPDKASVSAAGLVTGVAAGSATITATKGALTATATVTVTA
;
_entity_poly.pdbx_strand_id   a,b,c,d,e,f,A,B,C,D,E,F,G,H,I,J,K,L,M,N,O,P,Q,R,S,T,U,V,W,X
#
# COMPACT_ATOMS: atom_id res chain seq x y z
N THR A 2 33.05 35.76 90.64
CA THR A 2 33.75 36.35 89.51
C THR A 2 32.98 37.54 88.95
N ASP A 3 33.61 38.71 88.96
CA ASP A 3 32.96 39.92 88.48
C ASP A 3 33.13 40.06 86.97
N PHE A 4 32.52 41.12 86.43
CA PHE A 4 32.53 41.34 84.99
C PHE A 4 33.94 41.60 84.48
N TYR A 5 34.73 42.37 85.24
CA TYR A 5 36.09 42.71 84.80
C TYR A 5 36.95 41.45 84.67
N THR A 6 36.82 40.51 85.61
CA THR A 6 37.60 39.29 85.52
C THR A 6 37.18 38.44 84.33
N ILE A 7 35.88 38.37 84.05
CA ILE A 7 35.40 37.59 82.92
C ILE A 7 35.90 38.21 81.61
N LYS A 8 35.88 39.53 81.51
CA LYS A 8 36.30 40.20 80.28
C LYS A 8 37.76 39.88 79.95
N ASP A 9 38.63 39.87 80.96
CA ASP A 9 40.03 39.44 80.79
C ASP A 9 40.71 40.22 79.67
N ALA A 10 40.54 41.54 79.67
CA ALA A 10 41.04 42.36 78.59
C ALA A 10 42.54 42.61 78.76
N GLN A 11 43.29 42.37 77.69
CA GLN A 11 44.75 42.54 77.67
C GLN A 11 45.06 43.64 76.67
N ALA A 12 45.30 44.85 77.19
CA ALA A 12 45.62 45.98 76.31
C ALA A 12 46.94 45.78 75.58
N ASP A 13 47.90 45.09 76.20
CA ASP A 13 49.20 44.88 75.58
C ASP A 13 49.13 43.98 74.36
N LEU A 14 48.05 43.24 74.18
CA LEU A 14 47.90 42.40 73.00
C LEU A 14 47.35 43.18 71.80
N ALA A 15 47.06 44.47 71.95
CA ALA A 15 46.73 45.31 70.82
C ALA A 15 48.03 45.85 70.21
N ILE A 16 48.24 45.60 68.93
CA ILE A 16 49.50 45.90 68.26
C ILE A 16 49.26 46.95 67.19
N ALA A 17 50.03 48.03 67.26
CA ALA A 17 49.91 49.13 66.31
C ALA A 17 51.06 49.08 65.32
N PRO A 18 50.79 48.95 64.02
CA PRO A 18 51.87 48.98 63.01
C PRO A 18 52.38 50.41 62.80
N LEU A 19 53.22 50.86 63.75
CA LEU A 19 53.73 52.22 63.71
C LEU A 19 54.57 52.47 62.47
N ASN A 20 55.38 51.51 62.08
CA ASN A 20 56.08 51.54 60.81
C ASN A 20 55.75 50.28 60.02
N LEU A 21 55.79 50.41 58.71
CA LEU A 21 55.37 49.33 57.83
C LEU A 21 56.21 49.38 56.56
N THR A 22 56.55 48.22 56.03
CA THR A 22 57.30 48.13 54.79
C THR A 22 56.79 46.95 53.97
N VAL A 23 56.75 47.13 52.66
CA VAL A 23 56.33 46.10 51.72
C VAL A 23 57.55 45.69 50.92
N LEU A 24 57.85 44.40 50.92
CA LEU A 24 58.97 43.87 50.16
C LEU A 24 58.45 42.89 49.12
N LEU A 25 58.92 43.06 47.89
CA LEU A 25 58.57 42.18 46.79
C LEU A 25 59.82 41.46 46.30
N ALA A 26 59.64 40.24 45.85
CA ALA A 26 60.71 39.46 45.27
C ALA A 26 60.23 38.85 43.97
N PRO A 27 61.13 38.62 43.01
CA PRO A 27 60.75 37.89 41.81
C PRO A 27 60.32 36.48 42.16
N TYR A 28 59.45 35.92 41.32
CA TYR A 28 58.89 34.60 41.60
C TYR A 28 59.95 33.51 41.73
N SER A 29 61.13 33.71 41.14
CA SER A 29 62.20 32.73 41.26
C SER A 29 62.85 32.71 42.63
N THR A 30 62.58 33.71 43.46
CA THR A 30 63.13 33.75 44.81
C THR A 30 62.52 32.65 45.67
N THR A 31 63.33 32.10 46.58
CA THR A 31 62.82 31.14 47.55
C THR A 31 61.90 31.85 48.53
N PRO A 32 60.67 31.39 48.71
CA PRO A 32 59.74 32.11 49.58
C PRO A 32 60.19 32.12 51.03
N ALA A 33 59.88 33.22 51.71
CA ALA A 33 60.14 33.30 53.15
C ALA A 33 59.19 32.39 53.91
N THR A 34 59.74 31.65 54.86
CA THR A 34 58.93 30.84 55.77
C THR A 34 58.72 31.51 57.12
N THR A 35 59.69 32.29 57.56
CA THR A 35 59.60 33.05 58.81
C THR A 35 60.55 34.23 58.69
N LEU A 36 60.24 35.29 59.43
CA LEU A 36 61.10 36.46 59.47
C LEU A 36 62.01 36.48 60.70
N GLU A 37 61.89 35.49 61.58
CA GLU A 37 62.70 35.42 62.79
C GLU A 37 64.00 34.70 62.46
N SER A 38 65.12 35.37 62.73
CA SER A 38 66.41 34.76 62.50
C SER A 38 66.63 33.61 63.48
N PRO A 39 67.03 32.43 63.02
CA PRO A 39 67.25 31.30 63.94
C PRO A 39 68.38 31.52 64.93
N THR A 40 69.30 32.44 64.65
CA THR A 40 70.47 32.62 65.51
C THR A 40 70.11 33.37 66.79
N ASP A 41 69.55 34.57 66.66
CA ASP A 41 69.24 35.39 67.81
C ASP A 41 67.81 35.94 67.82
N GLY A 42 66.95 35.47 66.93
CA GLY A 42 65.56 35.89 66.93
C GLY A 42 65.30 37.25 66.33
N SER A 43 66.32 37.90 65.75
CA SER A 43 66.14 39.21 65.16
C SER A 43 65.44 39.10 63.80
N LEU A 44 65.03 40.25 63.26
CA LEU A 44 64.36 40.29 61.98
C LEU A 44 65.33 39.92 60.86
N ALA A 45 64.94 38.97 60.02
CA ALA A 45 65.80 38.45 58.97
C ALA A 45 64.99 38.32 57.69
N ILE A 46 65.27 39.18 56.72
CA ILE A 46 64.60 39.13 55.42
C ILE A 46 65.43 38.26 54.48
N PRO A 47 64.81 37.28 53.82
CA PRO A 47 65.56 36.44 52.89
C PRO A 47 66.08 37.26 51.72
N PRO A 48 67.19 36.85 51.12
CA PRO A 48 67.69 37.57 49.94
C PRO A 48 66.71 37.48 48.79
N GLY A 49 66.70 38.52 47.97
CA GLY A 49 65.80 38.64 46.84
C GLY A 49 64.60 39.53 47.10
N TYR A 50 64.20 39.69 48.36
CA TYR A 50 63.11 40.58 48.70
C TYR A 50 63.62 42.01 48.78
N LYS A 51 62.98 42.90 48.04
CA LYS A 51 63.38 44.30 48.00
C LYS A 51 62.20 45.18 48.39
N SER A 52 62.47 46.15 49.26
CA SER A 52 61.43 47.06 49.71
C SER A 52 61.02 48.02 48.59
N VAL A 53 59.72 48.33 48.56
CA VAL A 53 59.22 49.32 47.60
C VAL A 53 59.44 50.74 48.07
N GLY A 54 59.87 50.93 49.32
CA GLY A 54 60.14 52.25 49.84
C GLY A 54 58.94 52.91 50.49
N HIS A 55 58.94 54.24 50.51
CA HIS A 55 57.88 55.00 51.17
C HIS A 55 56.55 54.79 50.45
N PHE A 56 55.47 54.78 51.24
CA PHE A 56 54.13 54.78 50.68
C PHE A 56 53.26 55.74 51.48
N GLU A 57 52.13 56.11 50.90
CA GLU A 57 51.29 57.18 51.42
C GLU A 57 50.78 56.86 52.83
N LYS A 58 50.91 57.83 53.73
CA LYS A 58 50.52 57.62 55.12
C LYS A 58 49.01 57.51 55.27
N GLN A 59 48.27 58.44 54.67
CA GLN A 59 46.82 58.50 54.89
C GLN A 59 46.11 57.28 54.32
N ALA A 60 46.50 56.85 53.11
CA ALA A 60 45.89 55.66 52.54
C ALA A 60 46.21 54.43 53.38
N GLY A 61 47.41 54.36 53.93
CA GLY A 61 47.80 53.21 54.70
C GLY A 61 47.88 51.98 53.82
N LEU A 62 47.69 50.82 54.45
CA LEU A 62 47.62 49.56 53.73
C LEU A 62 46.32 48.87 54.10
N THR A 63 45.56 48.48 53.09
CA THR A 63 44.27 47.82 53.30
C THR A 63 44.39 46.36 52.89
N LEU A 64 43.97 45.46 53.78
CA LEU A 64 43.96 44.03 53.53
C LEU A 64 42.51 43.58 53.40
N GLY A 65 42.20 42.93 52.28
CA GLY A 65 40.85 42.48 51.99
C GLY A 65 40.76 40.96 52.02
N ASN A 66 39.63 40.44 52.46
CA ASN A 66 39.35 39.02 52.48
C ASN A 66 37.90 38.78 52.09
N GLU A 67 37.68 38.03 51.02
CA GLU A 67 36.33 37.65 50.61
C GLU A 67 36.26 36.14 50.47
N PHE A 68 35.12 35.57 50.82
CA PHE A 68 34.87 34.16 50.66
C PHE A 68 33.84 33.94 49.56
N ASP A 69 34.09 32.96 48.72
CA ASP A 69 33.09 32.49 47.76
C ASP A 69 32.65 31.10 48.17
N SER A 70 31.34 30.93 48.36
CA SER A 70 30.82 29.68 48.87
C SER A 70 29.45 29.42 48.28
N LYS A 71 29.05 28.16 48.31
CA LYS A 71 27.73 27.73 47.84
C LYS A 71 27.05 26.91 48.93
N ASP A 72 25.77 27.17 49.14
CA ASP A 72 24.99 26.49 50.15
C ASP A 72 24.18 25.38 49.52
N ILE A 73 24.21 24.20 50.13
CA ILE A 73 23.40 23.07 49.69
C ILE A 73 22.12 23.09 50.50
N GLU A 74 20.99 23.26 49.82
CA GLU A 74 19.70 23.44 50.47
C GLU A 74 18.86 22.17 50.30
N ALA A 75 18.42 21.62 51.41
CA ALA A 75 17.54 20.46 51.42
C ALA A 75 16.12 20.88 51.72
N TYR A 76 15.16 20.13 51.19
CA TYR A 76 13.74 20.39 51.43
C TYR A 76 13.44 20.34 52.92
N GLY A 77 12.72 21.35 53.39
CA GLY A 77 12.31 21.39 54.79
C GLY A 77 13.37 21.84 55.76
N GLU A 78 14.55 22.23 55.29
CA GLU A 78 15.60 22.70 56.18
C GLU A 78 15.82 24.19 55.95
N PRO A 79 15.48 25.06 56.90
CA PRO A 79 15.70 26.49 56.69
C PRO A 79 17.16 26.87 56.48
N GLU A 80 18.07 26.16 57.12
CA GLU A 80 19.50 26.43 56.99
C GLU A 80 20.16 25.39 56.10
N PRO A 81 21.26 25.73 55.44
CA PRO A 81 21.91 24.76 54.54
C PRO A 81 22.38 23.53 55.29
N ILE A 82 22.26 22.38 54.63
CA ILE A 82 22.79 21.15 55.23
C ILE A 82 24.29 21.04 55.02
N ARG A 83 24.85 21.80 54.08
CA ARG A 83 26.27 21.84 53.88
C ARG A 83 26.64 23.12 53.15
N THR A 84 27.74 23.75 53.57
CA THR A 84 28.26 24.93 52.91
C THR A 84 29.63 24.60 52.33
N ILE A 85 29.75 24.74 51.01
CA ILE A 85 31.00 24.47 50.31
C ILE A 85 31.68 25.80 50.05
N ILE A 86 32.76 26.07 50.78
CA ILE A 86 33.56 27.27 50.58
C ILE A 86 34.61 26.97 49.53
N ASN A 87 34.61 27.74 48.44
CA ASN A 87 35.56 27.49 47.36
C ASN A 87 36.95 27.98 47.72
N LYS A 88 37.08 29.26 48.10
CA LYS A 88 38.38 29.83 48.39
C LYS A 88 38.20 31.09 49.22
N ARG A 89 39.31 31.58 49.74
CA ARG A 89 39.39 32.86 50.43
C ARG A 89 40.34 33.74 49.64
N THR A 90 39.82 34.80 49.05
CA THR A 90 40.62 35.69 48.22
C THR A 90 41.15 36.83 49.10
N THR A 91 42.47 36.93 49.18
CA THR A 91 43.13 37.98 49.95
C THR A 91 43.75 38.98 49.00
N THR A 92 43.49 40.25 49.24
CA THR A 92 44.06 41.34 48.46
C THR A 92 44.65 42.38 49.41
N PHE A 93 45.60 43.15 48.88
CA PHE A 93 46.09 44.30 49.62
C PHE A 93 46.48 45.40 48.64
N ASP A 94 46.25 46.64 49.06
CA ASP A 94 46.50 47.81 48.23
C ASP A 94 47.15 48.90 49.07
N PHE A 95 47.93 49.73 48.40
CA PHE A 95 48.73 50.78 49.03
C PHE A 95 49.20 51.72 47.93
N ALA A 96 49.67 52.90 48.32
CA ALA A 96 50.03 53.96 47.40
C ALA A 96 51.52 54.23 47.49
N MET A 97 52.29 53.73 46.51
CA MET A 97 53.73 53.88 46.52
C MET A 97 54.18 55.23 45.99
N TYR A 98 55.23 55.78 46.61
CA TYR A 98 55.80 57.06 46.22
C TYR A 98 57.02 56.96 45.32
N GLN A 99 57.84 55.93 45.47
CA GLN A 99 59.18 55.93 44.92
C GLN A 99 59.19 55.45 43.47
N ASN A 100 59.90 56.17 42.61
CA ASN A 100 60.01 55.82 41.20
C ASN A 100 61.28 54.98 40.99
N GLN A 101 61.23 53.76 41.48
CA GLN A 101 62.33 52.82 41.35
C GLN A 101 61.89 51.67 40.46
N ARG A 102 62.85 50.82 40.10
CA ARG A 102 62.64 49.82 39.07
C ARG A 102 61.56 48.80 39.46
N ASN A 103 61.60 48.29 40.69
CA ASN A 103 60.64 47.24 41.05
C ASN A 103 59.22 47.78 41.08
N VAL A 104 59.02 49.00 41.58
CA VAL A 104 57.69 49.61 41.59
C VAL A 104 57.17 49.76 40.17
N LEU A 105 58.00 50.31 39.27
CA LEU A 105 57.55 50.53 37.90
C LEU A 105 57.35 49.22 37.14
N GLU A 106 58.17 48.22 37.43
CA GLU A 106 57.97 46.90 36.85
C GLU A 106 56.63 46.32 37.27
N LEU A 107 56.29 46.46 38.55
CA LEU A 107 54.99 46.00 39.02
C LEU A 107 53.85 46.76 38.33
N ILE A 108 54.00 48.08 38.22
CA ILE A 108 52.94 48.91 37.67
C ILE A 108 52.69 48.58 36.20
N TRP A 109 53.75 48.35 35.43
CA TRP A 109 53.62 48.16 33.99
C TRP A 109 53.58 46.70 33.57
N THR A 110 53.59 45.76 34.51
CA THR A 110 53.57 44.32 34.25
C THR A 110 54.63 43.94 33.22
N GLN A 111 55.87 44.30 33.54
CA GLN A 111 56.98 44.10 32.64
C GLN A 111 58.25 43.91 33.45
N ASP A 112 59.23 43.25 32.83
CA ASP A 112 60.59 43.18 33.37
C ASP A 112 61.42 44.27 32.73
N PHE A 113 62.00 45.14 33.55
CA PHE A 113 62.81 46.26 33.08
C PHE A 113 64.29 46.09 33.42
N SER A 114 64.71 44.86 33.74
CA SER A 114 66.10 44.62 34.10
C SER A 114 67.05 44.87 32.93
N ASN A 115 66.57 44.72 31.69
CA ASN A 115 67.37 44.95 30.51
C ASN A 115 67.30 46.40 30.02
N ILE A 116 66.60 47.27 30.73
CA ILE A 116 66.55 48.68 30.37
C ILE A 116 67.89 49.32 30.70
N GLN A 117 68.50 49.96 29.70
CA GLN A 117 69.77 50.63 29.89
C GLN A 117 69.58 52.12 29.88
N PRO A 118 70.06 52.83 30.91
CA PRO A 118 69.97 54.29 30.90
C PRO A 118 70.71 54.86 29.69
N SER A 119 70.16 55.95 29.15
CA SER A 119 70.73 56.57 27.97
C SER A 119 72.07 57.20 28.29
N GLU A 120 72.65 57.87 27.29
CA GLU A 120 73.99 58.41 27.44
C GLU A 120 74.05 59.50 28.51
N PHE A 121 72.91 60.12 28.82
CA PHE A 121 72.81 61.09 29.90
C PHE A 121 71.99 60.59 31.09
N GLY A 122 71.66 59.31 31.12
CA GLY A 122 70.95 58.72 32.23
C GLY A 122 69.46 58.57 32.07
N GLY A 123 68.88 59.09 30.99
CA GLY A 123 67.45 58.98 30.82
C GLY A 123 67.02 57.56 30.47
N ILE A 124 65.82 57.21 30.92
CA ILE A 124 65.26 55.89 30.65
C ILE A 124 63.86 56.07 30.06
N VAL A 125 63.48 55.14 29.19
CA VAL A 125 62.13 55.08 28.64
C VAL A 125 61.60 53.67 28.88
N LEU A 126 60.46 53.58 29.55
CA LEU A 126 59.85 52.30 29.89
C LEU A 126 58.57 52.15 29.07
N GLU A 127 58.60 51.28 28.07
CA GLU A 127 57.44 51.04 27.22
C GLU A 127 56.55 49.98 27.85
N ALA A 128 55.25 50.24 27.87
CA ALA A 128 54.31 49.22 28.31
C ALA A 128 54.28 48.09 27.28
N PRO A 129 54.20 46.84 27.74
CA PRO A 129 54.20 45.71 26.79
C PRO A 129 52.96 45.71 25.91
N LYS A 130 53.13 45.16 24.71
CA LYS A 130 52.02 44.90 23.80
C LYS A 130 50.79 44.35 24.52
N VAL A 131 50.97 43.23 25.22
CA VAL A 131 49.89 42.63 26.00
C VAL A 131 50.35 42.64 27.45
N PRO A 132 49.50 43.02 28.40
CA PRO A 132 49.90 42.94 29.81
C PRO A 132 50.26 41.51 30.18
N LYS A 133 51.31 41.37 30.98
CA LYS A 133 51.85 40.08 31.34
C LYS A 133 51.34 39.63 32.71
N ASN A 134 51.18 38.32 32.87
CA ASN A 134 50.86 37.72 34.15
C ASN A 134 52.17 37.48 34.89
N ILE A 135 52.52 38.38 35.80
CA ILE A 135 53.77 38.28 36.54
C ILE A 135 53.44 38.09 38.02
N TYR A 136 54.04 37.08 38.62
CA TYR A 136 53.85 36.80 40.02
C TYR A 136 55.05 37.25 40.83
N TYR A 137 54.79 37.65 42.07
CA TYR A 137 55.83 38.08 42.98
C TYR A 137 55.63 37.38 44.32
N ARG A 138 56.68 37.39 45.12
CA ARG A 138 56.61 36.99 46.52
C ARG A 138 56.61 38.24 47.37
N ALA A 139 55.69 38.32 48.32
CA ALA A 139 55.44 39.54 49.05
C ALA A 139 55.61 39.32 50.55
N ILE A 140 56.22 40.30 51.21
CA ILE A 140 56.27 40.36 52.66
C ILE A 140 55.76 41.73 53.08
N LEU A 141 54.74 41.73 53.94
CA LEU A 141 54.26 42.95 54.58
C LEU A 141 54.61 42.83 56.06
N VAL A 142 55.65 43.53 56.49
CA VAL A 142 56.10 43.45 57.88
C VAL A 142 55.98 44.84 58.51
N GLY A 143 55.34 44.88 59.67
CA GLY A 143 55.20 46.09 60.44
C GLY A 143 55.92 45.98 61.76
N MET A 144 56.13 47.12 62.43
CA MET A 144 56.81 47.14 63.71
C MET A 144 56.02 47.98 64.71
N ASP A 145 55.83 47.44 65.90
CA ASP A 145 55.31 48.18 67.04
C ASP A 145 56.47 48.30 68.04
N ASP A 146 57.12 49.46 68.04
CA ASP A 146 58.29 49.70 68.88
C ASP A 146 57.82 50.29 70.19
N ARG A 147 57.64 49.44 71.20
CA ARG A 147 57.10 49.85 72.49
C ARG A 147 58.09 49.47 73.59
N ASN A 148 58.43 50.44 74.43
CA ASN A 148 59.32 50.23 75.57
C ASN A 148 60.65 49.61 75.13
N ASP A 149 61.11 49.97 73.93
CA ASP A 149 62.34 49.51 73.30
C ASP A 149 62.33 48.01 72.97
N ARG A 150 61.23 47.31 73.22
CA ARG A 150 61.12 45.90 72.85
C ARG A 150 60.17 45.76 71.66
N PRO A 151 60.68 45.75 70.43
CA PRO A 151 59.79 45.78 69.27
C PRO A 151 59.01 44.50 69.09
N ILE A 152 57.82 44.64 68.51
CA ILE A 152 57.02 43.54 68.03
C ILE A 152 56.95 43.65 66.52
N TRP A 153 57.33 42.59 65.82
CA TRP A 153 57.23 42.52 64.36
C TRP A 153 56.06 41.63 64.01
N LEU A 154 55.04 42.21 63.39
CA LEU A 154 53.91 41.46 62.89
C LEU A 154 53.93 41.55 61.37
N TYR A 155 53.72 40.43 60.69
CA TYR A 155 53.96 40.39 59.27
C TYR A 155 52.99 39.43 58.59
N TRP A 156 52.88 39.61 57.28
CA TRP A 156 52.08 38.75 56.42
C TRP A 156 52.99 38.24 55.31
N LEU A 157 52.94 36.93 55.08
CA LEU A 157 53.70 36.30 54.01
C LEU A 157 52.75 35.92 52.89
N MET A 158 53.01 36.42 51.70
CA MET A 158 52.20 36.12 50.53
C MET A 158 53.13 35.65 49.42
N PRO A 159 53.34 34.33 49.31
CA PRO A 159 54.35 33.82 48.37
C PRO A 159 54.02 34.04 46.90
N LYS A 160 52.77 34.28 46.54
CA LYS A 160 52.38 34.38 45.12
C LYS A 160 51.34 35.48 44.97
N VAL A 161 51.81 36.69 44.67
CA VAL A 161 50.92 37.83 44.47
C VAL A 161 51.03 38.30 43.02
N LYS A 162 49.93 38.84 42.52
CA LYS A 162 49.85 39.34 41.17
C LYS A 162 49.11 40.68 41.18
N LEU A 163 49.51 41.56 40.27
CA LEU A 163 48.80 42.83 40.11
C LEU A 163 47.37 42.55 39.63
N ASP A 164 46.40 43.00 40.40
CA ASP A 164 44.99 42.82 40.09
C ASP A 164 44.31 44.07 39.58
N LYS A 165 44.68 45.22 40.09
CA LYS A 165 43.97 46.47 39.79
C LYS A 165 44.93 47.63 40.01
N LEU A 166 44.69 48.70 39.25
CA LEU A 166 45.47 49.92 39.37
C LEU A 166 44.53 51.10 39.49
N ASP A 167 44.65 51.86 40.57
CA ASP A 167 43.79 53.01 40.77
C ASP A 167 44.24 54.17 39.88
N ASN A 168 43.31 55.10 39.65
CA ASN A 168 43.60 56.25 38.82
C ASN A 168 44.73 57.08 39.41
N GLN A 169 45.66 57.47 38.57
CA GLN A 169 46.81 58.27 38.98
C GLN A 169 46.53 59.73 38.65
N THR A 170 46.48 60.57 39.69
CA THR A 170 46.18 61.98 39.52
C THR A 170 47.46 62.79 39.69
N LEU A 171 47.76 63.64 38.70
CA LEU A 171 48.91 64.52 38.74
C LEU A 171 48.45 65.89 39.23
N ASN A 172 49.01 66.34 40.35
CA ASN A 172 48.73 67.65 40.90
C ASN A 172 50.04 68.37 41.14
N ASP A 173 50.01 69.70 41.04
CA ASP A 173 51.24 70.48 41.16
C ASP A 173 51.69 70.68 42.60
N ASP A 174 50.95 70.15 43.58
CA ASP A 174 51.35 70.23 44.98
C ASP A 174 51.46 68.85 45.63
N ASN A 175 51.61 67.80 44.82
CA ASN A 175 51.73 66.45 45.34
C ASN A 175 52.72 65.68 44.48
N VAL A 176 53.30 64.64 45.06
CA VAL A 176 54.16 63.72 44.31
C VAL A 176 53.27 62.70 43.62
N ILE A 177 53.80 62.09 42.56
CA ILE A 177 53.05 61.06 41.85
C ILE A 177 52.98 59.81 42.72
N GLU A 178 51.83 59.16 42.69
CA GLU A 178 51.59 57.96 43.48
C GLU A 178 51.16 56.82 42.58
N TYR A 179 51.60 55.62 42.92
CA TYR A 179 51.17 54.40 42.26
C TYR A 179 50.37 53.59 43.25
N LYS A 180 49.15 53.23 42.89
CA LYS A 180 48.19 52.60 43.80
C LYS A 180 47.75 51.26 43.22
N PRO A 181 48.57 50.23 43.34
CA PRO A 181 48.16 48.91 42.87
C PRO A 181 47.35 48.16 43.91
N THR A 182 46.53 47.25 43.43
CA THR A 182 45.90 46.23 44.26
C THR A 182 46.52 44.90 43.88
N LEU A 183 47.08 44.22 44.86
CA LEU A 183 47.71 42.93 44.65
C LEU A 183 46.84 41.82 45.21
N LYS A 184 46.69 40.76 44.43
CA LYS A 184 45.90 39.60 44.82
C LYS A 184 46.83 38.45 45.15
N ALA A 185 46.62 37.84 46.32
CA ALA A 185 47.40 36.68 46.73
C ALA A 185 46.83 35.41 46.11
N PHE A 186 47.72 34.56 45.64
CA PHE A 186 47.37 33.25 45.11
C PHE A 186 48.07 32.18 45.92
N ARG A 187 47.48 30.99 45.93
CA ARG A 187 48.08 29.89 46.67
C ARG A 187 49.35 29.41 45.96
N ASP A 188 50.43 29.30 46.72
CA ASP A 188 51.66 28.71 46.22
C ASP A 188 51.69 27.24 46.58
N ASP A 189 51.76 26.36 45.58
CA ASP A 189 51.70 24.94 45.83
C ASP A 189 52.89 24.46 46.66
N VAL A 190 54.08 24.99 46.38
CA VAL A 190 55.29 24.49 47.05
C VAL A 190 55.22 24.76 48.55
N VAL A 191 54.84 25.98 48.95
CA VAL A 191 54.77 26.29 50.37
C VAL A 191 53.41 25.95 50.98
N GLY A 192 52.39 25.77 50.16
CA GLY A 192 51.13 25.25 50.66
C GLY A 192 50.18 26.26 51.27
N TYR A 193 50.32 27.54 50.95
CA TYR A 193 49.39 28.54 51.43
C TYR A 193 49.46 29.78 50.54
N SER A 194 48.47 30.64 50.67
CA SER A 194 48.49 31.93 50.00
C SER A 194 48.85 33.08 50.94
N VAL A 195 48.40 33.03 52.20
CA VAL A 195 48.71 34.06 53.17
C VAL A 195 49.07 33.39 54.49
N ALA A 196 50.09 33.93 55.16
CA ALA A 196 50.44 33.54 56.52
C ALA A 196 50.72 34.79 57.34
N GLN A 197 50.22 34.80 58.57
CA GLN A 197 50.41 35.92 59.48
C GLN A 197 51.41 35.52 60.56
N GLY A 198 52.37 36.39 60.82
CA GLY A 198 53.45 36.07 61.74
C GLY A 198 53.61 37.14 62.81
N PHE A 199 54.12 36.71 63.95
CA PHE A 199 54.49 37.59 65.06
C PHE A 199 55.86 37.20 65.56
N ALA A 200 56.70 38.20 65.83
CA ALA A 200 58.07 37.94 66.27
C ALA A 200 58.59 39.16 67.02
N GLY A 201 59.78 39.00 67.60
CA GLY A 201 60.40 40.07 68.35
C GLY A 201 60.34 39.85 69.85
N PRO A 202 61.24 40.51 70.59
CA PRO A 202 61.21 40.38 72.06
C PRO A 202 59.92 40.83 72.69
N GLY A 203 59.32 41.91 72.15
CA GLY A 203 58.03 42.34 72.64
C GLY A 203 56.97 41.29 72.46
N TRP A 204 57.01 40.56 71.34
CA TRP A 204 56.10 39.44 71.16
C TRP A 204 56.42 38.31 72.14
N ARG A 205 57.71 38.02 72.33
CA ARG A 205 58.11 36.97 73.26
C ARG A 205 57.57 37.23 74.66
N ASP A 206 57.48 38.50 75.05
CA ASP A 206 56.86 38.81 76.33
C ASP A 206 55.37 38.45 76.36
N LEU A 207 54.74 38.30 75.20
CA LEU A 207 53.30 38.14 75.14
C LEU A 207 52.83 36.79 74.59
N VAL A 208 53.76 35.90 74.21
CA VAL A 208 53.35 34.68 73.50
C VAL A 208 52.42 33.83 74.37
N ALA A 209 52.80 33.63 75.64
CA ALA A 209 51.97 32.83 76.54
C ALA A 209 50.63 33.51 76.81
N THR A 210 50.64 34.83 76.99
CA THR A 210 49.39 35.57 77.20
C THR A 210 48.47 35.46 76.00
N ALA A 211 49.03 35.52 74.79
CA ALA A 211 48.23 35.44 73.57
C ALA A 211 47.62 34.06 73.36
N GLY A 212 48.04 33.05 74.12
CA GLY A 212 47.44 31.74 74.02
C GLY A 212 48.17 30.74 73.16
N PHE A 213 49.39 31.04 72.73
CA PHE A 213 50.19 30.13 71.92
C PHE A 213 51.24 29.47 72.81
N GLY A 214 51.20 28.15 72.89
CA GLY A 214 52.08 27.45 73.80
C GLY A 214 51.60 27.59 75.24
N GLU A 215 52.48 27.19 76.15
CA GLU A 215 52.20 27.23 77.58
C GLU A 215 52.99 28.35 78.24
N ALA A 216 52.58 28.69 79.47
CA ALA A 216 53.20 29.77 80.21
C ALA A 216 54.59 29.36 80.70
N LEU A 217 55.41 30.37 81.00
CA LEU A 217 56.76 30.15 81.51
C LEU A 217 56.72 30.10 83.04
N THR A 218 57.07 28.94 83.59
CA THR A 218 57.05 28.75 85.04
C THR A 218 58.41 28.38 85.62
N ALA A 219 59.33 27.88 84.81
CA ALA A 219 60.65 27.49 85.29
C ALA A 219 61.71 27.90 84.29
N LEU A 220 62.83 28.43 84.78
CA LEU A 220 63.98 28.78 83.96
C LEU A 220 65.04 27.72 84.16
N THR A 221 65.61 27.23 83.06
CA THR A 221 66.60 26.16 83.08
C THR A 221 67.84 26.58 82.30
N ILE A 222 69.01 26.34 82.87
CA ILE A 222 70.27 26.67 82.24
C ILE A 222 70.89 25.38 81.69
N THR A 223 70.99 25.29 80.36
CA THR A 223 71.49 24.06 79.76
C THR A 223 72.93 23.75 80.13
N PRO A 224 73.89 24.70 80.16
CA PRO A 224 75.21 24.34 80.72
C PRO A 224 75.19 24.41 82.24
N GLY A 225 74.73 23.33 82.86
CA GLY A 225 74.59 23.31 84.31
C GLY A 225 75.92 23.43 85.03
N SER A 226 76.93 22.68 84.59
CA SER A 226 78.26 22.71 85.19
C SER A 226 79.30 22.82 84.10
N PRO A 227 79.46 24.00 83.51
CA PRO A 227 80.51 24.20 82.50
C PRO A 227 81.88 24.35 83.14
N THR A 228 82.90 24.07 82.35
CA THR A 228 84.28 24.19 82.78
C THR A 228 85.06 24.96 81.72
N VAL A 229 85.81 25.98 82.15
CA VAL A 229 86.55 26.84 81.24
C VAL A 229 88.01 26.85 81.64
N THR A 230 88.89 26.80 80.64
CA THR A 230 90.32 26.93 80.88
C THR A 230 90.68 28.40 81.08
N VAL A 231 91.56 28.65 82.07
CA VAL A 231 92.03 30.00 82.30
C VAL A 231 92.78 30.52 81.09
N ALA A 232 93.63 29.69 80.50
CA ALA A 232 94.38 30.08 79.32
C ALA A 232 93.45 30.31 78.14
N THR A 233 93.89 31.16 77.21
CA THR A 233 93.09 31.51 76.05
C THR A 233 93.12 30.38 75.02
N GLY A 234 91.96 30.12 74.43
CA GLY A 234 91.85 29.07 73.44
C GLY A 234 90.42 28.93 72.97
N ALA A 235 90.19 27.88 72.17
CA ALA A 235 88.85 27.61 71.67
C ALA A 235 87.88 27.29 72.80
N SER A 236 88.35 26.51 73.79
CA SER A 236 87.53 26.12 74.93
C SER A 236 87.72 27.05 76.13
N HIS A 237 88.27 28.24 75.92
CA HIS A 237 88.48 29.17 77.03
C HIS A 237 87.16 29.80 77.50
N THR A 238 86.25 30.11 76.58
CA THR A 238 84.97 30.72 76.91
C THR A 238 83.84 29.81 76.46
N ALA A 239 82.74 29.82 77.23
CA ALA A 239 81.56 29.03 76.92
C ALA A 239 80.34 29.92 76.99
N GLN A 240 79.44 29.78 76.01
CA GLN A 240 78.24 30.60 75.94
C GLN A 240 77.08 29.85 76.58
N LEU A 241 76.43 30.49 77.56
CA LEU A 241 75.31 29.89 78.26
C LEU A 241 74.04 30.00 77.44
N LEU A 242 72.97 29.36 77.93
CA LEU A 242 71.68 29.37 77.27
C LEU A 242 70.59 29.08 78.30
N VAL A 243 69.64 30.00 78.44
CA VAL A 243 68.56 29.89 79.41
C VAL A 243 67.26 29.64 78.67
N GLU A 244 66.54 28.60 79.07
CA GLU A 244 65.29 28.21 78.45
C GLU A 244 64.17 28.22 79.48
N GLY A 245 62.97 27.84 79.02
CA GLY A 245 61.80 27.74 79.87
C GLY A 245 61.08 26.42 79.67
N ASP A 246 60.01 26.25 80.46
CA ASP A 246 59.22 25.04 80.36
C ASP A 246 58.43 24.98 79.05
N ASN A 247 58.18 26.12 78.43
CA ASN A 247 57.48 26.19 77.16
C ASN A 247 58.40 26.00 75.96
N GLY A 248 59.71 25.91 76.18
CA GLY A 248 60.64 25.74 75.09
C GLY A 248 61.12 27.01 74.43
N ILE A 249 60.91 28.16 75.06
CA ILE A 249 61.32 29.45 74.50
C ILE A 249 62.64 29.87 75.13
N ASN A 250 63.60 30.25 74.29
CA ASN A 250 64.88 30.77 74.76
C ASN A 250 64.68 32.15 75.38
N TYR A 251 64.91 32.26 76.68
CA TYR A 251 64.76 33.51 77.40
C TYR A 251 66.09 34.17 77.74
N THR A 252 67.18 33.76 77.09
CA THR A 252 68.49 34.34 77.37
C THR A 252 68.53 35.85 77.22
N PRO A 253 67.96 36.47 76.17
CA PRO A 253 67.97 37.94 76.11
C PRO A 253 67.19 38.61 77.23
N ASP A 254 66.23 37.92 77.84
CA ASP A 254 65.32 38.54 78.79
C ASP A 254 65.76 38.34 80.24
N VAL A 255 66.89 37.69 80.49
CA VAL A 255 67.32 37.39 81.85
C VAL A 255 68.55 38.23 82.19
N VAL A 256 68.79 38.38 83.49
CA VAL A 256 69.90 39.18 84.02
C VAL A 256 70.92 38.24 84.64
N PHE A 257 72.16 38.33 84.17
CA PHE A 257 73.23 37.46 84.63
C PHE A 257 73.98 38.10 85.78
N THR A 258 73.98 37.43 86.94
CA THR A 258 74.71 37.88 88.11
C THR A 258 75.62 36.75 88.58
N SER A 259 76.91 37.04 88.71
CA SER A 259 77.89 36.06 89.14
C SER A 259 78.14 36.15 90.63
N SER A 260 78.64 35.05 91.19
CA SER A 260 79.02 35.01 92.60
C SER A 260 80.36 35.69 92.84
N ALA A 261 81.42 35.15 92.23
CA ALA A 261 82.76 35.75 92.31
C ALA A 261 83.16 36.23 90.93
N PRO A 262 83.06 37.53 90.64
CA PRO A 262 83.42 38.01 89.30
C PRO A 262 84.87 37.75 88.93
N ASP A 263 85.78 37.74 89.91
CA ASP A 263 87.19 37.52 89.60
C ASP A 263 87.43 36.11 89.09
N LYS A 264 86.78 35.10 89.68
CA LYS A 264 86.97 33.73 89.23
C LYS A 264 86.41 33.53 87.84
N ALA A 265 85.16 33.95 87.61
CA ALA A 265 84.50 33.81 86.32
C ALA A 265 83.73 35.09 86.04
N SER A 266 83.94 35.64 84.85
CA SER A 266 83.23 36.84 84.43
C SER A 266 82.15 36.47 83.43
N VAL A 267 80.94 36.93 83.66
CA VAL A 267 79.80 36.69 82.78
C VAL A 267 79.28 38.04 82.29
N SER A 268 79.05 38.13 80.98
CA SER A 268 78.58 39.37 80.38
C SER A 268 77.05 39.43 80.47
N ALA A 269 76.46 40.48 79.89
CA ALA A 269 75.01 40.57 79.85
C ALA A 269 74.41 39.46 79.01
N ALA A 270 75.06 39.10 77.91
CA ALA A 270 74.57 38.01 77.07
C ALA A 270 74.62 36.67 77.79
N GLY A 271 75.71 36.43 78.52
CA GLY A 271 75.86 35.17 79.23
C GLY A 271 77.09 34.40 78.82
N LEU A 272 78.08 35.09 78.24
CA LEU A 272 79.34 34.48 77.86
C LEU A 272 80.24 34.41 79.09
N VAL A 273 80.53 33.19 79.53
CA VAL A 273 81.29 32.96 80.76
C VAL A 273 82.75 32.83 80.41
N THR A 274 83.58 33.69 81.00
CA THR A 274 85.03 33.66 80.82
C THR A 274 85.68 33.46 82.17
N GLY A 275 86.51 32.43 82.29
CA GLY A 275 87.20 32.17 83.53
C GLY A 275 88.54 32.90 83.62
N VAL A 276 88.55 34.03 84.32
CA VAL A 276 89.78 34.80 84.45
C VAL A 276 90.78 34.06 85.33
N ALA A 277 90.31 33.51 86.45
CA ALA A 277 91.17 32.80 87.38
C ALA A 277 90.50 31.49 87.79
N ALA A 278 91.33 30.51 88.13
CA ALA A 278 90.80 29.20 88.51
C ALA A 278 90.05 29.30 89.83
N GLY A 279 89.00 28.49 89.94
CA GLY A 279 88.16 28.48 91.12
C GLY A 279 86.78 27.97 90.78
N SER A 280 85.83 28.24 91.68
CA SER A 280 84.44 27.85 91.52
C SER A 280 83.56 29.08 91.66
N ALA A 281 82.73 29.32 90.64
CA ALA A 281 81.86 30.49 90.62
C ALA A 281 80.44 30.07 90.28
N THR A 282 79.48 30.85 90.78
CA THR A 282 78.06 30.60 90.58
C THR A 282 77.49 31.66 89.65
N ILE A 283 76.86 31.22 88.57
CA ILE A 283 76.25 32.12 87.60
C ILE A 283 74.74 32.02 87.75
N THR A 284 74.09 33.15 88.04
CA THR A 284 72.66 33.21 88.29
C THR A 284 72.01 34.09 87.24
N ALA A 285 71.07 33.51 86.49
CA ALA A 285 70.27 34.26 85.52
C ALA A 285 68.88 34.47 86.11
N THR A 286 68.53 35.73 86.36
CA THR A 286 67.28 36.08 87.03
C THR A 286 66.39 36.87 86.08
N LYS A 287 65.11 36.48 86.00
CA LYS A 287 64.12 37.19 85.21
C LYS A 287 62.85 37.27 86.04
N GLY A 288 62.52 38.47 86.52
CA GLY A 288 61.39 38.61 87.42
C GLY A 288 61.59 37.80 88.68
N ALA A 289 60.57 37.05 89.06
CA ALA A 289 60.62 36.19 90.25
C ALA A 289 61.19 34.81 89.93
N LEU A 290 61.52 34.52 88.67
CA LEU A 290 62.08 33.25 88.29
C LEU A 290 63.60 33.32 88.26
N THR A 291 64.25 32.22 88.65
CA THR A 291 65.69 32.20 88.82
C THR A 291 66.23 30.85 88.40
N ALA A 292 67.31 30.87 87.61
CA ALA A 292 68.04 29.67 87.25
C ALA A 292 69.50 29.84 87.64
N THR A 293 70.05 28.87 88.36
CA THR A 293 71.38 28.96 88.92
C THR A 293 72.25 27.81 88.42
N ALA A 294 73.51 28.13 88.12
CA ALA A 294 74.49 27.14 87.71
C ALA A 294 75.83 27.46 88.36
N THR A 295 76.64 26.41 88.55
CA THR A 295 77.98 26.55 89.11
C THR A 295 79.01 26.21 88.05
N VAL A 296 80.07 27.01 87.99
CA VAL A 296 81.13 26.87 87.00
C VAL A 296 82.44 26.57 87.72
N THR A 297 83.15 25.55 87.27
CA THR A 297 84.46 25.20 87.81
C THR A 297 85.53 25.63 86.80
N VAL A 298 86.43 26.50 87.25
CA VAL A 298 87.49 27.05 86.40
C VAL A 298 88.81 26.41 86.79
N THR A 299 89.54 25.91 85.80
CA THR A 299 90.85 25.30 86.00
C THR A 299 91.88 26.01 85.14
N ALA A 300 93.11 26.08 85.64
CA ALA A 300 94.19 26.75 84.93
C ALA A 300 95.12 25.73 84.27
N THR B 2 70.20 43.52 61.25
CA THR B 2 69.52 44.49 60.41
C THR B 2 68.23 44.97 61.05
N ASP B 3 68.13 46.28 61.28
CA ASP B 3 66.96 46.86 61.90
C ASP B 3 65.89 47.16 60.85
N PHE B 4 64.73 47.62 61.33
CA PHE B 4 63.60 47.87 60.44
C PHE B 4 63.90 48.99 59.46
N TYR B 5 64.60 50.03 59.91
CA TYR B 5 64.90 51.17 59.05
C TYR B 5 65.77 50.76 57.87
N THR B 6 66.77 49.90 58.12
CA THR B 6 67.62 49.43 57.03
C THR B 6 66.84 48.57 56.04
N ILE B 7 65.94 47.74 56.54
CA ILE B 7 65.12 46.90 55.67
C ILE B 7 64.22 47.76 54.80
N LYS B 8 63.62 48.80 55.37
CA LYS B 8 62.70 49.64 54.62
C LYS B 8 63.38 50.33 53.45
N ASP B 9 64.62 50.80 53.65
CA ASP B 9 65.43 51.40 52.57
C ASP B 9 64.67 52.50 51.84
N ALA B 10 64.06 53.40 52.61
CA ALA B 10 63.23 54.44 52.02
C ALA B 10 64.08 55.55 51.41
N GLN B 11 63.80 55.88 50.17
CA GLN B 11 64.51 56.93 49.42
C GLN B 11 63.52 58.04 49.12
N ALA B 12 63.56 59.10 49.94
CA ALA B 12 62.63 60.22 49.74
C ALA B 12 62.89 60.94 48.42
N ASP B 13 64.14 61.00 47.97
CA ASP B 13 64.46 61.70 46.73
C ASP B 13 63.89 61.02 45.50
N LEU B 14 63.47 59.76 45.62
CA LEU B 14 62.85 59.09 44.49
C LEU B 14 61.36 59.41 44.34
N ALA B 15 60.80 60.19 45.25
CA ALA B 15 59.44 60.71 45.07
C ALA B 15 59.49 61.98 44.24
N ILE B 16 58.78 61.98 43.12
CA ILE B 16 58.87 63.05 42.13
C ILE B 16 57.52 63.76 42.07
N ALA B 17 57.55 65.09 42.20
CA ALA B 17 56.36 65.92 42.16
C ALA B 17 56.27 66.65 40.84
N PRO B 18 55.22 66.45 40.05
CA PRO B 18 55.07 67.23 38.80
C PRO B 18 54.63 68.66 39.09
N LEU B 19 55.61 69.48 39.50
CA LEU B 19 55.32 70.85 39.88
C LEU B 19 54.77 71.66 38.71
N ASN B 20 55.31 71.44 37.52
CA ASN B 20 54.75 71.99 36.30
C ASN B 20 54.51 70.85 35.32
N LEU B 21 53.52 71.04 34.45
CA LEU B 21 53.08 70.00 33.55
C LEU B 21 52.58 70.64 32.27
N THR B 22 52.88 70.00 31.13
CA THR B 22 52.39 70.47 29.84
C THR B 22 51.98 69.28 29.00
N VAL B 23 50.93 69.46 28.21
CA VAL B 23 50.43 68.46 27.30
C VAL B 23 50.67 68.95 25.87
N LEU B 24 51.37 68.15 25.08
CA LEU B 24 51.65 68.48 23.70
C LEU B 24 50.97 67.47 22.80
N LEU B 25 50.27 67.96 21.78
CA LEU B 25 49.63 67.12 20.79
C LEU B 25 50.25 67.39 19.43
N ALA B 26 50.31 66.36 18.61
CA ALA B 26 50.79 66.46 17.25
C ALA B 26 49.80 65.76 16.32
N PRO B 27 49.70 66.21 15.08
CA PRO B 27 48.89 65.47 14.10
C PRO B 27 49.48 64.09 13.88
N TYR B 28 48.62 63.15 13.50
CA TYR B 28 49.04 61.76 13.37
C TYR B 28 50.14 61.58 12.32
N SER B 29 50.28 62.51 11.39
CA SER B 29 51.34 62.42 10.39
C SER B 29 52.72 62.75 10.97
N THR B 30 52.79 63.30 12.18
CA THR B 30 54.06 63.61 12.81
C THR B 30 54.80 62.33 13.18
N THR B 31 56.12 62.37 13.08
CA THR B 31 56.93 61.25 13.54
C THR B 31 56.87 61.17 15.07
N PRO B 32 56.50 60.03 15.62
CA PRO B 32 56.34 59.94 17.08
C PRO B 32 57.65 60.15 17.81
N ALA B 33 57.54 60.76 19.00
CA ALA B 33 58.69 60.92 19.87
C ALA B 33 59.09 59.56 20.46
N THR B 34 60.39 59.27 20.43
CA THR B 34 60.92 58.09 21.08
C THR B 34 61.53 58.40 22.44
N THR B 35 62.08 59.59 22.60
CA THR B 35 62.63 60.06 23.86
C THR B 35 62.56 61.58 23.87
N LEU B 36 62.59 62.16 25.06
CA LEU B 36 62.61 63.61 25.19
C LEU B 36 63.99 64.15 25.53
N GLU B 37 64.96 63.27 25.73
CA GLU B 37 66.32 63.67 26.06
C GLU B 37 67.08 63.96 24.78
N SER B 38 67.62 65.17 24.68
CA SER B 38 68.42 65.54 23.51
C SER B 38 69.71 64.74 23.50
N PRO B 39 70.06 64.08 22.39
CA PRO B 39 71.31 63.31 22.33
C PRO B 39 72.57 64.16 22.48
N THR B 40 72.49 65.46 22.24
CA THR B 40 73.68 66.30 22.26
C THR B 40 74.13 66.61 23.69
N ASP B 41 73.25 67.18 24.50
CA ASP B 41 73.60 67.59 25.85
C ASP B 41 72.63 67.11 26.91
N GLY B 42 71.68 66.23 26.58
CA GLY B 42 70.77 65.68 27.55
C GLY B 42 69.63 66.59 27.95
N SER B 43 69.49 67.75 27.32
CA SER B 43 68.42 68.67 27.66
C SER B 43 67.09 68.18 27.08
N LEU B 44 66.01 68.84 27.51
CA LEU B 44 64.69 68.49 27.01
C LEU B 44 64.55 68.89 25.55
N ALA B 45 64.10 67.94 24.73
CA ALA B 45 64.00 68.14 23.29
C ALA B 45 62.65 67.61 22.82
N ILE B 46 61.77 68.51 22.41
CA ILE B 46 60.46 68.14 21.88
C ILE B 46 60.56 68.04 20.36
N PRO B 47 60.14 66.92 19.76
CA PRO B 47 60.22 66.80 18.32
C PRO B 47 59.32 67.82 17.64
N PRO B 48 59.66 68.22 16.41
CA PRO B 48 58.80 69.15 15.68
C PRO B 48 57.43 68.54 15.41
N GLY B 49 56.42 69.39 15.36
CA GLY B 49 55.05 68.98 15.16
C GLY B 49 54.22 68.87 16.41
N TYR B 50 54.87 68.70 17.56
CA TYR B 50 54.15 68.68 18.84
C TYR B 50 53.92 70.09 19.31
N LYS B 51 52.66 70.42 19.61
CA LYS B 51 52.28 71.75 20.04
C LYS B 51 51.58 71.65 21.39
N SER B 52 51.95 72.52 22.31
CA SER B 52 51.35 72.52 23.64
C SER B 52 49.94 73.08 23.59
N VAL B 53 49.05 72.49 24.40
CA VAL B 53 47.69 73.00 24.52
C VAL B 53 47.61 74.21 25.43
N GLY B 54 48.68 74.55 26.13
CA GLY B 54 48.69 75.71 26.99
C GLY B 54 48.24 75.44 28.41
N HIS B 55 47.74 76.46 29.09
CA HIS B 55 47.32 76.33 30.47
C HIS B 55 46.15 75.36 30.61
N PHE B 56 46.13 74.62 31.70
CA PHE B 56 44.98 73.80 32.06
C PHE B 56 44.69 73.94 33.54
N GLU B 57 43.50 73.48 33.93
CA GLU B 57 42.98 73.75 35.27
C GLU B 57 43.86 73.14 36.35
N LYS B 58 44.16 73.94 37.38
CA LYS B 58 45.05 73.49 38.44
C LYS B 58 44.41 72.43 39.32
N GLN B 59 43.16 72.68 39.76
CA GLN B 59 42.54 71.80 40.74
C GLN B 59 42.23 70.43 40.15
N ALA B 60 41.73 70.38 38.92
CA ALA B 60 41.47 69.10 38.28
C ALA B 60 42.76 68.33 38.05
N GLY B 61 43.84 69.04 37.74
CA GLY B 61 45.09 68.38 37.44
C GLY B 61 44.96 67.53 36.19
N LEU B 62 45.76 66.48 36.13
CA LEU B 62 45.67 65.51 35.04
C LEU B 62 45.56 64.13 35.67
N THR B 63 44.54 63.38 35.24
CA THR B 63 44.28 62.06 35.77
C THR B 63 44.60 61.02 34.71
N LEU B 64 45.42 60.03 35.09
CA LEU B 64 45.78 58.93 34.22
C LEU B 64 45.06 57.67 34.70
N GLY B 65 44.34 57.03 33.79
CA GLY B 65 43.58 55.83 34.12
C GLY B 65 44.14 54.61 33.41
N ASN B 66 44.07 53.46 34.08
CA ASN B 66 44.49 52.18 33.52
C ASN B 66 43.49 51.12 33.93
N GLU B 67 42.90 50.44 32.95
CA GLU B 67 42.01 49.31 33.22
C GLU B 67 42.46 48.11 32.42
N PHE B 68 42.31 46.93 33.02
CA PHE B 68 42.63 45.67 32.36
C PHE B 68 41.34 44.93 32.06
N ASP B 69 41.25 44.36 30.86
CA ASP B 69 40.19 43.43 30.53
C ASP B 69 40.80 42.05 30.35
N SER B 70 40.29 41.08 31.11
CA SER B 70 40.88 39.75 31.12
C SER B 70 39.78 38.72 31.32
N LYS B 71 40.10 37.49 30.92
CA LYS B 71 39.20 36.35 31.11
C LYS B 71 39.96 35.25 31.80
N ASP B 72 39.30 34.60 32.76
CA ASP B 72 39.89 33.53 33.55
C ASP B 72 39.41 32.19 33.02
N ILE B 73 40.34 31.26 32.85
CA ILE B 73 40.03 29.90 32.43
C ILE B 73 39.86 29.06 33.68
N GLU B 74 38.65 28.52 33.88
CA GLU B 74 38.31 27.79 35.08
C GLU B 74 38.30 26.29 34.81
N ALA B 75 39.09 25.54 35.57
CA ALA B 75 39.11 24.10 35.50
C ALA B 75 38.39 23.50 36.69
N TYR B 76 37.77 22.35 36.47
CA TYR B 76 37.07 21.63 37.53
C TYR B 76 38.02 21.31 38.67
N GLY B 77 37.60 21.61 39.90
CA GLY B 77 38.37 21.31 41.07
C GLY B 77 39.49 22.28 41.37
N GLU B 78 39.64 23.35 40.58
CA GLU B 78 40.68 24.34 40.83
C GLU B 78 40.01 25.63 41.32
N PRO B 79 40.19 26.01 42.58
CA PRO B 79 39.57 27.26 43.06
C PRO B 79 40.05 28.49 42.31
N GLU B 80 41.31 28.50 41.89
CA GLU B 80 41.87 29.62 41.17
C GLU B 80 42.02 29.28 39.69
N PRO B 81 42.00 30.29 38.81
CA PRO B 81 42.10 30.01 37.37
C PRO B 81 43.40 29.31 37.02
N ILE B 82 43.32 28.38 36.07
CA ILE B 82 44.54 27.74 35.57
C ILE B 82 45.25 28.62 34.56
N ARG B 83 44.57 29.62 34.00
CA ARG B 83 45.19 30.56 33.08
C ARG B 83 44.34 31.82 33.04
N THR B 84 45.00 32.97 33.03
CA THR B 84 44.33 34.25 32.89
C THR B 84 44.79 34.89 31.58
N ILE B 85 43.85 35.16 30.69
CA ILE B 85 44.12 35.78 29.41
C ILE B 85 43.76 37.25 29.52
N ILE B 86 44.78 38.10 29.57
CA ILE B 86 44.58 39.55 29.59
C ILE B 86 44.52 40.04 28.14
N ASN B 87 43.41 40.69 27.79
CA ASN B 87 43.24 41.16 26.42
C ASN B 87 44.09 42.40 26.16
N LYS B 88 43.92 43.44 26.96
CA LYS B 88 44.63 44.69 26.74
C LYS B 88 44.64 45.51 28.03
N ARG B 89 45.43 46.57 28.01
CA ARG B 89 45.48 47.57 29.07
C ARG B 89 45.07 48.90 28.46
N THR B 90 43.92 49.41 28.84
CA THR B 90 43.40 50.66 28.30
C THR B 90 43.88 51.81 29.17
N THR B 91 44.60 52.74 28.56
CA THR B 91 45.11 53.92 29.24
C THR B 91 44.36 55.15 28.76
N THR B 92 43.87 55.95 29.70
CA THR B 92 43.19 57.19 29.40
C THR B 92 43.78 58.31 30.22
N PHE B 93 43.59 59.54 29.76
CA PHE B 93 43.93 60.70 30.56
C PHE B 93 43.00 61.85 30.23
N ASP B 94 42.64 62.62 31.26
CA ASP B 94 41.75 63.76 31.10
C ASP B 94 42.31 64.95 31.86
N PHE B 95 41.93 66.13 31.39
CA PHE B 95 42.43 67.41 31.90
C PHE B 95 41.52 68.50 31.34
N ALA B 96 41.54 69.65 31.98
CA ALA B 96 40.62 70.75 31.65
C ALA B 96 41.42 71.91 31.06
N MET B 97 41.31 72.08 29.73
CA MET B 97 42.07 73.10 29.04
C MET B 97 41.37 74.46 29.10
N TYR B 98 42.18 75.50 29.23
CA TYR B 98 41.72 76.89 29.28
C TYR B 98 41.77 77.62 27.96
N GLN B 99 42.74 77.33 27.10
CA GLN B 99 43.08 78.22 25.99
C GLN B 99 42.22 77.92 24.77
N ASN B 100 41.70 78.98 24.16
CA ASN B 100 40.84 78.87 22.96
C ASN B 100 41.71 79.03 21.72
N GLN B 101 42.55 78.03 21.49
CA GLN B 101 43.42 78.00 20.33
C GLN B 101 42.98 76.88 19.39
N ARG B 102 43.60 76.86 18.20
CA ARG B 102 43.11 76.00 17.13
C ARG B 102 43.21 74.52 17.49
N ASN B 103 44.34 74.08 18.07
CA ASN B 103 44.50 72.65 18.31
C ASN B 103 43.52 72.14 19.36
N VAL B 104 43.25 72.95 20.40
CA VAL B 104 42.28 72.55 21.42
C VAL B 104 40.88 72.42 20.81
N LEU B 105 40.47 73.40 20.01
CA LEU B 105 39.13 73.37 19.42
C LEU B 105 39.01 72.27 18.38
N GLU B 106 40.08 72.02 17.63
CA GLU B 106 40.10 70.90 16.69
C GLU B 106 39.93 69.59 17.43
N LEU B 107 40.61 69.43 18.57
CA LEU B 107 40.45 68.22 19.37
C LEU B 107 39.01 68.06 19.85
N ILE B 108 38.45 69.12 20.44
CA ILE B 108 37.13 68.98 21.05
C ILE B 108 36.04 68.79 20.00
N TRP B 109 36.19 69.37 18.81
CA TRP B 109 35.16 69.28 17.79
C TRP B 109 35.40 68.15 16.78
N THR B 110 36.46 67.37 16.96
CA THR B 110 36.80 66.26 16.06
C THR B 110 36.79 66.71 14.60
N GLN B 111 37.56 67.75 14.33
CA GLN B 111 37.59 68.37 13.01
C GLN B 111 38.97 68.96 12.78
N ASP B 112 39.32 69.13 11.51
CA ASP B 112 40.49 69.89 11.10
C ASP B 112 40.05 71.31 10.75
N PHE B 113 40.63 72.29 11.42
CA PHE B 113 40.28 73.70 11.21
C PHE B 113 41.40 74.48 10.55
N SER B 114 42.36 73.79 9.93
CA SER B 114 43.48 74.47 9.29
C SER B 114 43.03 75.33 8.12
N ASN B 115 41.94 74.97 7.45
CA ASN B 115 41.39 75.72 6.34
C ASN B 115 40.43 76.81 6.77
N ILE B 116 40.22 77.00 8.07
CA ILE B 116 39.37 78.08 8.55
C ILE B 116 40.07 79.41 8.36
N GLN B 117 39.41 80.33 7.69
CA GLN B 117 39.97 81.65 7.44
C GLN B 117 39.24 82.70 8.26
N PRO B 118 39.98 83.51 9.03
CA PRO B 118 39.33 84.60 9.75
C PRO B 118 38.68 85.59 8.79
N SER B 119 37.57 86.17 9.24
CA SER B 119 36.85 87.13 8.41
C SER B 119 37.63 88.44 8.33
N GLU B 120 37.00 89.44 7.71
CA GLU B 120 37.66 90.74 7.52
C GLU B 120 38.08 91.35 8.85
N PHE B 121 37.28 91.15 9.89
CA PHE B 121 37.55 91.71 11.20
C PHE B 121 38.10 90.68 12.18
N GLY B 122 38.51 89.52 11.70
CA GLY B 122 39.15 88.52 12.52
C GLY B 122 38.24 87.44 13.07
N GLY B 123 36.94 87.56 12.88
CA GLY B 123 36.02 86.58 13.44
C GLY B 123 36.12 85.23 12.73
N ILE B 124 35.95 84.17 13.51
CA ILE B 124 35.97 82.82 13.00
C ILE B 124 34.70 82.11 13.44
N VAL B 125 34.23 81.19 12.60
CA VAL B 125 33.11 80.32 12.92
C VAL B 125 33.55 78.89 12.68
N LEU B 126 33.47 78.05 13.72
CA LEU B 126 33.88 76.65 13.65
C LEU B 126 32.64 75.78 13.72
N GLU B 127 32.28 75.18 12.59
CA GLU B 127 31.13 74.31 12.53
C GLU B 127 31.52 72.88 12.88
N ALA B 128 30.73 72.25 13.74
CA ALA B 128 30.95 70.85 14.04
C ALA B 128 30.64 70.00 12.81
N PRO B 129 31.43 68.97 12.54
CA PRO B 129 31.18 68.14 11.36
C PRO B 129 29.85 67.41 11.47
N LYS B 130 29.26 67.13 10.30
CA LYS B 130 27.98 66.42 10.26
C LYS B 130 28.05 65.11 11.04
N VAL B 131 29.11 64.35 10.83
CA VAL B 131 29.38 63.14 11.61
C VAL B 131 30.70 63.34 12.32
N PRO B 132 30.81 63.03 13.61
CA PRO B 132 32.10 63.15 14.29
C PRO B 132 33.14 62.24 13.64
N LYS B 133 34.35 62.75 13.53
CA LYS B 133 35.43 62.05 12.86
C LYS B 133 36.32 61.33 13.87
N ASN B 134 36.89 60.20 13.44
CA ASN B 134 37.91 59.48 14.21
C ASN B 134 39.25 60.10 13.86
N ILE B 135 39.76 60.96 14.74
CA ILE B 135 41.03 61.64 14.53
C ILE B 135 42.00 61.19 15.60
N TYR B 136 43.18 60.75 15.19
CA TYR B 136 44.22 60.33 16.11
C TYR B 136 45.28 61.41 16.23
N TYR B 137 45.88 61.48 17.42
CA TYR B 137 46.95 62.43 17.69
C TYR B 137 48.10 61.70 18.35
N ARG B 138 49.27 62.32 18.31
CA ARG B 138 50.41 61.89 19.10
C ARG B 138 50.54 62.81 20.30
N ALA B 139 50.70 62.24 21.48
CA ALA B 139 50.61 62.99 22.71
C ALA B 139 51.89 62.84 23.53
N ILE B 140 52.31 63.93 24.14
CA ILE B 140 53.38 63.94 25.13
C ILE B 140 52.85 64.64 26.38
N LEU B 141 52.92 63.96 27.51
CA LEU B 141 52.65 64.56 28.81
C LEU B 141 53.97 64.60 29.57
N VAL B 142 54.58 65.77 29.64
CA VAL B 142 55.87 65.93 30.30
C VAL B 142 55.71 66.87 31.49
N GLY B 143 56.18 66.43 32.65
CA GLY B 143 56.18 67.24 33.84
C GLY B 143 57.59 67.56 34.27
N MET B 144 57.74 68.53 35.17
CA MET B 144 59.05 68.92 35.67
C MET B 144 59.01 69.00 37.19
N ASP B 145 60.02 68.43 37.82
CA ASP B 145 60.29 68.59 39.25
C ASP B 145 61.62 69.31 39.37
N ASP B 146 61.57 70.63 39.51
CA ASP B 146 62.77 71.45 39.58
C ASP B 146 63.17 71.58 41.05
N ARG B 147 63.96 70.63 41.53
CA ARG B 147 64.46 70.66 42.89
C ARG B 147 65.96 70.92 42.88
N ASN B 148 66.41 71.82 43.76
CA ASN B 148 67.84 72.12 43.95
C ASN B 148 68.50 72.54 42.64
N ASP B 149 67.74 73.20 41.77
CA ASP B 149 68.18 73.68 40.46
C ASP B 149 68.58 72.57 39.51
N ARG B 150 68.30 71.31 39.84
CA ARG B 150 68.55 70.19 38.94
C ARG B 150 67.24 69.54 38.58
N PRO B 151 66.63 69.91 37.46
CA PRO B 151 65.27 69.42 37.16
C PRO B 151 65.23 67.94 36.83
N ILE B 152 64.10 67.33 37.14
CA ILE B 152 63.76 65.99 36.67
C ILE B 152 62.56 66.12 35.76
N TRP B 153 62.66 65.55 34.57
CA TRP B 153 61.56 65.53 33.61
C TRP B 153 60.96 64.13 33.58
N LEU B 154 59.75 64.00 34.09
CA LEU B 154 58.98 62.77 34.00
C LEU B 154 57.95 62.96 32.90
N TYR B 155 57.82 61.99 32.02
CA TYR B 155 56.95 62.16 30.88
C TYR B 155 56.32 60.83 30.47
N TRP B 156 55.22 60.96 29.73
CA TRP B 156 54.50 59.84 29.15
C TRP B 156 54.39 60.06 27.66
N LEU B 157 54.71 59.04 26.87
CA LEU B 157 54.60 59.10 25.43
C LEU B 157 53.41 58.24 25.00
N MET B 158 52.46 58.88 24.30
CA MET B 158 51.28 58.19 23.80
C MET B 158 51.17 58.48 22.31
N PRO B 159 51.72 57.61 21.47
CA PRO B 159 51.80 57.90 20.03
C PRO B 159 50.46 57.94 19.32
N LYS B 160 49.40 57.35 19.88
CA LYS B 160 48.12 57.26 19.18
C LYS B 160 46.98 57.46 20.18
N VAL B 161 46.54 58.71 20.33
CA VAL B 161 45.45 59.04 21.23
C VAL B 161 44.27 59.54 20.41
N LYS B 162 43.07 59.31 20.95
CA LYS B 162 41.84 59.74 20.31
C LYS B 162 40.90 60.28 21.37
N LEU B 163 40.10 61.27 20.99
CA LEU B 163 39.08 61.79 21.89
C LEU B 163 38.07 60.70 22.20
N ASP B 164 37.90 60.41 23.48
CA ASP B 164 36.98 59.38 23.94
C ASP B 164 35.72 59.94 24.57
N LYS B 165 35.84 61.05 25.30
CA LYS B 165 34.74 61.56 26.09
C LYS B 165 34.94 63.05 26.29
N LEU B 166 33.84 63.78 26.42
CA LEU B 166 33.87 65.21 26.69
C LEU B 166 32.95 65.50 27.86
N ASP B 167 33.52 66.09 28.91
CA ASP B 167 32.72 66.42 30.09
C ASP B 167 31.86 67.65 29.83
N ASN B 168 30.81 67.78 30.62
CA ASN B 168 29.89 68.90 30.48
C ASN B 168 30.63 70.22 30.69
N GLN B 169 30.36 71.17 29.80
CA GLN B 169 30.96 72.49 29.86
C GLN B 169 29.98 73.45 30.52
N THR B 170 30.38 74.02 31.66
CA THR B 170 29.54 74.93 32.41
C THR B 170 30.04 76.35 32.23
N LEU B 171 29.15 77.25 31.80
CA LEU B 171 29.47 78.66 31.65
C LEU B 171 29.03 79.40 32.90
N ASN B 172 29.96 80.05 33.57
CA ASN B 172 29.68 80.86 34.73
C ASN B 172 30.28 82.25 34.55
N ASP B 173 29.65 83.25 35.16
CA ASP B 173 30.09 84.62 34.96
C ASP B 173 31.32 84.98 35.78
N ASP B 174 31.84 84.05 36.58
CA ASP B 174 33.05 84.29 37.37
C ASP B 174 34.15 83.27 37.06
N ASN B 175 34.06 82.59 35.92
CA ASN B 175 35.05 81.59 35.53
C ASN B 175 35.29 81.68 34.03
N VAL B 176 36.45 81.20 33.60
CA VAL B 176 36.73 81.07 32.19
C VAL B 176 36.15 79.77 31.68
N ILE B 177 35.93 79.68 30.38
CA ILE B 177 35.41 78.47 29.77
C ILE B 177 36.51 77.40 29.78
N GLU B 178 36.14 76.18 30.12
CA GLU B 178 37.07 75.06 30.19
C GLU B 178 36.61 73.95 29.25
N TYR B 179 37.58 73.32 28.61
CA TYR B 179 37.35 72.14 27.77
C TYR B 179 37.97 70.95 28.48
N LYS B 180 37.16 69.92 28.74
CA LYS B 180 37.55 68.78 29.57
C LYS B 180 37.39 67.49 28.76
N PRO B 181 38.35 67.17 27.89
CA PRO B 181 38.29 65.92 27.15
C PRO B 181 38.92 64.77 27.92
N THR B 182 38.48 63.57 27.59
CA THR B 182 39.15 62.35 27.99
C THR B 182 39.74 61.73 26.73
N LEU B 183 41.05 61.50 26.75
CA LEU B 183 41.75 60.91 25.62
C LEU B 183 42.13 59.48 25.94
N LYS B 184 41.92 58.61 24.96
CA LYS B 184 42.24 57.19 25.08
C LYS B 184 43.46 56.88 24.23
N ALA B 185 44.43 56.20 24.81
CA ALA B 185 45.64 55.79 24.10
C ALA B 185 45.39 54.47 23.37
N PHE B 186 45.84 54.42 22.13
CA PHE B 186 45.80 53.21 21.33
C PHE B 186 47.22 52.81 20.96
N ARG B 187 47.41 51.52 20.69
CA ARG B 187 48.72 51.04 20.30
C ARG B 187 49.07 51.53 18.91
N ASP B 188 50.26 52.09 18.76
CA ASP B 188 50.80 52.44 17.45
C ASP B 188 51.67 51.29 16.97
N ASP B 189 51.32 50.72 15.82
CA ASP B 189 52.03 49.55 15.32
C ASP B 189 53.49 49.88 15.01
N VAL B 190 53.75 51.06 14.45
CA VAL B 190 55.10 51.39 14.00
C VAL B 190 56.05 51.46 15.18
N VAL B 191 55.66 52.17 16.24
CA VAL B 191 56.56 52.30 17.40
C VAL B 191 56.40 51.16 18.39
N GLY B 192 55.30 50.41 18.32
CA GLY B 192 55.20 49.18 19.09
C GLY B 192 54.69 49.31 20.51
N TYR B 193 54.01 50.40 20.85
CA TYR B 193 53.43 50.54 22.17
C TYR B 193 52.32 51.58 22.13
N SER B 194 51.53 51.61 23.20
CA SER B 194 50.53 52.65 23.38
C SER B 194 50.96 53.70 24.40
N VAL B 195 51.65 53.31 25.45
CA VAL B 195 52.12 54.24 26.47
C VAL B 195 53.57 53.89 26.82
N ALA B 196 54.38 54.92 27.02
CA ALA B 196 55.73 54.77 27.53
C ALA B 196 55.98 55.86 28.56
N GLN B 197 56.60 55.49 29.68
CA GLN B 197 56.93 56.42 30.75
C GLN B 197 58.42 56.69 30.73
N GLY B 198 58.79 57.96 30.81
CA GLY B 198 60.18 58.35 30.71
C GLY B 198 60.63 59.22 31.87
N PHE B 199 61.92 59.14 32.16
CA PHE B 199 62.58 59.98 33.15
C PHE B 199 63.86 60.53 32.54
N ALA B 200 64.13 61.80 32.75
CA ALA B 200 65.31 62.44 32.18
C ALA B 200 65.65 63.68 33.01
N GLY B 201 66.78 64.30 32.67
CA GLY B 201 67.22 65.51 33.34
C GLY B 201 68.40 65.27 34.26
N PRO B 202 69.12 66.35 34.58
CA PRO B 202 70.25 66.21 35.51
C PRO B 202 69.84 65.71 36.88
N GLY B 203 68.65 66.10 37.36
CA GLY B 203 68.17 65.58 38.62
C GLY B 203 67.92 64.08 38.58
N TRP B 204 67.42 63.58 37.46
CA TRP B 204 67.24 62.14 37.31
C TRP B 204 68.58 61.41 37.28
N ARG B 205 69.57 61.98 36.59
CA ARG B 205 70.87 61.33 36.47
C ARG B 205 71.49 61.05 37.83
N ASP B 206 71.21 61.90 38.83
CA ASP B 206 71.70 61.64 40.17
C ASP B 206 71.02 60.43 40.81
N LEU B 207 69.85 60.04 40.30
CA LEU B 207 69.05 59.00 40.95
C LEU B 207 68.94 57.72 40.13
N VAL B 208 69.52 57.64 38.94
CA VAL B 208 69.27 56.49 38.07
C VAL B 208 69.76 55.21 38.73
N ALA B 209 70.98 55.24 39.27
CA ALA B 209 71.51 54.05 39.94
C ALA B 209 70.71 53.72 41.20
N THR B 210 70.32 54.74 41.97
CA THR B 210 69.51 54.52 43.16
C THR B 210 68.15 53.93 42.80
N ALA B 211 67.55 54.39 41.70
CA ALA B 211 66.27 53.87 41.26
C ALA B 211 66.33 52.44 40.76
N GLY B 212 67.52 51.88 40.56
CA GLY B 212 67.67 50.49 40.17
C GLY B 212 67.79 50.24 38.69
N PHE B 213 68.03 51.28 37.89
CA PHE B 213 68.22 51.12 36.46
C PHE B 213 69.70 51.22 36.14
N GLY B 214 70.23 50.21 35.46
CA GLY B 214 71.67 50.17 35.24
C GLY B 214 72.41 49.79 36.51
N GLU B 215 73.70 50.15 36.53
CA GLU B 215 74.58 49.85 37.65
C GLU B 215 75.08 51.16 38.27
N ALA B 216 75.60 51.03 39.48
CA ALA B 216 76.08 52.20 40.22
C ALA B 216 77.35 52.76 39.61
N LEU B 217 77.60 54.04 39.87
CA LEU B 217 78.80 54.72 39.37
C LEU B 217 79.91 54.58 40.40
N THR B 218 81.00 53.91 40.02
CA THR B 218 82.11 53.68 40.92
C THR B 218 83.46 54.12 40.35
N ALA B 219 83.50 54.63 39.13
CA ALA B 219 84.76 55.07 38.53
C ALA B 219 84.48 56.11 37.46
N LEU B 220 85.29 57.16 37.45
CA LEU B 220 85.21 58.20 36.42
C LEU B 220 86.40 58.04 35.48
N THR B 221 86.12 58.11 34.18
CA THR B 221 87.14 57.91 33.15
C THR B 221 87.08 59.05 32.15
N ILE B 222 88.24 59.59 31.80
CA ILE B 222 88.35 60.68 30.84
C ILE B 222 88.67 60.07 29.47
N THR B 223 87.70 60.11 28.56
CA THR B 223 87.87 59.43 27.27
C THR B 223 89.01 59.98 26.42
N PRO B 224 89.23 61.30 26.30
CA PRO B 224 90.39 61.74 25.49
C PRO B 224 91.71 61.21 26.00
N GLY B 225 91.88 61.10 27.31
CA GLY B 225 93.11 60.55 27.87
C GLY B 225 94.27 61.52 27.88
N SER B 226 94.76 61.87 26.69
CA SER B 226 95.88 62.79 26.58
C SER B 226 95.83 63.51 25.23
N PRO B 227 95.10 64.61 25.13
CA PRO B 227 95.02 65.34 23.87
C PRO B 227 96.19 66.32 23.71
N THR B 228 96.44 66.69 22.46
CA THR B 228 97.48 67.66 22.12
C THR B 228 96.84 68.79 21.33
N VAL B 229 97.06 70.01 21.78
CA VAL B 229 96.43 71.19 21.20
C VAL B 229 97.52 72.14 20.71
N THR B 230 97.31 72.71 19.53
CA THR B 230 98.23 73.72 19.01
C THR B 230 97.99 75.05 19.71
N VAL B 231 99.08 75.75 20.01
CA VAL B 231 98.97 77.09 20.59
C VAL B 231 98.27 78.03 19.62
N ALA B 232 98.62 77.94 18.34
CA ALA B 232 97.99 78.77 17.32
C ALA B 232 96.52 78.40 17.17
N THR B 233 95.72 79.40 16.80
CA THR B 233 94.28 79.20 16.65
C THR B 233 93.98 78.41 15.39
N GLY B 234 93.04 77.48 15.52
CA GLY B 234 92.65 76.64 14.39
C GLY B 234 91.62 75.62 14.82
N ALA B 235 91.34 74.69 13.91
CA ALA B 235 90.38 73.63 14.19
C ALA B 235 90.85 72.75 15.33
N SER B 236 92.15 72.44 15.37
CA SER B 236 92.71 71.57 16.41
C SER B 236 93.25 72.36 17.59
N HIS B 237 92.96 73.66 17.66
CA HIS B 237 93.44 74.47 18.78
C HIS B 237 92.76 74.11 20.09
N THR B 238 91.47 73.80 20.06
CA THR B 238 90.72 73.44 21.26
C THR B 238 90.15 72.04 21.10
N ALA B 239 90.12 71.30 22.21
CA ALA B 239 89.57 69.95 22.24
C ALA B 239 88.63 69.83 23.42
N GLN B 240 87.46 69.21 23.18
CA GLN B 240 86.43 69.07 24.20
C GLN B 240 86.57 67.72 24.90
N LEU B 241 86.71 67.75 26.22
CA LEU B 241 86.85 66.54 27.00
C LEU B 241 85.48 65.88 27.23
N LEU B 242 85.51 64.68 27.81
CA LEU B 242 84.30 63.95 28.13
C LEU B 242 84.59 62.97 29.25
N VAL B 243 83.77 63.01 30.29
CA VAL B 243 83.95 62.18 31.49
C VAL B 243 82.79 61.19 31.56
N GLU B 244 83.12 59.90 31.64
CA GLU B 244 82.13 58.84 31.70
C GLU B 244 82.27 58.06 33.00
N GLY B 245 81.39 57.09 33.18
CA GLY B 245 81.39 56.22 34.33
C GLY B 245 81.40 54.75 33.95
N ASP B 246 81.44 53.91 34.97
CA ASP B 246 81.42 52.47 34.73
C ASP B 246 80.06 51.98 34.26
N ASN B 247 79.01 52.76 34.51
CA ASN B 247 77.66 52.43 34.07
C ASN B 247 77.35 52.93 32.67
N GLY B 248 78.28 53.68 32.06
CA GLY B 248 78.06 54.20 30.72
C GLY B 248 77.31 55.52 30.67
N ILE B 249 77.26 56.26 31.77
CA ILE B 249 76.54 57.53 31.83
C ILE B 249 77.55 58.67 31.79
N ASN B 250 77.31 59.64 30.93
CA ASN B 250 78.15 60.83 30.85
C ASN B 250 77.93 61.70 32.07
N TYR B 251 78.99 61.92 32.84
CA TYR B 251 78.93 62.78 34.03
C TYR B 251 79.66 64.10 33.84
N THR B 252 79.97 64.47 32.60
CA THR B 252 80.64 65.74 32.33
C THR B 252 79.94 66.95 32.94
N PRO B 253 78.61 67.11 32.83
CA PRO B 253 77.96 68.24 33.52
C PRO B 253 78.08 68.20 35.03
N ASP B 254 78.30 67.02 35.61
CA ASP B 254 78.28 66.87 37.07
C ASP B 254 79.66 66.91 37.70
N VAL B 255 80.72 67.09 36.92
CA VAL B 255 82.08 67.05 37.45
C VAL B 255 82.66 68.47 37.45
N VAL B 256 83.72 68.65 38.24
CA VAL B 256 84.38 69.94 38.40
C VAL B 256 85.76 69.84 37.78
N PHE B 257 86.04 70.74 36.84
CA PHE B 257 87.31 70.73 36.10
C PHE B 257 88.32 71.66 36.76
N THR B 258 89.49 71.11 37.11
CA THR B 258 90.59 71.87 37.67
C THR B 258 91.85 71.58 36.88
N SER B 259 92.56 72.63 36.49
CA SER B 259 93.80 72.52 35.73
C SER B 259 95.00 72.74 36.63
N SER B 260 96.02 71.89 36.49
CA SER B 260 97.23 72.04 37.29
C SER B 260 97.92 73.36 36.98
N ALA B 261 98.17 73.65 35.71
CA ALA B 261 98.78 74.90 35.28
C ALA B 261 97.80 75.64 34.38
N PRO B 262 97.03 76.59 34.92
CA PRO B 262 96.06 77.32 34.08
C PRO B 262 96.72 78.06 32.93
N ASP B 263 97.94 78.57 33.13
CA ASP B 263 98.61 79.30 32.06
C ASP B 263 98.96 78.40 30.89
N LYS B 264 99.42 77.17 31.17
CA LYS B 264 99.77 76.25 30.10
C LYS B 264 98.53 75.82 29.33
N ALA B 265 97.48 75.38 30.05
CA ALA B 265 96.24 74.93 29.42
C ALA B 265 95.08 75.40 30.28
N SER B 266 94.12 76.06 29.65
CA SER B 266 92.93 76.54 30.34
C SER B 266 91.76 75.60 30.06
N VAL B 267 91.07 75.19 31.11
CA VAL B 267 89.89 74.35 30.99
C VAL B 267 88.70 75.10 31.58
N SER B 268 87.60 75.12 30.85
CA SER B 268 86.40 75.82 31.31
C SER B 268 85.59 74.90 32.22
N ALA B 269 84.43 75.38 32.67
CA ALA B 269 83.55 74.54 33.48
C ALA B 269 83.05 73.34 32.70
N ALA B 270 82.74 73.54 31.41
CA ALA B 270 82.29 72.43 30.58
C ALA B 270 83.38 71.38 30.38
N GLY B 271 84.61 71.83 30.18
CA GLY B 271 85.71 70.92 29.96
C GLY B 271 86.38 71.12 28.62
N LEU B 272 86.25 72.31 28.05
CA LEU B 272 86.91 72.65 26.81
C LEU B 272 88.34 73.10 27.10
N VAL B 273 89.31 72.33 26.63
CA VAL B 273 90.71 72.56 26.93
C VAL B 273 91.31 73.43 25.83
N THR B 274 91.86 74.58 26.21
CA THR B 274 92.50 75.50 25.30
C THR B 274 93.95 75.67 25.75
N GLY B 275 94.88 75.41 24.83
CA GLY B 275 96.29 75.56 25.14
C GLY B 275 96.80 76.96 24.87
N VAL B 276 96.93 77.77 25.93
CA VAL B 276 97.43 79.13 25.76
C VAL B 276 98.91 79.10 25.41
N ALA B 277 99.70 78.28 26.10
CA ALA B 277 101.13 78.20 25.87
C ALA B 277 101.56 76.74 25.91
N ALA B 278 102.65 76.45 25.21
CA ALA B 278 103.16 75.08 25.15
C ALA B 278 103.63 74.63 26.53
N GLY B 279 103.41 73.36 26.81
CA GLY B 279 103.78 72.78 28.09
C GLY B 279 102.92 71.56 28.38
N SER B 280 103.12 71.03 29.58
CA SER B 280 102.40 69.86 30.06
C SER B 280 101.55 70.25 31.26
N ALA B 281 100.23 70.05 31.13
CA ALA B 281 99.29 70.41 32.18
C ALA B 281 98.39 69.23 32.51
N THR B 282 97.91 69.19 33.74
CA THR B 282 97.05 68.12 34.23
C THR B 282 95.64 68.65 34.41
N ILE B 283 94.67 67.97 33.80
CA ILE B 283 93.26 68.33 33.89
C ILE B 283 92.57 67.28 34.74
N THR B 284 92.01 67.69 35.87
CA THR B 284 91.36 66.78 36.81
C THR B 284 89.89 67.12 36.90
N ALA B 285 89.04 66.15 36.61
CA ALA B 285 87.59 66.28 36.77
C ALA B 285 87.17 65.54 38.04
N THR B 286 86.66 66.27 39.01
CA THR B 286 86.32 65.72 40.32
C THR B 286 84.83 65.82 40.56
N LYS B 287 84.24 64.71 41.00
CA LYS B 287 82.82 64.66 41.37
C LYS B 287 82.72 63.81 42.62
N GLY B 288 82.41 64.45 43.74
CA GLY B 288 82.43 63.73 45.01
C GLY B 288 83.82 63.19 45.29
N ALA B 289 83.89 61.92 45.70
CA ALA B 289 85.15 61.26 45.94
C ALA B 289 85.79 60.72 44.67
N LEU B 290 85.04 60.64 43.57
CA LEU B 290 85.60 60.17 42.32
C LEU B 290 86.50 61.23 41.70
N THR B 291 87.52 60.77 40.99
CA THR B 291 88.49 61.66 40.36
C THR B 291 89.02 61.01 39.09
N ALA B 292 88.94 61.75 37.99
CA ALA B 292 89.52 61.33 36.71
C ALA B 292 90.53 62.37 36.26
N THR B 293 91.76 61.94 36.03
CA THR B 293 92.86 62.84 35.72
C THR B 293 93.38 62.57 34.31
N ALA B 294 93.69 63.65 33.59
CA ALA B 294 94.29 63.57 32.27
C ALA B 294 95.40 64.60 32.17
N THR B 295 96.41 64.27 31.36
CA THR B 295 97.55 65.15 31.11
C THR B 295 97.49 65.64 29.67
N VAL B 296 97.67 66.94 29.48
CA VAL B 296 97.61 67.57 28.17
C VAL B 296 98.99 68.13 27.83
N THR B 297 99.51 67.77 26.67
CA THR B 297 100.81 68.25 26.19
C THR B 297 100.56 69.28 25.10
N VAL B 298 100.71 70.55 25.44
CA VAL B 298 100.49 71.65 24.49
C VAL B 298 101.77 71.89 23.70
N THR B 299 101.62 72.06 22.39
CA THR B 299 102.74 72.37 21.50
C THR B 299 102.45 73.65 20.74
N ALA B 300 103.52 74.39 20.45
CA ALA B 300 103.40 75.65 19.72
C ALA B 300 103.86 75.51 18.27
N THR C 2 66.05 74.69 24.94
CA THR C 2 64.67 75.06 25.23
C THR C 2 64.26 74.59 26.62
N ASP C 3 63.83 75.53 27.46
CA ASP C 3 63.41 75.22 28.81
C ASP C 3 61.93 74.83 28.83
N PHE C 4 61.47 74.42 30.02
CA PHE C 4 60.10 73.95 30.16
C PHE C 4 59.08 75.06 29.88
N TYR C 5 59.38 76.28 30.32
CA TYR C 5 58.45 77.39 30.13
C TYR C 5 58.25 77.70 28.66
N THR C 6 59.31 77.66 27.87
CA THR C 6 59.18 77.89 26.43
C THR C 6 58.38 76.80 25.76
N ILE C 7 58.58 75.55 26.17
CA ILE C 7 57.83 74.44 25.60
C ILE C 7 56.34 74.57 25.93
N LYS C 8 56.02 74.96 27.16
CA LYS C 8 54.63 75.05 27.57
C LYS C 8 53.87 76.08 26.73
N ASP C 9 54.50 77.23 26.44
CA ASP C 9 53.92 78.24 25.56
C ASP C 9 52.51 78.64 26.00
N ALA C 10 52.37 78.93 27.29
CA ALA C 10 51.06 79.21 27.85
C ALA C 10 50.65 80.66 27.58
N GLN C 11 49.46 80.83 27.01
CA GLN C 11 48.91 82.15 26.69
C GLN C 11 47.69 82.38 27.58
N ALA C 12 47.86 83.18 28.63
CA ALA C 12 46.75 83.47 29.54
C ALA C 12 45.64 84.24 28.84
N ASP C 13 45.99 85.12 27.89
CA ASP C 13 44.99 85.93 27.22
C ASP C 13 44.05 85.10 26.35
N LEU C 14 44.40 83.86 26.04
CA LEU C 14 43.50 83.00 25.28
C LEU C 14 42.45 82.31 26.15
N ALA C 15 42.48 82.53 27.46
CA ALA C 15 41.41 82.07 28.32
C ALA C 15 40.31 83.13 28.36
N ILE C 16 39.09 82.73 27.99
CA ILE C 16 37.99 83.66 27.80
C ILE C 16 36.92 83.37 28.84
N ALA C 17 36.51 84.40 29.57
CA ALA C 17 35.50 84.29 30.62
C ALA C 17 34.19 84.87 30.13
N PRO C 18 33.11 84.09 30.05
CA PRO C 18 31.80 84.66 29.68
C PRO C 18 31.20 85.47 30.83
N LEU C 19 31.71 86.70 30.98
CA LEU C 19 31.27 87.56 32.08
C LEU C 19 29.79 87.89 31.97
N ASN C 20 29.31 88.14 30.76
CA ASN C 20 27.89 88.27 30.50
C ASN C 20 27.50 87.28 29.40
N LEU C 21 26.24 86.87 29.43
CA LEU C 21 25.75 85.84 28.54
C LEU C 21 24.28 86.08 28.26
N THR C 22 23.87 85.82 27.02
CA THR C 22 22.48 85.95 26.64
C THR C 22 22.10 84.81 25.71
N VAL C 23 20.87 84.34 25.83
CA VAL C 23 20.32 83.29 25.00
C VAL C 23 19.21 83.90 24.14
N LEU C 24 19.34 83.77 22.83
CA LEU C 24 18.35 84.28 21.90
C LEU C 24 17.72 83.11 21.17
N LEU C 25 16.40 83.11 21.09
CA LEU C 25 15.64 82.11 20.36
C LEU C 25 14.89 82.78 19.23
N ALA C 26 14.75 82.06 18.13
CA ALA C 26 13.98 82.52 16.99
C ALA C 26 13.04 81.41 16.55
N PRO C 27 11.89 81.76 15.99
CA PRO C 27 11.01 80.73 15.40
C PRO C 27 11.74 80.05 14.24
N TYR C 28 11.36 78.79 13.99
CA TYR C 28 12.05 78.00 12.98
C TYR C 28 11.96 78.62 11.58
N SER C 29 10.96 79.47 11.33
CA SER C 29 10.86 80.14 10.05
C SER C 29 11.91 81.22 9.85
N THR C 30 12.60 81.64 10.91
CA THR C 30 13.65 82.64 10.79
C THR C 30 14.83 82.10 10.01
N THR C 31 15.48 82.97 9.24
CA THR C 31 16.71 82.60 8.56
C THR C 31 17.83 82.41 9.59
N PRO C 32 18.49 81.25 9.61
CA PRO C 32 19.50 81.00 10.63
C PRO C 32 20.68 81.97 10.54
N ALA C 33 21.23 82.31 11.69
CA ALA C 33 22.44 83.11 11.74
C ALA C 33 23.63 82.29 11.26
N THR C 34 24.44 82.88 10.39
CA THR C 34 25.69 82.27 9.96
C THR C 34 26.89 82.82 10.70
N THR C 35 26.83 84.09 11.10
CA THR C 35 27.87 84.73 11.88
C THR C 35 27.24 85.87 12.66
N LEU C 36 27.88 86.25 13.76
CA LEU C 36 27.41 87.39 14.55
C LEU C 36 28.22 88.65 14.29
N GLU C 37 29.25 88.57 13.46
CA GLU C 37 30.10 89.71 13.15
C GLU C 37 29.48 90.50 12.01
N SER C 38 29.21 91.77 12.25
CA SER C 38 28.65 92.62 11.21
C SER C 38 29.68 92.82 10.09
N PRO C 39 29.29 92.62 8.83
CA PRO C 39 30.26 92.81 7.73
C PRO C 39 30.73 94.24 7.57
N THR C 40 29.99 95.21 8.10
CA THR C 40 30.33 96.63 7.90
C THR C 40 31.52 97.05 8.76
N ASP C 41 31.40 96.91 10.08
CA ASP C 41 32.45 97.34 10.99
C ASP C 41 32.88 96.28 11.99
N GLY C 42 32.43 95.04 11.83
CA GLY C 42 32.84 93.97 12.72
C GLY C 42 32.13 93.95 14.05
N SER C 43 31.16 94.82 14.27
CA SER C 43 30.44 94.85 15.53
C SER C 43 29.47 93.68 15.63
N LEU C 44 28.96 93.47 16.83
CA LEU C 44 28.05 92.35 17.08
C LEU C 44 26.69 92.63 16.44
N ALA C 45 26.22 91.70 15.61
CA ALA C 45 25.00 91.89 14.83
C ALA C 45 24.13 90.65 14.94
N ILE C 46 22.98 90.79 15.60
CA ILE C 46 22.03 89.70 15.73
C ILE C 46 21.02 89.77 14.59
N PRO C 47 20.79 88.68 13.86
CA PRO C 47 19.81 88.72 12.77
C PRO C 47 18.42 88.98 13.31
N PRO C 48 17.55 89.57 12.50
CA PRO C 48 16.16 89.78 12.94
C PRO C 48 15.45 88.46 13.17
N GLY C 49 14.51 88.47 14.12
CA GLY C 49 13.76 87.30 14.50
C GLY C 49 14.27 86.63 15.75
N TYR C 50 15.54 86.84 16.11
CA TYR C 50 16.09 86.29 17.34
C TYR C 50 15.74 87.21 18.50
N LYS C 51 15.11 86.65 19.54
CA LYS C 51 14.71 87.41 20.71
C LYS C 51 15.36 86.81 21.94
N SER C 52 15.88 87.67 22.80
CA SER C 52 16.53 87.22 24.02
C SER C 52 15.49 86.74 25.03
N VAL C 53 15.84 85.67 25.76
CA VAL C 53 14.97 85.18 26.82
C VAL C 53 15.10 86.01 28.09
N GLY C 54 16.06 86.93 28.15
CA GLY C 54 16.21 87.78 29.31
C GLY C 54 17.12 87.21 30.37
N HIS C 55 16.92 87.65 31.61
CA HIS C 55 17.78 87.22 32.71
C HIS C 55 17.63 85.73 32.97
N PHE C 56 18.73 85.08 33.33
CA PHE C 56 18.71 83.71 33.80
C PHE C 56 19.57 83.57 35.05
N GLU C 57 19.34 82.48 35.78
CA GLU C 57 19.94 82.26 37.09
C GLU C 57 21.46 82.25 37.02
N LYS C 58 22.08 82.97 37.94
CA LYS C 58 23.53 83.12 37.92
C LYS C 58 24.23 81.84 38.35
N GLN C 59 23.79 81.24 39.45
CA GLN C 59 24.51 80.11 40.04
C GLN C 59 24.47 78.89 39.15
N ALA C 60 23.31 78.59 38.56
CA ALA C 60 23.24 77.46 37.63
C ALA C 60 24.08 77.72 36.39
N GLY C 61 24.15 78.97 35.94
CA GLY C 61 24.88 79.27 34.74
C GLY C 61 24.23 78.62 33.54
N LEU C 62 25.05 78.32 32.54
CA LEU C 62 24.60 77.58 31.37
C LEU C 62 25.53 76.39 31.18
N THR C 63 24.96 75.20 31.07
CA THR C 63 25.71 73.97 30.92
C THR C 63 25.53 73.44 29.51
N LEU C 64 26.65 73.15 28.84
CA LEU C 64 26.64 72.58 27.51
C LEU C 64 27.12 71.14 27.60
N GLY C 65 26.31 70.21 27.09
CA GLY C 65 26.61 68.80 27.12
C GLY C 65 26.90 68.27 25.72
N ASN C 66 27.81 67.31 25.64
CA ASN C 66 28.14 66.65 24.39
C ASN C 66 28.24 65.15 24.63
N GLU C 67 27.47 64.37 23.88
CA GLU C 67 27.45 62.92 24.00
C GLU C 67 27.72 62.31 22.64
N PHE C 68 28.60 61.32 22.61
CA PHE C 68 28.87 60.55 21.41
C PHE C 68 28.24 59.16 21.54
N ASP C 69 27.56 58.72 20.50
CA ASP C 69 27.11 57.34 20.40
C ASP C 69 27.86 56.67 19.26
N SER C 70 28.50 55.55 19.55
CA SER C 70 29.35 54.89 18.57
C SER C 70 29.31 53.39 18.78
N LYS C 71 29.70 52.66 17.75
CA LYS C 71 29.79 51.22 17.79
C LYS C 71 31.17 50.80 17.31
N ASP C 72 31.76 49.82 18.00
CA ASP C 72 33.09 49.32 17.69
C ASP C 72 32.99 48.02 16.92
N ILE C 73 33.73 47.92 15.83
CA ILE C 73 33.81 46.69 15.05
C ILE C 73 35.00 45.89 15.55
N GLU C 74 34.74 44.69 16.07
CA GLU C 74 35.74 43.88 16.72
C GLU C 74 36.10 42.69 15.83
N ALA C 75 37.38 42.56 15.54
CA ALA C 75 37.90 41.44 14.75
C ALA C 75 38.61 40.45 15.67
N TYR C 76 38.54 39.18 15.29
CA TYR C 76 39.22 38.13 16.05
C TYR C 76 40.71 38.43 16.15
N GLY C 77 41.25 38.29 17.35
CA GLY C 77 42.66 38.51 17.58
C GLY C 77 43.10 39.96 17.65
N GLU C 78 42.16 40.90 17.62
CA GLU C 78 42.49 42.32 17.69
C GLU C 78 41.98 42.88 19.01
N PRO C 79 42.87 43.23 19.94
CA PRO C 79 42.39 43.79 21.21
C PRO C 79 41.63 45.10 21.03
N GLU C 80 42.01 45.91 20.06
CA GLU C 80 41.35 47.17 19.81
C GLU C 80 40.46 47.07 18.58
N PRO C 81 39.40 47.88 18.49
CA PRO C 81 38.51 47.81 17.33
C PRO C 81 39.24 48.11 16.03
N ILE C 82 38.88 47.39 14.98
CA ILE C 82 39.44 47.69 13.66
C ILE C 82 38.73 48.88 13.02
N ARG C 83 37.54 49.23 13.51
CA ARG C 83 36.83 50.40 13.02
C ARG C 83 35.84 50.84 14.08
N THR C 84 35.73 52.15 14.27
CA THR C 84 34.76 52.74 15.17
C THR C 84 33.79 53.60 14.36
N ILE C 85 32.52 53.25 14.40
CA ILE C 85 31.48 53.98 13.67
C ILE C 85 30.78 54.88 14.68
N ILE C 86 31.03 56.18 14.58
CA ILE C 86 30.37 57.17 15.42
C ILE C 86 29.08 57.59 14.72
N ASN C 87 27.95 57.40 15.39
CA ASN C 87 26.66 57.73 14.78
C ASN C 87 26.44 59.24 14.77
N LYS C 88 26.52 59.88 15.92
CA LYS C 88 26.23 61.31 16.01
C LYS C 88 26.85 61.87 17.29
N ARG C 89 26.87 63.19 17.36
CA ARG C 89 27.28 63.93 18.56
C ARG C 89 26.07 64.74 19.02
N THR C 90 25.53 64.37 20.17
CA THR C 90 24.34 65.04 20.70
C THR C 90 24.77 66.19 21.60
N THR C 91 24.37 67.40 21.24
CA THR C 91 24.67 68.59 22.01
C THR C 91 23.41 69.08 22.69
N THR C 92 23.50 69.35 23.99
CA THR C 92 22.39 69.88 24.77
C THR C 92 22.88 71.09 25.57
N PHE C 93 21.94 71.93 25.96
CA PHE C 93 22.25 73.00 26.89
C PHE C 93 21.03 73.31 27.74
N ASP C 94 21.27 73.63 29.01
CA ASP C 94 20.21 73.94 29.95
C ASP C 94 20.59 75.16 30.76
N PHE C 95 19.56 75.87 31.23
CA PHE C 95 19.70 77.13 31.94
C PHE C 95 18.36 77.42 32.61
N ALA C 96 18.39 78.33 33.59
CA ALA C 96 17.23 78.61 34.43
C ALA C 96 16.76 80.04 34.18
N MET C 97 15.62 80.19 33.52
CA MET C 97 15.11 81.50 33.14
C MET C 97 14.22 82.11 34.22
N TYR C 98 14.40 83.41 34.44
CA TYR C 98 13.54 84.18 35.34
C TYR C 98 12.32 84.80 34.69
N GLN C 99 12.43 85.29 33.46
CA GLN C 99 11.44 86.22 32.94
C GLN C 99 10.22 85.49 32.37
N ASN C 100 9.04 85.95 32.78
CA ASN C 100 7.78 85.37 32.33
C ASN C 100 7.33 86.09 31.05
N GLN C 101 8.11 85.87 30.00
CA GLN C 101 7.84 86.43 28.69
C GLN C 101 7.07 85.43 27.83
N ARG C 102 6.57 85.90 26.70
CA ARG C 102 5.83 85.02 25.81
C ARG C 102 6.73 83.92 25.24
N ASN C 103 7.96 84.25 24.82
CA ASN C 103 8.81 83.24 24.19
C ASN C 103 9.24 82.17 25.19
N VAL C 104 9.53 82.56 26.43
CA VAL C 104 9.90 81.59 27.46
C VAL C 104 8.74 80.65 27.74
N LEU C 105 7.53 81.20 27.91
CA LEU C 105 6.37 80.37 28.22
C LEU C 105 5.96 79.51 27.04
N GLU C 106 6.12 80.02 25.82
CA GLU C 106 5.90 79.21 24.63
C GLU C 106 6.85 78.04 24.59
N LEU C 107 8.12 78.27 24.93
CA LEU C 107 9.10 77.20 24.95
C LEU C 107 8.73 76.13 25.97
N ILE C 108 8.43 76.55 27.21
CA ILE C 108 8.21 75.56 28.26
C ILE C 108 6.93 74.77 28.04
N TRP C 109 5.92 75.39 27.43
CA TRP C 109 4.63 74.72 27.23
C TRP C 109 4.48 74.07 25.87
N THR C 110 5.50 74.14 25.02
CA THR C 110 5.49 73.57 23.68
C THR C 110 4.22 73.98 22.91
N GLN C 111 4.03 75.30 22.82
CA GLN C 111 2.83 75.85 22.22
C GLN C 111 3.18 77.20 21.61
N ASP C 112 2.37 77.61 20.63
CA ASP C 112 2.41 78.97 20.11
C ASP C 112 1.33 79.79 20.82
N PHE C 113 1.76 80.89 21.44
CA PHE C 113 0.86 81.76 22.19
C PHE C 113 0.67 83.12 21.52
N SER C 114 1.02 83.23 20.23
CA SER C 114 0.90 84.50 19.53
C SER C 114 -0.55 84.94 19.39
N ASN C 115 -1.49 84.01 19.34
CA ASN C 115 -2.90 84.31 19.25
C ASN C 115 -3.56 84.53 20.61
N ILE C 116 -2.80 84.44 21.70
CA ILE C 116 -3.36 84.72 23.03
C ILE C 116 -3.64 86.20 23.16
N GLN C 117 -4.87 86.53 23.55
CA GLN C 117 -5.26 87.92 23.72
C GLN C 117 -5.49 88.23 25.18
N PRO C 118 -4.84 89.27 25.72
CA PRO C 118 -5.09 89.65 27.10
C PRO C 118 -6.54 90.05 27.30
N SER C 119 -7.06 89.76 28.49
CA SER C 119 -8.44 90.09 28.81
C SER C 119 -8.59 91.60 28.97
N GLU C 120 -9.80 92.03 29.34
CA GLU C 120 -10.09 93.45 29.44
C GLU C 120 -9.18 94.13 30.47
N PHE C 121 -8.80 93.40 31.51
CA PHE C 121 -7.91 93.94 32.54
C PHE C 121 -6.49 93.44 32.41
N GLY C 122 -6.14 92.82 31.29
CA GLY C 122 -4.78 92.41 31.00
C GLY C 122 -4.43 90.99 31.35
N GLY C 123 -5.33 90.25 31.99
CA GLY C 123 -5.01 88.88 32.38
C GLY C 123 -4.93 87.95 31.18
N ILE C 124 -4.03 86.98 31.27
CA ILE C 124 -3.87 85.97 30.24
C ILE C 124 -3.94 84.60 30.89
N VAL C 125 -4.46 83.63 30.12
CA VAL C 125 -4.48 82.24 30.52
C VAL C 125 -3.84 81.42 29.41
N LEU C 126 -2.81 80.67 29.75
CA LEU C 126 -2.06 79.87 28.78
C LEU C 126 -2.35 78.40 29.06
N GLU C 127 -3.12 77.78 28.17
CA GLU C 127 -3.46 76.37 28.31
C GLU C 127 -2.38 75.51 27.67
N ALA C 128 -1.99 74.46 28.37
CA ALA C 128 -1.09 73.49 27.76
C ALA C 128 -1.82 72.71 26.68
N PRO C 129 -1.17 72.41 25.56
CA PRO C 129 -1.85 71.67 24.48
C PRO C 129 -2.21 70.27 24.91
N LYS C 130 -3.22 69.71 24.24
CA LYS C 130 -3.67 68.35 24.54
C LYS C 130 -2.51 67.36 24.46
N VAL C 131 -1.73 67.43 23.39
CA VAL C 131 -0.50 66.65 23.30
C VAL C 131 0.64 67.64 23.13
N PRO C 132 1.79 67.40 23.76
CA PRO C 132 2.94 68.29 23.54
C PRO C 132 3.35 68.30 22.07
N LYS C 133 3.73 69.47 21.59
CA LYS C 133 4.09 69.66 20.20
C LYS C 133 5.60 69.60 20.02
N ASN C 134 6.02 69.12 18.86
CA ASN C 134 7.43 69.14 18.46
C ASN C 134 7.69 70.49 17.80
N ILE C 135 8.25 71.42 18.55
CA ILE C 135 8.53 72.76 18.05
C ILE C 135 10.04 72.98 18.04
N TYR C 136 10.55 73.42 16.90
CA TYR C 136 11.96 73.71 16.75
C TYR C 136 12.20 75.20 16.79
N TYR C 137 13.37 75.58 17.31
CA TYR C 137 13.77 76.97 17.37
C TYR C 137 15.19 77.09 16.84
N ARG C 138 15.56 78.32 16.50
CA ARG C 138 16.94 78.66 16.20
C ARG C 138 17.53 79.41 17.40
N ALA C 139 18.70 78.98 17.83
CA ALA C 139 19.26 79.44 19.09
C ALA C 139 20.63 80.07 18.88
N ILE C 140 20.86 81.17 19.59
CA ILE C 140 22.18 81.79 19.69
C ILE C 140 22.52 81.94 21.17
N LEU C 141 23.66 81.40 21.57
CA LEU C 141 24.22 81.64 22.90
C LEU C 141 25.47 82.47 22.70
N VAL C 142 25.41 83.75 22.99
CA VAL C 142 26.55 84.64 22.82
C VAL C 142 26.94 85.21 24.18
N GLY C 143 28.23 85.08 24.50
CA GLY C 143 28.78 85.64 25.71
C GLY C 143 29.75 86.75 25.39
N MET C 144 30.11 87.54 26.40
CA MET C 144 31.04 88.64 26.22
C MET C 144 32.10 88.60 27.32
N ASP C 145 33.35 88.73 26.93
CA ASP C 145 34.46 88.97 27.85
C ASP C 145 34.96 90.38 27.58
N ASP C 146 34.52 91.31 28.42
CA ASP C 146 34.86 92.73 28.25
C ASP C 146 36.13 93.01 29.04
N ARG C 147 37.26 92.99 28.35
CA ARG C 147 38.57 93.16 28.98
C ARG C 147 39.31 94.31 28.30
N ASN C 148 39.82 95.24 29.11
CA ASN C 148 40.60 96.38 28.62
C ASN C 148 39.83 97.17 27.56
N ASP C 149 38.51 97.23 27.71
CA ASP C 149 37.59 97.92 26.81
C ASP C 149 37.57 97.35 25.40
N ARG C 150 38.16 96.17 25.18
CA ARG C 150 38.13 95.51 23.88
C ARG C 150 37.39 94.18 24.04
N PRO C 151 36.08 94.13 23.79
CA PRO C 151 35.32 92.91 24.09
C PRO C 151 35.66 91.77 23.15
N ILE C 152 35.53 90.56 23.69
CA ILE C 152 35.55 89.33 22.92
C ILE C 152 34.16 88.72 23.00
N TRP C 153 33.59 88.39 21.85
CA TRP C 153 32.29 87.74 21.79
C TRP C 153 32.48 86.28 21.41
N LEU C 154 32.23 85.38 22.35
CA LEU C 154 32.22 83.96 22.09
C LEU C 154 30.77 83.51 22.00
N TYR C 155 30.44 82.72 20.99
CA TYR C 155 29.06 82.37 20.76
C TYR C 155 28.93 80.97 20.18
N TRP C 156 27.73 80.42 20.34
CA TRP C 156 27.37 79.12 19.79
C TRP C 156 26.13 79.31 18.93
N LEU C 157 26.15 78.76 17.73
CA LEU C 157 25.00 78.80 16.83
C LEU C 157 24.39 77.41 16.75
N MET C 158 23.10 77.33 17.08
CA MET C 158 22.35 76.08 17.04
C MET C 158 21.07 76.32 16.26
N PRO C 159 21.08 76.08 14.95
CA PRO C 159 19.94 76.44 14.11
C PRO C 159 18.67 75.63 14.37
N LYS C 160 18.76 74.47 15.01
CA LYS C 160 17.58 73.62 15.20
C LYS C 160 17.61 73.02 16.60
N VAL C 161 16.98 73.69 17.54
CA VAL C 161 16.91 73.21 18.92
C VAL C 161 15.46 72.90 19.26
N LYS C 162 15.29 71.92 20.15
CA LYS C 162 13.97 71.50 20.59
C LYS C 162 14.02 71.25 22.09
N LEU C 163 12.91 71.55 22.76
CA LEU C 163 12.79 71.25 24.18
C LEU C 163 12.91 69.75 24.40
N ASP C 164 13.84 69.34 25.24
CA ASP C 164 14.09 67.94 25.53
C ASP C 164 13.65 67.54 26.93
N LYS C 165 13.81 68.42 27.90
CA LYS C 165 13.57 68.08 29.30
C LYS C 165 13.25 69.36 30.05
N LEU C 166 12.43 69.20 31.09
CA LEU C 166 12.08 70.32 31.96
C LEU C 166 12.34 69.91 33.40
N ASP C 167 13.18 70.67 34.10
CA ASP C 167 13.49 70.36 35.48
C ASP C 167 12.31 70.75 36.38
N ASN C 168 12.29 70.14 37.57
CA ASN C 168 11.22 70.43 38.53
C ASN C 168 11.24 71.90 38.92
N GLN C 169 10.06 72.50 38.94
CA GLN C 169 9.90 73.91 39.28
C GLN C 169 9.44 74.00 40.73
N THR C 170 10.26 74.60 41.58
CA THR C 170 9.97 74.73 42.99
C THR C 170 9.55 76.17 43.30
N LEU C 171 8.41 76.31 43.97
CA LEU C 171 7.90 77.61 44.37
C LEU C 171 8.27 77.85 45.83
N ASN C 172 9.02 78.91 46.09
CA ASN C 172 9.40 79.29 47.44
C ASN C 172 9.05 80.75 47.66
N ASP C 173 8.76 81.09 48.92
CA ASP C 173 8.30 82.44 49.23
C ASP C 173 9.43 83.46 49.31
N ASP C 174 10.68 83.03 49.09
CA ASP C 174 11.82 83.95 49.07
C ASP C 174 12.60 83.89 47.77
N ASN C 175 12.03 83.30 46.73
CA ASN C 175 12.68 83.18 45.43
C ASN C 175 11.68 83.51 44.33
N VAL C 176 12.21 83.95 43.18
CA VAL C 176 11.38 84.13 42.01
C VAL C 176 11.20 82.77 41.35
N ILE C 177 10.21 82.66 40.47
CA ILE C 177 9.96 81.39 39.79
C ILE C 177 10.91 81.26 38.62
N GLU C 178 11.51 80.08 38.49
CA GLU C 178 12.48 79.78 37.46
C GLU C 178 11.96 78.70 36.53
N TYR C 179 12.30 78.82 35.25
CA TYR C 179 12.02 77.80 34.26
C TYR C 179 13.36 77.22 33.80
N LYS C 180 13.49 75.89 33.87
CA LYS C 180 14.76 75.21 33.67
C LYS C 180 14.61 74.18 32.56
N PRO C 181 14.61 74.61 31.30
CA PRO C 181 14.55 73.66 30.20
C PRO C 181 15.92 73.13 29.81
N THR C 182 15.93 71.92 29.28
CA THR C 182 17.08 71.38 28.58
C THR C 182 16.73 71.35 27.09
N LEU C 183 17.56 71.99 26.28
CA LEU C 183 17.35 72.05 24.84
C LEU C 183 18.36 71.17 24.14
N LYS C 184 17.88 70.41 23.15
CA LYS C 184 18.73 69.53 22.37
C LYS C 184 18.89 70.10 20.97
N ALA C 185 20.13 70.16 20.50
CA ALA C 185 20.42 70.66 19.17
C ALA C 185 20.27 69.53 18.15
N PHE C 186 19.66 69.84 17.03
CA PHE C 186 19.51 68.92 15.92
C PHE C 186 20.19 69.50 14.69
N ARG C 187 20.62 68.62 13.80
CA ARG C 187 21.26 69.07 12.58
C ARG C 187 20.25 69.76 11.67
N ASP C 188 20.57 70.95 11.21
CA ASP C 188 19.76 71.64 10.22
C ASP C 188 20.33 71.34 8.83
N ASP C 189 19.49 70.76 7.98
CA ASP C 189 19.96 70.35 6.66
C ASP C 189 20.42 71.53 5.82
N VAL C 190 19.67 72.64 5.87
CA VAL C 190 19.95 73.77 5.00
C VAL C 190 21.33 74.37 5.31
N VAL C 191 21.63 74.60 6.59
CA VAL C 191 22.92 75.19 6.95
C VAL C 191 24.00 74.14 7.15
N GLY C 192 23.64 72.88 7.31
CA GLY C 192 24.62 71.81 7.30
C GLY C 192 25.35 71.55 8.59
N TYR C 193 24.80 71.95 9.73
CA TYR C 193 25.40 71.65 11.02
C TYR C 193 24.35 71.76 12.11
N SER C 194 24.68 71.21 13.28
CA SER C 194 23.85 71.39 14.46
C SER C 194 24.40 72.41 15.44
N VAL C 195 25.72 72.48 15.60
CA VAL C 195 26.36 73.45 16.47
C VAL C 195 27.54 74.08 15.75
N ALA C 196 27.73 75.37 15.96
CA ALA C 196 28.91 76.09 15.52
C ALA C 196 29.36 77.03 16.61
N GLN C 197 30.67 77.07 16.86
CA GLN C 197 31.26 77.94 17.86
C GLN C 197 31.95 79.10 17.16
N GLY C 198 31.70 80.31 17.65
CA GLY C 198 32.24 81.50 17.02
C GLY C 198 32.99 82.39 17.98
N PHE C 199 33.94 83.14 17.44
CA PHE C 199 34.69 84.15 18.18
C PHE C 199 34.72 85.42 17.33
N ALA C 200 34.52 86.57 17.98
CA ALA C 200 34.49 87.84 17.27
C ALA C 200 34.81 88.96 18.24
N GLY C 201 34.97 90.16 17.71
CA GLY C 201 35.27 91.33 18.51
C GLY C 201 36.70 91.79 18.36
N PRO C 202 36.96 93.06 18.69
CA PRO C 202 38.34 93.56 18.63
C PRO C 202 39.29 92.82 19.55
N GLY C 203 38.82 92.43 20.74
CA GLY C 203 39.65 91.63 21.62
C GLY C 203 40.04 90.30 21.00
N TRP C 204 39.11 89.68 20.27
CA TRP C 204 39.45 88.47 19.53
C TRP C 204 40.43 88.78 18.41
N ARG C 205 40.20 89.87 17.68
CA ARG C 205 41.10 90.24 16.59
C ARG C 205 42.53 90.42 17.08
N ASP C 206 42.70 90.86 18.32
CA ASP C 206 44.04 90.93 18.90
C ASP C 206 44.67 89.54 19.07
N LEU C 207 43.84 88.48 19.11
CA LEU C 207 44.34 87.16 19.45
C LEU C 207 44.20 86.13 18.34
N VAL C 208 43.69 86.50 17.16
CA VAL C 208 43.38 85.49 16.15
C VAL C 208 44.65 84.76 15.70
N ALA C 209 45.71 85.51 15.44
CA ALA C 209 46.97 84.89 15.01
C ALA C 209 47.57 84.05 16.14
N THR C 210 47.51 84.54 17.37
CA THR C 210 48.02 83.78 18.51
C THR C 210 47.25 82.48 18.70
N ALA C 211 45.92 82.51 18.50
CA ALA C 211 45.09 81.32 18.65
C ALA C 211 45.35 80.29 17.57
N GLY C 212 46.08 80.64 16.51
CA GLY C 212 46.43 79.67 15.49
C GLY C 212 45.53 79.64 14.27
N PHE C 213 44.66 80.64 14.10
CA PHE C 213 43.79 80.72 12.94
C PHE C 213 44.34 81.76 11.97
N GLY C 214 44.58 81.34 10.74
CA GLY C 214 45.24 82.23 9.79
C GLY C 214 46.72 82.39 10.12
N GLU C 215 47.31 83.44 9.56
CA GLU C 215 48.71 83.74 9.73
C GLU C 215 48.90 85.03 10.52
N ALA C 216 50.10 85.23 11.03
CA ALA C 216 50.41 86.40 11.83
C ALA C 216 50.44 87.66 10.97
N LEU C 217 50.27 88.81 11.64
CA LEU C 217 50.29 90.10 10.98
C LEU C 217 51.72 90.65 11.00
N THR C 218 52.29 90.86 9.80
CA THR C 218 53.65 91.36 9.68
C THR C 218 53.77 92.65 8.90
N ALA C 219 52.80 92.98 8.05
CA ALA C 219 52.85 94.20 7.26
C ALA C 219 51.47 94.85 7.22
N LEU C 220 51.45 96.18 7.32
CA LEU C 220 50.22 96.95 7.19
C LEU C 220 50.23 97.61 5.82
N THR C 221 49.09 97.57 5.13
CA THR C 221 48.96 98.08 3.77
C THR C 221 47.72 98.96 3.67
N ILE C 222 47.87 100.14 3.07
CA ILE C 222 46.78 101.07 2.88
C ILE C 222 46.29 100.96 1.44
N THR C 223 45.05 100.49 1.27
CA THR C 223 44.52 100.25 -0.08
C THR C 223 44.40 101.52 -0.90
N PRO C 224 43.88 102.65 -0.35
CA PRO C 224 43.93 103.87 -1.18
C PRO C 224 45.24 104.64 -0.96
N GLY C 225 46.32 104.10 -1.53
CA GLY C 225 47.64 104.66 -1.28
C GLY C 225 47.79 106.08 -1.82
N SER C 226 47.15 106.36 -2.95
CA SER C 226 47.24 107.69 -3.59
C SER C 226 45.83 108.18 -3.90
N PRO C 227 45.12 108.70 -2.91
CA PRO C 227 43.81 109.28 -3.15
C PRO C 227 43.92 110.78 -3.44
N THR C 228 42.88 111.30 -4.08
CA THR C 228 42.79 112.72 -4.39
C THR C 228 41.39 113.21 -4.06
N VAL C 229 41.32 114.28 -3.27
CA VAL C 229 40.06 114.82 -2.79
C VAL C 229 39.93 116.27 -3.22
N THR C 230 38.74 116.66 -3.65
CA THR C 230 38.46 118.06 -3.98
C THR C 230 38.29 118.87 -2.71
N VAL C 231 38.83 120.10 -2.73
CA VAL C 231 38.64 121.01 -1.61
C VAL C 231 37.16 121.34 -1.44
N ALA C 232 36.47 121.58 -2.56
CA ALA C 232 35.04 121.88 -2.50
C ALA C 232 34.26 120.68 -1.98
N THR C 233 33.14 120.97 -1.31
CA THR C 233 32.31 119.93 -0.72
C THR C 233 31.53 119.19 -1.81
N GLY C 234 31.49 117.87 -1.70
CA GLY C 234 30.79 117.06 -2.67
C GLY C 234 30.90 115.59 -2.31
N ALA C 235 30.42 114.76 -3.24
CA ALA C 235 30.50 113.31 -3.05
C ALA C 235 31.94 112.84 -2.97
N SER C 236 32.81 113.39 -3.81
CA SER C 236 34.22 113.02 -3.83
C SER C 236 35.10 113.94 -2.99
N HIS C 237 34.50 114.69 -2.07
CA HIS C 237 35.28 115.59 -1.21
C HIS C 237 36.03 114.84 -0.13
N THR C 238 35.47 113.76 0.41
CA THR C 238 36.10 112.97 1.44
C THR C 238 36.25 111.53 0.98
N ALA C 239 37.38 110.92 1.35
CA ALA C 239 37.66 109.53 1.01
C ALA C 239 37.99 108.77 2.29
N GLN C 240 37.44 107.55 2.41
CA GLN C 240 37.63 106.73 3.59
C GLN C 240 38.77 105.75 3.34
N LEU C 241 39.77 105.77 4.22
CA LEU C 241 40.92 104.90 4.11
C LEU C 241 40.57 103.49 4.60
N LEU C 242 41.53 102.57 4.43
CA LEU C 242 41.37 101.19 4.87
C LEU C 242 42.74 100.55 5.00
N VAL C 243 43.06 100.08 6.20
CA VAL C 243 44.36 99.48 6.51
C VAL C 243 44.16 97.99 6.72
N GLU C 244 44.93 97.19 5.98
CA GLU C 244 44.85 95.74 6.04
C GLU C 244 46.20 95.17 6.47
N GLY C 245 46.24 93.84 6.55
CA GLY C 245 47.45 93.11 6.90
C GLY C 245 47.73 91.99 5.91
N ASP C 246 48.85 91.31 6.15
CA ASP C 246 49.24 90.20 5.30
C ASP C 246 48.36 88.98 5.50
N ASN C 247 47.61 88.93 6.60
CA ASN C 247 46.68 87.83 6.87
C ASN C 247 45.28 88.11 6.35
N GLY C 248 45.04 89.29 5.76
CA GLY C 248 43.73 89.64 5.24
C GLY C 248 42.76 90.19 6.25
N ILE C 249 43.22 90.61 7.42
CA ILE C 249 42.37 91.16 8.46
C ILE C 249 42.43 92.67 8.42
N ASN C 250 41.25 93.31 8.40
CA ASN C 250 41.17 94.76 8.45
C ASN C 250 41.57 95.26 9.83
N TYR C 251 42.66 96.02 9.91
CA TYR C 251 43.16 96.56 11.16
C TYR C 251 42.90 98.05 11.31
N THR C 252 41.98 98.60 10.51
CA THR C 252 41.66 100.03 10.60
C THR C 252 41.26 100.48 12.00
N PRO C 253 40.40 99.77 12.74
CA PRO C 253 40.10 100.23 14.11
C PRO C 253 41.30 100.18 15.06
N ASP C 254 42.30 99.38 14.76
CA ASP C 254 43.41 99.14 15.68
C ASP C 254 44.64 100.00 15.40
N VAL C 255 44.58 100.89 14.41
CA VAL C 255 45.73 101.69 14.02
C VAL C 255 45.48 103.15 14.38
N VAL C 256 46.57 103.90 14.50
CA VAL C 256 46.54 105.31 14.87
C VAL C 256 46.91 106.15 13.66
N PHE C 257 46.01 107.06 13.28
CA PHE C 257 46.21 107.89 12.09
C PHE C 257 46.90 109.19 12.47
N THR C 258 48.06 109.44 11.85
CA THR C 258 48.80 110.68 12.04
C THR C 258 49.09 111.29 10.68
N SER C 259 48.70 112.55 10.51
CA SER C 259 48.91 113.27 9.26
C SER C 259 50.20 114.09 9.30
N SER C 260 50.73 114.37 8.12
CA SER C 260 51.92 115.21 8.01
C SER C 260 51.57 116.68 8.21
N ALA C 261 50.73 117.22 7.32
CA ALA C 261 50.25 118.60 7.42
C ALA C 261 48.75 118.59 7.69
N PRO C 262 48.32 118.79 8.93
CA PRO C 262 46.87 118.77 9.22
C PRO C 262 46.08 119.80 8.43
N ASP C 263 46.67 120.96 8.14
CA ASP C 263 45.96 121.99 7.40
C ASP C 263 45.66 121.55 5.98
N LYS C 264 46.61 120.89 5.32
CA LYS C 264 46.39 120.42 3.95
C LYS C 264 45.32 119.35 3.90
N ALA C 265 45.45 118.33 4.75
CA ALA C 265 44.50 117.22 4.80
C ALA C 265 44.29 116.82 6.25
N SER C 266 43.04 116.71 6.66
CA SER C 266 42.70 116.29 8.01
C SER C 266 42.22 114.84 7.99
N VAL C 267 42.76 114.03 8.89
CA VAL C 267 42.38 112.63 9.02
C VAL C 267 41.87 112.41 10.44
N SER C 268 40.71 111.77 10.55
CA SER C 268 40.12 111.50 11.85
C SER C 268 40.69 110.21 12.42
N ALA C 269 40.19 109.80 13.59
CA ALA C 269 40.62 108.53 14.18
C ALA C 269 40.21 107.35 13.30
N ALA C 270 39.04 107.43 12.69
CA ALA C 270 38.57 106.35 11.83
C ALA C 270 39.32 106.28 10.51
N GLY C 271 39.97 107.37 10.10
CA GLY C 271 40.69 107.41 8.86
C GLY C 271 39.99 108.07 7.71
N LEU C 272 39.06 108.98 7.97
CA LEU C 272 38.37 109.73 6.92
C LEU C 272 39.20 110.94 6.57
N VAL C 273 39.73 110.96 5.34
CA VAL C 273 40.62 112.02 4.89
C VAL C 273 39.80 113.11 4.24
N THR C 274 39.93 114.33 4.76
CA THR C 274 39.25 115.50 4.23
C THR C 274 40.30 116.53 3.84
N GLY C 275 40.28 116.96 2.58
CA GLY C 275 41.23 117.94 2.12
C GLY C 275 40.75 119.36 2.33
N VAL C 276 41.22 120.00 3.40
CA VAL C 276 40.81 121.37 3.68
C VAL C 276 41.42 122.33 2.67
N ALA C 277 42.69 122.15 2.33
CA ALA C 277 43.37 123.03 1.39
C ALA C 277 44.20 122.19 0.44
N ALA C 278 44.41 122.73 -0.77
CA ALA C 278 45.16 122.02 -1.78
C ALA C 278 46.61 121.85 -1.35
N GLY C 279 47.19 120.71 -1.71
CA GLY C 279 48.56 120.40 -1.37
C GLY C 279 48.76 118.90 -1.34
N SER C 280 49.94 118.50 -0.87
CA SER C 280 50.32 117.10 -0.75
C SER C 280 50.58 116.79 0.71
N ALA C 281 49.86 115.83 1.25
CA ALA C 281 49.95 115.45 2.65
C ALA C 281 50.19 113.95 2.78
N THR C 282 50.86 113.57 3.87
CA THR C 282 51.18 112.18 4.16
C THR C 282 50.34 111.68 5.33
N ILE C 283 49.63 110.58 5.11
CA ILE C 283 48.78 109.97 6.12
C ILE C 283 49.46 108.67 6.57
N THR C 284 49.82 108.61 7.84
CA THR C 284 50.53 107.46 8.40
C THR C 284 49.64 106.79 9.45
N ALA C 285 49.37 105.49 9.24
CA ALA C 285 48.64 104.69 10.22
C ALA C 285 49.64 103.78 10.92
N THR C 286 49.75 103.91 12.24
CA THR C 286 50.75 103.19 13.02
C THR C 286 50.05 102.30 14.04
N LYS C 287 50.55 101.07 14.17
CA LYS C 287 50.03 100.10 15.14
C LYS C 287 51.22 99.33 15.71
N GLY C 288 51.53 99.60 16.98
CA GLY C 288 52.69 98.96 17.58
C GLY C 288 53.96 99.37 16.86
N ALA C 289 54.79 98.37 16.54
CA ALA C 289 56.04 98.59 15.82
C ALA C 289 55.86 98.57 14.31
N LEU C 290 54.64 98.38 13.83
CA LEU C 290 54.35 98.35 12.40
C LEU C 290 53.63 99.62 11.98
N THR C 291 53.82 100.00 10.72
CA THR C 291 53.29 101.25 10.22
C THR C 291 53.05 101.16 8.72
N ALA C 292 52.16 102.02 8.22
CA ALA C 292 51.87 102.11 6.80
C ALA C 292 51.67 103.57 6.44
N THR C 293 52.26 104.00 5.32
CA THR C 293 52.26 105.39 4.91
C THR C 293 51.60 105.55 3.54
N ALA C 294 50.82 106.62 3.39
CA ALA C 294 50.22 106.97 2.12
C ALA C 294 50.33 108.48 1.92
N THR C 295 50.35 108.89 0.65
CA THR C 295 50.41 110.30 0.28
C THR C 295 49.13 110.68 -0.44
N VAL C 296 48.56 111.83 -0.06
CA VAL C 296 47.30 112.31 -0.60
C VAL C 296 47.56 113.64 -1.28
N THR C 297 47.09 113.78 -2.53
CA THR C 297 47.23 115.01 -3.30
C THR C 297 45.87 115.70 -3.34
N VAL C 298 45.76 116.83 -2.65
CA VAL C 298 44.51 117.59 -2.58
C VAL C 298 44.54 118.69 -3.62
N THR C 299 43.45 118.81 -4.38
CA THR C 299 43.31 119.84 -5.40
C THR C 299 42.04 120.65 -5.12
N ALA C 300 42.09 121.92 -5.51
CA ALA C 300 40.96 122.82 -5.30
C ALA C 300 40.20 123.06 -6.60
N THR D 2 24.62 98.27 18.08
CA THR D 2 23.92 97.63 19.18
C THR D 2 24.90 96.88 20.08
N ASP D 3 24.95 97.29 21.35
CA ASP D 3 25.85 96.66 22.30
C ASP D 3 25.21 95.43 22.93
N PHE D 4 25.99 94.75 23.78
CA PHE D 4 25.54 93.51 24.39
C PHE D 4 24.34 93.73 25.30
N TYR D 5 24.35 94.84 26.06
CA TYR D 5 23.25 95.12 26.98
C TYR D 5 21.92 95.30 26.24
N THR D 6 21.95 96.00 25.11
CA THR D 6 20.72 96.18 24.34
C THR D 6 20.22 94.85 23.78
N ILE D 7 21.14 94.00 23.32
CA ILE D 7 20.74 92.70 22.78
C ILE D 7 20.13 91.84 23.87
N LYS D 8 20.71 91.87 25.07
CA LYS D 8 20.20 91.03 26.16
C LYS D 8 18.76 91.39 26.52
N ASP D 9 18.44 92.68 26.55
CA ASP D 9 17.05 93.15 26.75
C ASP D 9 16.45 92.54 28.03
N ALA D 10 17.22 92.58 29.11
CA ALA D 10 16.79 91.95 30.34
C ALA D 10 15.77 92.82 31.08
N GLN D 11 14.65 92.21 31.45
CA GLN D 11 13.56 92.88 32.16
C GLN D 11 13.45 92.24 33.54
N ALA D 12 14.00 92.91 34.55
CA ALA D 12 13.95 92.39 35.90
C ALA D 12 12.52 92.34 36.44
N ASP D 13 11.67 93.27 36.02
CA ASP D 13 10.30 93.32 36.51
C ASP D 13 9.47 92.13 36.05
N LEU D 14 9.93 91.40 35.03
CA LEU D 14 9.22 90.22 34.58
C LEU D 14 9.55 88.98 35.39
N ALA D 15 10.44 89.09 36.37
CA ALA D 15 10.66 88.01 37.32
C ALA D 15 9.67 88.13 38.47
N ILE D 16 8.88 87.08 38.67
CA ILE D 16 7.76 87.10 39.61
C ILE D 16 8.05 86.15 40.75
N ALA D 17 7.95 86.65 41.98
CA ALA D 17 8.20 85.86 43.17
C ALA D 17 6.89 85.50 43.85
N PRO D 18 6.55 84.22 44.01
CA PRO D 18 5.32 83.86 44.72
C PRO D 18 5.51 84.03 46.23
N LEU D 19 5.39 85.30 46.68
CA LEU D 19 5.62 85.61 48.08
C LEU D 19 4.60 84.93 48.98
N ASN D 20 3.34 84.89 48.55
CA ASN D 20 2.32 84.09 49.21
C ASN D 20 1.70 83.15 48.19
N LEU D 21 1.23 82.02 48.69
CA LEU D 21 0.72 80.95 47.85
C LEU D 21 -0.40 80.24 48.57
N THR D 22 -1.43 79.83 47.83
CA THR D 22 -2.53 79.08 48.39
C THR D 22 -2.99 78.02 47.39
N VAL D 23 -3.36 76.86 47.92
CA VAL D 23 -3.87 75.75 47.12
C VAL D 23 -5.34 75.58 47.45
N LEU D 24 -6.18 75.62 46.42
CA LEU D 24 -7.60 75.43 46.60
C LEU D 24 -8.04 74.18 45.84
N LEU D 25 -8.81 73.33 46.52
CA LEU D 25 -9.35 72.13 45.92
C LEU D 25 -10.86 72.21 45.91
N ALA D 26 -11.46 71.63 44.89
CA ALA D 26 -12.91 71.56 44.77
C ALA D 26 -13.31 70.13 44.42
N PRO D 27 -14.49 69.70 44.84
CA PRO D 27 -14.99 68.39 44.39
C PRO D 27 -15.17 68.39 42.89
N TYR D 28 -15.06 67.19 42.29
CA TYR D 28 -15.11 67.07 40.85
C TYR D 28 -16.43 67.58 40.26
N SER D 29 -17.49 67.63 41.05
CA SER D 29 -18.77 68.15 40.57
C SER D 29 -18.76 69.66 40.40
N THR D 30 -17.77 70.35 40.94
CA THR D 30 -17.68 71.81 40.79
C THR D 30 -17.38 72.18 39.35
N THR D 31 -17.94 73.30 38.92
CA THR D 31 -17.63 73.84 37.60
C THR D 31 -16.19 74.34 37.60
N PRO D 32 -15.35 73.88 36.68
CA PRO D 32 -13.93 74.27 36.71
C PRO D 32 -13.74 75.76 36.47
N ALA D 33 -12.72 76.31 37.12
CA ALA D 33 -12.35 77.70 36.89
C ALA D 33 -11.72 77.85 35.50
N THR D 34 -12.15 78.89 34.79
CA THR D 34 -11.53 79.24 33.52
C THR D 34 -10.55 80.38 33.63
N THR D 35 -10.78 81.30 34.56
CA THR D 35 -9.88 82.41 34.85
C THR D 35 -10.13 82.86 36.27
N LEU D 36 -9.11 83.44 36.88
CA LEU D 36 -9.25 83.98 38.22
C LEU D 36 -9.49 85.48 38.23
N GLU D 37 -9.53 86.11 37.06
CA GLU D 37 -9.75 87.55 36.96
C GLU D 37 -11.24 87.82 36.91
N SER D 38 -11.72 88.63 37.85
CA SER D 38 -13.13 88.99 37.87
C SER D 38 -13.46 89.85 36.66
N PRO D 39 -14.52 89.53 35.91
CA PRO D 39 -14.87 90.34 34.73
C PRO D 39 -15.29 91.76 35.07
N THR D 40 -15.71 92.02 36.31
CA THR D 40 -16.22 93.35 36.66
C THR D 40 -15.11 94.37 36.82
N ASP D 41 -14.15 94.09 37.71
CA ASP D 41 -13.07 95.03 37.98
C ASP D 41 -11.69 94.42 37.91
N GLY D 42 -11.54 93.19 37.43
CA GLY D 42 -10.24 92.58 37.28
C GLY D 42 -9.63 92.04 38.55
N SER D 43 -10.35 92.06 39.67
CA SER D 43 -9.82 91.57 40.93
C SER D 43 -9.84 90.04 40.95
N LEU D 44 -9.18 89.48 41.96
CA LEU D 44 -9.11 88.04 42.11
C LEU D 44 -10.48 87.48 42.47
N ALA D 45 -10.93 86.47 41.72
CA ALA D 45 -12.26 85.90 41.89
C ALA D 45 -12.15 84.39 41.84
N ILE D 46 -12.34 83.74 42.98
CA ILE D 46 -12.33 82.29 43.06
C ILE D 46 -13.75 81.76 42.86
N PRO D 47 -13.96 80.81 41.96
CA PRO D 47 -15.31 80.28 41.77
C PRO D 47 -15.77 79.56 43.02
N PRO D 48 -17.08 79.51 43.26
CA PRO D 48 -17.60 78.77 44.41
C PRO D 48 -17.29 77.29 44.30
N GLY D 49 -17.11 76.65 45.46
CA GLY D 49 -16.77 75.25 45.55
C GLY D 49 -15.29 74.99 45.79
N TYR D 50 -14.43 75.94 45.43
CA TYR D 50 -13.01 75.81 45.70
C TYR D 50 -12.71 76.23 47.13
N LYS D 51 -12.05 75.36 47.88
CA LYS D 51 -11.74 75.62 49.28
C LYS D 51 -10.24 75.49 49.48
N SER D 52 -9.67 76.46 50.19
CA SER D 52 -8.24 76.45 50.47
C SER D 52 -7.89 75.36 51.47
N VAL D 53 -6.74 74.72 51.26
CA VAL D 53 -6.23 73.74 52.21
C VAL D 53 -5.57 74.40 53.42
N GLY D 54 -5.38 75.71 53.39
CA GLY D 54 -4.78 76.41 54.50
C GLY D 54 -3.26 76.46 54.45
N HIS D 55 -2.63 76.61 55.61
CA HIS D 55 -1.19 76.72 55.69
C HIS D 55 -0.50 75.46 55.20
N PHE D 56 0.63 75.65 54.50
CA PHE D 56 1.51 74.56 54.14
C PHE D 56 2.94 74.95 54.46
N GLU D 57 3.80 73.93 54.57
CA GLU D 57 5.13 74.10 55.14
C GLU D 57 6.00 74.97 54.24
N LYS D 58 6.74 75.88 54.86
CA LYS D 58 7.44 76.92 54.11
C LYS D 58 8.63 76.35 53.34
N GLN D 59 9.46 75.54 54.00
CA GLN D 59 10.75 75.16 53.42
C GLN D 59 10.57 74.27 52.20
N ALA D 60 9.67 73.28 52.27
CA ALA D 60 9.42 72.45 51.10
C ALA D 60 8.82 73.26 49.97
N GLY D 61 8.01 74.27 50.28
CA GLY D 61 7.36 75.04 49.26
C GLY D 61 6.40 74.18 48.46
N LEU D 62 6.23 74.53 47.20
CA LEU D 62 5.44 73.74 46.27
C LEU D 62 6.30 73.41 45.07
N THR D 63 6.36 72.13 44.72
CA THR D 63 7.16 71.66 43.60
C THR D 63 6.23 71.24 42.47
N LEU D 64 6.49 71.74 41.27
CA LEU D 64 5.74 71.38 40.08
C LEU D 64 6.63 70.55 39.17
N GLY D 65 6.16 69.37 38.80
CA GLY D 65 6.92 68.46 37.97
C GLY D 65 6.28 68.31 36.60
N ASN D 66 7.12 68.11 35.59
CA ASN D 66 6.68 67.88 34.22
C ASN D 66 7.58 66.84 33.59
N GLU D 67 7.00 65.72 33.15
CA GLU D 67 7.74 64.71 32.43
C GLU D 67 7.03 64.43 31.11
N PHE D 68 7.82 64.15 30.08
CA PHE D 68 7.30 63.78 28.77
C PHE D 68 7.60 62.31 28.52
N ASP D 69 6.62 61.59 27.98
CA ASP D 69 6.85 60.26 27.46
C ASP D 69 6.71 60.30 25.95
N SER D 70 7.74 59.83 25.25
CA SER D 70 7.77 59.94 23.80
C SER D 70 8.52 58.75 23.23
N LYS D 71 8.25 58.47 21.96
CA LYS D 71 8.92 57.42 21.23
C LYS D 71 9.50 57.99 19.94
N ASP D 72 10.72 57.59 19.62
CA ASP D 72 11.42 58.06 18.43
C ASP D 72 11.30 57.02 17.32
N ILE D 73 10.98 57.47 16.12
CA ILE D 73 10.92 56.61 14.95
C ILE D 73 12.27 56.68 14.25
N GLU D 74 12.96 55.54 14.18
CA GLU D 74 14.33 55.48 13.67
C GLU D 74 14.32 54.90 12.26
N ALA D 75 14.87 55.64 11.32
CA ALA D 75 15.04 55.18 9.96
C ALA D 75 16.49 54.82 9.69
N TYR D 76 16.69 53.85 8.81
CA TYR D 76 18.03 53.42 8.43
C TYR D 76 18.82 54.58 7.85
N GLY D 77 20.05 54.75 8.32
CA GLY D 77 20.93 55.78 7.81
C GLY D 77 20.65 57.17 8.32
N GLU D 78 19.72 57.33 9.26
CA GLU D 78 19.42 58.64 9.83
C GLU D 78 19.86 58.67 11.28
N PRO D 79 20.90 59.43 11.64
CA PRO D 79 21.33 59.48 13.04
C PRO D 79 20.26 60.01 13.97
N GLU D 80 19.43 60.94 13.52
CA GLU D 80 18.38 61.50 14.33
C GLU D 80 17.02 60.96 13.92
N PRO D 81 16.04 60.91 14.84
CA PRO D 81 14.73 60.36 14.50
C PRO D 81 14.07 61.13 13.36
N ILE D 82 13.37 60.41 12.50
CA ILE D 82 12.60 61.05 11.45
C ILE D 82 11.27 61.56 11.97
N ARG D 83 10.82 61.06 13.12
CA ARG D 83 9.62 61.55 13.75
C ARG D 83 9.66 61.19 15.23
N THR D 84 9.23 62.12 16.07
CA THR D 84 9.11 61.89 17.51
C THR D 84 7.65 61.98 17.90
N ILE D 85 7.12 60.90 18.45
CA ILE D 85 5.72 60.85 18.88
C ILE D 85 5.70 61.04 20.39
N ILE D 86 5.25 62.22 20.82
CA ILE D 86 5.10 62.51 22.25
C ILE D 86 3.72 62.05 22.68
N ASN D 87 3.66 61.16 23.66
CA ASN D 87 2.38 60.63 24.12
C ASN D 87 1.64 61.65 24.96
N LYS D 88 2.28 62.14 26.03
CA LYS D 88 1.61 63.05 26.95
C LYS D 88 2.66 63.80 27.76
N ARG D 89 2.19 64.83 28.45
CA ARG D 89 2.99 65.58 29.41
C ARG D 89 2.34 65.40 30.78
N THR D 90 3.03 64.71 31.68
CA THR D 90 2.49 64.45 33.01
C THR D 90 2.93 65.56 33.95
N THR D 91 1.96 66.27 34.51
CA THR D 91 2.21 67.34 35.46
C THR D 91 1.83 66.88 36.86
N THR D 92 2.73 67.08 37.82
CA THR D 92 2.47 66.75 39.21
C THR D 92 2.84 67.94 40.07
N PHE D 93 2.26 68.00 41.26
CA PHE D 93 2.68 68.97 42.25
C PHE D 93 2.52 68.39 43.64
N ASP D 94 3.43 68.75 44.53
CA ASP D 94 3.47 68.22 45.89
C ASP D 94 3.78 69.35 46.86
N PHE D 95 3.26 69.21 48.08
CA PHE D 95 3.36 70.22 49.12
C PHE D 95 3.00 69.57 50.45
N ALA D 96 3.34 70.24 51.54
CA ALA D 96 3.20 69.69 52.89
C ALA D 96 2.18 70.49 53.68
N MET D 97 1.01 69.91 53.89
CA MET D 97 -0.07 70.63 54.58
C MET D 97 0.01 70.48 56.09
N TYR D 98 -0.29 71.56 56.80
CA TYR D 98 -0.40 71.54 58.26
C TYR D 98 -1.80 71.28 58.79
N GLN D 99 -2.84 71.81 58.14
CA GLN D 99 -4.14 71.95 58.78
C GLN D 99 -4.91 70.64 58.75
N ASN D 100 -5.46 70.27 59.91
CA ASN D 100 -6.25 69.04 60.04
C ASN D 100 -7.73 69.37 59.85
N GLN D 101 -8.08 69.68 58.62
CA GLN D 101 -9.45 69.99 58.26
C GLN D 101 -9.99 68.91 57.33
N ARG D 102 -11.29 68.99 57.06
CA ARG D 102 -11.97 67.88 56.40
C ARG D 102 -11.44 67.64 54.98
N ASN D 103 -11.23 68.69 54.19
CA ASN D 103 -10.82 68.48 52.80
C ASN D 103 -9.42 67.88 52.72
N VAL D 104 -8.51 68.33 53.59
CA VAL D 104 -7.16 67.77 53.62
C VAL D 104 -7.20 66.29 53.97
N LEU D 105 -7.95 65.93 55.02
CA LEU D 105 -8.01 64.53 55.44
C LEU D 105 -8.74 63.67 54.43
N GLU D 106 -9.76 64.22 53.76
CA GLU D 106 -10.44 63.50 52.70
C GLU D 106 -9.47 63.19 51.56
N LEU D 107 -8.65 64.18 51.18
CA LEU D 107 -7.65 63.94 50.15
C LEU D 107 -6.65 62.87 50.59
N ILE D 108 -6.20 62.96 51.84
CA ILE D 108 -5.17 62.05 52.33
C ILE D 108 -5.67 60.61 52.35
N TRP D 109 -6.92 60.41 52.78
CA TRP D 109 -7.45 59.07 52.98
C TRP D 109 -8.27 58.56 51.80
N THR D 110 -8.35 59.31 50.71
CA THR D 110 -9.10 58.94 49.50
C THR D 110 -10.52 58.50 49.86
N GLN D 111 -11.22 59.39 50.55
CA GLN D 111 -12.55 59.09 51.07
C GLN D 111 -13.35 60.38 51.14
N ASP D 112 -14.67 60.24 51.11
CA ASP D 112 -15.58 61.35 51.40
C ASP D 112 -15.98 61.26 52.88
N PHE D 113 -15.73 62.33 53.61
CA PHE D 113 -16.03 62.39 55.04
C PHE D 113 -17.16 63.36 55.35
N SER D 114 -17.95 63.74 54.35
CA SER D 114 -19.04 64.68 54.57
C SER D 114 -20.12 64.11 55.47
N ASN D 115 -20.29 62.80 55.51
CA ASN D 115 -21.27 62.14 56.36
C ASN D 115 -20.72 61.80 57.74
N ILE D 116 -19.48 62.18 58.04
CA ILE D 116 -18.92 61.96 59.37
C ILE D 116 -19.57 62.92 60.34
N GLN D 117 -20.11 62.39 61.42
CA GLN D 117 -20.75 63.21 62.43
C GLN D 117 -19.90 63.24 63.69
N PRO D 118 -19.57 64.43 64.20
CA PRO D 118 -18.82 64.50 65.46
C PRO D 118 -19.60 63.83 66.57
N SER D 119 -18.87 63.20 67.49
CA SER D 119 -19.48 62.46 68.57
C SER D 119 -20.14 63.44 69.56
N GLU D 120 -20.66 62.88 70.65
CA GLU D 120 -21.43 63.69 71.59
C GLU D 120 -20.55 64.74 72.27
N PHE D 121 -19.24 64.54 72.29
CA PHE D 121 -18.29 65.52 72.80
C PHE D 121 -17.43 66.14 71.71
N GLY D 122 -17.75 65.91 70.45
CA GLY D 122 -17.03 66.52 69.34
C GLY D 122 -15.97 65.65 68.68
N GLY D 123 -15.67 64.49 69.23
CA GLY D 123 -14.65 63.64 68.65
C GLY D 123 -15.10 63.02 67.34
N ILE D 124 -14.14 62.82 66.45
CA ILE D 124 -14.41 62.20 65.15
C ILE D 124 -13.43 61.06 64.94
N VAL D 125 -13.89 60.03 64.24
CA VAL D 125 -13.05 58.91 63.82
C VAL D 125 -13.20 58.75 62.32
N LEU D 126 -12.07 58.81 61.61
CA LEU D 126 -12.05 58.72 60.15
C LEU D 126 -11.41 57.39 59.78
N GLU D 127 -12.23 56.44 59.32
CA GLU D 127 -11.74 55.13 58.90
C GLU D 127 -11.29 55.19 57.45
N ALA D 128 -10.12 54.62 57.18
CA ALA D 128 -9.67 54.50 55.80
C ALA D 128 -10.56 53.50 55.06
N PRO D 129 -10.90 53.78 53.81
CA PRO D 129 -11.76 52.86 53.06
C PRO D 129 -11.11 51.51 52.87
N LYS D 130 -11.95 50.48 52.77
CA LYS D 130 -11.46 49.12 52.58
C LYS D 130 -10.55 49.03 51.36
N VAL D 131 -10.95 49.66 50.26
CA VAL D 131 -10.12 49.77 49.07
C VAL D 131 -9.93 51.26 48.79
N PRO D 132 -8.72 51.73 48.52
CA PRO D 132 -8.54 53.15 48.18
C PRO D 132 -9.35 53.53 46.95
N LYS D 133 -9.92 54.73 46.99
CA LYS D 133 -10.82 55.18 45.95
C LYS D 133 -10.10 56.12 44.98
N ASN D 134 -10.53 56.07 43.72
CA ASN D 134 -10.07 57.03 42.70
C ASN D 134 -10.96 58.26 42.78
N ILE D 135 -10.46 59.30 43.43
CA ILE D 135 -11.21 60.53 43.61
C ILE D 135 -10.49 61.65 42.90
N TYR D 136 -11.21 62.38 42.06
CA TYR D 136 -10.66 63.51 41.33
C TYR D 136 -11.10 64.82 41.97
N TYR D 137 -10.24 65.82 41.86
CA TYR D 137 -10.52 67.15 42.36
C TYR D 137 -10.19 68.17 41.29
N ARG D 138 -10.72 69.37 41.47
CA ARG D 138 -10.31 70.53 40.69
C ARG D 138 -9.41 71.38 41.56
N ALA D 139 -8.28 71.79 41.00
CA ALA D 139 -7.22 72.43 41.77
C ALA D 139 -6.89 73.80 41.21
N ILE D 140 -6.69 74.76 42.11
CA ILE D 140 -6.14 76.06 41.77
C ILE D 140 -4.94 76.31 42.65
N LEU D 141 -3.80 76.59 42.04
CA LEU D 141 -2.61 77.04 42.74
C LEU D 141 -2.38 78.49 42.34
N VAL D 142 -2.71 79.42 43.23
CA VAL D 142 -2.58 80.84 42.95
C VAL D 142 -1.60 81.46 43.92
N GLY D 143 -0.63 82.18 43.38
CA GLY D 143 0.34 82.89 44.19
C GLY D 143 0.21 84.39 43.99
N MET D 144 0.83 85.18 44.86
CA MET D 144 0.77 86.62 44.78
C MET D 144 2.18 87.19 44.94
N ASP D 145 2.53 88.12 44.05
CA ASP D 145 3.72 88.94 44.18
C ASP D 145 3.24 90.36 44.44
N ASP D 146 3.25 90.76 45.71
CA ASP D 146 2.75 92.07 46.12
C ASP D 146 3.91 93.06 46.08
N ARG D 147 4.04 93.79 44.98
CA ARG D 147 5.14 94.71 44.76
C ARG D 147 4.59 96.10 44.48
N ASN D 148 5.09 97.09 45.23
CA ASN D 148 4.70 98.49 45.05
C ASN D 148 3.20 98.68 45.14
N ASP D 149 2.55 97.86 45.97
CA ASP D 149 1.11 97.83 46.21
C ASP D 149 0.30 97.41 44.99
N ARG D 150 0.94 97.07 43.87
CA ARG D 150 0.23 96.57 42.70
C ARG D 150 0.47 95.07 42.57
N PRO D 151 -0.41 94.23 43.10
CA PRO D 151 -0.13 92.80 43.13
C PRO D 151 -0.17 92.15 41.74
N ILE D 152 0.62 91.10 41.60
CA ILE D 152 0.56 90.20 40.46
C ILE D 152 0.10 88.85 40.96
N TRP D 153 -0.97 88.33 40.38
CA TRP D 153 -1.46 87.00 40.70
C TRP D 153 -1.09 86.05 39.57
N LEU D 154 -0.25 85.08 39.88
CA LEU D 154 0.12 84.04 38.92
C LEU D 154 -0.44 82.73 39.44
N TYR D 155 -1.04 81.94 38.56
CA TYR D 155 -1.79 80.80 39.02
C TYR D 155 -1.72 79.67 38.01
N TRP D 156 -2.04 78.48 38.49
CA TRP D 156 -2.12 77.28 37.68
C TRP D 156 -3.51 76.68 37.89
N LEU D 157 -4.18 76.35 36.79
CA LEU D 157 -5.48 75.71 36.84
C LEU D 157 -5.32 74.25 36.46
N MET D 158 -5.75 73.36 37.34
CA MET D 158 -5.68 71.92 37.11
C MET D 158 -7.06 71.35 37.36
N PRO D 159 -7.89 71.24 36.32
CA PRO D 159 -9.29 70.84 36.52
C PRO D 159 -9.49 69.42 37.01
N LYS D 160 -8.51 68.53 36.85
CA LYS D 160 -8.69 67.12 37.20
C LYS D 160 -7.41 66.58 37.82
N VAL D 161 -7.33 66.64 39.14
CA VAL D 161 -6.16 66.14 39.86
C VAL D 161 -6.58 64.95 40.72
N LYS D 162 -5.63 64.04 40.92
CA LYS D 162 -5.85 62.87 41.73
C LYS D 162 -4.63 62.64 42.62
N LEU D 163 -4.87 62.11 43.82
CA LEU D 163 -3.77 61.74 44.69
C LEU D 163 -2.95 60.63 44.06
N ASP D 164 -1.66 60.89 43.87
CA ASP D 164 -0.76 59.93 43.25
C ASP D 164 0.18 59.28 44.24
N LYS D 165 0.62 60.01 45.25
CA LYS D 165 1.65 59.52 46.17
C LYS D 165 1.52 60.25 47.49
N LEU D 166 1.92 59.56 48.57
CA LEU D 166 1.90 60.13 49.90
C LEU D 166 3.26 59.90 50.54
N ASP D 167 3.93 60.98 50.94
CA ASP D 167 5.23 60.85 51.58
C ASP D 167 5.07 60.37 53.01
N ASN D 168 6.17 59.81 53.54
CA ASN D 168 6.17 59.32 54.91
C ASN D 168 5.87 60.44 55.90
N GLN D 169 4.99 60.16 56.84
CA GLN D 169 4.60 61.12 57.86
C GLN D 169 5.39 60.83 59.13
N THR D 170 6.20 61.78 59.56
CA THR D 170 7.04 61.63 60.74
C THR D 170 6.46 62.44 61.89
N LEU D 171 6.25 61.78 63.02
CA LEU D 171 5.76 62.44 64.22
C LEU D 171 6.94 62.76 65.12
N ASN D 172 7.12 64.04 65.40
CA ASN D 172 8.18 64.51 66.29
C ASN D 172 7.55 65.41 67.36
N ASP D 173 8.17 65.42 68.54
CA ASP D 173 7.59 66.14 69.66
C ASP D 173 7.87 67.64 69.60
N ASP D 174 8.57 68.12 68.57
CA ASP D 174 8.84 69.54 68.39
C ASP D 174 8.34 70.05 67.04
N ASN D 175 7.44 69.32 66.39
CA ASN D 175 6.90 69.72 65.10
C ASN D 175 5.42 69.36 65.05
N VAL D 176 4.69 70.06 64.18
CA VAL D 176 3.30 69.71 63.92
C VAL D 176 3.26 68.60 62.89
N ILE D 177 2.17 67.88 62.85
CA ILE D 177 1.99 66.82 61.86
C ILE D 177 1.80 67.44 60.49
N GLU D 178 2.40 66.81 59.49
CA GLU D 178 2.34 67.30 58.12
C GLU D 178 1.82 66.20 57.20
N TYR D 179 1.02 66.61 56.22
CA TYR D 179 0.54 65.72 55.17
C TYR D 179 1.18 66.15 53.87
N LYS D 180 1.86 65.22 53.18
CA LYS D 180 2.68 65.53 52.02
C LYS D 180 2.19 64.69 50.83
N PRO D 181 1.09 65.10 50.21
CA PRO D 181 0.63 64.39 49.03
C PRO D 181 1.31 64.87 47.75
N THR D 182 1.37 63.97 46.79
CA THR D 182 1.70 64.32 45.42
C THR D 182 0.45 64.17 44.58
N LEU D 183 0.04 65.24 43.92
CA LEU D 183 -1.14 65.23 43.08
C LEU D 183 -0.74 65.22 41.61
N LYS D 184 -1.43 64.39 40.84
CA LYS D 184 -1.18 64.26 39.41
C LYS D 184 -2.33 64.88 38.66
N ALA D 185 -2.02 65.76 37.71
CA ALA D 185 -3.03 66.39 36.87
C ALA D 185 -3.39 65.47 35.72
N PHE D 186 -4.68 65.40 35.43
CA PHE D 186 -5.20 64.65 34.30
C PHE D 186 -5.97 65.60 33.39
N ARG D 187 -6.05 65.24 32.11
CA ARG D 187 -6.77 66.08 31.17
C ARG D 187 -8.27 66.00 31.45
N ASP D 188 -8.90 67.17 31.54
CA ASP D 188 -10.35 67.26 31.63
C ASP D 188 -10.91 67.46 30.24
N ASP D 189 -11.76 66.54 29.79
CA ASP D 189 -12.29 66.60 28.43
C ASP D 189 -13.14 67.85 28.22
N VAL D 190 -13.95 68.22 29.21
CA VAL D 190 -14.88 69.32 29.05
C VAL D 190 -14.14 70.64 28.82
N VAL D 191 -13.13 70.92 29.64
CA VAL D 191 -12.40 72.17 29.50
C VAL D 191 -11.25 72.07 28.50
N GLY D 192 -10.81 70.86 28.17
CA GLY D 192 -9.86 70.67 27.09
C GLY D 192 -8.40 70.83 27.45
N TYR D 193 -8.03 70.70 28.73
CA TYR D 193 -6.64 70.77 29.12
C TYR D 193 -6.47 70.12 30.49
N SER D 194 -5.21 69.85 30.83
CA SER D 194 -4.87 69.38 32.17
C SER D 194 -4.27 70.47 33.04
N VAL D 195 -3.46 71.36 32.47
CA VAL D 195 -2.85 72.45 33.21
C VAL D 195 -2.96 73.72 32.39
N ALA D 196 -3.25 74.83 33.05
CA ALA D 196 -3.22 76.16 32.45
C ALA D 196 -2.53 77.12 33.42
N GLN D 197 -1.66 77.96 32.90
CA GLN D 197 -0.94 78.96 33.69
C GLN D 197 -1.53 80.33 33.41
N GLY D 198 -1.80 81.09 34.46
CA GLY D 198 -2.44 82.37 34.33
C GLY D 198 -1.68 83.47 35.02
N PHE D 199 -1.86 84.69 34.52
CA PHE D 199 -1.31 85.91 35.10
C PHE D 199 -2.41 86.96 35.15
N ALA D 200 -2.51 87.67 36.26
CA ALA D 200 -3.56 88.68 36.43
C ALA D 200 -3.11 89.69 37.48
N GLY D 201 -3.91 90.73 37.63
CA GLY D 201 -3.63 91.78 38.58
C GLY D 201 -3.12 93.05 37.94
N PRO D 202 -3.24 94.18 38.65
CA PRO D 202 -2.74 95.44 38.10
C PRO D 202 -1.24 95.43 37.84
N GLY D 203 -0.47 94.78 38.70
CA GLY D 203 0.95 94.64 38.46
C GLY D 203 1.24 93.89 37.18
N TRP D 204 0.44 92.87 36.88
CA TRP D 204 0.57 92.19 35.60
C TRP D 204 0.16 93.10 34.46
N ARG D 205 -0.94 93.85 34.62
CA ARG D 205 -1.39 94.77 33.58
C ARG D 205 -0.32 95.77 33.21
N ASP D 206 0.51 96.17 34.19
CA ASP D 206 1.64 97.04 33.86
C ASP D 206 2.67 96.34 32.97
N LEU D 207 2.66 95.00 32.93
CA LEU D 207 3.72 94.27 32.25
C LEU D 207 3.24 93.46 31.05
N VAL D 208 1.95 93.47 30.72
CA VAL D 208 1.44 92.55 29.70
C VAL D 208 2.11 92.82 28.35
N ALA D 209 2.20 94.09 27.95
CA ALA D 209 2.83 94.43 26.69
C ALA D 209 4.32 94.09 26.69
N THR D 210 5.00 94.37 27.81
CA THR D 210 6.42 94.04 27.92
C THR D 210 6.65 92.54 27.83
N ALA D 211 5.77 91.74 28.44
CA ALA D 211 5.90 90.30 28.41
C ALA D 211 5.66 89.70 27.02
N GLY D 212 5.15 90.48 26.08
CA GLY D 212 4.98 90.01 24.72
C GLY D 212 3.60 89.50 24.37
N PHE D 213 2.60 89.73 25.22
CA PHE D 213 1.24 89.30 24.94
C PHE D 213 0.43 90.51 24.51
N GLY D 214 -0.13 90.45 23.32
CA GLY D 214 -0.82 91.60 22.77
C GLY D 214 0.17 92.66 22.29
N GLU D 215 -0.37 93.84 22.03
CA GLU D 215 0.41 94.97 21.55
C GLU D 215 0.56 96.02 22.65
N ALA D 216 1.51 96.93 22.43
CA ALA D 216 1.80 97.97 23.40
C ALA D 216 0.69 99.02 23.42
N LEU D 217 0.62 99.75 24.53
CA LEU D 217 -0.38 100.81 24.71
C LEU D 217 0.20 102.12 24.22
N THR D 218 -0.42 102.71 23.19
CA THR D 218 0.04 103.96 22.62
C THR D 218 -1.01 105.07 22.62
N ALA D 219 -2.29 104.74 22.79
CA ALA D 219 -3.34 105.74 22.79
C ALA D 219 -4.38 105.39 23.85
N LEU D 220 -4.83 106.40 24.59
CA LEU D 220 -5.90 106.25 25.56
C LEU D 220 -7.16 106.86 24.98
N THR D 221 -8.28 106.14 25.08
CA THR D 221 -9.54 106.55 24.49
C THR D 221 -10.65 106.44 25.54
N ILE D 222 -11.47 107.47 25.63
CA ILE D 222 -12.62 107.47 26.54
C ILE D 222 -13.86 107.01 25.78
N THR D 223 -14.55 106.03 26.33
CA THR D 223 -15.70 105.45 25.64
C THR D 223 -16.89 106.42 25.65
N PRO D 224 -17.31 106.96 26.81
CA PRO D 224 -18.34 108.02 26.74
C PRO D 224 -17.73 109.39 26.50
N GLY D 225 -17.42 109.66 25.22
CA GLY D 225 -16.71 110.89 24.88
C GLY D 225 -17.51 112.14 25.19
N SER D 226 -18.82 112.12 24.94
CA SER D 226 -19.70 113.26 25.18
C SER D 226 -20.91 112.79 25.96
N PRO D 227 -20.78 112.62 27.27
CA PRO D 227 -21.94 112.28 28.10
C PRO D 227 -22.67 113.53 28.60
N THR D 228 -23.93 113.32 28.98
CA THR D 228 -24.76 114.38 29.51
C THR D 228 -25.46 113.87 30.77
N VAL D 229 -25.35 114.62 31.86
CA VAL D 229 -25.89 114.23 33.15
C VAL D 229 -26.89 115.27 33.63
N THR D 230 -28.02 114.80 34.15
CA THR D 230 -28.98 115.69 34.77
C THR D 230 -28.48 116.16 36.12
N VAL D 231 -28.69 117.45 36.41
CA VAL D 231 -28.32 117.98 37.71
C VAL D 231 -29.13 117.30 38.82
N ALA D 232 -30.43 117.11 38.59
CA ALA D 232 -31.27 116.45 39.56
C ALA D 232 -30.87 114.99 39.73
N THR D 233 -31.16 114.46 40.92
CA THR D 233 -30.80 113.09 41.25
C THR D 233 -31.74 112.10 40.55
N GLY D 234 -31.16 111.03 40.04
CA GLY D 234 -31.94 110.02 39.36
C GLY D 234 -31.04 108.92 38.83
N ALA D 235 -31.65 108.02 38.06
CA ALA D 235 -30.90 106.93 37.45
C ALA D 235 -29.86 107.45 36.47
N SER D 236 -30.21 108.47 35.69
CA SER D 236 -29.31 109.05 34.71
C SER D 236 -28.56 110.27 35.24
N HIS D 237 -28.54 110.46 36.56
CA HIS D 237 -27.85 111.61 37.14
C HIS D 237 -26.34 111.46 37.07
N THR D 238 -25.81 110.25 37.26
CA THR D 238 -24.38 110.00 37.21
C THR D 238 -24.07 108.99 36.12
N ALA D 239 -22.90 109.17 35.49
CA ALA D 239 -22.44 108.28 34.44
C ALA D 239 -21.01 107.86 34.73
N GLN D 240 -20.73 106.57 34.55
CA GLN D 240 -19.42 106.01 34.84
C GLN D 240 -18.58 105.97 33.56
N LEU D 241 -17.41 106.62 33.60
CA LEU D 241 -16.54 106.66 32.45
C LEU D 241 -15.78 105.34 32.30
N LEU D 242 -15.05 105.22 31.18
CA LEU D 242 -14.25 104.04 30.90
C LEU D 242 -13.13 104.41 29.93
N VAL D 243 -11.89 104.13 30.32
CA VAL D 243 -10.72 104.47 29.54
C VAL D 243 -10.08 103.19 29.05
N GLU D 244 -9.83 103.11 27.74
CA GLU D 244 -9.24 101.94 27.11
C GLU D 244 -7.96 102.33 26.39
N GLY D 245 -7.35 101.32 25.76
CA GLY D 245 -6.14 101.51 24.99
C GLY D 245 -6.26 100.89 23.61
N ASP D 246 -5.19 101.07 22.83
CA ASP D 246 -5.16 100.52 21.48
C ASP D 246 -5.05 99.00 21.50
N ASN D 247 -4.56 98.43 22.60
CA ASN D 247 -4.44 96.98 22.74
C ASN D 247 -5.72 96.34 23.27
N GLY D 248 -6.73 97.13 23.62
CA GLY D 248 -7.97 96.60 24.14
C GLY D 248 -8.01 96.34 25.62
N ILE D 249 -7.07 96.90 26.39
CA ILE D 249 -6.99 96.70 27.82
C ILE D 249 -7.61 97.91 28.52
N ASN D 250 -8.52 97.66 29.46
CA ASN D 250 -9.12 98.73 30.26
C ASN D 250 -8.08 99.29 31.22
N TYR D 251 -7.72 100.55 31.04
CA TYR D 251 -6.74 101.22 31.88
C TYR D 251 -7.37 102.20 32.86
N THR D 252 -8.69 102.09 33.09
CA THR D 252 -9.35 103.00 34.02
C THR D 252 -8.73 103.01 35.42
N PRO D 253 -8.39 101.88 36.05
CA PRO D 253 -7.73 101.96 37.36
C PRO D 253 -6.37 102.63 37.34
N ASP D 254 -5.70 102.67 36.19
CA ASP D 254 -4.33 103.15 36.11
C ASP D 254 -4.21 104.60 35.67
N VAL D 255 -5.32 105.29 35.48
CA VAL D 255 -5.29 106.67 34.99
C VAL D 255 -5.75 107.61 36.09
N VAL D 256 -5.38 108.88 35.94
CA VAL D 256 -5.68 109.93 36.91
C VAL D 256 -6.70 110.88 36.30
N PHE D 257 -7.84 111.05 36.98
CA PHE D 257 -8.93 111.87 36.48
C PHE D 257 -8.78 113.30 37.00
N THR D 258 -8.64 114.25 36.09
CA THR D 258 -8.58 115.67 36.41
C THR D 258 -9.64 116.42 35.63
N SER D 259 -10.50 117.14 36.34
CA SER D 259 -11.58 117.89 35.72
C SER D 259 -11.17 119.32 35.46
N SER D 260 -11.89 119.98 34.55
CA SER D 260 -11.67 121.39 34.25
C SER D 260 -12.35 122.28 35.28
N ALA D 261 -13.67 122.20 35.39
CA ALA D 261 -14.44 122.94 36.38
C ALA D 261 -15.06 121.96 37.36
N PRO D 262 -14.47 121.76 38.54
CA PRO D 262 -15.04 120.80 39.50
C PRO D 262 -16.46 121.13 39.93
N ASP D 263 -16.82 122.41 39.99
CA ASP D 263 -18.17 122.79 40.40
C ASP D 263 -19.21 122.32 39.40
N LYS D 264 -18.92 122.45 38.10
CA LYS D 264 -19.89 122.03 37.09
C LYS D 264 -20.07 120.51 37.10
N ALA D 265 -18.96 119.78 37.07
CA ALA D 265 -18.98 118.33 37.07
C ALA D 265 -17.87 117.82 37.98
N SER D 266 -18.22 116.91 38.88
CA SER D 266 -17.25 116.32 39.78
C SER D 266 -16.94 114.88 39.33
N VAL D 267 -15.66 114.56 39.21
CA VAL D 267 -15.21 113.23 38.82
C VAL D 267 -14.36 112.68 39.95
N SER D 268 -14.66 111.46 40.37
CA SER D 268 -13.93 110.80 41.44
C SER D 268 -12.66 110.17 40.89
N ALA D 269 -11.91 109.49 41.75
CA ALA D 269 -10.70 108.79 41.28
C ALA D 269 -11.07 107.67 40.32
N ALA D 270 -12.16 106.97 40.58
CA ALA D 270 -12.59 105.90 39.68
C ALA D 270 -12.99 106.44 38.32
N GLY D 271 -13.69 107.57 38.29
CA GLY D 271 -14.14 108.15 37.04
C GLY D 271 -15.65 108.26 36.95
N LEU D 272 -16.32 108.32 38.10
CA LEU D 272 -17.76 108.52 38.15
C LEU D 272 -18.03 110.02 38.07
N VAL D 273 -18.67 110.46 36.99
CA VAL D 273 -18.90 111.87 36.72
C VAL D 273 -20.29 112.24 37.23
N THR D 274 -20.33 113.21 38.13
CA THR D 274 -21.57 113.72 38.70
C THR D 274 -21.68 115.21 38.38
N GLY D 275 -22.77 115.60 37.74
CA GLY D 275 -22.98 117.00 37.42
C GLY D 275 -23.67 117.76 38.52
N VAL D 276 -22.90 118.47 39.34
CA VAL D 276 -23.48 119.23 40.44
C VAL D 276 -24.28 120.41 39.91
N ALA D 277 -23.73 121.13 38.93
CA ALA D 277 -24.39 122.30 38.36
C ALA D 277 -24.30 122.23 36.85
N ALA D 278 -25.29 122.83 36.18
CA ALA D 278 -25.33 122.82 34.73
C ALA D 278 -24.18 123.63 34.15
N GLY D 279 -23.67 123.16 33.03
CA GLY D 279 -22.55 123.81 32.36
C GLY D 279 -21.82 122.82 31.48
N SER D 280 -20.60 123.19 31.09
CA SER D 280 -19.74 122.36 30.26
C SER D 280 -18.41 122.18 30.95
N ALA D 281 -18.03 120.92 31.19
CA ALA D 281 -16.80 120.60 31.89
C ALA D 281 -15.98 119.60 31.08
N THR D 282 -14.67 119.66 31.26
CA THR D 282 -13.73 118.79 30.56
C THR D 282 -13.14 117.81 31.55
N ILE D 283 -13.24 116.51 31.22
CA ILE D 283 -12.71 115.44 32.06
C ILE D 283 -11.49 114.86 31.36
N THR D 284 -10.34 114.91 32.03
CA THR D 284 -9.08 114.46 31.46
C THR D 284 -8.53 113.31 32.30
N ALA D 285 -8.35 112.16 31.67
CA ALA D 285 -7.72 111.00 32.31
C ALA D 285 -6.30 110.89 31.79
N THR D 286 -5.32 111.05 32.69
CA THR D 286 -3.91 111.08 32.33
C THR D 286 -3.19 109.91 32.96
N LYS D 287 -2.38 109.21 32.16
CA LYS D 287 -1.55 108.11 32.63
C LYS D 287 -0.19 108.25 31.97
N GLY D 288 0.82 108.62 32.75
CA GLY D 288 2.13 108.89 32.20
C GLY D 288 2.07 110.03 31.19
N ALA D 289 2.69 109.82 30.04
CA ALA D 289 2.69 110.82 28.97
C ALA D 289 1.46 110.71 28.08
N LEU D 290 0.60 109.71 28.29
CA LEU D 290 -0.60 109.53 27.51
C LEU D 290 -1.78 110.25 28.17
N THR D 291 -2.68 110.76 27.35
CA THR D 291 -3.78 111.59 27.83
C THR D 291 -5.01 111.38 26.96
N ALA D 292 -6.15 111.17 27.61
CA ALA D 292 -7.44 111.09 26.95
C ALA D 292 -8.37 112.14 27.53
N THR D 293 -8.98 112.94 26.67
CA THR D 293 -9.79 114.08 27.09
C THR D 293 -11.22 113.93 26.57
N ALA D 294 -12.18 114.29 27.40
CA ALA D 294 -13.59 114.30 27.04
C ALA D 294 -14.26 115.54 27.63
N THR D 295 -15.33 115.98 26.95
CA THR D 295 -16.12 117.12 27.40
C THR D 295 -17.51 116.63 27.79
N VAL D 296 -18.01 117.12 28.92
CA VAL D 296 -19.31 116.72 29.46
C VAL D 296 -20.20 117.95 29.52
N THR D 297 -21.41 117.84 29.00
CA THR D 297 -22.41 118.91 29.03
C THR D 297 -23.47 118.58 30.07
N VAL D 298 -23.54 119.38 31.13
CA VAL D 298 -24.47 119.16 32.23
C VAL D 298 -25.67 120.08 32.04
N THR D 299 -26.88 119.52 32.16
CA THR D 299 -28.11 120.27 32.05
C THR D 299 -28.94 120.06 33.32
N ALA D 300 -29.70 121.08 33.69
CA ALA D 300 -30.53 121.03 34.89
C ALA D 300 -31.99 120.79 34.53
N THR E 2 -12.55 90.40 47.36
CA THR E 2 -11.87 89.42 48.20
C THR E 2 -10.37 89.43 47.95
N ASP E 3 -9.59 89.68 49.01
CA ASP E 3 -8.14 89.73 48.90
C ASP E 3 -7.55 88.34 49.06
N PHE E 4 -6.23 88.26 48.89
CA PHE E 4 -5.53 86.97 48.93
C PHE E 4 -5.63 86.34 50.32
N TYR E 5 -5.51 87.15 51.37
CA TYR E 5 -5.56 86.64 52.73
C TYR E 5 -6.90 85.97 53.04
N THR E 6 -8.00 86.58 52.59
CA THR E 6 -9.32 85.98 52.82
C THR E 6 -9.46 84.68 52.05
N ILE E 7 -8.95 84.63 50.82
CA ILE E 7 -9.02 83.40 50.02
C ILE E 7 -8.24 82.28 50.70
N LYS E 8 -7.06 82.60 51.23
CA LYS E 8 -6.21 81.58 51.83
C LYS E 8 -6.89 80.92 53.02
N ASP E 9 -7.58 81.71 53.85
CA ASP E 9 -8.35 81.18 54.98
C ASP E 9 -7.50 80.29 55.88
N ALA E 10 -6.29 80.76 56.20
CA ALA E 10 -5.36 79.95 56.97
C ALA E 10 -5.76 79.92 58.44
N GLN E 11 -5.85 78.71 59.00
CA GLN E 11 -6.21 78.47 60.39
C GLN E 11 -5.01 77.85 61.08
N ALA E 12 -4.24 78.67 61.81
CA ALA E 12 -3.06 78.16 62.49
C ALA E 12 -3.43 77.16 63.60
N ASP E 13 -4.57 77.37 64.26
CA ASP E 13 -4.97 76.49 65.36
C ASP E 13 -5.29 75.08 64.89
N LEU E 14 -5.49 74.88 63.59
CA LEU E 14 -5.74 73.54 63.08
C LEU E 14 -4.47 72.75 62.85
N ALA E 15 -3.30 73.35 63.06
CA ALA E 15 -2.05 72.61 63.06
C ALA E 15 -1.81 72.00 64.43
N ILE E 16 -1.66 70.69 64.48
CA ILE E 16 -1.60 69.95 65.73
C ILE E 16 -0.22 69.32 65.88
N ALA E 17 0.42 69.57 67.02
CA ALA E 17 1.75 69.06 67.29
C ALA E 17 1.66 67.91 68.29
N PRO E 18 2.11 66.70 67.95
CA PRO E 18 2.11 65.60 68.92
C PRO E 18 3.25 65.77 69.94
N LEU E 19 2.99 66.65 70.92
CA LEU E 19 4.01 66.97 71.91
C LEU E 19 4.39 65.75 72.74
N ASN E 20 3.40 64.94 73.10
CA ASN E 20 3.64 63.65 73.71
C ASN E 20 2.94 62.57 72.90
N LEU E 21 3.49 61.36 72.95
CA LEU E 21 3.01 60.27 72.12
C LEU E 21 3.22 58.96 72.86
N THR E 22 2.26 58.06 72.73
CA THR E 22 2.37 56.74 73.33
C THR E 22 1.82 55.70 72.37
N VAL E 23 2.45 54.53 72.37
CA VAL E 23 2.04 53.40 71.55
C VAL E 23 1.54 52.31 72.47
N LEU E 24 0.31 51.87 72.28
CA LEU E 24 -0.28 50.81 73.06
C LEU E 24 -0.56 49.61 72.17
N LEU E 25 -0.16 48.43 72.63
CA LEU E 25 -0.41 47.19 71.93
C LEU E 25 -1.29 46.30 72.79
N ALA E 26 -2.14 45.53 72.14
CA ALA E 26 -2.99 44.56 72.79
C ALA E 26 -2.88 43.23 72.07
N PRO E 27 -3.05 42.12 72.79
CA PRO E 27 -3.14 40.82 72.11
C PRO E 27 -4.33 40.78 71.18
N TYR E 28 -4.22 39.97 70.13
CA TYR E 28 -5.26 39.93 69.11
C TYR E 28 -6.62 39.51 69.67
N SER E 29 -6.65 38.82 70.81
CA SER E 29 -7.92 38.44 71.42
C SER E 29 -8.65 39.63 72.04
N THR E 30 -7.97 40.76 72.23
CA THR E 30 -8.61 41.94 72.80
C THR E 30 -9.65 42.50 71.85
N THR E 31 -10.74 43.03 72.40
CA THR E 31 -11.74 43.72 71.60
C THR E 31 -11.14 45.02 71.06
N PRO E 32 -11.17 45.24 69.75
CA PRO E 32 -10.53 46.45 69.20
C PRO E 32 -11.20 47.73 69.68
N ALA E 33 -10.38 48.76 69.83
CA ALA E 33 -10.90 50.08 70.16
C ALA E 33 -11.63 50.67 68.96
N THR E 34 -12.81 51.23 69.20
CA THR E 34 -13.54 51.95 68.18
C THR E 34 -13.38 53.46 68.29
N THR E 35 -13.19 53.96 69.50
CA THR E 35 -12.92 55.36 69.75
C THR E 35 -12.17 55.47 71.07
N LEU E 36 -11.46 56.57 71.25
CA LEU E 36 -10.74 56.83 72.48
C LEU E 36 -11.47 57.83 73.38
N GLU E 37 -12.60 58.36 72.93
CA GLU E 37 -13.36 59.33 73.70
C GLU E 37 -14.33 58.60 74.61
N SER E 38 -14.23 58.86 75.91
CA SER E 38 -15.13 58.24 76.87
C SER E 38 -16.54 58.76 76.66
N PRO E 39 -17.54 57.90 76.55
CA PRO E 39 -18.92 58.37 76.36
C PRO E 39 -19.47 59.16 77.54
N THR E 40 -18.88 59.03 78.72
CA THR E 40 -19.40 59.69 79.92
C THR E 40 -19.08 61.18 79.93
N ASP E 41 -17.80 61.54 79.89
CA ASP E 41 -17.39 62.93 79.96
C ASP E 41 -16.46 63.35 78.84
N GLY E 42 -16.24 62.52 77.82
CA GLY E 42 -15.40 62.89 76.71
C GLY E 42 -13.92 62.79 76.96
N SER E 43 -13.50 62.28 78.12
CA SER E 43 -12.10 62.16 78.43
C SER E 43 -11.48 60.97 77.67
N LEU E 44 -10.16 60.90 77.72
CA LEU E 44 -9.43 59.82 77.07
C LEU E 44 -9.70 58.51 77.77
N ALA E 45 -10.10 57.49 77.00
CA ALA E 45 -10.47 56.19 77.56
C ALA E 45 -9.82 55.10 76.71
N ILE E 46 -8.85 54.41 77.29
CA ILE E 46 -8.18 53.29 76.62
C ILE E 46 -8.89 52.00 77.00
N PRO E 47 -9.29 51.18 76.03
CA PRO E 47 -9.96 49.93 76.37
C PRO E 47 -9.03 49.00 77.12
N PRO E 48 -9.57 48.11 77.95
CA PRO E 48 -8.71 47.15 78.65
C PRO E 48 -8.02 46.22 77.67
N GLY E 49 -6.82 45.77 78.05
CA GLY E 49 -6.01 44.92 77.24
C GLY E 49 -4.92 45.64 76.46
N TYR E 50 -5.08 46.94 76.22
CA TYR E 50 -4.04 47.72 75.57
C TYR E 50 -3.01 48.15 76.60
N LYS E 51 -1.74 47.85 76.34
CA LYS E 51 -0.65 48.17 77.23
C LYS E 51 0.38 49.00 76.49
N SER E 52 0.83 50.08 77.14
CA SER E 52 1.81 50.96 76.52
C SER E 52 3.19 50.30 76.49
N VAL E 53 3.92 50.55 75.40
CA VAL E 53 5.29 50.07 75.30
C VAL E 53 6.28 50.93 76.07
N GLY E 54 5.84 52.08 76.58
CA GLY E 54 6.70 52.94 77.35
C GLY E 54 7.47 53.95 76.53
N HIS E 55 8.60 54.40 77.06
CA HIS E 55 9.41 55.42 76.38
C HIS E 55 9.94 54.90 75.06
N PHE E 56 10.03 55.80 74.07
CA PHE E 56 10.69 55.50 72.82
C PHE E 56 11.55 56.68 72.41
N GLU E 57 12.43 56.44 71.44
CA GLU E 57 13.48 57.39 71.10
C GLU E 57 12.91 58.71 70.58
N LYS E 58 13.43 59.81 71.12
CA LYS E 58 12.90 61.13 70.75
C LYS E 58 13.27 61.51 69.32
N GLN E 59 14.53 61.33 68.94
CA GLN E 59 15.00 61.83 67.65
C GLN E 59 14.38 61.06 66.50
N ALA E 60 14.30 59.73 66.62
CA ALA E 60 13.66 58.94 65.58
C ALA E 60 12.19 59.28 65.46
N GLY E 61 11.53 59.57 66.57
CA GLY E 61 10.11 59.83 66.55
C GLY E 61 9.35 58.60 66.11
N LEU E 62 8.19 58.83 65.50
CA LEU E 62 7.40 57.76 64.94
C LEU E 62 7.09 58.12 63.49
N THR E 63 7.36 57.21 62.58
CA THR E 63 7.17 57.44 61.15
C THR E 63 6.02 56.58 60.66
N LEU E 64 5.04 57.21 60.00
CA LEU E 64 3.92 56.51 59.41
C LEU E 64 4.09 56.49 57.89
N GLY E 65 4.04 55.30 57.31
CA GLY E 65 4.21 55.12 55.88
C GLY E 65 2.92 54.66 55.23
N ASN E 66 2.70 55.13 54.00
CA ASN E 66 1.56 54.73 53.20
C ASN E 66 2.01 54.52 51.75
N GLU E 67 1.77 53.33 51.22
CA GLU E 67 2.07 53.05 49.83
C GLU E 67 0.83 52.47 49.16
N PHE E 68 0.66 52.81 47.88
CA PHE E 68 -0.44 52.29 47.08
C PHE E 68 0.13 51.35 46.02
N ASP E 69 -0.51 50.20 45.84
CA ASP E 69 -0.23 49.34 44.71
C ASP E 69 -1.44 49.36 43.78
N SER E 70 -1.20 49.72 42.53
CA SER E 70 -2.30 49.91 41.59
C SER E 70 -1.87 49.46 40.22
N LYS E 71 -2.86 49.16 39.38
CA LYS E 71 -2.64 48.76 38.00
C LYS E 71 -3.45 49.66 37.09
N ASP E 72 -2.84 50.09 36.00
CA ASP E 72 -3.47 50.98 35.04
C ASP E 72 -3.94 50.19 33.83
N ILE E 73 -5.18 50.41 33.42
CA ILE E 73 -5.73 49.79 32.22
C ILE E 73 -5.54 50.76 31.07
N GLU E 74 -4.76 50.35 30.06
CA GLU E 74 -4.38 51.22 28.96
C GLU E 74 -5.13 50.80 27.70
N ALA E 75 -5.84 51.75 27.11
CA ALA E 75 -6.55 51.55 25.86
C ALA E 75 -5.79 52.21 24.72
N TYR E 76 -5.91 51.62 23.54
CA TYR E 76 -5.29 52.18 22.34
C TYR E 76 -5.77 53.61 22.10
N GLY E 77 -4.81 54.51 21.84
CA GLY E 77 -5.14 55.88 21.55
C GLY E 77 -5.46 56.75 22.74
N GLU E 78 -5.38 56.22 23.95
CA GLU E 78 -5.64 57.00 25.15
C GLU E 78 -4.33 57.23 25.90
N PRO E 79 -3.82 58.46 25.95
CA PRO E 79 -2.57 58.69 26.68
C PRO E 79 -2.66 58.36 28.15
N GLU E 80 -3.81 58.59 28.76
CA GLU E 80 -4.01 58.31 30.17
C GLU E 80 -4.84 57.04 30.35
N PRO E 81 -4.70 56.34 31.47
CA PRO E 81 -5.45 55.10 31.67
C PRO E 81 -6.96 55.34 31.65
N ILE E 82 -7.68 54.39 31.06
CA ILE E 82 -9.13 54.47 31.10
C ILE E 82 -9.68 53.99 32.44
N ARG E 83 -8.88 53.27 33.21
CA ARG E 83 -9.29 52.84 34.54
C ARG E 83 -8.04 52.50 35.35
N THR E 84 -8.03 52.89 36.61
CA THR E 84 -6.96 52.56 37.53
C THR E 84 -7.51 51.69 38.64
N ILE E 85 -6.96 50.49 38.77
CA ILE E 85 -7.38 49.53 39.79
C ILE E 85 -6.38 49.59 40.92
N ILE E 86 -6.77 50.19 42.04
CA ILE E 86 -5.93 50.26 43.23
C ILE E 86 -6.18 48.99 44.04
N ASN E 87 -5.12 48.22 44.29
CA ASN E 87 -5.28 46.97 45.02
C ASN E 87 -5.48 47.22 46.51
N LYS E 88 -4.56 47.95 47.14
CA LYS E 88 -4.61 48.16 48.57
C LYS E 88 -3.77 49.37 48.93
N ARG E 89 -3.93 49.82 50.17
CA ARG E 89 -3.11 50.86 50.76
C ARG E 89 -2.40 50.24 51.96
N THR E 90 -1.08 50.12 51.87
CA THR E 90 -0.28 49.50 52.93
C THR E 90 0.20 50.58 53.88
N THR E 91 -0.17 50.47 55.15
CA THR E 91 0.23 51.40 56.19
C THR E 91 1.22 50.73 57.11
N THR E 92 2.34 51.39 57.36
CA THR E 92 3.36 50.91 58.28
C THR E 92 3.71 52.01 59.26
N PHE E 93 4.27 51.62 60.40
CA PHE E 93 4.85 52.59 61.32
C PHE E 93 6.00 51.95 62.08
N ASP E 94 7.03 52.75 62.33
CA ASP E 94 8.21 52.29 63.04
C ASP E 94 8.61 53.33 64.08
N PHE E 95 9.29 52.84 65.10
CA PHE E 95 9.69 53.62 66.27
C PHE E 95 10.71 52.80 67.05
N ALA E 96 11.49 53.47 67.88
CA ALA E 96 12.59 52.85 68.60
C ALA E 96 12.27 52.78 70.09
N MET E 97 11.94 51.60 70.57
CA MET E 97 11.55 51.42 71.97
C MET E 97 12.76 51.27 72.88
N TYR E 98 12.65 51.85 74.07
CA TYR E 98 13.69 51.80 75.09
C TYR E 98 13.49 50.71 76.14
N GLN E 99 12.25 50.40 76.50
CA GLN E 99 11.98 49.65 77.72
C GLN E 99 12.06 48.15 77.49
N ASN E 100 12.75 47.46 78.40
CA ASN E 100 12.92 46.01 78.32
C ASN E 100 11.83 45.32 79.14
N GLN E 101 10.60 45.43 78.64
CA GLN E 101 9.46 44.81 79.27
C GLN E 101 8.92 43.69 78.40
N ARG E 102 7.98 42.93 78.95
CA ARG E 102 7.56 41.69 78.32
C ARG E 102 6.92 41.91 76.96
N ASN E 103 6.04 42.92 76.82
CA ASN E 103 5.33 43.08 75.55
C ASN E 103 6.28 43.50 74.44
N VAL E 104 7.26 44.36 74.75
CA VAL E 104 8.24 44.77 73.75
C VAL E 104 9.06 43.58 73.27
N LEU E 105 9.55 42.76 74.21
CA LEU E 105 10.37 41.61 73.84
C LEU E 105 9.56 40.55 73.13
N GLU E 106 8.30 40.37 73.53
CA GLU E 106 7.41 39.46 72.82
C GLU E 106 7.21 39.91 71.39
N LEU E 107 7.04 41.21 71.18
CA LEU E 107 6.90 41.74 69.82
C LEU E 107 8.16 41.48 69.00
N ILE E 108 9.33 41.82 69.55
CA ILE E 108 10.54 41.74 68.74
C ILE E 108 10.93 40.29 68.47
N TRP E 109 10.62 39.36 69.38
CA TRP E 109 11.02 37.97 69.19
C TRP E 109 9.92 37.10 68.59
N THR E 110 8.77 37.68 68.26
CA THR E 110 7.64 36.97 67.66
C THR E 110 7.30 35.71 68.47
N GLN E 111 7.07 35.92 69.76
CA GLN E 111 6.83 34.82 70.68
C GLN E 111 5.92 35.32 71.80
N ASP E 112 5.23 34.36 72.43
CA ASP E 112 4.51 34.63 73.67
C ASP E 112 5.39 34.24 74.84
N PHE E 113 5.65 35.18 75.74
CA PHE E 113 6.51 34.95 76.91
C PHE E 113 5.72 34.96 78.21
N SER E 114 4.40 34.81 78.15
CA SER E 114 3.58 34.82 79.36
C SER E 114 3.89 33.65 80.28
N ASN E 115 4.35 32.53 79.73
CA ASN E 115 4.71 31.36 80.52
C ASN E 115 6.15 31.38 81.00
N ILE E 116 6.90 32.44 80.69
CA ILE E 116 8.27 32.56 81.18
C ILE E 116 8.25 32.83 82.68
N GLN E 117 8.97 32.00 83.43
CA GLN E 117 9.03 32.15 84.88
C GLN E 117 10.41 32.63 85.30
N PRO E 118 10.51 33.72 86.05
CA PRO E 118 11.81 34.15 86.56
C PRO E 118 12.41 33.08 87.46
N SER E 119 13.74 33.01 87.43
CA SER E 119 14.45 32.02 88.23
C SER E 119 14.42 32.43 89.70
N GLU E 120 15.16 31.68 90.53
CA GLU E 120 15.15 31.93 91.97
C GLU E 120 15.61 33.35 92.29
N PHE E 121 16.55 33.88 91.51
CA PHE E 121 17.09 35.21 91.74
C PHE E 121 16.55 36.23 90.75
N GLY E 122 15.49 35.90 90.03
CA GLY E 122 14.82 36.84 89.15
C GLY E 122 15.26 36.81 87.70
N GLY E 123 16.29 36.03 87.37
CA GLY E 123 16.76 36.01 86.00
C GLY E 123 15.80 35.33 85.05
N ILE E 124 15.72 35.85 83.83
CA ILE E 124 14.88 35.29 82.80
C ILE E 124 15.72 35.03 81.56
N VAL E 125 15.36 33.98 80.82
CA VAL E 125 15.97 33.67 79.54
C VAL E 125 14.85 33.55 78.51
N LEU E 126 14.93 34.34 77.45
CA LEU E 126 13.92 34.36 76.40
C LEU E 126 14.53 33.77 75.14
N GLU E 127 14.12 32.56 74.79
CA GLU E 127 14.62 31.89 73.60
C GLU E 127 13.75 32.26 72.40
N ALA E 128 14.41 32.60 71.29
CA ALA E 128 13.70 32.84 70.06
C ALA E 128 13.08 31.54 69.55
N PRO E 129 11.87 31.58 69.02
CA PRO E 129 11.24 30.36 68.53
C PRO E 129 12.00 29.77 67.35
N LYS E 130 11.89 28.44 67.21
CA LYS E 130 12.56 27.75 66.11
C LYS E 130 12.20 28.36 64.77
N VAL E 131 10.91 28.61 64.56
CA VAL E 131 10.43 29.30 63.37
C VAL E 131 9.74 30.58 63.84
N PRO E 132 10.01 31.73 63.23
CA PRO E 132 9.30 32.95 63.63
C PRO E 132 7.80 32.80 63.44
N LYS E 133 7.04 33.34 64.39
CA LYS E 133 5.59 33.19 64.40
C LYS E 133 4.93 34.41 63.78
N ASN E 134 3.77 34.17 63.17
CA ASN E 134 2.91 35.24 62.67
C ASN E 134 1.97 35.64 63.80
N ILE E 135 2.31 36.73 64.49
CA ILE E 135 1.52 37.19 65.63
C ILE E 135 0.95 38.56 65.30
N TYR E 136 -0.35 38.70 65.48
CA TYR E 136 -1.03 39.97 65.23
C TYR E 136 -1.32 40.66 66.56
N TYR E 137 -1.32 41.99 66.51
CA TYR E 137 -1.64 42.80 67.67
C TYR E 137 -2.66 43.87 67.26
N ARG E 138 -3.30 44.43 68.27
CA ARG E 138 -4.12 45.62 68.10
C ARG E 138 -3.34 46.81 68.63
N ALA E 139 -3.28 47.88 67.84
CA ALA E 139 -2.39 48.99 68.11
C ALA E 139 -3.18 50.29 68.23
N ILE E 140 -2.77 51.12 69.18
CA ILE E 140 -3.25 52.49 69.30
C ILE E 140 -2.03 53.40 69.37
N LEU E 141 -1.98 54.38 68.47
CA LEU E 141 -0.98 55.44 68.53
C LEU E 141 -1.73 56.73 68.85
N VAL E 142 -1.64 57.18 70.09
CA VAL E 142 -2.35 58.38 70.51
C VAL E 142 -1.33 59.43 70.95
N GLY E 143 -1.47 60.62 70.39
CA GLY E 143 -0.64 61.75 70.77
C GLY E 143 -1.45 62.81 71.48
N MET E 144 -0.79 63.75 72.14
CA MET E 144 -1.45 64.83 72.83
C MET E 144 -0.81 66.15 72.45
N ASP E 145 -1.65 67.14 72.14
CA ASP E 145 -1.24 68.53 71.97
C ASP E 145 -1.91 69.32 73.10
N ASP E 146 -1.15 69.63 74.14
CA ASP E 146 -1.68 70.33 75.31
C ASP E 146 -1.50 71.82 75.10
N ARG E 147 -2.58 72.50 74.71
CA ARG E 147 -2.53 73.92 74.37
C ARG E 147 -3.54 74.66 75.23
N ASN E 148 -3.06 75.63 76.00
CA ASN E 148 -3.91 76.47 76.85
C ASN E 148 -4.76 75.62 77.79
N ASP E 149 -4.18 74.52 78.30
CA ASP E 149 -4.80 73.57 79.21
C ASP E 149 -5.98 72.83 78.59
N ARG E 150 -6.23 72.99 77.29
CA ARG E 150 -7.28 72.28 76.59
C ARG E 150 -6.64 71.29 75.63
N PRO E 151 -6.39 70.05 76.05
CA PRO E 151 -5.64 69.12 75.21
C PRO E 151 -6.42 68.67 73.98
N ILE E 152 -5.67 68.37 72.92
CA ILE E 152 -6.18 67.70 71.74
C ILE E 152 -5.53 66.34 71.66
N TRP E 153 -6.34 65.30 71.52
CA TRP E 153 -5.84 63.94 71.37
C TRP E 153 -6.02 63.51 69.93
N LEU E 154 -4.92 63.37 69.21
CA LEU E 154 -4.91 62.81 67.87
C LEU E 154 -4.41 61.38 67.96
N TYR E 155 -5.10 60.46 67.30
CA TYR E 155 -4.76 59.07 67.45
C TYR E 155 -5.01 58.30 66.17
N TRP E 156 -4.37 57.15 66.08
CA TRP E 156 -4.54 56.21 64.97
C TRP E 156 -4.91 54.85 65.56
N LEU E 157 -5.94 54.24 65.01
CA LEU E 157 -6.37 52.91 65.41
C LEU E 157 -5.97 51.91 64.35
N MET E 158 -5.20 50.91 64.74
CA MET E 158 -4.75 49.85 63.83
C MET E 158 -5.10 48.51 64.47
N PRO E 159 -6.28 47.96 64.15
CA PRO E 159 -6.74 46.75 64.85
C PRO E 159 -5.91 45.50 64.58
N LYS E 160 -5.14 45.45 63.50
CA LYS E 160 -4.42 44.23 63.13
C LYS E 160 -3.04 44.59 62.60
N VAL E 161 -2.04 44.63 63.48
CA VAL E 161 -0.68 44.93 63.10
C VAL E 161 0.19 43.71 63.33
N LYS E 162 1.24 43.60 62.53
CA LYS E 162 2.18 42.50 62.61
C LYS E 162 3.59 43.04 62.44
N LEU E 163 4.55 42.41 63.11
CA LEU E 163 5.95 42.77 62.92
C LEU E 163 6.36 42.48 61.49
N ASP E 164 6.84 43.51 60.80
CA ASP E 164 7.26 43.40 59.41
C ASP E 164 8.77 43.40 59.25
N LYS E 165 9.47 44.20 60.07
CA LYS E 165 10.89 44.41 59.88
C LYS E 165 11.50 44.82 61.21
N LEU E 166 12.77 44.48 61.39
CA LEU E 166 13.51 44.85 62.59
C LEU E 166 14.83 45.49 62.16
N ASP E 167 15.06 46.72 62.59
CA ASP E 167 16.28 47.42 62.24
C ASP E 167 17.45 46.88 63.07
N ASN E 168 18.66 47.11 62.56
CA ASN E 168 19.87 46.65 63.24
C ASN E 168 19.97 47.29 64.63
N GLN E 169 20.29 46.47 65.61
CA GLN E 169 20.44 46.91 66.99
C GLN E 169 21.92 47.12 67.27
N THR E 170 22.30 48.35 67.59
CA THR E 170 23.69 48.70 67.86
C THR E 170 23.89 48.89 69.36
N LEU E 171 24.85 48.18 69.92
CA LEU E 171 25.19 48.31 71.34
C LEU E 171 26.38 49.26 71.46
N ASN E 172 26.19 50.35 72.20
CA ASN E 172 27.23 51.31 72.47
C ASN E 172 27.32 51.54 73.96
N ASP E 173 28.52 51.88 74.44
CA ASP E 173 28.74 52.03 75.87
C ASP E 173 28.25 53.36 76.42
N ASP E 174 27.68 54.22 75.57
CA ASP E 174 27.12 55.49 76.01
C ASP E 174 25.66 55.64 75.61
N ASN E 175 24.97 54.55 75.31
CA ASN E 175 23.58 54.58 74.91
C ASN E 175 22.86 53.38 75.51
N VAL E 176 21.55 53.50 75.66
CA VAL E 176 20.72 52.38 76.06
C VAL E 176 20.40 51.55 74.83
N ILE E 177 20.03 50.29 75.05
CA ILE E 177 19.65 49.42 73.95
C ILE E 177 18.29 49.84 73.43
N GLU E 178 18.14 49.86 72.12
CA GLU E 178 16.90 50.26 71.46
C GLU E 178 16.38 49.14 70.59
N TYR E 179 15.06 48.97 70.58
CA TYR E 179 14.40 48.03 69.70
C TYR E 179 13.61 48.84 68.67
N LYS E 180 13.87 48.60 67.39
CA LYS E 180 13.34 49.41 66.30
C LYS E 180 12.56 48.51 65.34
N PRO E 181 11.33 48.18 65.67
CA PRO E 181 10.50 47.39 64.75
C PRO E 181 9.74 48.27 63.76
N THR E 182 9.42 47.66 62.64
CA THR E 182 8.45 48.23 61.70
C THR E 182 7.22 47.35 61.73
N LEU E 183 6.07 47.95 62.02
CA LEU E 183 4.82 47.23 62.09
C LEU E 183 3.95 47.56 60.88
N LYS E 184 3.34 46.53 60.31
CA LYS E 184 2.47 46.67 59.16
C LYS E 184 1.03 46.45 59.59
N ALA E 185 0.15 47.38 59.21
CA ALA E 185 -1.26 47.27 59.50
C ALA E 185 -1.95 46.40 58.46
N PHE E 186 -2.84 45.54 58.94
CA PHE E 186 -3.66 44.70 58.08
C PHE E 186 -5.13 44.99 58.35
N ARG E 187 -5.95 44.75 57.33
CA ARG E 187 -7.39 44.96 57.49
C ARG E 187 -7.97 43.95 58.46
N ASP E 188 -8.71 44.43 59.44
CA ASP E 188 -9.47 43.58 60.34
C ASP E 188 -10.89 43.44 59.80
N ASP E 189 -11.30 42.20 59.52
CA ASP E 189 -12.62 41.98 58.92
C ASP E 189 -13.74 42.43 59.85
N VAL E 190 -13.61 42.15 61.14
CA VAL E 190 -14.69 42.44 62.08
C VAL E 190 -14.95 43.94 62.16
N VAL E 191 -13.91 44.75 62.26
CA VAL E 191 -14.10 46.20 62.35
C VAL E 191 -14.14 46.86 60.98
N GLY E 192 -13.67 46.20 59.94
CA GLY E 192 -13.84 46.68 58.58
C GLY E 192 -12.82 47.68 58.08
N TYR E 193 -11.71 47.87 58.79
CA TYR E 193 -10.67 48.79 58.35
C TYR E 193 -9.31 48.33 58.88
N SER E 194 -8.26 48.87 58.29
CA SER E 194 -6.91 48.66 58.79
C SER E 194 -6.37 49.83 59.58
N VAL E 195 -6.72 51.07 59.20
CA VAL E 195 -6.28 52.26 59.91
C VAL E 195 -7.46 53.21 60.06
N ALA E 196 -7.56 53.85 61.21
CA ALA E 196 -8.50 54.92 61.44
C ALA E 196 -7.81 56.04 62.20
N GLN E 197 -8.04 57.28 61.78
CA GLN E 197 -7.47 58.45 62.43
C GLN E 197 -8.54 59.15 63.25
N GLY E 198 -8.21 59.52 64.47
CA GLY E 198 -9.18 60.11 65.38
C GLY E 198 -8.69 61.41 65.98
N PHE E 199 -9.65 62.26 66.33
CA PHE E 199 -9.41 63.51 67.03
C PHE E 199 -10.41 63.62 68.17
N ALA E 200 -9.94 64.04 69.34
CA ALA E 200 -10.79 64.15 70.51
C ALA E 200 -10.18 65.16 71.47
N GLY E 201 -10.93 65.45 72.55
CA GLY E 201 -10.49 66.38 73.56
C GLY E 201 -11.21 67.71 73.47
N PRO E 202 -11.21 68.47 74.58
CA PRO E 202 -11.84 69.80 74.56
C PRO E 202 -11.20 70.75 73.56
N GLY E 203 -9.88 70.67 73.40
CA GLY E 203 -9.22 71.48 72.39
C GLY E 203 -9.71 71.16 71.00
N TRP E 204 -9.95 69.88 70.72
CA TRP E 204 -10.55 69.52 69.44
C TRP E 204 -11.98 70.04 69.34
N ARG E 205 -12.75 69.90 70.41
CA ARG E 205 -14.14 70.37 70.41
C ARG E 205 -14.21 71.85 70.07
N ASP E 206 -13.21 72.63 70.49
CA ASP E 206 -13.15 74.03 70.09
C ASP E 206 -12.98 74.20 68.59
N LEU E 207 -12.48 73.18 67.89
CA LEU E 207 -12.11 73.32 66.49
C LEU E 207 -12.92 72.46 65.52
N VAL E 208 -13.87 71.65 66.00
CA VAL E 208 -14.52 70.68 65.12
C VAL E 208 -15.26 71.39 63.99
N ALA E 209 -16.00 72.45 64.30
CA ALA E 209 -16.73 73.17 63.28
C ALA E 209 -15.77 73.86 62.30
N THR E 210 -14.70 74.45 62.83
CA THR E 210 -13.70 75.09 61.98
C THR E 210 -13.04 74.09 61.04
N ALA E 211 -12.75 72.89 61.53
CA ALA E 211 -12.13 71.85 60.72
C ALA E 211 -13.05 71.32 59.62
N GLY E 212 -14.33 71.67 59.64
CA GLY E 212 -15.24 71.26 58.59
C GLY E 212 -16.03 70.00 58.83
N PHE E 213 -16.04 69.49 60.06
CA PHE E 213 -16.81 68.29 60.41
C PHE E 213 -18.06 68.72 61.15
N GLY E 214 -19.21 68.29 60.65
CA GLY E 214 -20.46 68.76 61.21
C GLY E 214 -20.75 70.20 60.81
N GLU E 215 -21.60 70.84 61.60
CA GLU E 215 -22.01 72.22 61.37
C GLU E 215 -21.57 73.11 62.52
N ALA E 216 -21.59 74.42 62.26
CA ALA E 216 -21.14 75.38 63.26
C ALA E 216 -22.15 75.48 64.41
N LEU E 217 -21.64 75.94 65.55
CA LEU E 217 -22.46 76.12 66.74
C LEU E 217 -23.03 77.53 66.76
N THR E 218 -24.36 77.64 66.68
CA THR E 218 -25.02 78.93 66.65
C THR E 218 -26.10 79.10 67.70
N ALA E 219 -26.36 78.09 68.53
CA ALA E 219 -27.37 78.20 69.57
C ALA E 219 -27.06 77.22 70.68
N LEU E 220 -27.25 77.66 71.92
CA LEU E 220 -27.09 76.82 73.10
C LEU E 220 -28.46 76.52 73.67
N THR E 221 -28.70 75.25 74.00
CA THR E 221 -30.00 74.79 74.50
C THR E 221 -29.79 73.98 75.77
N ILE E 222 -30.60 74.27 76.78
CA ILE E 222 -30.52 73.58 78.07
C ILE E 222 -31.58 72.47 78.07
N THR E 223 -31.14 71.22 77.95
CA THR E 223 -32.02 70.09 77.76
C THR E 223 -33.02 69.86 78.91
N PRO E 224 -32.62 69.95 80.18
CA PRO E 224 -33.61 69.72 81.25
C PRO E 224 -34.81 70.66 81.17
N GLY E 225 -34.60 71.92 80.80
CA GLY E 225 -35.70 72.85 80.64
C GLY E 225 -36.08 73.57 81.91
N SER E 226 -37.13 73.07 82.58
CA SER E 226 -37.62 73.64 83.83
C SER E 226 -37.74 72.51 84.85
N PRO E 227 -36.67 72.19 85.56
CA PRO E 227 -36.71 71.12 86.54
C PRO E 227 -37.21 71.62 87.90
N THR E 228 -37.51 70.66 88.77
CA THR E 228 -37.95 70.94 90.13
C THR E 228 -37.22 70.00 91.09
N VAL E 229 -36.60 70.57 92.11
CA VAL E 229 -35.80 69.82 93.07
C VAL E 229 -36.39 69.98 94.46
N THR E 230 -36.40 68.88 95.21
CA THR E 230 -36.84 68.91 96.60
C THR E 230 -35.75 69.53 97.48
N VAL E 231 -36.18 70.37 98.43
CA VAL E 231 -35.23 70.94 99.39
C VAL E 231 -34.60 69.84 100.23
N ALA E 232 -35.42 68.87 100.66
CA ALA E 232 -34.91 67.76 101.46
C ALA E 232 -33.96 66.90 100.63
N THR E 233 -33.00 66.28 101.33
CA THR E 233 -31.99 65.46 100.67
C THR E 233 -32.61 64.14 100.22
N GLY E 234 -32.25 63.75 99.00
CA GLY E 234 -32.77 62.52 98.44
C GLY E 234 -32.25 62.31 97.03
N ALA E 235 -32.79 61.28 96.37
CA ALA E 235 -32.41 60.99 94.99
C ALA E 235 -32.77 62.14 94.06
N SER E 236 -33.94 62.74 94.26
CA SER E 236 -34.41 63.84 93.42
C SER E 236 -34.02 65.21 93.98
N HIS E 237 -33.15 65.26 94.99
CA HIS E 237 -32.75 66.53 95.57
C HIS E 237 -31.88 67.34 94.61
N THR E 238 -30.99 66.69 93.86
CA THR E 238 -30.12 67.37 92.92
C THR E 238 -30.33 66.82 91.52
N ALA E 239 -30.28 67.73 90.54
CA ALA E 239 -30.44 67.37 89.14
C ALA E 239 -29.28 67.94 88.34
N GLN E 240 -28.74 67.13 87.42
CA GLN E 240 -27.59 67.53 86.62
C GLN E 240 -28.07 68.10 85.29
N LEU E 241 -27.66 69.33 84.99
CA LEU E 241 -28.05 69.99 83.76
C LEU E 241 -27.19 69.49 82.58
N LEU E 242 -27.57 69.93 81.39
CA LEU E 242 -26.85 69.57 80.17
C LEU E 242 -27.10 70.63 79.11
N VAL E 243 -26.03 71.15 78.52
CA VAL E 243 -26.10 72.21 77.52
C VAL E 243 -25.61 71.65 76.19
N GLU E 244 -26.42 71.79 75.15
CA GLU E 244 -26.10 71.29 73.82
C GLU E 244 -26.08 72.43 72.82
N GLY E 245 -25.79 72.07 71.57
CA GLY E 245 -25.76 73.02 70.48
C GLY E 245 -26.59 72.55 69.30
N ASP E 246 -26.63 73.40 68.27
CA ASP E 246 -27.38 73.06 67.06
C ASP E 246 -26.69 71.97 66.26
N ASN E 247 -25.38 71.77 66.48
CA ASN E 247 -24.63 70.73 65.80
C ASN E 247 -24.69 69.40 66.53
N GLY E 248 -25.29 69.35 67.72
CA GLY E 248 -25.38 68.13 68.48
C GLY E 248 -24.18 67.83 69.36
N ILE E 249 -23.39 68.84 69.71
CA ILE E 249 -22.20 68.66 70.53
C ILE E 249 -22.49 69.20 71.93
N ASN E 250 -22.17 68.41 72.94
CA ASN E 250 -22.32 68.84 74.33
C ASN E 250 -21.27 69.88 74.66
N TYR E 251 -21.72 71.08 75.03
CA TYR E 251 -20.83 72.16 75.42
C TYR E 251 -20.87 72.45 76.91
N THR E 252 -21.41 71.53 77.71
CA THR E 252 -21.46 71.73 79.16
C THR E 252 -20.10 72.03 79.78
N PRO E 253 -19.01 71.33 79.44
CA PRO E 253 -17.70 71.72 80.01
C PRO E 253 -17.24 73.11 79.57
N ASP E 254 -17.75 73.62 78.46
CA ASP E 254 -17.25 74.88 77.89
C ASP E 254 -18.08 76.08 78.27
N VAL E 255 -19.14 75.92 79.06
CA VAL E 255 -20.03 77.02 79.40
C VAL E 255 -19.85 77.40 80.86
N VAL E 256 -20.30 78.61 81.19
CA VAL E 256 -20.17 79.17 82.53
C VAL E 256 -21.56 79.26 83.15
N PHE E 257 -21.72 78.65 84.32
CA PHE E 257 -23.01 78.59 84.99
C PHE E 257 -23.14 79.72 86.00
N THR E 258 -24.19 80.52 85.84
CA THR E 258 -24.51 81.61 86.77
C THR E 258 -25.95 81.46 87.22
N SER E 259 -26.17 81.57 88.53
CA SER E 259 -27.50 81.45 89.12
C SER E 259 -28.02 82.83 89.52
N SER E 260 -29.30 83.09 89.21
CA SER E 260 -29.90 84.36 89.57
C SER E 260 -29.95 84.53 91.08
N ALA E 261 -30.48 83.55 91.79
CA ALA E 261 -30.54 83.56 93.25
C ALA E 261 -29.76 82.38 93.79
N PRO E 262 -28.49 82.58 94.16
CA PRO E 262 -27.71 81.44 94.68
C PRO E 262 -28.31 80.80 95.92
N ASP E 263 -28.96 81.60 96.78
CA ASP E 263 -29.56 81.04 97.98
C ASP E 263 -30.71 80.10 97.65
N LYS E 264 -31.55 80.46 96.67
CA LYS E 264 -32.66 79.59 96.29
C LYS E 264 -32.17 78.30 95.66
N ALA E 265 -31.28 78.41 94.68
CA ALA E 265 -30.73 77.25 93.99
C ALA E 265 -29.25 77.50 93.71
N SER E 266 -28.41 76.55 94.12
CA SER E 266 -26.97 76.65 93.88
C SER E 266 -26.59 75.77 92.70
N VAL E 267 -25.82 76.33 91.77
CA VAL E 267 -25.33 75.60 90.62
C VAL E 267 -23.81 75.64 90.66
N SER E 268 -23.19 74.48 90.47
CA SER E 268 -21.73 74.36 90.51
C SER E 268 -21.17 74.71 89.13
N ALA E 269 -19.85 74.60 88.98
CA ALA E 269 -19.23 74.85 87.68
C ALA E 269 -19.69 73.82 86.65
N ALA E 270 -19.84 72.56 87.08
CA ALA E 270 -20.31 71.52 86.17
C ALA E 270 -21.74 71.77 85.72
N GLY E 271 -22.59 72.21 86.64
CA GLY E 271 -23.98 72.45 86.32
C GLY E 271 -24.94 71.60 87.13
N LEU E 272 -24.49 71.14 88.30
CA LEU E 272 -25.34 70.38 89.20
C LEU E 272 -26.15 71.35 90.05
N VAL E 273 -27.47 71.32 89.87
CA VAL E 273 -28.36 72.26 90.52
C VAL E 273 -28.85 71.65 91.82
N THR E 274 -28.60 72.34 92.93
CA THR E 274 -29.03 71.92 94.25
C THR E 274 -29.94 72.99 94.83
N GLY E 275 -31.16 72.61 95.21
CA GLY E 275 -32.10 73.55 95.79
C GLY E 275 -31.95 73.67 97.29
N VAL E 276 -31.27 74.72 97.74
CA VAL E 276 -31.10 74.92 99.18
C VAL E 276 -32.43 75.32 99.83
N ALA E 277 -33.18 76.22 99.18
CA ALA E 277 -34.45 76.68 99.72
C ALA E 277 -35.45 76.78 98.59
N ALA E 278 -36.73 76.67 98.95
CA ALA E 278 -37.80 76.73 97.96
C ALA E 278 -37.86 78.12 97.33
N GLY E 279 -38.14 78.14 96.04
CA GLY E 279 -38.22 79.38 95.30
C GLY E 279 -37.98 79.13 93.82
N SER E 280 -38.02 80.23 93.06
CA SER E 280 -37.80 80.19 91.62
C SER E 280 -36.49 80.88 91.31
N ALA E 281 -35.57 80.16 90.68
CA ALA E 281 -34.25 80.67 90.35
C ALA E 281 -33.96 80.44 88.87
N THR E 282 -33.11 81.30 88.31
CA THR E 282 -32.74 81.25 86.91
C THR E 282 -31.29 80.79 86.79
N ILE E 283 -31.07 79.74 86.00
CA ILE E 283 -29.73 79.20 85.76
C ILE E 283 -29.35 79.53 84.32
N THR E 284 -28.29 80.32 84.16
CA THR E 284 -27.84 80.78 82.86
C THR E 284 -26.46 80.19 82.57
N ALA E 285 -26.35 79.46 81.47
CA ALA E 285 -25.07 78.93 80.99
C ALA E 285 -24.61 79.79 79.83
N THR E 286 -23.47 80.46 79.99
CA THR E 286 -22.97 81.41 79.01
C THR E 286 -21.64 80.92 78.46
N LYS E 287 -21.50 80.96 77.13
CA LYS E 287 -20.26 80.62 76.45
C LYS E 287 -20.09 81.59 75.30
N GLY E 288 -19.12 82.50 75.43
CA GLY E 288 -18.98 83.56 74.43
C GLY E 288 -20.24 84.41 74.40
N ALA E 289 -20.72 84.69 73.18
CA ALA E 289 -21.95 85.45 73.01
C ALA E 289 -23.20 84.59 73.13
N LEU E 290 -23.05 83.26 73.10
CA LEU E 290 -24.20 82.38 73.25
C LEU E 290 -24.66 82.33 74.70
N THR E 291 -25.96 82.15 74.89
CA THR E 291 -26.55 82.14 76.22
C THR E 291 -27.76 81.22 76.22
N ALA E 292 -27.78 80.27 77.16
CA ALA E 292 -28.92 79.39 77.36
C ALA E 292 -29.42 79.57 78.78
N THR E 293 -30.69 79.91 78.94
CA THR E 293 -31.28 80.22 80.23
C THR E 293 -32.35 79.21 80.59
N ALA E 294 -32.36 78.79 81.86
CA ALA E 294 -33.37 77.89 82.38
C ALA E 294 -33.84 78.39 83.74
N THR E 295 -35.10 78.12 84.05
CA THR E 295 -35.70 78.48 85.33
C THR E 295 -36.01 77.22 86.11
N VAL E 296 -35.64 77.20 87.39
CA VAL E 296 -35.83 76.06 88.27
C VAL E 296 -36.74 76.48 89.41
N THR E 297 -37.78 75.69 89.66
CA THR E 297 -38.73 75.94 90.74
C THR E 297 -38.45 74.95 91.86
N VAL E 298 -37.89 75.44 92.97
CA VAL E 298 -37.55 74.59 94.10
C VAL E 298 -38.74 74.51 95.04
N THR E 299 -39.03 73.30 95.51
CA THR E 299 -40.12 73.06 96.45
C THR E 299 -39.57 72.36 97.69
N ALA E 300 -40.19 72.65 98.83
CA ALA E 300 -39.76 72.08 100.10
C ALA E 300 -40.74 71.00 100.57
N THR F 2 -8.42 59.17 83.63
CA THR F 2 -7.04 58.80 83.34
C THR F 2 -6.39 59.79 82.38
N ASP F 3 -5.29 60.42 82.81
CA ASP F 3 -4.60 61.38 81.97
C ASP F 3 -3.58 60.67 81.07
N PHE F 4 -2.96 61.46 80.20
CA PHE F 4 -2.02 60.91 79.23
C PHE F 4 -0.82 60.28 79.89
N TYR F 5 -0.31 60.92 80.96
CA TYR F 5 0.88 60.41 81.65
C TYR F 5 0.63 59.04 82.26
N THR F 6 -0.55 58.84 82.85
CA THR F 6 -0.87 57.53 83.42
C THR F 6 -1.00 56.47 82.33
N ILE F 7 -1.59 56.83 81.20
CA ILE F 7 -1.72 55.88 80.10
C ILE F 7 -0.35 55.48 79.56
N LYS F 8 0.55 56.45 79.42
CA LYS F 8 1.87 56.16 78.87
C LYS F 8 2.64 55.16 79.72
N ASP F 9 2.57 55.30 81.04
CA ASP F 9 3.17 54.33 81.97
C ASP F 9 4.65 54.11 81.67
N ALA F 10 5.37 55.20 81.50
CA ALA F 10 6.77 55.10 81.10
C ALA F 10 7.66 54.80 82.29
N GLN F 11 8.49 53.76 82.15
CA GLN F 11 9.42 53.32 83.19
C GLN F 11 10.84 53.56 82.68
N ALA F 12 11.47 54.63 83.15
CA ALA F 12 12.83 54.94 82.72
C ALA F 12 13.82 53.87 83.18
N ASP F 13 13.59 53.27 84.35
CA ASP F 13 14.52 52.28 84.88
C ASP F 13 14.56 51.01 84.04
N LEU F 14 13.58 50.79 83.17
CA LEU F 14 13.60 49.63 82.30
C LEU F 14 14.45 49.84 81.05
N ALA F 15 15.02 51.03 80.86
CA ALA F 15 16.00 51.25 79.81
C ALA F 15 17.37 50.86 80.32
N ILE F 16 18.02 49.93 79.62
CA ILE F 16 19.27 49.32 80.07
C ILE F 16 20.39 49.72 79.11
N ALA F 17 21.46 50.26 79.65
CA ALA F 17 22.61 50.69 78.87
C ALA F 17 23.75 49.70 79.02
N PRO F 18 24.22 49.07 77.95
CA PRO F 18 25.39 48.17 78.07
C PRO F 18 26.69 48.97 78.22
N LEU F 19 26.92 49.45 79.45
CA LEU F 19 28.08 50.28 79.71
C LEU F 19 29.38 49.52 79.47
N ASN F 20 29.42 48.26 79.87
CA ASN F 20 30.51 47.38 79.53
C ASN F 20 29.95 46.15 78.82
N LEU F 21 30.77 45.55 77.98
CA LEU F 21 30.34 44.45 77.13
C LEU F 21 31.52 43.54 76.86
N THR F 22 31.26 42.24 76.84
CA THR F 22 32.30 41.26 76.53
C THR F 22 31.71 40.17 75.66
N VAL F 23 32.52 39.66 74.75
CA VAL F 23 32.15 38.57 73.85
C VAL F 23 32.99 37.36 74.21
N LEU F 24 32.33 36.25 74.52
CA LEU F 24 33.01 35.02 74.86
C LEU F 24 32.69 33.97 73.81
N LEU F 25 33.73 33.29 73.32
CA LEU F 25 33.57 32.21 72.36
C LEU F 25 34.07 30.92 72.99
N ALA F 26 33.42 29.82 72.62
CA ALA F 26 33.83 28.50 73.05
C ALA F 26 33.89 27.57 71.85
N PRO F 27 34.77 26.58 71.88
CA PRO F 27 34.74 25.56 70.81
C PRO F 27 33.42 24.82 70.82
N TYR F 28 33.04 24.33 69.65
CA TYR F 28 31.74 23.69 69.49
C TYR F 28 31.57 22.47 70.40
N SER F 29 32.66 21.86 70.85
CA SER F 29 32.57 20.73 71.76
C SER F 29 32.15 21.14 73.17
N THR F 30 32.20 22.43 73.50
CA THR F 30 31.79 22.90 74.81
C THR F 30 30.29 22.72 75.00
N THR F 31 29.90 22.42 76.24
CA THR F 31 28.49 22.36 76.57
C THR F 31 27.90 23.78 76.53
N PRO F 32 26.83 24.00 75.77
CA PRO F 32 26.29 25.36 75.64
C PRO F 32 25.78 25.90 76.96
N ALA F 33 25.92 27.21 77.13
CA ALA F 33 25.34 27.88 78.29
C ALA F 33 23.83 27.94 78.16
N THR F 34 23.14 27.61 79.24
CA THR F 34 21.69 27.77 79.29
C THR F 34 21.27 29.03 80.02
N THR F 35 22.05 29.46 81.00
CA THR F 35 21.82 30.69 81.73
C THR F 35 23.15 31.17 82.27
N LEU F 36 23.25 32.46 82.54
CA LEU F 36 24.44 33.05 83.12
C LEU F 36 24.29 33.31 84.61
N GLU F 37 23.11 33.05 85.17
CA GLU F 37 22.85 33.27 86.58
C GLU F 37 23.28 32.04 87.37
N SER F 38 24.18 32.24 88.33
CA SER F 38 24.63 31.13 89.16
C SER F 38 23.49 30.65 90.04
N PRO F 39 23.21 29.34 90.09
CA PRO F 39 22.11 28.84 90.94
C PRO F 39 22.36 29.04 92.42
N THR F 40 23.60 29.26 92.85
CA THR F 40 23.91 29.34 94.27
C THR F 40 23.47 30.69 94.85
N ASP F 41 24.00 31.78 94.31
CA ASP F 41 23.71 33.11 94.82
C ASP F 41 23.25 34.10 93.76
N GLY F 42 22.97 33.65 92.54
CA GLY F 42 22.48 34.53 91.51
C GLY F 42 23.54 35.37 90.82
N SER F 43 24.81 35.18 91.17
CA SER F 43 25.88 35.95 90.56
C SER F 43 26.14 35.48 89.14
N LEU F 44 26.88 36.30 88.39
CA LEU F 44 27.16 35.99 86.99
C LEU F 44 28.15 34.83 86.90
N ALA F 45 27.78 33.79 86.15
CA ALA F 45 28.57 32.56 86.10
C ALA F 45 28.73 32.11 84.65
N ILE F 46 29.95 32.19 84.13
CA ILE F 46 30.27 31.75 82.78
C ILE F 46 30.69 30.29 82.80
N PRO F 47 30.08 29.45 81.95
CA PRO F 47 30.47 28.04 81.93
C PRO F 47 31.90 27.88 81.47
N PRO F 48 32.57 26.81 81.90
CA PRO F 48 33.94 26.57 81.43
C PRO F 48 33.97 26.33 79.93
N GLY F 49 35.09 26.72 79.31
CA GLY F 49 35.29 26.62 77.89
C GLY F 49 35.04 27.90 77.13
N TYR F 50 34.27 28.82 77.70
CA TYR F 50 34.04 30.11 77.07
C TYR F 50 35.19 31.05 77.42
N LYS F 51 35.81 31.63 76.39
CA LYS F 51 36.94 32.53 76.57
C LYS F 51 36.61 33.87 75.94
N SER F 52 36.91 34.95 76.66
CA SER F 52 36.64 36.28 76.14
C SER F 52 37.63 36.64 75.04
N VAL F 53 37.13 37.35 74.03
CA VAL F 53 38.00 37.85 72.96
C VAL F 53 38.77 39.08 73.38
N GLY F 54 38.45 39.68 74.53
CA GLY F 54 39.17 40.83 75.01
C GLY F 54 38.58 42.15 74.55
N HIS F 55 39.40 43.18 74.50
CA HIS F 55 38.94 44.51 74.13
C HIS F 55 38.47 44.55 72.68
N PHE F 56 37.41 45.32 72.43
CA PHE F 56 36.97 45.61 71.08
C PHE F 56 36.68 47.10 70.94
N GLU F 57 36.65 47.53 69.68
CA GLU F 57 36.56 48.94 69.35
C GLU F 57 35.31 49.60 69.92
N LYS F 58 35.49 50.77 70.52
CA LYS F 58 34.40 51.44 71.22
C LYS F 58 33.40 52.03 70.23
N GLN F 59 33.90 52.75 69.21
CA GLN F 59 33.02 53.50 68.33
C GLN F 59 32.13 52.59 67.49
N ALA F 60 32.70 51.50 66.95
CA ALA F 60 31.88 50.56 66.21
C ALA F 60 30.86 49.88 67.12
N GLY F 61 31.22 49.64 68.38
CA GLY F 61 30.34 48.93 69.27
C GLY F 61 30.09 47.53 68.78
N LEU F 62 28.91 47.01 69.10
CA LEU F 62 28.49 45.70 68.61
C LEU F 62 27.12 45.87 67.97
N THR F 63 26.97 45.38 66.76
CA THR F 63 25.74 45.51 66.00
C THR F 63 25.09 44.13 65.86
N LEU F 64 23.82 44.04 66.24
CA LEU F 64 23.04 42.82 66.09
C LEU F 64 22.02 42.99 64.98
N GLY F 65 22.06 42.10 64.01
CA GLY F 65 21.16 42.14 62.87
C GLY F 65 20.15 41.01 62.91
N ASN F 66 18.94 41.28 62.43
CA ASN F 66 17.90 40.28 62.33
C ASN F 66 17.21 40.42 60.98
N GLU F 67 17.19 39.34 60.22
CA GLU F 67 16.57 39.30 58.90
C GLU F 67 15.55 38.17 58.86
N PHE F 68 14.36 38.48 58.34
CA PHE F 68 13.34 37.48 58.09
C PHE F 68 13.25 37.19 56.60
N ASP F 69 13.19 35.91 56.26
CA ASP F 69 12.86 35.49 54.90
C ASP F 69 11.51 34.78 54.93
N SER F 70 10.59 35.24 54.09
CA SER F 70 9.23 34.73 54.12
C SER F 70 8.65 34.77 52.71
N LYS F 71 7.60 33.98 52.52
CA LYS F 71 6.87 33.94 51.27
C LYS F 71 5.39 34.12 51.56
N ASP F 72 4.73 34.90 50.71
CA ASP F 72 3.31 35.22 50.87
C ASP F 72 2.49 34.38 49.89
N ILE F 73 1.42 33.78 50.40
CA ILE F 73 0.49 33.02 49.56
C ILE F 73 -0.63 33.94 49.13
N GLU F 74 -0.75 34.17 47.83
CA GLU F 74 -1.69 35.12 47.27
C GLU F 74 -2.88 34.39 46.67
N ALA F 75 -4.08 34.74 47.14
CA ALA F 75 -5.31 34.21 46.61
C ALA F 75 -6.00 35.26 45.75
N TYR F 76 -6.69 34.80 44.71
CA TYR F 76 -7.44 35.68 43.84
C TYR F 76 -8.45 36.49 44.63
N GLY F 77 -8.49 37.79 44.37
CA GLY F 77 -9.43 38.68 45.02
C GLY F 77 -9.08 39.06 46.44
N GLU F 78 -7.90 38.68 46.92
CA GLU F 78 -7.48 39.01 48.28
C GLU F 78 -6.31 39.99 48.21
N PRO F 79 -6.50 41.25 48.58
CA PRO F 79 -5.38 42.20 48.53
C PRO F 79 -4.23 41.80 49.44
N GLU F 80 -4.51 41.18 50.57
CA GLU F 80 -3.48 40.77 51.50
C GLU F 80 -3.29 39.25 51.45
N PRO F 81 -2.10 38.76 51.77
CA PRO F 81 -1.86 37.32 51.71
C PRO F 81 -2.79 36.55 52.64
N ILE F 82 -3.25 35.39 52.16
CA ILE F 82 -4.05 34.51 53.01
C ILE F 82 -3.17 33.70 53.96
N ARG F 83 -1.88 33.61 53.70
CA ARG F 83 -0.95 32.95 54.59
C ARG F 83 0.46 33.46 54.31
N THR F 84 1.23 33.67 55.36
CA THR F 84 2.62 34.07 55.25
C THR F 84 3.49 32.99 55.87
N ILE F 85 4.35 32.38 55.07
CA ILE F 85 5.25 31.33 55.52
C ILE F 85 6.61 31.97 55.77
N ILE F 86 6.98 32.11 57.03
CA ILE F 86 8.30 32.61 57.41
C ILE F 86 9.25 31.43 57.49
N ASN F 87 10.32 31.49 56.70
CA ASN F 87 11.27 30.38 56.68
C ASN F 87 12.16 30.38 57.93
N LYS F 88 12.82 31.50 58.19
CA LYS F 88 13.75 31.57 59.32
C LYS F 88 14.00 33.02 59.69
N ARG F 89 14.64 33.21 60.83
CA ARG F 89 15.11 34.51 61.29
C ARG F 89 16.63 34.42 61.41
N THR F 90 17.33 35.15 60.55
CA THR F 90 18.79 35.12 60.54
C THR F 90 19.32 36.21 61.46
N THR F 91 20.07 35.80 62.48
CA THR F 91 20.68 36.73 63.42
C THR F 91 22.18 36.78 63.17
N THR F 92 22.71 37.99 63.07
CA THR F 92 24.14 38.20 62.91
C THR F 92 24.62 39.23 63.92
N PHE F 93 25.91 39.21 64.20
CA PHE F 93 26.53 40.27 64.99
C PHE F 93 27.96 40.47 64.55
N ASP F 94 28.39 41.73 64.56
CA ASP F 94 29.74 42.09 64.16
C ASP F 94 30.33 43.09 65.14
N PHE F 95 31.65 43.08 65.24
CA PHE F 95 32.40 43.88 66.20
C PHE F 95 33.85 43.87 65.76
N ALA F 96 34.63 44.81 66.29
CA ALA F 96 36.00 45.03 65.86
C ALA F 96 36.96 44.72 67.01
N MET F 97 37.69 43.62 66.89
CA MET F 97 38.56 43.16 67.97
C MET F 97 39.96 43.75 67.86
N TYR F 98 40.52 44.13 69.01
CA TYR F 98 41.91 44.59 69.10
C TYR F 98 42.92 43.49 69.38
N GLN F 99 42.60 42.51 70.19
CA GLN F 99 43.62 41.66 70.80
C GLN F 99 44.05 40.53 69.85
N ASN F 100 45.36 40.38 69.69
CA ASN F 100 45.93 39.34 68.83
C ASN F 100 46.14 38.07 69.65
N GLN F 101 45.01 37.49 70.05
CA GLN F 101 44.98 36.25 70.83
C GLN F 101 44.80 35.06 69.90
N ARG F 102 44.99 33.87 70.45
CA ARG F 102 44.83 32.67 69.65
C ARG F 102 43.39 32.49 69.18
N ASN F 103 42.41 32.73 70.07
CA ASN F 103 41.03 32.48 69.68
C ASN F 103 40.56 33.47 68.61
N VAL F 104 40.97 34.74 68.71
CA VAL F 104 40.62 35.73 67.70
C VAL F 104 41.21 35.35 66.34
N LEU F 105 42.49 34.99 66.33
CA LEU F 105 43.16 34.65 65.07
C LEU F 105 42.64 33.35 64.49
N GLU F 106 42.29 32.39 65.36
CA GLU F 106 41.63 31.17 64.91
C GLU F 106 40.29 31.48 64.24
N LEU F 107 39.53 32.39 64.83
CA LEU F 107 38.24 32.77 64.25
C LEU F 107 38.43 33.41 62.88
N ILE F 108 39.34 34.39 62.78
CA ILE F 108 39.45 35.13 61.52
C ILE F 108 40.03 34.27 60.41
N TRP F 109 40.89 33.31 60.73
CA TRP F 109 41.53 32.49 59.71
C TRP F 109 40.83 31.16 59.48
N THR F 110 39.72 30.90 60.18
CA THR F 110 38.96 29.65 60.05
C THR F 110 39.87 28.43 60.16
N GLN F 111 40.60 28.37 61.26
CA GLN F 111 41.59 27.33 61.47
C GLN F 111 41.72 27.06 62.97
N ASP F 112 42.18 25.87 63.30
CA ASP F 112 42.59 25.54 64.66
C ASP F 112 44.10 25.73 64.77
N PHE F 113 44.52 26.57 65.72
CA PHE F 113 45.93 26.88 65.94
C PHE F 113 46.44 26.32 67.25
N SER F 114 45.73 25.37 67.85
CA SER F 114 46.16 24.79 69.12
C SER F 114 47.47 24.03 69.01
N ASN F 115 47.77 23.48 67.83
CA ASN F 115 49.00 22.76 67.58
C ASN F 115 50.15 23.66 67.14
N ILE F 116 49.92 24.97 67.05
CA ILE F 116 50.98 25.90 66.70
C ILE F 116 51.96 26.00 67.86
N GLN F 117 53.24 25.80 67.57
CA GLN F 117 54.28 25.89 68.60
C GLN F 117 55.14 27.10 68.36
N PRO F 118 55.31 27.97 69.37
CA PRO F 118 56.22 29.10 69.22
C PRO F 118 57.64 28.63 68.96
N SER F 119 58.37 29.41 68.16
CA SER F 119 59.74 29.08 67.84
C SER F 119 60.63 29.28 69.07
N GLU F 120 61.93 29.07 68.88
CA GLU F 120 62.87 29.15 69.99
C GLU F 120 62.85 30.53 70.64
N PHE F 121 62.60 31.57 69.85
CA PHE F 121 62.55 32.93 70.36
C PHE F 121 61.12 33.44 70.50
N GLY F 122 60.13 32.57 70.39
CA GLY F 122 58.74 32.92 70.64
C GLY F 122 57.92 33.25 69.42
N GLY F 123 58.54 33.34 68.25
CA GLY F 123 57.79 33.71 67.06
C GLY F 123 56.85 32.62 66.60
N ILE F 124 55.70 33.04 66.07
CA ILE F 124 54.71 32.12 65.54
C ILE F 124 54.36 32.53 64.12
N VAL F 125 54.06 31.54 63.29
CA VAL F 125 53.58 31.75 61.93
C VAL F 125 52.26 31.01 61.79
N LEU F 126 51.20 31.72 61.43
CA LEU F 126 49.86 31.17 61.28
C LEU F 126 49.52 31.14 59.79
N GLU F 127 49.51 29.95 59.20
CA GLU F 127 49.18 29.79 57.80
C GLU F 127 47.67 29.65 57.64
N ALA F 128 47.13 30.38 56.68
CA ALA F 128 45.73 30.20 56.34
C ALA F 128 45.54 28.83 55.68
N PRO F 129 44.46 28.13 56.00
CA PRO F 129 44.24 26.80 55.40
C PRO F 129 44.04 26.90 53.90
N LYS F 130 44.39 25.82 53.21
CA LYS F 130 44.24 25.77 51.76
C LYS F 130 42.80 26.06 51.34
N VAL F 131 41.85 25.46 52.02
CA VAL F 131 40.43 25.76 51.83
C VAL F 131 39.89 26.26 53.16
N PRO F 132 39.13 27.36 53.19
CA PRO F 132 38.54 27.81 54.45
C PRO F 132 37.62 26.74 55.04
N LYS F 133 37.67 26.61 56.36
CA LYS F 133 36.92 25.58 57.05
C LYS F 133 35.63 26.15 57.62
N ASN F 134 34.61 25.29 57.69
CA ASN F 134 33.36 25.62 58.38
C ASN F 134 33.53 25.26 59.85
N ILE F 135 33.81 26.26 60.67
CA ILE F 135 34.03 26.07 62.10
C ILE F 135 32.92 26.77 62.87
N TYR F 136 32.28 26.05 63.77
CA TYR F 136 31.23 26.60 64.60
C TYR F 136 31.75 26.87 66.01
N TYR F 137 31.20 27.91 66.63
CA TYR F 137 31.54 28.27 67.99
C TYR F 137 30.26 28.47 68.79
N ARG F 138 30.42 28.45 70.10
CA ARG F 138 29.36 28.86 71.01
C ARG F 138 29.69 30.25 71.54
N ALA F 139 28.72 31.14 71.50
CA ALA F 139 28.95 32.55 71.75
C ALA F 139 28.08 33.05 72.89
N ILE F 140 28.67 33.89 73.73
CA ILE F 140 27.96 34.64 74.76
C ILE F 140 28.31 36.11 74.59
N LEU F 141 27.30 36.94 74.43
CA LEU F 141 27.46 38.39 74.46
C LEU F 141 26.77 38.89 75.72
N VAL F 142 27.54 39.22 76.75
CA VAL F 142 26.99 39.67 78.01
C VAL F 142 27.45 41.11 78.27
N GLY F 143 26.49 41.98 78.56
CA GLY F 143 26.77 43.35 78.91
C GLY F 143 26.38 43.62 80.35
N MET F 144 26.85 44.74 80.89
CA MET F 144 26.54 45.11 82.27
C MET F 144 26.10 46.57 82.31
N ASP F 145 25.00 46.81 83.01
CA ASP F 145 24.57 48.16 83.37
C ASP F 145 24.75 48.29 84.88
N ASP F 146 25.86 48.86 85.30
CA ASP F 146 26.21 48.97 86.71
C ASP F 146 25.75 50.33 87.21
N ARG F 147 24.52 50.38 87.71
CA ARG F 147 23.93 51.62 88.20
C ARG F 147 23.42 51.41 89.62
N ASN F 148 23.66 52.41 90.47
CA ASN F 148 23.29 52.38 91.89
C ASN F 148 23.89 51.18 92.61
N ASP F 149 25.05 50.71 92.16
CA ASP F 149 25.79 49.57 92.70
C ASP F 149 25.03 48.25 92.61
N ARG F 150 23.92 48.21 91.87
CA ARG F 150 23.17 46.97 91.66
C ARG F 150 23.21 46.64 90.17
N PRO F 151 24.14 45.81 89.72
CA PRO F 151 24.31 45.61 88.27
C PRO F 151 23.15 44.84 87.65
N ILE F 152 22.91 45.14 86.38
CA ILE F 152 22.03 44.36 85.52
C ILE F 152 22.88 43.73 84.43
N TRP F 153 22.75 42.43 84.25
CA TRP F 153 23.46 41.72 83.20
C TRP F 153 22.47 41.34 82.11
N LEU F 154 22.62 41.98 80.96
CA LEU F 154 21.86 41.63 79.77
C LEU F 154 22.78 40.83 78.86
N TYR F 155 22.28 39.72 78.34
CA TYR F 155 23.14 38.86 77.56
C TYR F 155 22.37 38.16 76.45
N TRP F 156 23.12 37.70 75.46
CA TRP F 156 22.60 36.93 74.34
C TRP F 156 23.37 35.62 74.27
N LEU F 157 22.65 34.53 74.15
CA LEU F 157 23.24 33.20 74.02
C LEU F 157 23.06 32.73 72.58
N MET F 158 24.17 32.43 71.92
CA MET F 158 24.16 31.92 70.56
C MET F 158 24.99 30.64 70.52
N PRO F 159 24.36 29.47 70.65
CA PRO F 159 25.12 28.22 70.78
C PRO F 159 25.86 27.80 69.52
N LYS F 160 25.50 28.31 68.35
CA LYS F 160 26.10 27.84 67.09
C LYS F 160 26.31 29.03 66.17
N VAL F 161 27.51 29.62 66.25
CA VAL F 161 27.86 30.76 65.42
C VAL F 161 29.01 30.36 64.50
N LYS F 162 29.03 30.99 63.32
CA LYS F 162 30.04 30.73 62.32
C LYS F 162 30.46 32.05 61.69
N LEU F 163 31.74 32.14 61.34
CA LEU F 163 32.22 33.32 60.63
C LEU F 163 31.52 33.44 59.29
N ASP F 164 30.88 34.58 59.06
CA ASP F 164 30.15 34.83 57.83
C ASP F 164 30.85 35.81 56.91
N LYS F 165 31.50 36.82 57.47
CA LYS F 165 32.06 37.90 56.69
C LYS F 165 33.20 38.54 57.46
N LEU F 166 34.18 39.05 56.72
CA LEU F 166 35.31 39.75 57.32
C LEU F 166 35.46 41.10 56.65
N ASP F 167 35.42 42.17 57.43
CA ASP F 167 35.54 43.51 56.88
C ASP F 167 37.00 43.79 56.52
N ASN F 168 37.19 44.76 55.64
CA ASN F 168 38.53 45.14 55.21
C ASN F 168 39.35 45.61 56.39
N GLN F 169 40.60 45.13 56.45
CA GLN F 169 41.51 45.49 57.52
C GLN F 169 42.47 46.57 57.02
N THR F 170 42.41 47.74 57.63
CA THR F 170 43.24 48.86 57.24
C THR F 170 44.36 49.05 58.25
N LEU F 171 45.59 49.11 57.77
CA LEU F 171 46.76 49.34 58.61
C LEU F 171 47.13 50.82 58.53
N ASN F 172 47.12 51.49 59.67
CA ASN F 172 47.51 52.88 59.76
C ASN F 172 48.55 53.04 60.85
N ASP F 173 49.43 54.04 60.69
CA ASP F 173 50.53 54.21 61.62
C ASP F 173 50.14 54.90 62.92
N ASP F 174 48.86 55.27 63.07
CA ASP F 174 48.37 55.87 64.31
C ASP F 174 47.22 55.07 64.93
N ASN F 175 47.03 53.82 64.50
CA ASN F 175 45.95 52.99 65.01
C ASN F 175 46.48 51.58 65.24
N VAL F 176 45.82 50.85 66.14
CA VAL F 176 46.13 49.44 66.33
C VAL F 176 45.39 48.66 65.26
N ILE F 177 45.80 47.42 65.04
CA ILE F 177 45.18 46.58 64.03
C ILE F 177 43.89 45.98 64.60
N GLU F 178 42.83 46.05 63.81
CA GLU F 178 41.51 45.58 64.22
C GLU F 178 41.06 44.43 63.34
N TYR F 179 40.36 43.48 63.94
CA TYR F 179 39.72 42.38 63.22
C TYR F 179 38.21 42.55 63.34
N LYS F 180 37.52 42.57 62.20
CA LYS F 180 36.10 42.92 62.15
C LYS F 180 35.33 41.78 61.50
N PRO F 181 35.04 40.72 62.25
CA PRO F 181 34.24 39.64 61.70
C PRO F 181 32.75 39.90 61.86
N THR F 182 31.97 39.32 60.96
CA THR F 182 30.53 39.19 61.12
C THR F 182 30.22 37.73 61.38
N LEU F 183 29.56 37.45 62.49
CA LEU F 183 29.21 36.10 62.87
C LEU F 183 27.72 35.87 62.67
N LYS F 184 27.38 34.71 62.12
CA LYS F 184 26.00 34.35 61.88
C LYS F 184 25.61 33.25 62.85
N ALA F 185 24.47 33.42 63.51
CA ALA F 185 23.95 32.42 64.43
C ALA F 185 23.16 31.36 63.68
N PHE F 186 23.38 30.11 64.04
CA PHE F 186 22.64 28.98 63.49
C PHE F 186 21.92 28.27 64.61
N ARG F 187 20.82 27.61 64.26
CA ARG F 187 20.05 26.87 65.25
C ARG F 187 20.83 25.66 65.71
N ASP F 188 20.96 25.50 67.03
CA ASP F 188 21.55 24.32 67.62
C ASP F 188 20.44 23.34 67.96
N ASP F 189 20.51 22.14 67.38
CA ASP F 189 19.43 21.17 67.57
C ASP F 189 19.31 20.74 69.03
N VAL F 190 20.44 20.54 69.70
CA VAL F 190 20.42 20.00 71.06
C VAL F 190 19.71 20.96 72.01
N VAL F 191 20.07 22.24 71.96
CA VAL F 191 19.46 23.22 72.86
C VAL F 191 18.17 23.80 72.31
N GLY F 192 17.93 23.68 71.01
CA GLY F 192 16.65 24.04 70.45
C GLY F 192 16.42 25.49 70.11
N TYR F 193 17.49 26.26 69.93
CA TYR F 193 17.35 27.66 69.53
C TYR F 193 18.66 28.14 68.92
N SER F 194 18.57 29.27 68.22
CA SER F 194 19.78 29.93 67.71
C SER F 194 20.18 31.14 68.54
N VAL F 195 19.23 31.88 69.08
CA VAL F 195 19.52 33.05 69.90
C VAL F 195 18.58 33.05 71.10
N ALA F 196 19.12 33.39 72.26
CA ALA F 196 18.34 33.62 73.47
C ALA F 196 18.83 34.88 74.15
N GLN F 197 17.90 35.71 74.61
CA GLN F 197 18.21 36.95 75.31
C GLN F 197 17.93 36.76 76.80
N GLY F 198 18.87 37.18 77.64
CA GLY F 198 18.76 36.97 79.07
C GLY F 198 18.96 38.25 79.86
N PHE F 199 18.34 38.27 81.03
CA PHE F 199 18.48 39.35 82.00
C PHE F 199 18.74 38.74 83.36
N ALA F 200 19.67 39.31 84.11
CA ALA F 200 20.03 38.78 85.42
C ALA F 200 20.67 39.88 86.26
N GLY F 201 20.89 39.58 87.53
CA GLY F 201 21.51 40.52 88.44
C GLY F 201 20.52 41.11 89.43
N PRO F 202 21.04 41.63 90.55
CA PRO F 202 20.14 42.27 91.53
C PRO F 202 19.38 43.45 90.98
N GLY F 203 20.02 44.24 90.11
CA GLY F 203 19.32 45.33 89.48
C GLY F 203 18.16 44.86 88.64
N TRP F 204 18.33 43.73 87.94
CA TRP F 204 17.22 43.14 87.22
C TRP F 204 16.15 42.63 88.18
N ARG F 205 16.57 41.98 89.26
CA ARG F 205 15.61 41.47 90.25
C ARG F 205 14.74 42.58 90.80
N ASP F 206 15.28 43.80 90.90
CA ASP F 206 14.45 44.93 91.30
C ASP F 206 13.37 45.26 90.27
N LEU F 207 13.55 44.82 89.02
CA LEU F 207 12.66 45.24 87.94
C LEU F 207 11.86 44.10 87.30
N VAL F 208 12.01 42.86 87.76
CA VAL F 208 11.40 41.73 87.06
C VAL F 208 9.89 41.88 87.02
N ALA F 209 9.28 42.21 88.17
CA ALA F 209 7.83 42.37 88.21
C ALA F 209 7.38 43.56 87.37
N THR F 210 8.12 44.67 87.43
CA THR F 210 7.80 45.84 86.63
C THR F 210 7.88 45.54 85.14
N ALA F 211 8.87 44.75 84.72
CA ALA F 211 9.03 44.39 83.33
C ALA F 211 7.94 43.47 82.82
N GLY F 212 7.11 42.92 83.70
CA GLY F 212 6.00 42.09 83.27
C GLY F 212 6.25 40.60 83.25
N PHE F 213 7.33 40.13 83.85
CA PHE F 213 7.63 38.71 83.92
C PHE F 213 7.31 38.20 85.32
N GLY F 214 6.45 37.20 85.41
CA GLY F 214 5.99 36.75 86.71
C GLY F 214 5.00 37.74 87.31
N GLU F 215 4.81 37.62 88.61
CA GLU F 215 3.89 38.46 89.37
C GLU F 215 4.65 39.34 90.34
N ALA F 216 3.97 40.37 90.84
CA ALA F 216 4.58 41.32 91.75
C ALA F 216 4.82 40.69 93.12
N LEU F 217 5.74 41.29 93.86
CA LEU F 217 6.07 40.84 95.21
C LEU F 217 5.19 41.56 96.22
N THR F 218 4.38 40.80 96.96
CA THR F 218 3.47 41.37 97.94
C THR F 218 3.68 40.85 99.35
N ALA F 219 4.26 39.68 99.52
CA ALA F 219 4.50 39.10 100.84
C ALA F 219 5.88 38.49 100.90
N LEU F 220 6.56 38.67 102.03
CA LEU F 220 7.85 38.06 102.29
C LEU F 220 7.65 36.92 103.28
N THR F 221 8.29 35.78 103.01
CA THR F 221 8.13 34.58 103.83
C THR F 221 9.51 34.03 104.18
N ILE F 222 9.69 33.68 105.46
CA ILE F 222 10.94 33.11 105.94
C ILE F 222 10.79 31.59 105.95
N THR F 223 11.47 30.92 105.04
CA THR F 223 11.30 29.48 104.83
C THR F 223 11.69 28.63 106.04
N PRO F 224 12.80 28.89 106.74
CA PRO F 224 13.12 28.04 107.91
C PRO F 224 12.04 28.04 108.98
N GLY F 225 11.38 29.18 109.21
CA GLY F 225 10.29 29.23 110.16
C GLY F 225 10.73 29.47 111.59
N SER F 226 10.82 28.39 112.38
CA SER F 226 11.26 28.45 113.77
C SER F 226 12.37 27.42 113.96
N PRO F 227 13.62 27.78 113.69
CA PRO F 227 14.73 26.85 113.85
C PRO F 227 15.26 26.85 115.27
N THR F 228 16.12 25.87 115.56
CA THR F 228 16.76 25.72 116.86
C THR F 228 18.24 25.44 116.63
N VAL F 229 19.10 26.22 117.28
CA VAL F 229 20.54 26.13 117.11
C VAL F 229 21.17 25.77 118.45
N THR F 230 22.16 24.89 118.42
CA THR F 230 22.92 24.55 119.62
C THR F 230 23.93 25.66 119.92
N VAL F 231 24.06 25.99 121.21
CA VAL F 231 25.06 26.98 121.62
C VAL F 231 26.47 26.47 121.31
N ALA F 232 26.72 25.20 121.56
CA ALA F 232 28.01 24.61 121.27
C ALA F 232 28.28 24.59 119.77
N THR F 233 29.56 24.67 119.42
CA THR F 233 29.97 24.70 118.02
C THR F 233 29.83 23.32 117.39
N GLY F 234 29.28 23.28 116.18
CA GLY F 234 29.10 22.03 115.48
C GLY F 234 28.45 22.26 114.13
N ALA F 235 28.09 21.16 113.47
CA ALA F 235 27.43 21.23 112.18
C ALA F 235 26.09 21.94 112.28
N SER F 236 25.33 21.65 113.34
CA SER F 236 24.01 22.25 113.56
C SER F 236 24.06 23.49 114.45
N HIS F 237 25.25 24.06 114.64
CA HIS F 237 25.36 25.26 115.47
C HIS F 237 24.79 26.50 114.78
N THR F 238 24.99 26.63 113.48
CA THR F 238 24.49 27.76 112.72
C THR F 238 23.53 27.28 111.64
N ALA F 239 22.49 28.09 111.39
CA ALA F 239 21.50 27.80 110.37
C ALA F 239 21.36 29.01 109.46
N GLN F 240 21.30 28.76 108.15
CA GLN F 240 21.21 29.81 107.15
C GLN F 240 19.74 30.05 106.79
N LEU F 241 19.28 31.28 106.97
CA LEU F 241 17.90 31.62 106.65
C LEU F 241 17.72 31.83 105.15
N LEU F 242 16.46 32.00 104.74
CA LEU F 242 16.13 32.25 103.35
C LEU F 242 14.78 32.97 103.30
N VAL F 243 14.73 34.07 102.57
CA VAL F 243 13.53 34.90 102.47
C VAL F 243 13.05 34.86 101.03
N GLU F 244 11.77 34.53 100.84
CA GLU F 244 11.16 34.41 99.52
C GLU F 244 9.99 35.37 99.41
N GLY F 245 9.39 35.39 98.22
CA GLY F 245 8.21 36.17 97.95
C GLY F 245 7.08 35.34 97.36
N ASP F 246 5.96 36.02 97.10
CA ASP F 246 4.80 35.35 96.52
C ASP F 246 5.02 35.01 95.05
N ASN F 247 6.01 35.62 94.41
CA ASN F 247 6.35 35.32 93.02
C ASN F 247 7.39 34.23 92.89
N GLY F 248 7.92 33.72 94.00
CA GLY F 248 8.92 32.67 93.95
C GLY F 248 10.34 33.15 93.80
N ILE F 249 10.61 34.43 94.00
CA ILE F 249 11.95 34.99 93.85
C ILE F 249 12.60 35.11 95.23
N ASN F 250 13.82 34.61 95.35
CA ASN F 250 14.59 34.73 96.58
C ASN F 250 15.02 36.18 96.77
N TYR F 251 14.54 36.82 97.83
CA TYR F 251 14.86 38.20 98.14
C TYR F 251 15.82 38.33 99.32
N THR F 252 16.51 37.25 99.67
CA THR F 252 17.46 37.30 100.79
C THR F 252 18.53 38.38 100.63
N PRO F 253 19.17 38.58 99.47
CA PRO F 253 20.13 39.68 99.36
C PRO F 253 19.52 41.07 99.52
N ASP F 254 18.23 41.21 99.25
CA ASP F 254 17.58 42.52 99.21
C ASP F 254 16.91 42.91 100.52
N VAL F 255 16.99 42.09 101.56
CA VAL F 255 16.30 42.35 102.81
C VAL F 255 17.31 42.68 103.90
N VAL F 256 16.84 43.35 104.94
CA VAL F 256 17.66 43.80 106.06
C VAL F 256 17.30 42.97 107.28
N PHE F 257 18.29 42.32 107.87
CA PHE F 257 18.06 41.43 109.01
C PHE F 257 18.26 42.21 110.32
N THR F 258 17.21 42.27 111.13
CA THR F 258 17.27 42.90 112.44
C THR F 258 16.80 41.89 113.48
N SER F 259 17.66 41.63 114.47
CA SER F 259 17.35 40.68 115.54
C SER F 259 16.73 41.40 116.74
N SER F 260 15.99 40.63 117.53
CA SER F 260 15.40 41.18 118.76
C SER F 260 16.44 41.30 119.86
N ALA F 261 17.03 40.16 120.27
CA ALA F 261 18.08 40.14 121.27
C ALA F 261 19.37 39.67 120.62
N PRO F 262 20.30 40.57 120.28
CA PRO F 262 21.55 40.14 119.64
C PRO F 262 22.36 39.17 120.47
N ASP F 263 22.31 39.28 121.80
CA ASP F 263 23.08 38.38 122.65
C ASP F 263 22.58 36.94 122.54
N LYS F 264 21.25 36.76 122.51
CA LYS F 264 20.70 35.41 122.42
C LYS F 264 21.03 34.78 121.07
N ALA F 265 20.76 35.50 119.98
CA ALA F 265 21.02 35.00 118.63
C ALA F 265 21.56 36.16 117.80
N SER F 266 22.66 35.91 117.10
CA SER F 266 23.26 36.91 116.22
C SER F 266 22.96 36.55 114.76
N VAL F 267 22.48 37.52 114.00
CA VAL F 267 22.19 37.34 112.58
C VAL F 267 23.03 38.34 111.80
N SER F 268 23.70 37.84 110.77
CA SER F 268 24.55 38.70 109.93
C SER F 268 23.70 39.35 108.85
N ALA F 269 24.34 40.08 107.95
CA ALA F 269 23.62 40.67 106.82
C ALA F 269 23.07 39.60 105.89
N ALA F 270 23.81 38.50 105.71
CA ALA F 270 23.35 37.43 104.85
C ALA F 270 22.23 36.62 105.46
N GLY F 271 22.03 36.71 106.76
CA GLY F 271 20.99 35.97 107.43
C GLY F 271 21.42 34.70 108.12
N LEU F 272 22.71 34.52 108.36
CA LEU F 272 23.21 33.35 109.07
C LEU F 272 22.97 33.54 110.56
N VAL F 273 22.17 32.67 111.15
CA VAL F 273 21.77 32.79 112.56
C VAL F 273 22.71 31.95 113.40
N THR F 274 23.39 32.60 114.35
CA THR F 274 24.29 31.93 115.29
C THR F 274 23.78 32.17 116.69
N GLY F 275 23.52 31.09 117.43
CA GLY F 275 23.05 31.20 118.79
C GLY F 275 24.18 31.30 119.79
N VAL F 276 24.49 32.52 120.24
CA VAL F 276 25.56 32.69 121.22
C VAL F 276 25.15 32.15 122.57
N ALA F 277 23.91 32.41 122.99
CA ALA F 277 23.43 31.96 124.29
C ALA F 277 22.01 31.45 124.14
N ALA F 278 21.63 30.54 125.03
CA ALA F 278 20.30 29.96 124.99
C ALA F 278 19.23 31.01 125.28
N GLY F 279 18.08 30.86 124.63
CA GLY F 279 16.99 31.79 124.78
C GLY F 279 16.14 31.80 123.53
N SER F 280 15.18 32.73 123.50
CA SER F 280 14.26 32.90 122.39
C SER F 280 14.48 34.27 121.78
N ALA F 281 14.81 34.31 120.49
CA ALA F 281 15.08 35.56 119.80
C ALA F 281 14.23 35.66 118.54
N THR F 282 13.94 36.89 118.13
CA THR F 282 13.12 37.17 116.96
C THR F 282 14.00 37.75 115.87
N ILE F 283 13.97 37.12 114.69
CA ILE F 283 14.74 37.57 113.53
C ILE F 283 13.77 38.15 112.53
N THR F 284 13.92 39.44 112.21
CA THR F 284 13.03 40.15 111.31
C THR F 284 13.81 40.60 110.09
N ALA F 285 13.36 40.17 108.91
CA ALA F 285 13.91 40.63 107.64
C ALA F 285 12.96 41.65 107.02
N THR F 286 13.45 42.86 106.81
CA THR F 286 12.62 43.96 106.33
C THR F 286 13.14 44.46 104.99
N LYS F 287 12.22 44.69 104.05
CA LYS F 287 12.55 45.22 102.74
C LYS F 287 11.47 46.21 102.34
N GLY F 288 11.82 47.49 102.31
CA GLY F 288 10.83 48.52 102.02
C GLY F 288 9.73 48.52 103.06
N ALA F 289 8.48 48.54 102.59
CA ALA F 289 7.32 48.53 103.46
C ALA F 289 6.86 47.11 103.81
N LEU F 290 7.57 46.09 103.32
CA LEU F 290 7.24 44.70 103.58
C LEU F 290 8.26 44.10 104.55
N THR F 291 7.80 43.13 105.33
CA THR F 291 8.63 42.55 106.39
C THR F 291 8.18 41.12 106.64
N ALA F 292 9.10 40.34 107.21
CA ALA F 292 8.83 38.95 107.60
C ALA F 292 9.54 38.67 108.91
N THR F 293 8.82 38.04 109.85
CA THR F 293 9.32 37.81 111.19
C THR F 293 9.43 36.32 111.47
N ALA F 294 10.49 35.93 112.16
CA ALA F 294 10.69 34.55 112.60
C ALA F 294 11.24 34.55 114.02
N THR F 295 10.91 33.50 114.77
CA THR F 295 11.40 33.32 116.13
C THR F 295 12.30 32.11 116.19
N VAL F 296 13.45 32.26 116.83
CA VAL F 296 14.44 31.20 116.96
C VAL F 296 14.63 30.87 118.43
N THR F 297 14.59 29.59 118.77
CA THR F 297 14.77 29.12 120.14
C THR F 297 16.15 28.47 120.24
N VAL F 298 17.04 29.11 120.99
CA VAL F 298 18.40 28.62 121.18
C VAL F 298 18.48 27.78 122.44
N THR F 299 19.13 26.63 122.33
CA THR F 299 19.33 25.73 123.46
C THR F 299 20.83 25.45 123.61
N ALA F 300 21.24 25.21 124.85
CA ALA F 300 22.64 24.94 125.16
C ALA F 300 22.86 23.45 125.43
N THR G 2 7.06 8.91 67.99
CA THR G 2 7.94 9.20 66.87
C THR G 2 7.44 10.41 66.08
N ASP G 3 8.17 11.52 66.20
CA ASP G 3 7.81 12.73 65.48
C ASP G 3 8.28 12.66 64.03
N PHE G 4 7.95 13.72 63.28
CA PHE G 4 8.27 13.76 61.86
C PHE G 4 9.79 13.71 61.63
N TYR G 5 10.54 14.44 62.45
CA TYR G 5 11.99 14.50 62.27
C TYR G 5 12.63 13.13 62.43
N THR G 6 12.18 12.35 63.42
CA THR G 6 12.71 11.01 63.62
C THR G 6 12.40 10.10 62.43
N ILE G 7 11.18 10.20 61.89
CA ILE G 7 10.81 9.39 60.74
C ILE G 7 11.65 9.76 59.53
N LYS G 8 11.89 11.06 59.32
CA LYS G 8 12.67 11.49 58.17
C LYS G 8 14.09 10.92 58.21
N ASP G 9 14.69 10.87 59.40
CA ASP G 9 16.00 10.23 59.60
C ASP G 9 17.03 10.75 58.60
N ALA G 10 17.11 12.06 58.46
CA ALA G 10 17.97 12.66 57.46
C ALA G 10 19.43 12.65 57.94
N GLN G 11 20.33 12.29 57.02
CA GLN G 11 21.76 12.18 57.30
C GLN G 11 22.49 13.11 56.33
N ALA G 12 22.83 14.31 56.80
CA ALA G 12 23.51 15.27 55.94
C ALA G 12 24.89 14.78 55.51
N ASP G 13 25.56 14.00 56.37
CA ASP G 13 26.90 13.52 56.05
C ASP G 13 26.91 12.53 54.88
N LEU G 14 25.76 11.94 54.55
CA LEU G 14 25.69 11.03 53.42
C LEU G 14 25.56 11.76 52.08
N ALA G 15 25.41 13.07 52.08
CA ALA G 15 25.51 13.85 50.86
C ALA G 15 26.98 14.09 50.54
N ILE G 16 27.40 13.69 49.35
CA ILE G 16 28.80 13.67 48.96
C ILE G 16 28.99 14.63 47.78
N ALA G 17 29.97 15.52 47.91
CA ALA G 17 30.23 16.52 46.88
C ALA G 17 31.53 16.18 46.15
N PRO G 18 31.51 16.00 44.84
CA PRO G 18 32.77 15.77 44.10
C PRO G 18 33.56 17.07 43.92
N LEU G 19 34.25 17.46 44.99
CA LEU G 19 34.99 18.72 44.99
C LEU G 19 36.08 18.71 43.95
N ASN G 20 36.75 17.59 43.77
CA ASN G 20 37.67 17.38 42.66
C ASN G 20 37.28 16.10 41.93
N LEU G 21 37.62 16.06 40.65
CA LEU G 21 37.21 14.97 39.78
C LEU G 21 38.29 14.74 38.74
N THR G 22 38.55 13.48 38.43
CA THR G 22 39.48 13.13 37.36
C THR G 22 38.93 11.97 36.56
N VAL G 23 39.18 12.01 35.25
CA VAL G 23 38.78 10.96 34.33
C VAL G 23 40.05 10.26 33.85
N LEU G 24 40.10 8.95 34.01
CA LEU G 24 41.23 8.17 33.54
C LEU G 24 40.78 7.20 32.47
N LEU G 25 41.53 7.15 31.37
CA LEU G 25 41.26 6.24 30.28
C LEU G 25 42.43 5.27 30.13
N ALA G 26 42.11 4.05 29.77
CA ALA G 26 43.10 3.02 29.51
C ALA G 26 42.77 2.35 28.19
N PRO G 27 43.79 1.91 27.45
CA PRO G 27 43.53 1.12 26.24
C PRO G 27 42.83 -0.18 26.59
N TYR G 28 42.06 -0.70 25.62
CA TYR G 28 41.23 -1.86 25.87
C TYR G 28 42.03 -3.09 26.29
N SER G 29 43.32 -3.14 25.97
CA SER G 29 44.17 -4.25 26.39
C SER G 29 44.51 -4.20 27.87
N THR G 30 44.25 -3.09 28.55
CA THR G 30 44.50 -3.00 29.98
C THR G 30 43.54 -3.90 30.75
N THR G 31 44.03 -4.49 31.83
CA THR G 31 43.16 -5.24 32.73
C THR G 31 42.24 -4.27 33.47
N PRO G 32 40.93 -4.46 33.40
CA PRO G 32 40.02 -3.47 34.01
C PRO G 32 40.15 -3.40 35.51
N ALA G 33 39.96 -2.20 36.04
CA ALA G 33 39.92 -2.01 37.48
C ALA G 33 38.68 -2.69 38.06
N THR G 34 38.86 -3.38 39.18
CA THR G 34 37.73 -3.93 39.92
C THR G 34 37.38 -3.10 41.14
N THR G 35 38.38 -2.45 41.74
CA THR G 35 38.17 -1.55 42.86
C THR G 35 39.33 -0.57 42.88
N LEU G 36 39.07 0.63 43.40
CA LEU G 36 40.10 1.63 43.57
C LEU G 36 40.72 1.60 44.96
N GLU G 37 40.21 0.76 45.85
CA GLU G 37 40.72 0.69 47.22
C GLU G 37 41.88 -0.29 47.28
N SER G 38 43.02 0.18 47.76
CA SER G 38 44.20 -0.66 47.86
C SER G 38 44.01 -1.74 48.93
N PRO G 39 44.33 -3.00 48.64
CA PRO G 39 44.21 -4.04 49.68
C PRO G 39 45.19 -3.86 50.83
N THR G 40 46.25 -3.06 50.66
CA THR G 40 47.24 -2.89 51.70
C THR G 40 46.74 -1.99 52.82
N ASP G 41 46.40 -0.75 52.49
CA ASP G 41 45.98 0.23 53.48
C ASP G 41 44.67 0.92 53.14
N GLY G 42 44.00 0.53 52.06
CA GLY G 42 42.76 1.16 51.67
C GLY G 42 42.89 2.48 50.94
N SER G 43 44.11 2.89 50.62
CA SER G 43 44.32 4.14 49.91
C SER G 43 43.91 3.99 48.44
N LEU G 44 43.79 5.12 47.76
CA LEU G 44 43.40 5.11 46.35
C LEU G 44 44.50 4.46 45.52
N ALA G 45 44.13 3.45 44.74
CA ALA G 45 45.08 2.68 43.94
C ALA G 45 44.55 2.55 42.52
N ILE G 46 45.19 3.24 41.58
CA ILE G 46 44.81 3.16 40.17
C ILE G 46 45.63 2.07 39.50
N PRO G 47 45.00 1.14 38.79
CA PRO G 47 45.77 0.11 38.10
C PRO G 47 46.63 0.71 37.02
N PRO G 48 47.77 0.09 36.71
CA PRO G 48 48.62 0.60 35.63
C PRO G 48 47.90 0.52 34.29
N GLY G 49 48.21 1.48 33.42
CA GLY G 49 47.59 1.61 32.13
C GLY G 49 46.54 2.69 32.06
N TYR G 50 45.95 3.06 33.19
CA TYR G 50 44.98 4.15 33.23
C TYR G 50 45.70 5.48 33.31
N LYS G 51 45.36 6.40 32.42
CA LYS G 51 45.99 7.71 32.36
C LYS G 51 44.92 8.78 32.44
N SER G 52 45.15 9.77 33.29
CA SER G 52 44.23 10.90 33.40
C SER G 52 44.22 11.72 32.13
N VAL G 53 43.05 12.29 31.81
CA VAL G 53 42.96 13.25 30.71
C VAL G 53 43.35 14.65 31.14
N GLY G 54 43.54 14.89 32.42
CA GLY G 54 43.93 16.20 32.91
C GLY G 54 42.77 17.12 33.21
N HIS G 55 43.01 18.42 33.06
CA HIS G 55 42.00 19.42 33.41
C HIS G 55 40.82 19.36 32.45
N PHE G 56 39.63 19.57 33.00
CA PHE G 56 38.44 19.74 32.17
C PHE G 56 37.64 20.93 32.69
N GLU G 57 36.73 21.42 31.85
CA GLU G 57 36.02 22.66 32.10
C GLU G 57 35.20 22.58 33.39
N LYS G 58 35.29 23.63 34.20
CA LYS G 58 34.61 23.64 35.49
C LYS G 58 33.10 23.75 35.33
N GLN G 59 32.63 24.70 34.53
CA GLN G 59 31.20 24.99 34.48
C GLN G 59 30.41 23.87 33.85
N ALA G 60 30.94 23.28 32.77
CA ALA G 60 30.27 22.12 32.17
C ALA G 60 30.23 20.96 33.14
N GLY G 61 31.31 20.76 33.90
CA GLY G 61 31.37 19.63 34.80
C GLY G 61 31.37 18.32 34.05
N LEU G 62 30.80 17.30 34.68
CA LEU G 62 30.65 15.99 34.07
C LEU G 62 29.21 15.55 34.23
N THR G 63 28.58 15.20 33.11
CA THR G 63 27.18 14.80 33.08
C THR G 63 27.10 13.30 32.79
N LEU G 64 26.41 12.57 33.66
CA LEU G 64 26.19 11.14 33.50
C LEU G 64 24.75 10.92 33.06
N GLY G 65 24.56 10.21 31.96
CA GLY G 65 23.24 9.95 31.40
C GLY G 65 22.87 8.49 31.52
N ASN G 66 21.58 8.22 31.72
CA ASN G 66 21.05 6.87 31.78
C ASN G 66 19.69 6.85 31.09
N GLU G 67 19.53 5.98 30.10
CA GLU G 67 18.22 5.79 29.49
C GLU G 67 17.90 4.31 29.47
N PHE G 68 16.62 3.99 29.63
CA PHE G 68 16.13 2.62 29.54
C PHE G 68 15.29 2.49 28.27
N ASP G 69 15.58 1.46 27.48
CA ASP G 69 14.70 1.06 26.40
C ASP G 69 13.96 -0.20 26.81
N SER G 70 12.64 -0.13 26.79
CA SER G 70 11.81 -1.22 27.26
C SER G 70 10.58 -1.35 26.40
N LYS G 71 9.98 -2.53 26.43
CA LYS G 71 8.75 -2.79 25.68
C LYS G 71 7.73 -3.40 26.64
N ASP G 72 6.49 -2.94 26.53
CA ASP G 72 5.40 -3.38 27.38
C ASP G 72 4.57 -4.43 26.66
N ILE G 73 4.28 -5.53 27.35
CA ILE G 73 3.39 -6.56 26.83
C ILE G 73 1.99 -6.25 27.33
N GLU G 74 1.08 -5.96 26.39
CA GLU G 74 -0.26 -5.51 26.71
C GLU G 74 -1.26 -6.63 26.49
N ALA G 75 -2.05 -6.93 27.50
CA ALA G 75 -3.11 -7.92 27.41
C ALA G 75 -4.46 -7.25 27.36
N TYR G 76 -5.40 -7.89 26.68
CA TYR G 76 -6.76 -7.39 26.60
C TYR G 76 -7.37 -7.21 27.99
N GLY G 77 -7.97 -6.06 28.22
CA GLY G 77 -8.63 -5.79 29.48
C GLY G 77 -7.72 -5.42 30.63
N GLU G 78 -6.42 -5.25 30.39
CA GLU G 78 -5.49 -4.84 31.43
C GLU G 78 -4.98 -3.44 31.14
N PRO G 79 -5.32 -2.44 31.95
CA PRO G 79 -4.76 -1.10 31.72
C PRO G 79 -3.25 -1.05 31.83
N GLU G 80 -2.66 -1.85 32.72
CA GLU G 80 -1.23 -1.86 32.90
C GLU G 80 -0.62 -3.08 32.23
N PRO G 81 0.64 -2.99 31.78
CA PRO G 81 1.26 -4.13 31.10
C PRO G 81 1.35 -5.34 32.02
N ILE G 82 1.11 -6.53 31.45
CA ILE G 82 1.28 -7.75 32.22
C ILE G 82 2.75 -8.11 32.36
N ARG G 83 3.61 -7.57 31.52
CA ARG G 83 5.04 -7.77 31.64
C ARG G 83 5.75 -6.64 30.90
N THR G 84 6.81 -6.11 31.50
CA THR G 84 7.67 -5.12 30.87
C THR G 84 9.02 -5.75 30.62
N ILE G 85 9.46 -5.73 29.38
CA ILE G 85 10.75 -6.29 28.99
C ILE G 85 11.72 -5.14 28.81
N ILE G 86 12.68 -5.01 29.72
CA ILE G 86 13.71 -3.98 29.62
C ILE G 86 14.88 -4.54 28.84
N ASN G 87 15.18 -3.93 27.70
CA ASN G 87 16.28 -4.41 26.87
C ASN G 87 17.63 -4.12 27.52
N LYS G 88 17.91 -2.86 27.78
CA LYS G 88 19.22 -2.48 28.32
C LYS G 88 19.12 -1.11 28.97
N ARG G 89 20.18 -0.78 29.71
CA ARG G 89 20.36 0.55 30.28
C ARG G 89 21.63 1.13 29.66
N THR G 90 21.49 2.26 28.98
CA THR G 90 22.60 2.90 28.31
C THR G 90 23.14 4.04 29.17
N THR G 91 24.39 3.96 29.57
CA THR G 91 25.05 4.99 30.35
C THR G 91 26.00 5.77 29.47
N THR G 92 25.90 7.09 29.53
CA THR G 92 26.80 7.99 28.82
C THR G 92 27.38 9.00 29.80
N PHE G 93 28.54 9.54 29.46
CA PHE G 93 29.07 10.67 30.19
C PHE G 93 29.84 11.56 29.23
N ASP G 94 29.76 12.87 29.48
CA ASP G 94 30.40 13.87 28.64
C ASP G 94 31.04 14.94 29.51
N PHE G 95 32.07 15.56 28.97
CA PHE G 95 32.89 16.53 29.68
C PHE G 95 33.75 17.26 28.65
N ALA G 96 34.29 18.40 29.05
CA ALA G 96 35.03 19.29 28.15
C ALA G 96 36.50 19.31 28.55
N MET G 97 37.33 18.56 27.83
CA MET G 97 38.75 18.45 28.15
C MET G 97 39.53 19.65 27.63
N TYR G 98 40.54 20.05 28.39
CA TYR G 98 41.39 21.20 28.08
C TYR G 98 42.71 20.82 27.45
N GLN G 99 43.33 19.73 27.87
CA GLN G 99 44.73 19.47 27.61
C GLN G 99 44.93 18.82 26.26
N ASN G 100 45.89 19.33 25.50
CA ASN G 100 46.23 18.80 24.18
C ASN G 100 47.33 17.75 24.30
N GLN G 101 46.94 16.60 24.83
CA GLN G 101 47.86 15.48 24.99
C GLN G 101 47.41 14.32 24.12
N ARG G 102 48.27 13.30 24.04
CA ARG G 102 48.07 12.24 23.05
C ARG G 102 46.80 11.45 23.30
N ASN G 103 46.50 11.09 24.55
CA ASN G 103 45.33 10.26 24.79
C ASN G 103 44.03 10.99 24.47
N VAL G 104 43.97 12.29 24.80
CA VAL G 104 42.78 13.09 24.48
C VAL G 104 42.60 13.17 22.98
N LEU G 105 43.67 13.46 22.24
CA LEU G 105 43.57 13.60 20.79
C LEU G 105 43.28 12.27 20.10
N GLU G 106 43.83 11.17 20.64
CA GLU G 106 43.51 9.85 20.14
C GLU G 106 42.03 9.53 20.32
N LEU G 107 41.47 9.89 21.48
CA LEU G 107 40.04 9.72 21.70
C LEU G 107 39.23 10.56 20.71
N ILE G 108 39.64 11.82 20.51
CA ILE G 108 38.86 12.75 19.70
C ILE G 108 38.85 12.32 18.24
N TRP G 109 39.99 11.88 17.73
CA TRP G 109 40.13 11.55 16.31
C TRP G 109 39.91 10.07 16.02
N THR G 110 39.57 9.26 17.02
CA THR G 110 39.38 7.81 16.89
C THR G 110 40.53 7.18 16.10
N GLN G 111 41.73 7.34 16.66
CA GLN G 111 42.94 6.87 16.01
C GLN G 111 43.96 6.53 17.09
N ASP G 112 44.91 5.69 16.74
CA ASP G 112 46.08 5.44 17.56
C ASP G 112 47.22 6.30 17.05
N PHE G 113 47.75 7.17 17.91
CA PHE G 113 48.83 8.08 17.53
C PHE G 113 50.14 7.71 18.20
N SER G 114 50.28 6.48 18.67
CA SER G 114 51.50 6.06 19.35
C SER G 114 52.70 6.01 18.40
N ASN G 115 52.47 5.86 17.11
CA ASN G 115 53.55 5.83 16.13
C ASN G 115 53.89 7.21 15.58
N ILE G 116 53.18 8.25 16.01
CA ILE G 116 53.47 9.61 15.53
C ILE G 116 54.80 10.07 16.12
N GLN G 117 55.74 10.37 15.24
CA GLN G 117 57.03 10.87 15.69
C GLN G 117 57.08 12.37 15.53
N PRO G 118 57.46 13.11 16.57
CA PRO G 118 57.63 14.56 16.43
C PRO G 118 58.68 14.87 15.38
N SER G 119 58.46 15.98 14.67
CA SER G 119 59.37 16.36 13.59
C SER G 119 60.70 16.81 14.18
N GLU G 120 61.60 17.25 13.29
CA GLU G 120 62.96 17.59 13.70
C GLU G 120 62.97 18.80 14.63
N PHE G 121 61.92 19.62 14.61
CA PHE G 121 61.76 20.71 15.55
C PHE G 121 60.63 20.48 16.55
N GLY G 122 60.12 19.25 16.65
CA GLY G 122 59.11 18.92 17.61
C GLY G 122 57.67 19.00 17.12
N GLY G 123 57.44 19.47 15.89
CA GLY G 123 56.09 19.57 15.38
C GLY G 123 55.49 18.21 15.09
N ILE G 124 54.17 18.12 15.26
CA ILE G 124 53.44 16.90 14.96
C ILE G 124 52.23 17.25 14.10
N VAL G 125 51.86 16.31 13.23
CA VAL G 125 50.65 16.40 12.44
C VAL G 125 49.83 15.13 12.65
N LEU G 126 48.58 15.28 13.04
CA LEU G 126 47.70 14.15 13.33
C LEU G 126 46.60 14.11 12.27
N GLU G 127 46.68 13.15 11.37
CA GLU G 127 45.70 13.00 10.30
C GLU G 127 44.51 12.19 10.81
N ALA G 128 43.31 12.66 10.50
CA ALA G 128 42.12 11.86 10.75
C ALA G 128 42.12 10.63 9.85
N PRO G 129 41.76 9.47 10.37
CA PRO G 129 41.76 8.26 9.55
C PRO G 129 40.71 8.33 8.45
N LYS G 130 40.98 7.60 7.35
CA LYS G 130 40.02 7.40 6.28
C LYS G 130 38.62 7.15 6.80
N VAL G 131 38.45 6.09 7.58
CA VAL G 131 37.18 5.78 8.20
C VAL G 131 37.38 5.93 9.70
N PRO G 132 36.44 6.55 10.42
CA PRO G 132 36.53 6.54 11.88
C PRO G 132 36.54 5.12 12.40
N LYS G 133 37.39 4.88 13.39
CA LYS G 133 37.58 3.54 13.93
C LYS G 133 36.71 3.36 15.18
N ASN G 134 36.28 2.11 15.40
CA ASN G 134 35.60 1.73 16.63
C ASN G 134 36.68 1.36 17.64
N ILE G 135 36.97 2.26 18.57
CA ILE G 135 38.01 2.06 19.57
C ILE G 135 37.36 2.08 20.94
N TYR G 136 37.65 1.06 21.73
CA TYR G 136 37.11 0.95 23.07
C TYR G 136 38.17 1.28 24.10
N TYR G 137 37.75 1.91 25.18
CA TYR G 137 38.63 2.27 26.28
C TYR G 137 38.03 1.78 27.59
N ARG G 138 38.89 1.61 28.58
CA ARG G 138 38.48 1.42 29.95
C ARG G 138 38.54 2.77 30.67
N ALA G 139 37.48 3.10 31.39
CA ALA G 139 37.33 4.41 31.98
C ALA G 139 37.14 4.31 33.48
N ILE G 140 37.79 5.22 34.21
CA ILE G 140 37.54 5.43 35.63
C ILE G 140 37.19 6.90 35.83
N LEU G 141 36.05 7.16 36.43
CA LEU G 141 35.67 8.50 36.87
C LEU G 141 35.70 8.48 38.39
N VAL G 142 36.73 9.06 38.99
CA VAL G 142 36.89 9.08 40.43
C VAL G 142 36.88 10.52 40.92
N GLY G 143 36.04 10.79 41.92
CA GLY G 143 35.95 12.09 42.54
C GLY G 143 36.32 12.04 44.00
N MET G 144 36.64 13.18 44.58
CA MET G 144 37.06 13.25 45.97
C MET G 144 36.22 14.28 46.72
N ASP G 145 35.74 13.89 47.88
CA ASP G 145 35.11 14.80 48.84
C ASP G 145 36.03 14.85 50.06
N ASP G 146 36.93 15.82 50.07
CA ASP G 146 37.91 15.96 51.16
C ASP G 146 37.27 16.80 52.26
N ARG G 147 36.75 16.12 53.28
CA ARG G 147 36.07 16.77 54.39
C ARG G 147 36.71 16.35 55.70
N ASN G 148 37.07 17.35 56.52
CA ASN G 148 37.65 17.11 57.85
C ASN G 148 38.89 16.22 57.78
N ASP G 149 39.67 16.38 56.71
CA ASP G 149 40.89 15.64 56.43
C ASP G 149 40.67 14.16 56.20
N ARG G 150 39.42 13.67 56.24
CA ARG G 150 39.12 12.27 55.95
C ARG G 150 38.40 12.19 54.62
N PRO G 151 39.11 11.99 53.51
CA PRO G 151 38.48 12.07 52.20
C PRO G 151 37.53 10.90 51.93
N ILE G 152 36.56 11.16 51.06
CA ILE G 152 35.70 10.14 50.49
C ILE G 152 35.99 10.09 48.99
N TRP G 153 36.32 8.90 48.50
CA TRP G 153 36.49 8.69 47.07
C TRP G 153 35.26 7.98 46.54
N LEU G 154 34.53 8.63 45.65
CA LEU G 154 33.40 8.02 44.98
C LEU G 154 33.72 7.96 43.50
N TYR G 155 33.49 6.81 42.90
CA TYR G 155 33.99 6.58 41.56
C TYR G 155 33.02 5.72 40.75
N TRP G 156 33.20 5.77 39.44
CA TRP G 156 32.47 4.95 38.50
C TRP G 156 33.47 4.18 37.66
N LEU G 157 33.25 2.88 37.52
CA LEU G 157 34.07 2.03 36.68
C LEU G 157 33.29 1.68 35.42
N MET G 158 33.87 2.02 34.27
CA MET G 158 33.27 1.71 32.98
C MET G 158 34.31 0.99 32.14
N PRO G 159 34.31 -0.34 32.17
CA PRO G 159 35.39 -1.10 31.52
C PRO G 159 35.42 -1.00 30.01
N LYS G 160 34.32 -0.60 29.36
CA LYS G 160 34.26 -0.60 27.89
C LYS G 160 33.49 0.63 27.42
N VAL G 161 34.20 1.70 27.12
CA VAL G 161 33.59 2.93 26.65
C VAL G 161 34.09 3.22 25.24
N LYS G 162 33.23 3.88 24.46
CA LYS G 162 33.54 4.26 23.10
C LYS G 162 33.06 5.68 22.86
N LEU G 163 33.77 6.40 22.00
CA LEU G 163 33.35 7.74 21.61
C LEU G 163 32.02 7.64 20.87
N ASP G 164 31.03 8.38 21.36
CA ASP G 164 29.68 8.35 20.82
C ASP G 164 29.31 9.62 20.09
N LYS G 165 29.80 10.77 20.54
CA LYS G 165 29.41 12.06 19.98
C LYS G 165 30.50 13.06 20.28
N LEU G 166 30.57 14.10 19.46
CA LEU G 166 31.54 15.18 19.64
C LEU G 166 30.85 16.50 19.46
N ASP G 167 30.87 17.34 20.49
CA ASP G 167 30.23 18.64 20.42
C ASP G 167 31.02 19.58 19.52
N ASN G 168 30.32 20.62 19.05
CA ASN G 168 30.96 21.63 18.22
C ASN G 168 32.09 22.31 18.97
N GLN G 169 33.22 22.46 18.31
CA GLN G 169 34.41 23.07 18.90
C GLN G 169 34.49 24.51 18.41
N THR G 170 34.40 25.45 19.34
CA THR G 170 34.44 26.87 19.03
C THR G 170 35.79 27.45 19.42
N LEU G 171 36.43 28.14 18.48
CA LEU G 171 37.68 28.84 18.74
C LEU G 171 37.38 30.30 19.01
N ASN G 172 37.72 30.77 20.20
CA ASN G 172 37.57 32.16 20.58
C ASN G 172 38.92 32.69 21.04
N ASP G 173 39.16 33.97 20.79
CA ASP G 173 40.47 34.55 21.09
C ASP G 173 40.68 34.79 22.57
N ASP G 174 39.67 34.57 23.41
CA ASP G 174 39.80 34.73 24.86
C ASP G 174 39.55 33.43 25.61
N ASN G 175 39.67 32.29 24.94
CA ASN G 175 39.42 31.00 25.56
C ASN G 175 40.39 29.97 25.02
N VAL G 176 40.60 28.91 25.80
CA VAL G 176 41.39 27.79 25.32
C VAL G 176 40.50 26.86 24.52
N ILE G 177 41.11 26.04 23.69
CA ILE G 177 40.36 25.08 22.90
C ILE G 177 39.89 23.95 23.81
N GLU G 178 38.63 23.55 23.63
CA GLU G 178 38.02 22.50 24.43
C GLU G 178 37.60 21.35 23.52
N TYR G 179 37.78 20.13 24.01
CA TYR G 179 37.27 18.93 23.36
C TYR G 179 36.15 18.38 24.22
N LYS G 180 34.97 18.18 23.63
CA LYS G 180 33.76 17.83 24.36
C LYS G 180 33.21 16.52 23.81
N PRO G 181 33.80 15.39 24.17
CA PRO G 181 33.25 14.11 23.73
C PRO G 181 32.12 13.64 24.63
N THR G 182 31.25 12.83 24.06
CA THR G 182 30.30 12.03 24.81
C THR G 182 30.71 10.58 24.66
N LEU G 183 30.96 9.91 25.78
CA LEU G 183 31.36 8.52 25.79
C LEU G 183 30.19 7.65 26.22
N LYS G 184 30.04 6.51 25.55
CA LYS G 184 28.99 5.55 25.84
C LYS G 184 29.59 4.30 26.43
N ALA G 185 29.02 3.84 27.54
CA ALA G 185 29.49 2.63 28.21
C ALA G 185 28.87 1.40 27.57
N PHE G 186 29.68 0.36 27.41
CA PHE G 186 29.23 -0.91 26.89
C PHE G 186 29.56 -1.99 27.90
N ARG G 187 28.80 -3.09 27.84
CA ARG G 187 29.03 -4.18 28.77
C ARG G 187 30.30 -4.93 28.37
N ASP G 188 31.20 -5.11 29.35
CA ASP G 188 32.39 -5.92 29.16
C ASP G 188 32.10 -7.33 29.66
N ASP G 189 32.24 -8.31 28.77
CA ASP G 189 31.85 -9.68 29.11
C ASP G 189 32.69 -10.25 30.24
N VAL G 190 34.00 -9.98 30.23
CA VAL G 190 34.88 -10.59 31.22
C VAL G 190 34.54 -10.12 32.63
N VAL G 191 34.37 -8.81 32.83
CA VAL G 191 34.02 -8.31 34.14
C VAL G 191 32.52 -8.38 34.42
N GLY G 192 31.70 -8.50 33.37
CA GLY G 192 30.28 -8.75 33.57
C GLY G 192 29.44 -7.56 33.95
N TYR G 193 29.84 -6.35 33.56
CA TYR G 193 29.01 -5.17 33.77
C TYR G 193 29.48 -4.06 32.83
N SER G 194 28.64 -3.04 32.69
CA SER G 194 29.01 -1.85 31.96
C SER G 194 29.38 -0.68 32.86
N VAL G 195 28.70 -0.51 33.99
CA VAL G 195 29.00 0.56 34.93
C VAL G 195 28.95 -0.01 36.35
N ALA G 196 29.91 0.41 37.17
CA ALA G 196 29.89 0.14 38.60
C ALA G 196 30.18 1.44 39.34
N GLN G 197 29.47 1.65 40.45
CA GLN G 197 29.67 2.80 41.31
C GLN G 197 30.36 2.35 42.59
N GLY G 198 31.40 3.07 42.99
CA GLY G 198 32.19 2.70 44.13
C GLY G 198 32.33 3.82 45.14
N PHE G 199 32.53 3.44 46.39
CA PHE G 199 32.82 4.36 47.48
C PHE G 199 33.98 3.81 48.28
N ALA G 200 34.91 4.69 48.66
CA ALA G 200 36.09 4.27 49.40
C ALA G 200 36.64 5.46 50.17
N GLY G 201 37.63 5.20 51.01
CA GLY G 201 38.26 6.23 51.80
C GLY G 201 37.87 6.17 53.27
N PRO G 202 38.71 6.73 54.13
CA PRO G 202 38.37 6.75 55.56
C PRO G 202 37.09 7.50 55.87
N GLY G 203 36.83 8.59 55.15
CA GLY G 203 35.57 9.30 55.30
C GLY G 203 34.38 8.42 54.97
N TRP G 204 34.53 7.56 53.96
CA TRP G 204 33.47 6.59 53.67
C TRP G 204 33.37 5.55 54.77
N ARG G 205 34.52 5.07 55.26
CA ARG G 205 34.52 4.08 56.34
C ARG G 205 33.76 4.59 57.56
N ASP G 206 33.80 5.90 57.82
CA ASP G 206 32.99 6.46 58.89
C ASP G 206 31.50 6.32 58.60
N LEU G 207 31.10 6.15 57.34
CA LEU G 207 29.70 6.23 56.97
C LEU G 207 29.10 4.92 56.46
N VAL G 208 29.89 3.85 56.32
CA VAL G 208 29.40 2.65 55.65
C VAL G 208 28.20 2.07 56.39
N ALA G 209 28.30 1.97 57.71
CA ALA G 209 27.18 1.43 58.50
C ALA G 209 25.96 2.34 58.42
N THR G 210 26.16 3.65 58.48
CA THR G 210 25.05 4.59 58.35
C THR G 210 24.39 4.48 56.98
N ALA G 211 25.17 4.25 55.92
CA ALA G 211 24.64 4.14 54.58
C ALA G 211 23.85 2.86 54.35
N GLY G 212 23.88 1.92 55.30
CA GLY G 212 23.11 0.70 55.18
C GLY G 212 23.80 -0.45 54.51
N PHE G 213 25.12 -0.41 54.36
CA PHE G 213 25.88 -1.50 53.78
C PHE G 213 26.58 -2.24 54.91
N GLY G 214 26.34 -3.54 55.00
CA GLY G 214 26.84 -4.31 56.13
C GLY G 214 26.12 -3.94 57.42
N GLU G 215 26.74 -4.32 58.52
CA GLU G 215 26.20 -4.04 59.86
C GLU G 215 27.06 -2.99 60.56
N ALA G 216 26.52 -2.47 61.65
CA ALA G 216 27.20 -1.41 62.39
C ALA G 216 28.33 -1.97 63.24
N LEU G 217 29.24 -1.09 63.63
CA LEU G 217 30.37 -1.45 64.48
C LEU G 217 29.97 -1.30 65.94
N THR G 218 30.03 -2.40 66.69
CA THR G 218 29.68 -2.39 68.11
C THR G 218 30.80 -2.88 69.00
N ALA G 219 31.73 -3.67 68.48
CA ALA G 219 32.83 -4.21 69.29
C ALA G 219 34.12 -4.13 68.50
N LEU G 220 35.20 -3.79 69.19
CA LEU G 220 36.53 -3.72 68.61
C LEU G 220 37.34 -4.91 69.10
N THR G 221 38.01 -5.59 68.16
CA THR G 221 38.79 -6.78 68.47
C THR G 221 40.22 -6.62 67.98
N ILE G 222 41.18 -6.91 68.84
CA ILE G 222 42.59 -6.87 68.49
C ILE G 222 43.06 -8.30 68.23
N THR G 223 43.29 -8.62 66.96
CA THR G 223 43.63 -10.00 66.60
C THR G 223 44.91 -10.50 67.26
N PRO G 224 46.00 -9.72 67.36
CA PRO G 224 47.11 -10.20 68.23
C PRO G 224 46.80 -9.93 69.69
N GLY G 225 45.99 -10.81 70.28
CA GLY G 225 45.58 -10.60 71.66
C GLY G 225 46.73 -10.69 72.65
N SER G 226 47.59 -11.70 72.47
CA SER G 226 48.75 -11.90 73.35
C SER G 226 49.99 -12.11 72.49
N PRO G 227 50.52 -11.04 71.91
CA PRO G 227 51.75 -11.17 71.12
C PRO G 227 52.99 -11.13 72.00
N THR G 228 54.11 -11.56 71.41
CA THR G 228 55.39 -11.58 72.09
C THR G 228 56.43 -10.94 71.18
N VAL G 229 57.19 -9.99 71.73
CA VAL G 229 58.20 -9.26 70.99
C VAL G 229 59.55 -9.45 71.68
N THR G 230 60.58 -9.72 70.89
CA THR G 230 61.92 -9.90 71.41
C THR G 230 62.59 -8.56 71.65
N VAL G 231 63.33 -8.46 72.76
CA VAL G 231 64.08 -7.24 73.06
C VAL G 231 65.16 -7.01 72.02
N ALA G 232 65.88 -8.07 71.64
CA ALA G 232 66.96 -7.95 70.68
C ALA G 232 66.41 -7.65 69.28
N THR G 233 67.24 -7.03 68.46
CA THR G 233 66.86 -6.66 67.11
C THR G 233 66.76 -7.88 66.21
N GLY G 234 65.68 -7.94 65.43
CA GLY G 234 65.48 -9.05 64.54
C GLY G 234 64.14 -8.94 63.84
N ALA G 235 63.82 -10.00 63.09
CA ALA G 235 62.54 -10.05 62.37
C ALA G 235 61.36 -10.08 63.33
N SER G 236 61.46 -10.90 64.39
CA SER G 236 60.40 -11.01 65.39
C SER G 236 60.55 -10.01 66.52
N HIS G 237 61.41 -9.00 66.34
CA HIS G 237 61.58 -7.97 67.37
C HIS G 237 60.35 -7.07 67.48
N THR G 238 59.66 -6.82 66.36
CA THR G 238 58.51 -5.94 66.34
C THR G 238 57.28 -6.70 65.86
N ALA G 239 56.11 -6.21 66.25
CA ALA G 239 54.83 -6.80 65.88
C ALA G 239 53.88 -5.71 65.45
N GLN G 240 53.17 -5.95 64.35
CA GLN G 240 52.16 -5.01 63.85
C GLN G 240 50.78 -5.51 64.27
N LEU G 241 50.02 -4.65 64.94
CA LEU G 241 48.69 -5.02 65.42
C LEU G 241 47.64 -4.81 64.33
N LEU G 242 46.47 -5.39 64.56
CA LEU G 242 45.35 -5.27 63.63
C LEU G 242 44.05 -5.22 64.41
N VAL G 243 43.31 -4.13 64.25
CA VAL G 243 42.07 -3.91 64.98
C VAL G 243 40.90 -4.03 64.01
N GLU G 244 39.95 -4.89 64.34
CA GLU G 244 38.77 -5.13 63.50
C GLU G 244 37.51 -4.84 64.29
N GLY G 245 36.38 -5.10 63.64
CA GLY G 245 35.08 -4.92 64.24
C GLY G 245 34.17 -6.11 64.00
N ASP G 246 32.95 -6.00 64.53
CA ASP G 246 31.97 -7.07 64.34
C ASP G 246 31.51 -7.13 62.89
N ASN G 247 31.57 -6.01 62.17
CA ASN G 247 31.19 -5.99 60.76
C ASN G 247 32.32 -6.39 59.83
N GLY G 248 33.49 -6.73 60.35
CA GLY G 248 34.60 -7.16 59.53
C GLY G 248 35.41 -6.05 58.90
N ILE G 249 35.24 -4.81 59.34
CA ILE G 249 35.95 -3.66 58.77
C ILE G 249 37.16 -3.38 59.63
N ASN G 250 38.32 -3.26 58.99
CA ASN G 250 39.55 -2.89 59.67
C ASN G 250 39.47 -1.44 60.12
N TYR G 251 39.51 -1.23 61.44
CA TYR G 251 39.47 0.11 62.02
C TYR G 251 40.80 0.55 62.60
N THR G 252 41.89 -0.13 62.24
CA THR G 252 43.20 0.24 62.74
C THR G 252 43.58 1.70 62.50
N PRO G 253 43.38 2.29 61.31
CA PRO G 253 43.71 3.72 61.17
C PRO G 253 42.85 4.64 62.02
N ASP G 254 41.70 4.16 62.49
CA ASP G 254 40.71 5.01 63.14
C ASP G 254 40.76 4.93 64.67
N VAL G 255 41.72 4.22 65.24
CA VAL G 255 41.77 4.00 66.68
C VAL G 255 43.00 4.71 67.25
N VAL G 256 42.94 4.96 68.56
CA VAL G 256 44.03 5.58 69.32
C VAL G 256 44.72 4.49 70.12
N PHE G 257 46.03 4.33 69.90
CA PHE G 257 46.81 3.34 70.60
C PHE G 257 47.44 3.95 71.84
N THR G 258 47.17 3.36 73.00
CA THR G 258 47.75 3.77 74.27
C THR G 258 48.41 2.57 74.92
N SER G 259 49.61 2.77 75.44
CA SER G 259 50.33 1.69 76.12
C SER G 259 50.27 1.88 77.63
N SER G 260 50.40 0.76 78.34
CA SER G 260 50.42 0.77 79.80
C SER G 260 51.77 1.26 80.32
N ALA G 261 52.85 0.59 79.93
CA ALA G 261 54.21 1.00 80.26
C ALA G 261 54.96 1.30 78.95
N PRO G 262 55.12 2.56 78.58
CA PRO G 262 55.82 2.87 77.32
C PRO G 262 57.24 2.34 77.27
N ASP G 263 57.95 2.33 78.41
CA ASP G 263 59.33 1.84 78.40
C ASP G 263 59.41 0.37 78.07
N LYS G 264 58.49 -0.44 78.60
CA LYS G 264 58.53 -1.88 78.36
C LYS G 264 58.25 -2.20 76.89
N ALA G 265 57.18 -1.64 76.35
CA ALA G 265 56.81 -1.88 74.95
C ALA G 265 56.34 -0.57 74.35
N SER G 266 56.97 -0.17 73.25
CA SER G 266 56.63 1.08 72.58
C SER G 266 55.70 0.81 71.42
N VAL G 267 54.59 1.54 71.37
CA VAL G 267 53.60 1.42 70.30
C VAL G 267 53.45 2.79 69.65
N SER G 268 53.34 2.79 68.32
CA SER G 268 53.20 4.04 67.57
C SER G 268 51.71 4.34 67.40
N ALA G 269 51.40 5.41 66.65
CA ALA G 269 50.02 5.70 66.32
C ALA G 269 49.42 4.62 65.43
N ALA G 270 50.21 4.12 64.47
CA ALA G 270 49.73 3.07 63.58
C ALA G 270 49.38 1.80 64.34
N GLY G 271 50.17 1.46 65.35
CA GLY G 271 49.90 0.28 66.15
C GLY G 271 50.97 -0.77 66.08
N LEU G 272 52.20 -0.36 65.77
CA LEU G 272 53.34 -1.27 65.72
C LEU G 272 53.97 -1.37 67.10
N VAL G 273 53.99 -2.57 67.65
CA VAL G 273 54.49 -2.82 69.00
C VAL G 273 55.96 -3.22 68.91
N THR G 274 56.82 -2.44 69.55
CA THR G 274 58.25 -2.73 69.63
C THR G 274 58.63 -2.85 71.10
N GLY G 275 59.24 -3.98 71.46
CA GLY G 275 59.61 -4.22 72.84
C GLY G 275 60.98 -3.68 73.21
N VAL G 276 61.02 -2.53 73.87
CA VAL G 276 62.30 -1.94 74.28
C VAL G 276 62.95 -2.77 75.38
N ALA G 277 62.19 -3.12 76.41
CA ALA G 277 62.71 -3.85 77.55
C ALA G 277 61.75 -4.97 77.92
N ALA G 278 62.29 -6.00 78.56
CA ALA G 278 61.47 -7.13 78.97
C ALA G 278 60.48 -6.70 80.05
N GLY G 279 59.35 -7.39 80.09
CA GLY G 279 58.30 -7.10 81.04
C GLY G 279 56.95 -7.44 80.44
N SER G 280 55.91 -6.83 81.00
CA SER G 280 54.55 -7.01 80.53
C SER G 280 53.90 -5.64 80.34
N ALA G 281 53.33 -5.42 79.16
CA ALA G 281 52.69 -4.16 78.83
C ALA G 281 51.32 -4.42 78.24
N THR G 282 50.38 -3.53 78.54
CA THR G 282 49.02 -3.59 78.02
C THR G 282 48.86 -2.51 76.96
N ILE G 283 48.36 -2.91 75.79
CA ILE G 283 48.16 -2.01 74.67
C ILE G 283 46.65 -1.87 74.45
N THR G 284 46.16 -0.64 74.54
CA THR G 284 44.73 -0.36 74.46
C THR G 284 44.45 0.47 73.20
N ALA G 285 43.52 0.00 72.38
CA ALA G 285 43.09 0.72 71.19
C ALA G 285 41.71 1.32 71.45
N THR G 286 41.61 2.65 71.35
CA THR G 286 40.39 3.37 71.67
C THR G 286 39.86 4.06 70.43
N LYS G 287 38.57 3.86 70.16
CA LYS G 287 37.86 4.56 69.09
C LYS G 287 36.49 4.92 69.61
N GLY G 288 36.25 6.20 69.85
CA GLY G 288 35.00 6.62 70.47
C GLY G 288 34.86 6.00 71.85
N ALA G 289 33.71 5.38 72.10
CA ALA G 289 33.45 4.71 73.36
C ALA G 289 33.80 3.23 73.33
N LEU G 290 34.25 2.71 72.19
CA LEU G 290 34.61 1.31 72.06
C LEU G 290 36.09 1.12 72.36
N THR G 291 36.43 -0.05 72.90
CA THR G 291 37.79 -0.30 73.38
C THR G 291 38.17 -1.75 73.11
N ALA G 292 39.40 -1.94 72.63
CA ALA G 292 40.01 -3.26 72.48
C ALA G 292 41.36 -3.23 73.16
N THR G 293 41.59 -4.18 74.08
CA THR G 293 42.79 -4.22 74.89
C THR G 293 43.55 -5.52 74.65
N ALA G 294 44.87 -5.40 74.48
CA ALA G 294 45.75 -6.54 74.32
C ALA G 294 46.95 -6.41 75.25
N THR G 295 47.46 -7.55 75.68
CA THR G 295 48.60 -7.61 76.61
C THR G 295 49.78 -8.28 75.92
N VAL G 296 50.95 -7.65 76.00
CA VAL G 296 52.13 -8.07 75.27
C VAL G 296 53.22 -8.44 76.28
N THR G 297 53.82 -9.61 76.09
CA THR G 297 54.92 -10.08 76.93
C THR G 297 56.22 -9.91 76.16
N VAL G 298 57.19 -9.24 76.78
CA VAL G 298 58.47 -8.93 76.14
C VAL G 298 59.56 -9.77 76.80
N THR G 299 60.37 -10.43 75.98
CA THR G 299 61.47 -11.26 76.45
C THR G 299 62.79 -10.73 75.90
N ALA G 300 63.85 -10.87 76.68
CA ALA G 300 65.18 -10.44 76.26
C ALA G 300 66.10 -11.62 76.03
N THR H 2 49.94 7.53 46.76
CA THR H 2 49.55 8.41 45.66
C THR H 2 48.23 9.12 45.96
N ASP H 3 48.32 10.43 46.21
CA ASP H 3 47.13 11.21 46.51
C ASP H 3 46.37 11.55 45.23
N PHE H 4 45.22 12.20 45.41
CA PHE H 4 44.34 12.51 44.28
C PHE H 4 45.03 13.43 43.29
N TYR H 5 45.77 14.43 43.79
CA TYR H 5 46.42 15.39 42.91
C TYR H 5 47.44 14.72 42.00
N THR H 6 48.21 13.76 42.53
CA THR H 6 49.19 13.06 41.71
C THR H 6 48.50 12.22 40.63
N ILE H 7 47.39 11.57 40.97
CA ILE H 7 46.66 10.77 39.99
C ILE H 7 46.09 11.66 38.90
N LYS H 8 45.55 12.83 39.27
CA LYS H 8 44.97 13.73 38.28
C LYS H 8 46.01 14.18 37.26
N ASP H 9 47.23 14.45 37.70
CA ASP H 9 48.36 14.73 36.81
C ASP H 9 48.03 15.85 35.82
N ALA H 10 47.43 16.92 36.33
CA ALA H 10 46.95 17.98 35.47
C ALA H 10 48.09 18.87 35.00
N GLN H 11 48.05 19.25 33.73
CA GLN H 11 49.07 20.07 33.09
C GLN H 11 48.40 21.30 32.48
N ALA H 12 48.46 22.43 33.20
CA ALA H 12 47.82 23.64 32.72
C ALA H 12 48.46 24.14 31.42
N ASP H 13 49.77 23.95 31.27
CA ASP H 13 50.46 24.43 30.07
C ASP H 13 50.00 23.73 28.81
N LEU H 14 49.36 22.57 28.92
CA LEU H 14 48.86 21.87 27.74
C LEU H 14 47.53 22.42 27.26
N ALA H 15 46.91 23.34 27.99
CA ALA H 15 45.76 24.07 27.49
C ALA H 15 46.23 25.22 26.61
N ILE H 16 45.75 25.24 25.38
CA ILE H 16 46.24 26.14 24.34
C ILE H 16 45.11 27.07 23.91
N ALA H 17 45.37 28.36 23.91
CA ALA H 17 44.37 29.37 23.55
C ALA H 17 44.68 29.96 22.18
N PRO H 18 43.79 29.87 21.21
CA PRO H 18 44.03 30.53 19.91
C PRO H 18 43.81 32.04 20.00
N LEU H 19 44.81 32.72 20.56
CA LEU H 19 44.71 34.16 20.79
C LEU H 19 44.56 34.92 19.47
N ASN H 20 45.25 34.48 18.44
CA ASN H 20 45.03 34.95 17.09
C ASN H 20 44.79 33.76 16.17
N LEU H 21 44.09 34.02 15.07
CA LEU H 21 43.66 32.96 14.17
C LEU H 21 43.57 33.53 12.76
N THR H 22 43.99 32.74 11.78
CA THR H 22 43.86 33.12 10.39
C THR H 22 43.41 31.92 9.57
N VAL H 23 42.57 32.19 8.58
CA VAL H 23 42.08 31.19 7.64
C VAL H 23 42.70 31.48 6.29
N LEU H 24 43.38 30.48 5.71
CA LEU H 24 43.99 30.62 4.40
C LEU H 24 43.33 29.65 3.44
N LEU H 25 42.97 30.14 2.27
CA LEU H 25 42.38 29.33 1.21
C LEU H 25 43.30 29.34 0.01
N ALA H 26 43.36 28.20 -0.67
CA ALA H 26 44.12 28.05 -1.89
C ALA H 26 43.24 27.40 -2.95
N PRO H 27 43.45 27.74 -4.21
CA PRO H 27 42.73 27.03 -5.28
C PRO H 27 43.11 25.56 -5.30
N TYR H 28 42.19 24.73 -5.79
CA TYR H 28 42.38 23.29 -5.73
C TYR H 28 43.61 22.82 -6.50
N SER H 29 44.11 23.63 -7.45
CA SER H 29 45.31 23.27 -8.17
C SER H 29 46.59 23.46 -7.34
N THR H 30 46.50 24.11 -6.19
CA THR H 30 47.66 24.26 -5.31
C THR H 30 48.05 22.92 -4.72
N THR H 31 49.35 22.72 -4.55
CA THR H 31 49.83 21.54 -3.83
C THR H 31 49.48 21.67 -2.36
N PRO H 32 48.79 20.69 -1.78
CA PRO H 32 48.33 20.83 -0.39
C PRO H 32 49.48 20.90 0.59
N ALA H 33 49.26 21.67 1.66
CA ALA H 33 50.21 21.71 2.76
C ALA H 33 50.22 20.38 3.49
N THR H 34 51.42 19.88 3.80
CA THR H 34 51.57 18.71 4.64
C THR H 34 51.96 19.05 6.06
N THR H 35 52.67 20.16 6.26
CA THR H 35 53.03 20.65 7.57
C THR H 35 53.27 22.16 7.45
N LEU H 36 53.05 22.87 8.54
CA LEU H 36 53.33 24.29 8.59
C LEU H 36 54.70 24.60 9.18
N GLU H 37 55.43 23.59 9.64
CA GLU H 37 56.74 23.79 10.25
C GLU H 37 57.81 23.78 9.17
N SER H 38 58.60 24.84 9.11
CA SER H 38 59.66 24.93 8.12
C SER H 38 60.76 23.91 8.42
N PRO H 39 61.23 23.15 7.43
CA PRO H 39 62.35 22.23 7.68
C PRO H 39 63.66 22.92 8.03
N THR H 40 63.79 24.22 7.73
CA THR H 40 65.04 24.92 7.97
C THR H 40 65.23 25.24 9.45
N ASP H 41 64.31 26.03 10.01
CA ASP H 41 64.41 26.45 11.40
C ASP H 41 63.17 26.18 12.22
N GLY H 42 62.17 25.49 11.67
CA GLY H 42 60.95 25.21 12.39
C GLY H 42 59.96 26.35 12.46
N SER H 43 60.21 27.46 11.78
CA SER H 43 59.30 28.58 11.81
C SER H 43 58.06 28.29 10.96
N LEU H 44 57.04 29.11 11.14
CA LEU H 44 55.79 28.94 10.40
C LEU H 44 56.02 29.19 8.92
N ALA H 45 55.64 28.22 8.09
CA ALA H 45 55.90 28.27 6.65
C ALA H 45 54.62 27.91 5.91
N ILE H 46 54.00 28.90 5.27
CA ILE H 46 52.79 28.69 4.49
C ILE H 46 53.18 28.39 3.04
N PRO H 47 52.68 27.30 2.46
CA PRO H 47 53.03 27.01 1.07
C PRO H 47 52.48 28.07 0.14
N PRO H 48 53.14 28.28 -0.99
CA PRO H 48 52.64 29.26 -1.96
C PRO H 48 51.27 28.86 -2.50
N GLY H 49 50.46 29.86 -2.78
CA GLY H 49 49.10 29.68 -3.26
C GLY H 49 48.04 29.82 -2.20
N TYR H 50 48.39 29.67 -0.92
CA TYR H 50 47.44 29.90 0.16
C TYR H 50 47.37 31.38 0.48
N LYS H 51 46.16 31.91 0.51
CA LYS H 51 45.94 33.33 0.79
C LYS H 51 44.98 33.47 1.95
N SER H 52 45.32 34.36 2.89
CA SER H 52 44.45 34.63 4.02
C SER H 52 43.17 35.34 3.57
N VAL H 53 42.07 35.04 4.27
CA VAL H 53 40.84 35.79 4.05
C VAL H 53 40.80 37.10 4.82
N GLY H 54 41.75 37.31 5.72
CA GLY H 54 41.80 38.55 6.48
C GLY H 54 41.01 38.52 7.76
N HIS H 55 40.52 39.68 8.18
CA HIS H 55 39.82 39.80 9.45
C HIS H 55 38.48 39.06 9.42
N PHE H 56 38.15 38.41 10.52
CA PHE H 56 36.83 37.83 10.69
C PHE H 56 36.29 38.21 12.06
N GLU H 57 34.99 37.98 12.25
CA GLU H 57 34.27 38.48 13.41
C GLU H 57 34.80 37.88 14.70
N LYS H 58 34.98 38.73 15.72
CA LYS H 58 35.54 38.28 16.98
C LYS H 58 34.57 37.41 17.76
N GLN H 59 33.32 37.86 17.91
CA GLN H 59 32.37 37.19 18.80
C GLN H 59 31.96 35.83 18.25
N ALA H 60 31.68 35.75 16.95
CA ALA H 60 31.36 34.46 16.35
C ALA H 60 32.54 33.49 16.46
N GLY H 61 33.76 34.00 16.30
CA GLY H 61 34.91 33.13 16.30
C GLY H 61 34.87 32.17 15.13
N LEU H 62 35.43 30.99 15.36
CA LEU H 62 35.41 29.92 14.37
C LEU H 62 34.93 28.65 15.04
N THR H 63 33.90 28.03 14.47
CA THR H 63 33.29 26.83 15.01
C THR H 63 33.63 25.64 14.13
N LEU H 64 34.17 24.60 14.73
CA LEU H 64 34.50 23.36 14.02
C LEU H 64 33.47 22.30 14.38
N GLY H 65 32.84 21.71 13.37
CA GLY H 65 31.82 20.70 13.58
C GLY H 65 32.29 19.33 13.15
N ASN H 66 31.83 18.30 13.85
CA ASN H 66 32.11 16.91 13.51
C ASN H 66 30.88 16.07 13.78
N GLU H 67 30.40 15.35 12.76
CA GLU H 67 29.31 14.41 12.96
C GLU H 67 29.72 13.06 12.40
N PHE H 68 29.26 12.00 13.06
CA PHE H 68 29.46 10.64 12.59
C PHE H 68 28.13 10.07 12.13
N ASP H 69 28.13 9.49 10.93
CA ASP H 69 27.01 8.69 10.47
C ASP H 69 27.41 7.22 10.53
N SER H 70 26.63 6.44 11.26
CA SER H 70 26.97 5.04 11.48
C SER H 70 25.70 4.22 11.49
N LYS H 71 25.86 2.92 11.24
CA LYS H 71 24.76 1.97 11.28
C LYS H 71 25.13 0.82 12.18
N ASP H 72 24.18 0.40 13.01
CA ASP H 72 24.39 -0.68 13.97
C ASP H 72 23.81 -1.98 13.43
N ILE H 73 24.59 -3.05 13.51
CA ILE H 73 24.12 -4.38 13.12
C ILE H 73 23.55 -5.05 14.36
N GLU H 74 22.27 -5.35 14.34
CA GLU H 74 21.56 -5.88 15.50
C GLU H 74 21.34 -7.38 15.35
N ALA H 75 21.78 -8.14 16.34
CA ALA H 75 21.55 -9.58 16.37
C ALA H 75 20.49 -9.91 17.41
N TYR H 76 19.74 -10.97 17.15
CA TYR H 76 18.73 -11.45 18.07
C TYR H 76 19.36 -11.77 19.43
N GLY H 77 18.73 -11.27 20.49
CA GLY H 77 19.18 -11.55 21.83
C GLY H 77 20.38 -10.76 22.30
N GLU H 78 20.86 -9.80 21.51
CA GLU H 78 21.97 -8.96 21.90
C GLU H 78 21.48 -7.55 22.13
N PRO H 79 21.48 -7.04 23.36
CA PRO H 79 21.06 -5.64 23.56
C PRO H 79 21.95 -4.65 22.85
N GLU H 80 23.24 -4.93 22.74
CA GLU H 80 24.16 -4.03 22.08
C GLU H 80 24.50 -4.55 20.69
N PRO H 81 24.83 -3.65 19.75
CA PRO H 81 25.15 -4.10 18.39
C PRO H 81 26.36 -5.03 18.38
N ILE H 82 26.28 -6.06 17.52
CA ILE H 82 27.42 -6.93 17.33
C ILE H 82 28.49 -6.29 16.45
N ARG H 83 28.12 -5.26 15.71
CA ARG H 83 29.08 -4.52 14.89
C ARG H 83 28.47 -3.16 14.55
N THR H 84 29.30 -2.13 14.64
CA THR H 84 28.90 -0.78 14.24
C THR H 84 29.73 -0.39 13.02
N ILE H 85 29.05 -0.02 11.95
CA ILE H 85 29.69 0.39 10.71
C ILE H 85 29.62 1.90 10.63
N ILE H 86 30.76 2.56 10.76
CA ILE H 86 30.83 4.01 10.66
C ILE H 86 31.13 4.37 9.21
N ASN H 87 30.21 5.10 8.58
CA ASN H 87 30.40 5.46 7.18
C ASN H 87 31.49 6.52 7.03
N LYS H 88 31.36 7.64 7.71
CA LYS H 88 32.32 8.73 7.54
C LYS H 88 32.21 9.69 8.71
N ARG H 89 33.18 10.59 8.79
CA ARG H 89 33.18 11.69 9.73
C ARG H 89 33.18 12.99 8.92
N THR H 90 32.15 13.80 9.09
CA THR H 90 32.02 15.04 8.35
C THR H 90 32.49 16.21 9.21
N THR H 91 33.51 16.91 8.75
CA THR H 91 34.03 18.08 9.44
C THR H 91 33.58 19.34 8.71
N THR H 92 33.05 20.29 9.47
CA THR H 92 32.65 21.59 8.94
C THR H 92 33.27 22.68 9.80
N PHE H 93 33.43 23.87 9.21
CA PHE H 93 33.81 25.03 9.98
C PHE H 93 33.20 26.27 9.35
N ASP H 94 32.77 27.20 10.21
CA ASP H 94 32.15 28.43 9.77
C ASP H 94 32.73 29.60 10.54
N PHE H 95 32.67 30.78 9.93
CA PHE H 95 33.26 32.01 10.44
C PHE H 95 32.70 33.16 9.62
N ALA H 96 32.80 34.36 10.18
CA ALA H 96 32.19 35.56 9.60
C ALA H 96 33.28 36.49 9.08
N MET H 97 33.54 36.45 7.78
CA MET H 97 34.58 37.27 7.18
C MET H 97 34.14 38.71 7.00
N TYR H 98 35.10 39.62 7.15
CA TYR H 98 34.87 41.05 7.06
C TYR H 98 35.30 41.66 5.73
N GLN H 99 36.36 41.17 5.13
CA GLN H 99 37.05 41.89 4.06
C GLN H 99 36.42 41.59 2.71
N ASN H 100 36.22 42.64 1.92
CA ASN H 100 35.62 42.52 0.58
C ASN H 100 36.74 42.39 -0.46
N GLN H 101 37.37 41.23 -0.46
CA GLN H 101 38.43 40.93 -1.41
C GLN H 101 38.00 39.79 -2.32
N ARG H 102 38.82 39.55 -3.35
CA ARG H 102 38.42 38.66 -4.43
C ARG H 102 38.19 37.23 -3.95
N ASN H 103 39.09 36.71 -3.10
CA ASN H 103 38.96 35.30 -2.72
C ASN H 103 37.71 35.07 -1.86
N VAL H 104 37.38 36.01 -0.98
CA VAL H 104 36.18 35.89 -0.16
C VAL H 104 34.93 35.90 -1.05
N LEU H 105 34.86 36.85 -1.99
CA LEU H 105 33.68 36.97 -2.85
C LEU H 105 33.58 35.79 -3.81
N GLU H 106 34.71 35.29 -4.28
CA GLU H 106 34.73 34.08 -5.10
C GLU H 106 34.18 32.90 -4.32
N LEU H 107 34.56 32.79 -3.04
CA LEU H 107 34.03 31.72 -2.20
C LEU H 107 32.51 31.85 -2.04
N ILE H 108 32.03 33.05 -1.71
CA ILE H 108 30.62 33.18 -1.38
C ILE H 108 29.75 33.04 -2.63
N TRP H 109 30.22 33.48 -3.79
CA TRP H 109 29.42 33.43 -5.00
C TRP H 109 29.67 32.18 -5.84
N THR H 110 30.53 31.28 -5.39
CA THR H 110 30.90 30.05 -6.10
C THR H 110 31.22 30.35 -7.56
N GLN H 111 32.22 31.20 -7.74
CA GLN H 111 32.60 31.66 -9.07
C GLN H 111 34.09 31.97 -9.05
N ASP H 112 34.71 31.95 -10.22
CA ASP H 112 36.05 32.46 -10.41
C ASP H 112 35.96 33.87 -10.96
N PHE H 113 36.52 34.83 -10.22
CA PHE H 113 36.48 36.24 -10.61
C PHE H 113 37.84 36.75 -11.07
N SER H 114 38.76 35.85 -11.43
CA SER H 114 40.09 36.27 -11.85
C SER H 114 40.07 37.04 -13.16
N ASN H 115 39.05 36.86 -13.99
CA ASN H 115 38.92 37.56 -15.25
C ASN H 115 38.16 38.87 -15.12
N ILE H 116 37.68 39.22 -13.93
CA ILE H 116 36.95 40.47 -13.75
C ILE H 116 37.91 41.64 -13.84
N GLN H 117 37.66 42.52 -14.80
CA GLN H 117 38.50 43.69 -14.97
C GLN H 117 37.81 44.91 -14.37
N PRO H 118 38.48 45.67 -13.50
CA PRO H 118 37.89 46.91 -13.00
C PRO H 118 37.64 47.88 -14.14
N SER H 119 36.58 48.67 -13.99
CA SER H 119 36.22 49.63 -15.02
C SER H 119 37.21 50.79 -15.03
N GLU H 120 36.90 51.79 -15.87
CA GLU H 120 37.78 52.95 -16.02
C GLU H 120 38.02 53.64 -14.68
N PHE H 121 37.00 53.71 -13.84
CA PHE H 121 37.10 54.36 -12.55
C PHE H 121 37.23 53.37 -11.41
N GLY H 122 37.55 52.11 -11.70
CA GLY H 122 37.82 51.12 -10.70
C GLY H 122 36.63 50.28 -10.26
N GLY H 123 35.43 50.58 -10.75
CA GLY H 123 34.26 49.83 -10.34
C GLY H 123 34.26 48.42 -10.89
N ILE H 124 33.71 47.50 -10.11
CA ILE H 124 33.58 46.11 -10.51
C ILE H 124 32.14 45.66 -10.28
N VAL H 125 31.69 44.74 -11.12
CA VAL H 125 30.40 44.08 -10.96
C VAL H 125 30.63 42.58 -11.01
N LEU H 126 30.17 41.88 -9.98
CA LEU H 126 30.35 40.43 -9.86
C LEU H 126 28.99 39.76 -10.00
N GLU H 127 28.75 39.15 -11.15
CA GLU H 127 27.49 38.46 -11.41
C GLU H 127 27.55 37.05 -10.82
N ALA H 128 26.47 36.67 -10.15
CA ALA H 128 26.35 35.29 -9.70
C ALA H 128 26.21 34.37 -10.90
N PRO H 129 26.87 33.21 -10.89
CA PRO H 129 26.75 32.29 -12.02
C PRO H 129 25.32 31.77 -12.17
N LYS H 130 24.95 31.45 -13.40
CA LYS H 130 23.61 30.96 -13.69
C LYS H 130 23.28 29.75 -12.83
N VAL H 131 24.21 28.80 -12.75
CA VAL H 131 24.10 27.67 -11.83
C VAL H 131 25.25 27.76 -10.86
N PRO H 132 25.02 27.60 -9.55
CA PRO H 132 26.14 27.56 -8.62
C PRO H 132 27.10 26.43 -8.96
N LYS H 133 28.39 26.70 -8.87
CA LYS H 133 29.40 25.74 -9.25
C LYS H 133 29.96 25.03 -8.02
N ASN H 134 30.37 23.79 -8.22
CA ASN H 134 31.07 23.02 -7.19
C ASN H 134 32.55 23.36 -7.30
N ILE H 135 33.02 24.18 -6.36
CA ILE H 135 34.41 24.63 -6.35
C ILE H 135 35.06 24.17 -5.06
N TYR H 136 36.21 23.52 -5.19
CA TYR H 136 36.94 23.02 -4.04
C TYR H 136 38.14 23.90 -3.75
N TYR H 137 38.47 24.03 -2.47
CA TYR H 137 39.60 24.80 -2.03
C TYR H 137 40.44 23.98 -1.06
N ARG H 138 41.69 24.36 -0.93
CA ARG H 138 42.55 23.87 0.13
C ARG H 138 42.59 24.90 1.24
N ALA H 139 42.37 24.45 2.47
CA ALA H 139 42.20 25.35 3.60
C ALA H 139 43.24 25.06 4.67
N ILE H 140 43.76 26.13 5.26
CA ILE H 140 44.58 26.06 6.46
C ILE H 140 43.95 26.96 7.51
N LEU H 141 43.67 26.40 8.67
CA LEU H 141 43.25 27.16 9.84
C LEU H 141 44.38 27.07 10.85
N VAL H 142 45.14 28.15 11.01
CA VAL H 142 46.27 28.18 11.93
C VAL H 142 46.05 29.26 12.97
N GLY H 143 46.19 28.88 14.24
CA GLY H 143 46.08 29.80 15.35
C GLY H 143 47.40 29.92 16.09
N MET H 144 47.55 30.99 16.87
CA MET H 144 48.77 31.23 17.62
C MET H 144 48.45 31.43 19.10
N ASP H 145 49.18 30.74 19.95
CA ASP H 145 49.19 30.98 21.39
C ASP H 145 50.59 31.47 21.74
N ASP H 146 50.75 32.79 21.77
CA ASP H 146 52.04 33.41 22.06
C ASP H 146 52.12 33.68 23.55
N ARG H 147 52.61 32.69 24.31
CA ARG H 147 52.81 32.86 25.73
C ARG H 147 54.31 32.87 26.00
N ASN H 148 54.74 33.79 26.87
CA ASN H 148 56.13 33.86 27.32
C ASN H 148 57.11 34.02 26.16
N ASP H 149 56.64 34.66 25.08
CA ASP H 149 57.41 34.91 23.86
C ASP H 149 57.84 33.64 23.13
N ARG H 150 57.33 32.47 23.53
CA ARG H 150 57.57 31.23 22.79
C ARG H 150 56.25 30.75 22.22
N PRO H 151 55.90 31.10 20.99
CA PRO H 151 54.56 30.82 20.48
C PRO H 151 54.31 29.34 20.23
N ILE H 152 53.04 28.98 20.29
CA ILE H 152 52.56 27.68 19.85
C ILE H 152 51.64 27.91 18.67
N TRP H 153 51.89 27.20 17.58
CA TRP H 153 51.02 27.24 16.41
C TRP H 153 50.20 25.96 16.37
N LEU H 154 48.90 26.09 16.59
CA LEU H 154 47.96 24.99 16.43
C LEU H 154 47.21 25.22 15.12
N TYR H 155 47.13 24.19 14.29
CA TYR H 155 46.54 24.36 12.99
C TYR H 155 45.76 23.13 12.56
N TRP H 156 44.87 23.36 11.60
CA TRP H 156 44.10 22.31 10.96
C TRP H 156 44.35 22.39 9.46
N LEU H 157 44.62 21.25 8.84
CA LEU H 157 44.79 21.17 7.41
C LEU H 157 43.58 20.48 6.80
N MET H 158 42.92 21.15 5.86
CA MET H 158 41.77 20.61 5.16
C MET H 158 42.02 20.77 3.67
N PRO H 159 42.59 19.74 3.03
CA PRO H 159 43.00 19.87 1.63
C PRO H 159 41.86 20.04 0.63
N LYS H 160 40.63 19.69 0.98
CA LYS H 160 39.52 19.73 0.02
C LYS H 160 38.27 20.21 0.73
N VAL H 161 38.01 21.51 0.67
CA VAL H 161 36.84 22.11 1.28
C VAL H 161 35.97 22.72 0.20
N LYS H 162 34.67 22.76 0.49
CA LYS H 162 33.68 23.31 -0.43
C LYS H 162 32.65 24.10 0.37
N LEU H 163 32.13 25.16 -0.25
CA LEU H 163 31.06 25.93 0.37
C LEU H 163 29.83 25.06 0.56
N ASP H 164 29.36 24.96 1.80
CA ASP H 164 28.24 24.11 2.15
C ASP H 164 26.98 24.90 2.48
N LYS H 165 27.13 26.10 3.06
CA LYS H 165 26.00 26.87 3.53
C LYS H 165 26.42 28.32 3.64
N LEU H 166 25.44 29.22 3.52
CA LEU H 166 25.67 30.65 3.65
C LEU H 166 24.62 31.24 4.56
N ASP H 167 25.05 31.82 5.68
CA ASP H 167 24.11 32.40 6.62
C ASP H 167 23.53 33.70 6.08
N ASN H 168 22.39 34.10 6.66
CA ASN H 168 21.73 35.32 6.25
C ASN H 168 22.64 36.52 6.49
N GLN H 169 22.70 37.39 5.49
CA GLN H 169 23.52 38.59 5.56
C GLN H 169 22.64 39.78 5.90
N THR H 170 22.90 40.40 7.04
CA THR H 170 22.11 41.54 7.51
C THR H 170 22.92 42.82 7.32
N LEU H 171 22.32 43.80 6.67
CA LEU H 171 22.91 45.12 6.51
C LEU H 171 22.35 46.05 7.58
N ASN H 172 23.23 46.54 8.45
CA ASN H 172 22.86 47.49 9.48
C ASN H 172 23.73 48.74 9.31
N ASP H 173 23.16 49.89 9.64
CA ASP H 173 23.87 51.14 9.41
C ASP H 173 24.98 51.40 10.41
N ASP H 174 25.13 50.55 11.43
CA ASP H 174 26.19 50.68 12.42
C ASP H 174 27.14 49.47 12.41
N ASN H 175 27.17 48.71 11.33
CA ASN H 175 28.00 47.52 11.26
C ASN H 175 28.56 47.37 9.85
N VAL H 176 29.66 46.65 9.74
CA VAL H 176 30.21 46.31 8.44
C VAL H 176 29.50 45.07 7.92
N ILE H 177 29.54 44.87 6.61
CA ILE H 177 28.94 43.70 6.01
C ILE H 177 29.80 42.47 6.32
N GLU H 178 29.15 41.40 6.72
CA GLU H 178 29.83 40.15 7.06
C GLU H 178 29.39 39.04 6.12
N TYR H 179 30.34 38.20 5.73
CA TYR H 179 30.06 37.00 4.97
C TYR H 179 30.31 35.80 5.87
N LYS H 180 29.30 34.94 6.03
CA LYS H 180 29.30 33.88 7.02
C LYS H 180 29.08 32.55 6.31
N PRO H 181 30.11 32.00 5.68
CA PRO H 181 29.98 30.68 5.05
C PRO H 181 30.25 29.54 6.02
N THR H 182 29.67 28.40 5.70
CA THR H 182 30.02 27.14 6.33
C THR H 182 30.72 26.28 5.29
N LEU H 183 31.94 25.86 5.58
CA LEU H 183 32.72 25.04 4.67
C LEU H 183 32.76 23.60 5.17
N LYS H 184 32.62 22.67 4.24
CA LYS H 184 32.63 21.24 4.53
C LYS H 184 33.92 20.64 3.99
N ALA H 185 34.60 19.85 4.82
CA ALA H 185 35.83 19.19 4.42
C ALA H 185 35.52 17.87 3.72
N PHE H 186 36.28 17.59 2.67
CA PHE H 186 36.17 16.35 1.93
C PHE H 186 37.53 15.68 1.89
N ARG H 187 37.53 14.36 1.73
CA ARG H 187 38.78 13.64 1.67
C ARG H 187 39.48 13.91 0.35
N ASP H 188 40.75 14.30 0.42
CA ASP H 188 41.58 14.43 -0.77
C ASP H 188 42.34 13.12 -0.96
N ASP H 189 42.17 12.51 -2.14
CA ASP H 189 42.73 11.19 -2.38
C ASP H 189 44.26 11.19 -2.34
N VAL H 190 44.88 12.23 -2.88
CA VAL H 190 46.33 12.25 -2.99
C VAL H 190 46.99 12.31 -1.61
N VAL H 191 46.53 13.22 -0.76
CA VAL H 191 47.11 13.31 0.58
C VAL H 191 46.50 12.31 1.54
N GLY H 192 45.34 11.75 1.23
CA GLY H 192 44.80 10.65 2.00
C GLY H 192 44.12 11.00 3.30
N TYR H 193 43.56 12.20 3.41
CA TYR H 193 42.79 12.57 4.58
C TYR H 193 41.92 13.77 4.25
N SER H 194 40.94 14.03 5.11
CA SER H 194 40.13 15.23 5.01
C SER H 194 40.52 16.31 5.99
N VAL H 195 40.89 15.94 7.21
CA VAL H 195 41.32 16.91 8.22
C VAL H 195 42.56 16.37 8.93
N ALA H 196 43.51 17.25 9.18
CA ALA H 196 44.66 16.96 10.02
C ALA H 196 44.86 18.09 11.02
N GLN H 197 45.18 17.75 12.26
CA GLN H 197 45.46 18.72 13.30
C GLN H 197 46.96 18.74 13.57
N GLY H 198 47.54 19.93 13.63
CA GLY H 198 48.97 20.07 13.80
C GLY H 198 49.32 20.99 14.95
N PHE H 199 50.51 20.73 15.52
CA PHE H 199 51.08 21.56 16.56
C PHE H 199 52.55 21.82 16.21
N ALA H 200 52.97 23.07 16.38
CA ALA H 200 54.34 23.46 16.04
C ALA H 200 54.70 24.71 16.83
N GLY H 201 55.96 25.11 16.71
CA GLY H 201 56.45 26.29 17.39
C GLY H 201 57.37 25.95 18.54
N PRO H 202 58.22 26.91 18.92
CA PRO H 202 59.10 26.68 20.08
C PRO H 202 58.34 26.43 21.37
N GLY H 203 57.17 27.06 21.53
CA GLY H 203 56.36 26.77 22.70
C GLY H 203 55.85 25.34 22.73
N TRP H 204 55.53 24.79 21.55
CA TRP H 204 55.12 23.39 21.48
C TRP H 204 56.28 22.46 21.80
N ARG H 205 57.48 22.79 21.32
CA ARG H 205 58.65 21.94 21.54
C ARG H 205 58.91 21.72 23.03
N ASP H 206 58.59 22.71 23.88
CA ASP H 206 58.71 22.53 25.31
C ASP H 206 57.71 21.52 25.85
N LEU H 207 56.64 21.25 25.11
CA LEU H 207 55.53 20.45 25.63
C LEU H 207 55.36 19.10 24.94
N VAL H 208 56.12 18.79 23.89
CA VAL H 208 55.84 17.59 23.09
C VAL H 208 55.96 16.34 23.95
N ALA H 209 57.03 16.26 24.75
CA ALA H 209 57.21 15.11 25.63
C ALA H 209 56.14 15.04 26.70
N THR H 210 55.77 16.20 27.26
CA THR H 210 54.69 16.23 28.24
C THR H 210 53.36 15.81 27.63
N ALA H 211 53.10 16.19 26.37
CA ALA H 211 51.87 15.83 25.70
C ALA H 211 51.79 14.36 25.34
N GLY H 212 52.88 13.60 25.50
CA GLY H 212 52.86 12.19 25.24
C GLY H 212 53.21 11.76 23.84
N PHE H 213 53.80 12.65 23.04
CA PHE H 213 54.23 12.33 21.69
C PHE H 213 55.74 12.12 21.68
N GLY H 214 56.17 10.96 21.18
CA GLY H 214 57.58 10.63 21.28
C GLY H 214 57.97 10.32 22.71
N GLU H 215 59.27 10.44 22.96
CA GLU H 215 59.84 10.18 24.28
C GLU H 215 60.41 11.46 24.85
N ALA H 216 60.65 11.45 26.16
CA ALA H 216 61.15 12.64 26.85
C ALA H 216 62.62 12.89 26.53
N LEU H 217 63.04 14.13 26.75
CA LEU H 217 64.43 14.53 26.53
C LEU H 217 65.22 14.31 27.82
N THR H 218 66.27 13.48 27.73
CA THR H 218 67.10 13.17 28.88
C THR H 218 68.59 13.33 28.62
N ALA H 219 69.00 13.69 27.40
CA ALA H 219 70.41 13.84 27.09
C ALA H 219 70.57 14.77 25.90
N LEU H 220 71.59 15.62 25.94
CA LEU H 220 71.89 16.54 24.86
C LEU H 220 73.19 16.10 24.18
N THR H 221 73.18 16.09 22.85
CA THR H 221 74.31 15.64 22.06
C THR H 221 74.68 16.70 21.04
N ILE H 222 75.97 17.01 20.95
CA ILE H 222 76.47 17.97 19.96
C ILE H 222 76.97 17.17 18.76
N THR H 223 76.20 17.21 17.66
CA THR H 223 76.51 16.35 16.52
C THR H 223 77.86 16.63 15.88
N PRO H 224 78.34 17.87 15.71
CA PRO H 224 79.69 18.04 15.15
C PRO H 224 80.77 17.37 15.98
N GLY H 225 80.63 17.36 17.30
CA GLY H 225 81.58 16.66 18.16
C GLY H 225 82.88 17.41 18.33
N SER H 226 83.68 17.49 17.27
CA SER H 226 84.94 18.21 17.30
C SER H 226 85.29 18.72 15.91
N PRO H 227 84.80 19.91 15.54
CA PRO H 227 85.13 20.47 14.23
C PRO H 227 86.45 21.23 14.24
N THR H 228 86.93 21.53 13.05
CA THR H 228 88.14 22.33 12.85
C THR H 228 87.80 23.52 11.96
N VAL H 229 88.17 24.71 12.41
CA VAL H 229 87.87 25.95 11.71
C VAL H 229 89.19 26.63 11.34
N THR H 230 89.27 27.14 10.13
CA THR H 230 90.45 27.86 9.69
C THR H 230 90.45 29.29 10.22
N VAL H 231 91.62 29.76 10.64
CA VAL H 231 91.76 31.15 11.06
C VAL H 231 91.49 32.09 9.89
N ALA H 232 92.04 31.76 8.72
CA ALA H 232 91.84 32.59 7.54
C ALA H 232 90.39 32.51 7.08
N THR H 233 89.96 33.58 6.41
CA THR H 233 88.59 33.67 5.91
C THR H 233 88.37 32.67 4.77
N GLY H 234 87.23 32.00 4.83
CA GLY H 234 86.90 31.04 3.79
C GLY H 234 85.61 30.31 4.13
N ALA H 235 85.30 29.32 3.29
CA ALA H 235 84.11 28.50 3.51
C ALA H 235 84.21 27.69 4.79
N SER H 236 85.37 27.12 5.06
CA SER H 236 85.60 26.31 6.25
C SER H 236 86.09 27.14 7.43
N HIS H 237 86.04 28.47 7.33
CA HIS H 237 86.43 29.33 8.44
C HIS H 237 85.44 29.25 9.59
N THR H 238 84.17 28.98 9.31
CA THR H 238 83.13 28.93 10.32
C THR H 238 82.41 27.59 10.27
N ALA H 239 81.90 27.17 11.43
CA ALA H 239 81.16 25.92 11.55
C ALA H 239 79.89 26.18 12.35
N GLN H 240 78.78 25.63 11.86
CA GLN H 240 77.50 25.74 12.55
C GLN H 240 77.25 24.45 13.32
N LEU H 241 77.00 24.58 14.63
CA LEU H 241 76.76 23.43 15.47
C LEU H 241 75.31 22.99 15.42
N LEU H 242 75.04 21.78 15.92
CA LEU H 242 73.69 21.25 15.98
C LEU H 242 73.54 20.43 17.25
N VAL H 243 72.54 20.75 18.07
CA VAL H 243 72.31 20.10 19.34
C VAL H 243 71.02 19.32 19.25
N GLU H 244 71.08 18.03 19.56
CA GLU H 244 69.93 17.14 19.49
C GLU H 244 69.69 16.49 20.84
N GLY H 245 68.63 15.69 20.92
CA GLY H 245 68.28 14.97 22.12
C GLY H 245 68.11 13.48 21.85
N ASP H 246 67.79 12.75 22.92
CA ASP H 246 67.55 11.32 22.78
C ASP H 246 66.25 11.04 22.03
N ASN H 247 65.32 11.99 22.03
CA ASN H 247 64.07 11.84 21.29
C ASN H 247 64.18 12.31 19.84
N GLY H 248 65.36 12.75 19.41
CA GLY H 248 65.54 13.18 18.04
C GLY H 248 65.06 14.58 17.73
N ILE H 249 64.81 15.40 18.74
CA ILE H 249 64.32 16.76 18.56
C ILE H 249 65.49 17.72 18.65
N ASN H 250 65.61 18.60 17.66
CA ASN H 250 66.63 19.65 17.68
C ASN H 250 66.32 20.65 18.78
N TYR H 251 67.26 20.82 19.71
CA TYR H 251 67.12 21.79 20.78
C TYR H 251 68.11 22.94 20.65
N THR H 252 68.72 23.11 19.48
CA THR H 252 69.67 24.20 19.29
C THR H 252 69.11 25.58 19.60
N PRO H 253 67.88 25.94 19.21
CA PRO H 253 67.36 27.25 19.63
C PRO H 253 67.14 27.38 21.13
N ASP H 254 67.01 26.27 21.85
CA ASP H 254 66.65 26.31 23.26
C ASP H 254 67.84 26.13 24.20
N VAL H 255 69.07 26.13 23.69
CA VAL H 255 70.25 25.92 24.51
C VAL H 255 71.05 27.21 24.60
N VAL H 256 71.90 27.28 25.63
CA VAL H 256 72.80 28.40 25.85
C VAL H 256 74.21 27.96 25.49
N PHE H 257 74.83 28.69 24.57
CA PHE H 257 76.18 28.38 24.12
C PHE H 257 77.20 29.19 24.93
N THR H 258 78.19 28.49 25.48
CA THR H 258 79.29 29.11 26.22
C THR H 258 80.60 28.58 25.68
N SER H 259 81.59 29.48 25.54
CA SER H 259 82.90 29.12 25.05
C SER H 259 83.92 29.16 26.18
N SER H 260 84.80 28.16 26.22
CA SER H 260 85.86 28.15 27.23
C SER H 260 86.82 29.31 27.02
N ALA H 261 87.27 29.51 25.78
CA ALA H 261 88.16 30.62 25.43
C ALA H 261 87.51 31.42 24.31
N PRO H 262 86.83 32.52 24.61
CA PRO H 262 86.20 33.31 23.53
C PRO H 262 87.18 33.82 22.50
N ASP H 263 88.40 34.17 22.91
CA ASP H 263 89.39 34.68 21.95
C ASP H 263 89.78 33.62 20.94
N LYS H 264 89.97 32.38 21.39
CA LYS H 264 90.39 31.32 20.49
C LYS H 264 89.30 30.99 19.46
N ALA H 265 88.08 30.77 19.94
CA ALA H 265 86.96 30.45 19.06
C ALA H 265 85.73 31.19 19.56
N SER H 266 85.11 31.97 18.68
CA SER H 266 83.94 32.76 19.04
C SER H 266 82.67 32.02 18.61
N VAL H 267 81.73 31.89 19.54
CA VAL H 267 80.46 31.23 19.29
C VAL H 267 79.34 32.23 19.60
N SER H 268 78.35 32.28 18.71
CA SER H 268 77.21 33.19 18.90
C SER H 268 76.15 32.48 19.74
N ALA H 269 75.02 33.16 19.95
CA ALA H 269 73.90 32.53 20.65
C ALA H 269 73.33 31.37 19.83
N ALA H 270 73.25 31.54 18.52
CA ALA H 270 72.73 30.48 17.65
C ALA H 270 73.60 29.23 17.73
N GLY H 271 74.92 29.40 17.81
CA GLY H 271 75.81 28.27 17.92
C GLY H 271 76.76 28.13 16.75
N LEU H 272 77.07 29.25 16.09
CA LEU H 272 78.01 29.26 14.98
C LEU H 272 79.40 29.53 15.52
N VAL H 273 80.31 28.58 15.29
CA VAL H 273 81.68 28.64 15.80
C VAL H 273 82.56 29.29 14.75
N THR H 274 83.19 30.40 15.13
CA THR H 274 84.14 31.10 14.27
C THR H 274 85.49 31.15 14.98
N GLY H 275 86.54 30.66 14.31
CA GLY H 275 87.85 30.60 14.90
C GLY H 275 88.68 31.85 14.69
N VAL H 276 88.76 32.69 15.72
CA VAL H 276 89.56 33.92 15.61
C VAL H 276 91.04 33.60 15.57
N ALA H 277 91.51 32.75 16.48
CA ALA H 277 92.92 32.44 16.59
C ALA H 277 93.09 30.95 16.85
N ALA H 278 94.25 30.43 16.48
CA ALA H 278 94.53 29.02 16.69
C ALA H 278 94.58 28.69 18.18
N GLY H 279 94.14 27.49 18.51
CA GLY H 279 94.10 27.05 19.89
C GLY H 279 93.01 26.01 20.07
N SER H 280 92.82 25.62 21.32
CA SER H 280 91.81 24.64 21.71
C SER H 280 90.77 25.31 22.58
N ALA H 281 89.52 25.29 22.15
CA ALA H 281 88.42 25.89 22.88
C ALA H 281 87.30 24.87 23.06
N THR H 282 86.67 24.92 24.24
CA THR H 282 85.56 24.03 24.57
C THR H 282 84.27 24.83 24.45
N ILE H 283 83.30 24.29 23.71
CA ILE H 283 82.01 24.92 23.50
C ILE H 283 80.96 24.07 24.19
N THR H 284 80.28 24.66 25.18
CA THR H 284 79.31 23.94 26.00
C THR H 284 77.92 24.50 25.72
N ALA H 285 76.98 23.60 25.44
CA ALA H 285 75.58 23.97 25.22
C ALA H 285 74.78 23.55 26.45
N THR H 286 74.12 24.52 27.07
CA THR H 286 73.40 24.31 28.32
C THR H 286 71.90 24.55 28.11
N LYS H 287 71.09 23.60 28.56
CA LYS H 287 69.64 23.74 28.57
C LYS H 287 69.12 23.05 29.83
N GLY H 288 68.64 23.84 30.79
CA GLY H 288 68.27 23.28 32.07
C GLY H 288 69.47 22.64 32.73
N ALA H 289 69.33 21.38 33.15
CA ALA H 289 70.42 20.64 33.76
C ALA H 289 71.25 19.86 32.74
N LEU H 290 70.74 19.68 31.52
CA LEU H 290 71.47 18.93 30.51
C LEU H 290 72.63 19.75 29.95
N THR H 291 73.65 19.05 29.46
CA THR H 291 74.85 19.70 28.98
C THR H 291 75.47 18.87 27.86
N ALA H 292 75.78 19.54 26.75
CA ALA H 292 76.51 18.94 25.65
C ALA H 292 77.76 19.77 25.38
N THR H 293 78.92 19.13 25.48
CA THR H 293 80.20 19.81 25.37
C THR H 293 80.93 19.34 24.12
N ALA H 294 81.51 20.30 23.39
CA ALA H 294 82.31 20.01 22.21
C ALA H 294 83.60 20.83 22.26
N THR H 295 84.66 20.25 21.71
CA THR H 295 85.98 20.88 21.69
C THR H 295 86.38 21.15 20.25
N VAL H 296 86.74 22.40 19.96
CA VAL H 296 87.07 22.85 18.61
C VAL H 296 88.54 23.23 18.57
N THR H 297 89.27 22.64 17.63
CA THR H 297 90.70 22.91 17.44
C THR H 297 90.84 23.85 16.25
N VAL H 298 91.28 25.08 16.51
CA VAL H 298 91.44 26.08 15.46
C VAL H 298 92.86 26.02 14.91
N THR H 299 92.98 26.08 13.59
CA THR H 299 94.26 26.08 12.91
C THR H 299 94.43 27.36 12.11
N ALA H 300 95.66 27.85 12.04
CA ALA H 300 95.97 29.06 11.30
C ALA H 300 96.70 28.73 10.01
N THR I 2 58.69 34.85 8.31
CA THR I 2 57.33 35.36 8.23
C THR I 2 56.55 35.08 9.51
N ASP I 3 56.26 36.12 10.27
CA ASP I 3 55.52 35.98 11.51
C ASP I 3 54.02 35.82 11.21
N PHE I 4 53.26 35.59 12.28
CA PHE I 4 51.83 35.34 12.14
C PHE I 4 51.11 36.55 11.54
N TYR I 5 51.49 37.76 11.97
CA TYR I 5 50.81 38.96 11.50
C TYR I 5 50.97 39.14 9.99
N THR I 6 52.17 38.88 9.47
CA THR I 6 52.39 38.99 8.03
C THR I 6 51.56 37.97 7.27
N ILE I 7 51.47 36.75 7.77
CA ILE I 7 50.67 35.72 7.10
C ILE I 7 49.19 36.11 7.11
N LYS I 8 48.71 36.64 8.23
CA LYS I 8 47.30 37.02 8.31
C LYS I 8 46.94 38.07 7.28
N ASP I 9 47.83 39.05 7.06
CA ASP I 9 47.66 40.06 6.00
C ASP I 9 46.29 40.72 6.08
N ALA I 10 45.94 41.18 7.27
CA ALA I 10 44.61 41.73 7.50
C ALA I 10 44.53 43.17 7.01
N GLN I 11 43.45 43.50 6.32
CA GLN I 11 43.20 44.83 5.76
C GLN I 11 41.89 45.36 6.32
N ALA I 12 41.98 46.23 7.32
CA ALA I 12 40.79 46.79 7.94
C ALA I 12 40.00 47.65 6.96
N ASP I 13 40.68 48.33 6.03
CA ASP I 13 40.00 49.20 5.09
C ASP I 13 39.10 48.43 4.12
N LEU I 14 39.31 47.12 3.96
CA LEU I 14 38.44 46.34 3.10
C LEU I 14 37.14 45.94 3.78
N ALA I 15 36.98 46.21 5.07
CA ALA I 15 35.69 46.07 5.72
C ALA I 15 34.83 47.30 5.43
N ILE I 16 33.66 47.08 4.86
CA ILE I 16 32.82 48.15 4.33
C ILE I 16 31.51 48.15 5.11
N ALA I 17 31.12 49.33 5.60
CA ALA I 17 29.92 49.50 6.40
C ALA I 17 28.86 50.23 5.60
N PRO I 18 27.69 49.65 5.39
CA PRO I 18 26.60 50.39 4.70
C PRO I 18 25.95 51.41 5.63
N LEU I 19 26.63 52.55 5.80
CA LEU I 19 26.16 53.58 6.72
C LEU I 19 24.81 54.12 6.27
N ASN I 20 24.61 54.29 4.98
CA ASN I 20 23.31 54.58 4.42
C ASN I 20 22.98 53.56 3.35
N LEU I 21 21.68 53.39 3.09
CA LEU I 21 21.22 52.35 2.20
C LEU I 21 19.90 52.79 1.58
N THR I 22 19.72 52.50 0.30
CA THR I 22 18.47 52.78 -0.37
C THR I 22 18.10 51.61 -1.28
N VAL I 23 16.81 51.35 -1.38
CA VAL I 23 16.26 50.32 -2.25
C VAL I 23 15.49 51.02 -3.36
N LEU I 24 15.83 50.71 -4.60
CA LEU I 24 15.15 51.27 -5.76
C LEU I 24 14.49 50.16 -6.54
N LEU I 25 13.23 50.37 -6.89
CA LEU I 25 12.46 49.44 -7.69
C LEU I 25 12.09 50.08 -9.01
N ALA I 26 12.08 49.28 -10.06
CA ALA I 26 11.66 49.72 -11.38
C ALA I 26 10.67 48.72 -11.94
N PRO I 27 9.71 49.18 -12.74
CA PRO I 27 8.82 48.24 -13.42
C PRO I 27 9.60 47.35 -14.38
N TYR I 28 9.06 46.16 -14.62
CA TYR I 28 9.78 45.17 -15.40
C TYR I 28 10.08 45.63 -16.81
N SER I 29 9.35 46.62 -17.33
CA SER I 29 9.63 47.15 -18.65
C SER I 29 10.86 48.05 -18.68
N THR I 30 11.40 48.44 -17.52
CA THR I 30 12.61 49.23 -17.48
C THR I 30 13.80 48.41 -17.96
N THR I 31 14.72 49.07 -18.64
CA THR I 31 15.98 48.43 -19.01
C THR I 31 16.82 48.21 -17.75
N PRO I 32 17.26 46.99 -17.47
CA PRO I 32 17.97 46.73 -16.21
C PRO I 32 19.29 47.47 -16.14
N ALA I 33 19.64 47.86 -14.92
CA ALA I 33 20.96 48.44 -14.67
C ALA I 33 22.04 47.38 -14.84
N THR I 34 23.12 47.75 -15.53
CA THR I 34 24.28 46.89 -15.62
C THR I 34 25.40 47.32 -14.69
N THR I 35 25.49 48.61 -14.40
CA THR I 35 26.44 49.15 -13.45
C THR I 35 25.89 50.46 -12.93
N LEU I 36 26.29 50.82 -11.71
CA LEU I 36 25.90 52.09 -11.13
C LEU I 36 26.97 53.16 -11.31
N GLU I 37 28.12 52.80 -11.88
CA GLU I 37 29.22 53.74 -12.08
C GLU I 37 29.02 54.47 -13.40
N SER I 38 28.98 55.80 -13.35
CA SER I 38 28.79 56.59 -14.55
C SER I 38 30.03 56.48 -15.44
N PRO I 39 29.87 56.27 -16.75
CA PRO I 39 31.04 56.22 -17.64
C PRO I 39 31.74 57.56 -17.80
N THR I 40 31.10 58.67 -17.43
CA THR I 40 31.68 60.00 -17.59
C THR I 40 32.74 60.29 -16.52
N ASP I 41 32.34 60.26 -15.25
CA ASP I 41 33.24 60.58 -14.16
C ASP I 41 33.26 59.54 -13.06
N GLY I 42 32.58 58.41 -13.23
CA GLY I 42 32.54 57.39 -12.20
C GLY I 42 31.59 57.66 -11.07
N SER I 43 30.81 58.74 -11.13
CA SER I 43 29.87 59.04 -10.07
C SER I 43 28.70 58.06 -10.12
N LEU I 44 27.95 58.02 -9.02
CA LEU I 44 26.84 57.10 -8.90
C LEU I 44 25.71 57.51 -9.83
N ALA I 45 25.29 56.60 -10.70
CA ALA I 45 24.34 56.90 -11.76
C ALA I 45 23.24 55.85 -11.78
N ILE I 46 22.02 56.26 -11.44
CA ILE I 46 20.86 55.37 -11.43
C ILE I 46 20.15 55.47 -12.78
N PRO I 47 19.88 54.35 -13.45
CA PRO I 47 19.15 54.42 -14.71
C PRO I 47 17.75 54.94 -14.50
N PRO I 48 17.18 55.61 -15.50
CA PRO I 48 15.80 56.09 -15.37
C PRO I 48 14.82 54.94 -15.24
N GLY I 49 13.75 55.18 -14.49
CA GLY I 49 12.75 54.19 -14.19
C GLY I 49 12.87 53.58 -12.81
N TYR I 50 14.05 53.62 -12.22
CA TYR I 50 14.25 53.14 -10.86
C TYR I 50 13.84 54.21 -9.87
N LYS I 51 12.98 53.85 -8.92
CA LYS I 51 12.49 54.78 -7.91
C LYS I 51 12.77 54.22 -6.53
N SER I 52 13.29 55.06 -5.66
CA SER I 52 13.54 54.68 -4.28
C SER I 52 12.23 54.42 -3.54
N VAL I 53 12.25 53.47 -2.62
CA VAL I 53 11.10 53.25 -1.73
C VAL I 53 11.11 54.20 -0.55
N GLY I 54 12.19 54.95 -0.35
CA GLY I 54 12.26 55.89 0.75
C GLY I 54 12.81 55.28 2.03
N HIS I 55 12.40 55.85 3.16
CA HIS I 55 12.90 55.43 4.46
C HIS I 55 12.43 54.02 4.80
N PHE I 56 13.31 53.25 5.43
CA PHE I 56 12.94 51.96 5.99
C PHE I 56 13.50 51.82 7.40
N GLU I 57 12.99 50.84 8.12
CA GLU I 57 13.26 50.68 9.54
C GLU I 57 14.74 50.46 9.81
N LYS I 58 15.26 51.18 10.80
CA LYS I 58 16.69 51.12 11.09
C LYS I 58 17.07 49.78 11.74
N GLN I 59 16.32 49.35 12.75
CA GLN I 59 16.74 48.20 13.53
C GLN I 59 16.64 46.89 12.75
N ALA I 60 15.56 46.72 11.99
CA ALA I 60 15.45 45.55 11.13
C ALA I 60 16.54 45.55 10.07
N GLY I 61 16.91 46.71 9.55
CA GLY I 61 17.88 46.78 8.49
C GLY I 61 17.39 46.08 7.24
N LEU I 62 18.33 45.53 6.50
CA LEU I 62 18.02 44.74 5.31
C LEU I 62 18.76 43.42 5.39
N THR I 63 18.01 42.33 5.27
CA THR I 63 18.56 40.99 5.38
C THR I 63 18.56 40.33 4.01
N LEU I 64 19.73 39.85 3.59
CA LEU I 64 19.89 39.13 2.33
C LEU I 64 20.04 37.65 2.63
N GLY I 65 19.19 36.83 2.02
CA GLY I 65 19.20 35.39 2.22
C GLY I 65 19.67 34.67 0.99
N ASN I 66 20.38 33.55 1.20
CA ASN I 66 20.86 32.70 0.12
C ASN I 66 20.62 31.25 0.48
N GLU I 67 19.93 30.53 -0.40
CA GLU I 67 19.64 29.11 -0.18
C GLU I 67 20.11 28.33 -1.40
N PHE I 68 20.80 27.23 -1.15
CA PHE I 68 21.17 26.28 -2.20
C PHE I 68 20.31 25.03 -2.06
N ASP I 69 19.71 24.60 -3.18
CA ASP I 69 19.08 23.30 -3.26
C ASP I 69 19.91 22.41 -4.17
N SER I 70 20.32 21.25 -3.65
CA SER I 70 21.22 20.38 -4.37
C SER I 70 20.86 18.94 -4.08
N LYS I 71 21.28 18.05 -4.98
CA LYS I 71 21.08 16.63 -4.82
C LYS I 71 22.41 15.91 -4.98
N ASP I 72 22.66 14.94 -4.13
CA ASP I 72 23.90 14.19 -4.12
C ASP I 72 23.72 12.85 -4.82
N ILE I 73 24.62 12.53 -5.73
CA ILE I 73 24.63 11.23 -6.39
C ILE I 73 25.52 10.30 -5.57
N GLU I 74 24.94 9.23 -5.05
CA GLU I 74 25.63 8.34 -4.11
C GLU I 74 25.95 7.02 -4.81
N ALA I 75 27.22 6.64 -4.77
CA ALA I 75 27.68 5.38 -5.34
C ALA I 75 27.99 4.40 -4.22
N TYR I 76 27.80 3.12 -4.52
CA TYR I 76 28.11 2.05 -3.58
C TYR I 76 29.58 2.13 -3.15
N GLY I 77 29.82 2.05 -1.84
CA GLY I 77 31.16 2.04 -1.31
C GLY I 77 31.84 3.38 -1.26
N GLU I 78 31.14 4.47 -1.56
CA GLU I 78 31.71 5.80 -1.50
C GLU I 78 31.05 6.59 -0.39
N PRO I 79 31.75 6.91 0.69
CA PRO I 79 31.14 7.73 1.75
C PRO I 79 30.69 9.09 1.27
N GLU I 80 31.43 9.70 0.35
CA GLU I 80 31.10 11.01 -0.15
C GLU I 80 30.45 10.90 -1.53
N PRO I 81 29.58 11.85 -1.89
CA PRO I 81 28.93 11.79 -3.21
C PRO I 81 29.95 11.83 -4.34
N ILE I 82 29.70 11.03 -5.37
CA ILE I 82 30.54 11.09 -6.56
C ILE I 82 30.22 12.31 -7.41
N ARG I 83 29.04 12.90 -7.22
CA ARG I 83 28.68 14.11 -7.92
C ARG I 83 27.58 14.81 -7.15
N THR I 84 27.68 16.13 -7.03
CA THR I 84 26.64 16.95 -6.43
C THR I 84 26.05 17.83 -7.50
N ILE I 85 24.73 17.76 -7.67
CA ILE I 85 24.02 18.54 -8.67
C ILE I 85 23.31 19.67 -7.93
N ILE I 86 23.79 20.90 -8.13
CA ILE I 86 23.17 22.07 -7.52
C ILE I 86 22.14 22.62 -8.50
N ASN I 87 20.87 22.64 -8.08
CA ASN I 87 19.81 23.11 -8.96
C ASN I 87 19.88 24.63 -9.14
N LYS I 88 19.85 25.37 -8.05
CA LYS I 88 19.81 26.82 -8.13
C LYS I 88 20.23 27.41 -6.78
N ARG I 89 20.47 28.72 -6.80
CA ARG I 89 20.73 29.50 -5.61
C ARG I 89 19.60 30.52 -5.48
N THR I 90 18.86 30.46 -4.39
CA THR I 90 17.72 31.34 -4.17
C THR I 90 18.15 32.51 -3.30
N THR I 91 18.06 33.72 -3.84
CA THR I 91 18.39 34.94 -3.12
C THR I 91 17.13 35.69 -2.75
N THR I 92 17.01 36.07 -1.49
CA THR I 92 15.89 36.86 -1.00
C THR I 92 16.43 38.05 -0.22
N PHE I 93 15.60 39.09 -0.13
CA PHE I 93 15.91 40.20 0.77
C PHE I 93 14.61 40.78 1.29
N ASP I 94 14.64 41.21 2.56
CA ASP I 94 13.48 41.78 3.20
C ASP I 94 13.89 43.01 4.00
N PHE I 95 12.93 43.89 4.22
CA PHE I 95 13.14 45.19 4.86
C PHE I 95 11.75 45.76 5.19
N ALA I 96 11.74 46.75 6.09
CA ALA I 96 10.51 47.30 6.61
C ALA I 96 10.35 48.75 6.15
N MET I 97 9.52 48.95 5.13
CA MET I 97 9.33 50.28 4.55
C MET I 97 8.38 51.13 5.38
N TYR I 98 8.68 52.42 5.42
CA TYR I 98 7.89 53.41 6.18
C TYR I 98 6.92 54.19 5.33
N GLN I 99 7.30 54.55 4.10
CA GLN I 99 6.59 55.58 3.34
C GLN I 99 5.40 55.00 2.59
N ASN I 100 4.26 55.67 2.72
CA ASN I 100 3.03 55.25 2.03
C ASN I 100 3.01 55.87 0.63
N GLN I 101 3.90 55.37 -0.21
CA GLN I 101 4.02 55.80 -1.60
C GLN I 101 3.29 54.83 -2.51
N ARG I 102 3.10 55.27 -3.76
CA ARG I 102 2.42 54.41 -4.73
C ARG I 102 3.21 53.16 -5.02
N ASN I 103 4.53 53.27 -5.19
CA ASN I 103 5.30 52.08 -5.56
C ASN I 103 5.34 51.07 -4.43
N VAL I 104 5.45 51.53 -3.17
CA VAL I 104 5.42 50.63 -2.02
C VAL I 104 4.08 49.90 -1.94
N LEU I 105 2.98 50.65 -2.07
CA LEU I 105 1.65 50.06 -1.94
C LEU I 105 1.34 49.13 -3.12
N GLU I 106 1.84 49.48 -4.31
CA GLU I 106 1.72 48.60 -5.46
C GLU I 106 2.45 47.29 -5.21
N LEU I 107 3.64 47.37 -4.60
CA LEU I 107 4.39 46.17 -4.26
C LEU I 107 3.63 45.29 -3.28
N ILE I 108 3.13 45.89 -2.19
CA ILE I 108 2.53 45.06 -1.14
C ILE I 108 1.20 44.46 -1.59
N TRP I 109 0.44 45.17 -2.42
CA TRP I 109 -0.87 44.70 -2.84
C TRP I 109 -0.84 43.94 -4.16
N THR I 110 0.34 43.77 -4.76
CA THR I 110 0.51 43.10 -6.06
C THR I 110 -0.50 43.61 -7.08
N GLN I 111 -0.43 44.92 -7.33
CA GLN I 111 -1.38 45.58 -8.20
C GLN I 111 -0.69 46.76 -8.84
N ASP I 112 -1.21 47.19 -9.99
CA ASP I 112 -0.81 48.45 -10.59
C ASP I 112 -1.83 49.51 -10.21
N PHE I 113 -1.35 50.58 -9.54
CA PHE I 113 -2.22 51.65 -9.09
C PHE I 113 -2.00 52.94 -9.87
N SER I 114 -1.42 52.85 -11.07
CA SER I 114 -1.14 54.03 -11.88
C SER I 114 -2.42 54.71 -12.36
N ASN I 115 -3.52 53.97 -12.48
CA ASN I 115 -4.80 54.52 -12.91
C ASN I 115 -5.66 55.01 -11.75
N ILE I 116 -5.18 54.91 -10.52
CA ILE I 116 -5.94 55.39 -9.38
C ILE I 116 -5.96 56.92 -9.39
N GLN I 117 -7.16 57.49 -9.46
CA GLN I 117 -7.27 58.93 -9.44
C GLN I 117 -7.72 59.40 -8.07
N PRO I 118 -7.01 60.36 -7.47
CA PRO I 118 -7.47 60.92 -6.20
C PRO I 118 -8.84 61.57 -6.35
N SER I 119 -9.62 61.49 -5.29
CA SER I 119 -10.96 62.06 -5.30
C SER I 119 -10.87 63.58 -5.28
N GLU I 120 -12.05 64.22 -5.22
CA GLU I 120 -12.10 65.67 -5.26
C GLU I 120 -11.30 66.30 -4.12
N PHE I 121 -11.31 65.66 -2.95
CA PHE I 121 -10.58 66.14 -1.79
C PHE I 121 -9.27 65.40 -1.57
N GLY I 122 -8.81 64.64 -2.56
CA GLY I 122 -7.53 63.98 -2.52
C GLY I 122 -7.53 62.57 -1.98
N GLY I 123 -8.66 62.06 -1.51
CA GLY I 123 -8.69 60.72 -0.98
C GLY I 123 -8.52 59.67 -2.05
N ILE I 124 -7.89 58.56 -1.68
CA ILE I 124 -7.69 57.42 -2.57
C ILE I 124 -8.12 56.15 -1.85
N VAL I 125 -8.64 55.21 -2.62
CA VAL I 125 -8.97 53.88 -2.13
C VAL I 125 -8.27 52.87 -3.02
N LEU I 126 -7.47 51.98 -2.42
CA LEU I 126 -6.71 50.99 -3.14
C LEU I 126 -7.29 49.61 -2.84
N GLU I 127 -7.97 49.03 -3.82
CA GLU I 127 -8.58 47.73 -3.68
C GLU I 127 -7.57 46.63 -3.98
N ALA I 128 -7.52 45.62 -3.14
CA ALA I 128 -6.72 44.45 -3.44
C ALA I 128 -7.32 43.71 -4.64
N PRO I 129 -6.49 43.23 -5.56
CA PRO I 129 -7.03 42.51 -6.72
C PRO I 129 -7.71 41.22 -6.30
N LYS I 130 -8.69 40.80 -7.11
CA LYS I 130 -9.45 39.59 -6.80
C LYS I 130 -8.53 38.40 -6.60
N VAL I 131 -7.57 38.22 -7.49
CA VAL I 131 -6.51 37.24 -7.30
C VAL I 131 -5.18 37.99 -7.26
N PRO I 132 -4.26 37.64 -6.38
CA PRO I 132 -2.95 38.29 -6.39
C PRO I 132 -2.24 38.06 -7.72
N LYS I 133 -1.56 39.10 -8.20
CA LYS I 133 -0.90 39.06 -9.49
C LYS I 133 0.59 38.75 -9.32
N ASN I 134 1.15 38.08 -10.31
CA ASN I 134 2.59 37.85 -10.38
C ASN I 134 3.20 39.06 -11.07
N ILE I 135 3.82 39.94 -10.30
CA ILE I 135 4.42 41.16 -10.81
C ILE I 135 5.91 41.14 -10.52
N TYR I 136 6.71 41.37 -11.55
CA TYR I 136 8.15 41.40 -11.41
C TYR I 136 8.67 42.83 -11.44
N TYR I 137 9.72 43.06 -10.68
CA TYR I 137 10.37 44.37 -10.62
C TYR I 137 11.87 44.19 -10.82
N ARG I 138 12.50 45.28 -11.22
CA ARG I 138 13.95 45.38 -11.21
C ARG I 138 14.37 46.14 -9.96
N ALA I 139 15.33 45.59 -9.24
CA ALA I 139 15.71 46.10 -7.93
C ALA I 139 17.18 46.49 -7.91
N ILE I 140 17.47 47.61 -7.26
CA ILE I 140 18.83 48.01 -6.93
C ILE I 140 18.88 48.25 -5.43
N LEU I 141 19.81 47.57 -4.75
CA LEU I 141 20.13 47.87 -3.36
C LEU I 141 21.53 48.46 -3.35
N VAL I 142 21.63 49.76 -3.13
CA VAL I 142 22.91 50.45 -3.12
C VAL I 142 23.14 51.08 -1.75
N GLY I 143 24.28 50.78 -1.16
CA GLY I 143 24.68 51.35 0.11
C GLY I 143 25.89 52.23 -0.04
N MET I 144 26.13 53.10 0.94
CA MET I 144 27.24 54.03 0.90
C MET I 144 28.05 53.93 2.18
N ASP I 145 29.36 53.82 2.04
CA ASP I 145 30.31 53.94 3.13
C ASP I 145 31.10 55.22 2.89
N ASP I 146 30.65 56.32 3.50
CA ASP I 146 31.29 57.62 3.33
C ASP I 146 32.37 57.75 4.38
N ARG I 147 33.61 57.47 3.99
CA ARG I 147 34.76 57.52 4.88
C ARG I 147 35.80 58.45 4.29
N ASN I 148 36.31 59.37 5.11
CA ASN I 148 37.36 60.31 4.72
C ASN I 148 36.96 61.10 3.48
N ASP I 149 35.67 61.37 3.33
CA ASP I 149 35.07 62.09 2.21
C ASP I 149 35.28 61.40 0.87
N ARG I 150 35.76 60.16 0.84
CA ARG I 150 35.85 59.38 -0.39
C ARG I 150 34.90 58.19 -0.28
N PRO I 151 33.67 58.31 -0.76
CA PRO I 151 32.68 57.26 -0.49
C PRO I 151 32.95 55.98 -1.27
N ILE I 152 32.48 54.88 -0.70
CA ILE I 152 32.41 53.60 -1.38
C ILE I 152 30.95 53.25 -1.57
N TRP I 153 30.57 52.92 -2.80
CA TRP I 153 29.22 52.47 -3.10
C TRP I 153 29.24 50.97 -3.32
N LEU I 154 28.62 50.23 -2.40
CA LEU I 154 28.42 48.81 -2.54
C LEU I 154 26.96 48.58 -2.91
N TYR I 155 26.72 47.75 -3.92
CA TYR I 155 25.36 47.58 -4.40
C TYR I 155 25.11 46.16 -4.88
N TRP I 156 23.83 45.84 -4.95
CA TRP I 156 23.35 44.57 -5.48
C TRP I 156 22.36 44.87 -6.59
N LEU I 157 22.52 44.19 -7.72
CA LEU I 157 21.60 44.31 -8.84
C LEU I 157 20.77 43.04 -8.94
N MET I 158 19.45 43.20 -8.91
CA MET I 158 18.52 42.08 -9.03
C MET I 158 17.48 42.46 -10.08
N PRO I 159 17.72 42.07 -11.34
CA PRO I 159 16.85 42.53 -12.43
C PRO I 159 15.45 41.97 -12.41
N LYS I 160 15.17 40.90 -11.67
CA LYS I 160 13.85 40.28 -11.69
C LYS I 160 13.49 39.81 -10.29
N VAL I 161 12.79 40.66 -9.55
CA VAL I 161 12.36 40.33 -8.20
C VAL I 161 10.84 40.32 -8.15
N LYS I 162 10.32 39.50 -7.25
CA LYS I 162 8.88 39.35 -7.07
C LYS I 162 8.59 39.25 -5.58
N LEU I 163 7.44 39.81 -5.18
CA LEU I 163 7.00 39.69 -3.80
C LEU I 163 6.80 38.22 -3.44
N ASP I 164 7.47 37.78 -2.38
CA ASP I 164 7.43 36.39 -1.95
C ASP I 164 6.67 36.19 -0.65
N LYS I 165 6.70 37.17 0.24
CA LYS I 165 6.12 37.03 1.57
C LYS I 165 5.85 38.41 2.14
N LEU I 166 4.89 38.48 3.04
CA LEU I 166 4.54 39.73 3.71
C LEU I 166 4.40 39.46 5.19
N ASP I 167 5.21 40.13 6.00
CA ASP I 167 5.17 39.94 7.44
C ASP I 167 3.91 40.57 8.03
N ASN I 168 3.56 40.12 9.23
CA ASN I 168 2.40 40.66 9.93
C ASN I 168 2.60 42.15 10.19
N GLN I 169 1.55 42.91 9.91
CA GLN I 169 1.58 44.36 10.07
C GLN I 169 0.86 44.70 11.37
N THR I 170 1.57 45.29 12.31
CA THR I 170 1.02 45.64 13.61
C THR I 170 0.83 47.15 13.70
N LEU I 171 -0.38 47.57 14.07
CA LEU I 171 -0.69 48.97 14.28
C LEU I 171 -0.59 49.27 15.77
N ASN I 172 0.33 50.15 16.13
CA ASN I 172 0.50 50.61 17.50
C ASN I 172 0.36 52.12 17.53
N ASP I 173 -0.18 52.64 18.64
CA ASP I 173 -0.45 54.07 18.73
C ASP I 173 0.80 54.91 18.93
N ASP I 174 1.96 54.28 19.13
CA ASP I 174 3.22 55.01 19.29
C ASP I 174 4.22 54.68 18.17
N ASN I 175 3.76 54.15 17.05
CA ASN I 175 4.65 53.76 15.97
C ASN I 175 3.98 54.10 14.64
N VAL I 176 4.81 54.28 13.61
CA VAL I 176 4.30 54.45 12.26
C VAL I 176 4.02 53.07 11.66
N ILE I 177 3.25 53.03 10.59
CA ILE I 177 2.91 51.77 9.96
C ILE I 177 4.06 51.33 9.06
N GLU I 178 4.46 50.07 9.20
CA GLU I 178 5.55 49.50 8.44
C GLU I 178 5.03 48.43 7.49
N TYR I 179 5.62 48.37 6.31
CA TYR I 179 5.39 47.30 5.35
C TYR I 179 6.67 46.48 5.24
N LYS I 180 6.55 45.18 5.45
CA LYS I 180 7.71 44.29 5.58
C LYS I 180 7.61 43.19 4.54
N PRO I 181 7.92 43.49 3.28
CA PRO I 181 7.92 42.44 2.26
C PRO I 181 9.23 41.65 2.25
N THR I 182 9.12 40.42 1.79
CA THR I 182 10.28 39.62 1.40
C THR I 182 10.24 39.47 -0.10
N LEU I 183 11.31 39.88 -0.77
CA LEU I 183 11.40 39.80 -2.22
C LEU I 183 12.36 38.69 -2.62
N LYS I 184 11.98 37.92 -3.63
CA LYS I 184 12.78 36.82 -4.14
C LYS I 184 13.32 37.19 -5.51
N ALA I 185 14.62 36.99 -5.69
CA ALA I 185 15.27 37.28 -6.97
C ALA I 185 15.12 36.12 -7.92
N PHE I 186 14.86 36.43 -9.18
CA PHE I 186 14.76 35.45 -10.24
C PHE I 186 15.75 35.77 -11.33
N ARG I 187 16.15 34.75 -12.08
CA ARG I 187 17.09 34.95 -13.16
C ARG I 187 16.41 35.67 -14.32
N ASP I 188 17.00 36.78 -14.75
CA ASP I 188 16.54 37.49 -15.94
C ASP I 188 17.33 36.97 -17.13
N ASP I 189 16.60 36.47 -18.14
CA ASP I 189 17.25 35.81 -19.27
C ASP I 189 18.12 36.78 -20.07
N VAL I 190 17.65 38.01 -20.26
CA VAL I 190 18.35 38.95 -21.13
C VAL I 190 19.70 39.32 -20.52
N VAL I 191 19.73 39.70 -19.24
CA VAL I 191 20.99 40.06 -18.61
C VAL I 191 21.77 38.84 -18.12
N GLY I 192 21.11 37.69 -17.99
CA GLY I 192 21.81 36.46 -17.71
C GLY I 192 22.27 36.25 -16.27
N TYR I 193 21.58 36.83 -15.30
CA TYR I 193 21.88 36.57 -13.91
C TYR I 193 20.67 36.97 -13.06
N SER I 194 20.67 36.50 -11.82
CA SER I 194 19.66 36.91 -10.85
C SER I 194 20.16 37.94 -9.86
N VAL I 195 21.42 37.83 -9.41
CA VAL I 195 22.02 38.79 -8.49
C VAL I 195 23.42 39.13 -8.96
N ALA I 196 23.78 40.40 -8.86
CA ALA I 196 25.13 40.85 -9.07
C ALA I 196 25.51 41.80 -7.95
N GLN I 197 26.75 41.68 -7.45
CA GLN I 197 27.27 42.56 -6.42
C GLN I 197 28.28 43.51 -7.03
N GLY I 198 28.16 44.79 -6.71
CA GLY I 198 29.02 45.80 -7.31
C GLY I 198 29.69 46.67 -6.26
N PHE I 199 30.85 47.19 -6.64
CA PHE I 199 31.60 48.15 -5.83
C PHE I 199 32.03 49.30 -6.74
N ALA I 200 31.90 50.53 -6.24
CA ALA I 200 32.25 51.70 -7.02
C ALA I 200 32.56 52.85 -6.08
N GLY I 201 33.02 53.96 -6.66
CA GLY I 201 33.36 55.14 -5.89
C GLY I 201 34.85 55.34 -5.75
N PRO I 202 35.27 56.58 -5.50
CA PRO I 202 36.70 56.83 -5.30
C PRO I 202 37.30 56.07 -4.13
N GLY I 203 36.53 55.91 -3.05
CA GLY I 203 37.00 55.10 -1.95
C GLY I 203 37.25 53.66 -2.35
N TRP I 204 36.42 53.13 -3.25
CA TRP I 204 36.68 51.80 -3.79
C TRP I 204 37.92 51.81 -4.68
N ARG I 205 38.06 52.84 -5.52
CA ARG I 205 39.22 52.95 -6.40
C ARG I 205 40.52 52.92 -5.61
N ASP I 206 40.52 53.48 -4.39
CA ASP I 206 41.68 53.36 -3.53
C ASP I 206 41.98 51.91 -3.15
N LEU I 207 40.99 51.03 -3.22
CA LEU I 207 41.12 49.69 -2.67
C LEU I 207 41.09 48.57 -3.70
N VAL I 208 40.85 48.87 -4.99
CA VAL I 208 40.61 47.81 -5.96
C VAL I 208 41.80 46.87 -6.05
N ALA I 209 43.02 47.42 -6.12
CA ALA I 209 44.21 46.60 -6.21
C ALA I 209 44.41 45.78 -4.93
N THR I 210 44.18 46.39 -3.77
CA THR I 210 44.29 45.66 -2.50
C THR I 210 43.28 44.52 -2.42
N ALA I 211 42.07 44.72 -2.95
CA ALA I 211 41.04 43.70 -2.91
C ALA I 211 41.33 42.53 -3.84
N GLY I 212 42.34 42.62 -4.69
CA GLY I 212 42.71 41.53 -5.55
C GLY I 212 42.04 41.51 -6.91
N PHE I 213 41.44 42.61 -7.34
CA PHE I 213 40.82 42.71 -8.65
C PHE I 213 41.73 43.52 -9.56
N GLY I 214 42.09 42.92 -10.70
CA GLY I 214 43.07 43.56 -11.55
C GLY I 214 44.46 43.53 -10.93
N GLU I 215 45.34 44.38 -11.44
CA GLU I 215 46.71 44.51 -10.97
C GLU I 215 46.89 45.85 -10.25
N ALA I 216 47.99 45.96 -9.53
CA ALA I 216 48.26 47.16 -8.75
C ALA I 216 48.75 48.30 -9.65
N LEU I 217 48.65 49.51 -9.11
CA LEU I 217 49.10 50.71 -9.82
C LEU I 217 50.55 50.98 -9.48
N THR I 218 51.40 51.04 -10.52
CA THR I 218 52.82 51.31 -10.35
C THR I 218 53.33 52.49 -11.15
N ALA I 219 52.67 52.84 -12.26
CA ALA I 219 53.11 53.94 -13.11
C ALA I 219 51.92 54.78 -13.53
N LEU I 220 52.13 56.09 -13.63
CA LEU I 220 51.11 57.02 -14.07
C LEU I 220 51.47 57.52 -15.46
N THR I 221 50.47 57.56 -16.35
CA THR I 221 50.68 57.94 -17.74
C THR I 221 49.70 59.05 -18.10
N ILE I 222 50.21 60.10 -18.72
CA ILE I 222 49.38 61.19 -19.20
C ILE I 222 49.22 61.03 -20.71
N THR I 223 48.02 60.61 -21.14
CA THR I 223 47.78 60.29 -22.54
C THR I 223 47.99 61.49 -23.45
N PRO I 224 47.55 62.72 -23.09
CA PRO I 224 48.00 63.85 -23.93
C PRO I 224 49.33 64.41 -23.44
N GLY I 225 50.40 63.66 -23.71
CA GLY I 225 51.71 64.06 -23.22
C GLY I 225 52.23 65.34 -23.85
N SER I 226 51.94 65.54 -25.14
CA SER I 226 52.41 66.72 -25.88
C SER I 226 51.24 67.37 -26.58
N PRO I 227 50.41 68.12 -25.85
CA PRO I 227 49.31 68.86 -26.47
C PRO I 227 49.71 70.28 -26.82
N THR I 228 48.86 70.93 -27.60
CA THR I 228 49.04 72.32 -27.98
C THR I 228 47.71 73.05 -27.85
N VAL I 229 47.73 74.21 -27.17
CA VAL I 229 46.54 75.00 -26.93
C VAL I 229 46.74 76.39 -27.48
N THR I 230 45.73 76.90 -28.19
CA THR I 230 45.79 78.23 -28.77
C THR I 230 45.55 79.28 -27.70
N VAL I 231 46.28 80.40 -27.82
CA VAL I 231 46.07 81.52 -26.90
C VAL I 231 44.68 82.12 -27.11
N ALA I 232 44.27 82.28 -28.36
CA ALA I 232 42.97 82.85 -28.66
C ALA I 232 41.86 81.92 -28.21
N THR I 233 40.70 82.51 -27.90
CA THR I 233 39.55 81.76 -27.44
C THR I 233 38.96 80.93 -28.57
N GLY I 234 38.66 79.66 -28.28
CA GLY I 234 38.09 78.79 -29.28
C GLY I 234 37.92 77.39 -28.74
N ALA I 235 37.52 76.48 -29.63
CA ALA I 235 37.32 75.10 -29.25
C ALA I 235 38.64 74.44 -28.84
N SER I 236 39.72 74.71 -29.58
CA SER I 236 41.03 74.16 -29.28
C SER I 236 41.86 75.07 -28.38
N HIS I 237 41.21 76.01 -27.69
CA HIS I 237 41.92 76.88 -26.77
C HIS I 237 42.30 76.15 -25.48
N THR I 238 41.50 75.15 -25.08
CA THR I 238 41.72 74.41 -23.85
C THR I 238 41.84 72.92 -24.14
N ALA I 239 42.59 72.23 -23.29
CA ALA I 239 42.78 70.79 -23.42
C ALA I 239 42.54 70.13 -22.07
N GLN I 240 41.81 69.02 -22.08
CA GLN I 240 41.55 68.26 -20.87
C GLN I 240 42.50 67.07 -20.81
N LEU I 241 43.24 66.97 -19.71
CA LEU I 241 44.22 65.90 -19.53
C LEU I 241 43.53 64.63 -19.03
N LEU I 242 44.24 63.52 -19.13
CA LEU I 242 43.74 62.22 -18.67
C LEU I 242 44.91 61.42 -18.14
N VAL I 243 44.87 61.06 -16.86
CA VAL I 243 45.93 60.33 -16.19
C VAL I 243 45.46 58.91 -15.92
N GLU I 244 46.22 57.93 -16.39
CA GLU I 244 45.89 56.52 -16.24
C GLU I 244 47.01 55.80 -15.51
N GLY I 245 46.82 54.50 -15.31
CA GLY I 245 47.78 53.65 -14.67
C GLY I 245 48.10 52.41 -15.51
N ASP I 246 49.00 51.59 -14.96
CA ASP I 246 49.34 50.34 -15.62
C ASP I 246 48.22 49.31 -15.54
N ASN I 247 47.29 49.48 -14.60
CA ASN I 247 46.13 48.61 -14.48
C ASN I 247 44.94 49.10 -15.29
N GLY I 248 45.08 50.20 -16.02
CA GLY I 248 44.00 50.71 -16.83
C GLY I 248 42.96 51.51 -16.10
N ILE I 249 43.22 51.95 -14.87
CA ILE I 249 42.26 52.69 -14.08
C ILE I 249 42.58 54.18 -14.21
N ASN I 250 41.56 54.97 -14.54
CA ASN I 250 41.70 56.42 -14.59
C ASN I 250 41.91 56.97 -13.19
N TYR I 251 43.07 57.60 -12.96
CA TYR I 251 43.39 58.18 -11.67
C TYR I 251 43.39 59.70 -11.71
N THR I 252 42.77 60.30 -12.73
CA THR I 252 42.71 61.75 -12.83
C THR I 252 42.11 62.44 -11.60
N PRO I 253 41.01 61.96 -11.01
CA PRO I 253 40.51 62.64 -9.80
C PRO I 253 41.44 62.53 -8.60
N ASP I 254 42.33 61.55 -8.59
CA ASP I 254 43.15 61.27 -7.42
C ASP I 254 44.57 61.84 -7.51
N VAL I 255 44.87 62.65 -8.51
CA VAL I 255 46.21 63.19 -8.68
C VAL I 255 46.20 64.69 -8.43
N VAL I 256 47.38 65.22 -8.14
CA VAL I 256 47.59 66.65 -7.92
C VAL I 256 48.27 67.24 -9.14
N PHE I 257 47.64 68.23 -9.76
CA PHE I 257 48.19 68.86 -10.95
C PHE I 257 49.01 70.09 -10.55
N THR I 258 50.26 70.12 -11.00
CA THR I 258 51.16 71.24 -10.79
C THR I 258 51.73 71.69 -12.12
N SER I 259 51.72 73.00 -12.37
CA SER I 259 52.28 73.55 -13.60
C SER I 259 53.66 74.13 -13.35
N SER I 260 54.46 74.16 -14.41
CA SER I 260 55.80 74.74 -14.32
C SER I 260 55.72 76.26 -14.28
N ALA I 261 55.14 76.86 -15.31
CA ALA I 261 54.90 78.31 -15.36
C ALA I 261 53.39 78.54 -15.40
N PRO I 262 52.76 78.95 -14.30
CA PRO I 262 51.31 79.16 -14.31
C PRO I 262 50.86 80.21 -15.32
N ASP I 263 51.66 81.25 -15.56
CA ASP I 263 51.25 82.29 -16.49
C ASP I 263 51.21 81.76 -17.93
N LYS I 264 52.15 80.89 -18.30
CA LYS I 264 52.18 80.37 -19.65
C LYS I 264 50.98 79.48 -19.93
N ALA I 265 50.72 78.52 -19.04
CA ALA I 265 49.59 77.60 -19.19
C ALA I 265 48.98 77.36 -17.83
N SER I 266 47.68 77.61 -17.70
CA SER I 266 46.98 77.45 -16.43
C SER I 266 46.28 76.10 -16.39
N VAL I 267 46.49 75.35 -15.32
CA VAL I 267 45.87 74.04 -15.12
C VAL I 267 45.07 74.09 -13.83
N SER I 268 43.86 73.55 -13.86
CA SER I 268 43.00 73.51 -12.69
C SER I 268 43.30 72.24 -11.89
N ALA I 269 42.55 72.02 -10.81
CA ALA I 269 42.67 70.78 -10.05
C ALA I 269 42.24 69.58 -10.89
N ALA I 270 41.15 69.72 -11.64
CA ALA I 270 40.66 68.63 -12.48
C ALA I 270 41.63 68.27 -13.58
N GLY I 271 42.55 69.17 -13.94
CA GLY I 271 43.52 68.90 -14.96
C GLY I 271 43.23 69.46 -16.33
N LEU I 272 42.53 70.59 -16.41
CA LEU I 272 42.24 71.23 -17.68
C LEU I 272 43.29 72.28 -17.98
N VAL I 273 44.01 72.12 -19.09
CA VAL I 273 45.11 73.00 -19.47
C VAL I 273 44.56 74.11 -20.35
N THR I 274 44.76 75.35 -19.93
CA THR I 274 44.38 76.53 -20.69
C THR I 274 45.63 77.38 -20.93
N GLY I 275 45.91 77.69 -22.19
CA GLY I 275 47.10 78.44 -22.53
C GLY I 275 46.88 79.94 -22.51
N VAL I 276 47.31 80.59 -21.42
CA VAL I 276 47.16 82.03 -21.30
C VAL I 276 48.09 82.76 -22.26
N ALA I 277 49.36 82.37 -22.28
CA ALA I 277 50.36 83.04 -23.10
C ALA I 277 51.23 82.00 -23.77
N ALA I 278 51.82 82.38 -24.90
CA ALA I 278 52.67 81.45 -25.64
C ALA I 278 53.92 81.12 -24.84
N GLY I 279 54.43 79.92 -25.04
CA GLY I 279 55.61 79.46 -24.34
C GLY I 279 55.56 77.95 -24.19
N SER I 280 56.46 77.44 -23.35
CA SER I 280 56.54 76.01 -23.04
C SER I 280 56.33 75.82 -21.55
N ALA I 281 55.33 75.02 -21.20
CA ALA I 281 55.00 74.75 -19.81
C ALA I 281 54.95 73.25 -19.56
N THR I 282 55.44 72.85 -18.40
CA THR I 282 55.44 71.46 -17.96
C THR I 282 54.33 71.26 -16.94
N ILE I 283 53.49 70.25 -17.15
CA ILE I 283 52.39 69.93 -16.25
C ILE I 283 52.67 68.57 -15.64
N THR I 284 52.76 68.54 -14.31
CA THR I 284 53.12 67.34 -13.57
C THR I 284 51.94 66.91 -12.71
N ALA I 285 51.54 65.65 -12.83
CA ALA I 285 50.48 65.07 -12.04
C ALA I 285 51.09 64.15 -10.99
N THR I 286 50.83 64.43 -9.71
CA THR I 286 51.43 63.72 -8.60
C THR I 286 50.35 62.98 -7.82
N LYS I 287 50.60 61.71 -7.53
CA LYS I 287 49.74 60.90 -6.68
C LYS I 287 50.64 60.01 -5.82
N GLY I 288 50.70 60.30 -4.53
CA GLY I 288 51.59 59.55 -3.66
C GLY I 288 53.04 59.75 -4.06
N ALA I 289 53.75 58.63 -4.20
CA ALA I 289 55.16 58.64 -4.59
C ALA I 289 55.36 58.47 -6.10
N LEU I 290 54.28 58.39 -6.87
CA LEU I 290 54.36 58.23 -8.31
C LEU I 290 53.95 59.53 -8.99
N THR I 291 54.43 59.72 -10.22
CA THR I 291 54.21 60.98 -10.92
C THR I 291 54.18 60.74 -12.42
N ALA I 292 53.64 61.72 -13.13
CA ALA I 292 53.61 61.73 -14.59
C ALA I 292 53.74 63.16 -15.07
N THR I 293 54.61 63.39 -16.04
CA THR I 293 54.93 64.72 -16.52
C THR I 293 54.56 64.86 -17.99
N ALA I 294 53.95 66.00 -18.33
CA ALA I 294 53.59 66.33 -19.70
C ALA I 294 54.02 67.76 -20.00
N THR I 295 54.38 68.00 -21.25
CA THR I 295 54.85 69.31 -21.71
C THR I 295 53.91 69.85 -22.78
N VAL I 296 53.43 71.07 -22.58
CA VAL I 296 52.44 71.69 -23.44
C VAL I 296 53.05 72.92 -24.10
N THR I 297 52.94 72.99 -25.42
CA THR I 297 53.42 74.14 -26.19
C THR I 297 52.23 75.02 -26.53
N VAL I 298 52.28 76.28 -26.10
CA VAL I 298 51.20 77.23 -26.33
C VAL I 298 51.57 78.17 -27.47
N THR I 299 50.64 78.37 -28.39
CA THR I 299 50.85 79.26 -29.53
C THR I 299 49.79 80.35 -29.51
N ALA I 300 50.17 81.52 -30.03
CA ALA I 300 49.25 82.65 -30.10
C ALA I 300 48.93 82.99 -31.56
N THR J 2 24.29 63.90 -8.95
CA THR J 2 23.30 63.34 -8.04
C THR J 2 23.95 62.52 -6.93
N ASP J 3 23.94 63.05 -5.71
CA ASP J 3 24.53 62.36 -4.57
C ASP J 3 23.57 61.29 -4.05
N PHE J 4 24.04 60.57 -3.02
CA PHE J 4 23.25 59.47 -2.46
C PHE J 4 21.95 59.97 -1.86
N TYR J 5 21.98 61.11 -1.17
CA TYR J 5 20.79 61.63 -0.51
C TYR J 5 19.70 61.96 -1.53
N THR J 6 20.08 62.55 -2.67
CA THR J 6 19.09 62.86 -3.70
C THR J 6 18.47 61.60 -4.28
N ILE J 7 19.28 60.56 -4.50
CA ILE J 7 18.77 59.31 -5.02
C ILE J 7 17.81 58.66 -4.04
N LYS J 8 18.14 58.70 -2.74
CA LYS J 8 17.29 58.09 -1.74
C LYS J 8 15.91 58.73 -1.71
N ASP J 9 15.84 60.06 -1.87
CA ASP J 9 14.58 60.79 -1.99
C ASP J 9 13.62 60.42 -0.86
N ALA J 10 14.12 60.48 0.37
CA ALA J 10 13.32 60.04 1.51
C ALA J 10 12.35 61.14 1.93
N GLN J 11 11.10 60.73 2.19
CA GLN J 11 10.01 61.63 2.56
C GLN J 11 9.49 61.19 3.93
N ALA J 12 9.97 61.87 4.98
CA ALA J 12 9.55 61.51 6.33
C ALA J 12 8.06 61.74 6.55
N ASP J 13 7.47 62.74 5.87
CA ASP J 13 6.06 63.04 6.04
C ASP J 13 5.15 61.94 5.52
N LEU J 14 5.67 61.06 4.65
CA LEU J 14 4.86 59.95 4.15
C LEU J 14 4.81 58.77 5.12
N ALA J 15 5.54 58.82 6.23
CA ALA J 15 5.37 57.86 7.31
C ALA J 15 4.18 58.28 8.17
N ILE J 16 3.21 57.40 8.30
CA ILE J 16 1.93 57.70 8.93
C ILE J 16 1.78 56.84 10.18
N ALA J 17 1.47 57.47 11.30
CA ALA J 17 1.33 56.80 12.58
C ALA J 17 -0.14 56.73 12.98
N PRO J 18 -0.71 55.54 13.18
CA PRO J 18 -2.10 55.46 13.67
C PRO J 18 -2.19 55.79 15.16
N LEU J 19 -2.16 57.09 15.46
CA LEU J 19 -2.15 57.53 16.85
C LEU J 19 -3.43 57.13 17.57
N ASN J 20 -4.56 57.19 16.88
CA ASN J 20 -5.80 56.62 17.36
C ASN J 20 -6.37 55.68 16.30
N LEU J 21 -7.16 54.71 16.76
CA LEU J 21 -7.66 53.66 15.89
C LEU J 21 -9.03 53.24 16.40
N THR J 22 -9.94 52.97 15.48
CA THR J 22 -11.25 52.44 15.82
C THR J 22 -11.66 51.38 14.82
N VAL J 23 -12.33 50.35 15.32
CA VAL J 23 -12.86 49.26 14.52
C VAL J 23 -14.37 49.37 14.52
N LEU J 24 -14.97 49.42 13.34
CA LEU J 24 -16.42 49.47 13.22
C LEU J 24 -16.92 48.24 12.50
N LEU J 25 -17.94 47.62 13.05
CA LEU J 25 -18.57 46.45 12.47
C LEU J 25 -20.01 46.79 12.10
N ALA J 26 -20.46 46.22 10.99
CA ALA J 26 -21.84 46.36 10.55
C ALA J 26 -22.40 44.99 10.21
N PRO J 27 -23.69 44.77 10.41
CA PRO J 27 -24.30 43.52 9.97
C PRO J 27 -24.21 43.39 8.46
N TYR J 28 -24.21 42.14 7.99
CA TYR J 28 -24.00 41.88 6.58
C TYR J 28 -25.05 42.51 5.68
N SER J 29 -26.23 42.82 6.23
CA SER J 29 -27.26 43.49 5.45
C SER J 29 -26.97 44.97 5.19
N THR J 30 -25.98 45.54 5.88
CA THR J 30 -25.59 46.92 5.64
C THR J 30 -24.95 47.06 4.27
N THR J 31 -25.21 48.20 3.63
CA THR J 31 -24.53 48.52 2.38
C THR J 31 -23.06 48.82 2.67
N PRO J 32 -22.11 48.14 2.03
CA PRO J 32 -20.71 48.33 2.38
C PRO J 32 -20.20 49.73 2.06
N ALA J 33 -19.29 50.20 2.90
CA ALA J 33 -18.62 51.46 2.63
C ALA J 33 -17.73 51.33 1.40
N THR J 34 -17.77 52.34 0.54
CA THR J 34 -16.85 52.42 -0.58
C THR J 34 -15.73 53.41 -0.34
N THR J 35 -15.98 54.44 0.46
CA THR J 35 -14.98 55.42 0.84
C THR J 35 -15.43 56.06 2.14
N LEU J 36 -14.46 56.50 2.93
CA LEU J 36 -14.77 57.22 4.16
C LEU J 36 -14.75 58.73 3.98
N GLU J 37 -14.39 59.21 2.79
CA GLU J 37 -14.30 60.64 2.51
C GLU J 37 -15.67 61.14 2.08
N SER J 38 -16.17 62.15 2.80
CA SER J 38 -17.47 62.72 2.48
C SER J 38 -17.42 63.47 1.15
N PRO J 39 -18.37 63.26 0.24
CA PRO J 39 -18.39 64.03 -1.01
C PRO J 39 -18.64 65.51 -0.82
N THR J 40 -19.18 65.92 0.33
CA THR J 40 -19.50 67.32 0.57
C THR J 40 -18.24 68.14 0.84
N ASP J 41 -17.53 67.81 1.92
CA ASP J 41 -16.35 68.57 2.32
C ASP J 41 -15.12 67.71 2.54
N GLY J 42 -15.17 66.41 2.24
CA GLY J 42 -14.03 65.55 2.43
C GLY J 42 -13.80 65.08 3.85
N SER J 43 -14.71 65.39 4.77
CA SER J 43 -14.56 64.97 6.15
C SER J 43 -14.87 63.48 6.28
N LEU J 44 -14.50 62.93 7.43
CA LEU J 44 -14.72 61.51 7.68
C LEU J 44 -16.22 61.22 7.77
N ALA J 45 -16.69 60.27 6.96
CA ALA J 45 -18.11 59.96 6.87
C ALA J 45 -18.29 58.45 6.96
N ILE J 46 -18.82 57.99 8.07
CA ILE J 46 -19.10 56.56 8.27
C ILE J 46 -20.52 56.26 7.80
N PRO J 47 -20.71 55.25 6.95
CA PRO J 47 -22.07 54.92 6.53
C PRO J 47 -22.89 54.41 7.70
N PRO J 48 -24.21 54.64 7.67
CA PRO J 48 -25.05 54.12 8.75
C PRO J 48 -25.03 52.60 8.79
N GLY J 49 -25.16 52.06 10.00
CA GLY J 49 -25.09 50.64 10.26
C GLY J 49 -23.77 50.18 10.83
N TYR J 50 -22.70 50.93 10.60
CA TYR J 50 -21.41 50.60 11.18
C TYR J 50 -21.33 51.13 12.61
N LYS J 51 -20.97 50.26 13.55
CA LYS J 51 -20.88 50.62 14.95
C LYS J 51 -19.49 50.27 15.47
N SER J 52 -18.89 51.21 16.19
CA SER J 52 -17.59 50.98 16.79
C SER J 52 -17.68 49.92 17.89
N VAL J 53 -16.59 49.16 18.02
CA VAL J 53 -16.48 48.23 19.15
C VAL J 53 -15.98 48.90 20.41
N GLY J 54 -15.53 50.15 20.32
CA GLY J 54 -15.05 50.87 21.48
C GLY J 54 -13.59 50.65 21.78
N HIS J 55 -13.22 50.77 23.05
CA HIS J 55 -11.82 50.68 23.46
C HIS J 55 -11.27 49.28 23.23
N PHE J 56 -10.02 49.21 22.79
CA PHE J 56 -9.31 47.95 22.71
C PHE J 56 -7.92 48.13 23.31
N GLU J 57 -7.27 46.99 23.58
CA GLU J 57 -6.02 46.98 24.33
C GLU J 57 -4.92 47.76 23.61
N LYS J 58 -4.19 48.57 24.37
CA LYS J 58 -3.16 49.41 23.78
C LYS J 58 -1.95 48.60 23.33
N GLN J 59 -1.46 47.71 24.19
CA GLN J 59 -0.18 47.05 23.92
C GLN J 59 -0.30 46.03 22.80
N ALA J 60 -1.38 45.24 22.79
CA ALA J 60 -1.60 44.32 21.68
C ALA J 60 -1.78 45.07 20.37
N GLY J 61 -2.44 46.22 20.40
CA GLY J 61 -2.71 46.96 19.20
C GLY J 61 -3.61 46.17 18.26
N LEU J 62 -3.39 46.39 16.97
CA LEU J 62 -4.11 45.67 15.93
C LEU J 62 -3.10 45.08 14.96
N THR J 63 -3.18 43.78 14.73
CA THR J 63 -2.27 43.06 13.85
C THR J 63 -3.00 42.65 12.59
N LEU J 64 -2.47 43.03 11.44
CA LEU J 64 -3.02 42.65 10.15
C LEU J 64 -2.13 41.58 9.53
N GLY J 65 -2.75 40.45 9.15
CA GLY J 65 -2.02 39.33 8.58
C GLY J 65 -2.36 39.14 7.11
N ASN J 66 -1.38 38.69 6.34
CA ASN J 66 -1.55 38.38 4.93
C ASN J 66 -0.74 37.14 4.59
N GLU J 67 -1.40 36.12 4.05
CA GLU J 67 -0.68 34.96 3.56
C GLU J 67 -1.12 34.66 2.14
N PHE J 68 -0.19 34.19 1.33
CA PHE J 68 -0.47 33.75 -0.03
C PHE J 68 -0.35 32.24 -0.11
N ASP J 69 -1.35 31.60 -0.67
CA ASP J 69 -1.25 30.19 -1.05
C ASP J 69 -1.08 30.11 -2.56
N SER J 70 -0.01 29.46 -2.99
CA SER J 70 0.33 29.41 -4.41
C SER J 70 0.92 28.06 -4.73
N LYS J 71 0.87 27.70 -6.00
CA LYS J 71 1.44 26.46 -6.50
C LYS J 71 2.33 26.76 -7.68
N ASP J 72 3.49 26.12 -7.71
CA ASP J 72 4.48 26.33 -8.76
C ASP J 72 4.38 25.21 -9.78
N ILE J 73 4.38 25.57 -11.06
CA ILE J 73 4.40 24.61 -12.15
C ILE J 73 5.86 24.38 -12.53
N GLU J 74 6.33 23.15 -12.36
CA GLU J 74 7.74 22.82 -12.55
C GLU J 74 7.93 22.09 -13.89
N ALA J 75 8.81 22.63 -14.71
CA ALA J 75 9.16 21.99 -15.97
C ALA J 75 10.55 21.38 -15.88
N TYR J 76 10.74 20.29 -16.62
CA TYR J 76 12.03 19.62 -16.67
C TYR J 76 13.12 20.58 -17.15
N GLY J 77 14.24 20.59 -16.44
CA GLY J 77 15.36 21.41 -16.81
C GLY J 77 15.24 22.88 -16.48
N GLU J 78 14.19 23.28 -15.76
CA GLU J 78 14.01 24.68 -15.36
C GLU J 78 14.15 24.79 -13.85
N PRO J 79 15.21 25.42 -13.34
CA PRO J 79 15.31 25.60 -11.88
C PRO J 79 14.17 26.40 -11.29
N GLU J 80 13.66 27.40 -12.01
CA GLU J 80 12.57 28.23 -11.53
C GLU J 80 11.26 27.83 -12.18
N PRO J 81 10.13 28.02 -11.48
CA PRO J 81 8.83 27.63 -12.06
C PRO J 81 8.56 28.37 -13.36
N ILE J 82 7.99 27.65 -14.32
CA ILE J 82 7.57 28.29 -15.56
C ILE J 82 6.28 29.08 -15.36
N ARG J 83 5.52 28.78 -14.31
CA ARG J 83 4.33 29.54 -13.98
C ARG J 83 4.00 29.31 -12.50
N THR J 84 3.64 30.38 -11.82
CA THR J 84 3.18 30.32 -10.44
C THR J 84 1.70 30.68 -10.40
N ILE J 85 0.89 29.79 -9.86
CA ILE J 85 -0.55 30.00 -9.76
C ILE J 85 -0.85 30.39 -8.32
N ILE J 86 -1.21 31.64 -8.11
CA ILE J 86 -1.59 32.12 -6.79
C ILE J 86 -3.09 31.94 -6.62
N ASN J 87 -3.48 31.14 -5.63
CA ASN J 87 -4.89 30.88 -5.41
C ASN J 87 -5.59 32.10 -4.82
N LYS J 88 -5.12 32.58 -3.68
CA LYS J 88 -5.79 33.69 -3.01
C LYS J 88 -4.82 34.34 -2.02
N ARG J 89 -5.23 35.50 -1.53
CA ARG J 89 -4.54 36.21 -0.47
C ARG J 89 -5.51 36.30 0.70
N THR J 90 -5.12 35.74 1.83
CA THR J 90 -5.97 35.72 3.02
C THR J 90 -5.53 36.82 3.98
N THR J 91 -6.44 37.75 4.26
CA THR J 91 -6.18 38.84 5.19
C THR J 91 -6.91 38.56 6.51
N THR J 92 -6.18 38.69 7.61
CA THR J 92 -6.75 38.56 8.94
C THR J 92 -6.37 39.78 9.77
N PHE J 93 -7.18 40.07 10.78
CA PHE J 93 -6.80 41.05 11.77
C PHE J 93 -7.36 40.65 13.13
N ASP J 94 -6.59 40.94 14.17
CA ASP J 94 -6.95 40.58 15.52
C ASP J 94 -6.63 41.74 16.46
N PHE J 95 -7.37 41.80 17.56
CA PHE J 95 -7.30 42.89 18.53
C PHE J 95 -8.04 42.45 19.78
N ALA J 96 -7.80 43.15 20.87
CA ALA J 96 -8.31 42.77 22.19
C ALA J 96 -9.32 43.81 22.68
N MET J 97 -10.60 43.48 22.57
CA MET J 97 -11.66 44.41 22.93
C MET J 97 -11.94 44.40 24.43
N TYR J 98 -12.20 45.59 24.97
CA TYR J 98 -12.55 45.80 26.38
C TYR J 98 -14.05 45.85 26.66
N GLN J 99 -14.84 46.48 25.80
CA GLN J 99 -16.20 46.88 26.16
C GLN J 99 -17.16 45.71 26.05
N ASN J 100 -17.96 45.52 27.10
CA ASN J 100 -18.98 44.46 27.13
C ASN J 100 -20.31 45.01 26.60
N GLN J 101 -20.34 45.19 25.28
CA GLN J 101 -21.53 45.67 24.60
C GLN J 101 -22.04 44.59 23.66
N ARG J 102 -23.24 44.83 23.12
CA ARG J 102 -23.95 43.79 22.40
C ARG J 102 -23.21 43.33 21.15
N ASN J 103 -22.65 44.27 20.36
CA ASN J 103 -22.03 43.86 19.11
C ASN J 103 -20.76 43.04 19.36
N VAL J 104 -19.98 43.42 20.37
CA VAL J 104 -18.79 42.64 20.72
C VAL J 104 -19.17 41.23 21.16
N LEU J 105 -20.17 41.12 22.03
CA LEU J 105 -20.58 39.81 22.53
C LEU J 105 -21.22 38.96 21.44
N GLU J 106 -21.97 39.59 20.53
CA GLU J 106 -22.52 38.89 19.38
C GLU J 106 -21.41 38.33 18.50
N LEU J 107 -20.37 39.12 18.27
CA LEU J 107 -19.22 38.62 17.52
C LEU J 107 -18.56 37.45 18.23
N ILE J 108 -18.37 37.57 19.55
CA ILE J 108 -17.62 36.58 20.30
C ILE J 108 -18.36 35.24 20.35
N TRP J 109 -19.68 35.29 20.53
CA TRP J 109 -20.47 34.09 20.70
C TRP J 109 -21.12 33.60 19.40
N THR J 110 -20.84 34.26 18.28
CA THR J 110 -21.41 33.92 16.97
C THR J 110 -22.92 33.72 17.06
N GLN J 111 -23.59 34.78 17.50
CA GLN J 111 -25.02 34.73 17.74
C GLN J 111 -25.58 36.13 17.52
N ASP J 112 -26.88 36.20 17.24
CA ASP J 112 -27.61 37.45 17.21
C ASP J 112 -28.32 37.60 18.56
N PHE J 113 -28.01 38.67 19.28
CA PHE J 113 -28.58 38.93 20.59
C PHE J 113 -29.56 40.10 20.58
N SER J 114 -30.06 40.47 19.41
CA SER J 114 -30.98 41.61 19.30
C SER J 114 -32.31 41.34 19.99
N ASN J 115 -32.70 40.07 20.14
CA ASN J 115 -33.94 39.70 20.81
C ASN J 115 -33.78 39.50 22.31
N ILE J 116 -32.56 39.64 22.84
CA ILE J 116 -32.34 39.47 24.27
C ILE J 116 -32.96 40.64 25.01
N GLN J 117 -33.91 40.35 25.89
CA GLN J 117 -34.53 41.38 26.69
C GLN J 117 -33.94 41.39 28.08
N PRO J 118 -33.50 42.55 28.57
CA PRO J 118 -33.01 42.61 29.95
C PRO J 118 -34.11 42.21 30.92
N SER J 119 -33.68 41.58 32.02
CA SER J 119 -34.63 41.09 33.00
C SER J 119 -35.27 42.27 33.74
N GLU J 120 -36.11 41.94 34.72
CA GLU J 120 -36.88 42.97 35.41
C GLU J 120 -35.99 43.89 36.22
N PHE J 121 -34.78 43.45 36.55
CA PHE J 121 -33.77 44.30 37.18
C PHE J 121 -32.60 44.62 36.27
N GLY J 122 -32.74 44.37 34.97
CA GLY J 122 -31.71 44.71 34.01
C GLY J 122 -30.72 43.62 33.68
N GLY J 123 -30.77 42.47 34.36
CA GLY J 123 -29.84 41.41 34.07
C GLY J 123 -30.11 40.75 32.73
N ILE J 124 -29.03 40.28 32.11
CA ILE J 124 -29.12 39.56 30.84
C ILE J 124 -28.33 38.28 30.94
N VAL J 125 -28.79 37.26 30.21
CA VAL J 125 -28.08 35.99 30.07
C VAL J 125 -27.95 35.71 28.58
N LEU J 126 -26.73 35.48 28.13
CA LEU J 126 -26.44 35.23 26.72
C LEU J 126 -25.98 33.78 26.57
N GLU J 127 -26.85 32.94 26.02
CA GLU J 127 -26.54 31.53 25.82
C GLU J 127 -25.77 31.37 24.52
N ALA J 128 -24.71 30.57 24.56
CA ALA J 128 -24.01 30.21 23.34
C ALA J 128 -24.92 29.34 22.47
N PRO J 129 -24.94 29.57 21.16
CA PRO J 129 -25.79 28.75 20.28
C PRO J 129 -25.37 27.29 20.31
N LYS J 130 -26.34 26.41 20.10
CA LYS J 130 -26.09 24.98 20.13
C LYS J 130 -25.00 24.60 19.14
N VAL J 131 -25.08 25.15 17.93
CA VAL J 131 -24.00 25.02 16.95
C VAL J 131 -23.50 26.43 16.65
N PRO J 132 -22.20 26.66 16.61
CA PRO J 132 -21.70 27.99 16.22
C PRO J 132 -22.15 28.34 14.82
N LYS J 133 -22.51 29.61 14.63
CA LYS J 133 -23.07 30.08 13.38
C LYS J 133 -22.00 30.76 12.54
N ASN J 134 -22.16 30.67 11.22
CA ASN J 134 -21.32 31.41 10.27
C ASN J 134 -21.99 32.77 10.07
N ILE J 135 -21.43 33.80 10.69
CA ILE J 135 -21.98 35.14 10.62
C ILE J 135 -20.93 36.06 9.99
N TYR J 136 -21.34 36.80 8.97
CA TYR J 136 -20.45 37.72 8.29
C TYR J 136 -20.76 39.15 8.70
N TYR J 137 -19.71 39.96 8.78
CA TYR J 137 -19.84 41.37 9.12
C TYR J 137 -19.10 42.20 8.08
N ARG J 138 -19.49 43.45 7.98
CA ARG J 138 -18.72 44.45 7.26
C ARG J 138 -17.88 45.23 8.26
N ALA J 139 -16.60 45.40 7.95
CA ALA J 139 -15.64 45.95 8.88
C ALA J 139 -14.97 47.18 8.29
N ILE J 140 -14.79 48.20 9.13
CA ILE J 140 -13.95 49.35 8.82
C ILE J 140 -12.92 49.49 9.91
N LEU J 141 -11.65 49.50 9.53
CA LEU J 141 -10.56 49.84 10.44
C LEU J 141 -10.01 51.19 10.00
N VAL J 142 -10.34 52.23 10.74
CA VAL J 142 -9.91 53.59 10.40
C VAL J 142 -9.05 54.15 11.53
N GLY J 143 -7.87 54.65 11.16
CA GLY J 143 -6.96 55.26 12.10
C GLY J 143 -6.72 56.72 11.76
N MET J 144 -6.22 57.48 12.72
CA MET J 144 -6.00 58.90 12.55
C MET J 144 -4.57 59.25 12.92
N ASP J 145 -3.91 60.02 12.06
CA ASP J 145 -2.63 60.65 12.35
C ASP J 145 -2.88 62.15 12.40
N ASP J 146 -3.14 62.67 13.59
CA ASP J 146 -3.43 64.09 13.77
C ASP J 146 -2.11 64.83 13.95
N ARG J 147 -1.64 65.43 12.87
CA ARG J 147 -0.37 66.14 12.86
C ARG J 147 -0.59 67.56 12.36
N ASN J 148 -0.09 68.54 13.13
CA ASN J 148 -0.16 69.96 12.76
C ASN J 148 -1.59 70.40 12.47
N ASP J 149 -2.55 69.83 13.21
CA ASP J 149 -3.98 70.10 13.11
C ASP J 149 -4.58 69.67 11.78
N ARG J 150 -3.80 69.08 10.87
CA ARG J 150 -4.32 68.57 9.61
C ARG J 150 -4.29 67.04 9.64
N PRO J 151 -5.37 66.39 10.05
CA PRO J 151 -5.32 64.94 10.26
C PRO J 151 -5.22 64.16 8.95
N ILE J 152 -4.65 62.96 9.07
CA ILE J 152 -4.66 61.97 8.00
C ILE J 152 -5.47 60.79 8.49
N TRP J 153 -6.47 60.40 7.72
CA TRP J 153 -7.25 59.20 8.01
C TRP J 153 -6.80 58.11 7.05
N LEU J 154 -6.26 57.05 7.61
CA LEU J 154 -5.89 55.87 6.84
C LEU J 154 -6.73 54.71 7.33
N TYR J 155 -7.32 53.98 6.40
CA TYR J 155 -8.33 53.01 6.78
C TYR J 155 -8.26 51.78 5.89
N TRP J 156 -8.88 50.72 6.38
CA TRP J 156 -9.03 49.47 5.64
C TRP J 156 -10.51 49.14 5.58
N LEU J 157 -10.99 48.80 4.39
CA LEU J 157 -12.37 48.37 4.19
C LEU J 157 -12.39 46.87 3.96
N MET J 158 -13.12 46.15 4.80
CA MET J 158 -13.28 44.70 4.68
C MET J 158 -14.77 44.40 4.67
N PRO J 159 -15.37 44.32 3.49
CA PRO J 159 -16.84 44.19 3.41
C PRO J 159 -17.39 42.88 3.94
N LYS J 160 -16.59 41.83 4.08
CA LYS J 160 -17.10 40.51 4.48
C LYS J 160 -16.08 39.84 5.39
N VAL J 161 -16.27 39.98 6.69
CA VAL J 161 -15.37 39.38 7.68
C VAL J 161 -16.17 38.40 8.53
N LYS J 162 -15.47 37.38 9.01
CA LYS J 162 -16.05 36.34 9.85
C LYS J 162 -15.09 36.04 10.98
N LEU J 163 -15.66 35.69 12.13
CA LEU J 163 -14.84 35.25 13.26
C LEU J 163 -14.10 33.98 12.88
N ASP J 164 -12.78 34.01 13.01
CA ASP J 164 -11.91 32.90 12.64
C ASP J 164 -11.30 32.18 13.83
N LYS J 165 -11.00 32.91 14.89
CA LYS J 165 -10.29 32.35 16.03
C LYS J 165 -10.58 33.21 17.25
N LEU J 166 -10.46 32.60 18.42
CA LEU J 166 -10.68 33.30 19.68
C LEU J 166 -9.56 32.93 20.65
N ASP J 167 -8.80 33.94 21.09
CA ASP J 167 -7.70 33.68 22.01
C ASP J 167 -8.22 33.33 23.40
N ASN J 168 -7.37 32.68 24.18
CA ASN J 168 -7.72 32.34 25.55
C ASN J 168 -8.02 33.59 26.36
N GLN J 169 -9.10 33.54 27.11
CA GLN J 169 -9.54 34.66 27.92
C GLN J 169 -9.12 34.40 29.37
N THR J 170 -8.26 35.26 29.90
CA THR J 170 -7.75 35.12 31.26
C THR J 170 -8.41 36.15 32.16
N LEU J 171 -8.95 35.67 33.29
CA LEU J 171 -9.53 36.55 34.29
C LEU J 171 -8.50 36.76 35.39
N ASN J 172 -8.11 38.02 35.59
CA ASN J 172 -7.20 38.40 36.65
C ASN J 172 -7.85 39.48 37.50
N ASP J 173 -7.54 39.48 38.79
CA ASP J 173 -8.20 40.40 39.71
C ASP J 173 -7.68 41.83 39.58
N ASP J 174 -6.67 42.08 38.76
CA ASP J 174 -6.15 43.42 38.52
C ASP J 174 -6.26 43.85 37.06
N ASN J 175 -7.17 43.24 36.30
CA ASN J 175 -7.32 43.56 34.89
C ASN J 175 -8.79 43.46 34.51
N VAL J 176 -9.16 44.13 33.43
CA VAL J 176 -10.49 44.00 32.88
C VAL J 176 -10.51 42.78 31.96
N ILE J 177 -11.71 42.27 31.71
CA ILE J 177 -11.85 41.14 30.80
C ILE J 177 -11.65 41.61 29.37
N GLU J 178 -10.91 40.84 28.59
CA GLU J 178 -10.60 41.16 27.21
C GLU J 178 -11.14 40.07 26.30
N TYR J 179 -11.68 40.48 25.17
CA TYR J 179 -12.08 39.57 24.10
C TYR J 179 -11.12 39.77 22.94
N LYS J 180 -10.49 38.68 22.49
CA LYS J 180 -9.41 38.73 21.51
C LYS J 180 -9.78 37.88 20.31
N PRO J 181 -10.66 38.37 19.43
CA PRO J 181 -10.98 37.63 18.23
C PRO J 181 -9.95 37.84 17.13
N THR J 182 -9.85 36.86 16.25
CA THR J 182 -9.19 37.01 14.97
C THR J 182 -10.25 36.95 13.88
N LEU J 183 -10.33 37.99 13.08
CA LEU J 183 -11.29 38.08 12.00
C LEU J 183 -10.61 37.83 10.66
N LYS J 184 -11.28 37.07 9.80
CA LYS J 184 -10.77 36.74 8.47
C LYS J 184 -11.61 37.45 7.43
N ALA J 185 -10.96 38.12 6.49
CA ALA J 185 -11.64 38.82 5.42
C ALA J 185 -11.96 37.87 4.28
N PHE J 186 -13.15 38.01 3.72
CA PHE J 186 -13.59 37.24 2.58
C PHE J 186 -13.98 38.19 1.46
N ARG J 187 -13.89 37.69 0.23
CA ARG J 187 -14.25 38.52 -0.91
C ARG J 187 -15.75 38.72 -0.97
N ASP J 188 -16.18 39.97 -1.08
CA ASP J 188 -17.58 40.30 -1.28
C ASP J 188 -17.82 40.47 -2.77
N ASP J 189 -18.74 39.68 -3.34
CA ASP J 189 -18.94 39.67 -4.78
C ASP J 189 -19.45 41.01 -5.30
N VAL J 190 -20.36 41.64 -4.56
CA VAL J 190 -20.98 42.87 -5.04
C VAL J 190 -19.95 43.99 -5.16
N VAL J 191 -19.14 44.19 -4.13
CA VAL J 191 -18.12 45.24 -4.20
C VAL J 191 -16.85 44.76 -4.90
N GLY J 192 -16.64 43.45 -5.02
CA GLY J 192 -15.56 42.94 -5.83
C GLY J 192 -14.19 42.97 -5.21
N TYR J 193 -14.08 42.93 -3.89
CA TYR J 193 -12.79 42.82 -3.22
C TYR J 193 -13.00 42.32 -1.81
N SER J 194 -11.91 41.89 -1.19
CA SER J 194 -11.93 41.52 0.23
C SER J 194 -11.34 42.59 1.13
N VAL J 195 -10.28 43.28 0.70
CA VAL J 195 -9.66 44.34 1.48
C VAL J 195 -9.35 45.51 0.56
N ALA J 196 -9.62 46.72 1.06
CA ALA J 196 -9.19 47.95 0.41
C ALA J 196 -8.53 48.85 1.43
N GLN J 197 -7.44 49.50 1.04
CA GLN J 197 -6.75 50.46 1.89
C GLN J 197 -7.01 51.86 1.38
N GLY J 198 -7.37 52.76 2.30
CA GLY J 198 -7.73 54.11 1.94
C GLY J 198 -6.94 55.15 2.70
N PHE J 199 -6.80 56.31 2.08
CA PHE J 199 -6.19 57.48 2.69
C PHE J 199 -7.07 58.68 2.41
N ALA J 200 -7.26 59.53 3.43
CA ALA J 200 -8.11 60.70 3.29
C ALA J 200 -7.71 61.73 4.34
N GLY J 201 -8.30 62.91 4.24
CA GLY J 201 -8.03 63.99 5.16
C GLY J 201 -7.19 65.08 4.53
N PRO J 202 -7.27 66.30 5.10
CA PRO J 202 -6.44 67.39 4.58
C PRO J 202 -4.95 67.12 4.67
N GLY J 203 -4.51 66.46 5.74
CA GLY J 203 -3.12 66.07 5.83
C GLY J 203 -2.71 65.15 4.71
N TRP J 204 -3.60 64.26 4.30
CA TRP J 204 -3.33 63.43 3.13
C TRP J 204 -3.31 64.27 1.85
N ARG J 205 -4.27 65.19 1.72
CA ARG J 205 -4.31 66.05 0.55
C ARG J 205 -3.01 66.81 0.36
N ASP J 206 -2.34 67.17 1.46
CA ASP J 206 -1.02 67.78 1.34
C ASP J 206 0.00 66.82 0.73
N LEU J 207 -0.24 65.52 0.79
CA LEU J 207 0.77 64.54 0.44
C LEU J 207 0.45 63.71 -0.81
N VAL J 208 -0.74 63.87 -1.40
CA VAL J 208 -1.15 62.93 -2.45
C VAL J 208 -0.19 62.97 -3.63
N ALA J 209 0.19 64.17 -4.06
CA ALA J 209 1.11 64.30 -5.18
C ALA J 209 2.49 63.74 -4.83
N THR J 210 2.97 63.99 -3.61
CA THR J 210 4.24 63.44 -3.17
C THR J 210 4.20 61.91 -3.12
N ALA J 211 3.07 61.33 -2.72
CA ALA J 211 2.93 59.90 -2.64
C ALA J 211 2.89 59.22 -4.00
N GLY J 212 2.77 59.98 -5.08
CA GLY J 212 2.79 59.43 -6.42
C GLY J 212 1.43 59.06 -6.98
N PHE J 213 0.35 59.54 -6.40
CA PHE J 213 -1.00 59.30 -6.91
C PHE J 213 -1.48 60.55 -7.62
N GLY J 214 -1.87 60.40 -8.88
CA GLY J 214 -2.19 61.56 -9.68
C GLY J 214 -0.96 62.39 -10.01
N GLU J 215 -1.20 63.62 -10.41
CA GLU J 215 -0.15 64.58 -10.75
C GLU J 215 -0.07 65.68 -9.71
N ALA J 216 1.02 66.44 -9.77
CA ALA J 216 1.25 67.50 -8.79
C ALA J 216 0.41 68.73 -9.11
N LEU J 217 0.25 69.58 -8.09
CA LEU J 217 -0.51 70.82 -8.23
C LEU J 217 0.44 71.93 -8.67
N THR J 218 0.13 72.53 -9.82
CA THR J 218 0.94 73.63 -10.34
C THR J 218 0.15 74.90 -10.60
N ALA J 219 -1.17 74.82 -10.77
CA ALA J 219 -1.98 75.99 -11.06
C ALA J 219 -3.28 75.91 -10.28
N LEU J 220 -3.74 77.06 -9.79
CA LEU J 220 -4.99 77.18 -9.06
C LEU J 220 -6.01 77.89 -9.95
N THR J 221 -7.23 77.37 -9.99
CA THR J 221 -8.28 77.89 -10.86
C THR J 221 -9.55 78.12 -10.06
N ILE J 222 -10.18 79.27 -10.27
CA ILE J 222 -11.47 79.54 -9.63
C ILE J 222 -12.58 79.19 -10.63
N THR J 223 -13.50 78.33 -10.20
CA THR J 223 -14.56 77.87 -11.08
C THR J 223 -15.55 79.00 -11.38
N PRO J 224 -16.03 79.75 -10.37
CA PRO J 224 -16.79 80.97 -10.72
C PRO J 224 -15.88 82.18 -10.88
N GLY J 225 -15.21 82.25 -12.04
CA GLY J 225 -14.25 83.31 -12.27
C GLY J 225 -14.88 84.69 -12.30
N SER J 226 -16.05 84.82 -12.91
CA SER J 226 -16.75 86.10 -13.03
C SER J 226 -18.19 85.94 -12.56
N PRO J 227 -18.41 85.92 -11.25
CA PRO J 227 -19.78 85.84 -10.72
C PRO J 227 -20.36 87.22 -10.45
N THR J 228 -21.68 87.23 -10.22
CA THR J 228 -22.41 88.44 -9.88
C THR J 228 -23.30 88.17 -8.69
N VAL J 229 -23.24 89.04 -7.68
CA VAL J 229 -24.02 88.89 -6.45
C VAL J 229 -24.90 90.11 -6.29
N THR J 230 -26.16 89.88 -5.92
CA THR J 230 -27.11 90.96 -5.71
C THR J 230 -26.89 91.59 -4.34
N VAL J 231 -27.01 92.92 -4.27
CA VAL J 231 -26.91 93.62 -3.00
C VAL J 231 -28.06 93.22 -2.08
N ALA J 232 -29.27 93.15 -2.62
CA ALA J 232 -30.44 92.80 -1.82
C ALA J 232 -30.37 91.34 -1.38
N THR J 233 -31.04 91.06 -0.26
CA THR J 233 -31.08 89.72 0.29
C THR J 233 -31.91 88.79 -0.58
N GLY J 234 -31.39 87.58 -0.81
CA GLY J 234 -32.08 86.61 -1.62
C GLY J 234 -31.23 85.37 -1.83
N ALA J 235 -31.74 84.49 -2.68
CA ALA J 235 -31.03 83.25 -2.99
C ALA J 235 -29.74 83.54 -3.75
N SER J 236 -29.79 84.44 -4.73
CA SER J 236 -28.62 84.82 -5.52
C SER J 236 -27.85 85.98 -4.90
N HIS J 237 -28.12 86.30 -3.63
CA HIS J 237 -27.39 87.37 -2.95
C HIS J 237 -25.95 86.97 -2.66
N THR J 238 -25.69 85.70 -2.40
CA THR J 238 -24.37 85.21 -2.05
C THR J 238 -23.92 84.14 -3.04
N ALA J 239 -22.61 84.02 -3.18
CA ALA J 239 -22.01 83.04 -4.08
C ALA J 239 -20.88 82.31 -3.35
N GLN J 240 -20.86 80.99 -3.49
CA GLN J 240 -19.80 80.17 -2.91
C GLN J 240 -18.78 79.84 -3.98
N LEU J 241 -17.52 80.17 -3.74
CA LEU J 241 -16.46 79.94 -4.71
C LEU J 241 -15.95 78.50 -4.61
N LEU J 242 -15.18 78.10 -5.61
CA LEU J 242 -14.57 76.78 -5.64
C LEU J 242 -13.22 76.87 -6.33
N VAL J 243 -12.17 76.44 -5.63
CA VAL J 243 -10.80 76.52 -6.10
C VAL J 243 -10.29 75.11 -6.36
N GLU J 244 -9.81 74.88 -7.58
CA GLU J 244 -9.31 73.56 -8.00
C GLU J 244 -7.88 73.69 -8.46
N GLY J 245 -7.32 72.55 -8.90
CA GLY J 245 -5.98 72.49 -9.40
C GLY J 245 -5.91 71.76 -10.74
N ASP J 246 -4.68 71.68 -11.26
CA ASP J 246 -4.47 70.95 -12.52
C ASP J 246 -4.66 69.45 -12.34
N ASN J 247 -4.48 68.95 -11.12
CA ASN J 247 -4.69 67.53 -10.83
C ASN J 247 -6.14 67.20 -10.51
N GLY J 248 -7.03 68.19 -10.50
CA GLY J 248 -8.43 67.94 -10.22
C GLY J 248 -8.80 67.85 -8.76
N ILE J 249 -7.91 68.27 -7.86
CA ILE J 249 -8.16 68.20 -6.42
C ILE J 249 -8.67 69.55 -5.96
N ASN J 250 -9.78 69.54 -5.23
CA ASN J 250 -10.34 70.75 -4.64
C ASN J 250 -9.42 71.24 -3.52
N TYR J 251 -8.85 72.42 -3.69
CA TYR J 251 -7.97 73.02 -2.70
C TYR J 251 -8.61 74.19 -1.98
N THR J 252 -9.94 74.32 -2.04
CA THR J 252 -10.62 75.42 -1.38
C THR J 252 -10.34 75.51 0.12
N PRO J 253 -10.34 74.42 0.90
CA PRO J 253 -10.00 74.55 2.32
C PRO J 253 -8.56 74.98 2.56
N ASP J 254 -7.69 74.82 1.57
CA ASP J 254 -6.26 75.01 1.75
C ASP J 254 -5.76 76.37 1.27
N VAL J 255 -6.65 77.26 0.84
CA VAL J 255 -6.24 78.53 0.27
C VAL J 255 -6.66 79.67 1.19
N VAL J 256 -6.03 80.82 1.00
CA VAL J 256 -6.31 82.04 1.75
C VAL J 256 -7.06 82.99 0.82
N PHE J 257 -8.26 83.38 1.24
CA PHE J 257 -9.09 84.29 0.45
C PHE J 257 -8.83 85.73 0.88
N THR J 258 -8.46 86.57 -0.08
CA THR J 258 -8.24 88.00 0.15
C THR J 258 -9.08 88.77 -0.84
N SER J 259 -9.77 89.80 -0.35
CA SER J 259 -10.59 90.65 -1.21
C SER J 259 -9.87 91.96 -1.52
N SER J 260 -10.23 92.55 -2.66
CA SER J 260 -9.69 93.84 -3.06
C SER J 260 -10.34 94.97 -2.26
N ALA J 261 -11.66 95.08 -2.34
CA ALA J 261 -12.43 96.04 -1.54
C ALA J 261 -13.38 95.27 -0.64
N PRO J 262 -13.06 95.12 0.65
CA PRO J 262 -13.95 94.37 1.54
C PRO J 262 -15.35 94.95 1.63
N ASP J 263 -15.49 96.27 1.56
CA ASP J 263 -16.83 96.87 1.67
C ASP J 263 -17.71 96.49 0.50
N LYS J 264 -17.14 96.46 -0.72
CA LYS J 264 -17.93 96.14 -1.90
C LYS J 264 -18.42 94.70 -1.87
N ALA J 265 -17.51 93.76 -1.63
CA ALA J 265 -17.85 92.33 -1.58
C ALA J 265 -17.09 91.70 -0.44
N SER J 266 -17.83 91.06 0.47
CA SER J 266 -17.22 90.42 1.63
C SER J 266 -17.05 88.93 1.38
N VAL J 267 -15.84 88.43 1.62
CA VAL J 267 -15.50 87.02 1.45
C VAL J 267 -14.98 86.49 2.77
N SER J 268 -15.42 85.30 3.14
CA SER J 268 -15.00 84.67 4.39
C SER J 268 -13.73 83.85 4.15
N ALA J 269 -13.27 83.14 5.18
CA ALA J 269 -12.14 82.22 5.01
C ALA J 269 -12.52 81.06 4.09
N ALA J 270 -13.76 80.55 4.23
CA ALA J 270 -14.21 79.45 3.39
C ALA J 270 -14.24 79.86 1.92
N GLY J 271 -14.64 81.09 1.63
CA GLY J 271 -14.67 81.57 0.27
C GLY J 271 -16.06 81.89 -0.23
N LEU J 272 -16.95 82.26 0.68
CA LEU J 272 -18.31 82.65 0.32
C LEU J 272 -18.35 84.16 0.07
N VAL J 273 -18.68 84.55 -1.15
CA VAL J 273 -18.69 85.94 -1.58
C VAL J 273 -20.07 86.52 -1.37
N THR J 274 -20.17 87.56 -0.54
CA THR J 274 -21.42 88.27 -0.29
C THR J 274 -21.22 89.74 -0.66
N GLY J 275 -22.09 90.25 -1.53
CA GLY J 275 -21.98 91.61 -2.00
C GLY J 275 -22.69 92.61 -1.12
N VAL J 276 -21.94 93.31 -0.27
CA VAL J 276 -22.54 94.31 0.61
C VAL J 276 -23.02 95.52 -0.19
N ALA J 277 -22.18 96.04 -1.07
CA ALA J 277 -22.50 97.23 -1.85
C ALA J 277 -22.10 97.00 -3.30
N ALA J 278 -22.77 97.73 -4.20
CA ALA J 278 -22.48 97.61 -5.62
C ALA J 278 -21.08 98.13 -5.92
N GLY J 279 -20.48 97.57 -6.96
CA GLY J 279 -19.13 97.93 -7.35
C GLY J 279 -18.44 96.75 -7.99
N SER J 280 -17.12 96.83 -8.06
CA SER J 280 -16.28 95.78 -8.60
C SER J 280 -15.22 95.41 -7.58
N ALA J 281 -15.13 94.13 -7.25
CA ALA J 281 -14.16 93.64 -6.27
C ALA J 281 -13.41 92.44 -6.84
N THR J 282 -12.13 92.37 -6.51
CA THR J 282 -11.27 91.26 -6.92
C THR J 282 -11.05 90.35 -5.72
N ILE J 283 -11.26 89.05 -5.93
CA ILE J 283 -11.09 88.05 -4.88
C ILE J 283 -9.93 87.17 -5.28
N THR J 284 -8.91 87.11 -4.43
CA THR J 284 -7.68 86.38 -4.70
C THR J 284 -7.54 85.23 -3.71
N ALA J 285 -7.34 84.03 -4.24
CA ALA J 285 -7.11 82.84 -3.41
C ALA J 285 -5.63 82.48 -3.49
N THR J 286 -4.97 82.45 -2.33
CA THR J 286 -3.54 82.24 -2.24
C THR J 286 -3.26 80.95 -1.49
N LYS J 287 -2.43 80.09 -2.07
CA LYS J 287 -1.94 78.88 -1.41
C LYS J 287 -0.47 78.72 -1.78
N GLY J 288 0.41 78.93 -0.81
CA GLY J 288 1.83 78.93 -1.11
C GLY J 288 2.17 80.02 -2.10
N ALA J 289 2.91 79.65 -3.14
CA ALA J 289 3.29 80.58 -4.19
C ALA J 289 2.28 80.62 -5.35
N LEU J 290 1.28 79.76 -5.32
CA LEU J 290 0.27 79.72 -6.37
C LEU J 290 -0.88 80.66 -6.05
N THR J 291 -1.53 81.17 -7.10
CA THR J 291 -2.53 82.21 -6.94
C THR J 291 -3.62 82.05 -7.99
N ALA J 292 -4.87 82.16 -7.55
CA ALA J 292 -6.03 82.21 -8.44
C ALA J 292 -6.84 83.46 -8.10
N THR J 293 -7.10 84.29 -9.11
CA THR J 293 -7.78 85.56 -8.91
C THR J 293 -9.09 85.59 -9.68
N ALA J 294 -10.14 86.08 -9.02
CA ALA J 294 -11.45 86.23 -9.62
C ALA J 294 -11.99 87.63 -9.35
N THR J 295 -12.77 88.14 -10.30
CA THR J 295 -13.35 89.48 -10.21
C THR J 295 -14.87 89.35 -10.17
N VAL J 296 -15.48 90.00 -9.18
CA VAL J 296 -16.91 89.88 -8.92
C VAL J 296 -17.56 91.26 -9.08
N THR J 297 -18.63 91.32 -9.86
CA THR J 297 -19.39 92.54 -10.06
C THR J 297 -20.66 92.48 -9.22
N VAL J 298 -20.88 93.49 -8.39
CA VAL J 298 -22.01 93.54 -7.48
C VAL J 298 -23.02 94.56 -8.00
N THR J 299 -24.28 94.16 -8.06
CA THR J 299 -25.37 95.02 -8.50
C THR J 299 -26.37 95.21 -7.38
N ALA J 300 -27.01 96.38 -7.35
CA ALA J 300 -28.02 96.67 -6.34
C ALA J 300 -29.40 96.77 -6.96
N THR K 2 -18.67 65.12 12.18
CA THR K 2 -18.35 64.05 13.11
C THR K 2 -16.86 63.76 13.14
N ASP K 3 -16.21 64.11 14.27
CA ASP K 3 -14.79 63.89 14.41
C ASP K 3 -14.51 62.44 14.79
N PHE K 4 -13.22 62.11 14.87
CA PHE K 4 -12.80 60.75 15.14
C PHE K 4 -13.29 60.26 16.51
N TYR K 5 -13.23 61.13 17.51
CA TYR K 5 -13.63 60.75 18.86
C TYR K 5 -15.11 60.37 18.91
N THR K 6 -15.96 61.12 18.22
CA THR K 6 -17.38 60.79 18.19
C THR K 6 -17.64 59.46 17.51
N ILE K 7 -16.93 59.17 16.42
CA ILE K 7 -17.09 57.90 15.72
C ILE K 7 -16.64 56.75 16.61
N LYS K 8 -15.53 56.92 17.32
CA LYS K 8 -15.02 55.85 18.17
C LYS K 8 -16.03 55.47 19.25
N ASP K 9 -16.72 56.45 19.82
CA ASP K 9 -17.82 56.21 20.76
C ASP K 9 -17.39 55.29 21.90
N ALA K 10 -16.22 55.57 22.46
CA ALA K 10 -15.65 54.68 23.47
C ALA K 10 -16.33 54.88 24.82
N GLN K 11 -16.60 53.77 25.49
CA GLN K 11 -17.30 53.75 26.78
C GLN K 11 -16.41 53.01 27.78
N ALA K 12 -15.66 53.77 28.58
CA ALA K 12 -14.76 53.15 29.56
C ALA K 12 -15.52 52.36 30.61
N ASP K 13 -16.72 52.80 30.99
CA ASP K 13 -17.50 52.12 32.01
C ASP K 13 -17.94 50.73 31.58
N LEU K 14 -17.94 50.42 30.28
CA LEU K 14 -18.31 49.09 29.82
C LEU K 14 -17.16 48.10 29.94
N ALA K 15 -15.96 48.54 30.30
CA ALA K 15 -14.89 47.62 30.65
C ALA K 15 -15.08 47.16 32.09
N ILE K 16 -15.13 45.85 32.29
CA ILE K 16 -15.50 45.24 33.57
C ILE K 16 -14.33 44.42 34.07
N ALA K 17 -13.93 44.64 35.32
CA ALA K 17 -12.80 43.95 35.92
C ALA K 17 -13.30 42.95 36.95
N PRO K 18 -12.98 41.67 36.81
CA PRO K 18 -13.36 40.69 37.86
C PRO K 18 -12.44 40.80 39.07
N LEU K 19 -12.73 41.81 39.91
CA LEU K 19 -11.89 42.09 41.06
C LEU K 19 -11.91 40.92 42.04
N ASN K 20 -13.07 40.30 42.22
CA ASN K 20 -13.17 39.04 42.93
C ASN K 20 -13.88 38.02 42.06
N LEU K 21 -13.61 36.75 42.33
CA LEU K 21 -14.10 35.67 41.50
C LEU K 21 -14.31 34.44 42.37
N THR K 22 -15.38 33.71 42.10
CA THR K 22 -15.62 32.45 42.79
C THR K 22 -16.14 31.41 41.80
N VAL K 23 -15.72 30.18 42.00
CA VAL K 23 -16.16 29.04 41.21
C VAL K 23 -17.03 28.16 42.08
N LEU K 24 -18.24 27.89 41.62
CA LEU K 24 -19.16 27.03 42.35
C LEU K 24 -19.46 25.79 41.53
N LEU K 25 -19.39 24.63 42.16
CA LEU K 25 -19.69 23.36 41.52
C LEU K 25 -20.88 22.73 42.22
N ALA K 26 -21.72 22.06 41.44
CA ALA K 26 -22.86 21.33 41.95
C ALA K 26 -22.87 19.94 41.34
N PRO K 27 -23.34 18.94 42.09
CA PRO K 27 -23.51 17.61 41.49
C PRO K 27 -24.51 17.65 40.34
N TYR K 28 -24.34 16.72 39.41
CA TYR K 28 -25.15 16.74 38.20
C TYR K 28 -26.64 16.59 38.47
N SER K 29 -27.01 16.06 39.64
CA SER K 29 -28.43 15.96 39.99
C SER K 29 -29.03 17.30 40.41
N THR K 30 -28.22 18.33 40.61
CA THR K 30 -28.74 19.65 40.93
C THR K 30 -29.46 20.25 39.73
N THR K 31 -30.53 20.98 39.99
CA THR K 31 -31.20 21.74 38.94
C THR K 31 -30.30 22.88 38.50
N PRO K 32 -29.98 22.99 37.21
CA PRO K 32 -29.02 24.00 36.75
C PRO K 32 -29.53 25.42 36.97
N ALA K 33 -28.60 26.31 37.26
CA ALA K 33 -28.92 27.73 37.34
C ALA K 33 -29.28 28.27 35.97
N THR K 34 -30.35 29.05 35.90
CA THR K 34 -30.70 29.77 34.68
C THR K 34 -30.30 31.24 34.72
N THR K 35 -30.29 31.82 35.92
CA THR K 35 -29.84 33.19 36.11
C THR K 35 -29.38 33.32 37.56
N LEU K 36 -28.47 34.25 37.78
CA LEU K 36 -28.00 34.55 39.12
C LEU K 36 -28.72 35.72 39.75
N GLU K 37 -29.60 36.40 39.00
CA GLU K 37 -30.32 37.56 39.49
C GLU K 37 -31.59 37.11 40.19
N SER K 38 -31.75 37.52 41.44
CA SER K 38 -32.94 37.14 42.20
C SER K 38 -34.17 37.84 41.64
N PRO K 39 -35.29 37.12 41.46
CA PRO K 39 -36.52 37.78 40.99
C PRO K 39 -37.11 38.76 41.99
N THR K 40 -36.72 38.70 43.26
CA THR K 40 -37.28 39.54 44.29
C THR K 40 -36.71 40.96 44.25
N ASP K 41 -35.38 41.08 44.42
CA ASP K 41 -34.73 42.37 44.45
C ASP K 41 -33.57 42.49 43.48
N GLY K 42 -33.32 41.49 42.65
CA GLY K 42 -32.20 41.53 41.73
C GLY K 42 -30.85 41.24 42.34
N SER K 43 -30.80 40.84 43.61
CA SER K 43 -29.53 40.53 44.24
C SER K 43 -29.01 39.17 43.75
N LEU K 44 -27.74 38.92 44.04
CA LEU K 44 -27.11 37.67 43.64
C LEU K 44 -27.74 36.50 44.36
N ALA K 45 -28.20 35.51 43.60
CA ALA K 45 -28.92 34.37 44.16
C ALA K 45 -28.35 33.09 43.57
N ILE K 46 -27.65 32.32 44.39
CA ILE K 46 -27.07 31.05 43.97
C ILE K 46 -28.07 29.94 44.26
N PRO K 47 -28.40 29.10 43.28
CA PRO K 47 -29.34 28.02 43.55
C PRO K 47 -28.76 27.03 44.55
N PRO K 48 -29.62 26.36 45.31
CA PRO K 48 -29.12 25.35 46.26
C PRO K 48 -28.42 24.21 45.54
N GLY K 49 -27.40 23.66 46.20
CA GLY K 49 -26.60 22.60 45.65
C GLY K 49 -25.27 23.05 45.08
N TYR K 50 -25.15 24.31 44.72
CA TYR K 50 -23.88 24.85 44.24
C TYR K 50 -23.00 25.23 45.44
N LYS K 51 -21.76 24.73 45.44
CA LYS K 51 -20.83 24.99 46.52
C LYS K 51 -19.55 25.57 45.94
N SER K 52 -19.05 26.63 46.58
CA SER K 52 -17.81 27.24 46.17
C SER K 52 -16.62 26.32 46.45
N VAL K 53 -15.62 26.39 45.56
CA VAL K 53 -14.37 25.68 45.82
C VAL K 53 -13.43 26.45 46.73
N GLY K 54 -13.75 27.71 47.02
CA GLY K 54 -12.93 28.50 47.92
C GLY K 54 -11.82 29.26 47.22
N HIS K 55 -10.73 29.51 47.94
CA HIS K 55 -9.63 30.30 47.42
C HIS K 55 -8.93 29.59 46.27
N PHE K 56 -8.55 30.35 45.24
CA PHE K 56 -7.70 29.83 44.19
C PHE K 56 -6.57 30.82 43.93
N GLU K 57 -5.57 30.35 43.19
CA GLU K 57 -4.32 31.08 43.02
C GLU K 57 -4.54 32.42 42.32
N LYS K 58 -3.90 33.46 42.84
CA LYS K 58 -4.08 34.81 42.30
C LYS K 58 -3.40 34.94 40.93
N GLN K 59 -2.14 34.53 40.82
CA GLN K 59 -1.37 34.82 39.62
C GLN K 59 -1.88 34.03 38.42
N ALA K 60 -2.19 32.76 38.62
CA ALA K 60 -2.76 31.97 37.53
C ALA K 60 -4.10 32.53 37.10
N GLY K 61 -4.91 33.01 38.04
CA GLY K 61 -6.23 33.47 37.72
C GLY K 61 -7.10 32.34 37.19
N LEU K 62 -8.01 32.70 36.30
CA LEU K 62 -8.86 31.72 35.65
C LEU K 62 -8.81 31.98 34.15
N THR K 63 -8.50 30.95 33.38
CA THR K 63 -8.37 31.05 31.93
C THR K 63 -9.53 30.32 31.27
N LEU K 64 -10.24 31.01 30.39
CA LEU K 64 -11.34 30.44 29.62
C LEU K 64 -10.86 30.21 28.20
N GLY K 65 -11.01 28.97 27.72
CA GLY K 65 -10.57 28.60 26.38
C GLY K 65 -11.77 28.31 25.48
N ASN K 66 -11.62 28.63 24.20
CA ASN K 66 -12.63 28.37 23.19
C ASN K 66 -11.95 27.93 21.91
N GLU K 67 -12.32 26.76 21.41
CA GLU K 67 -11.79 26.30 20.13
C GLU K 67 -12.96 25.90 19.23
N PHE K 68 -12.80 26.16 17.94
CA PHE K 68 -13.77 25.75 16.94
C PHE K 68 -13.15 24.67 16.08
N ASP K 69 -13.88 23.58 15.88
CA ASP K 69 -13.53 22.58 14.88
C ASP K 69 -14.52 22.69 13.73
N SER K 70 -14.00 22.92 12.52
CA SER K 70 -14.85 23.17 11.38
C SER K 70 -14.24 22.48 10.16
N LYS K 71 -15.10 22.24 9.17
CA LYS K 71 -14.69 21.64 7.92
C LYS K 71 -15.14 22.55 6.77
N ASP K 72 -14.26 22.75 5.81
CA ASP K 72 -14.51 23.61 4.66
C ASP K 72 -14.87 22.77 3.45
N ILE K 73 -15.97 23.10 2.79
CA ILE K 73 -16.36 22.44 1.55
C ILE K 73 -15.78 23.23 0.39
N GLU K 74 -14.89 22.60 -0.37
CA GLU K 74 -14.13 23.27 -1.42
C GLU K 74 -14.69 22.88 -2.79
N ALA K 75 -15.02 23.88 -3.60
CA ALA K 75 -15.49 23.66 -4.96
C ALA K 75 -14.39 24.05 -5.94
N TYR K 76 -14.40 23.37 -7.09
CA TYR K 76 -13.45 23.68 -8.15
C TYR K 76 -13.59 25.13 -8.58
N GLY K 77 -12.46 25.82 -8.70
CA GLY K 77 -12.45 27.19 -9.15
C GLY K 77 -12.86 28.23 -8.13
N GLU K 78 -13.09 27.84 -6.88
CA GLU K 78 -13.44 28.77 -5.82
C GLU K 78 -12.30 28.86 -4.83
N PRO K 79 -11.59 29.99 -4.75
CA PRO K 79 -10.53 30.11 -3.73
C PRO K 79 -11.05 29.97 -2.31
N GLU K 80 -12.25 30.45 -2.03
CA GLU K 80 -12.82 30.38 -0.70
C GLU K 80 -13.86 29.26 -0.63
N PRO K 81 -14.05 28.66 0.54
CA PRO K 81 -15.03 27.57 0.66
C PRO K 81 -16.44 28.03 0.30
N ILE K 82 -17.17 27.16 -0.39
CA ILE K 82 -18.57 27.46 -0.68
C ILE K 82 -19.45 27.26 0.54
N ARG K 83 -18.97 26.50 1.54
CA ARG K 83 -19.70 26.31 2.78
C ARG K 83 -18.72 25.83 3.84
N THR K 84 -18.84 26.39 5.04
CA THR K 84 -18.06 25.96 6.18
C THR K 84 -19.00 25.32 7.20
N ILE K 85 -18.69 24.09 7.56
CA ILE K 85 -19.49 23.33 8.52
C ILE K 85 -18.75 23.35 9.85
N ILE K 86 -19.30 24.07 10.82
CA ILE K 86 -18.72 24.15 12.15
C ILE K 86 -19.33 23.03 13.00
N ASN K 87 -18.50 22.11 13.46
CA ASN K 87 -19.00 20.99 14.24
C ASN K 87 -19.45 21.44 15.63
N LYS K 88 -18.57 22.10 16.37
CA LYS K 88 -18.89 22.48 17.75
C LYS K 88 -17.91 23.54 18.21
N ARG K 89 -18.23 24.13 19.37
CA ARG K 89 -17.35 25.07 20.06
C ARG K 89 -17.04 24.45 21.42
N THR K 90 -15.76 24.20 21.68
CA THR K 90 -15.34 23.58 22.93
C THR K 90 -14.85 24.66 23.89
N THR K 91 -15.50 24.76 25.04
CA THR K 91 -15.14 25.72 26.08
C THR K 91 -14.47 24.99 27.23
N THR K 92 -13.32 25.49 27.66
CA THR K 92 -12.61 24.96 28.82
C THR K 92 -12.27 26.10 29.76
N PHE K 93 -12.08 25.75 31.03
CA PHE K 93 -11.54 26.70 31.98
C PHE K 93 -10.70 25.97 33.01
N ASP K 94 -9.61 26.61 33.43
CA ASP K 94 -8.70 26.04 34.41
C ASP K 94 -8.33 27.09 35.44
N PHE K 95 -7.96 26.61 36.62
CA PHE K 95 -7.67 27.44 37.78
C PHE K 95 -6.99 26.56 38.82
N ALA K 96 -6.30 27.20 39.76
CA ALA K 96 -5.47 26.50 40.74
C ALA K 96 -6.11 26.64 42.12
N MET K 97 -6.82 25.61 42.57
CA MET K 97 -7.49 25.64 43.85
C MET K 97 -6.53 25.40 45.00
N TYR K 98 -6.82 26.05 46.12
CA TYR K 98 -6.01 25.99 47.33
C TYR K 98 -6.56 25.07 48.40
N GLN K 99 -7.88 25.00 48.55
CA GLN K 99 -8.50 24.45 49.74
C GLN K 99 -8.64 22.94 49.62
N ASN K 100 -8.28 22.23 50.70
CA ASN K 100 -8.38 20.77 50.75
C ASN K 100 -9.71 20.37 51.36
N GLN K 101 -10.77 20.56 50.58
CA GLN K 101 -12.11 20.19 50.99
C GLN K 101 -12.66 19.10 50.08
N ARG K 102 -13.81 18.56 50.48
CA ARG K 102 -14.30 17.34 49.84
C ARG K 102 -14.62 17.54 48.37
N ASN K 103 -15.25 18.65 48.01
CA ASN K 103 -15.66 18.81 46.61
C ASN K 103 -14.45 18.95 45.69
N VAL K 104 -13.41 19.66 46.13
CA VAL K 104 -12.19 19.81 45.34
C VAL K 104 -11.52 18.44 45.13
N LEU K 105 -11.39 17.67 46.21
CA LEU K 105 -10.72 16.38 46.12
C LEU K 105 -11.55 15.38 45.31
N GLU K 106 -12.87 15.45 45.44
CA GLU K 106 -13.75 14.64 44.61
C GLU K 106 -13.57 14.96 43.14
N LEU K 107 -13.44 16.26 42.82
CA LEU K 107 -13.19 16.65 41.44
C LEU K 107 -11.87 16.10 40.94
N ILE K 108 -10.80 16.27 41.72
CA ILE K 108 -9.48 15.91 41.19
C ILE K 108 -9.32 14.40 41.10
N TRP K 109 -9.94 13.64 42.00
CA TRP K 109 -9.78 12.19 42.01
C TRP K 109 -10.88 11.46 41.23
N THR K 110 -11.82 12.19 40.63
CA THR K 110 -12.95 11.63 39.90
C THR K 110 -13.62 10.51 40.70
N GLN K 111 -14.09 10.89 41.88
CA GLN K 111 -14.70 9.94 42.81
C GLN K 111 -15.72 10.68 43.64
N ASP K 112 -16.67 9.93 44.18
CA ASP K 112 -17.58 10.45 45.20
C ASP K 112 -17.04 10.04 46.57
N PHE K 113 -16.79 11.03 47.43
CA PHE K 113 -16.24 10.79 48.76
C PHE K 113 -17.25 11.07 49.85
N SER K 114 -18.54 11.11 49.51
CA SER K 114 -19.57 11.39 50.50
C SER K 114 -19.69 10.28 51.56
N ASN K 115 -19.28 9.07 51.23
CA ASN K 115 -19.32 7.95 52.17
C ASN K 115 -18.05 7.82 53.00
N ILE K 116 -17.06 8.68 52.78
CA ILE K 116 -15.82 8.61 53.55
C ILE K 116 -16.08 9.07 54.97
N GLN K 117 -15.83 8.18 55.93
CA GLN K 117 -16.02 8.53 57.33
C GLN K 117 -14.67 8.84 57.96
N PRO K 118 -14.52 9.98 58.63
CA PRO K 118 -13.28 10.24 59.36
C PRO K 118 -13.06 9.21 60.45
N SER K 119 -11.79 8.92 60.70
CA SER K 119 -11.43 7.93 61.70
C SER K 119 -11.69 8.46 63.10
N GLU K 120 -11.30 7.68 64.11
CA GLU K 120 -11.52 8.06 65.50
C GLU K 120 -10.88 9.39 65.82
N PHE K 121 -9.71 9.67 65.25
CA PHE K 121 -8.99 10.91 65.48
C PHE K 121 -9.14 11.90 64.34
N GLY K 122 -10.09 11.68 63.44
CA GLY K 122 -10.38 12.60 62.37
C GLY K 122 -9.66 12.36 61.07
N GLY K 123 -8.74 11.39 61.01
CA GLY K 123 -8.01 11.15 59.79
C GLY K 123 -8.88 10.54 58.72
N ILE K 124 -8.57 10.89 57.47
CA ILE K 124 -9.27 10.35 56.32
C ILE K 124 -8.25 9.85 55.31
N VAL K 125 -8.64 8.82 54.56
CA VAL K 125 -7.84 8.30 53.46
C VAL K 125 -8.75 8.25 52.23
N LEU K 126 -8.31 8.86 51.14
CA LEU K 126 -9.09 8.93 49.91
C LEU K 126 -8.37 8.12 48.84
N GLU K 127 -8.89 6.95 48.53
CA GLU K 127 -8.31 6.08 47.52
C GLU K 127 -8.78 6.50 46.14
N ALA K 128 -7.86 6.56 45.20
CA ALA K 128 -8.23 6.78 43.81
C ALA K 128 -9.02 5.57 43.30
N PRO K 129 -10.08 5.79 42.52
CA PRO K 129 -10.84 4.66 41.99
C PRO K 129 -10.00 3.83 41.04
N LYS K 130 -10.32 2.54 40.97
CA LYS K 130 -9.58 1.61 40.11
C LYS K 130 -9.56 2.12 38.67
N VAL K 131 -10.72 2.53 38.16
CA VAL K 131 -10.80 3.18 36.86
C VAL K 131 -11.30 4.60 37.11
N PRO K 132 -10.70 5.62 36.48
CA PRO K 132 -11.25 6.98 36.61
C PRO K 132 -12.68 7.03 36.10
N LYS K 133 -13.51 7.78 36.81
CA LYS K 133 -14.93 7.85 36.52
C LYS K 133 -15.23 9.09 35.68
N ASN K 134 -16.27 8.98 34.85
CA ASN K 134 -16.80 10.12 34.11
C ASN K 134 -17.85 10.76 34.99
N ILE K 135 -17.51 11.88 35.63
CA ILE K 135 -18.39 12.58 36.54
C ILE K 135 -18.64 13.98 36.00
N TYR K 136 -19.90 14.35 35.90
CA TYR K 136 -20.28 15.66 35.41
C TYR K 136 -20.73 16.55 36.56
N TYR K 137 -20.44 17.84 36.43
CA TYR K 137 -20.83 18.82 37.41
C TYR K 137 -21.50 20.00 36.73
N ARG K 138 -22.28 20.73 37.50
CA ARG K 138 -22.80 22.02 37.09
C ARG K 138 -21.92 23.10 37.69
N ALA K 139 -21.48 24.05 36.86
CA ALA K 139 -20.51 25.04 37.26
C ALA K 139 -21.06 26.44 37.10
N ILE K 140 -20.76 27.29 38.08
CA ILE K 140 -21.00 28.73 37.98
C ILE K 140 -19.67 29.43 38.23
N LEU K 141 -19.26 30.27 37.29
CA LEU K 141 -18.14 31.17 37.48
C LEU K 141 -18.70 32.58 37.54
N VAL K 142 -18.73 33.18 38.72
CA VAL K 142 -19.28 34.51 38.91
C VAL K 142 -18.20 35.42 39.50
N GLY K 143 -18.02 36.57 38.85
CA GLY K 143 -17.08 37.58 39.31
C GLY K 143 -17.79 38.86 39.69
N MET K 144 -17.13 39.70 40.46
CA MET K 144 -17.70 40.95 40.94
C MET K 144 -16.79 42.10 40.57
N ASP K 145 -17.39 43.16 40.04
CA ASP K 145 -16.72 44.44 39.82
C ASP K 145 -17.46 45.45 40.69
N ASP K 146 -16.93 45.71 41.89
CA ASP K 146 -17.54 46.63 42.84
C ASP K 146 -17.00 48.02 42.57
N ARG K 147 -17.81 48.87 41.93
CA ARG K 147 -17.41 50.21 41.54
C ARG K 147 -18.45 51.19 42.08
N ASN K 148 -17.98 52.16 42.87
CA ASN K 148 -18.84 53.20 43.43
C ASN K 148 -20.00 52.61 44.22
N ASP K 149 -19.75 51.51 44.92
CA ASP K 149 -20.71 50.79 45.75
C ASP K 149 -21.85 50.17 44.96
N ARG K 150 -21.83 50.24 43.63
CA ARG K 150 -22.82 49.61 42.77
C ARG K 150 -22.16 48.47 42.02
N PRO K 151 -22.19 47.25 42.56
CA PRO K 151 -21.43 46.16 41.94
C PRO K 151 -22.01 45.69 40.62
N ILE K 152 -21.15 45.12 39.80
CA ILE K 152 -21.53 44.39 38.61
C ILE K 152 -21.14 42.94 38.80
N TRP K 153 -22.08 42.04 38.57
CA TRP K 153 -21.81 40.61 38.61
C TRP K 153 -21.76 40.08 37.19
N LEU K 154 -20.59 39.66 36.75
CA LEU K 154 -20.41 38.99 35.48
C LEU K 154 -20.20 37.51 35.77
N TYR K 155 -20.94 36.65 35.06
CA TYR K 155 -20.87 35.24 35.37
C TYR K 155 -20.99 34.40 34.12
N TRP K 156 -20.53 33.16 34.24
CA TRP K 156 -20.65 32.14 33.22
C TRP K 156 -21.37 30.95 33.80
N LEU K 157 -22.36 30.43 33.07
CA LEU K 157 -23.08 29.24 33.48
C LEU K 157 -22.67 28.08 32.59
N MET K 158 -22.17 27.01 33.21
CA MET K 158 -21.78 25.80 32.49
C MET K 158 -22.48 24.63 33.15
N PRO K 159 -23.64 24.24 32.64
CA PRO K 159 -24.45 23.21 33.33
C PRO K 159 -23.84 21.82 33.33
N LYS K 160 -22.89 21.52 32.44
CA LYS K 160 -22.35 20.16 32.34
C LYS K 160 -20.84 20.24 32.07
N VAL K 161 -20.06 20.17 33.15
CA VAL K 161 -18.61 20.22 33.04
C VAL K 161 -18.04 18.91 33.56
N LYS K 162 -16.87 18.55 33.04
CA LYS K 162 -16.18 17.33 33.40
C LYS K 162 -14.69 17.63 33.48
N LEU K 163 -14.00 16.93 34.38
CA LEU K 163 -12.56 17.04 34.48
C LEU K 163 -11.91 16.56 33.19
N ASP K 164 -11.11 17.42 32.58
CA ASP K 164 -10.47 17.13 31.31
C ASP K 164 -8.98 16.90 31.44
N LYS K 165 -8.33 17.59 32.37
CA LYS K 165 -6.88 17.54 32.49
C LYS K 165 -6.50 17.95 33.90
N LEU K 166 -5.34 17.46 34.35
CA LEU K 166 -4.82 17.81 35.66
C LEU K 166 -3.34 18.17 35.51
N ASP K 167 -2.99 19.40 35.88
CA ASP K 167 -1.61 19.84 35.75
C ASP K 167 -0.74 19.21 36.83
N ASN K 168 0.57 19.22 36.58
CA ASN K 168 1.52 18.65 37.53
C ASN K 168 1.44 19.39 38.86
N GLN K 169 1.41 18.62 39.94
CA GLN K 169 1.34 19.16 41.28
C GLN K 169 2.74 19.15 41.90
N THR K 170 3.25 20.33 42.21
CA THR K 170 4.59 20.46 42.79
C THR K 170 4.48 20.79 44.27
N LEU K 171 5.17 20.02 45.10
CA LEU K 171 5.24 20.27 46.53
C LEU K 171 6.52 21.03 46.83
N ASN K 172 6.39 22.25 47.33
CA ASN K 172 7.52 23.05 47.75
C ASN K 172 7.34 23.42 49.22
N ASP K 173 8.46 23.54 49.93
CA ASP K 173 8.40 23.78 51.36
C ASP K 173 8.00 25.21 51.72
N ASP K 174 7.88 26.10 50.73
CA ASP K 174 7.46 27.48 50.97
C ASP K 174 6.14 27.81 50.27
N ASN K 175 5.34 26.80 49.92
CA ASN K 175 4.09 27.04 49.21
C ASN K 175 3.05 26.04 49.69
N VAL K 176 1.79 26.39 49.51
CA VAL K 176 0.70 25.47 49.79
C VAL K 176 0.49 24.59 48.57
N ILE K 177 -0.14 23.44 48.80
CA ILE K 177 -0.43 22.52 47.71
C ILE K 177 -1.56 23.09 46.86
N GLU K 178 -1.40 23.05 45.54
CA GLU K 178 -2.39 23.56 44.62
C GLU K 178 -2.92 22.43 43.75
N TYR K 179 -4.21 22.46 43.48
CA TYR K 179 -4.85 21.56 42.53
C TYR K 179 -5.26 22.38 41.31
N LYS K 180 -4.80 21.96 40.14
CA LYS K 180 -4.91 22.75 38.91
C LYS K 180 -5.64 21.91 37.86
N PRO K 181 -6.96 21.79 37.94
CA PRO K 181 -7.70 21.06 36.91
C PRO K 181 -8.08 21.95 35.74
N THR K 182 -8.27 21.30 34.60
CA THR K 182 -8.90 21.91 33.44
C THR K 182 -10.27 21.24 33.26
N LEU K 183 -11.32 22.03 33.27
CA LEU K 183 -12.67 21.53 33.09
C LEU K 183 -13.19 21.86 31.71
N LYS K 184 -13.87 20.89 31.11
CA LYS K 184 -14.44 21.04 29.77
C LYS K 184 -15.95 21.11 29.88
N ALA K 185 -16.54 22.09 29.20
CA ALA K 185 -17.98 22.27 29.20
C ALA K 185 -18.61 21.39 28.12
N PHE K 186 -19.75 20.79 28.46
CA PHE K 186 -20.52 19.98 27.54
C PHE K 186 -21.94 20.53 27.45
N ARG K 187 -22.58 20.27 26.31
CA ARG K 187 -23.94 20.73 26.14
C ARG K 187 -24.88 19.91 27.02
N ASP K 188 -25.69 20.61 27.81
CA ASP K 188 -26.73 19.98 28.61
C ASP K 188 -28.04 20.04 27.81
N ASP K 189 -28.64 18.88 27.56
CA ASP K 189 -29.80 18.81 26.68
C ASP K 189 -31.00 19.56 27.26
N VAL K 190 -31.21 19.43 28.57
CA VAL K 190 -32.40 20.03 29.18
C VAL K 190 -32.36 21.55 29.08
N VAL K 191 -31.22 22.16 29.39
CA VAL K 191 -31.13 23.62 29.30
C VAL K 191 -30.76 24.10 27.90
N GLY K 192 -30.21 23.23 27.06
CA GLY K 192 -30.01 23.54 25.66
C GLY K 192 -28.77 24.34 25.33
N TYR K 193 -27.79 24.42 26.23
CA TYR K 193 -26.54 25.11 25.94
C TYR K 193 -25.42 24.50 26.78
N SER K 194 -24.20 24.82 26.39
CA SER K 194 -23.02 24.43 27.18
C SER K 194 -22.46 25.59 28.00
N VAL K 195 -22.48 26.81 27.47
CA VAL K 195 -21.99 27.98 28.18
C VAL K 195 -22.96 29.13 27.98
N ALA K 196 -23.22 29.88 29.05
CA ALA K 196 -23.95 31.12 28.98
C ALA K 196 -23.20 32.19 29.77
N GLN K 197 -23.16 33.41 29.23
CA GLN K 197 -22.54 34.53 29.90
C GLN K 197 -23.62 35.47 30.41
N GLY K 198 -23.50 35.90 31.66
CA GLY K 198 -24.52 36.73 32.27
C GLY K 198 -23.94 37.99 32.89
N PHE K 199 -24.78 39.01 32.95
CA PHE K 199 -24.47 40.28 33.60
C PHE K 199 -25.63 40.67 34.49
N ALA K 200 -25.33 41.13 35.70
CA ALA K 200 -26.36 41.51 36.66
C ALA K 200 -25.78 42.48 37.65
N GLY K 201 -26.65 43.02 38.52
CA GLY K 201 -26.26 43.98 39.52
C GLY K 201 -26.70 45.39 39.18
N PRO K 202 -26.81 46.23 40.21
CA PRO K 202 -27.18 47.64 39.95
C PRO K 202 -26.19 48.37 39.07
N GLY K 203 -24.89 48.07 39.22
CA GLY K 203 -23.91 48.65 38.33
C GLY K 203 -24.14 48.26 36.88
N TRP K 204 -24.58 47.02 36.65
CA TRP K 204 -24.96 46.62 35.30
C TRP K 204 -26.20 47.36 34.85
N ARG K 205 -27.21 47.48 35.73
CA ARG K 205 -28.44 48.18 35.39
C ARG K 205 -28.16 49.61 34.94
N ASP K 206 -27.13 50.24 35.50
CA ASP K 206 -26.73 51.55 35.01
C ASP K 206 -26.25 51.51 33.56
N LEU K 207 -25.81 50.34 33.08
CA LEU K 207 -25.13 50.24 31.79
C LEU K 207 -25.88 49.47 30.72
N VAL K 208 -27.02 48.85 31.03
CA VAL K 208 -27.65 47.93 30.09
C VAL K 208 -27.99 48.63 28.79
N ALA K 209 -28.59 49.83 28.88
CA ALA K 209 -28.94 50.58 27.68
C ALA K 209 -27.70 50.99 26.90
N THR K 210 -26.65 51.43 27.60
CA THR K 210 -25.40 51.79 26.94
C THR K 210 -24.78 50.59 26.23
N ALA K 211 -24.87 49.40 26.83
CA ALA K 211 -24.30 48.20 26.24
C ALA K 211 -25.07 47.72 25.01
N GLY K 212 -26.22 48.30 24.72
CA GLY K 212 -26.97 47.95 23.53
C GLY K 212 -27.97 46.84 23.69
N PHE K 213 -28.33 46.48 24.93
CA PHE K 213 -29.34 45.46 25.18
C PHE K 213 -30.64 46.14 25.57
N GLY K 214 -31.72 45.82 24.87
CA GLY K 214 -32.96 46.52 25.08
C GLY K 214 -32.88 47.94 24.55
N GLU K 215 -33.77 48.79 25.07
CA GLU K 215 -33.85 50.20 24.70
C GLU K 215 -33.49 51.07 25.88
N ALA K 216 -33.19 52.34 25.57
CA ALA K 216 -32.77 53.27 26.61
C ALA K 216 -33.95 53.70 27.48
N LEU K 217 -33.62 54.21 28.67
CA LEU K 217 -34.62 54.69 29.61
C LEU K 217 -34.88 56.16 29.35
N THR K 218 -36.13 56.50 29.05
CA THR K 218 -36.51 57.88 28.76
C THR K 218 -37.72 58.36 29.54
N ALA K 219 -38.34 57.51 30.35
CA ALA K 219 -39.51 57.92 31.12
C ALA K 219 -39.66 57.01 32.33
N LEU K 220 -40.07 57.60 33.45
CA LEU K 220 -40.29 56.87 34.70
C LEU K 220 -41.78 56.83 34.99
N THR K 221 -42.28 55.65 35.35
CA THR K 221 -43.70 55.45 35.61
C THR K 221 -43.88 54.82 36.98
N ILE K 222 -44.81 55.35 37.77
CA ILE K 222 -45.13 54.80 39.07
C ILE K 222 -46.37 53.92 38.93
N THR K 223 -46.15 52.60 38.88
CA THR K 223 -47.20 51.63 38.57
C THR K 223 -48.38 51.66 39.53
N PRO K 224 -48.19 51.82 40.85
CA PRO K 224 -49.38 51.89 41.72
C PRO K 224 -50.33 53.01 41.35
N GLY K 225 -49.82 54.16 40.93
CA GLY K 225 -50.67 55.24 40.47
C GLY K 225 -51.22 56.09 41.60
N SER K 226 -52.50 55.88 41.92
CA SER K 226 -53.18 56.62 42.99
C SER K 226 -53.73 55.61 43.98
N PRO K 227 -52.93 55.21 44.96
CA PRO K 227 -53.38 54.23 45.95
C PRO K 227 -54.03 54.89 47.16
N THR K 228 -54.58 54.04 48.03
CA THR K 228 -55.20 54.48 49.28
C THR K 228 -54.65 53.63 50.42
N VAL K 229 -54.23 54.28 51.49
CA VAL K 229 -53.68 53.60 52.67
C VAL K 229 -54.54 53.97 53.88
N THR K 230 -54.75 52.98 54.74
CA THR K 230 -55.54 53.19 55.95
C THR K 230 -54.67 53.78 57.06
N VAL K 231 -55.22 54.72 57.82
CA VAL K 231 -54.52 55.26 58.97
C VAL K 231 -54.34 54.20 60.03
N ALA K 232 -55.37 53.39 60.27
CA ALA K 232 -55.28 52.33 61.27
C ALA K 232 -54.34 51.24 60.80
N THR K 233 -53.76 50.53 61.78
CA THR K 233 -52.80 49.47 61.50
C THR K 233 -53.51 48.26 60.89
N GLY K 234 -52.91 47.73 59.84
CA GLY K 234 -53.46 46.57 59.16
C GLY K 234 -52.66 46.22 57.93
N ALA K 235 -53.19 45.24 57.19
CA ALA K 235 -52.53 44.80 55.96
C ALA K 235 -52.50 45.91 54.91
N SER K 236 -53.60 46.65 54.77
CA SER K 236 -53.71 47.73 53.80
C SER K 236 -53.27 49.07 54.37
N HIS K 237 -52.66 49.07 55.57
CA HIS K 237 -52.16 50.30 56.14
C HIS K 237 -50.96 50.85 55.37
N THR K 238 -50.18 49.99 54.74
CA THR K 238 -48.98 50.39 54.02
C THR K 238 -49.05 49.89 52.58
N ALA K 239 -48.40 50.63 51.69
CA ALA K 239 -48.34 50.27 50.27
C ALA K 239 -46.91 50.40 49.79
N GLN K 240 -46.45 49.41 49.02
CA GLN K 240 -45.12 49.43 48.43
C GLN K 240 -45.23 49.89 46.98
N LEU K 241 -44.45 50.91 46.63
CA LEU K 241 -44.48 51.47 45.29
C LEU K 241 -43.54 50.69 44.37
N LEU K 242 -43.70 50.92 43.07
CA LEU K 242 -42.85 50.30 42.07
C LEU K 242 -42.65 51.27 40.92
N VAL K 243 -41.40 51.55 40.58
CA VAL K 243 -41.04 52.52 39.55
C VAL K 243 -40.40 51.76 38.39
N GLU K 244 -40.94 51.95 37.20
CA GLU K 244 -40.46 51.28 35.99
C GLU K 244 -40.06 52.31 34.95
N GLY K 245 -39.56 51.81 33.82
CA GLY K 245 -39.18 52.65 32.70
C GLY K 245 -39.84 52.21 31.41
N ASP K 246 -39.50 52.93 30.34
CA ASP K 246 -40.03 52.58 29.03
C ASP K 246 -39.42 51.28 28.51
N ASN K 247 -38.24 50.91 29.00
CA ASN K 247 -37.58 49.67 28.61
C ASN K 247 -38.00 48.49 29.47
N GLY K 248 -38.90 48.69 30.44
CA GLY K 248 -39.36 47.61 31.28
C GLY K 248 -38.44 47.23 32.41
N ILE K 249 -37.47 48.08 32.74
CA ILE K 249 -36.52 47.81 33.81
C ILE K 249 -36.97 48.52 35.07
N ASN K 250 -37.03 47.78 36.18
CA ASN K 250 -37.35 48.36 37.48
C ASN K 250 -36.21 49.26 37.93
N TYR K 251 -36.53 50.54 38.17
CA TYR K 251 -35.56 51.50 38.66
C TYR K 251 -35.86 51.95 40.09
N THR K 252 -36.72 51.22 40.80
CA THR K 252 -37.05 51.58 42.18
C THR K 252 -35.82 51.72 43.09
N PRO K 253 -34.82 50.83 43.05
CA PRO K 253 -33.63 51.06 43.89
C PRO K 253 -32.83 52.29 43.49
N ASP K 254 -32.97 52.77 42.25
CA ASP K 254 -32.14 53.84 41.74
C ASP K 254 -32.81 55.21 41.78
N VAL K 255 -33.99 55.34 42.39
CA VAL K 255 -34.72 56.60 42.41
C VAL K 255 -34.72 57.16 43.82
N VAL K 256 -34.98 58.46 43.92
CA VAL K 256 -35.08 59.18 45.18
C VAL K 256 -36.55 59.47 45.43
N PHE K 257 -37.06 59.03 46.58
CA PHE K 257 -38.45 59.24 46.94
C PHE K 257 -38.59 60.48 47.81
N THR K 258 -39.49 61.37 47.40
CA THR K 258 -39.80 62.59 48.16
C THR K 258 -41.30 62.68 48.35
N SER K 259 -41.72 63.11 49.53
CA SER K 259 -43.13 63.25 49.86
C SER K 259 -43.50 64.72 49.96
N SER K 260 -44.66 65.08 49.40
CA SER K 260 -45.15 66.45 49.50
C SER K 260 -45.43 66.83 50.95
N ALA K 261 -46.17 65.97 51.66
CA ALA K 261 -46.47 66.16 53.07
C ALA K 261 -46.00 64.95 53.85
N PRO K 262 -44.83 65.00 54.49
CA PRO K 262 -44.36 63.82 55.25
C PRO K 262 -45.30 63.41 56.37
N ASP K 263 -45.97 64.37 57.01
CA ASP K 263 -46.87 64.01 58.11
C ASP K 263 -48.08 63.22 57.62
N LYS K 264 -48.63 63.61 56.47
CA LYS K 264 -49.81 62.92 55.95
C LYS K 264 -49.49 61.49 55.53
N ALA K 265 -48.43 61.32 54.75
CA ALA K 265 -48.02 59.99 54.29
C ALA K 265 -46.50 59.92 54.33
N SER K 266 -45.97 58.93 55.04
CA SER K 266 -44.53 58.76 55.17
C SER K 266 -44.02 57.73 54.18
N VAL K 267 -42.99 58.09 53.44
CA VAL K 267 -42.37 57.21 52.45
C VAL K 267 -40.89 57.05 52.81
N SER K 268 -40.40 55.81 52.75
CA SER K 268 -39.01 55.52 53.06
C SER K 268 -38.17 55.73 51.80
N ALA K 269 -36.87 55.43 51.90
CA ALA K 269 -36.01 55.47 50.72
C ALA K 269 -36.40 54.39 49.72
N ALA K 270 -36.78 53.21 50.22
CA ALA K 270 -37.18 52.12 49.34
C ALA K 270 -38.42 52.48 48.54
N GLY K 271 -39.36 53.18 49.17
CA GLY K 271 -40.56 53.60 48.47
C GLY K 271 -41.83 53.00 49.05
N LEU K 272 -41.80 52.66 50.34
CA LEU K 272 -42.96 52.12 51.02
C LEU K 272 -43.76 53.26 51.64
N VAL K 273 -45.01 53.41 51.20
CA VAL K 273 -45.88 54.50 51.62
C VAL K 273 -46.67 54.05 52.84
N THR K 274 -46.53 54.77 53.94
CA THR K 274 -47.29 54.52 55.16
C THR K 274 -48.08 55.78 55.51
N GLY K 275 -49.39 55.62 55.66
CA GLY K 275 -50.25 56.76 55.95
C GLY K 275 -50.41 57.07 57.42
N VAL K 276 -49.69 58.08 57.90
CA VAL K 276 -49.78 58.46 59.30
C VAL K 276 -51.13 59.10 59.61
N ALA K 277 -51.56 60.04 58.77
CA ALA K 277 -52.79 60.76 59.01
C ALA K 277 -53.52 60.94 57.67
N ALA K 278 -54.83 61.14 57.77
CA ALA K 278 -55.64 61.34 56.57
C ALA K 278 -55.25 62.62 55.87
N GLY K 279 -55.35 62.60 54.56
CA GLY K 279 -54.99 63.76 53.75
C GLY K 279 -54.51 63.31 52.39
N SER K 280 -54.13 64.30 51.58
CA SER K 280 -53.63 64.07 50.23
C SER K 280 -52.15 64.42 50.19
N ALA K 281 -51.32 63.44 49.82
CA ALA K 281 -49.89 63.62 49.72
C ALA K 281 -49.41 63.17 48.36
N THR K 282 -48.44 63.92 47.82
CA THR K 282 -47.82 63.61 46.54
C THR K 282 -46.46 62.99 46.79
N ILE K 283 -46.21 61.84 46.14
CA ILE K 283 -44.95 61.13 46.28
C ILE K 283 -44.25 61.17 44.92
N THR K 284 -43.06 61.77 44.90
CA THR K 284 -42.30 61.98 43.68
C THR K 284 -41.03 61.13 43.72
N ALA K 285 -40.82 60.35 42.66
CA ALA K 285 -39.62 59.55 42.51
C ALA K 285 -38.71 60.22 41.49
N THR K 286 -37.48 60.55 41.92
CA THR K 286 -36.54 61.29 41.09
C THR K 286 -35.31 60.43 40.81
N LYS K 287 -34.94 60.35 39.53
CA LYS K 287 -33.71 59.70 39.11
C LYS K 287 -33.14 60.51 37.95
N GLY K 288 -32.02 61.19 38.21
CA GLY K 288 -31.48 62.09 37.20
C GLY K 288 -32.47 63.19 36.90
N ALA K 289 -32.78 63.37 35.62
CA ALA K 289 -33.77 64.35 35.19
C ALA K 289 -35.17 63.78 35.10
N LEU K 290 -35.32 62.46 35.08
CA LEU K 290 -36.64 61.85 34.99
C LEU K 290 -37.39 61.97 36.31
N THR K 291 -38.71 61.96 36.22
CA THR K 291 -39.56 62.17 37.39
C THR K 291 -40.86 61.40 37.22
N ALA K 292 -41.24 60.65 38.25
CA ALA K 292 -42.53 59.98 38.31
C ALA K 292 -43.24 60.41 39.59
N THR K 293 -44.44 60.98 39.43
CA THR K 293 -45.19 61.54 40.55
C THR K 293 -46.47 60.75 40.77
N ALA K 294 -46.74 60.43 42.03
CA ALA K 294 -47.96 59.72 42.41
C ALA K 294 -48.61 60.42 43.60
N THR K 295 -49.93 60.35 43.64
CA THR K 295 -50.72 61.00 44.69
C THR K 295 -51.48 59.94 45.48
N VAL K 296 -51.31 59.94 46.79
CA VAL K 296 -51.91 58.95 47.68
C VAL K 296 -52.89 59.65 48.60
N THR K 297 -54.12 59.14 48.67
CA THR K 297 -55.16 59.68 49.52
C THR K 297 -55.29 58.78 50.75
N VAL K 298 -54.97 59.32 51.92
CA VAL K 298 -55.02 58.56 53.16
C VAL K 298 -56.38 58.73 53.81
N THR K 299 -56.96 57.62 54.27
CA THR K 299 -58.24 57.63 54.97
C THR K 299 -58.05 57.10 56.38
N ALA K 300 -58.84 57.64 57.31
CA ALA K 300 -58.78 57.22 58.70
C ALA K 300 -60.02 56.41 59.07
N THR L 2 -27.46 37.70 50.53
CA THR L 2 -26.16 37.04 50.48
C THR L 2 -25.19 37.77 49.58
N ASP L 3 -24.18 38.40 50.18
CA ASP L 3 -23.18 39.13 49.40
C ASP L 3 -22.18 38.16 48.79
N PHE L 4 -21.27 38.72 47.99
CA PHE L 4 -20.29 37.91 47.26
C PHE L 4 -19.39 37.14 48.23
N TYR L 5 -18.96 37.80 49.32
CA TYR L 5 -18.03 37.17 50.25
C TYR L 5 -18.65 35.94 50.90
N THR L 6 -19.92 36.02 51.27
CA THR L 6 -20.60 34.86 51.87
C THR L 6 -20.70 33.71 50.88
N ILE L 7 -21.00 34.01 49.62
CA ILE L 7 -21.09 32.96 48.60
C ILE L 7 -19.74 32.30 48.39
N LYS L 8 -18.67 33.11 48.35
CA LYS L 8 -17.34 32.56 48.13
C LYS L 8 -16.94 31.56 49.21
N ASP L 9 -17.29 31.86 50.46
CA ASP L 9 -17.09 30.94 51.58
C ASP L 9 -15.65 30.43 51.64
N ALA L 10 -14.70 31.36 51.55
CA ALA L 10 -13.30 30.99 51.48
C ALA L 10 -12.74 30.65 52.86
N GLN L 11 -11.99 29.56 52.93
CA GLN L 11 -11.39 29.07 54.18
C GLN L 11 -9.88 28.99 53.99
N ALA L 12 -9.17 29.99 54.50
CA ALA L 12 -7.71 30.02 54.36
C ALA L 12 -7.06 28.86 55.10
N ASP L 13 -7.64 28.42 56.23
CA ASP L 13 -7.04 27.34 57.00
C ASP L 13 -7.05 26.01 56.26
N LEU L 14 -7.87 25.85 55.23
CA LEU L 14 -7.88 24.63 54.45
C LEU L 14 -6.77 24.58 53.42
N ALA L 15 -6.03 25.67 53.23
CA ALA L 15 -4.81 25.63 52.43
C ALA L 15 -3.68 25.07 53.28
N ILE L 16 -3.06 24.00 52.80
CA ILE L 16 -2.07 23.24 53.57
C ILE L 16 -0.74 23.31 52.86
N ALA L 17 0.31 23.67 53.61
CA ALA L 17 1.65 23.83 53.07
C ALA L 17 2.54 22.68 53.55
N PRO L 18 3.12 21.90 52.65
CA PRO L 18 4.07 20.86 53.08
C PRO L 18 5.42 21.44 53.46
N LEU L 19 5.47 22.01 54.68
CA LEU L 19 6.67 22.68 55.13
C LEU L 19 7.85 21.71 55.24
N ASN L 20 7.59 20.49 55.68
CA ASN L 20 8.56 19.41 55.61
C ASN L 20 7.93 18.23 54.90
N LEU L 21 8.79 17.40 54.32
CA LEU L 21 8.34 16.30 53.48
C LEU L 21 9.36 15.18 53.55
N THR L 22 8.88 13.95 53.59
CA THR L 22 9.76 12.79 53.55
C THR L 22 9.17 11.72 52.64
N VAL L 23 10.05 11.01 51.96
CA VAL L 23 9.67 9.90 51.09
C VAL L 23 10.19 8.62 51.73
N LEU L 24 9.30 7.66 51.95
CA LEU L 24 9.66 6.38 52.51
C LEU L 24 9.38 5.28 51.50
N LEU L 25 10.35 4.40 51.32
CA LEU L 25 10.23 3.26 50.42
C LEU L 25 10.34 1.98 51.24
N ALA L 26 9.57 0.98 50.83
CA ALA L 26 9.60 -0.34 51.43
C ALA L 26 9.71 -1.38 50.34
N PRO L 27 10.40 -2.50 50.61
CA PRO L 27 10.42 -3.59 49.64
C PRO L 27 9.02 -4.15 49.43
N TYR L 28 8.79 -4.70 48.24
CA TYR L 28 7.44 -5.14 47.86
C TYR L 28 6.89 -6.20 48.79
N SER L 29 7.74 -6.91 49.53
CA SER L 29 7.28 -7.91 50.49
C SER L 29 6.70 -7.28 51.76
N THR L 30 6.89 -5.97 51.95
CA THR L 30 6.30 -5.30 53.10
C THR L 30 4.78 -5.25 52.98
N THR L 31 4.10 -5.36 54.10
CA THR L 31 2.65 -5.14 54.12
C THR L 31 2.36 -3.66 53.88
N PRO L 32 1.55 -3.31 52.89
CA PRO L 32 1.34 -1.90 52.58
C PRO L 32 0.65 -1.15 53.70
N ALA L 33 1.01 0.12 53.84
CA ALA L 33 0.34 0.99 54.77
C ALA L 33 -1.08 1.26 54.30
N THR L 34 -2.04 1.20 55.22
CA THR L 34 -3.42 1.58 54.93
C THR L 34 -3.75 2.97 55.47
N THR L 35 -3.12 3.37 56.56
CA THR L 35 -3.27 4.70 57.12
C THR L 35 -2.00 5.01 57.92
N LEU L 36 -1.69 6.29 58.04
CA LEU L 36 -0.57 6.73 58.85
C LEU L 36 -0.99 7.16 60.25
N GLU L 37 -2.29 7.17 60.52
CA GLU L 37 -2.81 7.59 61.82
C GLU L 37 -2.82 6.41 62.77
N SER L 38 -2.13 6.54 63.90
CA SER L 38 -2.08 5.45 64.88
C SER L 38 -3.46 5.24 65.51
N PRO L 39 -3.93 4.00 65.63
CA PRO L 39 -5.21 3.76 66.30
C PRO L 39 -5.20 4.05 67.79
N THR L 40 -4.01 4.19 68.40
CA THR L 40 -3.93 4.43 69.83
C THR L 40 -4.24 5.88 70.18
N ASP L 41 -3.46 6.81 69.66
CA ASP L 41 -3.62 8.22 69.96
C ASP L 41 -3.70 9.11 68.73
N GLY L 42 -3.75 8.55 67.53
CA GLY L 42 -3.82 9.34 66.33
C GLY L 42 -2.49 9.91 65.88
N SER L 43 -1.39 9.58 66.55
CA SER L 43 -0.10 10.10 66.16
C SER L 43 0.38 9.44 64.87
N LEU L 44 1.37 10.05 64.24
CA LEU L 44 1.86 9.56 62.96
C LEU L 44 2.61 8.25 63.17
N ALA L 45 2.18 7.21 62.45
CA ALA L 45 2.69 5.85 62.67
C ALA L 45 3.07 5.24 61.33
N ILE L 46 4.36 5.01 61.13
CA ILE L 46 4.87 4.39 59.92
C ILE L 46 4.97 2.88 60.11
N PRO L 47 4.42 2.07 59.22
CA PRO L 47 4.54 0.63 59.37
C PRO L 47 5.99 0.21 59.23
N PRO L 48 6.39 -0.88 59.90
CA PRO L 48 7.76 -1.38 59.76
C PRO L 48 8.05 -1.81 58.33
N GLY L 49 9.30 -1.63 57.92
CA GLY L 49 9.76 -1.93 56.59
C GLY L 49 9.90 -0.71 55.70
N TYR L 50 9.19 0.37 56.01
CA TYR L 50 9.33 1.62 55.27
C TYR L 50 10.54 2.39 55.78
N LYS L 51 11.40 2.80 54.86
CA LYS L 51 12.62 3.53 55.21
C LYS L 51 12.66 4.82 54.42
N SER L 52 12.97 5.91 55.12
CA SER L 52 13.10 7.21 54.48
C SER L 52 14.32 7.22 53.55
N VAL L 53 14.20 7.97 52.44
CA VAL L 53 15.35 8.19 51.58
C VAL L 53 16.24 9.32 52.07
N GLY L 54 15.80 10.07 53.07
CA GLY L 54 16.59 11.14 53.62
C GLY L 54 16.37 12.48 52.93
N HIS L 55 17.40 13.32 52.95
CA HIS L 55 17.27 14.67 52.40
C HIS L 55 17.12 14.63 50.88
N PHE L 56 16.30 15.52 50.35
CA PHE L 56 16.20 15.72 48.92
C PHE L 56 16.23 17.22 48.61
N GLU L 57 16.44 17.53 47.33
CA GLU L 57 16.70 18.89 46.90
C GLU L 57 15.52 19.80 47.20
N LYS L 58 15.81 20.99 47.73
CA LYS L 58 14.75 21.91 48.13
C LYS L 58 14.06 22.53 46.93
N GLN L 59 14.84 23.04 45.96
CA GLN L 59 14.27 23.83 44.89
C GLN L 59 13.45 22.98 43.93
N ALA L 60 13.95 21.79 43.58
CA ALA L 60 13.15 20.88 42.77
C ALA L 60 11.88 20.46 43.48
N GLY L 61 11.94 20.27 44.79
CA GLY L 61 10.79 19.80 45.52
C GLY L 61 10.38 18.41 45.08
N LEU L 62 9.09 18.15 45.16
CA LEU L 62 8.52 16.89 44.69
C LEU L 62 7.35 17.20 43.78
N THR L 63 7.38 16.66 42.57
CA THR L 63 6.36 16.89 41.57
C THR L 63 5.53 15.64 41.38
N LEU L 64 4.22 15.77 41.51
CA LEU L 64 3.28 14.67 41.30
C LEU L 64 2.58 14.88 39.97
N GLY L 65 2.65 13.87 39.10
CA GLY L 65 2.04 13.93 37.79
C GLY L 65 0.84 13.01 37.69
N ASN L 66 -0.15 13.42 36.90
CA ASN L 66 -1.34 12.62 36.64
C ASN L 66 -1.70 12.71 35.17
N GLU L 67 -1.79 11.55 34.51
CA GLU L 67 -2.15 11.48 33.11
C GLU L 67 -3.36 10.57 32.95
N PHE L 68 -4.33 11.02 32.17
CA PHE L 68 -5.46 10.19 31.78
C PHE L 68 -5.30 9.80 30.31
N ASP L 69 -5.46 8.51 30.04
CA ASP L 69 -5.60 8.03 28.66
C ASP L 69 -7.02 7.54 28.46
N SER L 70 -7.69 8.09 27.45
CA SER L 70 -9.09 7.80 27.23
C SER L 70 -9.37 7.77 25.74
N LYS L 71 -10.45 7.11 25.38
CA LYS L 71 -10.90 7.02 24.00
C LYS L 71 -12.36 7.43 23.93
N ASP L 72 -12.69 8.23 22.91
CA ASP L 72 -14.03 8.75 22.72
C ASP L 72 -14.77 7.94 21.67
N ILE L 73 -16.00 7.55 21.97
CA ILE L 73 -16.85 6.86 21.02
C ILE L 73 -17.67 7.91 20.28
N GLU L 74 -17.47 8.01 18.97
CA GLU L 74 -18.09 9.04 18.15
C GLU L 74 -19.26 8.46 17.36
N ALA L 75 -20.43 9.07 17.51
CA ALA L 75 -21.61 8.69 16.76
C ALA L 75 -21.90 9.74 15.70
N TYR L 76 -22.47 9.27 14.59
CA TYR L 76 -22.85 10.16 13.50
C TYR L 76 -23.82 11.22 13.99
N GLY L 77 -23.56 12.48 13.63
CA GLY L 77 -24.43 13.57 13.98
C GLY L 77 -24.34 14.05 15.40
N GLU L 78 -23.38 13.55 16.18
CA GLU L 78 -23.19 13.98 17.56
C GLU L 78 -21.86 14.71 17.67
N PRO L 79 -21.87 16.03 17.91
CA PRO L 79 -20.59 16.74 18.08
C PRO L 79 -19.78 16.24 19.26
N GLU L 80 -20.44 15.83 20.35
CA GLU L 80 -19.74 15.34 21.52
C GLU L 80 -19.81 13.81 21.58
N PRO L 81 -18.80 13.18 22.18
CA PRO L 81 -18.82 11.71 22.27
C PRO L 81 -20.04 11.20 23.01
N ILE L 82 -20.61 10.10 22.51
CA ILE L 82 -21.70 9.45 23.23
C ILE L 82 -21.20 8.64 24.41
N ARG L 83 -19.91 8.33 24.44
CA ARG L 83 -19.32 7.63 25.57
C ARG L 83 -17.81 7.85 25.54
N THR L 84 -17.23 8.11 26.70
CA THR L 84 -15.79 8.23 26.86
C THR L 84 -15.31 7.08 27.72
N ILE L 85 -14.37 6.30 27.20
CA ILE L 85 -13.80 5.16 27.90
C ILE L 85 -12.44 5.58 28.42
N ILE L 86 -12.32 5.73 29.73
CA ILE L 86 -11.04 6.07 30.35
C ILE L 86 -10.34 4.79 30.73
N ASN L 87 -9.17 4.56 30.13
CA ASN L 87 -8.43 3.33 30.40
C ASN L 87 -7.85 3.34 31.81
N LYS L 88 -7.06 4.36 32.14
CA LYS L 88 -6.39 4.39 33.44
C LYS L 88 -5.94 5.81 33.73
N ARG L 89 -5.51 6.01 34.97
CA ARG L 89 -4.90 7.26 35.42
C ARG L 89 -3.48 6.93 35.86
N THR L 90 -2.49 7.53 35.21
CA THR L 90 -1.10 7.27 35.50
C THR L 90 -0.56 8.33 36.45
N THR L 91 -0.13 7.92 37.63
CA THR L 91 0.44 8.82 38.61
C THR L 91 1.95 8.61 38.69
N THR L 92 2.70 9.70 38.62
CA THR L 92 4.15 9.67 38.75
C THR L 92 4.57 10.71 39.78
N PHE L 93 5.75 10.49 40.36
CA PHE L 93 6.36 11.53 41.18
C PHE L 93 7.88 11.43 41.05
N ASP L 94 8.53 12.59 41.08
CA ASP L 94 9.97 12.66 40.96
C ASP L 94 10.51 13.67 41.97
N PHE L 95 11.78 13.48 42.33
CA PHE L 95 12.47 14.25 43.36
C PHE L 95 13.95 13.95 43.24
N ALA L 96 14.76 14.82 43.85
CA ALA L 96 16.21 14.75 43.71
C ALA L 96 16.83 14.40 45.06
N MET L 97 17.20 13.13 45.22
CA MET L 97 17.75 12.65 46.48
C MET L 97 19.22 13.00 46.63
N TYR L 98 19.62 13.28 47.87
CA TYR L 98 20.98 13.67 48.23
C TYR L 98 21.81 12.52 48.80
N GLN L 99 21.22 11.65 49.60
CA GLN L 99 21.96 10.75 50.45
C GLN L 99 22.36 9.48 49.70
N ASN L 100 23.63 9.12 49.82
CA ASN L 100 24.16 7.90 49.19
C ASN L 100 23.94 6.71 50.13
N GLN L 101 22.68 6.34 50.27
CA GLN L 101 22.25 5.22 51.09
C GLN L 101 22.04 3.99 50.23
N ARG L 102 21.92 2.84 50.89
CA ARG L 102 21.70 1.59 50.16
C ARG L 102 20.37 1.60 49.44
N ASN L 103 19.30 2.07 50.09
CA ASN L 103 17.99 2.02 49.45
C ASN L 103 17.92 2.94 48.23
N VAL L 104 18.53 4.13 48.33
CA VAL L 104 18.56 5.06 47.19
C VAL L 104 19.33 4.44 46.02
N LEU L 105 20.50 3.88 46.31
CA LEU L 105 21.33 3.31 45.24
C LEU L 105 20.70 2.06 44.65
N GLU L 106 20.02 1.27 45.47
CA GLU L 106 19.26 0.14 44.98
C GLU L 106 18.16 0.59 44.04
N LEU L 107 17.48 1.69 44.39
CA LEU L 107 16.44 2.23 43.52
C LEU L 107 17.03 2.66 42.17
N ILE L 108 18.12 3.43 42.20
CA ILE L 108 18.59 4.01 40.95
C ILE L 108 19.21 2.95 40.04
N TRP L 109 19.83 1.91 40.62
CA TRP L 109 20.50 0.90 39.82
C TRP L 109 19.63 -0.32 39.55
N THR L 110 18.37 -0.32 40.02
CA THR L 110 17.44 -1.43 39.86
C THR L 110 18.10 -2.76 40.22
N GLN L 111 18.56 -2.83 41.46
CA GLN L 111 19.29 -3.99 41.94
C GLN L 111 19.05 -4.12 43.43
N ASP L 112 19.22 -5.34 43.94
CA ASP L 112 19.26 -5.58 45.37
C ASP L 112 20.72 -5.62 45.81
N PHE L 113 21.10 -4.73 46.73
CA PHE L 113 22.46 -4.65 47.22
C PHE L 113 22.59 -5.13 48.67
N SER L 114 21.62 -5.91 49.14
CA SER L 114 21.66 -6.38 50.52
C SER L 114 22.80 -7.36 50.77
N ASN L 115 23.29 -8.03 49.73
CA ASN L 115 24.41 -8.97 49.86
C ASN L 115 25.76 -8.31 49.63
N ILE L 116 25.80 -7.00 49.38
CA ILE L 116 27.08 -6.32 49.18
C ILE L 116 27.80 -6.21 50.51
N GLN L 117 28.98 -6.78 50.59
CA GLN L 117 29.77 -6.71 51.81
C GLN L 117 30.86 -5.66 51.66
N PRO L 118 30.97 -4.72 52.61
CA PRO L 118 32.08 -3.77 52.56
C PRO L 118 33.42 -4.48 52.66
N SER L 119 34.41 -3.91 51.98
CA SER L 119 35.74 -4.50 51.98
C SER L 119 36.40 -4.32 53.35
N GLU L 120 37.65 -4.76 53.45
CA GLU L 120 38.35 -4.70 54.73
C GLU L 120 38.45 -3.27 55.25
N PHE L 121 38.60 -2.30 54.34
CA PHE L 121 38.68 -0.89 54.71
C PHE L 121 37.36 -0.16 54.50
N GLY L 122 36.27 -0.88 54.28
CA GLY L 122 34.95 -0.30 54.18
C GLY L 122 34.49 0.06 52.78
N GLY L 123 35.34 -0.10 51.77
CA GLY L 123 34.94 0.24 50.42
C GLY L 123 33.90 -0.71 49.87
N ILE L 124 33.02 -0.18 49.03
CA ILE L 124 31.99 -0.97 48.36
C ILE L 124 32.01 -0.64 46.87
N VAL L 125 31.70 -1.64 46.06
CA VAL L 125 31.53 -1.48 44.63
C VAL L 125 30.16 -2.03 44.26
N LEU L 126 29.35 -1.20 43.61
CA LEU L 126 27.98 -1.56 43.23
C LEU L 126 27.92 -1.69 41.71
N GLU L 127 27.83 -2.92 41.23
CA GLU L 127 27.76 -3.19 39.80
C GLU L 127 26.33 -3.07 39.31
N ALA L 128 26.14 -2.39 38.20
CA ALA L 128 24.84 -2.38 37.56
C ALA L 128 24.51 -3.78 37.03
N PRO L 129 23.28 -4.24 37.18
CA PRO L 129 22.93 -5.58 36.67
C PRO L 129 23.03 -5.63 35.15
N LYS L 130 23.33 -6.83 34.65
CA LYS L 130 23.48 -7.01 33.21
C LYS L 130 22.23 -6.55 32.47
N VAL L 131 21.06 -6.93 32.96
CA VAL L 131 19.79 -6.41 32.47
C VAL L 131 19.12 -5.66 33.60
N PRO L 132 18.60 -4.46 33.38
CA PRO L 132 17.84 -3.78 34.43
C PRO L 132 16.64 -4.62 34.86
N LYS L 133 16.40 -4.66 36.16
CA LYS L 133 15.34 -5.48 36.73
C LYS L 133 14.09 -4.65 36.99
N ASN L 134 12.94 -5.30 36.89
CA ASN L 134 11.66 -4.70 37.27
C ASN L 134 11.48 -4.93 38.77
N ILE L 135 11.70 -3.88 39.55
CA ILE L 135 11.61 -3.95 41.00
C ILE L 135 10.51 -3.00 41.46
N TYR L 136 9.60 -3.51 42.26
CA TYR L 136 8.50 -2.71 42.79
C TYR L 136 8.74 -2.37 44.25
N TYR L 137 8.31 -1.19 44.63
CA TYR L 137 8.42 -0.73 46.01
C TYR L 137 7.07 -0.22 46.49
N ARG L 138 6.92 -0.18 47.80
CA ARG L 138 5.81 0.51 48.43
C ARG L 138 6.31 1.87 48.90
N ALA L 139 5.56 2.91 48.58
CA ALA L 139 5.99 4.27 48.80
C ALA L 139 5.00 5.01 49.69
N ILE L 140 5.53 5.81 50.61
CA ILE L 140 4.76 6.78 51.37
C ILE L 140 5.39 8.15 51.17
N LEU L 141 4.60 9.10 50.73
CA LEU L 141 5.01 10.51 50.70
C LEU L 141 4.17 11.23 51.75
N VAL L 142 4.79 11.58 52.87
CA VAL L 142 4.09 12.24 53.96
C VAL L 142 4.72 13.61 54.21
N GLY L 143 3.88 14.64 54.23
CA GLY L 143 4.33 15.99 54.51
C GLY L 143 3.70 16.51 55.79
N MET L 144 4.29 17.54 56.36
CA MET L 144 3.82 18.11 57.61
C MET L 144 3.60 19.61 57.46
N ASP L 145 2.45 20.07 57.90
CA ASP L 145 2.16 21.50 58.06
C ASP L 145 2.03 21.75 59.55
N ASP L 146 3.14 22.12 60.18
CA ASP L 146 3.18 22.36 61.62
C ASP L 146 2.91 23.84 61.87
N ARG L 147 1.65 24.18 62.08
CA ARG L 147 1.24 25.55 62.35
C ARG L 147 0.42 25.58 63.64
N ASN L 148 0.70 26.59 64.47
CA ASN L 148 0.06 26.76 65.78
C ASN L 148 0.28 25.57 66.70
N ASP L 149 1.38 24.85 66.49
CA ASP L 149 1.78 23.66 67.26
C ASP L 149 0.79 22.51 67.14
N ARG L 150 -0.18 22.58 66.23
CA ARG L 150 -1.08 21.47 65.93
C ARG L 150 -0.84 21.01 64.51
N PRO L 151 0.03 20.03 64.29
CA PRO L 151 0.45 19.70 62.92
C PRO L 151 -0.67 19.04 62.12
N ILE L 152 -0.58 19.22 60.81
CA ILE L 152 -1.38 18.48 59.85
C ILE L 152 -0.43 17.60 59.04
N TRP L 153 -0.75 16.31 58.96
CA TRP L 153 0.00 15.39 58.13
C TRP L 153 -0.81 15.08 56.88
N LEU L 154 -0.30 15.52 55.74
CA LEU L 154 -0.87 15.19 54.45
C LEU L 154 0.05 14.17 53.80
N TYR L 155 -0.52 13.09 53.27
CA TYR L 155 0.32 12.03 52.75
C TYR L 155 -0.33 11.37 51.54
N TRP L 156 0.51 10.68 50.78
CA TRP L 156 0.10 9.88 49.64
C TRP L 156 0.61 8.47 49.85
N LEU L 157 -0.25 7.49 49.64
CA LEU L 157 0.11 6.08 49.73
C LEU L 157 0.15 5.50 48.32
N MET L 158 1.30 4.95 47.95
CA MET L 158 1.46 4.28 46.66
C MET L 158 2.04 2.90 46.89
N PRO L 159 1.20 1.88 46.98
CA PRO L 159 1.68 0.54 47.37
C PRO L 159 2.56 -0.14 46.34
N LYS L 160 2.56 0.30 45.08
CA LYS L 160 3.31 -0.40 44.03
C LYS L 160 3.92 0.63 43.09
N VAL L 161 5.16 1.02 43.36
CA VAL L 161 5.86 1.98 42.53
C VAL L 161 7.08 1.30 41.92
N LYS L 162 7.47 1.78 40.74
CA LYS L 162 8.62 1.26 40.02
C LYS L 162 9.38 2.43 39.41
N LEU L 163 10.70 2.29 39.33
CA LEU L 163 11.51 3.30 38.67
C LEU L 163 11.13 3.39 37.20
N ASP L 164 10.78 4.60 36.77
CA ASP L 164 10.32 4.84 35.41
C ASP L 164 11.34 5.61 34.57
N LYS L 165 12.09 6.51 35.19
CA LYS L 165 12.99 7.38 34.45
C LYS L 165 14.07 7.88 35.41
N LEU L 166 15.22 8.22 34.85
CA LEU L 166 16.33 8.76 35.62
C LEU L 166 16.89 9.98 34.91
N ASP L 167 16.86 11.12 35.58
CA ASP L 167 17.34 12.36 34.98
C ASP L 167 18.87 12.34 34.89
N ASN L 168 19.39 13.20 34.01
CA ASN L 168 20.83 13.31 33.85
C ASN L 168 21.48 13.75 35.15
N GLN L 169 22.56 13.09 35.51
CA GLN L 169 23.30 13.37 36.73
C GLN L 169 24.52 14.21 36.39
N THR L 170 24.57 15.42 36.93
CA THR L 170 25.67 16.35 36.66
C THR L 170 26.56 16.45 37.89
N LEU L 171 27.86 16.27 37.69
CA LEU L 171 28.84 16.42 38.75
C LEU L 171 29.47 17.80 38.62
N ASN L 172 29.29 18.62 39.65
CA ASN L 172 29.88 19.95 39.73
C ASN L 172 30.71 20.04 41.00
N ASP L 173 31.80 20.80 40.94
CA ASP L 173 32.72 20.86 42.06
C ASP L 173 32.18 21.71 43.21
N ASP L 174 31.04 22.37 43.05
CA ASP L 174 30.43 23.16 44.11
C ASP L 174 29.06 22.61 44.52
N ASN L 175 28.76 21.37 44.19
CA ASN L 175 27.46 20.80 44.50
C ASN L 175 27.63 19.35 44.94
N VAL L 176 26.67 18.84 45.69
CA VAL L 176 26.65 17.43 46.04
C VAL L 176 26.01 16.67 44.89
N ILE L 177 26.20 15.35 44.88
CA ILE L 177 25.64 14.52 43.83
C ILE L 177 24.18 14.24 44.14
N GLU L 178 23.32 14.43 43.13
CA GLU L 178 21.89 14.23 43.25
C GLU L 178 21.45 13.06 42.40
N TYR L 179 20.50 12.29 42.90
CA TYR L 179 19.83 11.25 42.15
C TYR L 179 18.38 11.67 41.94
N LYS L 180 17.94 11.70 40.68
CA LYS L 180 16.66 12.28 40.30
C LYS L 180 15.81 11.22 39.59
N PRO L 181 15.23 10.29 40.33
CA PRO L 181 14.36 9.30 39.70
C PRO L 181 12.95 9.84 39.51
N THR L 182 12.27 9.27 38.52
CA THR L 182 10.83 9.41 38.37
C THR L 182 10.22 8.05 38.64
N LEU L 183 9.31 8.00 39.60
CA LEU L 183 8.64 6.76 39.98
C LEU L 183 7.21 6.76 39.48
N LYS L 184 6.78 5.63 38.95
CA LYS L 184 5.43 5.46 38.43
C LYS L 184 4.64 4.54 39.36
N ALA L 185 3.44 4.96 39.73
CA ALA L 185 2.58 4.17 40.59
C ALA L 185 1.80 3.16 39.78
N PHE L 186 1.67 1.96 40.32
CA PHE L 186 0.90 0.89 39.72
C PHE L 186 -0.17 0.43 40.69
N ARG L 187 -1.24 -0.13 40.15
CA ARG L 187 -2.32 -0.62 41.00
C ARG L 187 -1.88 -1.90 41.71
N ASP L 188 -1.99 -1.91 43.03
CA ASP L 188 -1.74 -3.11 43.82
C ASP L 188 -3.06 -3.84 44.01
N ASP L 189 -3.10 -5.11 43.58
CA ASP L 189 -4.36 -5.85 43.58
C ASP L 189 -4.90 -6.07 44.98
N VAL L 190 -4.02 -6.36 45.93
CA VAL L 190 -4.47 -6.70 47.28
C VAL L 190 -5.14 -5.52 47.95
N VAL L 191 -4.50 -4.35 47.93
CA VAL L 191 -5.11 -3.17 48.53
C VAL L 191 -6.10 -2.48 47.61
N GLY L 192 -6.06 -2.76 46.31
CA GLY L 192 -7.10 -2.29 45.42
C GLY L 192 -7.02 -0.84 45.01
N TYR L 193 -5.83 -0.26 44.98
CA TYR L 193 -5.66 1.10 44.46
C TYR L 193 -4.20 1.31 44.11
N SER L 194 -3.94 2.35 43.32
CA SER L 194 -2.58 2.75 43.02
C SER L 194 -2.13 3.96 43.84
N VAL L 195 -3.00 4.92 44.11
CA VAL L 195 -2.67 6.10 44.89
C VAL L 195 -3.80 6.38 45.86
N ALA L 196 -3.47 6.73 47.09
CA ALA L 196 -4.42 7.23 48.07
C ALA L 196 -3.85 8.48 48.72
N GLN L 197 -4.71 9.47 48.94
CA GLN L 197 -4.34 10.71 49.61
C GLN L 197 -4.93 10.71 51.01
N GLY L 198 -4.11 11.06 52.00
CA GLY L 198 -4.55 11.03 53.38
C GLY L 198 -4.29 12.33 54.12
N PHE L 199 -5.10 12.58 55.13
CA PHE L 199 -4.95 13.72 56.02
C PHE L 199 -5.10 13.23 57.45
N ALA L 200 -4.24 13.71 58.34
CA ALA L 200 -4.28 13.29 59.73
C ALA L 200 -3.63 14.35 60.59
N GLY L 201 -3.68 14.16 61.90
CA GLY L 201 -3.11 15.09 62.85
C GLY L 201 -4.17 15.92 63.55
N PRO L 202 -3.82 16.45 64.72
CA PRO L 202 -4.77 17.31 65.44
C PRO L 202 -5.16 18.56 64.66
N GLY L 203 -4.21 19.13 63.92
CA GLY L 203 -4.55 20.26 63.06
C GLY L 203 -5.59 19.88 62.01
N TRP L 204 -5.51 18.67 61.48
CA TRP L 204 -6.54 18.20 60.58
C TRP L 204 -7.86 18.00 61.31
N ARG L 205 -7.81 17.41 62.51
CA ARG L 205 -9.02 17.19 63.29
C ARG L 205 -9.77 18.50 63.53
N ASP L 206 -9.04 19.61 63.67
CA ASP L 206 -9.70 20.90 63.77
C ASP L 206 -10.48 21.25 62.50
N LEU L 207 -10.13 20.65 61.36
CA LEU L 207 -10.66 21.09 60.08
C LEU L 207 -11.54 20.06 59.37
N VAL L 208 -11.70 18.86 59.91
CA VAL L 208 -12.37 17.79 59.16
C VAL L 208 -13.80 18.18 58.82
N ALA L 209 -14.53 18.74 59.79
CA ALA L 209 -15.90 19.15 59.53
C ALA L 209 -15.96 20.29 58.53
N THR L 210 -15.04 21.26 58.64
CA THR L 210 -15.00 22.36 57.69
C THR L 210 -14.69 21.87 56.28
N ALA L 211 -13.84 20.86 56.15
CA ALA L 211 -13.46 20.32 54.85
C ALA L 211 -14.60 19.55 54.19
N GLY L 212 -15.69 19.28 54.90
CA GLY L 212 -16.82 18.59 54.33
C GLY L 212 -16.80 17.09 54.44
N PHE L 213 -15.98 16.52 55.30
CA PHE L 213 -15.94 15.08 55.54
C PHE L 213 -16.63 14.78 56.85
N GLY L 214 -17.63 13.89 56.79
CA GLY L 214 -18.43 13.66 57.98
C GLY L 214 -19.32 14.86 58.29
N GLU L 215 -19.80 14.90 59.52
CA GLU L 215 -20.66 15.97 60.02
C GLU L 215 -19.92 16.79 61.06
N ALA L 216 -20.47 17.96 61.36
CA ALA L 216 -19.84 18.88 62.30
C ALA L 216 -20.03 18.40 63.74
N LEU L 217 -19.18 18.93 64.62
CA LEU L 217 -19.23 18.61 66.04
C LEU L 217 -20.15 19.61 66.73
N THR L 218 -21.21 19.11 67.38
CA THR L 218 -22.16 19.94 68.10
C THR L 218 -22.31 19.57 69.57
N ALA L 219 -22.07 18.32 69.95
CA ALA L 219 -22.22 17.88 71.32
C ALA L 219 -21.04 17.03 71.73
N LEU L 220 -20.64 17.14 73.00
CA LEU L 220 -19.55 16.36 73.55
C LEU L 220 -20.12 15.36 74.55
N THR L 221 -19.64 14.12 74.49
CA THR L 221 -20.14 13.04 75.32
C THR L 221 -18.98 12.37 76.03
N ILE L 222 -19.12 12.17 77.34
CA ILE L 222 -18.12 11.47 78.14
C ILE L 222 -18.56 10.01 78.24
N THR L 223 -17.91 9.14 77.47
CA THR L 223 -18.33 7.74 77.34
C THR L 223 -18.28 6.97 78.65
N PRO L 224 -17.28 7.14 79.52
CA PRO L 224 -17.33 6.40 80.80
C PRO L 224 -18.56 6.72 81.63
N GLY L 225 -19.04 7.95 81.60
CA GLY L 225 -20.27 8.30 82.30
C GLY L 225 -20.08 8.54 83.78
N SER L 226 -20.49 7.57 84.60
CA SER L 226 -20.36 7.65 86.06
C SER L 226 -19.56 6.46 86.54
N PRO L 227 -18.24 6.57 86.59
CA PRO L 227 -17.41 5.46 87.06
C PRO L 227 -17.14 5.54 88.56
N THR L 228 -16.49 4.50 89.06
CA THR L 228 -16.09 4.42 90.46
C THR L 228 -14.62 4.01 90.51
N VAL L 229 -13.82 4.74 91.28
CA VAL L 229 -12.39 4.49 91.42
C VAL L 229 -12.09 4.16 92.87
N THR L 230 -11.25 3.16 93.08
CA THR L 230 -10.87 2.76 94.43
C THR L 230 -9.81 3.70 95.00
N VAL L 231 -9.94 4.03 96.28
CA VAL L 231 -8.92 4.83 96.94
C VAL L 231 -7.60 4.08 97.01
N ALA L 232 -7.66 2.79 97.33
CA ALA L 232 -6.45 1.98 97.44
C ALA L 232 -5.84 1.77 96.05
N THR L 233 -4.53 1.53 96.05
CA THR L 233 -3.79 1.33 94.82
C THR L 233 -4.13 -0.02 94.20
N GLY L 234 -4.38 -0.02 92.89
CA GLY L 234 -4.71 -1.24 92.19
C GLY L 234 -5.01 -0.95 90.73
N ALA L 235 -5.46 -2.01 90.05
CA ALA L 235 -5.82 -1.89 88.63
C ALA L 235 -7.01 -0.97 88.43
N SER L 236 -8.02 -1.09 89.30
CA SER L 236 -9.23 -0.27 89.22
C SER L 236 -9.12 1.00 90.06
N HIS L 237 -7.91 1.37 90.48
CA HIS L 237 -7.72 2.60 91.24
C HIS L 237 -7.88 3.84 90.36
N THR L 238 -7.53 3.74 89.08
CA THR L 238 -7.59 4.86 88.15
C THR L 238 -8.49 4.52 86.97
N ALA L 239 -9.08 5.55 86.39
CA ALA L 239 -9.96 5.40 85.23
C ALA L 239 -9.57 6.42 84.18
N GLN L 240 -9.48 5.97 82.93
CA GLN L 240 -9.17 6.84 81.81
C GLN L 240 -10.47 7.23 81.11
N LEU L 241 -10.70 8.53 80.98
CA LEU L 241 -11.91 9.02 80.35
C LEU L 241 -11.76 9.07 78.84
N LEU L 242 -12.89 9.20 78.15
CA LEU L 242 -12.90 9.31 76.70
C LEU L 242 -14.02 10.25 76.29
N VAL L 243 -13.68 11.29 75.53
CA VAL L 243 -14.62 12.33 75.12
C VAL L 243 -14.81 12.21 73.62
N GLU L 244 -16.08 12.11 73.19
CA GLU L 244 -16.43 11.94 71.79
C GLU L 244 -17.38 13.04 71.37
N GLY L 245 -17.72 13.05 70.09
CA GLY L 245 -18.66 13.99 69.53
C GLY L 245 -19.80 13.30 68.79
N ASP L 246 -20.70 14.13 68.26
CA ASP L 246 -21.81 13.60 67.47
C ASP L 246 -21.36 13.05 66.12
N ASN L 247 -20.18 13.46 65.65
CA ASN L 247 -19.63 12.93 64.41
C ASN L 247 -18.76 11.71 64.62
N GLY L 248 -18.63 11.23 65.85
CA GLY L 248 -17.84 10.05 66.13
C GLY L 248 -16.35 10.27 66.22
N ILE L 249 -15.90 11.51 66.36
CA ILE L 249 -14.48 11.84 66.43
C ILE L 249 -14.08 11.99 67.88
N ASN L 250 -13.02 11.31 68.29
CA ASN L 250 -12.48 11.43 69.63
C ASN L 250 -11.85 12.81 69.80
N TYR L 251 -12.40 13.61 70.71
CA TYR L 251 -11.91 14.95 70.99
C TYR L 251 -11.20 15.05 72.33
N THR L 252 -10.82 13.91 72.91
CA THR L 252 -10.13 13.91 74.20
C THR L 252 -8.87 14.77 74.22
N PRO L 253 -7.98 14.75 73.22
CA PRO L 253 -6.80 15.62 73.28
C PRO L 253 -7.15 17.10 73.19
N ASP L 254 -8.32 17.45 72.67
CA ASP L 254 -8.67 18.85 72.39
C ASP L 254 -9.55 19.48 73.46
N VAL L 255 -9.80 18.80 74.58
CA VAL L 255 -10.69 19.32 75.62
C VAL L 255 -9.88 19.66 76.86
N VAL L 256 -10.46 20.53 77.68
CA VAL L 256 -9.86 20.94 78.95
C VAL L 256 -10.61 20.24 80.07
N PHE L 257 -9.88 19.49 80.89
CA PHE L 257 -10.47 18.75 82.00
C PHE L 257 -10.40 19.59 83.27
N THR L 258 -11.56 19.80 83.90
CA THR L 258 -11.66 20.51 85.17
C THR L 258 -12.42 19.64 86.15
N SER L 259 -11.89 19.52 87.37
CA SER L 259 -12.54 18.74 88.42
C SER L 259 -13.28 19.66 89.39
N SER L 260 -14.32 19.11 90.01
CA SER L 260 -15.07 19.87 91.01
C SER L 260 -14.28 19.99 92.31
N ALA L 261 -13.94 18.86 92.92
CA ALA L 261 -13.09 18.82 94.11
C ALA L 261 -11.79 18.10 93.76
N PRO L 262 -10.69 18.82 93.55
CA PRO L 262 -9.43 18.13 93.19
C PRO L 262 -8.97 17.13 94.23
N ASP L 263 -9.21 17.38 95.52
CA ASP L 263 -8.76 16.44 96.54
C ASP L 263 -9.50 15.12 96.48
N LYS L 264 -10.80 15.16 96.19
CA LYS L 264 -11.58 13.93 96.12
C LYS L 264 -11.13 13.05 94.95
N ALA L 265 -11.06 13.64 93.76
CA ALA L 265 -10.64 12.90 92.57
C ALA L 265 -9.73 13.81 91.74
N SER L 266 -8.54 13.32 91.42
CA SER L 266 -7.57 14.08 90.66
C SER L 266 -7.62 13.67 89.19
N VAL L 267 -7.71 14.66 88.30
CA VAL L 267 -7.75 14.43 86.86
C VAL L 267 -6.61 15.22 86.22
N SER L 268 -5.90 14.57 85.30
CA SER L 268 -4.80 15.21 84.60
C SER L 268 -5.33 15.93 83.36
N ALA L 269 -4.42 16.48 82.56
CA ALA L 269 -4.83 17.09 81.29
C ALA L 269 -5.37 16.04 80.33
N ALA L 270 -4.73 14.87 80.28
CA ALA L 270 -5.16 13.81 79.39
C ALA L 270 -6.53 13.26 79.75
N GLY L 271 -6.99 13.49 80.98
CA GLY L 271 -8.29 13.04 81.41
C GLY L 271 -8.31 11.76 82.22
N LEU L 272 -7.21 11.40 82.88
CA LEU L 272 -7.15 10.21 83.71
C LEU L 272 -7.61 10.56 85.13
N VAL L 273 -8.65 9.88 85.60
CA VAL L 273 -9.25 10.15 86.90
C VAL L 273 -8.62 9.23 87.93
N THR L 274 -8.02 9.81 88.97
CA THR L 274 -7.45 9.07 90.08
C THR L 274 -8.13 9.53 91.36
N GLY L 275 -8.69 8.59 92.11
CA GLY L 275 -9.40 8.91 93.34
C GLY L 275 -8.52 8.96 94.56
N VAL L 276 -8.17 10.17 95.00
CA VAL L 276 -7.32 10.32 96.19
C VAL L 276 -8.10 9.96 97.45
N ALA L 277 -9.33 10.47 97.57
CA ALA L 277 -10.12 10.25 98.76
C ALA L 277 -11.56 9.99 98.36
N ALA L 278 -12.29 9.31 99.24
CA ALA L 278 -13.68 8.98 98.97
C ALA L 278 -14.53 10.26 98.93
N GLY L 279 -15.57 10.22 98.12
CA GLY L 279 -16.46 11.35 97.97
C GLY L 279 -17.07 11.34 96.59
N SER L 280 -17.71 12.46 96.25
CA SER L 280 -18.34 12.65 94.95
C SER L 280 -17.70 13.85 94.26
N ALA L 281 -17.15 13.62 93.08
CA ALA L 281 -16.48 14.66 92.31
C ALA L 281 -17.07 14.73 90.91
N THR L 282 -17.19 15.95 90.40
CA THR L 282 -17.69 16.20 89.05
C THR L 282 -16.52 16.58 88.16
N ILE L 283 -16.40 15.91 87.02
CA ILE L 283 -15.33 16.16 86.06
C ILE L 283 -15.96 16.72 84.80
N THR L 284 -15.55 17.93 84.42
CA THR L 284 -16.12 18.63 83.28
C THR L 284 -15.05 18.78 82.21
N ALA L 285 -15.38 18.38 80.98
CA ALA L 285 -14.49 18.54 79.83
C ALA L 285 -15.01 19.66 78.95
N THR L 286 -14.18 20.68 78.74
CA THR L 286 -14.57 21.89 78.02
C THR L 286 -13.76 22.01 76.75
N LYS L 287 -14.45 22.28 75.63
CA LYS L 287 -13.81 22.56 74.35
C LYS L 287 -14.61 23.65 73.66
N GLY L 288 -14.03 24.83 73.57
CA GLY L 288 -14.77 25.96 72.99
C GLY L 288 -15.99 26.29 73.82
N ALA L 289 -17.13 26.43 73.16
CA ALA L 289 -18.39 26.75 73.81
C ALA L 289 -19.20 25.50 74.16
N LEU L 290 -18.67 24.31 73.91
CA LEU L 290 -19.34 23.07 74.20
C LEU L 290 -18.67 22.38 75.39
N THR L 291 -19.44 21.56 76.09
CA THR L 291 -18.95 20.95 77.32
C THR L 291 -19.62 19.61 77.54
N ALA L 292 -19.01 18.81 78.40
CA ALA L 292 -19.55 17.52 78.82
C ALA L 292 -19.14 17.28 80.27
N THR L 293 -20.11 16.88 81.09
CA THR L 293 -19.91 16.73 82.53
C THR L 293 -20.08 15.28 82.93
N ALA L 294 -19.18 14.80 83.80
CA ALA L 294 -19.26 13.46 84.35
C ALA L 294 -19.03 13.51 85.86
N THR L 295 -19.69 12.60 86.57
CA THR L 295 -19.61 12.52 88.02
C THR L 295 -19.03 11.17 88.43
N VAL L 296 -17.99 11.21 89.27
CA VAL L 296 -17.27 10.02 89.68
C VAL L 296 -17.40 9.87 91.19
N THR L 297 -17.80 8.68 91.63
CA THR L 297 -17.94 8.36 93.05
C THR L 297 -16.73 7.55 93.48
N VAL L 298 -15.99 8.06 94.47
CA VAL L 298 -14.79 7.40 94.96
C VAL L 298 -15.10 6.64 96.23
N THR L 299 -14.63 5.40 96.30
CA THR L 299 -14.81 4.56 97.48
C THR L 299 -13.45 4.17 98.04
N ALA L 300 -13.40 4.00 99.35
CA ALA L 300 -12.17 3.60 100.03
C ALA L 300 -12.30 2.18 100.59
N THR M 2 -18.98 -15.92 41.78
CA THR M 2 -17.75 -15.87 40.99
C THR M 2 -17.76 -14.67 40.06
N ASP M 3 -16.85 -13.73 40.29
CA ASP M 3 -16.76 -12.53 39.49
C ASP M 3 -15.99 -12.80 38.20
N PHE M 4 -15.94 -11.78 37.33
CA PHE M 4 -15.32 -11.92 36.02
C PHE M 4 -13.82 -12.23 36.15
N TYR M 5 -13.14 -11.56 37.07
CA TYR M 5 -11.69 -11.78 37.24
C TYR M 5 -11.38 -13.21 37.64
N THR M 6 -12.19 -13.80 38.53
CA THR M 6 -11.97 -15.18 38.92
C THR M 6 -12.20 -16.13 37.75
N ILE M 7 -13.23 -15.88 36.95
CA ILE M 7 -13.50 -16.72 35.79
C ILE M 7 -12.35 -16.64 34.80
N LYS M 8 -11.83 -15.44 34.57
CA LYS M 8 -10.75 -15.26 33.60
C LYS M 8 -9.51 -16.05 33.98
N ASP M 9 -9.15 -16.05 35.26
CA ASP M 9 -8.05 -16.88 35.78
C ASP M 9 -6.76 -16.67 35.01
N ALA M 10 -6.46 -15.41 34.71
CA ALA M 10 -5.29 -15.10 33.89
C ALA M 10 -4.01 -15.28 34.68
N GLN M 11 -3.02 -15.90 34.05
CA GLN M 11 -1.71 -16.18 34.65
C GLN M 11 -0.65 -15.49 33.79
N ALA M 12 -0.24 -14.28 34.21
CA ALA M 12 0.76 -13.54 33.46
C ALA M 12 2.09 -14.26 33.42
N ASP M 13 2.41 -15.06 34.45
CA ASP M 13 3.67 -15.79 34.50
C ASP M 13 3.75 -16.87 33.42
N LEU M 14 2.63 -17.30 32.87
CA LEU M 14 2.64 -18.31 31.83
C LEU M 14 2.95 -17.74 30.44
N ALA M 15 3.01 -16.42 30.32
CA ALA M 15 3.52 -15.81 29.09
C ALA M 15 5.04 -15.87 29.08
N ILE M 16 5.59 -16.42 28.01
CA ILE M 16 7.03 -16.70 27.93
C ILE M 16 7.62 -15.92 26.77
N ALA M 17 8.66 -15.14 27.05
CA ALA M 17 9.32 -14.34 26.04
C ALA M 17 10.65 -14.97 25.65
N PRO M 18 10.87 -15.30 24.39
CA PRO M 18 12.19 -15.81 23.97
C PRO M 18 13.21 -14.67 23.87
N LEU M 19 13.75 -14.30 25.03
CA LEU M 19 14.70 -13.19 25.09
C LEU M 19 15.96 -13.50 24.28
N ASN M 20 16.44 -14.73 24.37
CA ASN M 20 17.50 -15.21 23.51
C ASN M 20 17.05 -16.48 22.82
N LEU M 21 17.62 -16.73 21.65
CA LEU M 21 17.21 -17.82 20.79
C LEU M 21 18.40 -18.31 19.99
N THR M 22 18.52 -19.63 19.86
CA THR M 22 19.58 -20.22 19.06
C THR M 22 19.00 -21.36 18.23
N VAL M 23 19.48 -21.46 16.99
CA VAL M 23 19.11 -22.54 16.08
C VAL M 23 20.30 -23.46 15.93
N LEU M 24 20.08 -24.75 16.19
CA LEU M 24 21.14 -25.74 16.05
C LEU M 24 20.75 -26.74 14.98
N LEU M 25 21.71 -27.08 14.14
CA LEU M 25 21.51 -28.05 13.08
C LEU M 25 22.50 -29.20 13.24
N ALA M 26 22.04 -30.40 12.95
CA ALA M 26 22.88 -31.59 12.96
C ALA M 26 22.72 -32.32 11.64
N PRO M 27 23.74 -33.03 11.19
CA PRO M 27 23.58 -33.88 10.01
C PRO M 27 22.55 -34.97 10.26
N TYR M 28 21.93 -35.45 9.18
CA TYR M 28 20.86 -36.43 9.32
C TYR M 28 21.33 -37.72 9.98
N SER M 29 22.62 -38.03 9.92
CA SER M 29 23.15 -39.21 10.58
C SER M 29 23.17 -39.08 12.10
N THR M 30 23.01 -37.88 12.63
CA THR M 30 22.98 -37.67 14.07
C THR M 30 21.73 -38.30 14.68
N THR M 31 21.88 -38.84 15.88
CA THR M 31 20.72 -39.33 16.63
C THR M 31 19.87 -38.15 17.05
N PRO M 32 18.58 -38.13 16.75
CA PRO M 32 17.76 -36.96 17.06
C PRO M 32 17.60 -36.74 18.55
N ALA M 33 17.51 -35.48 18.93
CA ALA M 33 17.21 -35.13 20.31
C ALA M 33 15.77 -35.51 20.64
N THR M 34 15.57 -36.11 21.81
CA THR M 34 14.23 -36.38 22.31
C THR M 34 13.79 -35.40 23.37
N THR M 35 14.74 -34.88 24.15
CA THR M 35 14.49 -33.84 25.12
C THR M 35 15.79 -33.07 25.31
N LEU M 36 15.67 -31.80 25.68
CA LEU M 36 16.83 -30.98 25.98
C LEU M 36 17.18 -30.95 27.45
N GLU M 37 16.41 -31.62 28.29
CA GLU M 37 16.61 -31.62 29.73
C GLU M 37 17.57 -32.73 30.13
N SER M 38 18.66 -32.36 30.78
CA SER M 38 19.63 -33.36 31.22
C SER M 38 19.01 -34.25 32.30
N PRO M 39 19.18 -35.58 32.21
CA PRO M 39 18.60 -36.46 33.24
C PRO M 39 19.27 -36.33 34.60
N THR M 40 20.45 -35.72 34.68
CA THR M 40 21.19 -35.66 35.94
C THR M 40 20.67 -34.54 36.84
N ASP M 41 20.68 -33.31 36.33
CA ASP M 41 20.26 -32.15 37.12
C ASP M 41 19.19 -31.31 36.46
N GLY M 42 18.66 -31.73 35.31
CA GLY M 42 17.64 -30.97 34.62
C GLY M 42 18.15 -29.78 33.83
N SER M 43 19.47 -29.58 33.77
CA SER M 43 20.02 -28.46 33.04
C SER M 43 19.92 -28.71 31.53
N LEU M 44 20.13 -27.64 30.77
CA LEU M 44 20.06 -27.72 29.32
C LEU M 44 21.17 -28.62 28.78
N ALA M 45 20.81 -29.57 27.94
CA ALA M 45 21.75 -30.56 27.42
C ALA M 45 21.49 -30.76 25.94
N ILE M 46 22.40 -30.29 25.11
CA ILE M 46 22.30 -30.46 23.66
C ILE M 46 23.03 -31.74 23.26
N PRO M 47 22.41 -32.64 22.51
CA PRO M 47 23.09 -33.85 22.10
C PRO M 47 24.25 -33.54 21.16
N PRO M 48 25.28 -34.37 21.16
CA PRO M 48 26.41 -34.14 20.24
C PRO M 48 25.97 -34.25 18.79
N GLY M 49 26.64 -33.48 17.93
CA GLY M 49 26.33 -33.40 16.53
C GLY M 49 25.53 -32.17 16.15
N TYR M 50 24.78 -31.61 17.10
CA TYR M 50 24.05 -30.37 16.85
C TYR M 50 24.99 -29.19 17.00
N LYS M 51 25.00 -28.32 15.99
CA LYS M 51 25.85 -27.14 15.99
C LYS M 51 25.00 -25.91 15.74
N SER M 52 25.24 -24.86 16.54
CA SER M 52 24.53 -23.62 16.37
C SER M 52 24.93 -22.93 15.06
N VAL M 53 23.98 -22.19 14.48
CA VAL M 53 24.29 -21.36 13.32
C VAL M 53 24.84 -19.99 13.73
N GLY M 54 24.80 -19.66 15.01
CA GLY M 54 25.30 -18.38 15.46
C GLY M 54 24.27 -17.27 15.44
N HIS M 55 24.74 -16.04 15.26
CA HIS M 55 23.87 -14.88 15.31
C HIS M 55 22.91 -14.85 14.12
N PHE M 56 21.71 -14.33 14.35
CA PHE M 56 20.77 -14.06 13.28
C PHE M 56 20.10 -12.71 13.53
N GLU M 57 19.51 -12.17 12.47
CA GLU M 57 19.01 -10.80 12.49
C GLU M 57 17.92 -10.63 13.55
N LYS M 58 18.03 -9.54 14.32
CA LYS M 58 17.09 -9.30 15.40
C LYS M 58 15.70 -8.94 14.88
N GLN M 59 15.64 -8.02 13.91
CA GLN M 59 14.35 -7.51 13.48
C GLN M 59 13.50 -8.60 12.81
N ALA M 60 14.13 -9.40 11.95
CA ALA M 60 13.39 -10.50 11.31
C ALA M 60 12.91 -11.50 12.34
N GLY M 61 13.73 -11.77 13.36
CA GLY M 61 13.39 -12.78 14.33
C GLY M 61 13.32 -14.16 13.69
N LEU M 62 12.50 -15.01 14.28
CA LEU M 62 12.24 -16.33 13.73
C LEU M 62 10.73 -16.52 13.58
N THR M 63 10.30 -16.89 12.38
CA THR M 63 8.90 -17.09 12.08
C THR M 63 8.61 -18.57 11.92
N LEU M 64 7.62 -19.06 12.65
CA LEU M 64 7.17 -20.45 12.55
C LEU M 64 5.82 -20.46 11.83
N GLY M 65 5.74 -21.23 10.76
CA GLY M 65 4.52 -21.33 9.96
C GLY M 65 3.91 -22.71 10.08
N ASN M 66 2.57 -22.75 10.12
CA ASN M 66 1.82 -23.99 10.12
C ASN M 66 0.66 -23.86 9.13
N GLU M 67 0.56 -24.79 8.20
CA GLU M 67 -0.57 -24.84 7.29
C GLU M 67 -1.14 -26.25 7.26
N PHE M 68 -2.45 -26.34 7.20
CA PHE M 68 -3.16 -27.61 7.10
C PHE M 68 -3.69 -27.77 5.68
N ASP M 69 -3.55 -28.96 5.11
CA ASP M 69 -4.25 -29.32 3.89
C ASP M 69 -5.26 -30.40 4.22
N SER M 70 -6.51 -30.16 3.83
CA SER M 70 -7.59 -31.05 4.19
C SER M 70 -8.64 -31.04 3.09
N LYS M 71 -9.44 -32.09 3.06
CA LYS M 71 -10.53 -32.23 2.11
C LYS M 71 -11.83 -32.52 2.86
N ASP M 72 -12.89 -31.84 2.46
CA ASP M 72 -14.20 -31.98 3.08
C ASP M 72 -15.04 -32.96 2.28
N ILE M 73 -15.67 -33.91 2.96
CA ILE M 73 -16.60 -34.85 2.35
C ILE M 73 -18.00 -34.27 2.50
N GLU M 74 -18.64 -33.95 1.38
CA GLU M 74 -19.93 -33.27 1.37
C GLU M 74 -21.03 -34.25 1.01
N ALA M 75 -22.06 -34.31 1.84
CA ALA M 75 -23.24 -35.13 1.58
C ALA M 75 -24.41 -34.24 1.20
N TYR M 76 -25.32 -34.81 0.41
CA TYR M 76 -26.53 -34.11 0.00
C TYR M 76 -27.34 -33.68 1.22
N GLY M 77 -27.74 -32.41 1.23
CA GLY M 77 -28.57 -31.89 2.30
C GLY M 77 -27.83 -31.53 3.57
N GLU M 78 -26.50 -31.64 3.60
CA GLU M 78 -25.73 -31.24 4.75
C GLU M 78 -24.95 -29.97 4.45
N PRO M 79 -25.27 -28.85 5.09
CA PRO M 79 -24.45 -27.63 4.88
C PRO M 79 -23.00 -27.80 5.30
N GLU M 80 -22.74 -28.61 6.32
CA GLU M 80 -21.40 -28.84 6.82
C GLU M 80 -20.89 -30.21 6.39
N PRO M 81 -19.58 -30.39 6.25
CA PRO M 81 -19.05 -31.69 5.83
C PRO M 81 -19.37 -32.77 6.84
N ILE M 82 -19.67 -33.97 6.33
CA ILE M 82 -19.90 -35.11 7.20
C ILE M 82 -18.58 -35.70 7.68
N ARG M 83 -17.47 -35.38 7.03
CA ARG M 83 -16.16 -35.81 7.45
C ARG M 83 -15.12 -34.90 6.82
N THR M 84 -14.13 -34.52 7.61
CA THR M 84 -12.99 -33.75 7.12
C THR M 84 -11.74 -34.61 7.22
N ILE M 85 -11.06 -34.80 6.10
CA ILE M 85 -9.84 -35.59 6.04
C ILE M 85 -8.67 -34.62 5.98
N ILE M 86 -7.95 -34.48 7.09
CA ILE M 86 -6.76 -33.65 7.14
C ILE M 86 -5.58 -34.49 6.69
N ASN M 87 -4.91 -34.06 5.62
CA ASN M 87 -3.81 -34.84 5.08
C ASN M 87 -2.56 -34.71 5.94
N LYS M 88 -2.13 -33.47 6.20
CA LYS M 88 -0.91 -33.24 6.96
C LYS M 88 -0.91 -31.81 7.48
N ARG M 89 0.03 -31.56 8.38
CA ARG M 89 0.31 -30.22 8.88
C ARG M 89 1.74 -29.88 8.50
N THR M 90 1.91 -28.83 7.70
CA THR M 90 3.23 -28.44 7.22
C THR M 90 3.79 -27.34 8.13
N THR M 91 4.93 -27.60 8.74
CA THR M 91 5.59 -26.65 9.60
C THR M 91 6.85 -26.12 8.92
N THR M 92 6.98 -24.81 8.87
CA THR M 92 8.15 -24.15 8.31
C THR M 92 8.70 -23.16 9.33
N PHE M 93 9.98 -22.86 9.19
CA PHE M 93 10.56 -21.77 9.95
C PHE M 93 11.67 -21.10 9.13
N ASP M 94 11.75 -19.78 9.25
CA ASP M 94 12.71 -18.99 8.50
C ASP M 94 13.35 -17.96 9.42
N PHE M 95 14.57 -17.57 9.08
CA PHE M 95 15.38 -16.67 9.88
C PHE M 95 16.54 -16.21 9.01
N ALA M 96 17.18 -15.11 9.43
CA ALA M 96 18.22 -14.46 8.64
C ALA M 96 19.58 -14.63 9.33
N MET M 97 20.37 -15.59 8.88
CA MET M 97 21.65 -15.89 9.51
C MET M 97 22.73 -14.88 9.10
N TYR M 98 23.64 -14.60 10.03
CA TYR M 98 24.72 -13.65 9.83
C TYR M 98 26.07 -14.28 9.55
N GLN M 99 26.35 -15.45 10.13
CA GLN M 99 27.71 -15.96 10.21
C GLN M 99 28.07 -16.76 8.96
N ASN M 100 29.26 -16.49 8.42
CA ASN M 100 29.76 -17.20 7.25
C ASN M 100 30.61 -18.40 7.68
N GLN M 101 29.92 -19.38 8.26
CA GLN M 101 30.56 -20.61 8.71
C GLN M 101 30.08 -21.76 7.84
N ARG M 102 30.72 -22.92 8.02
CA ARG M 102 30.54 -24.03 7.09
C ARG M 102 29.10 -24.55 7.09
N ASN M 103 28.49 -24.73 8.27
CA ASN M 103 27.17 -25.33 8.29
C ASN M 103 26.12 -24.42 7.64
N VAL M 104 26.24 -23.11 7.86
CA VAL M 104 25.33 -22.16 7.22
C VAL M 104 25.46 -22.22 5.71
N LEU M 105 26.70 -22.19 5.20
CA LEU M 105 26.91 -22.19 3.76
C LEU M 105 26.55 -23.52 3.13
N GLU M 106 26.76 -24.62 3.85
CA GLU M 106 26.32 -25.93 3.39
C GLU M 106 24.81 -25.98 3.25
N LEU M 107 24.09 -25.42 4.23
CA LEU M 107 22.64 -25.34 4.13
C LEU M 107 22.22 -24.49 2.93
N ILE M 108 22.87 -23.33 2.76
CA ILE M 108 22.47 -22.38 1.73
C ILE M 108 22.68 -22.96 0.34
N TRP M 109 23.79 -23.66 0.12
CA TRP M 109 24.15 -24.17 -1.20
C TRP M 109 23.75 -25.62 -1.42
N THR M 110 23.04 -26.23 -0.48
CA THR M 110 22.62 -27.63 -0.55
C THR M 110 23.76 -28.54 -0.98
N GLN M 111 24.84 -28.49 -0.21
CA GLN M 111 26.06 -29.21 -0.53
C GLN M 111 26.75 -29.60 0.76
N ASP M 112 27.57 -30.64 0.68
CA ASP M 112 28.51 -31.00 1.74
C ASP M 112 29.86 -30.37 1.41
N PHE M 113 30.37 -29.54 2.31
CA PHE M 113 31.64 -28.85 2.12
C PHE M 113 32.72 -29.35 3.07
N SER M 114 32.49 -30.51 3.71
CA SER M 114 33.47 -31.04 4.65
C SER M 114 34.79 -31.40 3.98
N ASN M 115 34.78 -31.63 2.67
CA ASN M 115 35.99 -31.93 1.92
C ASN M 115 36.70 -30.68 1.40
N ILE M 116 36.12 -29.50 1.60
CA ILE M 116 36.73 -28.27 1.10
C ILE M 116 37.98 -27.97 1.93
N GLN M 117 39.11 -27.89 1.26
CA GLN M 117 40.38 -27.60 1.91
C GLN M 117 40.76 -26.15 1.67
N PRO M 118 41.05 -25.38 2.71
CA PRO M 118 41.50 -24.00 2.50
C PRO M 118 42.79 -23.97 1.70
N SER M 119 42.95 -22.93 0.90
CA SER M 119 44.10 -22.81 0.03
C SER M 119 45.35 -22.52 0.87
N GLU M 120 46.47 -22.35 0.17
CA GLU M 120 47.76 -22.15 0.83
C GLU M 120 47.74 -20.91 1.71
N PHE M 121 46.93 -19.90 1.35
CA PHE M 121 46.78 -18.69 2.14
C PHE M 121 45.46 -18.63 2.88
N GLY M 122 44.72 -19.75 2.95
CA GLY M 122 43.50 -19.82 3.70
C GLY M 122 42.22 -19.60 2.93
N GLY M 123 42.31 -19.23 1.65
CA GLY M 123 41.11 -18.97 0.88
C GLY M 123 40.34 -20.24 0.55
N ILE M 124 39.03 -20.09 0.40
CA ILE M 124 38.16 -21.20 0.05
C ILE M 124 37.26 -20.77 -1.10
N VAL M 125 36.90 -21.73 -1.94
CA VAL M 125 35.94 -21.54 -3.01
C VAL M 125 34.88 -22.63 -2.89
N LEU M 126 33.62 -22.21 -2.76
CA LEU M 126 32.50 -23.13 -2.60
C LEU M 126 31.65 -23.08 -3.86
N GLU M 127 31.66 -24.15 -4.64
CA GLU M 127 30.92 -24.23 -5.89
C GLU M 127 29.53 -24.82 -5.62
N ALA M 128 28.51 -24.18 -6.16
CA ALA M 128 27.17 -24.75 -6.12
C ALA M 128 27.15 -26.04 -6.94
N PRO M 129 26.49 -27.08 -6.45
CA PRO M 129 26.46 -28.35 -7.18
C PRO M 129 25.70 -28.24 -8.48
N LYS M 130 26.08 -29.09 -9.44
CA LYS M 130 25.34 -29.27 -10.69
C LYS M 130 23.83 -29.27 -10.48
N VAL M 131 23.34 -30.19 -9.67
CA VAL M 131 21.93 -30.24 -9.34
C VAL M 131 21.82 -29.95 -7.85
N PRO M 132 20.89 -29.11 -7.42
CA PRO M 132 20.66 -28.96 -5.97
C PRO M 132 20.31 -30.31 -5.35
N LYS M 133 20.84 -30.54 -4.16
CA LYS M 133 20.68 -31.82 -3.48
C LYS M 133 19.57 -31.73 -2.44
N ASN M 134 18.91 -32.87 -2.22
CA ASN M 134 17.94 -33.00 -1.14
C ASN M 134 18.70 -33.44 0.11
N ILE M 135 19.00 -32.48 0.97
CA ILE M 135 19.76 -32.74 2.19
C ILE M 135 18.85 -32.48 3.38
N TYR M 136 18.78 -33.44 4.29
CA TYR M 136 17.97 -33.32 5.49
C TYR M 136 18.86 -33.05 6.70
N TYR M 137 18.32 -32.28 7.64
CA TYR M 137 19.02 -31.96 8.88
C TYR M 137 18.09 -32.21 10.05
N ARG M 138 18.70 -32.42 11.21
CA ARG M 138 17.99 -32.39 12.48
C ARG M 138 18.15 -31.00 13.07
N ALA M 139 17.04 -30.42 13.52
CA ALA M 139 17.01 -29.03 13.96
C ALA M 139 16.51 -28.93 15.39
N ILE M 140 17.13 -28.03 16.15
CA ILE M 140 16.65 -27.62 17.45
C ILE M 140 16.54 -26.10 17.46
N LEU M 141 15.36 -25.60 17.79
CA LEU M 141 15.15 -24.18 18.06
C LEU M 141 14.87 -24.05 19.54
N VAL M 142 15.84 -23.56 20.30
CA VAL M 142 15.70 -23.43 21.74
C VAL M 142 15.85 -21.97 22.12
N GLY M 143 14.88 -21.46 22.87
CA GLY M 143 14.90 -20.10 23.37
C GLY M 143 14.99 -20.08 24.88
N MET M 144 15.35 -18.93 25.44
CA MET M 144 15.47 -18.78 26.88
C MET M 144 14.70 -17.56 27.34
N ASP M 145 13.92 -17.73 28.40
CA ASP M 145 13.29 -16.63 29.12
C ASP M 145 13.95 -16.59 30.49
N ASP M 146 14.93 -15.71 30.64
CA ASP M 146 15.67 -15.56 31.90
C ASP M 146 14.94 -14.55 32.77
N ARG M 147 14.18 -15.03 33.74
CA ARG M 147 13.41 -14.20 34.65
C ARG M 147 13.74 -14.59 36.09
N ASN M 148 14.05 -13.58 36.91
CA ASN M 148 14.34 -13.78 38.33
C ASN M 148 15.44 -14.82 38.55
N ASP M 149 16.36 -14.92 37.58
CA ASP M 149 17.49 -15.84 37.56
C ASP M 149 17.06 -17.31 37.44
N ARG M 150 15.77 -17.60 37.32
CA ARG M 150 15.30 -18.96 37.09
C ARG M 150 14.86 -19.10 35.63
N PRO M 151 15.72 -19.54 34.73
CA PRO M 151 15.39 -19.51 33.31
C PRO M 151 14.33 -20.53 32.93
N ILE M 152 13.56 -20.19 31.91
CA ILE M 152 12.67 -21.11 31.22
C ILE M 152 13.24 -21.36 29.83
N TRP M 153 13.46 -22.62 29.50
CA TRP M 153 13.87 -23.01 28.16
C TRP M 153 12.65 -23.58 27.43
N LEU M 154 12.26 -22.91 26.36
CA LEU M 154 11.21 -23.41 25.49
C LEU M 154 11.81 -23.69 24.13
N TYR M 155 11.52 -24.85 23.58
CA TYR M 155 12.21 -25.30 22.38
C TYR M 155 11.29 -26.04 21.45
N TRP M 156 11.74 -26.17 20.21
CA TRP M 156 11.07 -26.96 19.19
C TRP M 156 12.07 -27.96 18.63
N LEU M 157 11.67 -29.22 18.57
CA LEU M 157 12.49 -30.27 18.00
C LEU M 157 11.93 -30.65 16.63
N MET M 158 12.79 -30.55 15.61
CA MET M 158 12.42 -30.89 14.24
C MET M 158 13.47 -31.86 13.71
N PRO M 159 13.22 -33.17 13.82
CA PRO M 159 14.26 -34.15 13.48
C PRO M 159 14.59 -34.23 12.00
N LYS M 160 13.75 -33.73 11.10
CA LYS M 160 13.99 -33.88 9.66
C LYS M 160 13.55 -32.60 8.95
N VAL M 161 14.50 -31.70 8.71
CA VAL M 161 14.22 -30.44 8.03
C VAL M 161 15.04 -30.39 6.75
N LYS M 162 14.50 -29.68 5.77
CA LYS M 162 15.13 -29.50 4.48
C LYS M 162 14.97 -28.06 4.03
N LEU M 163 15.96 -27.56 3.28
CA LEU M 163 15.85 -26.23 2.70
C LEU M 163 14.70 -26.20 1.71
N ASP M 164 13.76 -25.27 1.95
CA ASP M 164 12.58 -25.13 1.11
C ASP M 164 12.65 -23.90 0.21
N LYS M 165 13.25 -22.82 0.68
CA LYS M 165 13.23 -21.55 -0.05
C LYS M 165 14.37 -20.69 0.44
N LEU M 166 14.83 -19.79 -0.42
CA LEU M 166 15.90 -18.86 -0.10
C LEU M 166 15.48 -17.46 -0.53
N ASP M 167 15.40 -16.54 0.42
CA ASP M 167 15.03 -15.18 0.10
C ASP M 167 16.15 -14.47 -0.65
N ASN M 168 15.78 -13.38 -1.32
CA ASN M 168 16.76 -12.57 -2.04
C ASN M 168 17.81 -12.04 -1.08
N GLN M 169 19.06 -12.10 -1.52
CA GLN M 169 20.19 -11.62 -0.74
C GLN M 169 20.62 -10.26 -1.30
N THR M 170 20.50 -9.22 -0.48
CA THR M 170 20.86 -7.87 -0.89
C THR M 170 22.18 -7.48 -0.26
N LEU M 171 23.12 -7.04 -1.10
CA LEU M 171 24.41 -6.55 -0.63
C LEU M 171 24.34 -5.03 -0.54
N ASN M 172 24.51 -4.50 0.66
CA ASN M 172 24.54 -3.07 0.90
C ASN M 172 25.84 -2.71 1.62
N ASP M 173 26.37 -1.52 1.31
CA ASP M 173 27.66 -1.14 1.86
C ASP M 173 27.59 -0.75 3.33
N ASP M 174 26.40 -0.73 3.93
CA ASP M 174 26.23 -0.42 5.35
C ASP M 174 25.61 -1.57 6.13
N ASN M 175 25.70 -2.80 5.61
CA ASN M 175 25.09 -3.95 6.26
C ASN M 175 25.96 -5.18 6.02
N VAL M 176 25.81 -6.16 6.89
CA VAL M 176 26.48 -7.44 6.70
C VAL M 176 25.62 -8.31 5.78
N ILE M 177 26.25 -9.31 5.18
CA ILE M 177 25.52 -10.23 4.32
C ILE M 177 24.67 -11.15 5.18
N GLU M 178 23.43 -11.37 4.75
CA GLU M 178 22.49 -12.20 5.47
C GLU M 178 22.05 -13.35 4.58
N TYR M 179 21.85 -14.52 5.19
CA TYR M 179 21.28 -15.67 4.52
C TYR M 179 19.93 -15.96 5.13
N LYS M 180 18.89 -16.03 4.30
CA LYS M 180 17.50 -16.12 4.76
C LYS M 180 16.86 -17.38 4.19
N PRO M 181 17.14 -18.54 4.78
CA PRO M 181 16.46 -19.76 4.32
C PRO M 181 15.11 -19.94 4.99
N THR M 182 14.22 -20.60 4.28
CA THR M 182 13.01 -21.15 4.86
C THR M 182 13.17 -22.66 4.90
N LEU M 183 13.08 -23.23 6.08
CA LEU M 183 13.22 -24.66 6.27
C LEU M 183 11.85 -25.29 6.48
N LYS M 184 11.67 -26.48 5.93
CA LYS M 184 10.43 -27.23 6.06
C LYS M 184 10.67 -28.47 6.88
N ALA M 185 9.81 -28.72 7.86
CA ALA M 185 9.92 -29.90 8.70
C ALA M 185 9.19 -31.07 8.06
N PHE M 186 9.83 -32.24 8.10
CA PHE M 186 9.24 -33.47 7.60
C PHE M 186 9.18 -34.48 8.73
N ARG M 187 8.23 -35.41 8.64
CA ARG M 187 8.08 -36.41 9.67
C ARG M 187 9.25 -37.39 9.64
N ASP M 188 9.89 -37.59 10.78
CA ASP M 188 10.92 -38.60 10.92
C ASP M 188 10.26 -39.90 11.40
N ASP M 189 10.44 -40.97 10.63
CA ASP M 189 9.76 -42.23 10.93
C ASP M 189 10.23 -42.81 12.25
N VAL M 190 11.54 -42.74 12.53
CA VAL M 190 12.09 -43.40 13.71
C VAL M 190 11.55 -42.75 14.98
N VAL M 191 11.51 -41.42 15.05
CA VAL M 191 11.05 -40.75 16.26
C VAL M 191 9.54 -40.52 16.26
N GLY M 192 8.89 -40.59 15.10
CA GLY M 192 7.44 -40.58 15.07
C GLY M 192 6.78 -39.22 15.10
N TYR M 193 7.49 -38.16 14.73
CA TYR M 193 6.88 -36.84 14.65
C TYR M 193 7.74 -35.97 13.74
N SER M 194 7.15 -34.85 13.31
CA SER M 194 7.89 -33.83 12.59
C SER M 194 8.28 -32.65 13.45
N VAL M 195 7.42 -32.23 14.37
CA VAL M 195 7.72 -31.12 15.28
C VAL M 195 7.29 -31.50 16.68
N ALA M 196 8.11 -31.16 17.66
CA ALA M 196 7.75 -31.29 19.07
C ALA M 196 8.12 -30.01 19.80
N GLN M 197 7.24 -29.57 20.69
CA GLN M 197 7.47 -28.37 21.49
C GLN M 197 7.79 -28.77 22.92
N GLY M 198 8.83 -28.17 23.47
CA GLY M 198 9.30 -28.53 24.80
C GLY M 198 9.41 -27.34 25.72
N PHE M 199 9.26 -27.60 27.01
CA PHE M 199 9.45 -26.62 28.07
C PHE M 199 10.31 -27.24 29.15
N ALA M 200 11.33 -26.51 29.61
CA ALA M 200 12.24 -27.03 30.62
C ALA M 200 12.81 -25.86 31.41
N GLY M 201 13.58 -26.18 32.45
CA GLY M 201 14.20 -25.18 33.29
C GLY M 201 13.53 -25.04 34.64
N PRO M 202 14.27 -24.52 35.62
CA PRO M 202 13.66 -24.30 36.95
C PRO M 202 12.50 -23.33 36.93
N GLY M 203 12.58 -22.29 36.09
CA GLY M 203 11.45 -21.39 35.94
C GLY M 203 10.21 -22.10 35.42
N TRP M 204 10.40 -23.04 34.49
CA TRP M 204 9.28 -23.86 34.05
C TRP M 204 8.77 -24.75 35.16
N ARG M 205 9.70 -25.36 35.91
CA ARG M 205 9.30 -26.22 37.02
C ARG M 205 8.43 -25.48 38.03
N ASP M 206 8.65 -24.17 38.20
CA ASP M 206 7.77 -23.40 39.06
C ASP M 206 6.35 -23.31 38.49
N LEU M 207 6.17 -23.58 37.20
CA LEU M 207 4.90 -23.31 36.54
C LEU M 207 4.20 -24.54 35.99
N VAL M 208 4.78 -25.73 36.09
CA VAL M 208 4.25 -26.89 35.35
C VAL M 208 2.82 -27.20 35.82
N ALA M 209 2.60 -27.20 37.13
CA ALA M 209 1.26 -27.48 37.66
C ALA M 209 0.27 -26.39 37.27
N THR M 210 0.69 -25.13 37.34
CA THR M 210 -0.18 -24.03 36.93
C THR M 210 -0.51 -24.11 35.45
N ALA M 211 0.44 -24.56 34.63
CA ALA M 211 0.20 -24.74 33.19
C ALA M 211 -0.76 -25.88 32.89
N GLY M 212 -1.08 -26.73 33.86
CA GLY M 212 -2.05 -27.79 33.66
C GLY M 212 -1.47 -29.13 33.30
N PHE M 213 -0.16 -29.32 33.44
CA PHE M 213 0.48 -30.59 33.14
C PHE M 213 0.81 -31.28 34.46
N GLY M 214 0.31 -32.50 34.62
CA GLY M 214 0.47 -33.19 35.88
C GLY M 214 -0.44 -32.59 36.95
N GLU M 215 -0.19 -33.01 38.19
CA GLU M 215 -0.95 -32.55 39.34
C GLU M 215 -0.15 -31.52 40.13
N ALA M 216 -0.86 -30.80 40.99
CA ALA M 216 -0.25 -29.78 41.82
C ALA M 216 0.64 -30.41 42.90
N LEU M 217 1.56 -29.61 43.42
CA LEU M 217 2.47 -30.05 44.46
C LEU M 217 1.86 -29.73 45.82
N THR M 218 1.68 -30.76 46.66
CA THR M 218 1.10 -30.58 47.99
C THR M 218 1.97 -31.11 49.12
N ALA M 219 2.83 -32.10 48.86
CA ALA M 219 3.62 -32.71 49.91
C ALA M 219 5.05 -32.92 49.45
N LEU M 220 6.00 -32.65 50.34
CA LEU M 220 7.42 -32.85 50.09
C LEU M 220 7.86 -34.11 50.83
N THR M 221 8.50 -35.02 50.10
CA THR M 221 8.95 -36.28 50.67
C THR M 221 10.45 -36.44 50.46
N ILE M 222 11.17 -36.71 51.54
CA ILE M 222 12.60 -36.98 51.48
C ILE M 222 12.79 -38.50 51.45
N THR M 223 13.19 -39.03 50.29
CA THR M 223 13.33 -40.48 50.17
C THR M 223 14.39 -41.07 51.09
N PRO M 224 15.59 -40.49 51.28
CA PRO M 224 16.45 -41.04 52.33
C PRO M 224 15.98 -40.56 53.71
N GLY M 225 14.91 -41.18 54.20
CA GLY M 225 14.32 -40.73 55.44
C GLY M 225 15.21 -40.95 56.64
N SER M 226 15.87 -42.11 56.72
CA SER M 226 16.75 -42.45 57.84
C SER M 226 18.09 -42.96 57.31
N PRO M 227 18.94 -42.06 56.83
CA PRO M 227 20.28 -42.47 56.40
C PRO M 227 21.25 -42.48 57.57
N THR M 228 22.37 -43.19 57.36
CA THR M 228 23.45 -43.26 58.34
C THR M 228 24.77 -42.98 57.64
N VAL M 229 25.57 -42.08 58.22
CA VAL M 229 26.83 -41.66 57.63
C VAL M 229 27.95 -41.99 58.62
N THR M 230 29.03 -42.55 58.09
CA THR M 230 30.20 -42.84 58.91
C THR M 230 31.01 -41.57 59.15
N VAL M 231 31.51 -41.42 60.37
CA VAL M 231 32.34 -40.25 60.68
C VAL M 231 33.64 -40.28 59.88
N ALA M 232 34.26 -41.45 59.77
CA ALA M 232 35.49 -41.57 59.01
C ALA M 232 35.22 -41.41 57.52
N THR M 233 36.27 -41.01 56.79
CA THR M 233 36.18 -40.81 55.35
C THR M 233 36.02 -42.15 54.63
N GLY M 234 35.25 -42.13 53.55
CA GLY M 234 35.05 -43.32 52.76
C GLY M 234 34.00 -43.10 51.70
N ALA M 235 33.69 -44.18 50.97
CA ALA M 235 32.64 -44.12 49.96
C ALA M 235 31.28 -43.83 50.59
N SER M 236 30.98 -44.50 51.70
CA SER M 236 29.73 -44.29 52.42
C SER M 236 29.85 -43.24 53.52
N HIS M 237 30.88 -42.39 53.45
CA HIS M 237 31.03 -41.33 54.43
C HIS M 237 29.96 -40.25 54.28
N THR M 238 29.57 -39.94 53.06
CA THR M 238 28.56 -38.92 52.78
C THR M 238 27.36 -39.56 52.11
N ALA M 239 26.22 -38.88 52.23
CA ALA M 239 24.97 -39.34 51.62
C ALA M 239 24.29 -38.15 50.96
N GLN M 240 23.84 -38.35 49.71
CA GLN M 240 23.19 -37.30 48.95
C GLN M 240 21.69 -37.48 49.03
N LEU M 241 20.99 -36.45 49.49
CA LEU M 241 19.54 -36.51 49.67
C LEU M 241 18.81 -36.25 48.35
N LEU M 242 17.53 -36.59 48.33
CA LEU M 242 16.67 -36.35 47.19
C LEU M 242 15.27 -36.01 47.68
N VAL M 243 14.76 -34.85 47.26
CA VAL M 243 13.47 -34.33 47.72
C VAL M 243 12.49 -34.36 46.56
N GLU M 244 11.35 -35.02 46.77
CA GLU M 244 10.34 -35.20 45.75
C GLU M 244 9.04 -34.52 46.15
N GLY M 245 8.08 -34.55 45.24
CA GLY M 245 6.74 -34.07 45.49
C GLY M 245 5.70 -35.14 45.19
N ASP M 246 4.44 -34.79 45.43
CA ASP M 246 3.36 -35.72 45.14
C ASP M 246 3.17 -35.92 43.64
N ASN M 247 3.55 -34.94 42.83
CA ASN M 247 3.44 -35.04 41.39
C ASN M 247 4.63 -35.73 40.74
N GLY M 248 5.57 -36.22 41.53
CA GLY M 248 6.72 -36.93 40.99
C GLY M 248 7.85 -36.05 40.50
N ILE M 249 7.82 -34.76 40.80
CA ILE M 249 8.83 -33.81 40.33
C ILE M 249 9.88 -33.63 41.41
N ASN M 250 11.14 -33.73 41.03
CA ASN M 250 12.26 -33.51 41.94
C ASN M 250 12.35 -32.01 42.25
N TYR M 251 12.07 -31.65 43.50
CA TYR M 251 12.12 -30.26 43.94
C TYR M 251 13.36 -29.94 44.76
N THR M 252 14.36 -30.82 44.73
CA THR M 252 15.58 -30.58 45.51
C THR M 252 16.26 -29.23 45.23
N PRO M 253 16.42 -28.78 44.00
CA PRO M 253 17.01 -27.44 43.79
C PRO M 253 16.16 -26.32 44.34
N ASP M 254 14.86 -26.54 44.57
CA ASP M 254 13.96 -25.48 44.98
C ASP M 254 13.71 -25.45 46.49
N VAL M 255 14.38 -26.30 47.26
CA VAL M 255 14.17 -26.36 48.70
C VAL M 255 15.39 -25.80 49.40
N VAL M 256 15.22 -25.49 50.68
CA VAL M 256 16.28 -24.99 51.55
C VAL M 256 16.59 -26.06 52.59
N PHE M 257 17.85 -26.45 52.67
CA PHE M 257 18.27 -27.49 53.61
C PHE M 257 18.73 -26.85 54.92
N THR M 258 18.07 -27.22 56.01
CA THR M 258 18.41 -26.73 57.34
C THR M 258 18.74 -27.92 58.23
N SER M 259 19.80 -27.79 59.02
CA SER M 259 20.21 -28.84 59.94
C SER M 259 19.79 -28.51 61.37
N SER M 260 19.65 -29.56 62.18
CA SER M 260 19.37 -29.39 63.60
C SER M 260 20.64 -29.08 64.39
N ALA M 261 21.61 -29.99 64.34
CA ALA M 261 22.91 -29.78 64.95
C ALA M 261 23.97 -29.78 63.86
N PRO M 262 24.44 -28.62 63.41
CA PRO M 262 25.45 -28.60 62.33
C PRO M 262 26.74 -29.33 62.67
N ASP M 263 27.15 -29.33 63.94
CA ASP M 263 28.38 -30.03 64.31
C ASP M 263 28.27 -31.53 64.08
N LYS M 264 27.10 -32.11 64.37
CA LYS M 264 26.94 -33.55 64.20
C LYS M 264 26.92 -33.94 62.72
N ALA M 265 26.12 -33.24 61.93
CA ALA M 265 25.98 -33.55 60.50
C ALA M 265 25.83 -32.25 59.75
N SER M 266 26.72 -32.02 58.78
CA SER M 266 26.68 -30.81 57.97
C SER M 266 25.96 -31.10 56.65
N VAL M 267 25.01 -30.23 56.30
CA VAL M 267 24.27 -30.34 55.06
C VAL M 267 24.51 -29.07 54.25
N SER M 268 24.84 -29.24 52.98
CA SER M 268 25.11 -28.11 52.10
C SER M 268 23.79 -27.60 51.52
N ALA M 269 23.87 -26.61 50.63
CA ALA M 269 22.68 -26.11 49.95
C ALA M 269 22.10 -27.18 49.03
N ALA M 270 22.97 -27.96 48.38
CA ALA M 270 22.51 -29.03 47.50
C ALA M 270 21.75 -30.11 48.29
N GLY M 271 22.23 -30.45 49.48
CA GLY M 271 21.60 -31.46 50.28
C GLY M 271 22.44 -32.70 50.49
N LEU M 272 23.76 -32.54 50.49
CA LEU M 272 24.67 -33.63 50.82
C LEU M 272 24.92 -33.63 52.33
N VAL M 273 24.68 -34.77 52.96
CA VAL M 273 24.82 -34.91 54.41
C VAL M 273 26.14 -35.59 54.71
N THR M 274 27.06 -34.84 55.31
CA THR M 274 28.39 -35.33 55.68
C THR M 274 28.48 -35.35 57.20
N GLY M 275 28.82 -36.51 57.75
CA GLY M 275 28.87 -36.65 59.20
C GLY M 275 30.17 -36.20 59.81
N VAL M 276 30.19 -34.99 60.37
CA VAL M 276 31.40 -34.47 61.01
C VAL M 276 31.66 -35.21 62.31
N ALA M 277 30.62 -35.45 63.11
CA ALA M 277 30.75 -36.15 64.38
C ALA M 277 29.55 -37.07 64.58
N ALA M 278 29.75 -38.12 65.37
CA ALA M 278 28.69 -39.09 65.61
C ALA M 278 27.58 -38.46 66.45
N GLY M 279 26.37 -38.96 66.24
CA GLY M 279 25.22 -38.48 66.97
C GLY M 279 23.98 -38.54 66.11
N SER M 280 22.98 -37.78 66.52
CA SER M 280 21.69 -37.72 65.83
C SER M 280 21.47 -36.30 65.32
N ALA M 281 21.05 -36.19 64.06
CA ALA M 281 20.77 -34.89 63.45
C ALA M 281 19.46 -34.97 62.69
N THR M 282 18.77 -33.84 62.62
CA THR M 282 17.52 -33.72 61.87
C THR M 282 17.75 -32.74 60.72
N ILE M 283 17.48 -33.19 59.50
CA ILE M 283 17.66 -32.39 58.30
C ILE M 283 16.28 -32.04 57.76
N THR M 284 16.01 -30.74 57.64
CA THR M 284 14.71 -30.23 57.24
C THR M 284 14.83 -29.49 55.92
N ALA M 285 14.08 -29.94 54.91
CA ALA M 285 14.03 -29.28 53.61
C ALA M 285 12.73 -28.50 53.53
N THR M 286 12.83 -27.19 53.35
CA THR M 286 11.67 -26.30 53.35
C THR M 286 11.54 -25.64 51.98
N LYS M 287 10.32 -25.62 51.45
CA LYS M 287 10.01 -24.95 50.19
C LYS M 287 8.65 -24.29 50.37
N GLY M 288 8.63 -22.97 50.44
CA GLY M 288 7.40 -22.27 50.76
C GLY M 288 6.88 -22.70 52.11
N ALA M 289 5.59 -23.03 52.18
CA ALA M 289 4.98 -23.53 53.39
C ALA M 289 5.08 -25.04 53.53
N LEU M 290 5.58 -25.73 52.52
CA LEU M 290 5.73 -27.18 52.57
C LEU M 290 7.06 -27.55 53.21
N THR M 291 7.07 -28.69 53.88
CA THR M 291 8.23 -29.08 54.68
C THR M 291 8.41 -30.59 54.59
N ALA M 292 9.66 -31.03 54.42
CA ALA M 292 10.04 -32.43 54.51
C ALA M 292 11.15 -32.57 55.53
N THR M 293 10.94 -33.44 56.52
CA THR M 293 11.86 -33.62 57.62
C THR M 293 12.41 -35.05 57.63
N ALA M 294 13.72 -35.16 57.84
CA ALA M 294 14.39 -36.45 57.96
C ALA M 294 15.37 -36.39 59.13
N THR M 295 15.64 -37.56 59.71
CA THR M 295 16.57 -37.70 60.81
C THR M 295 17.73 -38.58 60.39
N VAL M 296 18.94 -38.17 60.75
CA VAL M 296 20.16 -38.87 60.39
C VAL M 296 20.91 -39.24 61.68
N THR M 297 21.27 -40.51 61.79
CA THR M 297 22.10 -41.00 62.89
C THR M 297 23.52 -41.19 62.38
N VAL M 298 24.48 -40.57 63.06
CA VAL M 298 25.88 -40.61 62.64
C VAL M 298 26.66 -41.50 63.60
N THR M 299 27.50 -42.37 63.05
CA THR M 299 28.32 -43.29 63.83
C THR M 299 29.79 -43.08 63.47
N ALA M 300 30.66 -43.32 64.44
CA ALA M 300 32.10 -43.23 64.22
C ALA M 300 32.72 -44.62 64.22
N THR N 2 26.27 -26.72 30.76
CA THR N 2 26.44 -25.79 29.65
C THR N 2 25.31 -24.77 29.63
N ASP N 3 25.67 -23.50 29.73
CA ASP N 3 24.68 -22.43 29.71
C ASP N 3 24.28 -22.08 28.28
N PHE N 4 23.28 -21.21 28.17
CA PHE N 4 22.74 -20.85 26.87
C PHE N 4 23.77 -20.17 25.99
N TYR N 5 24.57 -19.27 26.57
CA TYR N 5 25.57 -18.55 25.80
C TYR N 5 26.60 -19.48 25.18
N THR N 6 27.04 -20.48 25.93
CA THR N 6 28.01 -21.44 25.39
C THR N 6 27.41 -22.26 24.26
N ILE N 7 26.14 -22.66 24.40
CA ILE N 7 25.48 -23.42 23.34
C ILE N 7 25.34 -22.57 22.08
N LYS N 8 24.98 -21.30 22.25
CA LYS N 8 24.78 -20.42 21.10
C LYS N 8 26.08 -20.25 20.30
N ASP N 9 27.20 -20.09 20.99
CA ASP N 9 28.53 -20.08 20.38
C ASP N 9 28.61 -19.07 19.23
N ALA N 10 28.07 -17.89 19.44
CA ALA N 10 27.98 -16.91 18.38
C ALA N 10 29.34 -16.25 18.14
N GLN N 11 29.67 -16.05 16.86
CA GLN N 11 30.92 -15.45 16.43
C GLN N 11 30.60 -14.19 15.62
N ALA N 12 30.65 -13.03 16.28
CA ALA N 12 30.36 -11.78 15.60
C ALA N 12 31.35 -11.49 14.48
N ASP N 13 32.59 -11.96 14.62
CA ASP N 13 33.61 -11.73 13.60
C ASP N 13 33.31 -12.45 12.29
N LEU N 14 32.45 -13.48 12.32
CA LEU N 14 32.10 -14.20 11.10
C LEU N 14 31.02 -13.48 10.29
N ALA N 15 30.44 -12.41 10.81
CA ALA N 15 29.57 -11.55 10.01
C ALA N 15 30.43 -10.63 9.14
N ILE N 16 30.19 -10.65 7.84
CA ILE N 16 31.03 -9.95 6.87
C ILE N 16 30.19 -8.92 6.15
N ALA N 17 30.65 -7.67 6.15
CA ALA N 17 29.95 -6.57 5.50
C ALA N 17 30.65 -6.22 4.20
N PRO N 18 29.97 -6.25 3.06
CA PRO N 18 30.59 -5.78 1.81
C PRO N 18 30.63 -4.25 1.76
N LEU N 19 31.63 -3.68 2.43
CA LEU N 19 31.75 -2.23 2.51
C LEU N 19 31.99 -1.62 1.14
N ASN N 20 32.81 -2.27 0.32
CA ASN N 20 32.96 -1.92 -1.08
C ASN N 20 32.71 -3.15 -1.93
N LEU N 21 32.25 -2.91 -3.15
CA LEU N 21 31.85 -3.98 -4.05
C LEU N 21 32.10 -3.55 -5.48
N THR N 22 32.62 -4.48 -6.28
CA THR N 22 32.85 -4.24 -7.69
C THR N 22 32.37 -5.42 -8.50
N VAL N 23 31.81 -5.13 -9.67
CA VAL N 23 31.34 -6.15 -10.61
C VAL N 23 32.26 -6.10 -11.83
N LEU N 24 32.83 -7.23 -12.18
CA LEU N 24 33.71 -7.33 -13.33
C LEU N 24 33.09 -8.28 -14.33
N LEU N 25 33.13 -7.89 -15.60
CA LEU N 25 32.63 -8.71 -16.69
C LEU N 25 33.76 -8.97 -17.68
N ALA N 26 33.78 -10.17 -18.23
CA ALA N 26 34.73 -10.55 -19.26
C ALA N 26 33.96 -11.15 -20.43
N PRO N 27 34.49 -11.02 -21.65
CA PRO N 27 33.87 -11.73 -22.78
C PRO N 27 33.94 -13.23 -22.58
N TYR N 28 32.99 -13.93 -23.20
CA TYR N 28 32.90 -15.38 -22.99
C TYR N 28 34.14 -16.11 -23.46
N SER N 29 34.93 -15.53 -24.37
CA SER N 29 36.18 -16.14 -24.80
C SER N 29 37.24 -16.11 -23.71
N THR N 30 37.07 -15.31 -22.66
CA THR N 30 38.04 -15.25 -21.57
C THR N 30 38.06 -16.56 -20.79
N THR N 31 39.23 -16.94 -20.32
CA THR N 31 39.33 -18.09 -19.43
C THR N 31 38.71 -17.74 -18.08
N PRO N 32 37.77 -18.54 -17.58
CA PRO N 32 37.07 -18.17 -16.35
C PRO N 32 37.99 -18.19 -15.15
N ALA N 33 37.71 -17.29 -14.21
CA ALA N 33 38.42 -17.29 -12.94
C ALA N 33 38.01 -18.51 -12.12
N THR N 34 39.00 -19.18 -11.53
CA THR N 34 38.73 -20.27 -10.60
C THR N 34 38.89 -19.84 -9.15
N THR N 35 39.79 -18.91 -8.87
CA THR N 35 39.93 -18.30 -7.57
C THR N 35 40.46 -16.89 -7.77
N LEU N 36 40.18 -16.02 -6.80
CA LEU N 36 40.68 -14.66 -6.84
C LEU N 36 41.95 -14.48 -6.01
N GLU N 37 42.44 -15.54 -5.37
CA GLU N 37 43.60 -15.47 -4.50
C GLU N 37 44.86 -15.74 -5.32
N SER N 38 45.80 -14.81 -5.28
CA SER N 38 47.06 -14.98 -6.00
C SER N 38 47.87 -16.12 -5.37
N PRO N 39 48.39 -17.05 -6.17
CA PRO N 39 49.19 -18.14 -5.59
C PRO N 39 50.50 -17.70 -4.97
N THR N 40 50.98 -16.49 -5.28
CA THR N 40 52.28 -16.06 -4.81
C THR N 40 52.22 -15.57 -3.36
N ASP N 41 51.33 -14.61 -3.09
CA ASP N 41 51.25 -14.02 -1.77
C ASP N 41 49.83 -13.99 -1.20
N GLY N 42 48.86 -14.58 -1.88
CA GLY N 42 47.49 -14.58 -1.41
C GLY N 42 46.73 -13.29 -1.63
N SER N 43 47.32 -12.32 -2.31
CA SER N 43 46.65 -11.06 -2.57
C SER N 43 45.57 -11.24 -3.64
N LEU N 44 44.70 -10.23 -3.74
CA LEU N 44 43.62 -10.26 -4.72
C LEU N 44 44.20 -10.22 -6.12
N ALA N 45 43.75 -11.14 -6.97
CA ALA N 45 44.29 -11.28 -8.33
C ALA N 45 43.13 -11.51 -9.29
N ILE N 46 42.86 -10.53 -10.14
CA ILE N 46 41.81 -10.64 -11.15
C ILE N 46 42.43 -11.12 -12.45
N PRO N 47 41.89 -12.18 -13.05
CA PRO N 47 42.45 -12.68 -14.30
C PRO N 47 42.28 -11.66 -15.41
N PRO N 48 43.17 -11.67 -16.40
CA PRO N 48 43.03 -10.74 -17.53
C PRO N 48 41.75 -10.99 -18.31
N GLY N 49 41.20 -9.92 -18.88
CA GLY N 49 39.96 -9.96 -19.61
C GLY N 49 38.76 -9.50 -18.82
N TYR N 50 38.81 -9.60 -17.49
CA TYR N 50 37.74 -9.09 -16.64
C TYR N 50 37.89 -7.59 -16.46
N LYS N 51 36.82 -6.85 -16.75
CA LYS N 51 36.82 -5.41 -16.63
C LYS N 51 35.67 -4.98 -15.72
N SER N 52 35.96 -4.07 -14.80
CA SER N 52 34.93 -3.57 -13.91
C SER N 52 33.93 -2.71 -14.66
N VAL N 53 32.69 -2.71 -14.18
CA VAL N 53 31.68 -1.79 -14.72
C VAL N 53 31.72 -0.43 -14.06
N GLY N 54 32.55 -0.26 -13.02
CA GLY N 54 32.65 1.01 -12.35
C GLY N 54 31.60 1.22 -11.27
N HIS N 55 31.25 2.47 -11.03
CA HIS N 55 30.33 2.82 -9.95
C HIS N 55 28.92 2.31 -10.23
N PHE N 56 28.24 1.87 -9.18
CA PHE N 56 26.83 1.55 -9.27
C PHE N 56 26.10 2.16 -8.08
N GLU N 57 24.78 2.20 -8.18
CA GLU N 57 23.97 3.02 -7.29
C GLU N 57 24.01 2.45 -5.87
N LYS N 58 24.17 3.33 -4.89
CA LYS N 58 24.38 2.89 -3.51
C LYS N 58 23.12 2.27 -2.91
N GLN N 59 21.98 2.95 -3.05
CA GLN N 59 20.78 2.52 -2.33
C GLN N 59 20.27 1.17 -2.82
N ALA N 60 20.24 0.98 -4.14
CA ALA N 60 19.80 -0.32 -4.68
C ALA N 60 20.73 -1.43 -4.25
N GLY N 61 22.03 -1.15 -4.16
CA GLY N 61 22.99 -2.18 -3.84
C GLY N 61 23.03 -3.23 -4.94
N LEU N 62 23.37 -4.44 -4.55
CA LEU N 62 23.35 -5.58 -5.45
C LEU N 62 22.50 -6.67 -4.82
N THR N 63 21.51 -7.16 -5.55
CA THR N 63 20.60 -8.18 -5.07
C THR N 63 20.91 -9.50 -5.76
N LEU N 64 21.11 -10.55 -4.98
CA LEU N 64 21.33 -11.90 -5.49
C LEU N 64 20.07 -12.72 -5.26
N GLY N 65 19.56 -13.33 -6.31
CA GLY N 65 18.36 -14.14 -6.24
C GLY N 65 18.65 -15.60 -6.52
N ASN N 66 17.95 -16.47 -5.79
CA ASN N 66 18.02 -17.91 -5.99
C ASN N 66 16.61 -18.47 -5.97
N GLU N 67 16.25 -19.23 -7.01
CA GLU N 67 14.97 -19.92 -7.02
C GLU N 67 15.20 -21.37 -7.42
N PHE N 68 14.45 -22.26 -6.80
CA PHE N 68 14.49 -23.68 -7.11
C PHE N 68 13.22 -24.07 -7.86
N ASP N 69 13.38 -24.85 -8.92
CA ASP N 69 12.24 -25.51 -9.56
C ASP N 69 12.36 -27.00 -9.32
N SER N 70 11.29 -27.59 -8.79
CA SER N 70 11.32 -28.99 -8.40
C SER N 70 9.93 -29.59 -8.57
N LYS N 71 9.90 -30.91 -8.68
CA LYS N 71 8.66 -31.66 -8.80
C LYS N 71 8.62 -32.73 -7.74
N ASP N 72 7.48 -32.87 -7.09
CA ASP N 72 7.28 -33.84 -6.03
C ASP N 72 6.59 -35.08 -6.58
N ILE N 73 7.12 -36.25 -6.23
CA ILE N 73 6.51 -37.52 -6.62
C ILE N 73 5.60 -37.96 -5.48
N GLU N 74 4.30 -38.05 -5.77
CA GLU N 74 3.29 -38.36 -4.76
C GLU N 74 2.86 -39.80 -4.87
N ALA N 75 2.94 -40.53 -3.76
CA ALA N 75 2.46 -41.90 -3.69
C ALA N 75 1.19 -41.96 -2.86
N TYR N 76 0.32 -42.90 -3.21
CA TYR N 76 -0.92 -43.11 -2.48
C TYR N 76 -0.65 -43.38 -1.01
N GLY N 77 -1.36 -42.67 -0.14
CA GLY N 77 -1.24 -42.85 1.29
C GLY N 77 -0.05 -42.18 1.93
N GLU N 78 0.74 -41.42 1.17
CA GLU N 78 1.87 -40.68 1.73
C GLU N 78 1.54 -39.20 1.76
N PRO N 79 1.40 -38.59 2.93
CA PRO N 79 1.20 -37.13 2.97
C PRO N 79 2.36 -36.35 2.36
N GLU N 80 3.58 -36.85 2.50
CA GLU N 80 4.77 -36.19 1.98
C GLU N 80 5.29 -36.90 0.74
N PRO N 81 5.98 -36.18 -0.14
CA PRO N 81 6.50 -36.82 -1.35
C PRO N 81 7.49 -37.93 -1.03
N ILE N 82 7.42 -39.02 -1.79
CA ILE N 82 8.39 -40.09 -1.66
C ILE N 82 9.71 -39.73 -2.34
N ARG N 83 9.70 -38.75 -3.24
CA ARG N 83 10.90 -38.27 -3.89
C ARG N 83 10.65 -36.88 -4.42
N THR N 84 11.63 -35.99 -4.24
CA THR N 84 11.59 -34.65 -4.81
C THR N 84 12.70 -34.54 -5.84
N ILE N 85 12.33 -34.17 -7.06
CA ILE N 85 13.27 -34.01 -8.16
C ILE N 85 13.47 -32.52 -8.37
N ILE N 86 14.63 -32.01 -7.94
CA ILE N 86 14.98 -30.61 -8.15
C ILE N 86 15.63 -30.49 -9.52
N ASN N 87 15.04 -29.68 -10.39
CA ASN N 87 15.57 -29.56 -11.74
C ASN N 87 16.84 -28.71 -11.76
N LYS N 88 16.78 -27.51 -11.19
CA LYS N 88 17.92 -26.61 -11.22
C LYS N 88 17.74 -25.52 -10.17
N ARG N 89 18.81 -24.77 -9.95
CA ARG N 89 18.80 -23.60 -9.09
C ARG N 89 19.16 -22.40 -9.96
N THR N 90 18.24 -21.44 -10.06
CA THR N 90 18.44 -20.28 -10.91
C THR N 90 18.98 -19.13 -10.07
N THR N 91 20.17 -18.65 -10.41
CA THR N 91 20.78 -17.53 -9.71
C THR N 91 20.75 -16.29 -10.59
N THR N 92 20.27 -15.18 -10.05
CA THR N 92 20.24 -13.91 -10.73
C THR N 92 20.90 -12.86 -9.85
N PHE N 93 21.37 -11.78 -10.49
CA PHE N 93 21.80 -10.62 -9.75
C PHE N 93 21.56 -9.36 -10.58
N ASP N 94 21.15 -8.31 -9.88
CA ASP N 94 20.83 -7.04 -10.53
C ASP N 94 21.44 -5.90 -9.73
N PHE N 95 21.72 -4.81 -10.43
CA PHE N 95 22.42 -3.64 -9.90
C PHE N 95 22.25 -2.51 -10.91
N ALA N 96 22.40 -1.28 -10.42
CA ALA N 96 22.15 -0.09 -11.21
C ALA N 96 23.48 0.60 -11.53
N MET N 97 23.96 0.43 -12.76
CA MET N 97 25.24 0.99 -13.17
C MET N 97 25.14 2.46 -13.54
N TYR N 98 26.21 3.19 -13.27
CA TYR N 98 26.29 4.62 -13.51
C TYR N 98 27.08 5.01 -14.75
N GLN N 99 28.11 4.25 -15.10
CA GLN N 99 29.12 4.72 -16.03
C GLN N 99 28.74 4.39 -17.47
N ASN N 100 28.90 5.38 -18.34
CA ASN N 100 28.59 5.23 -19.77
C ASN N 100 29.85 4.81 -20.53
N GLN N 101 30.28 3.60 -20.24
CA GLN N 101 31.43 3.01 -20.90
C GLN N 101 30.99 1.86 -21.81
N ARG N 102 31.95 1.37 -22.59
CA ARG N 102 31.60 0.45 -23.67
C ARG N 102 31.03 -0.87 -23.16
N ASN N 103 31.60 -1.44 -22.10
CA ASN N 103 31.14 -2.75 -21.65
C ASN N 103 29.71 -2.68 -21.09
N VAL N 104 29.40 -1.61 -20.37
CA VAL N 104 28.04 -1.43 -19.83
C VAL N 104 27.03 -1.30 -20.97
N LEU N 105 27.34 -0.48 -21.97
CA LEU N 105 26.41 -0.26 -23.07
C LEU N 105 26.28 -1.50 -23.95
N GLU N 106 27.38 -2.22 -24.15
CA GLU N 106 27.34 -3.49 -24.86
C GLU N 106 26.44 -4.49 -24.14
N LEU N 107 26.53 -4.54 -22.80
CA LEU N 107 25.65 -5.41 -22.04
C LEU N 107 24.19 -5.01 -22.22
N ILE N 108 23.88 -3.72 -22.06
CA ILE N 108 22.47 -3.34 -22.06
C ILE N 108 21.85 -3.45 -23.45
N TRP N 109 22.64 -3.23 -24.50
CA TRP N 109 22.10 -3.28 -25.86
C TRP N 109 22.29 -4.63 -26.54
N THR N 110 22.84 -5.62 -25.83
CA THR N 110 23.10 -6.96 -26.36
C THR N 110 23.78 -6.89 -27.73
N GLN N 111 24.92 -6.22 -27.74
CA GLN N 111 25.65 -5.97 -28.97
C GLN N 111 27.14 -5.91 -28.66
N ASP N 112 27.95 -6.17 -29.68
CA ASP N 112 29.38 -5.92 -29.63
C ASP N 112 29.65 -4.57 -30.29
N PHE N 113 30.25 -3.65 -29.53
CA PHE N 113 30.54 -2.31 -30.01
C PHE N 113 32.04 -2.06 -30.20
N SER N 114 32.85 -3.12 -30.21
CA SER N 114 34.28 -2.96 -30.38
C SER N 114 34.65 -2.37 -31.74
N ASN N 115 33.77 -2.49 -32.73
CA ASN N 115 34.00 -1.91 -34.04
C ASN N 115 33.52 -0.48 -34.17
N ILE N 116 32.86 0.06 -33.13
CA ILE N 116 32.36 1.42 -33.19
C ILE N 116 33.53 2.39 -33.17
N GLN N 117 33.60 3.25 -34.19
CA GLN N 117 34.65 4.23 -34.29
C GLN N 117 34.10 5.62 -33.98
N PRO N 118 34.70 6.35 -33.04
CA PRO N 118 34.25 7.72 -32.79
C PRO N 118 34.43 8.59 -34.03
N SER N 119 33.54 9.57 -34.17
CA SER N 119 33.58 10.47 -35.31
C SER N 119 34.75 11.43 -35.18
N GLU N 120 34.82 12.37 -36.14
CA GLU N 120 35.92 13.33 -36.15
C GLU N 120 35.99 14.11 -34.85
N PHE N 121 34.84 14.44 -34.27
CA PHE N 121 34.78 15.20 -33.03
C PHE N 121 34.52 14.33 -31.82
N GLY N 122 34.67 13.01 -31.95
CA GLY N 122 34.58 12.10 -30.84
C GLY N 122 33.21 11.49 -30.61
N GLY N 123 32.19 11.92 -31.34
CA GLY N 123 30.85 11.40 -31.12
C GLY N 123 30.71 9.96 -31.56
N ILE N 124 29.82 9.25 -30.87
CA ILE N 124 29.52 7.86 -31.20
C ILE N 124 28.01 7.69 -31.27
N VAL N 125 27.59 6.75 -32.12
CA VAL N 125 26.19 6.34 -32.22
C VAL N 125 26.14 4.82 -32.09
N LEU N 126 25.37 4.33 -31.13
CA LEU N 126 25.24 2.91 -30.87
C LEU N 126 23.82 2.48 -31.23
N GLU N 127 23.69 1.73 -32.32
CA GLU N 127 22.40 1.25 -32.76
C GLU N 127 22.09 -0.09 -32.13
N ALA N 128 20.87 -0.23 -31.62
CA ALA N 128 20.42 -1.52 -31.13
C ALA N 128 20.34 -2.51 -32.29
N PRO N 129 20.75 -3.75 -32.08
CA PRO N 129 20.72 -4.74 -33.17
C PRO N 129 19.28 -5.03 -33.60
N LYS N 130 19.13 -5.41 -34.87
CA LYS N 130 17.82 -5.72 -35.42
C LYS N 130 17.10 -6.77 -34.58
N VAL N 131 17.81 -7.84 -34.23
CA VAL N 131 17.31 -8.83 -33.29
C VAL N 131 18.25 -8.79 -32.08
N PRO N 132 17.73 -8.79 -30.86
CA PRO N 132 18.60 -8.92 -29.69
C PRO N 132 19.39 -10.22 -29.75
N LYS N 133 20.65 -10.16 -29.34
CA LYS N 133 21.55 -11.30 -29.39
C LYS N 133 21.68 -11.95 -28.02
N ASN N 134 21.93 -13.26 -28.04
CA ASN N 134 22.25 -14.01 -26.84
C ASN N 134 23.76 -13.92 -26.63
N ILE N 135 24.18 -13.06 -25.71
CA ILE N 135 25.59 -12.85 -25.43
C ILE N 135 25.85 -13.29 -24.00
N TYR N 136 26.87 -14.13 -23.82
CA TYR N 136 27.25 -14.61 -22.50
C TYR N 136 28.51 -13.90 -22.04
N TYR N 137 28.60 -13.69 -20.73
CA TYR N 137 29.75 -13.07 -20.12
C TYR N 137 30.21 -13.90 -18.93
N ARG N 138 31.48 -13.74 -18.58
CA ARG N 138 32.00 -14.24 -17.33
C ARG N 138 31.98 -13.10 -16.31
N ALA N 139 31.45 -13.38 -15.13
CA ALA N 139 31.20 -12.36 -14.12
C ALA N 139 31.94 -12.68 -12.84
N ILE N 140 32.48 -11.64 -12.21
CA ILE N 140 33.02 -11.70 -10.86
C ILE N 140 32.36 -10.59 -10.04
N LEU N 141 31.75 -10.97 -8.93
CA LEU N 141 31.26 -10.02 -7.94
C LEU N 141 32.14 -10.19 -6.70
N VAL N 142 33.04 -9.25 -6.47
CA VAL N 142 33.96 -9.32 -5.35
C VAL N 142 33.74 -8.11 -4.44
N GLY N 143 33.54 -8.38 -3.16
CA GLY N 143 33.37 -7.34 -2.17
C GLY N 143 34.50 -7.34 -1.16
N MET N 144 34.67 -6.24 -0.43
CA MET N 144 35.74 -6.11 0.53
C MET N 144 35.15 -5.70 1.88
N ASP N 145 35.57 -6.39 2.93
CA ASP N 145 35.33 -6.00 4.31
C ASP N 145 36.70 -5.68 4.92
N ASP N 146 37.09 -4.42 4.88
CA ASP N 146 38.38 -3.98 5.40
C ASP N 146 38.18 -3.56 6.85
N ARG N 147 38.36 -4.50 7.78
CA ARG N 147 38.29 -4.21 9.19
C ARG N 147 39.69 -4.43 9.79
N ASN N 148 40.08 -3.54 10.70
CA ASN N 148 41.34 -3.66 11.43
C ASN N 148 42.55 -3.76 10.48
N ASP N 149 42.42 -3.20 9.28
CA ASP N 149 43.44 -3.19 8.24
C ASP N 149 43.74 -4.58 7.67
N ARG N 150 42.99 -5.61 8.06
CA ARG N 150 43.15 -6.94 7.48
C ARG N 150 41.91 -7.25 6.67
N PRO N 151 41.91 -7.02 5.36
CA PRO N 151 40.66 -7.14 4.59
C PRO N 151 40.23 -8.57 4.40
N ILE N 152 38.91 -8.73 4.26
CA ILE N 152 38.30 -9.97 3.82
C ILE N 152 37.69 -9.72 2.44
N TRP N 153 38.02 -10.58 1.49
CA TRP N 153 37.42 -10.53 0.17
C TRP N 153 36.41 -11.66 0.04
N LEU N 154 35.14 -11.29 -0.02
CA LEU N 154 34.07 -12.23 -0.32
C LEU N 154 33.66 -12.02 -1.77
N TYR N 155 33.53 -13.11 -2.52
CA TYR N 155 33.25 -12.97 -3.94
C TYR N 155 32.36 -14.10 -4.44
N TRP N 156 31.76 -13.85 -5.59
CA TRP N 156 30.96 -14.82 -6.31
C TRP N 156 31.50 -14.93 -7.73
N LEU N 157 31.73 -16.16 -8.18
CA LEU N 157 32.19 -16.43 -9.54
C LEU N 157 31.03 -16.98 -10.35
N MET N 158 30.70 -16.30 -11.45
CA MET N 158 29.64 -16.73 -12.36
C MET N 158 30.22 -16.80 -13.76
N PRO N 159 30.68 -17.98 -14.19
CA PRO N 159 31.39 -18.07 -15.47
C PRO N 159 30.52 -17.82 -16.70
N LYS N 160 29.20 -17.92 -16.60
CA LYS N 160 28.33 -17.78 -17.78
C LYS N 160 27.06 -17.04 -17.41
N VAL N 161 27.06 -15.72 -17.62
CA VAL N 161 25.90 -14.90 -17.32
C VAL N 161 25.39 -14.26 -18.60
N LYS N 162 24.10 -14.00 -18.62
CA LYS N 162 23.43 -13.40 -19.77
C LYS N 162 22.44 -12.37 -19.27
N LEU N 163 22.23 -11.32 -20.07
CA LEU N 163 21.23 -10.33 -19.74
C LEU N 163 19.84 -10.97 -19.77
N ASP N 164 19.14 -10.87 -18.65
CA ASP N 164 17.81 -11.46 -18.50
C ASP N 164 16.71 -10.42 -18.56
N LYS N 165 16.95 -9.22 -18.03
CA LYS N 165 15.89 -8.23 -17.88
C LYS N 165 16.54 -6.86 -17.74
N LEU N 166 15.80 -5.84 -18.16
CA LEU N 166 16.26 -4.45 -18.04
C LEU N 166 15.14 -3.62 -17.43
N ASP N 167 15.42 -3.01 -16.28
CA ASP N 167 14.41 -2.20 -15.62
C ASP N 167 14.20 -0.88 -16.37
N ASN N 168 13.08 -0.23 -16.08
CA ASN N 168 12.77 1.04 -16.71
C ASN N 168 13.83 2.08 -16.37
N GLN N 169 14.23 2.84 -17.38
CA GLN N 169 15.22 3.90 -17.21
C GLN N 169 14.50 5.24 -17.15
N THR N 170 14.61 5.92 -16.02
CA THR N 170 13.96 7.21 -15.83
C THR N 170 15.00 8.32 -15.91
N LEU N 171 14.76 9.29 -16.79
CA LEU N 171 15.62 10.46 -16.91
C LEU N 171 15.03 11.58 -16.08
N ASN N 172 15.77 12.02 -15.07
CA ASN N 172 15.39 13.14 -14.23
C ASN N 172 16.48 14.20 -14.28
N ASP N 173 16.07 15.46 -14.19
CA ASP N 173 17.02 16.56 -14.33
C ASP N 173 17.91 16.73 -13.11
N ASP N 174 17.69 15.97 -12.03
CA ASP N 174 18.51 16.03 -10.84
C ASP N 174 19.21 14.71 -10.54
N ASN N 175 19.36 13.84 -11.54
CA ASN N 175 19.96 12.53 -11.34
C ASN N 175 20.75 12.15 -12.58
N VAL N 176 21.71 11.24 -12.39
CA VAL N 176 22.44 10.70 -13.52
C VAL N 176 21.66 9.53 -14.10
N ILE N 177 21.97 9.18 -15.33
CA ILE N 177 21.30 8.07 -15.99
C ILE N 177 21.83 6.76 -15.40
N GLU N 178 20.92 5.86 -15.08
CA GLU N 178 21.27 4.56 -14.51
C GLU N 178 20.83 3.45 -15.46
N TYR N 179 21.65 2.41 -15.54
CA TYR N 179 21.31 1.19 -16.26
C TYR N 179 21.15 0.07 -15.25
N LYS N 180 20.00 -0.58 -15.26
CA LYS N 180 19.61 -1.55 -14.23
C LYS N 180 19.31 -2.90 -14.89
N PRO N 181 20.34 -3.67 -15.22
CA PRO N 181 20.10 -5.01 -15.75
C PRO N 181 19.94 -6.06 -14.66
N THR N 182 19.20 -7.11 -15.00
CA THR N 182 19.19 -8.33 -14.22
C THR N 182 19.92 -9.39 -15.04
N LEU N 183 20.96 -9.95 -14.47
CA LEU N 183 21.74 -10.98 -15.14
C LEU N 183 21.40 -12.35 -14.56
N LYS N 184 21.38 -13.35 -15.42
CA LYS N 184 21.08 -14.72 -15.02
C LYS N 184 22.32 -15.58 -15.22
N ALA N 185 22.66 -16.37 -14.21
CA ALA N 185 23.81 -17.26 -14.27
C ALA N 185 23.41 -18.59 -14.89
N PHE N 186 24.26 -19.10 -15.78
CA PHE N 186 24.07 -20.39 -16.41
C PHE N 186 25.28 -21.25 -16.11
N ARG N 187 25.07 -22.57 -16.11
CA ARG N 187 26.18 -23.48 -15.84
C ARG N 187 27.15 -23.47 -17.00
N ASP N 188 28.43 -23.27 -16.68
CA ASP N 188 29.50 -23.41 -17.66
C ASP N 188 30.00 -24.85 -17.62
N ASP N 189 29.96 -25.51 -18.78
CA ASP N 189 30.31 -26.93 -18.83
C ASP N 189 31.76 -27.18 -18.46
N VAL N 190 32.67 -26.31 -18.93
CA VAL N 190 34.09 -26.55 -18.74
C VAL N 190 34.46 -26.49 -17.25
N VAL N 191 33.98 -25.46 -16.55
CA VAL N 191 34.34 -25.31 -15.15
C VAL N 191 33.43 -26.08 -14.21
N GLY N 192 32.25 -26.46 -14.65
CA GLY N 192 31.42 -27.37 -13.89
C GLY N 192 30.51 -26.76 -12.85
N TYR N 193 30.21 -25.47 -12.96
CA TYR N 193 29.27 -24.84 -12.03
C TYR N 193 28.73 -23.58 -12.67
N SER N 194 27.65 -23.06 -12.10
CA SER N 194 27.12 -21.77 -12.49
C SER N 194 27.49 -20.66 -11.54
N VAL N 195 27.54 -20.93 -10.24
CA VAL N 195 27.91 -19.94 -9.23
C VAL N 195 28.85 -20.59 -8.22
N ALA N 196 29.88 -19.86 -7.83
CA ALA N 196 30.77 -20.26 -6.75
C ALA N 196 31.00 -19.07 -5.82
N GLN N 197 30.98 -19.33 -4.52
CA GLN N 197 31.20 -18.31 -3.51
C GLN N 197 32.60 -18.49 -2.93
N GLY N 198 33.34 -17.40 -2.81
CA GLY N 198 34.71 -17.44 -2.34
C GLY N 198 34.96 -16.50 -1.18
N PHE N 199 35.93 -16.89 -0.36
CA PHE N 199 36.43 -16.06 0.74
C PHE N 199 37.95 -16.07 0.70
N ALA N 200 38.55 -14.90 0.82
CA ALA N 200 40.00 -14.77 0.75
C ALA N 200 40.43 -13.54 1.53
N GLY N 201 41.74 -13.35 1.65
CA GLY N 201 42.29 -12.21 2.34
C GLY N 201 42.87 -12.56 3.69
N PRO N 202 43.78 -11.72 4.18
CA PRO N 202 44.36 -11.96 5.51
C PRO N 202 43.33 -11.96 6.63
N GLY N 203 42.30 -11.11 6.51
CA GLY N 203 41.22 -11.14 7.49
C GLY N 203 40.48 -12.46 7.51
N TRP N 204 40.27 -13.04 6.33
CA TRP N 204 39.62 -14.36 6.26
C TRP N 204 40.50 -15.44 6.87
N ARG N 205 41.82 -15.36 6.62
CA ARG N 205 42.74 -16.37 7.14
C ARG N 205 42.67 -16.49 8.66
N ASP N 206 42.41 -15.38 9.35
CA ASP N 206 42.24 -15.45 10.79
C ASP N 206 40.99 -16.23 11.19
N LEU N 207 40.02 -16.36 10.28
CA LEU N 207 38.72 -16.92 10.62
C LEU N 207 38.43 -18.28 10.01
N VAL N 208 39.31 -18.81 9.16
CA VAL N 208 38.96 -20.01 8.38
C VAL N 208 38.65 -21.18 9.30
N ALA N 209 39.50 -21.39 10.31
CA ALA N 209 39.26 -22.48 11.26
C ALA N 209 38.01 -22.23 12.09
N THR N 210 37.79 -20.99 12.53
CA THR N 210 36.57 -20.65 13.26
C THR N 210 35.34 -20.84 12.40
N ALA N 211 35.43 -20.56 11.10
CA ALA N 211 34.33 -20.78 10.18
C ALA N 211 34.05 -22.25 9.91
N GLY N 212 34.93 -23.15 10.36
CA GLY N 212 34.69 -24.57 10.23
C GLY N 212 35.25 -25.21 8.98
N PHE N 213 36.16 -24.55 8.28
CA PHE N 213 36.80 -25.10 7.09
C PHE N 213 38.22 -25.52 7.44
N GLY N 214 38.56 -26.76 7.14
CA GLY N 214 39.85 -27.28 7.55
C GLY N 214 39.87 -27.54 9.06
N GLU N 215 41.09 -27.62 9.58
CA GLU N 215 41.32 -27.86 11.00
C GLU N 215 41.94 -26.63 11.65
N ALA N 216 41.86 -26.59 12.98
CA ALA N 216 42.39 -25.46 13.73
C ALA N 216 43.92 -25.44 13.69
N LEU N 217 44.48 -24.27 13.93
CA LEU N 217 45.92 -24.08 13.96
C LEU N 217 46.44 -24.32 15.36
N THR N 218 47.39 -25.25 15.50
CA THR N 218 47.96 -25.59 16.80
C THR N 218 49.48 -25.60 16.84
N ALA N 219 50.15 -25.48 15.70
CA ALA N 219 51.61 -25.58 15.69
C ALA N 219 52.17 -24.82 14.50
N LEU N 220 53.25 -24.09 14.72
CA LEU N 220 53.96 -23.36 13.68
C LEU N 220 55.25 -24.10 13.36
N THR N 221 55.47 -24.35 12.07
CA THR N 221 56.66 -25.08 11.61
C THR N 221 57.38 -24.25 10.57
N ILE N 222 58.68 -24.04 10.78
CA ILE N 222 59.52 -23.33 9.83
C ILE N 222 60.08 -24.36 8.84
N THR N 223 59.61 -24.30 7.60
CA THR N 223 59.99 -25.33 6.62
C THR N 223 61.48 -25.34 6.28
N PRO N 224 62.17 -24.21 6.09
CA PRO N 224 63.61 -24.32 5.80
C PRO N 224 64.40 -25.04 6.88
N GLY N 225 64.02 -24.86 8.14
CA GLY N 225 64.64 -25.58 9.23
C GLY N 225 66.00 -25.02 9.63
N SER N 226 66.99 -25.18 8.74
CA SER N 226 68.33 -24.67 9.01
C SER N 226 69.06 -24.40 7.71
N PRO N 227 68.89 -23.22 7.11
CA PRO N 227 69.62 -22.88 5.90
C PRO N 227 71.00 -22.31 6.22
N THR N 228 71.84 -22.27 5.19
CA THR N 228 73.17 -21.67 5.28
C THR N 228 73.29 -20.58 4.22
N VAL N 229 73.70 -19.39 4.64
CA VAL N 229 73.80 -18.24 3.75
C VAL N 229 75.26 -17.80 3.67
N THR N 230 75.72 -17.55 2.46
CA THR N 230 77.08 -17.07 2.27
C THR N 230 77.17 -15.58 2.62
N VAL N 231 78.27 -15.20 3.27
CA VAL N 231 78.47 -13.79 3.60
C VAL N 231 78.59 -12.95 2.34
N ALA N 232 79.33 -13.46 1.35
CA ALA N 232 79.48 -12.74 0.09
C ALA N 232 78.16 -12.72 -0.67
N THR N 233 78.00 -11.69 -1.50
CA THR N 233 76.79 -11.50 -2.29
C THR N 233 76.69 -12.59 -3.37
N GLY N 234 75.46 -13.03 -3.62
CA GLY N 234 75.23 -14.03 -4.64
C GLY N 234 73.78 -14.48 -4.61
N ALA N 235 73.49 -15.48 -5.46
CA ALA N 235 72.16 -16.06 -5.51
C ALA N 235 71.81 -16.72 -4.18
N SER N 236 72.76 -17.45 -3.59
CA SER N 236 72.55 -18.11 -2.32
C SER N 236 72.98 -17.24 -1.14
N HIS N 237 73.15 -15.94 -1.34
CA HIS N 237 73.49 -15.05 -0.25
C HIS N 237 72.33 -14.85 0.71
N THR N 238 71.09 -14.87 0.21
CA THR N 238 69.90 -14.69 1.03
C THR N 238 69.02 -15.93 0.92
N ALA N 239 68.26 -16.18 1.98
CA ALA N 239 67.31 -17.29 2.01
C ALA N 239 65.98 -16.78 2.53
N GLN N 240 64.90 -17.17 1.85
CA GLN N 240 63.55 -16.74 2.20
C GLN N 240 62.86 -17.84 2.99
N LEU N 241 62.43 -17.52 4.21
CA LEU N 241 61.78 -18.48 5.09
C LEU N 241 60.31 -18.65 4.70
N LEU N 242 59.72 -19.72 5.22
CA LEU N 242 58.30 -19.99 5.03
C LEU N 242 57.76 -20.66 6.30
N VAL N 243 56.68 -20.12 6.84
CA VAL N 243 56.11 -20.56 8.12
C VAL N 243 54.73 -21.15 7.85
N GLU N 244 54.54 -22.40 8.25
CA GLU N 244 53.30 -23.12 8.00
C GLU N 244 52.62 -23.46 9.33
N GLY N 245 51.38 -23.93 9.23
CA GLY N 245 50.64 -24.43 10.35
C GLY N 245 50.31 -25.91 10.18
N ASP N 246 49.64 -26.46 11.20
CA ASP N 246 49.25 -27.86 11.12
C ASP N 246 48.13 -28.07 10.10
N ASN N 247 47.35 -27.04 9.82
CA ASN N 247 46.26 -27.12 8.85
C ASN N 247 46.72 -26.84 7.42
N GLY N 248 48.02 -26.68 7.20
CA GLY N 248 48.53 -26.45 5.87
C GLY N 248 48.43 -25.03 5.37
N ILE N 249 48.13 -24.08 6.25
CA ILE N 249 47.94 -22.68 5.87
C ILE N 249 49.24 -21.92 6.15
N ASN N 250 49.68 -21.14 5.17
CA ASN N 250 50.86 -20.29 5.33
C ASN N 250 50.52 -19.12 6.25
N TYR N 251 51.17 -19.06 7.41
CA TYR N 251 50.98 -17.97 8.35
C TYR N 251 52.16 -17.00 8.38
N THR N 252 53.04 -17.06 7.38
CA THR N 252 54.20 -16.16 7.34
C THR N 252 53.83 -14.68 7.42
N PRO N 253 52.82 -14.17 6.71
CA PRO N 253 52.44 -12.76 6.90
C PRO N 253 51.93 -12.45 8.30
N ASP N 254 51.49 -13.46 9.04
CA ASP N 254 50.87 -13.26 10.35
C ASP N 254 51.84 -13.47 11.51
N VAL N 255 53.11 -13.74 11.25
CA VAL N 255 54.07 -14.00 12.31
C VAL N 255 55.03 -12.82 12.42
N VAL N 256 55.78 -12.79 13.51
CA VAL N 256 56.80 -11.78 13.77
C VAL N 256 58.16 -12.47 13.78
N PHE N 257 59.08 -11.95 12.98
CA PHE N 257 60.41 -12.55 12.85
C PHE N 257 61.39 -11.85 13.79
N THR N 258 62.07 -12.64 14.63
CA THR N 258 63.06 -12.13 15.56
C THR N 258 64.37 -12.87 15.33
N SER N 259 65.48 -12.14 15.43
CA SER N 259 66.81 -12.72 15.27
C SER N 259 67.54 -12.72 16.61
N SER N 260 68.19 -13.85 16.93
CA SER N 260 68.98 -13.92 18.16
C SER N 260 70.15 -12.96 18.13
N ALA N 261 70.93 -13.00 17.05
CA ALA N 261 72.05 -12.08 16.84
C ALA N 261 71.85 -11.34 15.53
N PRO N 262 71.31 -10.12 15.56
CA PRO N 262 71.09 -9.37 14.31
C PRO N 262 72.36 -9.15 13.50
N ASP N 263 73.51 -8.96 14.16
CA ASP N 263 74.75 -8.74 13.43
C ASP N 263 75.13 -9.96 12.61
N LYS N 264 74.92 -11.17 13.15
CA LYS N 264 75.28 -12.38 12.43
C LYS N 264 74.36 -12.60 11.23
N ALA N 265 73.05 -12.51 11.43
CA ALA N 265 72.08 -12.74 10.37
C ALA N 265 70.91 -11.80 10.57
N SER N 266 70.61 -10.99 9.57
CA SER N 266 69.51 -10.04 9.63
C SER N 266 68.28 -10.64 8.99
N VAL N 267 67.14 -10.56 9.68
CA VAL N 267 65.87 -11.05 9.16
C VAL N 267 64.89 -9.88 9.12
N SER N 268 64.24 -9.70 7.97
CA SER N 268 63.29 -8.61 7.80
C SER N 268 61.94 -9.01 8.38
N ALA N 269 60.95 -8.14 8.24
CA ALA N 269 59.60 -8.48 8.69
C ALA N 269 59.01 -9.61 7.84
N ALA N 270 59.34 -9.63 6.54
CA ALA N 270 58.85 -10.69 5.66
C ALA N 270 59.40 -12.04 6.05
N GLY N 271 60.68 -12.09 6.45
CA GLY N 271 61.30 -13.34 6.81
C GLY N 271 62.41 -13.77 5.88
N LEU N 272 63.10 -12.80 5.29
CA LEU N 272 64.27 -13.07 4.47
C LEU N 272 65.51 -12.99 5.34
N VAL N 273 66.32 -14.06 5.34
CA VAL N 273 67.51 -14.15 6.17
C VAL N 273 68.72 -13.83 5.30
N THR N 274 69.39 -12.72 5.60
CA THR N 274 70.57 -12.27 4.87
C THR N 274 71.76 -12.33 5.83
N GLY N 275 72.83 -13.00 5.40
CA GLY N 275 73.98 -13.20 6.26
C GLY N 275 74.96 -12.03 6.23
N VAL N 276 74.88 -11.16 7.25
CA VAL N 276 75.81 -10.04 7.32
C VAL N 276 77.21 -10.53 7.69
N ALA N 277 77.31 -11.46 8.63
CA ALA N 277 78.60 -12.00 9.04
C ALA N 277 78.44 -13.46 9.41
N ALA N 278 79.53 -14.21 9.30
CA ALA N 278 79.51 -15.63 9.58
C ALA N 278 79.26 -15.89 11.06
N GLY N 279 78.52 -16.96 11.35
CA GLY N 279 78.22 -17.32 12.71
C GLY N 279 76.92 -18.09 12.78
N SER N 280 76.45 -18.29 14.00
CA SER N 280 75.23 -19.00 14.28
C SER N 280 74.17 -18.02 14.77
N ALA N 281 72.99 -18.07 14.15
CA ALA N 281 71.88 -17.23 14.54
C ALA N 281 70.61 -18.05 14.68
N THR N 282 69.74 -17.63 15.59
CA THR N 282 68.45 -18.28 15.81
C THR N 282 67.35 -17.32 15.39
N ILE N 283 66.51 -17.75 14.46
CA ILE N 283 65.41 -16.94 13.93
C ILE N 283 64.11 -17.53 14.45
N THR N 284 63.37 -16.74 15.20
CA THR N 284 62.14 -17.18 15.85
C THR N 284 60.95 -16.43 15.24
N ALA N 285 59.97 -17.19 14.76
CA ALA N 285 58.72 -16.64 14.24
C ALA N 285 57.63 -16.86 15.27
N THR N 286 57.04 -15.76 15.75
CA THR N 286 56.06 -15.81 16.82
C THR N 286 54.71 -15.31 16.31
N LYS N 287 53.66 -16.06 16.63
CA LYS N 287 52.29 -15.67 16.31
C LYS N 287 51.41 -16.10 17.47
N GLY N 288 50.93 -15.14 18.24
CA GLY N 288 50.22 -15.46 19.46
C GLY N 288 51.12 -16.24 20.41
N ALA N 289 50.60 -17.34 20.94
CA ALA N 289 51.38 -18.22 21.79
C ALA N 289 52.21 -19.22 21.02
N LEU N 290 51.96 -19.38 19.72
CA LEU N 290 52.71 -20.34 18.92
C LEU N 290 54.06 -19.76 18.53
N THR N 291 55.05 -20.65 18.40
CA THR N 291 56.41 -20.23 18.12
C THR N 291 57.09 -21.28 17.24
N ALA N 292 57.74 -20.82 16.18
CA ALA N 292 58.58 -21.66 15.34
C ALA N 292 60.00 -21.10 15.38
N THR N 293 60.95 -21.96 15.76
CA THR N 293 62.34 -21.56 15.90
C THR N 293 63.21 -22.26 14.87
N ALA N 294 64.10 -21.51 14.24
CA ALA N 294 65.06 -22.05 13.29
C ALA N 294 66.43 -21.47 13.59
N THR N 295 67.47 -22.23 13.24
CA THR N 295 68.85 -21.84 13.47
C THR N 295 69.57 -21.74 12.13
N VAL N 296 70.30 -20.65 11.93
CA VAL N 296 71.02 -20.39 10.69
C VAL N 296 72.50 -20.28 11.01
N THR N 297 73.32 -21.08 10.32
CA THR N 297 74.77 -21.03 10.46
C THR N 297 75.32 -20.30 9.24
N VAL N 298 75.80 -19.08 9.44
CA VAL N 298 76.32 -18.26 8.35
C VAL N 298 77.80 -18.58 8.15
N THR N 299 78.20 -18.63 6.88
CA THR N 299 79.59 -18.88 6.51
C THR N 299 80.08 -17.78 5.59
N ALA N 300 81.38 -17.52 5.65
CA ALA N 300 82.00 -16.53 4.78
C ALA N 300 82.86 -17.22 3.73
N THR O 2 47.63 -5.71 -6.61
CA THR O 2 46.57 -4.79 -6.97
C THR O 2 45.53 -4.70 -5.87
N ASP O 3 45.29 -3.48 -5.39
CA ASP O 3 44.31 -3.26 -4.33
C ASP O 3 42.91 -3.16 -4.93
N PHE O 4 41.92 -3.13 -4.03
CA PHE O 4 40.52 -3.13 -4.44
C PHE O 4 40.17 -1.89 -5.27
N TYR O 5 40.69 -0.73 -4.87
CA TYR O 5 40.37 0.52 -5.57
C TYR O 5 40.87 0.48 -7.01
N THR O 6 42.07 -0.05 -7.24
CA THR O 6 42.59 -0.14 -8.59
C THR O 6 41.76 -1.10 -9.45
N ILE O 7 41.34 -2.21 -8.87
CA ILE O 7 40.51 -3.17 -9.60
C ILE O 7 39.17 -2.54 -9.95
N LYS O 8 38.58 -1.77 -9.04
CA LYS O 8 37.28 -1.17 -9.28
C LYS O 8 37.33 -0.19 -10.45
N ASP O 9 38.39 0.62 -10.54
CA ASP O 9 38.62 1.51 -11.68
C ASP O 9 37.42 2.39 -11.96
N ALA O 10 36.84 2.94 -10.91
CA ALA O 10 35.62 3.73 -11.05
C ALA O 10 35.93 5.11 -11.64
N GLN O 11 35.11 5.54 -12.59
CA GLN O 11 35.24 6.84 -13.25
C GLN O 11 33.96 7.62 -13.00
N ALA O 12 33.98 8.52 -12.02
CA ALA O 12 32.80 9.33 -11.72
C ALA O 12 32.43 10.24 -12.89
N ASP O 13 33.41 10.66 -13.68
CA ASP O 13 33.15 11.52 -14.83
C ASP O 13 32.32 10.84 -15.91
N LEU O 14 32.28 9.51 -15.93
CA LEU O 14 31.48 8.81 -16.92
C LEU O 14 30.00 8.72 -16.55
N ALA O 15 29.64 9.15 -15.34
CA ALA O 15 28.23 9.31 -14.99
C ALA O 15 27.70 10.60 -15.59
N ILE O 16 26.61 10.50 -16.34
CA ILE O 16 26.09 11.63 -17.10
C ILE O 16 24.68 11.93 -16.63
N ALA O 17 24.44 13.19 -16.27
CA ALA O 17 23.14 13.63 -15.78
C ALA O 17 22.43 14.43 -16.86
N PRO O 18 21.24 14.03 -17.29
CA PRO O 18 20.48 14.86 -18.25
C PRO O 18 19.84 16.07 -17.55
N LEU O 19 20.66 17.09 -17.34
CA LEU O 19 20.20 18.29 -16.64
C LEU O 19 19.08 18.98 -17.41
N ASN O 20 19.20 19.05 -18.73
CA ASN O 20 18.11 19.49 -19.58
C ASN O 20 17.85 18.42 -20.64
N LEU O 21 16.62 18.39 -21.11
CA LEU O 21 16.17 17.35 -22.02
C LEU O 21 15.09 17.92 -22.92
N THR O 22 15.14 17.56 -24.20
CA THR O 22 14.11 17.98 -25.14
C THR O 22 13.74 16.81 -26.04
N VAL O 23 12.46 16.73 -26.36
CA VAL O 23 11.92 15.71 -27.25
C VAL O 23 11.52 16.40 -28.56
N LEU O 24 12.04 15.91 -29.67
CA LEU O 24 11.71 16.45 -30.98
C LEU O 24 11.02 15.39 -31.80
N LEU O 25 9.96 15.78 -32.48
CA LEU O 25 9.21 14.89 -33.36
C LEU O 25 9.21 15.47 -34.77
N ALA O 26 9.30 14.58 -35.75
CA ALA O 26 9.22 14.93 -37.14
C ALA O 26 8.19 14.05 -37.83
N PRO O 27 7.54 14.55 -38.87
CA PRO O 27 6.65 13.68 -39.66
C PRO O 27 7.44 12.56 -40.31
N TYR O 28 6.75 11.44 -40.55
CA TYR O 28 7.42 10.26 -41.08
C TYR O 28 8.05 10.50 -42.43
N SER O 29 7.60 11.50 -43.18
CA SER O 29 8.22 11.85 -44.46
C SER O 29 9.59 12.49 -44.28
N THR O 30 9.93 12.95 -43.08
CA THR O 30 11.24 13.55 -42.84
C THR O 30 12.34 12.50 -42.97
N THR O 31 13.48 12.92 -43.47
CA THR O 31 14.66 12.05 -43.49
C THR O 31 15.15 11.83 -42.06
N PRO O 32 15.32 10.59 -41.62
CA PRO O 32 15.69 10.35 -40.22
C PRO O 32 17.09 10.89 -39.91
N ALA O 33 17.25 11.35 -38.68
CA ALA O 33 18.57 11.73 -38.19
C ALA O 33 19.43 10.49 -38.03
N THR O 34 20.68 10.58 -38.49
CA THR O 34 21.66 9.52 -38.26
C THR O 34 22.63 9.87 -37.14
N THR O 35 22.96 11.15 -37.00
CA THR O 35 23.76 11.64 -35.88
C THR O 35 23.35 13.08 -35.62
N LEU O 36 23.53 13.50 -34.37
CA LEU O 36 23.25 14.88 -34.00
C LEU O 36 24.48 15.76 -34.03
N GLU O 37 25.64 15.20 -34.37
CA GLU O 37 26.90 15.94 -34.37
C GLU O 37 27.11 16.57 -35.74
N SER O 38 27.27 17.89 -35.76
CA SER O 38 27.51 18.59 -37.02
C SER O 38 28.86 18.18 -37.59
N PRO O 39 28.96 17.89 -38.89
CA PRO O 39 30.24 17.50 -39.47
C PRO O 39 31.25 18.64 -39.55
N THR O 40 30.82 19.89 -39.38
CA THR O 40 31.70 21.04 -39.54
C THR O 40 32.52 21.31 -38.27
N ASP O 41 31.85 21.47 -37.13
CA ASP O 41 32.53 21.79 -35.89
C ASP O 41 32.15 20.86 -34.73
N GLY O 42 31.34 19.84 -34.98
CA GLY O 42 30.93 18.93 -33.93
C GLY O 42 29.81 19.46 -33.05
N SER O 43 29.28 20.64 -33.32
CA SER O 43 28.21 21.19 -32.51
C SER O 43 26.90 20.45 -32.76
N LEU O 44 25.95 20.67 -31.86
CA LEU O 44 24.64 20.03 -31.97
C LEU O 44 23.93 20.49 -33.24
N ALA O 45 23.43 19.54 -34.01
CA ALA O 45 22.81 19.83 -35.31
C ALA O 45 21.56 18.97 -35.45
N ILE O 46 20.39 19.60 -35.35
CA ILE O 46 19.12 18.91 -35.52
C ILE O 46 18.70 18.99 -36.98
N PRO O 47 18.39 17.87 -37.63
CA PRO O 47 17.98 17.92 -39.02
C PRO O 47 16.66 18.67 -39.17
N PRO O 48 16.43 19.30 -40.31
CA PRO O 48 15.15 19.99 -40.54
C PRO O 48 13.98 19.02 -40.53
N GLY O 49 12.83 19.52 -40.07
CA GLY O 49 11.63 18.74 -39.93
C GLY O 49 11.36 18.27 -38.52
N TYR O 50 12.41 18.16 -37.69
CA TYR O 50 12.23 17.82 -36.29
C TYR O 50 11.83 19.06 -35.51
N LYS O 51 10.75 18.96 -34.76
CA LYS O 51 10.25 20.08 -33.95
C LYS O 51 10.12 19.64 -32.51
N SER O 52 10.60 20.47 -31.60
CA SER O 52 10.49 20.18 -30.17
C SER O 52 9.03 20.24 -29.72
N VAL O 53 8.69 19.42 -28.74
CA VAL O 53 7.38 19.51 -28.10
C VAL O 53 7.33 20.57 -27.02
N GLY O 54 8.47 21.12 -26.64
CA GLY O 54 8.51 22.15 -25.61
C GLY O 54 8.66 21.60 -24.21
N HIS O 55 8.15 22.34 -23.23
CA HIS O 55 8.30 21.97 -21.83
C HIS O 55 7.52 20.71 -21.50
N PHE O 56 8.07 19.89 -20.61
CA PHE O 56 7.35 18.75 -20.07
C PHE O 56 7.58 18.68 -18.56
N GLU O 57 6.75 17.87 -17.91
CA GLU O 57 6.70 17.84 -16.46
C GLU O 57 8.03 17.40 -15.85
N LYS O 58 8.48 18.13 -14.83
CA LYS O 58 9.78 17.84 -14.22
C LYS O 58 9.73 16.55 -13.40
N GLN O 59 8.72 16.40 -12.56
CA GLN O 59 8.68 15.28 -11.62
C GLN O 59 8.54 13.94 -12.35
N ALA O 60 7.67 13.88 -13.35
CA ALA O 60 7.54 12.66 -14.13
C ALA O 60 8.83 12.34 -14.87
N GLY O 61 9.52 13.36 -15.39
CA GLY O 61 10.69 13.13 -16.18
C GLY O 61 10.34 12.38 -17.46
N LEU O 62 11.31 11.63 -17.96
CA LEU O 62 11.11 10.78 -19.12
C LEU O 62 11.55 9.37 -18.77
N THR O 63 10.65 8.41 -18.97
CA THR O 63 10.91 7.01 -18.67
C THR O 63 11.09 6.24 -19.96
N LEU O 64 12.19 5.50 -20.05
CA LEU O 64 12.48 4.64 -21.19
C LEU O 64 12.30 3.19 -20.76
N GLY O 65 11.46 2.45 -21.47
CA GLY O 65 11.18 1.07 -21.16
C GLY O 65 11.73 0.14 -22.23
N ASN O 66 12.22 -1.02 -21.80
CA ASN O 66 12.70 -2.05 -22.71
C ASN O 66 12.13 -3.39 -22.27
N GLU O 67 11.53 -4.11 -23.21
CA GLU O 67 10.96 -5.42 -22.95
C GLU O 67 11.44 -6.40 -24.00
N PHE O 68 11.90 -7.56 -23.55
CA PHE O 68 12.28 -8.65 -24.44
C PHE O 68 11.19 -9.71 -24.44
N ASP O 69 10.82 -10.19 -25.61
CA ASP O 69 9.99 -11.37 -25.75
C ASP O 69 10.82 -12.48 -26.39
N SER O 70 10.85 -13.64 -25.73
CA SER O 70 11.71 -14.73 -26.18
C SER O 70 11.05 -16.05 -25.84
N LYS O 71 11.47 -17.10 -26.55
CA LYS O 71 10.99 -18.44 -26.31
C LYS O 71 12.19 -19.37 -26.11
N ASP O 72 12.08 -20.24 -25.11
CA ASP O 72 13.14 -21.17 -24.76
C ASP O 72 12.86 -22.53 -25.39
N ILE O 73 13.86 -23.10 -26.05
CA ILE O 73 13.77 -24.45 -26.60
C ILE O 73 14.31 -25.41 -25.55
N GLU O 74 13.45 -26.31 -25.09
CA GLU O 74 13.78 -27.21 -23.99
C GLU O 74 13.99 -28.62 -24.52
N ALA O 75 15.12 -29.22 -24.20
CA ALA O 75 15.44 -30.58 -24.55
C ALA O 75 15.35 -31.48 -23.33
N TYR O 76 15.02 -32.75 -23.56
CA TYR O 76 14.94 -33.73 -22.49
C TYR O 76 16.27 -33.83 -21.75
N GLY O 77 16.20 -33.80 -20.43
CA GLY O 77 17.40 -33.93 -19.61
C GLY O 77 18.25 -32.70 -19.51
N GLU O 78 17.80 -31.56 -20.04
CA GLU O 78 18.56 -30.32 -19.97
C GLU O 78 17.84 -29.35 -19.04
N PRO O 79 18.39 -29.03 -17.87
CA PRO O 79 17.73 -28.03 -17.01
C PRO O 79 17.62 -26.67 -17.67
N GLU O 80 18.59 -26.29 -18.48
CA GLU O 80 18.60 -24.99 -19.14
C GLU O 80 18.25 -25.16 -20.63
N PRO O 81 17.68 -24.13 -21.25
CA PRO O 81 17.32 -24.22 -22.66
C PRO O 81 18.54 -24.46 -23.53
N ILE O 82 18.38 -25.30 -24.55
CA ILE O 82 19.44 -25.51 -25.52
C ILE O 82 19.52 -24.36 -26.52
N ARG O 83 18.46 -23.56 -26.63
CA ARG O 83 18.47 -22.39 -27.49
C ARG O 83 17.38 -21.44 -27.03
N THR O 84 17.69 -20.15 -27.02
CA THR O 84 16.72 -19.11 -26.72
C THR O 84 16.52 -18.26 -27.96
N ILE O 85 15.28 -18.15 -28.41
CA ILE O 85 14.93 -17.36 -29.58
C ILE O 85 14.30 -16.07 -29.09
N ILE O 86 15.06 -14.98 -29.15
CA ILE O 86 14.54 -13.67 -28.80
C ILE O 86 13.85 -13.08 -30.02
N ASN O 87 12.56 -12.79 -29.89
CA ASN O 87 11.81 -12.29 -31.04
C ASN O 87 12.15 -10.83 -31.31
N LYS O 88 12.05 -9.97 -30.31
CA LYS O 88 12.30 -8.55 -30.50
C LYS O 88 12.54 -7.89 -29.14
N ARG O 89 12.99 -6.65 -29.20
CA ARG O 89 13.15 -5.80 -28.03
C ARG O 89 12.23 -4.59 -28.23
N THR O 90 11.27 -4.43 -27.33
CA THR O 90 10.29 -3.36 -27.43
C THR O 90 10.74 -2.18 -26.58
N THR O 91 10.95 -1.03 -27.22
CA THR O 91 11.36 0.18 -26.54
C THR O 91 10.19 1.17 -26.52
N THR O 92 9.89 1.68 -25.33
CA THR O 92 8.85 2.68 -25.15
C THR O 92 9.44 3.87 -24.39
N PHE O 93 8.79 5.03 -24.54
CA PHE O 93 9.11 6.17 -23.70
C PHE O 93 7.86 7.02 -23.51
N ASP O 94 7.72 7.54 -22.29
CA ASP O 94 6.57 8.35 -21.92
C ASP O 94 7.03 9.58 -21.16
N PHE O 95 6.23 10.63 -21.24
CA PHE O 95 6.53 11.94 -20.68
C PHE O 95 5.25 12.75 -20.69
N ALA O 96 5.23 13.81 -19.88
CA ALA O 96 4.03 14.61 -19.66
C ALA O 96 4.22 16.00 -20.24
N MET O 97 3.62 16.25 -21.40
CA MET O 97 3.80 17.52 -22.11
C MET O 97 2.85 18.59 -21.59
N TYR O 98 3.37 19.82 -21.54
CA TYR O 98 2.63 21.00 -21.11
C TYR O 98 2.05 21.83 -22.24
N GLN O 99 2.73 21.94 -23.38
CA GLN O 99 2.43 22.97 -24.36
C GLN O 99 1.31 22.53 -25.30
N ASN O 100 0.32 23.41 -25.48
CA ASN O 100 -0.80 23.14 -26.38
C ASN O 100 -0.44 23.59 -27.80
N GLN O 101 0.55 22.90 -28.36
CA GLN O 101 1.03 23.14 -29.70
C GLN O 101 0.32 22.21 -30.68
N ARG O 102 0.47 22.52 -31.98
CA ARG O 102 -0.15 21.68 -33.00
C ARG O 102 0.44 20.27 -33.01
N ASN O 103 1.76 20.14 -32.88
CA ASN O 103 2.36 18.81 -32.98
C ASN O 103 1.98 17.94 -31.79
N VAL O 104 1.91 18.52 -30.59
CA VAL O 104 1.48 17.76 -29.41
C VAL O 104 0.04 17.28 -29.58
N LEU O 105 -0.85 18.18 -30.00
CA LEU O 105 -2.26 17.83 -30.12
C LEU O 105 -2.49 16.86 -31.28
N GLU O 106 -1.71 16.98 -32.35
CA GLU O 106 -1.76 16.02 -33.43
C GLU O 106 -1.34 14.64 -32.95
N LEU O 107 -0.31 14.58 -32.11
CA LEU O 107 0.12 13.31 -31.55
C LEU O 107 -0.98 12.69 -30.69
N ILE O 108 -1.54 13.46 -29.75
CA ILE O 108 -2.47 12.87 -28.80
C ILE O 108 -3.78 12.46 -29.47
N TRP O 109 -4.21 13.18 -30.49
CA TRP O 109 -5.48 12.88 -31.16
C TRP O 109 -5.32 12.00 -32.39
N THR O 110 -4.10 11.55 -32.70
CA THR O 110 -3.80 10.71 -33.86
C THR O 110 -4.46 11.27 -35.12
N GLN O 111 -4.13 12.52 -35.42
CA GLN O 111 -4.73 13.23 -36.53
C GLN O 111 -3.70 14.20 -37.10
N ASP O 112 -3.89 14.55 -38.37
CA ASP O 112 -3.17 15.66 -38.98
C ASP O 112 -4.05 16.91 -38.89
N PHE O 113 -3.53 17.96 -38.27
CA PHE O 113 -4.26 19.21 -38.09
C PHE O 113 -3.67 20.35 -38.89
N SER O 114 -2.81 20.05 -39.88
CA SER O 114 -2.20 21.08 -40.69
C SER O 114 -3.22 21.86 -41.52
N ASN O 115 -4.39 21.28 -41.78
CA ASN O 115 -5.46 21.94 -42.51
C ASN O 115 -6.39 22.74 -41.62
N ILE O 116 -6.21 22.68 -40.29
CA ILE O 116 -7.08 23.41 -39.38
C ILE O 116 -6.81 24.90 -39.51
N GLN O 117 -7.85 25.67 -39.81
CA GLN O 117 -7.73 27.11 -39.96
C GLN O 117 -8.35 27.80 -38.78
N PRO O 118 -7.63 28.71 -38.12
CA PRO O 118 -8.25 29.47 -37.03
C PRO O 118 -9.41 30.32 -37.52
N SER O 119 -10.39 30.50 -36.65
CA SER O 119 -11.57 31.27 -37.00
C SER O 119 -11.23 32.75 -37.09
N GLU O 120 -12.26 33.57 -37.34
CA GLU O 120 -12.07 35.01 -37.48
C GLU O 120 -11.40 35.60 -36.25
N PHE O 121 -11.74 35.10 -35.06
CA PHE O 121 -11.17 35.58 -33.81
C PHE O 121 -10.08 34.67 -33.28
N GLY O 122 -9.56 33.77 -34.09
CA GLY O 122 -8.43 32.93 -33.74
C GLY O 122 -8.76 31.59 -33.12
N GLY O 123 -10.03 31.31 -32.86
CA GLY O 123 -10.38 30.05 -32.23
C GLY O 123 -10.21 28.86 -33.16
N ILE O 124 -9.91 27.72 -32.56
CA ILE O 124 -9.76 26.47 -33.31
C ILE O 124 -10.57 25.39 -32.62
N VAL O 125 -11.07 24.46 -33.43
CA VAL O 125 -11.74 23.26 -32.93
C VAL O 125 -11.07 22.06 -33.57
N LEU O 126 -10.58 21.14 -32.74
CA LEU O 126 -9.87 19.95 -33.19
C LEU O 126 -10.75 18.74 -32.90
N GLU O 127 -11.27 18.12 -33.95
CA GLU O 127 -12.14 16.97 -33.82
C GLU O 127 -11.32 15.69 -33.87
N ALA O 128 -11.57 14.79 -32.93
CA ALA O 128 -10.96 13.47 -32.98
C ALA O 128 -11.47 12.73 -34.22
N PRO O 129 -10.60 12.01 -34.92
CA PRO O 129 -11.04 11.28 -36.12
C PRO O 129 -12.02 10.17 -35.75
N LYS O 130 -12.85 9.81 -36.73
CA LYS O 130 -13.86 8.77 -36.51
C LYS O 130 -13.21 7.48 -36.04
N VAL O 131 -12.14 7.07 -36.70
CA VAL O 131 -11.32 5.97 -36.20
C VAL O 131 -9.93 6.52 -35.91
N PRO O 132 -9.28 6.11 -34.83
CA PRO O 132 -7.89 6.54 -34.60
C PRO O 132 -6.99 6.06 -35.73
N LYS O 133 -6.03 6.90 -36.10
CA LYS O 133 -5.12 6.61 -37.20
C LYS O 133 -3.80 6.08 -36.67
N ASN O 134 -3.16 5.25 -37.50
CA ASN O 134 -1.80 4.78 -37.24
C ASN O 134 -0.83 5.77 -37.85
N ILE O 135 -0.31 6.68 -37.04
CA ILE O 135 0.59 7.71 -37.50
C ILE O 135 1.96 7.46 -36.90
N TYR O 136 2.99 7.44 -37.74
CA TYR O 136 4.35 7.24 -37.30
C TYR O 136 5.10 8.56 -37.32
N TYR O 137 6.02 8.72 -36.37
CA TYR O 137 6.86 9.90 -36.28
C TYR O 137 8.32 9.47 -36.14
N ARG O 138 9.21 10.38 -36.50
CA ARG O 138 10.62 10.26 -36.18
C ARG O 138 10.90 11.07 -34.91
N ALA O 139 11.59 10.46 -33.97
CA ALA O 139 11.77 11.04 -32.66
C ALA O 139 13.25 11.18 -32.33
N ILE O 140 13.59 12.30 -31.68
CA ILE O 140 14.89 12.51 -31.08
C ILE O 140 14.68 12.89 -29.63
N LEU O 141 15.31 12.16 -28.72
CA LEU O 141 15.40 12.54 -27.31
C LEU O 141 16.84 12.90 -27.05
N VAL O 142 17.12 14.19 -26.90
CA VAL O 142 18.47 14.66 -26.67
C VAL O 142 18.54 15.40 -25.34
N GLY O 143 19.47 14.99 -24.50
CA GLY O 143 19.70 15.62 -23.22
C GLY O 143 21.06 16.27 -23.17
N MET O 144 21.27 17.17 -22.21
CA MET O 144 22.52 17.87 -22.07
C MET O 144 23.01 17.78 -20.64
N ASP O 145 24.29 17.45 -20.48
CA ASP O 145 24.99 17.54 -19.21
C ASP O 145 26.01 18.66 -19.35
N ASP O 146 25.67 19.84 -18.85
CA ASP O 146 26.53 21.01 -18.93
C ASP O 146 27.42 21.05 -17.70
N ARG O 147 28.66 20.58 -17.85
CA ARG O 147 29.62 20.55 -16.76
C ARG O 147 30.89 21.25 -17.20
N ASN O 148 31.39 22.16 -16.35
CA ASN O 148 32.65 22.87 -16.59
C ASN O 148 32.64 23.58 -17.94
N ASP O 149 31.45 24.00 -18.40
CA ASP O 149 31.22 24.68 -19.66
C ASP O 149 31.53 23.82 -20.88
N ARG O 150 31.81 22.53 -20.71
CA ARG O 150 31.99 21.62 -21.83
C ARG O 150 30.85 20.62 -21.84
N PRO O 151 29.79 20.87 -22.61
CA PRO O 151 28.60 20.02 -22.51
C PRO O 151 28.80 18.64 -23.11
N ILE O 152 28.06 17.69 -22.56
CA ILE O 152 27.89 16.36 -23.13
C ILE O 152 26.45 16.26 -23.62
N TRP O 153 26.28 15.86 -24.87
CA TRP O 153 24.96 15.60 -25.41
C TRP O 153 24.75 14.10 -25.51
N LEU O 154 23.85 13.57 -24.69
CA LEU O 154 23.41 12.19 -24.78
C LEU O 154 22.04 12.18 -25.44
N TYR O 155 21.86 11.31 -26.41
CA TYR O 155 20.61 11.31 -27.15
C TYR O 155 20.20 9.90 -27.57
N TRP O 156 18.92 9.78 -27.89
CA TRP O 156 18.34 8.56 -28.42
C TRP O 156 17.66 8.89 -29.73
N LEU O 157 17.93 8.10 -30.77
CA LEU O 157 17.30 8.26 -32.07
C LEU O 157 16.30 7.13 -32.26
N MET O 158 15.05 7.49 -32.53
CA MET O 158 13.97 6.53 -32.78
C MET O 158 13.27 6.95 -34.06
N PRO O 159 13.66 6.38 -35.20
CA PRO O 159 13.13 6.88 -36.48
C PRO O 159 11.68 6.54 -36.74
N LYS O 160 11.06 5.62 -36.00
CA LYS O 160 9.68 5.21 -36.27
C LYS O 160 8.95 4.96 -34.95
N VAL O 161 8.27 5.99 -34.45
CA VAL O 161 7.53 5.88 -33.20
C VAL O 161 6.06 6.13 -33.47
N LYS O 162 5.23 5.50 -32.66
CA LYS O 162 3.78 5.61 -32.79
C LYS O 162 3.18 5.73 -31.39
N LEU O 163 2.08 6.47 -31.29
CA LEU O 163 1.37 6.57 -30.03
C LEU O 163 0.84 5.20 -29.62
N ASP O 164 1.20 4.77 -28.41
CA ASP O 164 0.82 3.47 -27.89
C ASP O 164 -0.25 3.57 -26.81
N LYS O 165 -0.21 4.61 -25.99
CA LYS O 165 -1.07 4.70 -24.82
C LYS O 165 -1.15 6.16 -24.40
N LEU O 166 -2.26 6.51 -23.76
CA LEU O 166 -2.49 7.86 -23.25
C LEU O 166 -2.98 7.77 -21.82
N ASP O 167 -2.23 8.35 -20.89
CA ASP O 167 -2.62 8.32 -19.49
C ASP O 167 -3.83 9.22 -19.24
N ASN O 168 -4.49 8.98 -18.11
CA ASN O 168 -5.63 9.80 -17.73
C ASN O 168 -5.21 11.26 -17.57
N GLN O 169 -6.04 12.15 -18.08
CA GLN O 169 -5.79 13.58 -18.02
C GLN O 169 -6.69 14.18 -16.94
N THR O 170 -6.08 14.70 -15.89
CA THR O 170 -6.81 15.27 -14.77
C THR O 170 -6.75 16.79 -14.83
N LEU O 171 -7.91 17.43 -14.81
CA LEU O 171 -8.01 18.89 -14.78
C LEU O 171 -8.15 19.34 -13.33
N ASN O 172 -7.17 20.10 -12.85
CA ASN O 172 -7.21 20.66 -11.51
C ASN O 172 -7.06 22.17 -11.61
N ASP O 173 -7.73 22.88 -10.69
CA ASP O 173 -7.75 24.34 -10.76
C ASP O 173 -6.43 24.97 -10.33
N ASP O 174 -5.46 24.19 -9.88
CA ASP O 174 -4.15 24.69 -9.47
C ASP O 174 -3.02 24.10 -10.30
N ASN O 175 -3.32 23.56 -11.48
CA ASN O 175 -2.32 22.92 -12.31
C ASN O 175 -2.60 23.21 -13.77
N VAL O 176 -1.56 23.13 -14.60
CA VAL O 176 -1.74 23.24 -16.04
C VAL O 176 -2.17 21.88 -16.57
N ILE O 177 -2.69 21.84 -17.78
CA ILE O 177 -3.15 20.61 -18.38
C ILE O 177 -1.96 19.89 -19.00
N GLU O 178 -1.82 18.60 -18.68
CA GLU O 178 -0.71 17.79 -19.14
C GLU O 178 -1.21 16.71 -20.09
N TYR O 179 -0.40 16.41 -21.10
CA TYR O 179 -0.65 15.29 -22.01
C TYR O 179 0.45 14.27 -21.77
N LYS O 180 0.05 13.02 -21.51
CA LYS O 180 0.97 11.96 -21.08
C LYS O 180 0.88 10.79 -22.05
N PRO O 181 1.52 10.89 -23.21
CA PRO O 181 1.55 9.74 -24.13
C PRO O 181 2.67 8.77 -23.80
N THR O 182 2.42 7.52 -24.13
CA THR O 182 3.48 6.52 -24.20
C THR O 182 3.70 6.21 -25.67
N LEU O 183 4.92 6.38 -26.13
CA LEU O 183 5.28 6.13 -27.52
C LEU O 183 6.07 4.84 -27.62
N LYS O 184 5.81 4.08 -28.66
CA LYS O 184 6.48 2.81 -28.90
C LYS O 184 7.37 2.96 -30.13
N ALA O 185 8.62 2.52 -30.02
CA ALA O 185 9.55 2.57 -31.13
C ALA O 185 9.41 1.32 -31.99
N PHE O 186 9.43 1.52 -33.31
CA PHE O 186 9.38 0.43 -34.27
C PHE O 186 10.62 0.50 -35.15
N ARG O 187 11.02 -0.65 -35.68
CA ARG O 187 12.19 -0.70 -36.53
C ARG O 187 11.90 -0.01 -37.86
N ASP O 188 12.76 0.93 -38.23
CA ASP O 188 12.68 1.56 -39.54
C ASP O 188 13.54 0.77 -40.51
N ASP O 189 12.92 0.32 -41.60
CA ASP O 189 13.61 -0.55 -42.55
C ASP O 189 14.79 0.16 -43.21
N VAL O 190 14.61 1.42 -43.58
CA VAL O 190 15.64 2.14 -44.34
C VAL O 190 16.90 2.32 -43.52
N VAL O 191 16.76 2.78 -42.26
CA VAL O 191 17.92 3.04 -41.44
C VAL O 191 18.40 1.81 -40.68
N GLY O 192 17.56 0.78 -40.56
CA GLY O 192 18.02 -0.50 -40.04
C GLY O 192 18.08 -0.61 -38.53
N TYR O 193 17.33 0.20 -37.80
CA TYR O 193 17.25 0.05 -36.35
C TYR O 193 15.98 0.71 -35.86
N SER O 194 15.60 0.39 -34.62
CA SER O 194 14.50 1.06 -33.95
C SER O 194 14.98 2.12 -32.96
N VAL O 195 16.07 1.87 -32.24
CA VAL O 195 16.62 2.81 -31.27
C VAL O 195 18.13 2.87 -31.44
N ALA O 196 18.67 4.07 -31.37
CA ALA O 196 20.11 4.28 -31.32
C ALA O 196 20.43 5.28 -30.22
N GLN O 197 21.48 4.99 -29.46
CA GLN O 197 21.94 5.86 -28.38
C GLN O 197 23.21 6.58 -28.84
N GLY O 198 23.26 7.88 -28.62
CA GLY O 198 24.38 8.69 -29.07
C GLY O 198 24.98 9.53 -27.97
N PHE O 199 26.28 9.79 -28.11
CA PHE O 199 27.02 10.67 -27.21
C PHE O 199 27.83 11.64 -28.08
N ALA O 200 27.77 12.93 -27.74
CA ALA O 200 28.46 13.94 -28.51
C ALA O 200 28.79 15.12 -27.59
N GLY O 201 29.56 16.06 -28.13
CA GLY O 201 29.95 17.24 -27.39
C GLY O 201 31.40 17.23 -26.96
N PRO O 202 31.97 18.41 -26.71
CA PRO O 202 33.37 18.47 -26.24
C PRO O 202 33.58 17.76 -24.92
N GLY O 203 32.60 17.83 -24.01
CA GLY O 203 32.70 17.07 -22.77
C GLY O 203 32.78 15.58 -23.02
N TRP O 204 32.01 15.08 -24.00
CA TRP O 204 32.13 13.68 -24.37
C TRP O 204 33.49 13.39 -25.00
N ARG O 205 33.97 14.30 -25.85
CA ARG O 205 35.28 14.11 -26.49
C ARG O 205 36.39 13.98 -25.45
N ASP O 206 36.24 14.65 -24.30
CA ASP O 206 37.20 14.46 -23.22
C ASP O 206 37.17 13.03 -22.67
N LEU O 207 36.08 12.29 -22.90
CA LEU O 207 35.87 11.02 -22.23
C LEU O 207 35.81 9.81 -23.15
N VAL O 208 35.90 9.99 -24.47
CA VAL O 208 35.61 8.88 -25.38
C VAL O 208 36.58 7.73 -25.16
N ALA O 209 37.87 8.04 -25.04
CA ALA O 209 38.87 7.00 -24.80
C ALA O 209 38.68 6.33 -23.46
N THR O 210 38.38 7.11 -22.41
CA THR O 210 38.12 6.55 -21.10
C THR O 210 36.88 5.66 -21.11
N ALA O 211 35.87 6.02 -21.91
CA ALA O 211 34.68 5.21 -22.03
C ALA O 211 34.91 3.91 -22.78
N GLY O 212 36.07 3.73 -23.39
CA GLY O 212 36.40 2.48 -24.05
C GLY O 212 36.08 2.41 -25.52
N PHE O 213 35.79 3.54 -26.17
CA PHE O 213 35.51 3.59 -27.59
C PHE O 213 36.72 4.15 -28.32
N GLY O 214 37.21 3.41 -29.30
CA GLY O 214 38.44 3.81 -29.95
C GLY O 214 39.64 3.59 -29.05
N GLU O 215 40.75 4.21 -29.43
CA GLU O 215 42.02 4.12 -28.70
C GLU O 215 42.31 5.44 -28.00
N ALA O 216 43.22 5.37 -27.03
CA ALA O 216 43.59 6.54 -26.27
C ALA O 216 44.40 7.52 -27.13
N LEU O 217 44.41 8.78 -26.69
CA LEU O 217 45.14 9.84 -27.39
C LEU O 217 46.55 9.93 -26.83
N THR O 218 47.54 9.84 -27.71
CA THR O 218 48.95 9.90 -27.31
C THR O 218 49.77 10.93 -28.08
N ALA O 219 49.41 11.26 -29.31
CA ALA O 219 50.20 12.17 -30.13
C ALA O 219 49.31 13.15 -30.86
N LEU O 220 49.76 14.41 -30.93
CA LEU O 220 49.07 15.47 -31.65
C LEU O 220 49.80 15.72 -32.96
N THR O 221 49.05 15.74 -34.06
CA THR O 221 49.62 15.94 -35.39
C THR O 221 48.94 17.11 -36.07
N ILE O 222 49.74 18.05 -36.58
CA ILE O 222 49.23 19.17 -37.35
C ILE O 222 49.40 18.84 -38.83
N THR O 223 48.28 18.56 -39.50
CA THR O 223 48.32 18.13 -40.90
C THR O 223 48.88 19.21 -41.83
N PRO O 224 48.48 20.49 -41.71
CA PRO O 224 49.21 21.47 -42.54
C PRO O 224 50.49 21.92 -41.86
N GLY O 225 51.46 21.01 -41.82
CA GLY O 225 52.69 21.26 -41.07
C GLY O 225 53.54 22.37 -41.67
N SER O 226 53.57 22.46 -43.00
CA SER O 226 54.39 23.45 -43.70
C SER O 226 53.54 24.22 -44.70
N PRO O 227 52.75 25.18 -44.23
CA PRO O 227 51.99 26.04 -45.13
C PRO O 227 52.75 27.34 -45.43
N THR O 228 52.27 28.05 -46.45
CA THR O 228 52.82 29.34 -46.82
C THR O 228 51.66 30.30 -47.09
N VAL O 229 51.71 31.47 -46.46
CA VAL O 229 50.65 32.47 -46.57
C VAL O 229 51.22 33.73 -47.18
N THR O 230 50.52 34.27 -48.18
CA THR O 230 50.92 35.53 -48.80
C THR O 230 50.60 36.69 -47.86
N VAL O 231 51.50 37.67 -47.84
CA VAL O 231 51.28 38.85 -47.00
C VAL O 231 50.07 39.64 -47.49
N ALA O 232 49.93 39.80 -48.80
CA ALA O 232 48.80 40.52 -49.36
C ALA O 232 47.50 39.75 -49.14
N THR O 233 46.40 40.51 -49.09
CA THR O 233 45.08 39.92 -48.91
C THR O 233 44.68 39.10 -50.13
N GLY O 234 44.04 37.96 -49.87
CA GLY O 234 43.57 37.11 -50.95
C GLY O 234 42.96 35.85 -50.41
N ALA O 235 42.58 34.96 -51.34
CA ALA O 235 42.02 33.67 -50.95
C ALA O 235 43.04 32.84 -50.19
N SER O 236 44.29 32.83 -50.66
CA SER O 236 45.38 32.11 -50.01
C SER O 236 46.15 32.97 -49.03
N HIS O 237 45.57 34.09 -48.58
CA HIS O 237 46.24 34.94 -47.60
C HIS O 237 46.26 34.31 -46.21
N THR O 238 45.23 33.53 -45.87
CA THR O 238 45.14 32.89 -44.57
C THR O 238 45.05 31.38 -44.75
N ALA O 239 45.54 30.65 -43.76
CA ALA O 239 45.49 29.19 -43.76
C ALA O 239 44.90 28.71 -42.44
N GLN O 240 43.97 27.75 -42.52
CA GLN O 240 43.30 27.22 -41.35
C GLN O 240 43.95 25.90 -40.95
N LEU O 241 44.44 25.83 -39.71
CA LEU O 241 45.12 24.64 -39.21
C LEU O 241 44.10 23.57 -38.80
N LEU O 242 44.60 22.35 -38.63
CA LEU O 242 43.79 21.23 -38.15
C LEU O 242 44.67 20.32 -37.33
N VAL O 243 44.28 20.08 -36.08
CA VAL O 243 45.06 19.31 -35.12
C VAL O 243 44.35 17.99 -34.85
N GLU O 244 45.04 16.89 -35.09
CA GLU O 244 44.47 15.56 -34.93
C GLU O 244 45.20 14.79 -33.85
N GLY O 245 44.62 13.66 -33.46
CA GLY O 245 45.23 12.73 -32.55
C GLY O 245 45.53 11.39 -33.22
N ASP O 246 46.11 10.49 -32.44
CA ASP O 246 46.40 9.16 -32.96
C ASP O 246 45.15 8.32 -33.11
N ASN O 247 44.07 8.66 -32.41
CA ASN O 247 42.80 7.95 -32.52
C ASN O 247 41.90 8.51 -33.60
N GLY O 248 42.38 9.48 -34.39
CA GLY O 248 41.60 10.04 -35.46
C GLY O 248 40.62 11.11 -35.05
N ILE O 249 40.68 11.58 -33.81
CA ILE O 249 39.75 12.58 -33.30
C ILE O 249 40.36 13.96 -33.46
N ASN O 250 39.58 14.89 -34.01
CA ASN O 250 40.01 16.27 -34.15
C ASN O 250 40.02 16.95 -32.79
N TYR O 251 41.20 17.32 -32.31
CA TYR O 251 41.36 17.97 -31.01
C TYR O 251 41.63 19.45 -31.14
N THR O 252 41.37 20.04 -32.30
CA THR O 252 41.62 21.47 -32.49
C THR O 252 40.91 22.36 -31.49
N PRO O 253 39.63 22.16 -31.15
CA PRO O 253 39.03 23.02 -30.12
C PRO O 253 39.65 22.85 -28.75
N ASP O 254 40.33 21.74 -28.50
CA ASP O 254 40.86 21.44 -27.17
C ASP O 254 42.32 21.82 -27.00
N VAL O 255 42.95 22.42 -28.00
CA VAL O 255 44.37 22.77 -27.92
C VAL O 255 44.50 24.29 -27.82
N VAL O 256 45.69 24.72 -27.41
CA VAL O 256 46.03 26.13 -27.29
C VAL O 256 47.05 26.47 -28.36
N PHE O 257 46.75 27.48 -29.17
CA PHE O 257 47.63 27.88 -30.26
C PHE O 257 48.58 28.98 -29.79
N THR O 258 49.89 28.71 -29.91
CA THR O 258 50.91 29.67 -29.53
C THR O 258 51.79 29.95 -30.74
N SER O 259 52.11 31.23 -30.96
CA SER O 259 52.96 31.64 -32.06
C SER O 259 54.38 31.95 -31.57
N SER O 260 55.35 31.75 -32.46
CA SER O 260 56.73 32.10 -32.14
C SER O 260 56.96 33.60 -32.24
N ALA O 261 56.73 34.16 -33.43
CA ALA O 261 56.81 35.61 -33.65
C ALA O 261 55.43 36.11 -34.06
N PRO O 262 54.67 36.73 -33.16
CA PRO O 262 53.33 37.21 -33.53
C PRO O 262 53.34 38.22 -34.66
N ASP O 263 54.38 39.05 -34.76
CA ASP O 263 54.43 40.03 -35.84
C ASP O 263 54.53 39.35 -37.20
N LYS O 264 55.27 38.25 -37.28
CA LYS O 264 55.44 37.56 -38.56
C LYS O 264 54.15 36.87 -38.98
N ALA O 265 53.54 36.11 -38.08
CA ALA O 265 52.32 35.36 -38.39
C ALA O 265 51.46 35.32 -37.14
N SER O 266 50.22 35.79 -37.27
CA SER O 266 49.28 35.81 -36.16
C SER O 266 48.37 34.59 -36.23
N VAL O 267 48.23 33.90 -35.11
CA VAL O 267 47.36 32.74 -35.00
C VAL O 267 46.31 33.03 -33.93
N SER O 268 45.04 32.79 -34.27
CA SER O 268 43.95 33.04 -33.35
C SER O 268 43.78 31.83 -32.42
N ALA O 269 42.74 31.88 -31.57
CA ALA O 269 42.46 30.75 -30.70
C ALA O 269 42.02 29.53 -31.51
N ALA O 270 41.24 29.75 -32.57
CA ALA O 270 40.78 28.65 -33.40
C ALA O 270 41.91 28.02 -34.21
N GLY O 271 42.98 28.75 -34.46
CA GLY O 271 44.10 28.24 -35.23
C GLY O 271 44.14 28.68 -36.68
N LEU O 272 43.75 29.90 -36.99
CA LEU O 272 43.92 30.45 -38.33
C LEU O 272 45.21 31.25 -38.38
N VAL O 273 46.08 30.90 -39.34
CA VAL O 273 47.38 31.54 -39.48
C VAL O 273 47.29 32.60 -40.57
N THR O 274 47.43 33.86 -40.17
CA THR O 274 47.38 34.99 -41.09
C THR O 274 48.76 35.64 -41.11
N GLY O 275 49.31 35.81 -42.32
CA GLY O 275 50.66 36.34 -42.45
C GLY O 275 50.70 37.86 -42.45
N VAL O 276 51.01 38.44 -41.30
CA VAL O 276 51.12 39.90 -41.20
C VAL O 276 52.36 40.39 -41.94
N ALA O 277 53.48 39.71 -41.77
CA ALA O 277 54.72 40.10 -42.43
C ALA O 277 55.48 38.84 -42.83
N ALA O 278 56.33 38.98 -43.84
CA ALA O 278 57.08 37.84 -44.37
C ALA O 278 58.12 37.38 -43.35
N GLY O 279 58.36 36.08 -43.35
CA GLY O 279 59.35 35.50 -42.45
C GLY O 279 58.97 34.07 -42.11
N SER O 280 59.68 33.54 -41.12
CA SER O 280 59.48 32.18 -40.64
C SER O 280 58.84 32.24 -39.26
N ALA O 281 57.77 31.48 -39.07
CA ALA O 281 57.07 31.44 -37.78
C ALA O 281 56.82 29.99 -37.38
N THR O 282 56.85 29.75 -36.08
CA THR O 282 56.57 28.43 -35.52
C THR O 282 55.27 28.50 -34.71
N ILE O 283 54.30 27.66 -35.07
CA ILE O 283 53.00 27.63 -34.42
C ILE O 283 52.90 26.31 -33.65
N THR O 284 52.73 26.42 -32.34
CA THR O 284 52.71 25.25 -31.46
C THR O 284 51.33 25.12 -30.85
N ALA O 285 50.72 23.94 -31.00
CA ALA O 285 49.44 23.63 -30.39
C ALA O 285 49.68 22.69 -29.22
N THR O 286 49.24 23.11 -28.03
CA THR O 286 49.50 22.37 -26.79
C THR O 286 48.18 21.93 -26.17
N LYS O 287 48.15 20.70 -25.69
CA LYS O 287 46.99 20.15 -25.01
C LYS O 287 47.49 19.24 -23.90
N GLY O 288 47.28 19.65 -22.65
CA GLY O 288 47.83 18.89 -21.54
C GLY O 288 49.35 18.84 -21.64
N ALA O 289 49.90 17.64 -21.49
CA ALA O 289 51.33 17.42 -21.62
C ALA O 289 51.74 17.07 -23.05
N LEU O 290 50.80 17.06 -23.98
CA LEU O 290 51.06 16.76 -25.38
C LEU O 290 51.14 18.05 -26.18
N THR O 291 51.90 18.00 -27.26
CA THR O 291 52.16 19.20 -28.06
C THR O 291 52.33 18.82 -29.52
N ALA O 292 52.16 19.82 -30.39
CA ALA O 292 52.38 19.65 -31.82
C ALA O 292 52.95 20.95 -32.37
N THR O 293 54.05 20.84 -33.11
CA THR O 293 54.75 22.01 -33.64
C THR O 293 54.66 22.04 -35.16
N ALA O 294 54.43 23.22 -35.71
CA ALA O 294 54.43 23.44 -37.14
C ALA O 294 55.18 24.72 -37.44
N THR O 295 55.77 24.79 -38.64
CA THR O 295 56.53 25.94 -39.09
C THR O 295 55.88 26.51 -40.35
N VAL O 296 55.70 27.83 -40.38
CA VAL O 296 55.08 28.52 -41.50
C VAL O 296 56.05 29.55 -42.03
N THR O 297 56.30 29.51 -43.34
CA THR O 297 57.12 30.51 -44.01
C THR O 297 56.19 31.49 -44.71
N VAL O 298 56.27 32.76 -44.35
CA VAL O 298 55.41 33.80 -44.90
C VAL O 298 56.17 34.58 -45.96
N THR O 299 55.51 34.82 -47.09
CA THR O 299 56.11 35.57 -48.19
C THR O 299 55.25 36.78 -48.52
N ALA O 300 55.88 37.80 -49.07
CA ALA O 300 55.17 39.01 -49.49
C ALA O 300 55.14 39.10 -51.01
N THR P 2 23.55 26.55 -33.16
CA THR P 2 22.30 26.43 -32.42
C THR P 2 22.51 25.70 -31.10
N ASP P 3 22.30 26.42 -30.00
CA ASP P 3 22.50 25.85 -28.68
C ASP P 3 21.26 25.06 -28.25
N PHE P 4 21.38 24.41 -27.08
CA PHE P 4 20.31 23.54 -26.60
C PHE P 4 19.03 24.31 -26.34
N TYR P 5 19.13 25.50 -25.76
CA TYR P 5 17.94 26.29 -25.45
C TYR P 5 17.18 26.67 -26.71
N THR P 6 17.89 27.04 -27.78
CA THR P 6 17.22 27.37 -29.04
C THR P 6 16.51 26.15 -29.63
N ILE P 7 17.16 24.98 -29.56
CA ILE P 7 16.54 23.77 -30.08
C ILE P 7 15.28 23.43 -29.28
N LYS P 8 15.33 23.59 -27.96
CA LYS P 8 14.20 23.24 -27.12
C LYS P 8 12.97 24.10 -27.45
N ASP P 9 13.17 25.40 -27.69
CA ASP P 9 12.11 26.30 -28.15
C ASP P 9 10.88 26.23 -27.24
N ALA P 10 11.11 26.22 -25.94
CA ALA P 10 10.01 26.07 -24.99
C ALA P 10 9.20 27.34 -24.89
N GLN P 11 7.88 27.21 -24.88
CA GLN P 11 6.94 28.32 -24.80
C GLN P 11 6.10 28.12 -23.54
N ALA P 12 6.48 28.78 -22.45
CA ALA P 12 5.75 28.64 -21.20
C ALA P 12 4.32 29.18 -21.32
N ASP P 13 4.10 30.15 -22.19
CA ASP P 13 2.76 30.72 -22.37
C ASP P 13 1.78 29.73 -22.99
N LEU P 14 2.28 28.68 -23.64
CA LEU P 14 1.39 27.69 -24.22
C LEU P 14 0.90 26.65 -23.21
N ALA P 15 1.40 26.69 -21.98
CA ALA P 15 0.84 25.90 -20.90
C ALA P 15 -0.41 26.59 -20.38
N ILE P 16 -1.53 25.87 -20.35
CA ILE P 16 -2.83 26.45 -20.04
C ILE P 16 -3.37 25.76 -18.79
N ALA P 17 -3.74 26.56 -17.79
CA ALA P 17 -4.28 26.05 -16.54
C ALA P 17 -5.78 26.28 -16.49
N PRO P 18 -6.59 25.24 -16.32
CA PRO P 18 -8.05 25.45 -16.15
C PRO P 18 -8.36 25.93 -14.74
N LEU P 19 -8.19 27.24 -14.53
CA LEU P 19 -8.40 27.82 -13.22
C LEU P 19 -9.86 27.68 -12.78
N ASN P 20 -10.78 27.88 -13.71
CA ASN P 20 -12.18 27.57 -13.48
C ASN P 20 -12.68 26.65 -14.57
N LEU P 21 -13.69 25.86 -14.24
CA LEU P 21 -14.19 24.82 -15.12
C LEU P 21 -15.68 24.64 -14.86
N THR P 22 -16.44 24.47 -15.95
CA THR P 22 -17.86 24.20 -15.83
C THR P 22 -18.25 23.10 -16.82
N VAL P 23 -19.15 22.23 -16.37
CA VAL P 23 -19.69 21.17 -17.19
C VAL P 23 -21.14 21.51 -17.52
N LEU P 24 -21.48 21.52 -18.80
CA LEU P 24 -22.83 21.81 -19.23
C LEU P 24 -23.39 20.60 -19.96
N LEU P 25 -24.63 20.28 -19.66
CA LEU P 25 -25.33 19.17 -20.29
C LEU P 25 -26.60 19.68 -20.95
N ALA P 26 -26.91 19.11 -22.11
CA ALA P 26 -28.13 19.41 -22.84
C ALA P 26 -28.84 18.11 -23.16
N PRO P 27 -30.16 18.13 -23.28
CA PRO P 27 -30.88 16.94 -23.76
C PRO P 27 -30.46 16.59 -25.18
N TYR P 28 -30.59 15.31 -25.52
CA TYR P 28 -30.14 14.85 -26.82
C TYR P 28 -30.87 15.54 -27.97
N SER P 29 -32.07 16.05 -27.74
CA SER P 29 -32.80 16.79 -28.77
C SER P 29 -32.17 18.15 -29.08
N THR P 30 -31.28 18.64 -28.23
CA THR P 30 -30.62 19.91 -28.48
C THR P 30 -29.70 19.82 -29.67
N THR P 31 -29.60 20.90 -30.44
CA THR P 31 -28.63 20.97 -31.52
C THR P 31 -27.23 21.05 -30.93
N PRO P 32 -26.31 20.18 -31.31
CA PRO P 32 -24.99 20.16 -30.67
C PRO P 32 -24.20 21.43 -30.98
N ALA P 33 -23.39 21.82 -30.00
CA ALA P 33 -22.46 22.92 -30.21
C ALA P 33 -21.37 22.50 -31.18
N THR P 34 -21.05 23.39 -32.12
CA THR P 34 -19.91 23.19 -33.01
C THR P 34 -18.71 24.00 -32.62
N THR P 35 -18.92 25.17 -32.01
CA THR P 35 -17.87 26.00 -31.47
C THR P 35 -18.48 26.84 -30.36
N LEU P 36 -17.65 27.22 -29.40
CA LEU P 36 -18.08 28.09 -28.31
C LEU P 36 -17.78 29.56 -28.58
N GLU P 37 -17.16 29.88 -29.72
CA GLU P 37 -16.77 31.24 -30.04
C GLU P 37 -17.91 31.93 -30.76
N SER P 38 -18.37 33.05 -30.22
CA SER P 38 -19.44 33.81 -30.86
C SER P 38 -18.95 34.39 -32.17
N PRO P 39 -19.73 34.28 -33.26
CA PRO P 39 -19.30 34.84 -34.54
C PRO P 39 -19.26 36.36 -34.57
N THR P 40 -19.89 37.04 -33.61
CA THR P 40 -19.96 38.49 -33.65
C THR P 40 -18.69 39.14 -33.11
N ASP P 41 -18.31 38.80 -31.87
CA ASP P 41 -17.15 39.39 -31.24
C ASP P 41 -16.13 38.38 -30.72
N GLY P 42 -16.34 37.09 -30.96
CA GLY P 42 -15.43 36.08 -30.47
C GLY P 42 -15.59 35.73 -29.01
N SER P 43 -16.58 36.30 -28.32
CA SER P 43 -16.79 36.01 -26.91
C SER P 43 -17.38 34.61 -26.73
N LEU P 44 -17.33 34.13 -25.50
CA LEU P 44 -17.87 32.81 -25.18
C LEU P 44 -19.37 32.80 -25.40
N ALA P 45 -19.84 31.79 -26.14
CA ALA P 45 -21.25 31.70 -26.50
C ALA P 45 -21.70 30.24 -26.35
N ILE P 46 -22.53 29.98 -25.35
CA ILE P 46 -23.07 28.65 -25.13
C ILE P 46 -24.41 28.53 -25.86
N PRO P 47 -24.61 27.49 -26.67
CA PRO P 47 -25.88 27.36 -27.37
C PRO P 47 -27.00 27.10 -26.38
N PRO P 48 -28.23 27.50 -26.72
CA PRO P 48 -29.37 27.24 -25.83
C PRO P 48 -29.62 25.75 -25.68
N GLY P 49 -30.14 25.38 -24.50
CA GLY P 49 -30.37 24.01 -24.14
C GLY P 49 -29.30 23.40 -23.26
N TYR P 50 -28.08 23.93 -23.31
CA TYR P 50 -27.01 23.48 -22.44
C TYR P 50 -27.16 24.15 -21.07
N LYS P 51 -27.15 23.34 -20.02
CA LYS P 51 -27.28 23.84 -18.66
C LYS P 51 -26.12 23.33 -17.83
N SER P 52 -25.52 24.23 -17.05
CA SER P 52 -24.43 23.85 -16.17
C SER P 52 -24.92 22.95 -15.05
N VAL P 53 -24.04 22.06 -14.59
CA VAL P 53 -24.33 21.26 -13.41
C VAL P 53 -23.98 21.98 -12.11
N GLY P 54 -23.32 23.13 -12.20
CA GLY P 54 -22.94 23.88 -11.02
C GLY P 54 -21.61 23.46 -10.42
N HIS P 55 -21.48 23.63 -9.11
CA HIS P 55 -20.23 23.37 -8.43
C HIS P 55 -19.90 21.88 -8.44
N PHE P 56 -18.61 21.56 -8.55
CA PHE P 56 -18.15 20.19 -8.36
C PHE P 56 -16.90 20.22 -7.50
N GLU P 57 -16.54 19.04 -6.99
CA GLU P 57 -15.55 18.92 -5.93
C GLU P 57 -14.18 19.34 -6.44
N LYS P 58 -13.46 20.14 -5.63
CA LYS P 58 -12.20 20.71 -6.08
C LYS P 58 -11.10 19.65 -6.18
N GLN P 59 -10.95 18.83 -5.14
CA GLN P 59 -9.80 17.92 -5.09
C GLN P 59 -9.87 16.86 -6.17
N ALA P 60 -11.05 16.27 -6.39
CA ALA P 60 -11.18 15.28 -7.46
C ALA P 60 -10.94 15.92 -8.83
N GLY P 61 -11.36 17.16 -9.02
CA GLY P 61 -11.24 17.79 -10.30
C GLY P 61 -12.07 17.07 -11.34
N LEU P 62 -11.59 17.13 -12.58
CA LEU P 62 -12.22 16.40 -13.68
C LEU P 62 -11.15 15.55 -14.36
N THR P 63 -11.44 14.27 -14.51
CA THR P 63 -10.51 13.33 -15.12
C THR P 63 -11.03 12.93 -16.49
N LEU P 64 -10.20 13.07 -17.52
CA LEU P 64 -10.52 12.66 -18.88
C LEU P 64 -9.73 11.39 -19.19
N GLY P 65 -10.43 10.34 -19.60
CA GLY P 65 -9.81 9.06 -19.91
C GLY P 65 -9.91 8.77 -21.40
N ASN P 66 -8.85 8.16 -21.93
CA ASN P 66 -8.82 7.71 -23.32
C ASN P 66 -8.21 6.32 -23.36
N GLU P 67 -8.93 5.37 -23.95
CA GLU P 67 -8.39 4.04 -24.16
C GLU P 67 -8.61 3.63 -25.61
N PHE P 68 -7.61 2.95 -26.17
CA PHE P 68 -7.69 2.42 -27.53
C PHE P 68 -7.87 0.91 -27.46
N ASP P 69 -8.76 0.38 -28.29
CA ASP P 69 -8.84 -1.05 -28.53
C ASP P 69 -8.40 -1.33 -29.95
N SER P 70 -7.44 -2.23 -30.10
CA SER P 70 -6.85 -2.50 -31.41
C SER P 70 -6.42 -3.96 -31.48
N LYS P 71 -6.29 -4.45 -32.70
CA LYS P 71 -5.85 -5.81 -32.95
C LYS P 71 -4.66 -5.78 -33.91
N ASP P 72 -3.64 -6.57 -33.60
CA ASP P 72 -2.43 -6.65 -34.40
C ASP P 72 -2.52 -7.84 -35.34
N ILE P 73 -2.18 -7.61 -36.61
CA ILE P 73 -2.11 -8.68 -37.61
C ILE P 73 -0.68 -9.16 -37.66
N GLU P 74 -0.46 -10.43 -37.30
CA GLU P 74 0.87 -11.00 -37.19
C GLU P 74 1.17 -11.88 -38.40
N ALA P 75 2.28 -11.62 -39.06
CA ALA P 75 2.75 -12.45 -40.16
C ALA P 75 3.96 -13.27 -39.72
N TYR P 76 4.12 -14.43 -40.35
CA TYR P 76 5.24 -15.30 -40.06
C TYR P 76 6.56 -14.59 -40.33
N GLY P 77 7.49 -14.67 -39.38
CA GLY P 77 8.79 -14.07 -39.54
C GLY P 77 8.86 -12.58 -39.32
N GLU P 78 7.77 -11.95 -38.90
CA GLU P 78 7.76 -10.51 -38.64
C GLU P 78 7.61 -10.28 -37.14
N PRO P 79 8.64 -9.77 -36.46
CA PRO P 79 8.49 -9.48 -35.03
C PRO P 79 7.40 -8.45 -34.73
N GLU P 80 7.20 -7.49 -35.63
CA GLU P 80 6.21 -6.45 -35.45
C GLU P 80 5.00 -6.69 -36.34
N PRO P 81 3.82 -6.21 -35.95
CA PRO P 81 2.62 -6.41 -36.77
C PRO P 81 2.78 -5.79 -38.15
N ILE P 82 2.26 -6.49 -39.16
CA ILE P 82 2.23 -5.93 -40.51
C ILE P 82 1.08 -4.95 -40.67
N ARG P 83 0.10 -4.98 -39.77
CA ARG P 83 -0.99 -4.03 -39.78
C ARG P 83 -1.65 -4.03 -38.40
N THR P 84 -1.96 -2.84 -37.91
CA THR P 84 -2.70 -2.67 -36.66
C THR P 84 -4.06 -2.08 -36.98
N ILE P 85 -5.11 -2.77 -36.56
CA ILE P 85 -6.48 -2.31 -36.78
C ILE P 85 -6.99 -1.74 -35.46
N ILE P 86 -7.07 -0.42 -35.38
CA ILE P 86 -7.61 0.26 -34.22
C ILE P 86 -9.13 0.34 -34.39
N ASN P 87 -9.86 -0.25 -33.45
CA ASN P 87 -11.31 -0.27 -33.56
C ASN P 87 -11.91 1.08 -33.22
N LYS P 88 -11.58 1.61 -32.04
CA LYS P 88 -12.16 2.87 -31.60
C LYS P 88 -11.30 3.45 -30.49
N ARG P 89 -11.59 4.71 -30.16
CA ARG P 89 -11.00 5.39 -29.02
C ARG P 89 -12.14 5.75 -28.07
N THR P 90 -12.07 5.23 -26.85
CA THR P 90 -13.12 5.45 -25.87
C THR P 90 -12.72 6.60 -24.94
N THR P 91 -13.52 7.65 -24.93
CA THR P 91 -13.28 8.81 -24.08
C THR P 91 -14.29 8.83 -22.95
N THR P 92 -13.80 8.95 -21.72
CA THR P 92 -14.64 9.06 -20.54
C THR P 92 -14.23 10.31 -19.76
N PHE P 93 -15.17 10.81 -18.97
CA PHE P 93 -14.83 11.84 -18.00
C PHE P 93 -15.71 11.69 -16.76
N ASP P 94 -15.12 11.94 -15.61
CA ASP P 94 -15.80 11.79 -14.33
C ASP P 94 -15.48 12.99 -13.44
N PHE P 95 -16.41 13.29 -12.55
CA PHE P 95 -16.33 14.45 -11.67
C PHE P 95 -17.37 14.28 -10.57
N ALA P 96 -17.22 15.03 -9.49
CA ALA P 96 -18.05 14.88 -8.30
C ALA P 96 -18.93 16.11 -8.12
N MET P 97 -20.20 15.99 -8.48
CA MET P 97 -21.13 17.12 -8.45
C MET P 97 -21.69 17.34 -7.05
N TYR P 98 -21.89 18.61 -6.70
CA TYR P 98 -22.42 19.03 -5.40
C TYR P 98 -23.90 19.36 -5.42
N GLN P 99 -24.43 19.92 -6.50
CA GLN P 99 -25.73 20.58 -6.48
C GLN P 99 -26.85 19.59 -6.69
N ASN P 100 -27.88 19.68 -5.85
CA ASN P 100 -29.06 18.82 -5.94
C ASN P 100 -30.13 19.50 -6.80
N GLN P 101 -29.83 19.60 -8.08
CA GLN P 101 -30.74 20.18 -9.05
C GLN P 101 -31.23 19.10 -9.99
N ARG P 102 -32.20 19.46 -10.83
CA ARG P 102 -32.93 18.45 -11.60
C ARG P 102 -32.04 17.75 -12.61
N ASN P 103 -31.18 18.48 -13.33
CA ASN P 103 -30.39 17.83 -14.38
C ASN P 103 -29.37 16.85 -13.79
N VAL P 104 -28.78 17.21 -12.65
CA VAL P 104 -27.84 16.30 -11.98
C VAL P 104 -28.56 15.03 -11.53
N LEU P 105 -29.72 15.17 -10.90
CA LEU P 105 -30.44 13.99 -10.40
C LEU P 105 -31.02 13.16 -11.54
N GLU P 106 -31.42 13.79 -12.63
CA GLU P 106 -31.86 13.07 -13.81
C GLU P 106 -30.72 12.24 -14.39
N LEU P 107 -29.52 12.81 -14.45
CA LEU P 107 -28.37 12.05 -14.90
C LEU P 107 -28.08 10.87 -13.97
N ILE P 108 -28.12 11.13 -12.66
CA ILE P 108 -27.75 10.11 -11.67
C ILE P 108 -28.71 8.94 -11.72
N TRP P 109 -30.01 9.21 -11.85
CA TRP P 109 -31.03 8.17 -11.77
C TRP P 109 -31.48 7.67 -13.14
N THR P 110 -30.84 8.11 -14.22
CA THR P 110 -31.18 7.73 -15.59
C THR P 110 -32.69 7.81 -15.83
N GLN P 111 -33.22 9.01 -15.60
CA GLN P 111 -34.66 9.22 -15.68
C GLN P 111 -34.91 10.65 -16.12
N ASP P 112 -36.08 10.87 -16.71
CA ASP P 112 -36.58 12.21 -16.97
C ASP P 112 -37.50 12.61 -15.83
N PHE P 113 -37.18 13.71 -15.15
CA PHE P 113 -37.94 14.19 -14.01
C PHE P 113 -38.68 15.49 -14.32
N SER P 114 -38.80 15.85 -15.59
CA SER P 114 -39.48 17.09 -15.96
C SER P 114 -40.96 17.09 -15.59
N ASN P 115 -41.55 15.91 -15.42
CA ASN P 115 -42.94 15.79 -15.01
C ASN P 115 -43.12 15.77 -13.50
N ILE P 116 -42.03 15.77 -12.73
CA ILE P 116 -42.13 15.73 -11.28
C ILE P 116 -42.67 17.06 -10.78
N GLN P 117 -43.80 17.01 -10.08
CA GLN P 117 -44.42 18.20 -9.53
C GLN P 117 -44.15 18.28 -8.04
N PRO P 118 -43.61 19.40 -7.55
CA PRO P 118 -43.41 19.54 -6.10
C PRO P 118 -44.74 19.45 -5.37
N SER P 119 -44.68 18.90 -4.15
CA SER P 119 -45.88 18.69 -3.38
C SER P 119 -46.43 20.04 -2.88
N GLU P 120 -47.51 19.95 -2.10
CA GLU P 120 -48.19 21.16 -1.64
C GLU P 120 -47.26 22.03 -0.79
N PHE P 121 -46.28 21.42 -0.12
CA PHE P 121 -45.29 22.15 0.67
C PHE P 121 -43.93 22.18 0.01
N GLY P 122 -43.84 21.80 -1.26
CA GLY P 122 -42.60 21.90 -2.02
C GLY P 122 -41.78 20.63 -2.09
N GLY P 123 -42.15 19.58 -1.36
CA GLY P 123 -41.37 18.36 -1.37
C GLY P 123 -41.48 17.61 -2.69
N ILE P 124 -40.41 16.88 -3.01
CA ILE P 124 -40.36 16.06 -4.21
C ILE P 124 -39.89 14.67 -3.84
N VAL P 125 -40.37 13.69 -4.58
CA VAL P 125 -39.91 12.31 -4.48
C VAL P 125 -39.52 11.83 -5.87
N LEU P 126 -38.28 11.39 -6.02
CA LEU P 126 -37.76 10.93 -7.30
C LEU P 126 -37.54 9.43 -7.21
N GLU P 127 -38.36 8.66 -7.92
CA GLU P 127 -38.26 7.21 -7.91
C GLU P 127 -37.33 6.76 -9.04
N ALA P 128 -36.41 5.86 -8.70
CA ALA P 128 -35.58 5.25 -9.72
C ALA P 128 -36.45 4.42 -10.67
N PRO P 129 -36.20 4.48 -11.98
CA PRO P 129 -37.02 3.71 -12.91
C PRO P 129 -36.88 2.22 -12.70
N LYS P 130 -37.94 1.49 -13.05
CA LYS P 130 -37.95 0.04 -12.90
C LYS P 130 -36.75 -0.60 -13.59
N VAL P 131 -36.49 -0.18 -14.83
CA VAL P 131 -35.29 -0.58 -15.54
C VAL P 131 -34.49 0.70 -15.80
N PRO P 132 -33.18 0.70 -15.57
CA PRO P 132 -32.38 1.88 -15.94
C PRO P 132 -32.47 2.15 -17.43
N LYS P 133 -32.52 3.43 -17.78
CA LYS P 133 -32.71 3.85 -19.16
C LYS P 133 -31.39 4.27 -19.79
N ASN P 134 -31.31 4.08 -21.11
CA ASN P 134 -30.19 4.57 -21.91
C ASN P 134 -30.52 5.99 -22.36
N ILE P 135 -29.99 6.98 -21.66
CA ILE P 135 -30.25 8.38 -21.95
C ILE P 135 -28.95 9.01 -22.41
N TYR P 136 -29.00 9.70 -23.54
CA TYR P 136 -27.84 10.40 -24.08
C TYR P 136 -27.97 11.89 -23.86
N TYR P 137 -26.83 12.53 -23.66
CA TYR P 137 -26.76 13.97 -23.46
C TYR P 137 -25.70 14.56 -24.36
N ARG P 138 -25.84 15.84 -24.64
CA ARG P 138 -24.77 16.62 -25.25
C ARG P 138 -24.03 17.34 -24.14
N ALA P 139 -22.70 17.27 -24.18
CA ALA P 139 -21.86 17.76 -23.10
C ALA P 139 -20.88 18.80 -23.60
N ILE P 140 -20.66 19.82 -22.79
CA ILE P 140 -19.59 20.79 -23.00
C ILE P 140 -18.79 20.87 -21.70
N LEU P 141 -17.49 20.65 -21.79
CA LEU P 141 -16.56 20.91 -20.70
C LEU P 141 -15.71 22.09 -21.12
N VAL P 142 -15.98 23.26 -20.54
CA VAL P 142 -15.24 24.48 -20.89
C VAL P 142 -14.54 25.01 -19.66
N GLY P 143 -13.25 25.25 -19.80
CA GLY P 143 -12.44 25.82 -18.74
C GLY P 143 -11.92 27.19 -19.11
N MET P 144 -11.47 27.95 -18.13
CA MET P 144 -10.95 29.29 -18.36
C MET P 144 -9.59 29.44 -17.71
N ASP P 145 -8.64 29.99 -18.46
CA ASP P 145 -7.36 30.43 -17.94
C ASP P 145 -7.34 31.94 -18.04
N ASP P 146 -7.65 32.61 -16.94
CA ASP P 146 -7.70 34.07 -16.89
C ASP P 146 -6.31 34.58 -16.52
N ARG P 147 -5.57 35.04 -17.51
CA ARG P 147 -4.22 35.55 -17.33
C ARG P 147 -4.12 36.93 -17.95
N ASN P 148 -3.58 37.89 -17.19
CA ASN P 148 -3.37 39.26 -17.67
C ASN P 148 -4.65 39.87 -18.22
N ASP P 149 -5.80 39.45 -17.68
CA ASP P 149 -7.14 39.87 -18.07
C ASP P 149 -7.53 39.46 -19.49
N ARG P 150 -6.68 38.71 -20.19
CA ARG P 150 -7.02 38.17 -21.51
C ARG P 150 -7.28 36.68 -21.36
N PRO P 151 -8.53 36.25 -21.18
CA PRO P 151 -8.78 34.84 -20.86
C PRO P 151 -8.57 33.93 -22.07
N ILE P 152 -8.18 32.70 -21.76
CA ILE P 152 -8.16 31.60 -22.71
C ILE P 152 -9.26 30.63 -22.32
N TRP P 153 -10.14 30.33 -23.25
CA TRP P 153 -11.15 29.30 -23.05
C TRP P 153 -10.73 28.04 -23.80
N LEU P 154 -10.51 26.97 -23.06
CA LEU P 154 -10.22 25.67 -23.65
C LEU P 154 -11.36 24.74 -23.27
N TYR P 155 -11.87 24.01 -24.25
CA TYR P 155 -13.10 23.25 -24.04
C TYR P 155 -13.06 21.93 -24.79
N TRP P 156 -13.94 21.04 -24.37
CA TRP P 156 -14.17 19.77 -25.02
C TRP P 156 -15.65 19.65 -25.36
N LEU P 157 -15.93 19.30 -26.61
CA LEU P 157 -17.29 19.10 -27.07
C LEU P 157 -17.55 17.61 -27.20
N MET P 158 -18.57 17.12 -26.51
CA MET P 158 -18.97 15.71 -26.55
C MET P 158 -20.45 15.65 -26.86
N PRO P 159 -20.81 15.52 -28.14
CA PRO P 159 -22.23 15.62 -28.52
C PRO P 159 -23.10 14.47 -28.04
N LYS P 160 -22.54 13.33 -27.65
CA LYS P 160 -23.34 12.16 -27.27
C LYS P 160 -22.67 11.42 -26.12
N VAL P 161 -23.09 11.75 -24.90
CA VAL P 161 -22.54 11.12 -23.70
C VAL P 161 -23.65 10.38 -22.97
N LYS P 162 -23.27 9.31 -22.28
CA LYS P 162 -24.18 8.49 -21.51
C LYS P 162 -23.55 8.16 -20.17
N LEU P 163 -24.37 8.00 -19.15
CA LEU P 163 -23.89 7.56 -17.85
C LEU P 163 -23.32 6.15 -17.97
N ASP P 164 -22.06 6.00 -17.59
CA ASP P 164 -21.37 4.71 -17.66
C ASP P 164 -21.19 4.06 -16.30
N LYS P 165 -20.98 4.85 -15.26
CA LYS P 165 -20.65 4.31 -13.95
C LYS P 165 -20.98 5.34 -12.89
N LEU P 166 -21.26 4.87 -11.68
CA LEU P 166 -21.55 5.74 -10.54
C LEU P 166 -20.73 5.28 -9.35
N ASP P 167 -19.88 6.16 -8.84
CA ASP P 167 -19.05 5.81 -7.70
C ASP P 167 -19.90 5.73 -6.43
N ASN P 168 -19.35 5.07 -5.42
CA ASN P 168 -20.03 4.96 -4.13
C ASN P 168 -20.26 6.34 -3.54
N GLN P 169 -21.45 6.53 -2.99
CA GLN P 169 -21.83 7.79 -2.36
C GLN P 169 -21.75 7.62 -0.85
N THR P 170 -20.86 8.37 -0.21
CA THR P 170 -20.67 8.29 1.23
C THR P 170 -21.31 9.49 1.90
N LEU P 171 -22.17 9.24 2.87
CA LEU P 171 -22.80 10.30 3.66
C LEU P 171 -22.01 10.47 4.95
N ASN P 172 -21.44 11.65 5.14
CA ASN P 172 -20.70 12.00 6.35
C ASN P 172 -21.29 13.26 6.95
N ASP P 173 -21.28 13.34 8.27
CA ASP P 173 -21.91 14.47 8.94
C ASP P 173 -21.11 15.76 8.85
N ASP P 174 -19.92 15.73 8.23
CA ASP P 174 -19.11 16.92 8.03
C ASP P 174 -18.85 17.21 6.55
N ASN P 175 -19.70 16.72 5.66
CA ASN P 175 -19.51 16.91 4.23
C ASN P 175 -20.86 17.00 3.55
N VAL P 176 -20.88 17.59 2.37
CA VAL P 176 -22.08 17.63 1.55
C VAL P 176 -22.15 16.35 0.73
N ILE P 177 -23.35 16.02 0.27
CA ILE P 177 -23.53 14.84 -0.56
C ILE P 177 -22.95 15.13 -1.95
N GLU P 178 -22.24 14.15 -2.49
CA GLU P 178 -21.59 14.26 -3.78
C GLU P 178 -22.12 13.18 -4.71
N TYR P 179 -22.27 13.53 -5.98
CA TYR P 179 -22.62 12.58 -7.03
C TYR P 179 -21.44 12.47 -7.96
N LYS P 180 -20.95 11.25 -8.18
CA LYS P 180 -19.71 11.00 -8.92
C LYS P 180 -20.00 10.08 -10.10
N PRO P 181 -20.54 10.63 -11.18
CA PRO P 181 -20.75 9.82 -12.39
C PRO P 181 -19.49 9.75 -13.24
N THR P 182 -19.36 8.65 -13.96
CA THR P 182 -18.43 8.55 -15.07
C THR P 182 -19.26 8.54 -16.35
N LEU P 183 -19.00 9.49 -17.23
CA LEU P 183 -19.71 9.59 -18.48
C LEU P 183 -18.82 9.09 -19.62
N LYS P 184 -19.45 8.42 -20.58
CA LYS P 184 -18.75 7.88 -21.74
C LYS P 184 -19.23 8.62 -22.98
N ALA P 185 -18.28 9.06 -23.81
CA ALA P 185 -18.60 9.74 -25.04
C ALA P 185 -18.81 8.74 -26.17
N PHE P 186 -19.84 8.97 -26.96
CA PHE P 186 -20.13 8.16 -28.13
C PHE P 186 -20.13 9.05 -29.37
N ARG P 187 -19.83 8.44 -30.50
CA ARG P 187 -19.79 9.20 -31.75
C ARG P 187 -21.20 9.62 -32.15
N ASP P 188 -21.37 10.91 -32.42
CA ASP P 188 -22.62 11.42 -32.96
C ASP P 188 -22.53 11.43 -34.47
N ASP P 189 -23.47 10.75 -35.14
CA ASP P 189 -23.40 10.59 -36.58
C ASP P 189 -23.53 11.92 -37.30
N VAL P 190 -24.44 12.78 -36.83
CA VAL P 190 -24.73 14.02 -37.53
C VAL P 190 -23.51 14.94 -37.55
N VAL P 191 -22.85 15.09 -36.40
CA VAL P 191 -21.70 15.99 -36.33
C VAL P 191 -20.39 15.31 -36.70
N GLY P 192 -20.35 13.98 -36.68
CA GLY P 192 -19.19 13.27 -37.20
C GLY P 192 -18.02 13.10 -36.27
N TYR P 193 -18.23 13.22 -34.96
CA TYR P 193 -17.16 12.97 -34.01
C TYR P 193 -17.77 12.64 -32.65
N SER P 194 -16.94 12.09 -31.77
CA SER P 194 -17.33 11.88 -30.38
C SER P 194 -16.77 12.92 -29.44
N VAL P 195 -15.54 13.38 -29.67
CA VAL P 195 -14.91 14.40 -28.84
C VAL P 195 -14.21 15.41 -29.74
N ALA P 196 -14.33 16.69 -29.40
CA ALA P 196 -13.59 17.75 -30.05
C ALA P 196 -13.00 18.66 -28.99
N GLN P 197 -11.76 19.07 -29.19
CA GLN P 197 -11.07 19.98 -28.28
C GLN P 197 -10.98 21.36 -28.92
N GLY P 198 -11.33 22.39 -28.17
CA GLY P 198 -11.35 23.75 -28.69
C GLY P 198 -10.55 24.70 -27.85
N PHE P 199 -10.06 25.75 -28.51
CA PHE P 199 -9.35 26.86 -27.87
C PHE P 199 -9.92 28.16 -28.41
N ALA P 200 -10.21 29.10 -27.52
CA ALA P 200 -10.79 30.37 -27.91
C ALA P 200 -10.42 31.43 -26.89
N GLY P 201 -10.77 32.68 -27.18
CA GLY P 201 -10.49 33.79 -26.31
C GLY P 201 -9.38 34.67 -26.82
N PRO P 202 -9.35 35.93 -26.37
CA PRO P 202 -8.27 36.84 -26.78
C PRO P 202 -6.89 36.35 -26.36
N GLY P 203 -6.79 35.75 -25.18
CA GLY P 203 -5.52 35.16 -24.76
C GLY P 203 -5.07 34.07 -25.72
N TRP P 204 -6.01 33.26 -26.21
CA TRP P 204 -5.65 32.26 -27.22
C TRP P 204 -5.25 32.93 -28.52
N ARG P 205 -5.98 33.98 -28.93
CA ARG P 205 -5.65 34.70 -30.15
C ARG P 205 -4.23 35.23 -30.11
N ASP P 206 -3.73 35.61 -28.93
CA ASP P 206 -2.34 36.01 -28.82
C ASP P 206 -1.38 34.86 -29.12
N LEU P 207 -1.85 33.61 -29.06
CA LEU P 207 -0.96 32.46 -29.11
C LEU P 207 -1.17 31.54 -30.31
N VAL P 208 -2.17 31.80 -31.16
CA VAL P 208 -2.55 30.81 -32.17
C VAL P 208 -1.39 30.53 -33.11
N ALA P 209 -0.71 31.58 -33.58
CA ALA P 209 0.41 31.39 -34.49
C ALA P 209 1.57 30.68 -33.79
N THR P 210 1.86 31.05 -32.55
CA THR P 210 2.90 30.37 -31.78
C THR P 210 2.57 28.91 -31.56
N ALA P 211 1.29 28.59 -31.36
CA ALA P 211 0.86 27.20 -31.20
C ALA P 211 0.98 26.38 -32.47
N GLY P 212 1.21 27.02 -33.62
CA GLY P 212 1.41 26.30 -34.85
C GLY P 212 0.18 26.13 -35.71
N PHE P 213 -0.90 26.85 -35.43
CA PHE P 213 -2.12 26.79 -36.22
C PHE P 213 -2.20 28.04 -37.08
N GLY P 214 -2.31 27.85 -38.40
CA GLY P 214 -2.27 28.98 -39.30
C GLY P 214 -0.87 29.55 -39.43
N GLU P 215 -0.81 30.72 -40.05
CA GLU P 215 0.46 31.41 -40.27
C GLU P 215 0.61 32.57 -39.29
N ALA P 216 1.84 33.05 -39.17
CA ALA P 216 2.13 34.16 -38.27
C ALA P 216 1.54 35.47 -38.80
N LEU P 217 1.37 36.42 -37.89
CA LEU P 217 0.83 37.73 -38.24
C LEU P 217 1.98 38.68 -38.57
N THR P 218 1.94 39.24 -39.79
CA THR P 218 2.97 40.17 -40.23
C THR P 218 2.45 41.52 -40.69
N ALA P 219 1.21 41.61 -41.17
CA ALA P 219 0.68 42.85 -41.72
C ALA P 219 -0.73 43.09 -41.23
N LEU P 220 -1.03 44.34 -40.89
CA LEU P 220 -2.36 44.76 -40.47
C LEU P 220 -3.01 45.52 -41.61
N THR P 221 -4.25 45.15 -41.94
CA THR P 221 -4.98 45.75 -43.05
C THR P 221 -6.34 46.20 -42.58
N ILE P 222 -6.68 47.46 -42.86
CA ILE P 222 -8.01 47.98 -42.55
C ILE P 222 -8.94 47.66 -43.72
N THR P 223 -10.14 47.19 -43.40
CA THR P 223 -11.07 46.79 -44.46
C THR P 223 -11.72 48.03 -45.09
N PRO P 224 -12.35 48.94 -44.31
CA PRO P 224 -12.82 50.17 -44.96
C PRO P 224 -11.70 51.22 -45.02
N GLY P 225 -10.82 51.05 -46.01
CA GLY P 225 -9.66 51.91 -46.10
C GLY P 225 -10.00 53.36 -46.38
N SER P 226 -10.99 53.61 -47.23
CA SER P 226 -11.42 54.96 -47.62
C SER P 226 -12.92 55.10 -47.45
N PRO P 227 -13.40 55.27 -46.21
CA PRO P 227 -14.82 55.53 -46.00
C PRO P 227 -15.13 57.02 -45.94
N THR P 228 -16.42 57.33 -46.04
CA THR P 228 -16.91 58.70 -45.94
C THR P 228 -18.10 58.72 -44.99
N VAL P 229 -18.08 59.64 -44.02
CA VAL P 229 -19.13 59.74 -43.02
C VAL P 229 -19.79 61.10 -43.15
N THR P 230 -21.12 61.11 -43.12
CA THR P 230 -21.87 62.36 -43.15
C THR P 230 -21.81 63.03 -41.78
N VAL P 231 -21.68 64.35 -41.79
CA VAL P 231 -21.66 65.10 -40.54
C VAL P 231 -23.02 64.99 -39.82
N ALA P 232 -24.11 65.10 -40.57
CA ALA P 232 -25.43 64.98 -39.98
C ALA P 232 -25.70 63.54 -39.53
N THR P 233 -26.62 63.42 -38.57
CA THR P 233 -27.00 62.13 -38.02
C THR P 233 -27.77 61.31 -39.05
N GLY P 234 -27.54 60.01 -39.04
CA GLY P 234 -28.25 59.11 -39.94
C GLY P 234 -27.69 57.71 -39.84
N ALA P 235 -28.24 56.83 -40.70
CA ALA P 235 -27.77 55.46 -40.76
C ALA P 235 -26.31 55.39 -41.20
N SER P 236 -25.95 56.19 -42.21
CA SER P 236 -24.58 56.25 -42.71
C SER P 236 -23.77 57.36 -42.05
N HIS P 237 -24.22 57.85 -40.89
CA HIS P 237 -23.46 58.88 -40.19
C HIS P 237 -22.17 58.35 -39.59
N THR P 238 -22.16 57.11 -39.13
CA THR P 238 -20.99 56.49 -38.53
C THR P 238 -20.57 55.27 -39.35
N ALA P 239 -19.30 54.93 -39.25
CA ALA P 239 -18.75 53.77 -39.94
C ALA P 239 -17.91 52.97 -38.96
N GLN P 240 -18.11 51.66 -38.94
CA GLN P 240 -17.39 50.77 -38.04
C GLN P 240 -16.23 50.12 -38.78
N LEU P 241 -15.02 50.33 -38.29
CA LEU P 241 -13.82 49.80 -38.93
C LEU P 241 -13.64 48.32 -38.60
N LEU P 242 -12.76 47.67 -39.38
CA LEU P 242 -12.40 46.27 -39.14
C LEU P 242 -10.95 46.07 -39.52
N VAL P 243 -10.15 45.54 -38.60
CA VAL P 243 -8.72 45.38 -38.77
C VAL P 243 -8.38 43.90 -38.84
N GLU P 244 -7.71 43.49 -39.92
CA GLU P 244 -7.37 42.10 -40.15
C GLU P 244 -5.87 41.91 -40.18
N GLY P 245 -5.46 40.65 -40.26
CA GLY P 245 -4.07 40.28 -40.42
C GLY P 245 -3.86 39.46 -41.68
N ASP P 246 -2.60 39.09 -41.90
CA ASP P 246 -2.29 38.27 -43.07
C ASP P 246 -2.79 36.84 -42.89
N ASN P 247 -2.94 36.38 -41.65
CA ASN P 247 -3.43 35.05 -41.37
C ASN P 247 -4.96 34.97 -41.35
N GLY P 248 -5.65 36.07 -41.65
CA GLY P 248 -7.10 36.07 -41.68
C GLY P 248 -7.77 36.24 -40.35
N ILE P 249 -7.03 36.60 -39.30
CA ILE P 249 -7.57 36.74 -37.96
C ILE P 249 -7.91 38.20 -37.71
N ASN P 250 -9.12 38.45 -37.20
CA ASN P 250 -9.54 39.79 -36.84
C ASN P 250 -8.81 40.24 -35.59
N TYR P 251 -7.94 41.24 -35.73
CA TYR P 251 -7.17 41.76 -34.60
C TYR P 251 -7.69 43.10 -34.10
N THR P 252 -8.92 43.47 -34.47
CA THR P 252 -9.49 44.74 -34.03
C THR P 252 -9.51 44.92 -32.52
N PRO P 253 -9.89 43.94 -31.69
CA PRO P 253 -9.81 44.15 -30.24
C PRO P 253 -8.39 44.33 -29.73
N ASP P 254 -7.38 43.90 -30.47
CA ASP P 254 -6.01 43.93 -30.02
C ASP P 254 -5.22 45.15 -30.51
N VAL P 255 -5.87 46.07 -31.22
CA VAL P 255 -5.18 47.24 -31.77
C VAL P 255 -5.63 48.47 -31.01
N VAL P 256 -4.86 49.54 -31.16
CA VAL P 256 -5.16 50.85 -30.57
C VAL P 256 -5.50 51.81 -31.69
N PHE P 257 -6.65 52.45 -31.59
CA PHE P 257 -7.12 53.38 -32.61
C PHE P 257 -6.68 54.81 -32.25
N THR P 258 -5.91 55.43 -33.14
CA THR P 258 -5.44 56.79 -32.96
C THR P 258 -5.93 57.63 -34.14
N SER P 259 -6.44 58.82 -33.85
CA SER P 259 -6.91 59.73 -34.88
C SER P 259 -5.88 60.82 -35.15
N SER P 260 -5.96 61.39 -36.35
CA SER P 260 -5.10 62.51 -36.73
C SER P 260 -5.68 63.82 -36.20
N ALA P 261 -6.89 64.17 -36.62
CA ALA P 261 -7.61 65.33 -36.11
C ALA P 261 -8.87 64.86 -35.40
N PRO P 262 -8.87 64.78 -34.07
CA PRO P 262 -10.07 64.31 -33.36
C PRO P 262 -11.31 65.14 -33.62
N ASP P 263 -11.16 66.46 -33.83
CA ASP P 263 -12.33 67.30 -34.07
C ASP P 263 -13.03 66.91 -35.37
N LYS P 264 -12.26 66.58 -36.40
CA LYS P 264 -12.87 66.22 -37.69
C LYS P 264 -13.60 64.89 -37.61
N ALA P 265 -12.93 63.87 -37.08
CA ALA P 265 -13.51 62.53 -36.99
C ALA P 265 -13.07 61.89 -35.67
N SER P 266 -14.03 61.49 -34.86
CA SER P 266 -13.76 60.85 -33.59
C SER P 266 -13.81 59.34 -33.74
N VAL P 267 -12.79 58.66 -33.24
CA VAL P 267 -12.72 57.19 -33.26
C VAL P 267 -12.60 56.70 -31.83
N SER P 268 -13.46 55.76 -31.47
CA SER P 268 -13.47 55.20 -30.12
C SER P 268 -12.40 54.12 -30.01
N ALA P 269 -12.33 53.47 -28.85
CA ALA P 269 -11.38 52.37 -28.69
C ALA P 269 -11.78 51.18 -29.57
N ALA P 270 -13.08 50.96 -29.74
CA ALA P 270 -13.54 49.87 -30.59
C ALA P 270 -13.16 50.09 -32.04
N GLY P 271 -13.26 51.33 -32.51
CA GLY P 271 -12.93 51.62 -33.89
C GLY P 271 -14.11 52.10 -34.71
N LEU P 272 -15.05 52.79 -34.07
CA LEU P 272 -16.17 53.40 -34.77
C LEU P 272 -15.80 54.85 -35.11
N VAL P 273 -15.85 55.19 -36.40
CA VAL P 273 -15.47 56.52 -36.87
C VAL P 273 -16.74 57.34 -37.06
N THR P 274 -16.92 58.37 -36.22
CA THR P 274 -18.06 59.26 -36.28
C THR P 274 -17.58 60.63 -36.70
N GLY P 275 -18.18 61.19 -37.75
CA GLY P 275 -17.73 62.46 -38.27
C GLY P 275 -18.34 63.65 -37.55
N VAL P 276 -17.58 64.26 -36.64
CA VAL P 276 -18.07 65.43 -35.92
C VAL P 276 -18.13 66.64 -36.85
N ALA P 277 -17.10 66.83 -37.67
CA ALA P 277 -17.05 67.95 -38.60
C ALA P 277 -16.44 67.48 -39.92
N ALA P 278 -16.79 68.18 -40.99
CA ALA P 278 -16.30 67.81 -42.31
C ALA P 278 -14.81 68.09 -42.42
N GLY P 279 -14.13 67.26 -43.22
CA GLY P 279 -12.72 67.42 -43.45
C GLY P 279 -12.08 66.08 -43.74
N SER P 280 -10.76 66.04 -43.60
CA SER P 280 -9.96 64.84 -43.84
C SER P 280 -9.33 64.42 -42.53
N ALA P 281 -9.44 63.13 -42.22
CA ALA P 281 -8.86 62.56 -41.01
C ALA P 281 -8.14 61.27 -41.35
N THR P 282 -7.06 61.00 -40.60
CA THR P 282 -6.30 59.77 -40.74
C THR P 282 -6.46 58.95 -39.47
N ILE P 283 -6.92 57.72 -39.61
CA ILE P 283 -7.15 56.82 -38.49
C ILE P 283 -6.09 55.72 -38.55
N THR P 284 -5.30 55.60 -37.48
CA THR P 284 -4.18 54.67 -37.43
C THR P 284 -4.44 53.63 -36.34
N ALA P 285 -4.43 52.36 -36.73
CA ALA P 285 -4.57 51.25 -35.80
C ALA P 285 -3.19 50.62 -35.59
N THR P 286 -2.74 50.63 -34.34
CA THR P 286 -1.40 50.16 -33.98
C THR P 286 -1.51 48.95 -33.07
N LYS P 287 -0.72 47.92 -33.37
CA LYS P 287 -0.63 46.73 -32.53
C LYS P 287 0.83 46.29 -32.52
N GLY P 288 1.50 46.47 -31.39
CA GLY P 288 2.92 46.22 -31.35
C GLY P 288 3.64 47.14 -32.32
N ALA P 289 4.56 46.56 -33.09
CA ALA P 289 5.28 47.30 -34.12
C ALA P 289 4.52 47.36 -35.44
N LEU P 290 3.41 46.63 -35.57
CA LEU P 290 2.62 46.64 -36.79
C LEU P 290 1.63 47.78 -36.77
N THR P 291 1.32 48.30 -37.96
CA THR P 291 0.50 49.49 -38.08
C THR P 291 -0.35 49.40 -39.35
N ALA P 292 -1.62 49.75 -39.22
CA ALA P 292 -2.53 49.90 -40.35
C ALA P 292 -3.08 51.31 -40.34
N THR P 293 -2.96 52.00 -41.47
CA THR P 293 -3.36 53.40 -41.59
C THR P 293 -4.46 53.54 -42.62
N ALA P 294 -5.48 54.33 -42.28
CA ALA P 294 -6.58 54.63 -43.18
C ALA P 294 -6.89 56.11 -43.11
N THR P 295 -7.44 56.64 -44.21
CA THR P 295 -7.82 58.04 -44.30
C THR P 295 -9.32 58.14 -44.55
N VAL P 296 -9.97 59.05 -43.84
CA VAL P 296 -11.42 59.24 -43.92
C VAL P 296 -11.69 60.69 -44.30
N THR P 297 -12.50 60.88 -45.32
CA THR P 297 -12.96 62.21 -45.73
C THR P 297 -14.38 62.40 -45.23
N VAL P 298 -14.60 63.46 -44.45
CA VAL P 298 -15.89 63.74 -43.84
C VAL P 298 -16.56 64.87 -44.61
N THR P 299 -17.85 64.71 -44.90
CA THR P 299 -18.62 65.71 -45.61
C THR P 299 -19.85 66.09 -44.78
N ALA P 300 -20.30 67.33 -44.95
CA ALA P 300 -21.49 67.80 -44.26
C ALA P 300 -22.66 67.89 -45.24
N THR Q 2 -21.82 37.06 -22.36
CA THR Q 2 -21.94 36.25 -21.16
C THR Q 2 -20.57 35.78 -20.68
N ASP Q 3 -20.22 36.15 -19.46
CA ASP Q 3 -18.94 35.76 -18.89
C ASP Q 3 -19.00 34.35 -18.32
N PHE Q 4 -17.83 33.85 -17.91
CA PHE Q 4 -17.73 32.48 -17.42
C PHE Q 4 -18.56 32.25 -16.18
N TYR Q 5 -18.57 33.21 -15.25
CA TYR Q 5 -19.32 33.07 -14.01
C TYR Q 5 -20.81 32.93 -14.27
N THR Q 6 -21.34 33.71 -15.20
CA THR Q 6 -22.77 33.61 -15.52
C THR Q 6 -23.10 32.26 -16.15
N ILE Q 7 -22.24 31.76 -17.02
CA ILE Q 7 -22.45 30.45 -17.64
C ILE Q 7 -22.42 29.36 -16.59
N LYS Q 8 -21.49 29.45 -15.64
CA LYS Q 8 -21.35 28.41 -14.62
C LYS Q 8 -22.61 28.31 -13.74
N ASP Q 9 -23.19 29.46 -13.38
CA ASP Q 9 -24.48 29.51 -12.68
C ASP Q 9 -24.49 28.64 -11.43
N ALA Q 10 -23.40 28.70 -10.67
CA ALA Q 10 -23.27 27.82 -9.51
C ALA Q 10 -24.14 28.29 -8.35
N GLN Q 11 -24.79 27.34 -7.70
CA GLN Q 11 -25.70 27.59 -6.58
C GLN Q 11 -25.15 26.84 -5.37
N ALA Q 12 -24.41 27.54 -4.51
CA ALA Q 12 -23.83 26.91 -3.33
C ALA Q 12 -24.93 26.41 -2.37
N ASP Q 13 -26.09 27.08 -2.36
CA ASP Q 13 -27.17 26.66 -1.47
C ASP Q 13 -27.76 25.31 -1.86
N LEU Q 14 -27.55 24.85 -3.09
CA LEU Q 14 -28.07 23.55 -3.50
C LEU Q 14 -27.19 22.39 -3.05
N ALA Q 15 -26.02 22.68 -2.47
CA ALA Q 15 -25.22 21.64 -1.82
C ALA Q 15 -25.81 21.36 -0.45
N ILE Q 16 -26.13 20.10 -0.18
CA ILE Q 16 -26.83 19.70 1.03
C ILE Q 16 -25.95 18.76 1.83
N ALA Q 17 -25.73 19.07 3.10
CA ALA Q 17 -24.91 18.28 3.98
C ALA Q 17 -25.79 17.49 4.95
N PRO Q 18 -25.70 16.16 4.98
CA PRO Q 18 -26.46 15.39 6.00
C PRO Q 18 -25.79 15.50 7.37
N LEU Q 19 -26.07 16.61 8.04
CA LEU Q 19 -25.47 16.86 9.35
C LEU Q 19 -25.89 15.81 10.36
N ASN Q 20 -27.16 15.42 10.34
CA ASN Q 20 -27.64 14.29 11.11
C ASN Q 20 -28.35 13.32 10.18
N LEU Q 21 -28.31 12.05 10.56
CA LEU Q 21 -28.83 10.98 9.72
C LEU Q 21 -29.39 9.88 10.61
N THR Q 22 -30.53 9.33 10.21
CA THR Q 22 -31.14 8.22 10.92
C THR Q 22 -31.61 7.17 9.92
N VAL Q 23 -31.47 5.91 10.29
CA VAL Q 23 -31.93 4.78 9.51
C VAL Q 23 -33.09 4.14 10.24
N LEU Q 24 -34.23 4.01 9.56
CA LEU Q 24 -35.40 3.39 10.14
C LEU Q 24 -35.73 2.13 9.36
N LEU Q 25 -36.07 1.08 10.08
CA LEU Q 25 -36.47 -0.18 9.48
C LEU Q 25 -37.86 -0.56 9.96
N ALA Q 26 -38.65 -1.13 9.07
CA ALA Q 26 -39.97 -1.63 9.39
C ALA Q 26 -40.08 -3.06 8.90
N PRO Q 27 -40.90 -3.88 9.56
CA PRO Q 27 -41.17 -5.23 9.04
C PRO Q 27 -41.85 -5.14 7.69
N TYR Q 28 -41.66 -6.19 6.88
CA TYR Q 28 -42.17 -6.18 5.52
C TYR Q 28 -43.70 -6.07 5.47
N SER Q 29 -44.39 -6.45 6.54
CA SER Q 29 -45.84 -6.29 6.60
C SER Q 29 -46.27 -4.83 6.72
N THR Q 30 -45.36 -3.92 7.06
CA THR Q 30 -45.69 -2.51 7.17
C THR Q 30 -46.01 -1.93 5.80
N THR Q 31 -46.95 -1.00 5.77
CA THR Q 31 -47.23 -0.27 4.54
C THR Q 31 -46.06 0.65 4.22
N PRO Q 32 -45.49 0.58 3.02
CA PRO Q 32 -44.30 1.38 2.72
C PRO Q 32 -44.59 2.87 2.73
N ALA Q 33 -43.58 3.63 3.14
CA ALA Q 33 -43.66 5.08 3.04
C ALA Q 33 -43.60 5.51 1.58
N THR Q 34 -44.48 6.43 1.20
CA THR Q 34 -44.43 7.04 -0.12
C THR Q 34 -43.80 8.42 -0.10
N THR Q 35 -43.98 9.17 0.98
CA THR Q 35 -43.31 10.44 1.20
C THR Q 35 -43.16 10.63 2.69
N LEU Q 36 -42.15 11.42 3.07
CA LEU Q 36 -41.93 11.75 4.47
C LEU Q 36 -42.55 13.08 4.87
N GLU Q 37 -43.19 13.78 3.93
CA GLU Q 37 -43.75 15.09 4.18
C GLU Q 37 -45.19 14.95 4.66
N SER Q 38 -45.50 15.49 5.83
CA SER Q 38 -46.85 15.43 6.35
C SER Q 38 -47.79 16.27 5.48
N PRO Q 39 -48.97 15.75 5.12
CA PRO Q 39 -49.89 16.54 4.28
C PRO Q 39 -50.49 17.74 5.00
N THR Q 40 -50.40 17.81 6.32
CA THR Q 40 -51.04 18.87 7.09
C THR Q 40 -50.21 20.16 7.10
N ASP Q 41 -48.96 20.06 7.54
CA ASP Q 41 -48.09 21.23 7.63
C ASP Q 41 -46.75 21.06 6.92
N GLY Q 42 -46.54 19.95 6.23
CA GLY Q 42 -45.26 19.71 5.57
C GLY Q 42 -44.15 19.26 6.47
N SER Q 43 -44.42 19.04 7.75
CA SER Q 43 -43.40 18.60 8.68
C SER Q 43 -43.02 17.13 8.43
N LEU Q 44 -41.90 16.73 9.00
CA LEU Q 44 -41.43 15.36 8.85
C LEU Q 44 -42.41 14.39 9.51
N ALA Q 45 -42.80 13.37 8.77
CA ALA Q 45 -43.80 12.40 9.23
C ALA Q 45 -43.34 11.00 8.87
N ILE Q 46 -43.00 10.21 9.88
CA ILE Q 46 -42.58 8.82 9.68
C ILE Q 46 -43.80 7.92 9.85
N PRO Q 47 -44.10 7.05 8.88
CA PRO Q 47 -45.25 6.17 9.02
C PRO Q 47 -45.07 5.20 10.17
N PRO Q 48 -46.15 4.73 10.78
CA PRO Q 48 -46.04 3.76 11.87
C PRO Q 48 -45.43 2.45 11.39
N GLY Q 49 -44.71 1.79 12.29
CA GLY Q 49 -44.00 0.57 11.99
C GLY Q 49 -42.53 0.75 11.71
N TYR Q 50 -42.12 1.93 11.27
CA TYR Q 50 -40.70 2.22 11.06
C TYR Q 50 -40.05 2.57 12.39
N LYS Q 51 -38.96 1.88 12.71
CA LYS Q 51 -38.24 2.10 13.96
C LYS Q 51 -36.78 2.39 13.64
N SER Q 52 -36.24 3.42 14.28
CA SER Q 52 -34.85 3.78 14.08
C SER Q 52 -33.93 2.72 14.68
N VAL Q 53 -32.76 2.56 14.06
CA VAL Q 53 -31.72 1.70 14.64
C VAL Q 53 -30.88 2.41 15.66
N GLY Q 54 -31.05 3.72 15.84
CA GLY Q 54 -30.29 4.47 16.80
C GLY Q 54 -28.95 4.95 16.28
N HIS Q 55 -27.99 5.10 17.18
CA HIS Q 55 -26.69 5.65 16.83
C HIS Q 55 -25.91 4.70 15.92
N PHE Q 56 -25.17 5.27 14.98
CA PHE Q 56 -24.23 4.51 14.18
C PHE Q 56 -22.91 5.27 14.11
N GLU Q 57 -21.87 4.57 13.66
CA GLU Q 57 -20.51 5.04 13.83
C GLU Q 57 -20.26 6.26 12.93
N LYS Q 58 -19.61 7.28 13.49
CA LYS Q 58 -19.46 8.55 12.78
C LYS Q 58 -18.52 8.43 11.59
N GLN Q 59 -17.34 7.83 11.78
CA GLN Q 59 -16.30 7.87 10.76
C GLN Q 59 -16.71 7.08 9.52
N ALA Q 60 -17.28 5.89 9.71
CA ALA Q 60 -17.74 5.10 8.57
C ALA Q 60 -18.85 5.83 7.81
N GLY Q 61 -19.71 6.53 8.53
CA GLY Q 61 -20.84 7.17 7.90
C GLY Q 61 -21.78 6.14 7.30
N LEU Q 62 -22.47 6.54 6.25
CA LEU Q 62 -23.32 5.63 5.49
C LEU Q 62 -22.92 5.71 4.03
N THR Q 63 -22.65 4.56 3.43
CA THR Q 63 -22.21 4.46 2.06
C THR Q 63 -23.32 3.88 1.20
N LEU Q 64 -23.68 4.58 0.13
CA LEU Q 64 -24.67 4.12 -0.83
C LEU Q 64 -23.98 3.65 -2.10
N GLY Q 65 -24.25 2.42 -2.51
CA GLY Q 65 -23.64 1.83 -3.69
C GLY Q 65 -24.66 1.62 -4.79
N ASN Q 66 -24.22 1.83 -6.03
CA ASN Q 66 -25.03 1.56 -7.22
C ASN Q 66 -24.15 0.88 -8.26
N GLU Q 67 -24.57 -0.28 -8.74
CA GLU Q 67 -23.87 -0.90 -9.87
C GLU Q 67 -24.89 -1.29 -10.92
N PHE Q 68 -24.49 -1.12 -12.18
CA PHE Q 68 -25.32 -1.49 -13.32
C PHE Q 68 -24.76 -2.78 -13.93
N ASP Q 69 -25.66 -3.71 -14.25
CA ASP Q 69 -25.30 -4.85 -15.08
C ASP Q 69 -26.00 -4.71 -16.41
N SER Q 70 -25.23 -4.75 -17.50
CA SER Q 70 -25.76 -4.49 -18.82
C SER Q 70 -25.06 -5.37 -19.83
N LYS Q 71 -25.70 -5.56 -20.97
CA LYS Q 71 -25.16 -6.36 -22.05
C LYS Q 71 -25.19 -5.54 -23.33
N ASP Q 72 -24.07 -5.54 -24.05
CA ASP Q 72 -23.92 -4.78 -25.28
C ASP Q 72 -24.16 -5.69 -26.47
N ILE Q 73 -25.01 -5.24 -27.39
CA ILE Q 73 -25.27 -5.97 -28.63
C ILE Q 73 -24.33 -5.41 -29.69
N GLU Q 74 -23.45 -6.27 -30.22
CA GLU Q 74 -22.40 -5.85 -31.13
C GLU Q 74 -22.73 -6.31 -32.54
N ALA Q 75 -22.72 -5.38 -33.48
CA ALA Q 75 -22.94 -5.67 -34.89
C ALA Q 75 -21.63 -5.55 -35.66
N TYR Q 76 -21.51 -6.33 -36.73
CA TYR Q 76 -20.34 -6.29 -37.59
C TYR Q 76 -20.12 -4.88 -38.13
N GLY Q 77 -18.89 -4.39 -38.03
CA GLY Q 77 -18.55 -3.09 -38.55
C GLY Q 77 -18.93 -1.91 -37.68
N GLU Q 78 -19.50 -2.14 -36.50
CA GLU Q 78 -19.85 -1.06 -35.59
C GLU Q 78 -18.88 -1.06 -34.41
N PRO Q 79 -18.04 -0.04 -34.26
CA PRO Q 79 -17.18 0.01 -33.07
C PRO Q 79 -17.97 0.09 -31.78
N GLU Q 80 -19.12 0.74 -31.78
CA GLU Q 80 -19.95 0.90 -30.60
C GLU Q 80 -21.18 -0.02 -30.68
N PRO Q 81 -21.72 -0.43 -29.53
CA PRO Q 81 -22.90 -1.31 -29.56
C PRO Q 81 -24.09 -0.65 -30.25
N ILE Q 82 -24.83 -1.45 -31.01
CA ILE Q 82 -26.05 -0.94 -31.62
C ILE Q 82 -27.19 -0.90 -30.62
N ARG Q 83 -27.07 -1.60 -29.50
CA ARG Q 83 -28.06 -1.57 -28.44
C ARG Q 83 -27.43 -2.06 -27.15
N THR Q 84 -27.71 -1.37 -26.07
CA THR Q 84 -27.28 -1.77 -24.73
C THR Q 84 -28.49 -2.16 -23.91
N ILE Q 85 -28.49 -3.37 -23.38
CA ILE Q 85 -29.58 -3.88 -22.56
C ILE Q 85 -29.12 -3.84 -21.12
N ILE Q 86 -29.65 -2.88 -20.36
CA ILE Q 86 -29.35 -2.77 -18.94
C ILE Q 86 -30.32 -3.66 -18.19
N ASN Q 87 -29.78 -4.64 -17.46
CA ASN Q 87 -30.66 -5.58 -16.76
C ASN Q 87 -31.29 -4.94 -15.53
N LYS Q 88 -30.47 -4.37 -14.66
CA LYS Q 88 -30.98 -3.80 -13.42
C LYS Q 88 -29.94 -2.84 -12.83
N ARG Q 89 -30.37 -2.10 -11.83
CA ARG Q 89 -29.51 -1.24 -11.03
C ARG Q 89 -29.59 -1.73 -9.59
N THR Q 90 -28.46 -2.15 -9.04
CA THR Q 90 -28.41 -2.70 -7.69
C THR Q 90 -27.96 -1.61 -6.72
N THR Q 91 -28.81 -1.30 -5.75
CA THR Q 91 -28.49 -0.30 -4.74
C THR Q 91 -28.21 -1.01 -3.41
N THR Q 92 -27.09 -0.66 -2.80
CA THR Q 92 -26.72 -1.17 -1.49
C THR Q 92 -26.42 0.00 -0.56
N PHE Q 93 -26.55 -0.25 0.74
CA PHE Q 93 -26.08 0.71 1.72
C PHE Q 93 -25.60 -0.03 2.97
N ASP Q 94 -24.51 0.47 3.53
CA ASP Q 94 -23.90 -0.13 4.72
C ASP Q 94 -23.57 0.96 5.73
N PHE Q 95 -23.55 0.56 7.00
CA PHE Q 95 -23.37 1.45 8.12
C PHE Q 95 -23.08 0.59 9.35
N ALA Q 96 -22.43 1.19 10.35
CA ALA Q 96 -21.99 0.47 11.53
C ALA Q 96 -22.84 0.87 12.73
N MET Q 97 -23.77 0.00 13.11
CA MET Q 97 -24.70 0.29 14.20
C MET Q 97 -24.06 0.04 15.56
N TYR Q 98 -24.48 0.83 16.54
CA TYR Q 98 -23.95 0.79 17.89
C TYR Q 98 -24.88 0.10 18.89
N GLN Q 99 -26.20 0.21 18.71
CA GLN Q 99 -27.14 -0.10 19.78
C GLN Q 99 -27.53 -1.58 19.76
N ASN Q 100 -27.52 -2.20 20.93
CA ASN Q 100 -27.88 -3.60 21.09
C ASN Q 100 -29.37 -3.71 21.41
N GLN Q 101 -30.18 -3.36 20.43
CA GLN Q 101 -31.63 -3.45 20.55
C GLN Q 101 -32.16 -4.55 19.63
N ARG Q 102 -33.44 -4.84 19.77
CA ARG Q 102 -34.01 -6.03 19.15
C ARG Q 102 -33.96 -5.96 17.63
N ASN Q 103 -34.28 -4.81 17.03
CA ASN Q 103 -34.35 -4.75 15.58
C ASN Q 103 -32.98 -4.90 14.94
N VAL Q 104 -31.94 -4.33 15.55
CA VAL Q 104 -30.58 -4.48 15.05
C VAL Q 104 -30.15 -5.95 15.10
N LEU Q 105 -30.38 -6.61 16.23
CA LEU Q 105 -29.96 -8.00 16.39
C LEU Q 105 -30.78 -8.93 15.50
N GLU Q 106 -32.06 -8.65 15.33
CA GLU Q 106 -32.89 -9.40 14.40
C GLU Q 106 -32.37 -9.27 12.98
N LEU Q 107 -31.95 -8.06 12.59
CA LEU Q 107 -31.37 -7.87 11.26
C LEU Q 107 -30.09 -8.68 11.12
N ILE Q 108 -29.17 -8.57 12.08
CA ILE Q 108 -27.86 -9.20 11.90
C ILE Q 108 -27.96 -10.72 11.96
N TRP Q 109 -28.88 -11.26 12.75
CA TRP Q 109 -28.99 -12.71 12.89
C TRP Q 109 -30.03 -13.34 11.96
N THR Q 110 -30.65 -12.54 11.10
CA THR Q 110 -31.69 -13.00 10.17
C THR Q 110 -32.72 -13.87 10.88
N GLN Q 111 -33.32 -13.30 11.91
CA GLN Q 111 -34.26 -14.03 12.75
C GLN Q 111 -35.30 -13.05 13.28
N ASP Q 112 -36.46 -13.59 13.65
CA ASP Q 112 -37.46 -12.85 14.40
C ASP Q 112 -37.29 -13.18 15.88
N PHE Q 113 -37.07 -12.17 16.70
CA PHE Q 113 -36.85 -12.35 18.13
C PHE Q 113 -38.00 -11.79 18.97
N SER Q 114 -39.14 -11.51 18.35
CA SER Q 114 -40.28 -10.97 19.08
C SER Q 114 -40.82 -11.94 20.13
N ASN Q 115 -40.55 -13.24 19.97
CA ASN Q 115 -40.96 -14.24 20.94
C ASN Q 115 -39.95 -14.45 22.05
N ILE Q 116 -38.78 -13.80 21.99
CA ILE Q 116 -37.76 -13.97 23.01
C ILE Q 116 -38.23 -13.33 24.31
N GLN Q 117 -38.28 -14.12 25.38
CA GLN Q 117 -38.70 -13.64 26.68
C GLN Q 117 -37.49 -13.50 27.59
N PRO Q 118 -37.28 -12.33 28.20
CA PRO Q 118 -36.18 -12.20 29.16
C PRO Q 118 -36.38 -13.13 30.34
N SER Q 119 -35.27 -13.58 30.90
CA SER Q 119 -35.31 -14.50 32.03
C SER Q 119 -35.75 -13.76 33.30
N GLU Q 120 -35.74 -14.48 34.42
CA GLU Q 120 -36.17 -13.90 35.69
C GLU Q 120 -35.37 -12.65 36.03
N PHE Q 121 -34.07 -12.65 35.72
CA PHE Q 121 -33.20 -11.54 36.02
C PHE Q 121 -32.94 -10.66 34.80
N GLY Q 122 -33.72 -10.81 33.73
CA GLY Q 122 -33.65 -9.96 32.57
C GLY Q 122 -32.75 -10.44 31.45
N GLY Q 123 -32.02 -11.54 31.66
CA GLY Q 123 -31.11 -12.00 30.63
C GLY Q 123 -31.83 -12.58 29.43
N ILE Q 124 -31.20 -12.45 28.27
CA ILE Q 124 -31.73 -13.00 27.04
C ILE Q 124 -30.64 -13.80 26.33
N VAL Q 125 -31.05 -14.80 25.58
CA VAL Q 125 -30.17 -15.58 24.73
C VAL Q 125 -30.78 -15.62 23.34
N LEU Q 126 -30.03 -15.18 22.34
CA LEU Q 126 -30.50 -15.13 20.95
C LEU Q 126 -29.69 -16.14 20.15
N GLU Q 127 -30.35 -17.23 19.75
CA GLU Q 127 -29.71 -18.27 18.97
C GLU Q 127 -29.85 -17.97 17.48
N ALA Q 128 -28.75 -18.10 16.76
CA ALA Q 128 -28.82 -18.00 15.31
C ALA Q 128 -29.66 -19.13 14.75
N PRO Q 129 -30.49 -18.86 13.75
CA PRO Q 129 -31.33 -19.93 13.18
C PRO Q 129 -30.49 -20.98 12.50
N LYS Q 130 -31.03 -22.20 12.47
CA LYS Q 130 -30.32 -23.33 11.86
C LYS Q 130 -29.93 -23.01 10.42
N VAL Q 131 -30.87 -22.48 9.64
CA VAL Q 131 -30.58 -21.96 8.31
C VAL Q 131 -30.84 -20.46 8.35
N PRO Q 132 -29.96 -19.64 7.80
CA PRO Q 132 -30.25 -18.20 7.71
C PRO Q 132 -31.52 -17.96 6.89
N LYS Q 133 -32.30 -16.99 7.33
CA LYS Q 133 -33.59 -16.69 6.71
C LYS Q 133 -33.48 -15.53 5.74
N ASN Q 134 -34.33 -15.55 4.71
CA ASN Q 134 -34.50 -14.43 3.80
C ASN Q 134 -35.58 -13.53 4.37
N ILE Q 135 -35.16 -12.45 5.03
CA ILE Q 135 -36.08 -11.53 5.66
C ILE Q 135 -35.95 -10.17 4.97
N TYR Q 136 -37.08 -9.62 4.56
CA TYR Q 136 -37.12 -8.32 3.92
C TYR Q 136 -37.62 -7.27 4.88
N TYR Q 137 -37.09 -6.05 4.72
CA TYR Q 137 -37.50 -4.91 5.53
C TYR Q 137 -37.81 -3.74 4.63
N ARG Q 138 -38.60 -2.82 5.15
CA ARG Q 138 -38.78 -1.51 4.56
C ARG Q 138 -37.84 -0.54 5.26
N ALA Q 139 -37.11 0.25 4.47
CA ALA Q 139 -36.06 1.09 4.99
C ALA Q 139 -36.31 2.55 4.62
N ILE Q 140 -36.00 3.44 5.56
CA ILE Q 140 -35.96 4.87 5.32
C ILE Q 140 -34.61 5.38 5.81
N LEU Q 141 -33.87 6.04 4.93
CA LEU Q 141 -32.67 6.77 5.30
C LEU Q 141 -32.97 8.24 5.14
N VAL Q 142 -33.16 8.95 6.24
CA VAL Q 142 -33.50 10.37 6.19
C VAL Q 142 -32.43 11.16 6.92
N GLY Q 143 -31.90 12.18 6.24
CA GLY Q 143 -30.91 13.06 6.82
C GLY Q 143 -31.44 14.47 6.96
N MET Q 144 -30.78 15.29 7.77
CA MET Q 144 -31.20 16.65 8.00
C MET Q 144 -30.04 17.59 7.76
N ASP Q 145 -30.31 18.66 7.03
CA ASP Q 145 -29.40 19.79 6.88
C ASP Q 145 -30.09 20.99 7.52
N ASP Q 146 -29.70 21.31 8.75
CA ASP Q 146 -30.28 22.42 9.49
C ASP Q 146 -29.47 23.67 9.19
N ARG Q 147 -30.04 24.55 8.37
CA ARG Q 147 -29.36 25.77 7.95
C ARG Q 147 -30.29 26.95 8.21
N ASN Q 148 -29.81 27.92 9.00
CA ASN Q 148 -30.58 29.13 9.32
C ASN Q 148 -31.94 28.79 9.92
N ASP Q 149 -32.00 27.70 10.69
CA ASP Q 149 -33.20 27.20 11.36
C ASP Q 149 -34.28 26.74 10.39
N ARG Q 150 -34.00 26.69 9.09
CA ARG Q 150 -34.92 26.15 8.09
C ARG Q 150 -34.35 24.84 7.58
N PRO Q 151 -34.73 23.71 8.17
CA PRO Q 151 -34.09 22.44 7.83
C PRO Q 151 -34.48 21.94 6.44
N ILE Q 152 -33.56 21.20 5.84
CA ILE Q 152 -33.81 20.42 4.64
C ILE Q 152 -33.73 18.95 5.03
N TRP Q 153 -34.75 18.19 4.66
CA TRP Q 153 -34.74 16.75 4.86
C TRP Q 153 -34.51 16.07 3.52
N LEU Q 154 -33.36 15.43 3.39
CA LEU Q 154 -33.05 14.59 2.24
C LEU Q 154 -33.18 13.14 2.68
N TYR Q 155 -33.87 12.33 1.90
CA TYR Q 155 -34.11 10.96 2.32
C TYR Q 155 -34.13 10.02 1.13
N TRP Q 156 -33.96 8.74 1.45
CA TRP Q 156 -34.05 7.65 0.50
C TRP Q 156 -35.07 6.65 1.01
N LEU Q 157 -35.99 6.25 0.15
CA LEU Q 157 -36.99 5.24 0.47
C LEU Q 157 -36.63 3.94 -0.22
N MET Q 158 -36.48 2.89 0.56
CA MET Q 158 -36.18 1.55 0.04
C MET Q 158 -37.20 0.58 0.60
N PRO Q 159 -38.28 0.31 -0.13
CA PRO Q 159 -39.37 -0.49 0.43
C PRO Q 159 -39.04 -1.96 0.66
N LYS Q 160 -37.98 -2.50 0.05
CA LYS Q 160 -37.69 -3.93 0.17
C LYS Q 160 -36.17 -4.13 0.24
N VAL Q 161 -35.64 -4.20 1.46
CA VAL Q 161 -34.22 -4.41 1.66
C VAL Q 161 -34.00 -5.72 2.39
N LYS Q 162 -32.85 -6.33 2.15
CA LYS Q 162 -32.47 -7.59 2.75
C LYS Q 162 -31.00 -7.53 3.13
N LEU Q 163 -30.66 -8.24 4.20
CA LEU Q 163 -29.25 -8.34 4.61
C LEU Q 163 -28.47 -9.06 3.53
N ASP Q 164 -27.43 -8.39 3.02
CA ASP Q 164 -26.60 -8.94 1.96
C ASP Q 164 -25.24 -9.42 2.47
N LYS Q 165 -24.68 -8.73 3.46
CA LYS Q 165 -23.32 -9.02 3.90
C LYS Q 165 -23.14 -8.47 5.31
N LEU Q 166 -22.23 -9.10 6.05
CA LEU Q 166 -21.90 -8.66 7.41
C LEU Q 166 -20.39 -8.57 7.54
N ASP Q 167 -19.89 -7.39 7.85
CA ASP Q 167 -18.46 -7.20 8.00
C ASP Q 167 -17.96 -7.85 9.29
N ASN Q 168 -16.65 -8.06 9.36
CA ASN Q 168 -16.04 -8.65 10.53
C ASN Q 168 -16.28 -7.76 11.76
N GLN Q 169 -16.63 -8.40 12.86
CA GLN Q 169 -16.85 -7.71 14.12
C GLN Q 169 -15.63 -7.88 15.02
N THR Q 170 -14.98 -6.77 15.34
CA THR Q 170 -13.78 -6.80 16.17
C THR Q 170 -14.12 -6.29 17.56
N LEU Q 171 -13.82 -7.09 18.57
CA LEU Q 171 -14.00 -6.70 19.96
C LEU Q 171 -12.69 -6.15 20.49
N ASN Q 172 -12.70 -4.88 20.87
CA ASN Q 172 -11.55 -4.21 21.47
C ASN Q 172 -11.93 -3.66 22.83
N ASP Q 173 -10.98 -3.67 23.76
CA ASP Q 173 -11.28 -3.26 25.12
C ASP Q 173 -11.46 -1.75 25.27
N ASP Q 174 -11.23 -0.98 24.20
CA ASP Q 174 -11.41 0.47 24.23
C ASP Q 174 -12.47 0.95 23.24
N ASN Q 175 -13.38 0.07 22.82
CA ASN Q 175 -14.38 0.41 21.83
C ASN Q 175 -15.67 -0.34 22.15
N VAL Q 176 -16.79 0.19 21.67
CA VAL Q 176 -18.06 -0.50 21.79
C VAL Q 176 -18.20 -1.48 20.63
N ILE Q 177 -19.08 -2.45 20.79
CA ILE Q 177 -19.31 -3.44 19.75
C ILE Q 177 -20.12 -2.78 18.63
N GLU Q 178 -19.69 -3.00 17.39
CA GLU Q 178 -20.35 -2.45 16.22
C GLU Q 178 -20.88 -3.58 15.35
N TYR Q 179 -22.06 -3.37 14.77
CA TYR Q 179 -22.63 -4.26 13.79
C TYR Q 179 -22.64 -3.54 12.45
N LYS Q 180 -22.04 -4.14 11.43
CA LYS Q 180 -21.79 -3.50 10.14
C LYS Q 180 -22.42 -4.33 9.04
N PRO Q 181 -23.73 -4.20 8.83
CA PRO Q 181 -24.37 -4.90 7.71
C PRO Q 181 -24.32 -4.11 6.42
N THR Q 182 -24.35 -4.83 5.32
CA THR Q 182 -24.62 -4.26 4.01
C THR Q 182 -26.00 -4.74 3.59
N LEU Q 183 -26.88 -3.79 3.33
CA LEU Q 183 -28.24 -4.10 2.91
C LEU Q 183 -28.38 -3.86 1.41
N LYS Q 184 -29.16 -4.72 0.76
CA LYS Q 184 -29.41 -4.62 -0.66
C LYS Q 184 -30.88 -4.29 -0.89
N ALA Q 185 -31.13 -3.32 -1.75
CA ALA Q 185 -32.48 -2.91 -2.08
C ALA Q 185 -33.03 -3.75 -3.23
N PHE Q 186 -34.27 -4.18 -3.09
CA PHE Q 186 -34.96 -4.94 -4.13
C PHE Q 186 -36.22 -4.18 -4.54
N ARG Q 187 -36.66 -4.42 -5.77
CA ARG Q 187 -37.85 -3.75 -6.25
C ARG Q 187 -39.08 -4.29 -5.54
N ASP Q 188 -39.88 -3.38 -5.00
CA ASP Q 188 -41.17 -3.74 -4.41
C ASP Q 188 -42.24 -3.61 -5.50
N ASP Q 189 -42.96 -4.70 -5.76
CA ASP Q 189 -43.92 -4.72 -6.85
C ASP Q 189 -45.05 -3.74 -6.62
N VAL Q 190 -45.56 -3.65 -5.38
CA VAL Q 190 -46.72 -2.81 -5.11
C VAL Q 190 -46.40 -1.34 -5.35
N VAL Q 191 -45.25 -0.87 -4.86
CA VAL Q 191 -44.91 0.54 -5.01
C VAL Q 191 -44.19 0.85 -6.31
N GLY Q 192 -43.62 -0.16 -6.97
CA GLY Q 192 -43.07 0.00 -8.30
C GLY Q 192 -41.66 0.51 -8.39
N TYR Q 193 -40.91 0.55 -7.30
CA TYR Q 193 -39.52 0.97 -7.33
C TYR Q 193 -38.75 0.27 -6.23
N SER Q 194 -37.43 0.29 -6.36
CA SER Q 194 -36.55 -0.19 -5.30
C SER Q 194 -35.98 0.93 -4.45
N VAL Q 195 -35.65 2.07 -5.05
CA VAL Q 195 -35.11 3.22 -4.33
C VAL Q 195 -35.79 4.48 -4.84
N ALA Q 196 -36.12 5.38 -3.91
CA ALA Q 196 -36.60 6.71 -4.24
C ALA Q 196 -35.88 7.74 -3.38
N GLN Q 197 -35.49 8.85 -3.97
CA GLN Q 197 -34.81 9.94 -3.28
C GLN Q 197 -35.80 11.08 -3.08
N GLY Q 198 -35.82 11.62 -1.87
CA GLY Q 198 -36.77 12.68 -1.53
C GLY Q 198 -36.08 13.89 -0.93
N PHE Q 199 -36.72 15.04 -1.13
CA PHE Q 199 -36.32 16.30 -0.53
C PHE Q 199 -37.55 16.98 0.04
N ALA Q 200 -37.44 17.46 1.28
CA ALA Q 200 -38.56 18.09 1.96
C ALA Q 200 -38.03 19.10 2.97
N GLY Q 201 -38.95 19.85 3.57
CA GLY Q 201 -38.60 20.84 4.56
C GLY Q 201 -38.70 22.26 4.05
N PRO Q 202 -38.87 23.22 4.96
CA PRO Q 202 -38.93 24.63 4.54
C PRO Q 202 -37.66 25.11 3.84
N GLY Q 203 -36.50 24.64 4.29
CA GLY Q 203 -35.27 24.96 3.59
C GLY Q 203 -35.27 24.46 2.16
N TRP Q 204 -35.82 23.27 1.93
CA TRP Q 204 -35.97 22.79 0.56
C TRP Q 204 -36.98 23.63 -0.21
N ARG Q 205 -38.10 23.99 0.44
CA ARG Q 205 -39.10 24.81 -0.23
C ARG Q 205 -38.52 26.13 -0.71
N ASP Q 206 -37.53 26.67 0.02
CA ASP Q 206 -36.85 27.86 -0.47
C ASP Q 206 -36.08 27.60 -1.77
N LEU Q 207 -35.77 26.34 -2.07
CA LEU Q 207 -34.86 26.02 -3.18
C LEU Q 207 -35.49 25.23 -4.31
N VAL Q 208 -36.77 24.86 -4.23
CA VAL Q 208 -37.31 23.90 -5.20
C VAL Q 208 -37.25 24.47 -6.61
N ALA Q 209 -37.64 25.73 -6.78
CA ALA Q 209 -37.60 26.36 -8.10
C ALA Q 209 -36.17 26.50 -8.60
N THR Q 210 -35.24 26.90 -7.72
CA THR Q 210 -33.84 27.00 -8.11
C THR Q 210 -33.27 25.65 -8.50
N ALA Q 211 -33.71 24.58 -7.85
CA ALA Q 211 -33.28 23.22 -8.19
C ALA Q 211 -33.85 22.74 -9.52
N GLY Q 212 -34.79 23.46 -10.10
CA GLY Q 212 -35.31 23.11 -11.40
C GLY Q 212 -36.54 22.23 -11.40
N PHE Q 213 -37.22 22.09 -10.27
CA PHE Q 213 -38.43 21.30 -10.18
C PHE Q 213 -39.63 22.23 -10.10
N GLY Q 214 -40.60 22.02 -10.99
CA GLY Q 214 -41.71 22.94 -11.07
C GLY Q 214 -41.28 24.25 -11.71
N GLU Q 215 -42.09 25.28 -11.48
CA GLU Q 215 -41.86 26.62 -12.01
C GLU Q 215 -41.52 27.58 -10.88
N ALA Q 216 -40.94 28.72 -11.26
CA ALA Q 216 -40.55 29.72 -10.27
C ALA Q 216 -41.78 30.40 -9.67
N LEU Q 217 -41.59 30.98 -8.50
CA LEU Q 217 -42.65 31.69 -7.79
C LEU Q 217 -42.64 33.15 -8.20
N THR Q 218 -43.78 33.63 -8.70
CA THR Q 218 -43.90 35.01 -9.16
C THR Q 218 -45.11 35.75 -8.60
N ALA Q 219 -46.03 35.07 -7.92
CA ALA Q 219 -47.24 35.73 -7.44
C ALA Q 219 -47.78 35.02 -6.22
N LEU Q 220 -48.24 35.79 -5.25
CA LEU Q 220 -48.85 35.26 -4.03
C LEU Q 220 -50.34 35.52 -4.09
N THR Q 221 -51.14 34.46 -3.88
CA THR Q 221 -52.59 34.54 -3.92
C THR Q 221 -53.16 34.05 -2.61
N ILE Q 222 -54.04 34.84 -2.02
CA ILE Q 222 -54.74 34.46 -0.79
C ILE Q 222 -56.05 33.79 -1.19
N THR Q 223 -56.09 32.46 -1.02
CA THR Q 223 -57.21 31.66 -1.51
C THR Q 223 -58.55 31.98 -0.85
N PRO Q 224 -58.63 32.20 0.48
CA PRO Q 224 -59.95 32.52 1.05
C PRO Q 224 -60.60 33.75 0.45
N GLY Q 225 -59.81 34.78 0.12
CA GLY Q 225 -60.33 35.93 -0.58
C GLY Q 225 -60.99 36.96 0.32
N SER Q 226 -62.32 36.95 0.37
CA SER Q 226 -63.09 37.89 1.17
C SER Q 226 -64.00 37.10 2.12
N PRO Q 227 -63.50 36.72 3.28
CA PRO Q 227 -64.32 36.00 4.26
C PRO Q 227 -65.02 36.95 5.22
N THR Q 228 -65.89 36.37 6.04
CA THR Q 228 -66.59 37.10 7.08
C THR Q 228 -66.56 36.30 8.36
N VAL Q 229 -66.15 36.94 9.46
CA VAL Q 229 -66.03 36.28 10.76
C VAL Q 229 -67.02 36.92 11.73
N THR Q 230 -67.70 36.08 12.50
CA THR Q 230 -68.64 36.57 13.50
C THR Q 230 -67.88 37.03 14.73
N VAL Q 231 -68.34 38.14 15.32
CA VAL Q 231 -67.72 38.65 16.54
C VAL Q 231 -67.91 37.67 17.68
N ALA Q 232 -69.10 37.10 17.81
CA ALA Q 232 -69.38 36.14 18.86
C ALA Q 232 -68.60 34.83 18.61
N THR Q 233 -68.31 34.14 19.70
CA THR Q 233 -67.59 32.88 19.64
C THR Q 233 -68.41 31.79 18.96
N GLY Q 234 -67.74 30.98 18.16
CA GLY Q 234 -68.41 29.89 17.48
C GLY Q 234 -67.46 29.18 16.54
N ALA Q 235 -68.03 28.22 15.80
CA ALA Q 235 -67.24 27.50 14.80
C ALA Q 235 -66.75 28.44 13.70
N SER Q 236 -67.62 29.33 13.25
CA SER Q 236 -67.29 30.31 12.21
C SER Q 236 -66.78 31.62 12.80
N HIS Q 237 -66.39 31.63 14.07
CA HIS Q 237 -65.84 32.84 14.68
C HIS Q 237 -64.45 33.17 14.13
N THR Q 238 -63.66 32.16 13.80
CA THR Q 238 -62.32 32.34 13.27
C THR Q 238 -62.23 31.72 11.88
N ALA Q 239 -61.33 32.26 11.06
CA ALA Q 239 -61.08 31.75 9.72
C ALA Q 239 -59.59 31.61 9.51
N GLN Q 240 -59.17 30.48 8.97
CA GLN Q 240 -57.76 30.20 8.73
C GLN Q 240 -57.42 30.47 7.27
N LEU Q 241 -56.46 31.37 7.06
CA LEU Q 241 -56.05 31.76 5.71
C LEU Q 241 -55.11 30.72 5.10
N LEU Q 242 -54.94 30.82 3.78
CA LEU Q 242 -54.00 29.96 3.06
C LEU Q 242 -53.41 30.78 1.91
N VAL Q 243 -52.09 30.79 1.82
CA VAL Q 243 -51.36 31.60 0.85
C VAL Q 243 -50.63 30.68 -0.12
N GLU Q 244 -50.91 30.83 -1.41
CA GLU Q 244 -50.35 29.99 -2.44
C GLU Q 244 -49.47 30.80 -3.38
N GLY Q 245 -48.73 30.09 -4.22
CA GLY Q 245 -47.94 30.70 -5.28
C GLY Q 245 -48.44 30.26 -6.64
N ASP Q 246 -47.78 30.79 -7.67
CA ASP Q 246 -48.15 30.42 -9.03
C ASP Q 246 -47.75 28.98 -9.34
N ASN Q 247 -46.73 28.47 -8.66
CA ASN Q 247 -46.27 27.10 -8.88
C ASN Q 247 -47.04 26.08 -8.05
N GLY Q 248 -48.09 26.50 -7.35
CA GLY Q 248 -48.90 25.59 -6.57
C GLY Q 248 -48.34 25.23 -5.22
N ILE Q 249 -47.34 25.94 -4.74
CA ILE Q 249 -46.68 25.64 -3.47
C ILE Q 249 -47.25 26.55 -2.40
N ASN Q 250 -47.60 25.96 -1.25
CA ASN Q 250 -48.08 26.73 -0.12
C ASN Q 250 -46.92 27.47 0.53
N TYR Q 251 -46.97 28.81 0.50
CA TYR Q 251 -45.95 29.64 1.11
C TYR Q 251 -46.44 30.30 2.40
N THR Q 252 -47.54 29.83 2.98
CA THR Q 252 -48.06 30.41 4.21
C THR Q 252 -47.04 30.43 5.35
N PRO Q 253 -46.27 29.37 5.63
CA PRO Q 253 -45.25 29.49 6.67
C PRO Q 253 -44.16 30.50 6.34
N ASP Q 254 -43.99 30.87 5.07
CA ASP Q 254 -42.91 31.74 4.66
C ASP Q 254 -43.34 33.20 4.49
N VAL Q 255 -44.58 33.54 4.81
CA VAL Q 255 -45.06 34.90 4.65
C VAL Q 255 -45.25 35.54 6.02
N VAL Q 256 -45.41 36.86 6.01
CA VAL Q 256 -45.65 37.65 7.21
C VAL Q 256 -47.05 38.24 7.12
N PHE Q 257 -47.86 38.02 8.15
CA PHE Q 257 -49.25 38.47 8.18
C PHE Q 257 -49.34 39.81 8.88
N THR Q 258 -49.94 40.79 8.21
CA THR Q 258 -50.14 42.13 8.76
C THR Q 258 -51.63 42.47 8.67
N SER Q 259 -52.14 43.15 9.70
CA SER Q 259 -53.53 43.58 9.74
C SER Q 259 -53.61 45.10 9.62
N SER Q 260 -54.54 45.57 8.80
CA SER Q 260 -54.74 47.01 8.66
C SER Q 260 -55.25 47.62 9.98
N ALA Q 261 -56.29 47.03 10.55
CA ALA Q 261 -56.82 47.45 11.85
C ALA Q 261 -56.80 46.26 12.80
N PRO Q 262 -55.79 46.15 13.67
CA PRO Q 262 -55.75 45.00 14.60
C PRO Q 262 -56.96 44.91 15.51
N ASP Q 263 -57.53 46.04 15.92
CA ASP Q 263 -58.71 45.99 16.79
C ASP Q 263 -59.89 45.34 16.10
N LYS Q 264 -60.08 45.61 14.81
CA LYS Q 264 -61.21 45.04 14.09
C LYS Q 264 -61.03 43.54 13.88
N ALA Q 265 -59.86 43.12 13.40
CA ALA Q 265 -59.60 41.72 13.13
C ALA Q 265 -58.14 41.43 13.45
N SER Q 266 -57.91 40.48 14.34
CA SER Q 266 -56.56 40.11 14.74
C SER Q 266 -56.10 38.90 13.93
N VAL Q 267 -54.90 38.99 13.38
CA VAL Q 267 -54.30 37.90 12.61
C VAL Q 267 -53.00 37.51 13.29
N SER Q 268 -52.83 36.21 13.53
CA SER Q 268 -51.62 35.70 14.18
C SER Q 268 -50.52 35.55 13.14
N ALA Q 269 -49.37 35.03 13.57
CA ALA Q 269 -48.28 34.76 12.63
C ALA Q 269 -48.66 33.64 11.67
N ALA Q 270 -49.42 32.66 12.15
CA ALA Q 270 -49.86 31.57 11.28
C ALA Q 270 -50.79 32.06 10.18
N GLY Q 271 -51.68 32.98 10.51
CA GLY Q 271 -52.62 33.49 9.53
C GLY Q 271 -54.07 33.18 9.85
N LEU Q 272 -54.38 33.03 11.13
CA LEU Q 272 -55.76 32.83 11.57
C LEU Q 272 -56.38 34.20 11.85
N VAL Q 273 -57.52 34.48 11.23
CA VAL Q 273 -58.20 35.76 11.37
C VAL Q 273 -59.35 35.59 12.36
N THR Q 274 -59.24 36.25 13.50
CA THR Q 274 -60.26 36.22 14.54
C THR Q 274 -60.87 37.60 14.66
N GLY Q 275 -62.21 37.67 14.61
CA GLY Q 275 -62.89 38.95 14.62
C GLY Q 275 -63.16 39.48 16.02
N VAL Q 276 -62.30 40.40 16.47
CA VAL Q 276 -62.49 41.00 17.79
C VAL Q 276 -63.69 41.94 17.79
N ALA Q 277 -63.84 42.74 16.73
CA ALA Q 277 -64.96 43.67 16.62
C ALA Q 277 -65.37 43.78 15.17
N ALA Q 278 -66.64 44.14 14.96
CA ALA Q 278 -67.17 44.24 13.61
C ALA Q 278 -66.53 45.40 12.86
N GLY Q 279 -66.33 45.21 11.56
CA GLY Q 279 -65.74 46.24 10.74
C GLY Q 279 -65.04 45.61 9.55
N SER Q 280 -64.34 46.46 8.81
CA SER Q 280 -63.59 46.07 7.63
C SER Q 280 -62.10 46.09 7.95
N ALA Q 281 -61.41 45.00 7.64
CA ALA Q 281 -59.99 44.88 7.87
C ALA Q 281 -59.30 44.34 6.63
N THR Q 282 -58.07 44.77 6.41
CA THR Q 282 -57.24 44.31 5.30
C THR Q 282 -56.08 43.52 5.86
N ILE Q 283 -55.95 42.27 5.42
CA ILE Q 283 -54.89 41.38 5.88
C ILE Q 283 -53.92 41.17 4.72
N THR Q 284 -52.67 41.56 4.92
CA THR Q 284 -51.64 41.53 3.89
C THR Q 284 -50.58 40.50 4.26
N ALA Q 285 -50.34 39.55 3.36
CA ALA Q 285 -49.28 38.56 3.52
C ALA Q 285 -48.12 38.94 2.63
N THR Q 286 -46.96 39.17 3.23
CA THR Q 286 -45.78 39.65 2.51
C THR Q 286 -44.67 38.62 2.59
N LYS Q 287 -44.05 38.34 1.44
CA LYS Q 287 -42.91 37.44 1.36
C LYS Q 287 -41.96 38.02 0.32
N GLY Q 288 -40.84 38.57 0.78
CA GLY Q 288 -39.95 39.28 -0.14
C GLY Q 288 -40.68 40.46 -0.75
N ALA Q 289 -40.55 40.59 -2.07
CA ALA Q 289 -41.26 41.64 -2.80
C ALA Q 289 -42.69 41.26 -3.15
N LEU Q 290 -43.06 39.99 -3.01
CA LEU Q 290 -44.40 39.55 -3.35
C LEU Q 290 -45.36 39.90 -2.22
N THR Q 291 -46.61 40.16 -2.59
CA THR Q 291 -47.62 40.59 -1.63
C THR Q 291 -48.98 40.06 -2.04
N ALA Q 292 -49.68 39.47 -1.08
CA ALA Q 292 -51.07 39.04 -1.25
C ALA Q 292 -51.93 39.78 -0.25
N THR Q 293 -52.93 40.51 -0.75
CA THR Q 293 -53.81 41.33 0.08
C THR Q 293 -55.22 40.75 0.06
N ALA Q 294 -55.82 40.68 1.24
CA ALA Q 294 -57.21 40.23 1.40
C ALA Q 294 -57.94 41.17 2.32
N THR Q 295 -59.25 41.26 2.13
CA THR Q 295 -60.12 42.12 2.93
C THR Q 295 -61.17 41.27 3.62
N VAL Q 296 -61.38 41.52 4.92
CA VAL Q 296 -62.33 40.77 5.72
C VAL Q 296 -63.30 41.77 6.34
N THR Q 297 -64.60 41.51 6.18
CA THR Q 297 -65.65 42.32 6.79
C THR Q 297 -66.20 41.57 8.00
N VAL Q 298 -65.93 42.09 9.18
CA VAL Q 298 -66.36 41.46 10.43
C VAL Q 298 -67.76 41.92 10.78
N THR Q 299 -68.59 41.00 11.26
CA THR Q 299 -69.95 41.29 11.67
C THR Q 299 -70.17 40.80 13.10
N ALA Q 300 -71.05 41.49 13.81
CA ALA Q 300 -71.41 41.10 15.17
C ALA Q 300 -72.82 40.52 15.20
N THR R 2 -43.22 15.96 14.92
CA THR R 2 -42.08 15.21 15.43
C THR R 2 -40.78 15.70 14.80
N ASP R 3 -39.84 16.12 15.64
CA ASP R 3 -38.56 16.61 15.16
C ASP R 3 -37.62 15.44 14.88
N PHE R 4 -36.48 15.77 14.29
CA PHE R 4 -35.51 14.75 13.88
C PHE R 4 -34.97 13.97 15.07
N TYR R 5 -34.69 14.66 16.18
CA TYR R 5 -34.12 14.01 17.35
C TYR R 5 -35.08 12.96 17.92
N THR R 6 -36.37 13.28 17.97
CA THR R 6 -37.34 12.32 18.48
C THR R 6 -37.45 11.10 17.57
N ILE R 7 -37.42 11.32 16.25
CA ILE R 7 -37.47 10.21 15.31
C ILE R 7 -36.25 9.32 15.46
N LYS R 8 -35.07 9.92 15.64
CA LYS R 8 -33.84 9.14 15.75
C LYS R 8 -33.86 8.22 16.96
N ASP R 9 -34.37 8.71 18.11
CA ASP R 9 -34.58 7.88 19.30
C ASP R 9 -33.30 7.15 19.71
N ALA R 10 -32.18 7.85 19.67
CA ALA R 10 -30.90 7.22 19.95
C ALA R 10 -30.72 6.98 21.45
N GLN R 11 -30.24 5.80 21.78
CA GLN R 11 -29.97 5.39 23.16
C GLN R 11 -28.49 5.07 23.29
N ALA R 12 -27.71 6.02 23.81
CA ALA R 12 -26.28 5.80 24.00
C ALA R 12 -26.01 4.68 24.99
N ASP R 13 -26.90 4.46 25.96
CA ASP R 13 -26.72 3.42 26.94
C ASP R 13 -26.79 2.02 26.35
N LEU R 14 -27.38 1.87 25.15
CA LEU R 14 -27.45 0.56 24.52
C LEU R 14 -26.17 0.20 23.78
N ALA R 15 -25.21 1.12 23.67
CA ALA R 15 -23.89 0.79 23.18
C ALA R 15 -23.09 0.13 24.29
N ILE R 16 -22.55 -1.06 24.01
CA ILE R 16 -21.89 -1.88 25.02
C ILE R 16 -20.44 -2.09 24.61
N ALA R 17 -19.53 -1.79 25.53
CA ALA R 17 -18.10 -1.92 25.28
C ALA R 17 -17.56 -3.13 26.02
N PRO R 18 -16.96 -4.10 25.34
CA PRO R 18 -16.33 -5.22 26.06
C PRO R 18 -15.00 -4.81 26.68
N LEU R 19 -15.09 -4.16 27.84
CA LEU R 19 -13.90 -3.66 28.51
C LEU R 19 -12.97 -4.80 28.92
N ASN R 20 -13.53 -5.89 29.40
CA ASN R 20 -12.79 -7.11 29.62
C ASN R 20 -13.48 -8.25 28.88
N LEU R 21 -12.68 -9.25 28.52
CA LEU R 21 -13.16 -10.35 27.70
C LEU R 21 -12.36 -11.60 28.04
N THR R 22 -13.06 -12.73 28.12
CA THR R 22 -12.43 -14.01 28.38
C THR R 22 -13.00 -15.07 27.46
N VAL R 23 -12.13 -15.96 26.99
CA VAL R 23 -12.51 -17.09 26.15
C VAL R 23 -12.36 -18.35 26.98
N LEU R 24 -13.43 -19.13 27.06
CA LEU R 24 -13.41 -20.39 27.78
C LEU R 24 -13.66 -21.53 26.81
N LEU R 25 -12.88 -22.60 26.96
CA LEU R 25 -13.03 -23.79 26.14
C LEU R 25 -13.30 -24.99 27.04
N ALA R 26 -14.18 -25.87 26.59
CA ALA R 26 -14.47 -27.10 27.28
C ALA R 26 -14.32 -28.26 26.29
N PRO R 27 -13.96 -29.44 26.79
CA PRO R 27 -13.94 -30.62 25.91
C PRO R 27 -15.35 -30.92 25.40
N TYR R 28 -15.41 -31.56 24.23
CA TYR R 28 -16.70 -31.81 23.60
C TYR R 28 -17.61 -32.69 24.44
N SER R 29 -17.06 -33.48 25.36
CA SER R 29 -17.87 -34.27 26.27
C SER R 29 -18.60 -33.43 27.31
N THR R 30 -18.21 -32.17 27.49
CA THR R 30 -18.88 -31.30 28.44
C THR R 30 -20.30 -30.98 27.97
N THR R 31 -21.21 -30.86 28.92
CA THR R 31 -22.55 -30.40 28.60
C THR R 31 -22.50 -28.94 28.19
N PRO R 32 -23.05 -28.58 27.03
CA PRO R 32 -22.95 -27.19 26.57
C PRO R 32 -23.69 -26.22 27.48
N ALA R 33 -23.13 -25.01 27.59
CA ALA R 33 -23.83 -23.94 28.29
C ALA R 33 -25.04 -23.49 27.48
N THR R 34 -26.16 -23.31 28.16
CA THR R 34 -27.35 -22.73 27.54
C THR R 34 -27.54 -21.27 27.89
N THR R 35 -27.15 -20.88 29.10
CA THR R 35 -27.15 -19.49 29.52
C THR R 35 -26.03 -19.32 30.55
N LEU R 36 -25.50 -18.12 30.64
CA LEU R 36 -24.49 -17.80 31.63
C LEU R 36 -25.09 -17.17 32.89
N GLU R 37 -26.40 -16.98 32.94
CA GLU R 37 -27.06 -16.32 34.05
C GLU R 37 -27.45 -17.37 35.09
N SER R 38 -26.97 -17.21 36.31
CA SER R 38 -27.31 -18.14 37.38
C SER R 38 -28.81 -18.05 37.70
N PRO R 39 -29.51 -19.17 37.85
CA PRO R 39 -30.94 -19.12 38.17
C PRO R 39 -31.23 -18.62 39.57
N THR R 40 -30.23 -18.56 40.46
CA THR R 40 -30.46 -18.20 41.85
C THR R 40 -30.53 -16.69 42.03
N ASP R 41 -29.48 -15.98 41.60
CA ASP R 41 -29.41 -14.53 41.77
C ASP R 41 -29.10 -13.79 40.48
N GLY R 42 -29.03 -14.46 39.35
CA GLY R 42 -28.71 -13.81 38.09
C GLY R 42 -27.25 -13.49 37.88
N SER R 43 -26.37 -13.90 38.80
CA SER R 43 -24.95 -13.64 38.65
C SER R 43 -24.35 -14.53 37.57
N LEU R 44 -23.14 -14.16 37.14
CA LEU R 44 -22.44 -14.93 36.12
C LEU R 44 -22.15 -16.33 36.62
N ALA R 45 -22.48 -17.33 35.81
CA ALA R 45 -22.33 -18.73 36.19
C ALA R 45 -21.78 -19.50 35.01
N ILE R 46 -20.53 -19.92 35.10
CA ILE R 46 -19.89 -20.72 34.05
C ILE R 46 -20.08 -22.20 34.39
N PRO R 47 -20.60 -23.01 33.46
CA PRO R 47 -20.77 -24.42 33.76
C PRO R 47 -19.43 -25.10 33.95
N PRO R 48 -19.39 -26.17 34.74
CA PRO R 48 -18.13 -26.89 34.94
C PRO R 48 -17.64 -27.52 33.63
N GLY R 49 -16.32 -27.62 33.51
CA GLY R 49 -15.67 -28.12 32.32
C GLY R 49 -15.13 -27.04 31.41
N TYR R 50 -15.70 -25.84 31.47
CA TYR R 50 -15.20 -24.71 30.70
C TYR R 50 -14.01 -24.10 31.42
N LYS R 51 -12.90 -23.95 30.70
CA LYS R 51 -11.68 -23.39 31.27
C LYS R 51 -11.22 -22.21 30.42
N SER R 52 -10.88 -21.12 31.08
CA SER R 52 -10.39 -19.94 30.37
C SER R 52 -9.02 -20.22 29.75
N VAL R 53 -8.76 -19.58 28.61
CA VAL R 53 -7.43 -19.63 28.01
C VAL R 53 -6.49 -18.60 28.61
N GLY R 54 -6.99 -17.69 29.42
CA GLY R 54 -6.15 -16.68 30.04
C GLY R 54 -6.00 -15.42 29.21
N HIS R 55 -4.87 -14.74 29.39
CA HIS R 55 -4.64 -13.47 28.73
C HIS R 55 -4.48 -13.65 27.23
N PHE R 56 -4.97 -12.68 26.46
CA PHE R 56 -4.72 -12.64 25.04
C PHE R 56 -4.37 -11.21 24.63
N GLU R 57 -3.84 -11.09 23.41
CA GLU R 57 -3.25 -9.83 22.94
C GLU R 57 -4.30 -8.72 22.90
N LYS R 58 -3.93 -7.55 23.42
CA LYS R 58 -4.87 -6.43 23.47
C LYS R 58 -5.12 -5.84 22.09
N GLN R 59 -4.05 -5.58 21.33
CA GLN R 59 -4.20 -4.87 20.06
C GLN R 59 -4.98 -5.69 19.04
N ALA R 60 -4.69 -6.99 18.95
CA ALA R 60 -5.47 -7.84 18.05
C ALA R 60 -6.93 -7.92 18.46
N GLY R 61 -7.18 -7.96 19.77
CA GLY R 61 -8.54 -8.12 20.24
C GLY R 61 -9.09 -9.48 19.83
N LEU R 62 -10.40 -9.53 19.65
CA LEU R 62 -11.07 -10.72 19.17
C LEU R 62 -11.95 -10.33 17.99
N THR R 63 -11.78 -11.02 16.88
CA THR R 63 -12.51 -10.74 15.65
C THR R 63 -13.52 -11.86 15.41
N LEU R 64 -14.78 -11.49 15.20
CA LEU R 64 -15.84 -12.42 14.87
C LEU R 64 -16.22 -12.26 13.41
N GLY R 65 -16.15 -13.33 12.64
CA GLY R 65 -16.46 -13.31 11.23
C GLY R 65 -17.73 -14.09 10.93
N ASN R 66 -18.50 -13.58 9.98
CA ASN R 66 -19.72 -14.23 9.51
C ASN R 66 -19.72 -14.23 7.99
N GLU R 67 -19.91 -15.40 7.40
CA GLU R 67 -19.97 -15.55 5.95
C GLU R 67 -21.22 -16.33 5.58
N PHE R 68 -21.96 -15.81 4.61
CA PHE R 68 -23.11 -16.51 4.05
C PHE R 68 -22.74 -17.10 2.69
N ASP R 69 -23.11 -18.35 2.47
CA ASP R 69 -23.06 -18.96 1.15
C ASP R 69 -24.47 -19.22 0.67
N SER R 70 -24.79 -18.74 -0.52
CA SER R 70 -26.15 -18.82 -1.02
C SER R 70 -26.11 -18.95 -2.55
N LYS R 71 -27.20 -19.46 -3.09
CA LYS R 71 -27.37 -19.59 -4.53
C LYS R 71 -28.67 -18.94 -4.95
N ASP R 72 -28.61 -18.18 -6.04
CA ASP R 72 -29.76 -17.46 -6.56
C ASP R 72 -30.40 -18.26 -7.69
N ILE R 73 -31.72 -18.38 -7.65
CA ILE R 73 -32.48 -19.04 -8.71
C ILE R 73 -32.94 -17.96 -9.68
N GLU R 74 -32.49 -18.03 -10.92
CA GLU R 74 -32.75 -17.02 -11.93
C GLU R 74 -33.82 -17.51 -12.89
N ALA R 75 -34.87 -16.71 -13.06
CA ALA R 75 -35.92 -16.99 -14.03
C ALA R 75 -35.81 -16.03 -15.20
N TYR R 76 -36.22 -16.50 -16.38
CA TYR R 76 -36.21 -15.69 -17.58
C TYR R 76 -37.04 -14.43 -17.38
N GLY R 77 -36.48 -13.28 -17.76
CA GLY R 77 -37.18 -12.02 -17.67
C GLY R 77 -37.25 -11.42 -16.28
N GLU R 78 -36.56 -12.01 -15.30
CA GLU R 78 -36.56 -11.48 -13.94
C GLU R 78 -35.18 -10.93 -13.63
N PRO R 79 -35.02 -9.62 -13.47
CA PRO R 79 -33.71 -9.08 -13.09
C PRO R 79 -33.22 -9.58 -11.74
N GLU R 80 -34.13 -9.83 -10.81
CA GLU R 80 -33.79 -10.28 -9.47
C GLU R 80 -34.13 -11.77 -9.31
N PRO R 81 -33.43 -12.48 -8.44
CA PRO R 81 -33.74 -13.90 -8.25
C PRO R 81 -35.16 -14.11 -7.76
N ILE R 82 -35.81 -15.16 -8.26
CA ILE R 82 -37.12 -15.54 -7.76
C ILE R 82 -37.03 -16.30 -6.45
N ARG R 83 -35.86 -16.82 -6.12
CA ARG R 83 -35.64 -17.48 -4.84
C ARG R 83 -34.15 -17.50 -4.55
N THR R 84 -33.79 -17.25 -3.30
CA THR R 84 -32.42 -17.33 -2.84
C THR R 84 -32.33 -18.45 -1.80
N ILE R 85 -31.46 -19.41 -2.05
CA ILE R 85 -31.25 -20.54 -1.16
C ILE R 85 -29.95 -20.29 -0.40
N ILE R 86 -30.07 -19.90 0.86
CA ILE R 86 -28.91 -19.72 1.73
C ILE R 86 -28.55 -21.06 2.33
N ASN R 87 -27.34 -21.53 2.06
CA ASN R 87 -26.93 -22.84 2.55
C ASN R 87 -26.63 -22.81 4.04
N LYS R 88 -25.77 -21.88 4.47
CA LYS R 88 -25.38 -21.81 5.87
C LYS R 88 -24.75 -20.46 6.15
N ARG R 89 -24.55 -20.19 7.43
CA ARG R 89 -23.83 -19.02 7.90
C ARG R 89 -22.61 -19.52 8.66
N THR R 90 -21.43 -19.16 8.20
CA THR R 90 -20.18 -19.63 8.80
C THR R 90 -19.67 -18.57 9.77
N THR R 91 -19.53 -18.93 11.04
CA THR R 91 -19.03 -18.04 12.06
C THR R 91 -17.64 -18.47 12.49
N THR R 92 -16.71 -17.53 12.48
CA THR R 92 -15.34 -17.77 12.92
C THR R 92 -14.96 -16.73 13.96
N PHE R 93 -13.98 -17.06 14.78
CA PHE R 93 -13.38 -16.08 15.67
C PHE R 93 -11.91 -16.41 15.89
N ASP R 94 -11.09 -15.37 15.94
CA ASP R 94 -9.65 -15.52 16.11
C ASP R 94 -9.16 -14.52 17.14
N PHE R 95 -8.06 -14.89 17.80
CA PHE R 95 -7.47 -14.13 18.89
C PHE R 95 -6.07 -14.66 19.13
N ALA R 96 -5.25 -13.88 19.82
CA ALA R 96 -3.83 -14.18 20.01
C ALA R 96 -3.57 -14.49 21.48
N MET R 97 -3.41 -15.77 21.81
CA MET R 97 -3.23 -16.20 23.18
C MET R 97 -1.77 -16.09 23.63
N TYR R 98 -1.59 -15.69 24.88
CA TYR R 98 -0.29 -15.57 25.53
C TYR R 98 0.13 -16.77 26.36
N GLN R 99 -0.79 -17.43 27.04
CA GLN R 99 -0.43 -18.35 28.11
C GLN R 99 -0.11 -19.74 27.56
N ASN R 100 1.02 -20.28 28.01
CA ASN R 100 1.46 -21.62 27.61
C ASN R 100 0.84 -22.65 28.56
N GLN R 101 -0.48 -22.76 28.48
CA GLN R 101 -1.27 -23.70 29.26
C GLN R 101 -1.51 -24.96 28.45
N ARG R 102 -1.98 -26.00 29.15
CA ARG R 102 -2.25 -27.26 28.47
C ARG R 102 -3.39 -27.12 27.46
N ASN R 103 -4.46 -26.40 27.81
CA ASN R 103 -5.59 -26.32 26.89
C ASN R 103 -5.24 -25.53 25.64
N VAL R 104 -4.47 -24.45 25.78
CA VAL R 104 -4.02 -23.68 24.61
C VAL R 104 -3.16 -24.54 23.69
N LEU R 105 -2.20 -25.25 24.26
CA LEU R 105 -1.28 -26.05 23.46
C LEU R 105 -1.99 -27.25 22.84
N GLU R 106 -2.95 -27.83 23.56
CA GLU R 106 -3.78 -28.88 23.01
C GLU R 106 -4.58 -28.38 21.81
N LEU R 107 -5.11 -27.16 21.91
CA LEU R 107 -5.83 -26.57 20.78
C LEU R 107 -4.92 -26.39 19.58
N ILE R 108 -3.76 -25.76 19.78
CA ILE R 108 -2.93 -25.40 18.63
C ILE R 108 -2.33 -26.64 17.96
N TRP R 109 -2.03 -27.69 18.73
CA TRP R 109 -1.42 -28.88 18.18
C TRP R 109 -2.42 -29.97 17.82
N THR R 110 -3.72 -29.71 17.97
CA THR R 110 -4.79 -30.67 17.68
C THR R 110 -4.48 -32.04 18.29
N GLN R 111 -4.28 -32.03 19.59
CA GLN R 111 -3.89 -33.24 20.31
C GLN R 111 -4.45 -33.17 21.72
N ASP R 112 -4.64 -34.35 22.31
CA ASP R 112 -4.92 -34.45 23.74
C ASP R 112 -3.61 -34.68 24.48
N PHE R 113 -3.29 -33.80 25.43
CA PHE R 113 -2.06 -33.87 26.19
C PHE R 113 -2.30 -34.21 27.65
N SER R 114 -3.50 -34.70 27.99
CA SER R 114 -3.81 -35.04 29.38
C SER R 114 -2.94 -36.18 29.90
N ASN R 115 -2.39 -37.01 29.02
CA ASN R 115 -1.50 -38.10 29.41
C ASN R 115 -0.04 -37.67 29.51
N ILE R 116 0.29 -36.44 29.14
CA ILE R 116 1.67 -35.98 29.20
C ILE R 116 2.10 -35.84 30.65
N GLN R 117 3.17 -36.53 31.02
CA GLN R 117 3.69 -36.49 32.37
C GLN R 117 4.97 -35.67 32.40
N PRO R 118 5.07 -34.68 33.29
CA PRO R 118 6.33 -33.93 33.40
C PRO R 118 7.46 -34.84 33.86
N SER R 119 8.67 -34.52 33.39
CA SER R 119 9.83 -35.32 33.73
C SER R 119 10.22 -35.11 35.19
N GLU R 120 11.33 -35.73 35.59
CA GLU R 120 11.79 -35.64 36.97
C GLU R 120 12.01 -34.20 37.39
N PHE R 121 12.49 -33.36 36.47
CA PHE R 121 12.74 -31.97 36.75
C PHE R 121 11.64 -31.05 36.22
N GLY R 122 10.49 -31.60 35.85
CA GLY R 122 9.34 -30.83 35.45
C GLY R 122 9.21 -30.56 33.97
N GLY R 123 10.18 -30.94 33.16
CA GLY R 123 10.12 -30.66 31.75
C GLY R 123 9.07 -31.50 31.03
N ILE R 124 8.52 -30.93 29.97
CA ILE R 124 7.54 -31.62 29.14
C ILE R 124 7.95 -31.49 27.68
N VAL R 125 7.60 -32.51 26.89
CA VAL R 125 7.77 -32.50 25.45
C VAL R 125 6.42 -32.84 24.83
N LEU R 126 5.92 -31.96 23.97
CA LEU R 126 4.63 -32.13 23.32
C LEU R 126 4.87 -32.38 21.84
N GLU R 127 4.61 -33.61 21.40
CA GLU R 127 4.81 -33.99 20.01
C GLU R 127 3.54 -33.75 19.22
N ALA R 128 3.68 -33.12 18.07
CA ALA R 128 2.55 -32.99 17.15
C ALA R 128 2.15 -34.38 16.65
N PRO R 129 0.85 -34.66 16.56
CA PRO R 129 0.41 -35.97 16.08
C PRO R 129 0.81 -36.20 14.63
N LYS R 130 0.99 -37.48 14.28
CA LYS R 130 1.37 -37.83 12.93
C LYS R 130 0.39 -37.26 11.91
N VAL R 131 -0.90 -37.41 12.17
CA VAL R 131 -1.94 -36.77 11.38
C VAL R 131 -2.67 -35.79 12.29
N PRO R 132 -2.92 -34.56 11.87
CA PRO R 132 -3.73 -33.65 12.67
C PRO R 132 -5.12 -34.24 12.90
N LYS R 133 -5.65 -34.05 14.10
CA LYS R 133 -6.92 -34.62 14.49
C LYS R 133 -8.02 -33.57 14.40
N ASN R 134 -9.25 -34.04 14.14
CA ASN R 134 -10.44 -33.20 14.17
C ASN R 134 -10.98 -33.22 15.60
N ILE R 135 -10.66 -32.17 16.36
CA ILE R 135 -11.08 -32.07 17.74
C ILE R 135 -12.07 -30.92 17.87
N TYR R 136 -13.21 -31.18 18.48
CA TYR R 136 -14.23 -30.18 18.70
C TYR R 136 -14.22 -29.73 20.15
N TYR R 137 -14.52 -28.45 20.36
CA TYR R 137 -14.61 -27.88 21.69
C TYR R 137 -15.92 -27.11 21.83
N ARG R 138 -16.33 -26.94 23.07
CA ARG R 138 -17.39 -26.01 23.41
C ARG R 138 -16.75 -24.70 23.87
N ALA R 139 -17.25 -23.59 23.32
CA ALA R 139 -16.62 -22.30 23.52
C ALA R 139 -17.60 -21.30 24.12
N ILE R 140 -17.11 -20.48 25.03
CA ILE R 140 -17.83 -19.33 25.55
C ILE R 140 -16.93 -18.11 25.39
N LEU R 141 -17.44 -17.08 24.73
CA LEU R 141 -16.80 -15.78 24.69
C LEU R 141 -17.68 -14.83 25.48
N VAL R 142 -17.28 -14.48 26.69
CA VAL R 142 -18.05 -13.59 27.55
C VAL R 142 -17.25 -12.33 27.83
N GLY R 143 -17.85 -11.19 27.56
CA GLY R 143 -17.26 -9.90 27.84
C GLY R 143 -18.01 -9.17 28.92
N MET R 144 -17.38 -8.16 29.51
CA MET R 144 -18.01 -7.39 30.57
C MET R 144 -17.90 -5.91 30.26
N ASP R 145 -19.01 -5.21 30.40
CA ASP R 145 -19.06 -3.75 30.38
C ASP R 145 -19.41 -3.31 31.80
N ASP R 146 -18.40 -3.00 32.59
CA ASP R 146 -18.58 -2.60 33.98
C ASP R 146 -18.64 -1.08 34.03
N ARG R 147 -19.85 -0.54 34.01
CA ARG R 147 -20.08 0.89 34.11
C ARG R 147 -21.11 1.17 35.20
N ASN R 148 -20.86 2.22 35.97
CA ASN R 148 -21.70 2.62 37.10
C ASN R 148 -21.87 1.51 38.13
N ASP R 149 -20.90 0.60 38.21
CA ASP R 149 -20.88 -0.54 39.12
C ASP R 149 -21.97 -1.57 38.85
N ARG R 150 -22.74 -1.41 37.76
CA ARG R 150 -23.74 -2.39 37.37
C ARG R 150 -23.30 -3.04 36.07
N PRO R 151 -22.62 -4.19 36.12
CA PRO R 151 -22.03 -4.74 34.90
C PRO R 151 -23.06 -5.29 33.93
N ILE R 152 -22.70 -5.24 32.65
CA ILE R 152 -23.40 -5.93 31.59
C ILE R 152 -22.49 -7.04 31.09
N TRP R 153 -23.00 -8.25 31.03
CA TRP R 153 -22.27 -9.38 30.45
C TRP R 153 -22.85 -9.69 29.09
N LEU R 154 -22.07 -9.43 28.05
CA LEU R 154 -22.40 -9.83 26.69
C LEU R 154 -21.55 -11.05 26.36
N TYR R 155 -22.18 -12.07 25.79
CA TYR R 155 -21.47 -13.31 25.53
C TYR R 155 -21.96 -13.99 24.27
N TRP R 156 -21.11 -14.87 23.76
CA TRP R 156 -21.43 -15.72 22.62
C TRP R 156 -21.21 -17.16 23.03
N LEU R 157 -22.19 -18.01 22.74
CA LEU R 157 -22.09 -19.44 23.01
C LEU R 157 -21.89 -20.18 21.69
N MET R 158 -20.80 -20.95 21.62
CA MET R 158 -20.51 -21.77 20.44
C MET R 158 -20.26 -23.19 20.90
N PRO R 159 -21.27 -24.05 20.88
CA PRO R 159 -21.13 -25.40 21.46
C PRO R 159 -20.20 -26.32 20.70
N LYS R 160 -19.86 -26.03 19.44
CA LYS R 160 -19.05 -26.95 18.64
C LYS R 160 -18.08 -26.15 17.76
N VAL R 161 -16.87 -25.94 18.26
CA VAL R 161 -15.86 -25.20 17.53
C VAL R 161 -14.66 -26.12 17.27
N LYS R 162 -13.98 -25.85 16.16
CA LYS R 162 -12.82 -26.62 15.76
C LYS R 162 -11.76 -25.66 15.24
N LEU R 163 -10.50 -26.02 15.44
CA LEU R 163 -9.41 -25.23 14.90
C LEU R 163 -9.47 -25.24 13.38
N ASP R 164 -9.49 -24.04 12.79
CA ASP R 164 -9.59 -23.87 11.35
C ASP R 164 -8.29 -23.42 10.73
N LYS R 165 -7.54 -22.56 11.41
CA LYS R 165 -6.36 -21.93 10.84
C LYS R 165 -5.44 -21.48 11.97
N LEU R 166 -4.15 -21.42 11.68
CA LEU R 166 -3.16 -20.95 12.63
C LEU R 166 -2.26 -19.94 11.96
N ASP R 167 -2.23 -18.72 12.48
CA ASP R 167 -1.41 -17.67 11.91
C ASP R 167 0.06 -17.95 12.17
N ASN R 168 0.91 -17.28 11.40
CA ASN R 168 2.35 -17.41 11.56
C ASN R 168 2.76 -16.96 12.97
N GLN R 169 3.67 -17.71 13.56
CA GLN R 169 4.17 -17.41 14.89
C GLN R 169 5.57 -16.82 14.77
N THR R 170 5.72 -15.56 15.17
CA THR R 170 6.99 -14.86 15.08
C THR R 170 7.62 -14.76 16.46
N LEU R 171 8.85 -15.23 16.58
CA LEU R 171 9.62 -15.14 17.82
C LEU R 171 10.50 -13.90 17.74
N ASN R 172 10.26 -12.95 18.64
CA ASN R 172 11.05 -11.74 18.75
C ASN R 172 11.61 -11.64 20.16
N ASP R 173 12.81 -11.08 20.27
CA ASP R 173 13.48 -11.02 21.57
C ASP R 173 12.89 -9.97 22.49
N ASP R 174 11.93 -9.18 22.04
CA ASP R 174 11.27 -8.18 22.87
C ASP R 174 9.78 -8.43 23.02
N ASN R 175 9.31 -9.64 22.77
CA ASN R 175 7.89 -9.96 22.82
C ASN R 175 7.70 -11.36 23.40
N VAL R 176 6.52 -11.61 23.94
CA VAL R 176 6.17 -12.95 24.38
C VAL R 176 5.68 -13.73 23.18
N ILE R 177 5.62 -15.05 23.31
CA ILE R 177 5.18 -15.90 22.21
C ILE R 177 3.66 -15.96 22.20
N GLU R 178 3.06 -15.72 21.03
CA GLU R 178 1.63 -15.67 20.87
C GLU R 178 1.16 -16.83 20.00
N TYR R 179 0.00 -17.37 20.33
CA TYR R 179 -0.67 -18.37 19.51
C TYR R 179 -1.94 -17.74 18.95
N LYS R 180 -2.11 -17.79 17.63
CA LYS R 180 -3.18 -17.08 16.93
C LYS R 180 -4.02 -18.08 16.14
N PRO R 181 -4.92 -18.79 16.80
CA PRO R 181 -5.82 -19.68 16.07
C PRO R 181 -7.04 -18.96 15.54
N THR R 182 -7.57 -19.46 14.44
CA THR R 182 -8.90 -19.11 13.98
C THR R 182 -9.78 -20.34 14.20
N LEU R 183 -10.84 -20.16 14.98
CA LEU R 183 -11.77 -21.24 15.28
C LEU R 183 -13.04 -21.05 14.45
N LYS R 184 -13.59 -22.17 14.00
CA LYS R 184 -14.82 -22.16 13.22
C LYS R 184 -15.93 -22.83 14.02
N ALA R 185 -17.09 -22.19 14.07
CA ALA R 185 -18.23 -22.72 14.78
C ALA R 185 -19.03 -23.65 13.88
N PHE R 186 -19.45 -24.78 14.44
CA PHE R 186 -20.28 -25.74 13.75
C PHE R 186 -21.57 -25.93 14.52
N ARG R 187 -22.63 -26.31 13.82
CA ARG R 187 -23.91 -26.52 14.46
C ARG R 187 -23.86 -27.76 15.33
N ASP R 188 -24.24 -27.61 16.60
CA ASP R 188 -24.38 -28.74 17.50
C ASP R 188 -25.80 -29.27 17.41
N ASP R 189 -25.94 -30.55 17.09
CA ASP R 189 -27.27 -31.13 16.86
C ASP R 189 -28.11 -31.10 18.12
N VAL R 190 -27.52 -31.41 19.27
CA VAL R 190 -28.29 -31.54 20.50
C VAL R 190 -28.90 -30.21 20.91
N VAL R 191 -28.10 -29.14 20.89
CA VAL R 191 -28.60 -27.84 21.34
C VAL R 191 -29.27 -27.06 20.21
N GLY R 192 -29.04 -27.42 18.96
CA GLY R 192 -29.79 -26.86 17.86
C GLY R 192 -29.33 -25.51 17.35
N TYR R 193 -28.07 -25.14 17.56
CA TYR R 193 -27.53 -23.93 16.98
C TYR R 193 -26.01 -24.04 16.95
N SER R 194 -25.39 -23.16 16.16
CA SER R 194 -23.95 -23.02 16.14
C SER R 194 -23.46 -21.84 16.97
N VAL R 195 -24.18 -20.73 16.97
CA VAL R 195 -23.79 -19.54 17.72
C VAL R 195 -25.03 -18.95 18.38
N ALA R 196 -24.89 -18.54 19.64
CA ALA R 196 -25.92 -17.81 20.35
C ALA R 196 -25.30 -16.61 21.04
N GLN R 197 -25.98 -15.47 20.97
CA GLN R 197 -25.54 -14.23 21.60
C GLN R 197 -26.39 -13.99 22.84
N GLY R 198 -25.75 -13.66 23.95
CA GLY R 198 -26.44 -13.46 25.20
C GLY R 198 -26.11 -12.14 25.86
N PHE R 199 -27.07 -11.62 26.61
CA PHE R 199 -26.91 -10.42 27.43
C PHE R 199 -27.43 -10.72 28.82
N ALA R 200 -26.66 -10.34 29.84
CA ALA R 200 -27.03 -10.61 31.22
C ALA R 200 -26.40 -9.56 32.11
N GLY R 201 -26.77 -9.58 33.39
CA GLY R 201 -26.25 -8.65 34.36
C GLY R 201 -27.26 -7.60 34.77
N PRO R 202 -27.05 -7.00 35.96
CA PRO R 202 -27.96 -5.94 36.41
C PRO R 202 -27.98 -4.73 35.48
N GLY R 203 -26.82 -4.39 34.92
CA GLY R 203 -26.77 -3.32 33.94
C GLY R 203 -27.62 -3.62 32.73
N TRP R 204 -27.62 -4.89 32.28
CA TRP R 204 -28.51 -5.28 31.19
C TRP R 204 -29.97 -5.21 31.63
N ARG R 205 -30.26 -5.67 32.85
CA ARG R 205 -31.62 -5.62 33.37
C ARG R 205 -32.17 -4.21 33.37
N ASP R 206 -31.31 -3.22 33.58
CA ASP R 206 -31.77 -1.83 33.47
C ASP R 206 -32.20 -1.48 32.05
N LEU R 207 -31.76 -2.26 31.04
CA LEU R 207 -31.94 -1.87 29.65
C LEU R 207 -32.80 -2.82 28.82
N VAL R 208 -33.28 -3.92 29.40
CA VAL R 208 -33.92 -4.95 28.58
C VAL R 208 -35.15 -4.40 27.87
N ALA R 209 -35.99 -3.66 28.59
CA ALA R 209 -37.19 -3.09 27.99
C ALA R 209 -36.83 -2.04 26.94
N THR R 210 -35.83 -1.19 27.22
CA THR R 210 -35.39 -0.20 26.25
C THR R 210 -34.82 -0.87 25.00
N ALA R 211 -34.15 -2.01 25.16
CA ALA R 211 -33.61 -2.74 24.03
C ALA R 211 -34.70 -3.41 23.19
N GLY R 212 -35.94 -3.42 23.65
CA GLY R 212 -37.03 -3.95 22.86
C GLY R 212 -37.37 -5.41 23.09
N PHE R 213 -36.86 -6.00 24.17
CA PHE R 213 -37.14 -7.39 24.51
C PHE R 213 -38.12 -7.41 25.68
N GLY R 214 -39.24 -8.11 25.49
CA GLY R 214 -40.28 -8.08 26.50
C GLY R 214 -41.00 -6.74 26.51
N GLU R 215 -41.74 -6.50 27.58
CA GLU R 215 -42.51 -5.29 27.76
C GLU R 215 -41.87 -4.42 28.84
N ALA R 216 -42.26 -3.15 28.84
CA ALA R 216 -41.71 -2.19 29.81
C ALA R 216 -42.22 -2.49 31.21
N LEU R 217 -41.48 -1.99 32.20
CA LEU R 217 -41.83 -2.18 33.60
C LEU R 217 -42.71 -1.02 34.06
N THR R 218 -43.89 -1.33 34.59
CA THR R 218 -44.83 -0.32 35.05
C THR R 218 -45.30 -0.52 36.48
N ALA R 219 -45.33 -1.74 37.00
CA ALA R 219 -45.85 -2.00 38.33
C ALA R 219 -44.96 -2.99 39.07
N LEU R 220 -44.75 -2.72 40.36
CA LEU R 220 -43.98 -3.59 41.23
C LEU R 220 -44.94 -4.35 42.13
N THR R 221 -44.76 -5.67 42.19
CA THR R 221 -45.62 -6.54 42.99
C THR R 221 -44.76 -7.36 43.95
N ILE R 222 -45.13 -7.33 45.24
CA ILE R 222 -44.45 -8.13 46.25
C ILE R 222 -45.18 -9.47 46.34
N THR R 223 -44.54 -10.53 45.86
CA THR R 223 -45.17 -11.84 45.74
C THR R 223 -45.58 -12.44 47.09
N PRO R 224 -44.75 -12.40 48.15
CA PRO R 224 -45.19 -13.01 49.41
C PRO R 224 -46.47 -12.41 49.96
N GLY R 225 -46.69 -11.10 49.79
CA GLY R 225 -47.94 -10.50 50.18
C GLY R 225 -48.04 -10.15 51.64
N SER R 226 -48.75 -10.97 52.40
CA SER R 226 -48.94 -10.78 53.84
C SER R 226 -48.46 -12.03 54.57
N PRO R 227 -47.18 -12.09 54.93
CA PRO R 227 -46.65 -13.23 55.68
C PRO R 227 -46.71 -13.00 57.18
N THR R 228 -46.38 -14.06 57.92
CA THR R 228 -46.30 -13.99 59.38
C THR R 228 -45.01 -14.66 59.82
N VAL R 229 -44.24 -13.96 60.65
CA VAL R 229 -42.94 -14.45 61.12
C VAL R 229 -43.02 -14.65 62.62
N THR R 230 -42.52 -15.79 63.10
CA THR R 230 -42.50 -16.06 64.52
C THR R 230 -41.35 -15.29 65.19
N VAL R 231 -41.62 -14.77 66.39
CA VAL R 231 -40.59 -14.04 67.13
C VAL R 231 -39.44 -14.96 67.50
N ALA R 232 -39.76 -16.18 67.94
CA ALA R 232 -38.73 -17.14 68.31
C ALA R 232 -37.97 -17.63 67.08
N THR R 233 -36.73 -18.04 67.30
CA THR R 233 -35.88 -18.55 66.24
C THR R 233 -36.40 -19.87 65.71
N GLY R 234 -36.33 -20.06 64.39
CA GLY R 234 -36.77 -21.29 63.79
C GLY R 234 -36.67 -21.21 62.28
N ALA R 235 -37.13 -22.29 61.63
CA ALA R 235 -37.15 -22.33 60.17
C ALA R 235 -38.06 -21.24 59.60
N SER R 236 -39.24 -21.07 60.20
CA SER R 236 -40.19 -20.05 59.79
C SER R 236 -40.04 -18.75 60.56
N HIS R 237 -38.90 -18.54 61.21
CA HIS R 237 -38.66 -17.29 61.92
C HIS R 237 -38.45 -16.12 60.96
N THR R 238 -37.81 -16.35 59.82
CA THR R 238 -37.56 -15.31 58.84
C THR R 238 -38.28 -15.66 57.54
N ALA R 239 -38.61 -14.61 56.78
CA ALA R 239 -39.25 -14.77 55.48
C ALA R 239 -38.52 -13.93 54.46
N GLN R 240 -38.25 -14.52 53.29
CA GLN R 240 -37.52 -13.83 52.23
C GLN R 240 -38.51 -13.30 51.19
N LEU R 241 -38.46 -11.99 50.95
CA LEU R 241 -39.37 -11.34 50.02
C LEU R 241 -38.90 -11.52 48.58
N LEU R 242 -39.80 -11.25 47.64
CA LEU R 242 -39.48 -11.28 46.21
C LEU R 242 -40.31 -10.21 45.52
N VAL R 243 -39.64 -9.34 44.75
CA VAL R 243 -40.27 -8.21 44.09
C VAL R 243 -40.21 -8.43 42.59
N GLU R 244 -41.38 -8.39 41.94
CA GLU R 244 -41.51 -8.65 40.52
C GLU R 244 -42.04 -7.42 39.82
N GLY R 245 -41.96 -7.43 38.49
CA GLY R 245 -42.54 -6.42 37.65
C GLY R 245 -43.65 -7.00 36.77
N ASP R 246 -44.24 -6.10 35.97
CA ASP R 246 -45.29 -6.54 35.06
C ASP R 246 -44.73 -7.34 33.89
N ASN R 247 -43.45 -7.20 33.58
CA ASN R 247 -42.80 -7.94 32.51
C ASN R 247 -42.23 -9.27 32.99
N GLY R 248 -42.46 -9.65 34.24
CA GLY R 248 -41.98 -10.91 34.75
C GLY R 248 -40.54 -10.93 35.18
N ILE R 249 -39.91 -9.76 35.30
CA ILE R 249 -38.50 -9.66 35.66
C ILE R 249 -38.39 -9.41 37.17
N ASN R 250 -37.55 -10.17 37.84
CA ASN R 250 -37.31 -9.98 39.26
C ASN R 250 -36.47 -8.72 39.47
N TYR R 251 -37.06 -7.71 40.10
CA TYR R 251 -36.39 -6.44 40.35
C TYR R 251 -35.96 -6.29 41.81
N THR R 252 -35.93 -7.39 42.56
CA THR R 252 -35.53 -7.34 43.98
C THR R 252 -34.17 -6.70 44.21
N PRO R 253 -33.11 -7.02 43.44
CA PRO R 253 -31.83 -6.32 43.68
C PRO R 253 -31.89 -4.84 43.37
N ASP R 254 -32.86 -4.39 42.58
CA ASP R 254 -32.93 -3.00 42.12
C ASP R 254 -33.85 -2.13 42.97
N VAL R 255 -34.45 -2.67 44.03
CA VAL R 255 -35.38 -1.92 44.85
C VAL R 255 -34.74 -1.63 46.20
N VAL R 256 -35.34 -0.68 46.91
CA VAL R 256 -34.90 -0.28 48.25
C VAL R 256 -35.97 -0.71 49.25
N PHE R 257 -35.57 -1.47 50.25
CA PHE R 257 -36.49 -1.99 51.25
C PHE R 257 -36.56 -1.03 52.43
N THR R 258 -37.76 -0.53 52.72
CA THR R 258 -37.99 0.39 53.84
C THR R 258 -39.03 -0.23 54.76
N SER R 259 -38.74 -0.22 56.06
CA SER R 259 -39.67 -0.75 57.05
C SER R 259 -40.46 0.38 57.72
N SER R 260 -41.64 0.03 58.20
CA SER R 260 -42.47 0.99 58.94
C SER R 260 -41.99 1.12 60.38
N ALA R 261 -42.02 0.01 61.13
CA ALA R 261 -41.49 -0.03 62.48
C ALA R 261 -40.30 -0.99 62.52
N PRO R 262 -39.06 -0.48 62.53
CA PRO R 262 -37.91 -1.39 62.55
C PRO R 262 -37.86 -2.31 63.77
N ASP R 263 -38.35 -1.85 64.93
CA ASP R 263 -38.35 -2.70 66.11
C ASP R 263 -39.26 -3.91 65.93
N LYS R 264 -40.41 -3.73 65.27
CA LYS R 264 -41.33 -4.83 65.09
C LYS R 264 -40.80 -5.87 64.11
N ALA R 265 -40.32 -5.42 62.95
CA ALA R 265 -39.81 -6.32 61.92
C ALA R 265 -38.67 -5.63 61.20
N SER R 266 -37.51 -6.28 61.19
CA SER R 266 -36.32 -5.74 60.54
C SER R 266 -36.19 -6.33 59.14
N VAL R 267 -35.98 -5.47 58.15
CA VAL R 267 -35.78 -5.89 56.77
C VAL R 267 -34.41 -5.41 56.31
N SER R 268 -33.63 -6.32 55.73
CA SER R 268 -32.29 -6.00 55.27
C SER R 268 -32.37 -5.37 53.87
N ALA R 269 -31.21 -5.11 53.28
CA ALA R 269 -31.18 -4.59 51.92
C ALA R 269 -31.72 -5.61 50.93
N ALA R 270 -31.40 -6.89 51.13
CA ALA R 270 -31.88 -7.94 50.23
C ALA R 270 -33.39 -8.16 50.35
N GLY R 271 -33.99 -7.80 51.47
CA GLY R 271 -35.41 -7.98 51.68
C GLY R 271 -35.81 -9.18 52.51
N LEU R 272 -34.98 -9.61 53.45
CA LEU R 272 -35.36 -10.66 54.39
C LEU R 272 -36.05 -10.02 55.60
N VAL R 273 -37.25 -10.49 55.91
CA VAL R 273 -38.04 -9.94 57.01
C VAL R 273 -37.87 -10.85 58.22
N THR R 274 -37.23 -10.32 59.27
CA THR R 274 -37.01 -11.03 60.52
C THR R 274 -37.81 -10.36 61.62
N GLY R 275 -38.61 -11.14 62.33
CA GLY R 275 -39.48 -10.58 63.35
C GLY R 275 -38.83 -10.43 64.70
N VAL R 276 -38.37 -9.21 65.01
CA VAL R 276 -37.75 -8.96 66.31
C VAL R 276 -38.79 -8.99 67.42
N ALA R 277 -39.96 -8.40 67.19
CA ALA R 277 -41.02 -8.37 68.17
C ALA R 277 -42.36 -8.47 67.47
N ALA R 278 -43.35 -8.96 68.20
CA ALA R 278 -44.68 -9.15 67.64
C ALA R 278 -45.33 -7.80 67.35
N GLY R 279 -46.14 -7.77 66.30
CA GLY R 279 -46.85 -6.57 65.92
C GLY R 279 -47.11 -6.56 64.43
N SER R 280 -47.53 -5.39 63.95
CA SER R 280 -47.83 -5.17 62.54
C SER R 280 -46.76 -4.25 61.96
N ALA R 281 -46.19 -4.64 60.83
CA ALA R 281 -45.18 -3.85 60.15
C ALA R 281 -45.51 -3.75 58.67
N THR R 282 -45.14 -2.63 58.07
CA THR R 282 -45.33 -2.38 56.65
C THR R 282 -43.97 -2.28 55.98
N ILE R 283 -43.73 -3.11 54.98
CA ILE R 283 -42.47 -3.14 54.26
C ILE R 283 -42.72 -2.64 52.85
N THR R 284 -42.02 -1.55 52.48
CA THR R 284 -42.23 -0.90 51.19
C THR R 284 -40.95 -1.01 50.37
N ALA R 285 -41.08 -1.53 49.16
CA ALA R 285 -39.96 -1.64 48.22
C ALA R 285 -40.15 -0.57 47.14
N THR R 286 -39.17 0.33 47.04
CA THR R 286 -39.25 1.47 46.14
C THR R 286 -38.16 1.36 45.08
N LYS R 287 -38.52 1.62 43.83
CA LYS R 287 -37.59 1.64 42.71
C LYS R 287 -37.99 2.77 41.78
N GLY R 288 -37.16 3.80 41.71
CA GLY R 288 -37.52 4.98 40.93
C GLY R 288 -38.80 5.61 41.47
N ALA R 289 -39.71 5.93 40.57
CA ALA R 289 -41.01 6.47 40.94
C ALA R 289 -42.05 5.37 41.21
N LEU R 290 -41.66 4.11 41.10
CA LEU R 290 -42.54 2.98 41.34
C LEU R 290 -42.29 2.42 42.74
N THR R 291 -43.33 1.81 43.29
CA THR R 291 -43.28 1.33 44.67
C THR R 291 -44.17 0.12 44.82
N ALA R 292 -43.91 -0.65 45.89
CA ALA R 292 -44.72 -1.80 46.23
C ALA R 292 -44.77 -1.91 47.75
N THR R 293 -45.98 -2.05 48.30
CA THR R 293 -46.20 -2.08 49.74
C THR R 293 -46.69 -3.46 50.17
N ALA R 294 -46.15 -3.93 51.29
CA ALA R 294 -46.58 -5.17 51.90
C ALA R 294 -46.68 -4.98 53.40
N THR R 295 -47.56 -5.75 54.03
CA THR R 295 -47.77 -5.69 55.46
C THR R 295 -47.50 -7.07 56.08
N VAL R 296 -46.76 -7.08 57.18
CA VAL R 296 -46.39 -8.30 57.88
C VAL R 296 -46.87 -8.20 59.32
N THR R 297 -47.59 -9.23 59.77
CA THR R 297 -48.03 -9.32 61.16
C THR R 297 -47.13 -10.31 61.88
N VAL R 298 -46.43 -9.83 62.90
CA VAL R 298 -45.49 -10.64 63.67
C VAL R 298 -46.17 -11.18 64.91
N THR R 299 -45.93 -12.45 65.20
CA THR R 299 -46.47 -13.11 66.38
C THR R 299 -45.34 -13.70 67.21
N ALA R 300 -45.58 -13.79 68.51
CA ALA R 300 -44.61 -14.40 69.42
C ALA R 300 -45.08 -15.79 69.84
N THR S 2 -42.73 -38.64 12.87
CA THR S 2 -41.39 -38.88 12.34
C THR S 2 -41.01 -37.82 11.32
N ASP S 3 -40.00 -37.03 11.65
CA ASP S 3 -39.53 -35.97 10.76
C ASP S 3 -38.64 -36.56 9.66
N PHE S 4 -38.24 -35.68 8.74
CA PHE S 4 -37.42 -36.10 7.61
C PHE S 4 -36.07 -36.62 8.08
N TYR S 5 -35.48 -35.99 9.09
CA TYR S 5 -34.17 -36.40 9.57
C TYR S 5 -34.18 -37.83 10.10
N THR S 6 -35.22 -38.19 10.85
CA THR S 6 -35.30 -39.55 11.37
C THR S 6 -35.45 -40.58 10.26
N ILE S 7 -36.26 -40.26 9.25
CA ILE S 7 -36.44 -41.18 8.13
C ILE S 7 -35.13 -41.35 7.36
N LYS S 8 -34.40 -40.26 7.17
CA LYS S 8 -33.15 -40.33 6.43
C LYS S 8 -32.16 -41.27 7.11
N ASP S 9 -32.11 -41.25 8.45
CA ASP S 9 -31.31 -42.21 9.22
C ASP S 9 -29.85 -42.22 8.75
N ALA S 10 -29.29 -41.04 8.54
CA ALA S 10 -27.94 -40.94 8.01
C ALA S 10 -26.91 -41.31 9.07
N GLN S 11 -25.91 -42.08 8.67
CA GLN S 11 -24.83 -42.54 9.52
C GLN S 11 -23.51 -42.13 8.87
N ALA S 12 -22.98 -40.97 9.29
CA ALA S 12 -21.73 -40.50 8.72
C ALA S 12 -20.57 -41.44 9.02
N ASP S 13 -20.63 -42.15 10.15
CA ASP S 13 -19.55 -43.07 10.52
C ASP S 13 -19.44 -44.26 9.59
N LEU S 14 -20.49 -44.58 8.83
CA LEU S 14 -20.43 -45.69 7.89
C LEU S 14 -19.78 -45.31 6.57
N ALA S 15 -19.43 -44.05 6.37
CA ALA S 15 -18.60 -43.66 5.23
C ALA S 15 -17.14 -43.95 5.55
N ILE S 16 -16.50 -44.74 4.72
CA ILE S 16 -15.15 -45.26 4.99
C ILE S 16 -14.21 -44.73 3.92
N ALA S 17 -13.10 -44.15 4.36
CA ALA S 17 -12.11 -43.56 3.46
C ALA S 17 -10.87 -44.43 3.41
N PRO S 18 -10.48 -44.93 2.24
CA PRO S 18 -9.21 -45.69 2.14
C PRO S 18 -8.00 -44.75 2.18
N LEU S 19 -7.66 -44.32 3.40
CA LEU S 19 -6.57 -43.37 3.59
C LEU S 19 -5.25 -43.96 3.11
N ASN S 20 -5.03 -45.24 3.37
CA ASN S 20 -3.92 -45.97 2.80
C ASN S 20 -4.43 -47.22 2.11
N LEU S 21 -3.68 -47.67 1.11
CA LEU S 21 -4.11 -48.77 0.27
C LEU S 21 -2.88 -49.55 -0.17
N THR S 22 -3.01 -50.86 -0.24
CA THR S 22 -1.94 -51.70 -0.74
C THR S 22 -2.53 -52.83 -1.58
N VAL S 23 -1.84 -53.14 -2.66
CA VAL S 23 -2.20 -54.24 -3.55
C VAL S 23 -1.18 -55.35 -3.33
N LEU S 24 -1.68 -56.56 -3.06
CA LEU S 24 -0.82 -57.71 -2.90
C LEU S 24 -1.15 -58.74 -3.96
N LEU S 25 -0.13 -59.28 -4.59
CA LEU S 25 -0.27 -60.32 -5.59
C LEU S 25 0.44 -61.58 -5.13
N ALA S 26 -0.15 -62.72 -5.43
CA ALA S 26 0.45 -64.01 -5.16
C ALA S 26 0.40 -64.85 -6.42
N PRO S 27 1.35 -65.77 -6.60
CA PRO S 27 1.27 -66.69 -7.73
C PRO S 27 0.04 -67.58 -7.61
N TYR S 28 -0.41 -68.10 -8.75
CA TYR S 28 -1.64 -68.88 -8.77
C TYR S 28 -1.55 -70.13 -7.91
N SER S 29 -0.35 -70.64 -7.63
CA SER S 29 -0.20 -71.80 -6.77
C SER S 29 -0.48 -71.49 -5.30
N THR S 30 -0.53 -70.23 -4.91
CA THR S 30 -0.81 -69.87 -3.52
C THR S 30 -2.25 -70.24 -3.16
N THR S 31 -2.44 -70.66 -1.92
CA THR S 31 -3.79 -70.88 -1.41
C THR S 31 -4.49 -69.53 -1.29
N PRO S 32 -5.66 -69.35 -1.90
CA PRO S 32 -6.31 -68.04 -1.84
C PRO S 32 -6.72 -67.65 -0.44
N ALA S 33 -6.67 -66.34 -0.18
CA ALA S 33 -7.14 -65.81 1.09
C ALA S 33 -8.66 -65.92 1.17
N THR S 34 -9.16 -66.42 2.31
CA THR S 34 -10.58 -66.42 2.58
C THR S 34 -11.03 -65.23 3.41
N THR S 35 -10.19 -64.77 4.32
CA THR S 35 -10.46 -63.60 5.12
C THR S 35 -9.12 -63.01 5.55
N LEU S 36 -9.09 -61.71 5.75
CA LEU S 36 -7.89 -61.02 6.21
C LEU S 36 -7.85 -60.86 7.72
N GLU S 37 -8.89 -61.32 8.42
CA GLU S 37 -8.98 -61.20 9.86
C GLU S 37 -8.33 -62.41 10.52
N SER S 38 -7.40 -62.18 11.43
CA SER S 38 -6.74 -63.27 12.14
C SER S 38 -7.74 -63.95 13.07
N PRO S 39 -7.79 -65.29 13.11
CA PRO S 39 -8.66 -65.97 14.07
C PRO S 39 -8.23 -65.81 15.51
N THR S 40 -7.00 -65.37 15.77
CA THR S 40 -6.50 -65.28 17.13
C THR S 40 -7.01 -64.03 17.83
N ASP S 41 -6.70 -62.86 17.28
CA ASP S 41 -7.09 -61.60 17.90
C ASP S 41 -7.84 -60.66 16.96
N GLY S 42 -8.15 -61.09 15.74
CA GLY S 42 -8.84 -60.24 14.79
C GLY S 42 -7.97 -59.25 14.06
N SER S 43 -6.66 -59.28 14.25
CA SER S 43 -5.77 -58.35 13.57
C SER S 43 -5.63 -58.73 12.10
N LEU S 44 -5.07 -57.81 11.33
CA LEU S 44 -4.87 -58.01 9.90
C LEU S 44 -3.85 -59.11 9.66
N ALA S 45 -4.24 -60.12 8.88
CA ALA S 45 -3.39 -61.29 8.64
C ALA S 45 -3.38 -61.59 7.14
N ILE S 46 -2.22 -61.43 6.52
CA ILE S 46 -2.06 -61.73 5.10
C ILE S 46 -1.51 -63.15 4.94
N PRO S 47 -2.13 -64.00 4.13
CA PRO S 47 -1.61 -65.35 3.95
C PRO S 47 -0.24 -65.31 3.28
N PRO S 48 0.62 -66.29 3.58
CA PRO S 48 1.92 -66.34 2.92
C PRO S 48 1.79 -66.56 1.43
N GLY S 49 2.72 -65.99 0.68
CA GLY S 49 2.69 -66.01 -0.77
C GLY S 49 2.23 -64.71 -1.39
N TYR S 50 1.41 -63.94 -0.68
CA TYR S 50 0.98 -62.64 -1.16
C TYR S 50 2.08 -61.61 -0.89
N LYS S 51 2.44 -60.86 -1.93
CA LYS S 51 3.49 -59.86 -1.83
C LYS S 51 2.96 -58.53 -2.33
N SER S 52 3.26 -57.47 -1.59
CA SER S 52 2.82 -56.14 -1.98
C SER S 52 3.59 -55.65 -3.21
N VAL S 53 2.91 -54.88 -4.05
CA VAL S 53 3.57 -54.22 -5.18
C VAL S 53 4.26 -52.93 -4.76
N GLY S 54 4.06 -52.48 -3.53
CA GLY S 54 4.67 -51.25 -3.07
C GLY S 54 3.90 -50.00 -3.42
N HIS S 55 4.59 -48.89 -3.56
CA HIS S 55 3.97 -47.60 -3.80
C HIS S 55 3.30 -47.55 -5.16
N PHE S 56 2.18 -46.83 -5.23
CA PHE S 56 1.54 -46.54 -6.50
C PHE S 56 1.10 -45.09 -6.51
N GLU S 57 0.82 -44.58 -7.70
CA GLU S 57 0.57 -43.15 -7.90
C GLU S 57 -0.65 -42.69 -7.11
N LYS S 58 -0.50 -41.55 -6.44
CA LYS S 58 -1.56 -41.04 -5.58
C LYS S 58 -2.75 -40.53 -6.40
N GLN S 59 -2.48 -39.69 -7.41
CA GLN S 59 -3.57 -39.04 -8.13
C GLN S 59 -4.40 -40.02 -8.93
N ALA S 60 -3.76 -40.99 -9.58
CA ALA S 60 -4.51 -42.00 -10.30
C ALA S 60 -5.38 -42.81 -9.35
N GLY S 61 -4.87 -43.11 -8.16
CA GLY S 61 -5.59 -43.93 -7.22
C GLY S 61 -5.77 -45.34 -7.75
N LEU S 62 -6.84 -45.98 -7.30
CA LEU S 62 -7.21 -47.30 -7.79
C LEU S 62 -8.66 -47.26 -8.24
N THR S 63 -8.90 -47.64 -9.49
CA THR S 63 -10.23 -47.63 -10.06
C THR S 63 -10.75 -49.05 -10.18
N LEU S 64 -11.91 -49.31 -9.61
CA LEU S 64 -12.58 -50.60 -9.70
C LEU S 64 -13.72 -50.48 -10.69
N GLY S 65 -13.75 -51.36 -11.68
CA GLY S 65 -14.75 -51.34 -12.73
C GLY S 65 -15.64 -52.56 -12.66
N ASN S 66 -16.92 -52.37 -12.95
CA ASN S 66 -17.90 -53.46 -13.04
C ASN S 66 -18.74 -53.26 -14.27
N GLU S 67 -18.87 -54.31 -15.08
CA GLU S 67 -19.77 -54.28 -16.22
C GLU S 67 -20.57 -55.58 -16.25
N PHE S 68 -21.83 -55.47 -16.67
CA PHE S 68 -22.70 -56.62 -16.81
C PHE S 68 -23.00 -56.85 -18.28
N ASP S 69 -22.89 -58.09 -18.73
CA ASP S 69 -23.38 -58.47 -20.04
C ASP S 69 -24.64 -59.32 -19.85
N SER S 70 -25.73 -58.88 -20.48
CA SER S 70 -27.02 -59.53 -20.30
C SER S 70 -27.79 -59.46 -21.61
N LYS S 71 -28.77 -60.34 -21.74
CA LYS S 71 -29.63 -60.41 -22.91
C LYS S 71 -31.08 -60.41 -22.47
N ASP S 72 -31.91 -59.63 -23.16
CA ASP S 72 -33.31 -59.50 -22.83
C ASP S 72 -34.15 -60.43 -23.70
N ILE S 73 -35.02 -61.19 -23.08
CA ILE S 73 -35.98 -62.04 -23.78
C ILE S 73 -37.25 -61.24 -23.98
N GLU S 74 -37.58 -60.94 -25.23
CA GLU S 74 -38.70 -60.06 -25.57
C GLU S 74 -39.87 -60.87 -26.10
N ALA S 75 -41.03 -60.67 -25.51
CA ALA S 75 -42.26 -61.31 -25.95
C ALA S 75 -43.16 -60.31 -26.65
N TYR S 76 -43.96 -60.81 -27.59
CA TYR S 76 -44.90 -59.97 -28.31
C TYR S 76 -45.87 -59.29 -27.36
N GLY S 77 -46.04 -57.98 -27.52
CA GLY S 77 -46.95 -57.22 -26.70
C GLY S 77 -46.45 -56.84 -25.33
N GLU S 78 -45.19 -57.13 -25.02
CA GLU S 78 -44.62 -56.77 -23.73
C GLU S 78 -43.58 -55.67 -23.92
N PRO S 79 -43.82 -54.46 -23.44
CA PRO S 79 -42.78 -53.41 -23.55
C PRO S 79 -41.50 -53.75 -22.81
N GLU S 80 -41.58 -54.50 -21.71
CA GLU S 80 -40.42 -54.87 -20.93
C GLU S 80 -40.10 -56.35 -21.12
N PRO S 81 -38.83 -56.75 -20.95
CA PRO S 81 -38.47 -58.15 -21.15
C PRO S 81 -39.19 -59.06 -20.16
N ILE S 82 -39.62 -60.23 -20.66
CA ILE S 82 -40.20 -61.23 -19.77
C ILE S 82 -39.13 -61.95 -18.96
N ARG S 83 -37.88 -61.89 -19.39
CA ARG S 83 -36.78 -62.46 -18.64
C ARG S 83 -35.48 -61.83 -19.11
N THR S 84 -34.62 -61.49 -18.16
CA THR S 84 -33.29 -60.97 -18.45
C THR S 84 -32.26 -62.01 -17.99
N ILE S 85 -31.44 -62.47 -18.92
CA ILE S 85 -30.39 -63.45 -18.62
C ILE S 85 -29.08 -62.69 -18.53
N ILE S 86 -28.53 -62.62 -17.33
CA ILE S 86 -27.24 -61.98 -17.11
C ILE S 86 -26.15 -63.04 -17.22
N ASN S 87 -25.24 -62.86 -18.18
CA ASN S 87 -24.19 -63.86 -18.38
C ASN S 87 -23.16 -63.80 -17.26
N LYS S 88 -22.59 -62.62 -17.02
CA LYS S 88 -21.54 -62.50 -16.03
C LYS S 88 -21.41 -61.04 -15.62
N ARG S 89 -20.68 -60.83 -14.52
CA ARG S 89 -20.27 -59.51 -14.07
C ARG S 89 -18.75 -59.47 -14.17
N THR S 90 -18.23 -58.53 -14.95
CA THR S 90 -16.79 -58.42 -15.17
C THR S 90 -16.23 -57.34 -14.25
N THR S 91 -15.30 -57.72 -13.38
CA THR S 91 -14.64 -56.79 -12.48
C THR S 91 -13.21 -56.55 -12.94
N THR S 92 -12.82 -55.30 -13.02
CA THR S 92 -11.46 -54.91 -13.35
C THR S 92 -10.97 -53.88 -12.34
N PHE S 93 -9.65 -53.81 -12.19
CA PHE S 93 -9.05 -52.74 -11.42
C PHE S 93 -7.71 -52.36 -12.03
N ASP S 94 -7.42 -51.07 -11.99
CA ASP S 94 -6.21 -50.52 -12.58
C ASP S 94 -5.58 -49.51 -11.63
N PHE S 95 -4.27 -49.40 -11.70
CA PHE S 95 -3.48 -48.55 -10.81
C PHE S 95 -2.10 -48.38 -11.42
N ALA S 96 -1.37 -47.38 -10.95
CA ALA S 96 -0.08 -46.99 -11.53
C ALA S 96 1.04 -47.29 -10.54
N MET S 97 1.73 -48.40 -10.75
CA MET S 97 2.80 -48.84 -9.85
C MET S 97 4.08 -48.04 -10.09
N TYR S 98 4.82 -47.82 -9.00
CA TYR S 98 6.07 -47.05 -9.03
C TYR S 98 7.32 -47.92 -8.97
N GLN S 99 7.28 -49.04 -8.26
CA GLN S 99 8.49 -49.75 -7.86
C GLN S 99 8.93 -50.73 -8.93
N ASN S 100 10.24 -50.73 -9.22
CA ASN S 100 10.83 -51.63 -10.22
C ASN S 100 11.35 -52.88 -9.51
N GLN S 101 10.40 -53.71 -9.08
CA GLN S 101 10.72 -54.96 -8.42
C GLN S 101 10.23 -56.12 -9.28
N ARG S 102 10.59 -57.34 -8.86
CA ARG S 102 10.40 -58.50 -9.73
C ARG S 102 8.94 -58.80 -9.98
N ASN S 103 8.08 -58.72 -8.95
CA ASN S 103 6.69 -59.11 -9.16
C ASN S 103 5.97 -58.12 -10.08
N VAL S 104 6.25 -56.83 -9.94
CA VAL S 104 5.68 -55.82 -10.83
C VAL S 104 6.10 -56.08 -12.27
N LEU S 105 7.40 -56.30 -12.49
CA LEU S 105 7.90 -56.49 -13.85
C LEU S 105 7.42 -57.82 -14.43
N GLU S 106 7.27 -58.84 -13.59
CA GLU S 106 6.70 -60.11 -14.04
C GLU S 106 5.26 -59.93 -14.50
N LEU S 107 4.48 -59.16 -13.75
CA LEU S 107 3.11 -58.85 -14.18
C LEU S 107 3.12 -58.08 -15.50
N ILE S 108 3.99 -57.08 -15.61
CA ILE S 108 4.00 -56.20 -16.77
C ILE S 108 4.36 -56.97 -18.04
N TRP S 109 5.36 -57.85 -17.96
CA TRP S 109 5.88 -58.54 -19.13
C TRP S 109 5.26 -59.93 -19.33
N THR S 110 4.32 -60.33 -18.49
CA THR S 110 3.67 -61.64 -18.55
C THR S 110 4.70 -62.76 -18.65
N GLN S 111 5.59 -62.81 -17.66
CA GLN S 111 6.69 -63.74 -17.66
C GLN S 111 7.05 -64.08 -16.21
N ASP S 112 7.64 -65.25 -16.02
CA ASP S 112 8.26 -65.62 -14.76
C ASP S 112 9.74 -65.25 -14.84
N PHE S 113 10.18 -64.36 -13.94
CA PHE S 113 11.56 -63.91 -13.89
C PHE S 113 12.32 -64.48 -12.69
N SER S 114 11.79 -65.53 -12.07
CA SER S 114 12.43 -66.09 -10.88
C SER S 114 13.78 -66.73 -11.19
N ASN S 115 14.02 -67.13 -12.43
CA ASN S 115 15.29 -67.70 -12.84
C ASN S 115 16.28 -66.66 -13.34
N ILE S 116 15.93 -65.38 -13.30
CA ILE S 116 16.84 -64.33 -13.75
C ILE S 116 17.95 -64.16 -12.73
N GLN S 117 19.19 -64.35 -13.17
CA GLN S 117 20.33 -64.15 -12.31
C GLN S 117 20.97 -62.82 -12.59
N PRO S 118 21.15 -61.97 -11.57
CA PRO S 118 21.88 -60.72 -11.79
C PRO S 118 23.28 -61.00 -12.27
N SER S 119 23.79 -60.10 -13.12
CA SER S 119 25.10 -60.29 -13.71
C SER S 119 26.18 -60.14 -12.64
N GLU S 120 27.43 -60.26 -13.08
CA GLU S 120 28.55 -60.24 -12.14
C GLU S 120 28.66 -58.89 -11.43
N PHE S 121 28.09 -57.82 -12.01
CA PHE S 121 28.00 -56.52 -11.35
C PHE S 121 26.59 -56.17 -10.92
N GLY S 122 25.64 -57.12 -10.98
CA GLY S 122 24.30 -56.89 -10.51
C GLY S 122 23.28 -56.51 -11.57
N GLY S 123 23.71 -56.30 -12.82
CA GLY S 123 22.77 -55.94 -13.86
C GLY S 123 21.87 -57.09 -14.25
N ILE S 124 20.64 -56.76 -14.63
CA ILE S 124 19.68 -57.74 -15.10
C ILE S 124 19.11 -57.28 -16.44
N VAL S 125 18.77 -58.24 -17.28
CA VAL S 125 18.07 -57.99 -18.54
C VAL S 125 16.83 -58.88 -18.58
N LEU S 126 15.67 -58.28 -18.74
CA LEU S 126 14.40 -59.00 -18.76
C LEU S 126 13.84 -58.96 -20.18
N GLU S 127 13.88 -60.11 -20.85
CA GLU S 127 13.39 -60.21 -22.22
C GLU S 127 11.90 -60.52 -22.22
N ALA S 128 11.15 -59.81 -23.05
CA ALA S 128 9.76 -60.14 -23.25
C ALA S 128 9.63 -61.50 -23.93
N PRO S 129 8.67 -62.32 -23.53
CA PRO S 129 8.54 -63.65 -24.14
C PRO S 129 8.11 -63.57 -25.59
N LYS S 130 8.51 -64.58 -26.36
CA LYS S 130 8.03 -64.79 -27.72
C LYS S 130 6.55 -64.49 -27.88
N VAL S 131 5.72 -65.21 -27.13
CA VAL S 131 4.29 -64.97 -27.12
C VAL S 131 3.94 -64.52 -25.70
N PRO S 132 3.09 -63.51 -25.53
CA PRO S 132 2.61 -63.17 -24.19
C PRO S 132 1.92 -64.36 -23.56
N LYS S 133 2.15 -64.54 -22.27
CA LYS S 133 1.66 -65.70 -21.54
C LYS S 133 0.41 -65.35 -20.74
N ASN S 134 -0.50 -66.31 -20.66
CA ASN S 134 -1.69 -66.18 -19.81
C ASN S 134 -1.29 -66.60 -18.41
N ILE S 135 -1.02 -65.61 -17.55
CA ILE S 135 -0.58 -65.86 -16.18
C ILE S 135 -1.64 -65.32 -15.24
N TYR S 136 -2.10 -66.16 -14.33
CA TYR S 136 -3.10 -65.78 -13.34
C TYR S 136 -2.44 -65.51 -12.00
N TYR S 137 -3.01 -64.56 -11.27
CA TYR S 137 -2.53 -64.21 -9.94
C TYR S 137 -3.71 -64.19 -8.97
N ARG S 138 -3.37 -64.32 -7.70
CA ARG S 138 -4.31 -64.05 -6.62
C ARG S 138 -4.02 -62.66 -6.09
N ALA S 139 -5.07 -61.88 -5.90
CA ALA S 139 -4.91 -60.47 -5.56
C ALA S 139 -5.67 -60.14 -4.29
N ILE S 140 -5.08 -59.26 -3.49
CA ILE S 140 -5.75 -58.65 -2.34
C ILE S 140 -5.58 -57.15 -2.45
N LEU S 141 -6.69 -56.43 -2.45
CA LEU S 141 -6.69 -54.98 -2.34
C LEU S 141 -7.24 -54.64 -0.96
N VAL S 142 -6.38 -54.27 -0.04
CA VAL S 142 -6.78 -53.94 1.33
C VAL S 142 -6.45 -52.48 1.61
N GLY S 143 -7.43 -51.75 2.11
CA GLY S 143 -7.27 -50.37 2.49
C GLY S 143 -7.53 -50.18 3.96
N MET S 144 -7.04 -49.08 4.52
CA MET S 144 -7.19 -48.81 5.94
C MET S 144 -7.79 -47.42 6.13
N ASP S 145 -8.79 -47.34 6.99
CA ASP S 145 -9.34 -46.07 7.48
C ASP S 145 -8.97 -45.99 8.97
N ASP S 146 -7.84 -45.35 9.26
CA ASP S 146 -7.33 -45.28 10.63
C ASP S 146 -7.94 -44.05 11.29
N ARG S 147 -9.08 -44.24 11.94
CA ARG S 147 -9.83 -43.17 12.57
C ARG S 147 -9.91 -43.42 14.07
N ASN S 148 -9.55 -42.40 14.85
CA ASN S 148 -9.65 -42.44 16.31
C ASN S 148 -8.90 -43.65 16.89
N ASP S 149 -7.78 -44.00 16.27
CA ASP S 149 -6.90 -45.11 16.67
C ASP S 149 -7.56 -46.48 16.55
N ARG S 150 -8.80 -46.56 16.07
CA ARG S 150 -9.47 -47.84 15.84
C ARG S 150 -9.61 -48.07 14.35
N PRO S 151 -8.65 -48.71 13.70
CA PRO S 151 -8.66 -48.78 12.24
C PRO S 151 -9.78 -49.68 11.71
N ILE S 152 -10.25 -49.34 10.52
CA ILE S 152 -11.13 -50.19 9.74
C ILE S 152 -10.35 -50.67 8.53
N TRP S 153 -10.33 -51.97 8.31
CA TRP S 153 -9.74 -52.55 7.11
C TRP S 153 -10.85 -52.99 6.18
N LEU S 154 -10.89 -52.39 5.00
CA LEU S 154 -11.84 -52.78 3.97
C LEU S 154 -11.04 -53.30 2.78
N TYR S 155 -11.44 -54.45 2.27
CA TYR S 155 -10.59 -55.13 1.31
C TYR S 155 -11.43 -55.85 0.26
N TRP S 156 -10.76 -56.19 -0.83
CA TRP S 156 -11.33 -56.97 -1.92
C TRP S 156 -10.45 -58.17 -2.16
N LEU S 157 -11.06 -59.34 -2.26
CA LEU S 157 -10.35 -60.57 -2.56
C LEU S 157 -10.67 -60.99 -3.99
N MET S 158 -9.63 -61.09 -4.81
CA MET S 158 -9.77 -61.52 -6.21
C MET S 158 -8.83 -62.69 -6.41
N PRO S 159 -9.34 -63.92 -6.27
CA PRO S 159 -8.45 -65.09 -6.30
C PRO S 159 -7.83 -65.39 -7.65
N LYS S 160 -8.37 -64.87 -8.76
CA LYS S 160 -7.87 -65.21 -10.09
C LYS S 160 -7.92 -63.97 -10.99
N VAL S 161 -6.80 -63.25 -11.04
CA VAL S 161 -6.71 -62.05 -11.85
C VAL S 161 -5.64 -62.25 -12.92
N LYS S 162 -5.86 -61.60 -14.06
CA LYS S 162 -4.94 -61.66 -15.19
C LYS S 162 -4.76 -60.27 -15.76
N LEU S 163 -3.57 -60.03 -16.31
CA LEU S 163 -3.31 -58.76 -16.99
C LEU S 163 -4.20 -58.64 -18.21
N ASP S 164 -4.96 -57.56 -18.29
CA ASP S 164 -5.88 -57.32 -19.39
C ASP S 164 -5.40 -56.21 -20.33
N LYS S 165 -4.76 -55.18 -19.79
CA LYS S 165 -4.42 -54.00 -20.56
C LYS S 165 -3.23 -53.32 -19.90
N LEU S 166 -2.45 -52.61 -20.72
CA LEU S 166 -1.32 -51.85 -20.23
C LEU S 166 -1.37 -50.46 -20.85
N ASP S 167 -1.48 -49.44 -20.01
CA ASP S 167 -1.54 -48.08 -20.50
C ASP S 167 -0.18 -47.64 -21.03
N ASN S 168 -0.21 -46.59 -21.84
CA ASN S 168 1.02 -46.04 -22.39
C ASN S 168 1.94 -45.56 -21.29
N GLN S 169 3.22 -45.92 -21.41
CA GLN S 169 4.23 -45.54 -20.43
C GLN S 169 5.01 -44.35 -20.97
N THR S 170 4.93 -43.22 -20.28
CA THR S 170 5.59 -42.00 -20.71
C THR S 170 6.81 -41.74 -19.85
N LEU S 171 7.95 -41.50 -20.50
CA LEU S 171 9.19 -41.18 -19.82
C LEU S 171 9.39 -39.67 -19.87
N ASN S 172 9.35 -39.04 -18.69
CA ASN S 172 9.60 -37.61 -18.55
C ASN S 172 10.78 -37.41 -17.62
N ASP S 173 11.55 -36.35 -17.87
CA ASP S 173 12.77 -36.13 -17.10
C ASP S 173 12.49 -35.63 -15.68
N ASP S 174 11.24 -35.32 -15.35
CA ASP S 174 10.86 -34.86 -14.02
C ASP S 174 9.91 -35.82 -13.32
N ASN S 175 9.85 -37.07 -13.74
CA ASN S 175 8.93 -38.03 -13.15
C ASN S 175 9.59 -39.39 -13.08
N VAL S 176 9.08 -40.23 -12.19
CA VAL S 176 9.52 -41.62 -12.14
C VAL S 176 8.71 -42.42 -13.15
N ILE S 177 9.25 -43.55 -13.57
CA ILE S 177 8.55 -44.42 -14.50
C ILE S 177 7.39 -45.10 -13.79
N GLU S 178 6.26 -45.20 -14.48
CA GLU S 178 5.05 -45.78 -13.93
C GLU S 178 4.61 -46.94 -14.80
N TYR S 179 4.13 -48.00 -14.16
CA TYR S 179 3.50 -49.13 -14.84
C TYR S 179 2.02 -49.10 -14.50
N LYS S 180 1.17 -49.09 -15.52
CA LYS S 180 -0.27 -48.89 -15.36
C LYS S 180 -1.02 -50.07 -15.96
N PRO S 181 -1.10 -51.19 -15.26
CA PRO S 181 -1.87 -52.32 -15.75
C PRO S 181 -3.34 -52.21 -15.39
N THR S 182 -4.17 -52.86 -16.19
CA THR S 182 -5.56 -53.14 -15.83
C THR S 182 -5.68 -54.65 -15.63
N LEU S 183 -6.12 -55.05 -14.46
CA LEU S 183 -6.27 -56.46 -14.13
C LEU S 183 -7.74 -56.85 -14.14
N LYS S 184 -8.03 -57.97 -14.78
CA LYS S 184 -9.39 -58.49 -14.88
C LYS S 184 -9.53 -59.67 -13.95
N ALA S 185 -10.59 -59.67 -13.15
CA ALA S 185 -10.87 -60.75 -12.22
C ALA S 185 -11.66 -61.86 -12.92
N PHE S 186 -11.28 -63.09 -12.64
CA PHE S 186 -11.96 -64.27 -13.15
C PHE S 186 -12.45 -65.11 -11.99
N ARG S 187 -13.47 -65.92 -12.24
CA ARG S 187 -14.00 -66.78 -11.20
C ARG S 187 -13.04 -67.93 -10.93
N ASP S 188 -12.71 -68.12 -9.66
CA ASP S 188 -11.92 -69.27 -9.23
C ASP S 188 -12.87 -70.36 -8.74
N ASP S 189 -12.80 -71.54 -9.37
CA ASP S 189 -13.76 -72.59 -9.06
C ASP S 189 -13.61 -73.11 -7.64
N VAL S 190 -12.38 -73.24 -7.15
CA VAL S 190 -12.16 -73.82 -5.84
C VAL S 190 -12.78 -72.96 -4.75
N VAL S 191 -12.60 -71.65 -4.81
CA VAL S 191 -13.19 -70.76 -3.81
C VAL S 191 -14.60 -70.32 -4.19
N GLY S 192 -14.99 -70.45 -5.45
CA GLY S 192 -16.36 -70.21 -5.83
C GLY S 192 -16.78 -68.77 -6.00
N TYR S 193 -15.86 -67.87 -6.31
CA TYR S 193 -16.21 -66.49 -6.62
C TYR S 193 -15.06 -65.85 -7.37
N SER S 194 -15.34 -64.69 -7.96
CA SER S 194 -14.31 -63.88 -8.58
C SER S 194 -13.90 -62.68 -7.73
N VAL S 195 -14.85 -62.07 -7.01
CA VAL S 195 -14.58 -60.91 -6.18
C VAL S 195 -15.32 -61.08 -4.86
N ALA S 196 -14.67 -60.72 -3.77
CA ALA S 196 -15.30 -60.64 -2.46
C ALA S 196 -14.87 -59.34 -1.80
N GLN S 197 -15.81 -58.68 -1.13
CA GLN S 197 -15.54 -57.45 -0.39
C GLN S 197 -15.59 -57.76 1.10
N GLY S 198 -14.60 -57.27 1.83
CA GLY S 198 -14.48 -57.58 3.24
C GLY S 198 -14.31 -56.34 4.09
N PHE S 199 -14.74 -56.46 5.34
CA PHE S 199 -14.60 -55.41 6.35
C PHE S 199 -14.10 -56.06 7.64
N ALA S 200 -13.13 -55.42 8.28
CA ALA S 200 -12.53 -55.97 9.49
C ALA S 200 -11.91 -54.84 10.29
N GLY S 201 -11.45 -55.17 11.50
CA GLY S 201 -10.84 -54.21 12.38
C GLY S 201 -11.75 -53.79 13.52
N PRO S 202 -11.16 -53.31 14.61
CA PRO S 202 -11.98 -52.85 15.75
C PRO S 202 -12.91 -51.71 15.40
N GLY S 203 -12.47 -50.80 14.53
CA GLY S 203 -13.35 -49.74 14.08
C GLY S 203 -14.55 -50.28 13.34
N TRP S 204 -14.36 -51.34 12.55
CA TRP S 204 -15.50 -51.99 11.93
C TRP S 204 -16.38 -52.67 12.97
N ARG S 205 -15.76 -53.32 13.96
CA ARG S 205 -16.52 -53.98 15.02
C ARG S 205 -17.43 -53.00 15.75
N ASP S 206 -17.01 -51.74 15.86
CA ASP S 206 -17.91 -50.73 16.41
C ASP S 206 -19.15 -50.53 15.55
N LEU S 207 -19.09 -50.87 14.27
CA LEU S 207 -20.12 -50.48 13.31
C LEU S 207 -20.90 -51.63 12.70
N VAL S 208 -20.56 -52.88 13.01
CA VAL S 208 -21.15 -54.00 12.28
C VAL S 208 -22.66 -54.03 12.45
N ALA S 209 -23.14 -53.84 13.68
CA ALA S 209 -24.57 -53.84 13.94
C ALA S 209 -25.26 -52.65 13.29
N THR S 210 -24.63 -51.47 13.35
CA THR S 210 -25.17 -50.30 12.66
C THR S 210 -25.23 -50.52 11.16
N ALA S 211 -24.25 -51.24 10.60
CA ALA S 211 -24.23 -51.51 9.17
C ALA S 211 -25.30 -52.51 8.74
N GLY S 212 -25.98 -53.15 9.68
CA GLY S 212 -27.05 -54.06 9.36
C GLY S 212 -26.65 -55.51 9.20
N PHE S 213 -25.46 -55.89 9.63
CA PHE S 213 -24.99 -57.26 9.57
C PHE S 213 -25.09 -57.86 10.97
N GLY S 214 -25.78 -58.98 11.09
CA GLY S 214 -26.02 -59.56 12.40
C GLY S 214 -27.02 -58.74 13.21
N GLU S 215 -27.00 -58.97 14.51
CA GLU S 215 -27.87 -58.28 15.44
C GLU S 215 -27.07 -57.31 16.33
N ALA S 216 -27.79 -56.37 16.92
CA ALA S 216 -27.17 -55.38 17.79
C ALA S 216 -26.77 -56.00 19.11
N LEU S 217 -25.80 -55.37 19.77
CA LEU S 217 -25.26 -55.86 21.03
C LEU S 217 -26.07 -55.27 22.19
N THR S 218 -26.66 -56.15 23.01
CA THR S 218 -27.48 -55.70 24.13
C THR S 218 -26.95 -56.13 25.48
N ALA S 219 -26.32 -57.30 25.59
CA ALA S 219 -25.83 -57.80 26.86
C ALA S 219 -24.43 -58.38 26.69
N LEU S 220 -23.61 -58.24 27.73
CA LEU S 220 -22.24 -58.74 27.75
C LEU S 220 -22.16 -59.95 28.65
N THR S 221 -21.54 -61.01 28.16
CA THR S 221 -21.42 -62.27 28.88
C THR S 221 -19.95 -62.64 29.04
N ILE S 222 -19.57 -63.05 30.24
CA ILE S 222 -18.21 -63.50 30.53
C ILE S 222 -18.23 -65.02 30.56
N THR S 223 -17.51 -65.64 29.61
CA THR S 223 -17.52 -67.09 29.52
C THR S 223 -16.89 -67.79 30.73
N PRO S 224 -15.71 -67.37 31.25
CA PRO S 224 -15.28 -67.99 32.52
C PRO S 224 -15.97 -67.32 33.70
N GLY S 225 -17.21 -67.75 33.95
CA GLY S 225 -18.01 -67.12 34.97
C GLY S 225 -17.45 -67.29 36.37
N SER S 226 -16.97 -68.49 36.70
CA SER S 226 -16.42 -68.80 38.02
C SER S 226 -15.10 -69.55 37.86
N PRO S 227 -14.04 -68.87 37.44
CA PRO S 227 -12.75 -69.52 37.31
C PRO S 227 -12.03 -69.65 38.65
N THR S 228 -11.03 -70.51 38.66
CA THR S 228 -10.20 -70.74 39.85
C THR S 228 -8.73 -70.67 39.45
N VAL S 229 -7.94 -69.93 40.22
CA VAL S 229 -6.54 -69.71 39.93
C VAL S 229 -5.71 -70.13 41.13
N THR S 230 -4.60 -70.81 40.87
CA THR S 230 -3.70 -71.24 41.93
C THR S 230 -2.68 -70.15 42.25
N VAL S 231 -2.41 -69.97 43.54
CA VAL S 231 -1.44 -68.96 43.96
C VAL S 231 -0.05 -69.30 43.42
N ALA S 232 0.33 -70.58 43.51
CA ALA S 232 1.66 -70.99 43.04
C ALA S 232 1.76 -70.86 41.52
N THR S 233 2.98 -70.60 41.06
CA THR S 233 3.26 -70.49 39.64
C THR S 233 3.07 -71.84 38.95
N GLY S 234 2.41 -71.81 37.80
CA GLY S 234 2.18 -73.02 37.05
C GLY S 234 1.32 -72.75 35.84
N ALA S 235 0.98 -73.84 35.13
CA ALA S 235 0.15 -73.72 33.94
C ALA S 235 -1.25 -73.21 34.28
N SER S 236 -1.84 -73.72 35.36
CA SER S 236 -3.16 -73.31 35.79
C SER S 236 -3.13 -72.14 36.76
N HIS S 237 -1.98 -71.48 36.91
CA HIS S 237 -1.88 -70.34 37.81
C HIS S 237 -2.65 -69.14 37.32
N THR S 238 -2.68 -68.90 36.01
CA THR S 238 -3.37 -67.77 35.41
C THR S 238 -4.53 -68.24 34.56
N ALA S 239 -5.47 -67.32 34.29
CA ALA S 239 -6.64 -67.62 33.47
C ALA S 239 -6.92 -66.43 32.57
N GLN S 240 -7.22 -66.72 31.30
CA GLN S 240 -7.54 -65.67 30.33
C GLN S 240 -9.06 -65.61 30.16
N LEU S 241 -9.62 -64.43 30.38
CA LEU S 241 -11.06 -64.25 30.25
C LEU S 241 -11.46 -64.03 28.80
N LEU S 242 -12.75 -64.18 28.53
CA LEU S 242 -13.31 -63.93 27.22
C LEU S 242 -14.70 -63.35 27.37
N VAL S 243 -14.94 -62.19 26.76
CA VAL S 243 -16.19 -61.46 26.89
C VAL S 243 -16.88 -61.46 25.54
N GLU S 244 -18.15 -61.87 25.52
CA GLU S 244 -18.92 -61.98 24.30
C GLU S 244 -20.19 -61.14 24.40
N GLY S 245 -20.93 -61.10 23.30
CA GLY S 245 -22.20 -60.41 23.24
C GLY S 245 -23.30 -61.33 22.76
N ASP S 246 -24.51 -60.78 22.74
CA ASP S 246 -25.67 -61.54 22.26
C ASP S 246 -25.55 -61.85 20.77
N ASN S 247 -24.81 -61.03 20.04
CA ASN S 247 -24.65 -61.20 18.59
C ASN S 247 -23.54 -62.17 18.23
N GLY S 248 -22.83 -62.73 19.21
CA GLY S 248 -21.75 -63.65 18.95
C GLY S 248 -20.42 -63.01 18.63
N ILE S 249 -20.26 -61.72 18.91
CA ILE S 249 -19.03 -60.99 18.62
C ILE S 249 -18.21 -60.90 19.89
N ASN S 250 -16.92 -61.24 19.78
CA ASN S 250 -15.99 -61.11 20.90
C ASN S 250 -15.71 -59.63 21.15
N TYR S 251 -16.08 -59.14 22.32
CA TYR S 251 -15.88 -57.75 22.69
C TYR S 251 -14.78 -57.56 23.73
N THR S 252 -13.96 -58.58 23.95
CA THR S 252 -12.89 -58.49 24.96
C THR S 252 -11.93 -57.32 24.73
N PRO S 253 -11.46 -57.03 23.51
CA PRO S 253 -10.60 -55.85 23.34
C PRO S 253 -11.30 -54.53 23.60
N ASP S 254 -12.63 -54.48 23.56
CA ASP S 254 -13.37 -53.23 23.66
C ASP S 254 -13.94 -52.97 25.05
N VAL S 255 -13.68 -53.83 26.03
CA VAL S 255 -14.24 -53.67 27.36
C VAL S 255 -13.15 -53.15 28.29
N VAL S 256 -13.57 -52.74 29.48
CA VAL S 256 -12.68 -52.27 30.54
C VAL S 256 -12.71 -53.27 31.68
N PHE S 257 -11.53 -53.78 32.05
CA PHE S 257 -11.42 -54.76 33.12
C PHE S 257 -11.11 -54.06 34.44
N THR S 258 -12.03 -54.19 35.40
CA THR S 258 -11.86 -53.64 36.74
C THR S 258 -12.08 -54.75 37.76
N SER S 259 -11.18 -54.86 38.73
CA SER S 259 -11.27 -55.88 39.75
C SER S 259 -11.78 -55.31 41.07
N SER S 260 -12.28 -56.20 41.92
CA SER S 260 -12.79 -55.81 43.23
C SER S 260 -11.66 -55.67 44.25
N ALA S 261 -10.92 -56.74 44.48
CA ALA S 261 -9.75 -56.72 45.37
C ALA S 261 -8.51 -57.03 44.55
N PRO S 262 -7.73 -56.02 44.15
CA PRO S 262 -6.56 -56.28 43.28
C PRO S 262 -5.55 -57.23 43.88
N ASP S 263 -5.37 -57.20 45.21
CA ASP S 263 -4.38 -58.08 45.83
C ASP S 263 -4.77 -59.55 45.68
N LYS S 264 -6.06 -59.86 45.84
CA LYS S 264 -6.51 -61.24 45.72
C LYS S 264 -6.31 -61.77 44.31
N ALA S 265 -6.74 -61.01 43.30
CA ALA S 265 -6.60 -61.41 41.91
C ALA S 265 -6.28 -60.19 41.07
N SER S 266 -5.19 -60.24 40.32
CA SER S 266 -4.77 -59.14 39.48
C SER S 266 -5.16 -59.42 38.02
N VAL S 267 -5.88 -58.48 37.42
CA VAL S 267 -6.34 -58.59 36.03
C VAL S 267 -5.71 -57.45 35.25
N SER S 268 -5.23 -57.75 34.05
CA SER S 268 -4.64 -56.76 33.17
C SER S 268 -5.74 -56.12 32.32
N ALA S 269 -5.34 -55.25 31.39
CA ALA S 269 -6.31 -54.66 30.48
C ALA S 269 -6.86 -55.70 29.51
N ALA S 270 -6.02 -56.63 29.07
CA ALA S 270 -6.47 -57.68 28.15
C ALA S 270 -7.52 -58.57 28.81
N GLY S 271 -7.33 -58.91 30.08
CA GLY S 271 -8.29 -59.74 30.77
C GLY S 271 -7.73 -61.05 31.30
N LEU S 272 -6.43 -61.08 31.55
CA LEU S 272 -5.80 -62.24 32.16
C LEU S 272 -5.85 -62.10 33.68
N VAL S 273 -6.47 -63.08 34.33
CA VAL S 273 -6.68 -63.05 35.77
C VAL S 273 -5.59 -63.88 36.44
N THR S 274 -4.76 -63.23 37.25
CA THR S 274 -3.70 -63.88 38.01
C THR S 274 -4.02 -63.75 39.49
N GLY S 275 -4.12 -64.88 40.18
CA GLY S 275 -4.41 -64.87 41.59
C GLY S 275 -3.14 -64.70 42.43
N VAL S 276 -2.91 -63.48 42.90
CA VAL S 276 -1.71 -63.21 43.69
C VAL S 276 -1.82 -63.86 45.07
N ALA S 277 -2.98 -63.72 45.72
CA ALA S 277 -3.19 -64.27 47.05
C ALA S 277 -4.56 -64.91 47.12
N ALA S 278 -4.69 -65.93 47.96
CA ALA S 278 -5.95 -66.66 48.08
C ALA S 278 -7.04 -65.75 48.63
N GLY S 279 -8.24 -65.95 48.12
CA GLY S 279 -9.39 -65.16 48.52
C GLY S 279 -10.41 -65.15 47.40
N SER S 280 -11.36 -64.22 47.51
CA SER S 280 -12.43 -64.07 46.54
C SER S 280 -12.33 -62.70 45.90
N ALA S 281 -12.39 -62.66 44.57
CA ALA S 281 -12.28 -61.43 43.81
C ALA S 281 -13.35 -61.40 42.73
N THR S 282 -13.84 -60.19 42.45
CA THR S 282 -14.86 -59.97 41.43
C THR S 282 -14.23 -59.19 40.28
N ILE S 283 -14.25 -59.77 39.09
CA ILE S 283 -13.75 -59.11 37.88
C ILE S 283 -14.95 -58.57 37.13
N THR S 284 -14.94 -57.26 36.87
CA THR S 284 -16.03 -56.57 36.19
C THR S 284 -15.54 -56.06 34.85
N ALA S 285 -16.20 -56.47 33.77
CA ALA S 285 -15.91 -56.00 32.43
C ALA S 285 -17.00 -55.02 32.02
N THR S 286 -16.61 -53.77 31.78
CA THR S 286 -17.55 -52.70 31.48
C THR S 286 -17.26 -52.15 30.09
N LYS S 287 -18.31 -52.05 29.27
CA LYS S 287 -18.21 -51.47 27.94
C LYS S 287 -19.41 -50.56 27.75
N GLY S 288 -19.19 -49.26 27.84
CA GLY S 288 -20.29 -48.32 27.79
C GLY S 288 -21.24 -48.56 28.94
N ALA S 289 -22.53 -48.64 28.63
CA ALA S 289 -23.56 -48.92 29.63
C ALA S 289 -23.76 -50.40 29.88
N LEU S 290 -23.09 -51.26 29.12
CA LEU S 290 -23.21 -52.70 29.28
C LEU S 290 -22.09 -53.22 30.17
N THR S 291 -22.41 -54.25 30.96
CA THR S 291 -21.48 -54.73 31.98
C THR S 291 -21.64 -56.23 32.15
N ALA S 292 -20.50 -56.91 32.29
CA ALA S 292 -20.46 -58.33 32.63
C ALA S 292 -19.60 -58.50 33.87
N THR S 293 -20.12 -59.22 34.85
CA THR S 293 -19.46 -59.41 36.14
C THR S 293 -19.21 -60.89 36.38
N ALA S 294 -18.02 -61.21 36.88
CA ALA S 294 -17.62 -62.58 37.18
C ALA S 294 -16.92 -62.61 38.53
N THR S 295 -17.01 -63.77 39.20
CA THR S 295 -16.41 -63.98 40.50
C THR S 295 -15.31 -65.03 40.39
N VAL S 296 -14.15 -64.73 40.97
CA VAL S 296 -12.99 -65.62 40.95
C VAL S 296 -12.60 -65.93 42.38
N THR S 297 -12.44 -67.21 42.69
CA THR S 297 -11.96 -67.65 44.00
C THR S 297 -10.53 -68.17 43.84
N VAL S 298 -9.61 -67.58 44.61
CA VAL S 298 -8.20 -67.93 44.55
C VAL S 298 -7.89 -68.94 45.65
N THR S 299 -7.19 -70.02 45.28
CA THR S 299 -6.83 -71.05 46.24
C THR S 299 -5.31 -71.17 46.31
N ALA S 300 -4.79 -71.22 47.53
CA ALA S 300 -3.35 -71.33 47.75
C ALA S 300 -2.94 -72.79 47.84
N THR T 2 1.17 -57.66 12.74
CA THR T 2 1.67 -56.93 11.58
C THR T 2 0.75 -55.77 11.22
N ASP T 3 1.28 -54.56 11.32
CA ASP T 3 0.50 -53.38 10.98
C ASP T 3 0.44 -53.19 9.46
N PHE T 4 -0.37 -52.22 9.06
CA PHE T 4 -0.57 -51.95 7.63
C PHE T 4 0.74 -51.55 6.95
N TYR T 5 1.55 -50.74 7.64
CA TYR T 5 2.80 -50.25 7.04
C TYR T 5 3.74 -51.39 6.70
N THR T 6 3.86 -52.38 7.58
CA THR T 6 4.74 -53.51 7.32
C THR T 6 4.24 -54.34 6.14
N ILE T 7 2.92 -54.54 6.05
CA ILE T 7 2.36 -55.30 4.94
C ILE T 7 2.58 -54.55 3.63
N LYS T 8 2.41 -53.23 3.63
CA LYS T 8 2.60 -52.46 2.41
C LYS T 8 4.02 -52.59 1.88
N ASP T 9 5.01 -52.61 2.79
CA ASP T 9 6.40 -52.90 2.43
C ASP T 9 6.90 -51.98 1.31
N ALA T 10 6.56 -50.70 1.42
CA ALA T 10 6.90 -49.76 0.36
C ALA T 10 8.39 -49.45 0.34
N GLN T 11 8.95 -49.38 -0.86
CA GLN T 11 10.36 -49.09 -1.08
C GLN T 11 10.45 -47.90 -2.04
N ALA T 12 10.58 -46.70 -1.49
CA ALA T 12 10.66 -45.51 -2.33
C ALA T 12 11.90 -45.51 -3.21
N ASP T 13 12.98 -46.15 -2.76
CA ASP T 13 14.21 -46.19 -3.55
C ASP T 13 14.06 -47.01 -4.83
N LEU T 14 13.05 -47.87 -4.92
CA LEU T 14 12.85 -48.64 -6.14
C LEU T 14 12.09 -47.86 -7.22
N ALA T 15 11.63 -46.65 -6.92
CA ALA T 15 11.10 -45.77 -7.95
C ALA T 15 12.26 -45.08 -8.66
N ILE T 16 12.31 -45.23 -9.97
CA ILE T 16 13.45 -44.79 -10.77
C ILE T 16 12.97 -43.71 -11.75
N ALA T 17 13.66 -42.59 -11.77
CA ALA T 17 13.31 -41.46 -12.62
C ALA T 17 14.30 -41.35 -13.77
N PRO T 18 13.87 -41.41 -15.02
CA PRO T 18 14.80 -41.20 -16.15
C PRO T 18 15.12 -39.72 -16.32
N LEU T 19 16.03 -39.23 -15.46
CA LEU T 19 16.37 -37.82 -15.46
C LEU T 19 17.01 -37.40 -16.78
N ASN T 20 17.82 -38.27 -17.36
CA ASN T 20 18.30 -38.08 -18.72
C ASN T 20 18.00 -39.33 -19.53
N LEU T 21 17.87 -39.15 -20.84
CA LEU T 21 17.47 -40.23 -21.72
C LEU T 21 18.13 -40.03 -23.06
N THR T 22 18.53 -41.12 -23.69
CA THR T 22 19.10 -41.08 -25.02
C THR T 22 18.60 -42.26 -25.83
N VAL T 23 18.32 -42.01 -27.11
CA VAL T 23 17.91 -43.03 -28.06
C VAL T 23 19.07 -43.26 -29.01
N LEU T 24 19.50 -44.51 -29.14
CA LEU T 24 20.55 -44.87 -30.06
C LEU T 24 20.01 -45.82 -31.10
N LEU T 25 20.31 -45.55 -32.37
CA LEU T 25 19.91 -46.40 -33.48
C LEU T 25 21.15 -46.93 -34.16
N ALA T 26 21.07 -48.18 -34.62
CA ALA T 26 22.12 -48.80 -35.40
C ALA T 26 21.51 -49.42 -36.64
N PRO T 27 22.26 -49.50 -37.74
CA PRO T 27 21.77 -50.21 -38.92
C PRO T 27 21.55 -51.68 -38.61
N TYR T 28 20.66 -52.30 -39.38
CA TYR T 28 20.27 -53.69 -39.11
C TYR T 28 21.45 -54.66 -39.22
N SER T 29 22.52 -54.29 -39.92
CA SER T 29 23.70 -55.14 -40.00
C SER T 29 24.50 -55.17 -38.70
N THR T 30 24.25 -54.24 -37.79
CA THR T 30 24.96 -54.22 -36.52
C THR T 30 24.60 -55.43 -35.67
N THR T 31 25.57 -55.94 -34.93
CA THR T 31 25.28 -56.99 -33.96
C THR T 31 24.45 -56.40 -32.82
N PRO T 32 23.29 -56.97 -32.51
CA PRO T 32 22.44 -56.39 -31.47
C PRO T 32 23.10 -56.42 -30.10
N ALA T 33 22.79 -55.40 -29.30
CA ALA T 33 23.24 -55.36 -27.92
C ALA T 33 22.50 -56.40 -27.10
N THR T 34 23.24 -57.18 -26.30
CA THR T 34 22.64 -58.09 -25.34
C THR T 34 22.53 -57.50 -23.96
N THR T 35 23.49 -56.67 -23.56
CA THR T 35 23.48 -55.97 -22.29
C THR T 35 24.27 -54.69 -22.45
N LEU T 36 23.92 -53.68 -21.67
CA LEU T 36 24.63 -52.42 -21.67
C LEU T 36 25.70 -52.35 -20.59
N GLU T 37 25.86 -53.40 -19.81
CA GLU T 37 26.83 -53.43 -18.72
C GLU T 37 28.15 -53.99 -19.23
N SER T 38 29.23 -53.27 -19.00
CA SER T 38 30.55 -53.74 -19.40
C SER T 38 30.97 -54.94 -18.55
N PRO T 39 31.47 -56.02 -19.16
CA PRO T 39 31.98 -57.14 -18.36
C PRO T 39 33.22 -56.80 -17.55
N THR T 40 33.92 -55.71 -17.87
CA THR T 40 35.16 -55.38 -17.19
C THR T 40 34.90 -54.78 -15.81
N ASP T 41 34.18 -53.65 -15.77
CA ASP T 41 33.93 -52.95 -14.52
C ASP T 41 32.46 -52.66 -14.27
N GLY T 42 31.55 -53.11 -15.14
CA GLY T 42 30.14 -52.84 -14.97
C GLY T 42 29.68 -51.49 -15.45
N SER T 43 30.55 -50.70 -16.06
CA SER T 43 30.16 -49.39 -16.55
C SER T 43 29.29 -49.52 -17.80
N LEU T 44 28.67 -48.40 -18.17
CA LEU T 44 27.80 -48.37 -19.34
C LEU T 44 28.62 -48.53 -20.61
N ALA T 45 28.25 -49.52 -21.43
CA ALA T 45 29.00 -49.86 -22.64
C ALA T 45 28.03 -50.00 -23.80
N ILE T 46 28.16 -49.13 -24.79
CA ILE T 46 27.32 -49.17 -25.99
C ILE T 46 28.08 -49.90 -27.10
N PRO T 47 27.47 -50.91 -27.72
CA PRO T 47 28.18 -51.62 -28.78
C PRO T 47 28.43 -50.72 -29.97
N PRO T 48 29.50 -50.98 -30.73
CA PRO T 48 29.76 -50.15 -31.92
C PRO T 48 28.67 -50.30 -32.96
N GLY T 49 28.42 -49.22 -33.68
CA GLY T 49 27.36 -49.14 -34.65
C GLY T 49 26.13 -48.40 -34.17
N TYR T 50 25.88 -48.39 -32.86
CA TYR T 50 24.78 -47.62 -32.31
C TYR T 50 25.17 -46.15 -32.23
N LYS T 51 24.31 -45.29 -32.74
CA LYS T 51 24.56 -43.86 -32.75
C LYS T 51 23.37 -43.14 -32.14
N SER T 52 23.64 -42.20 -31.25
CA SER T 52 22.58 -41.42 -30.63
C SER T 52 21.92 -40.49 -31.63
N VAL T 53 20.62 -40.27 -31.46
CA VAL T 53 19.90 -39.28 -32.26
C VAL T 53 20.07 -37.87 -31.72
N GLY T 54 20.69 -37.73 -30.55
CA GLY T 54 20.87 -36.41 -29.96
C GLY T 54 19.68 -35.92 -29.18
N HIS T 55 19.54 -34.59 -29.10
CA HIS T 55 18.51 -33.98 -28.28
C HIS T 55 17.11 -34.30 -28.81
N PHE T 56 16.17 -34.49 -27.89
CA PHE T 56 14.77 -34.60 -28.27
C PHE T 56 13.93 -33.76 -27.31
N GLU T 57 12.68 -33.54 -27.71
CA GLU T 57 11.81 -32.57 -27.04
C GLU T 57 11.55 -32.99 -25.60
N LYS T 58 11.64 -32.02 -24.68
CA LYS T 58 11.49 -32.31 -23.26
C LYS T 58 10.04 -32.64 -22.92
N GLN T 59 9.09 -31.80 -23.35
CA GLN T 59 7.71 -31.93 -22.91
C GLN T 59 7.06 -33.20 -23.44
N ALA T 60 7.30 -33.51 -24.72
CA ALA T 60 6.77 -34.75 -25.27
C ALA T 60 7.34 -35.96 -24.55
N GLY T 61 8.62 -35.90 -24.19
CA GLY T 61 9.25 -37.04 -23.58
C GLY T 61 9.32 -38.20 -24.56
N LEU T 62 9.31 -39.40 -24.02
CA LEU T 62 9.28 -40.62 -24.82
C LEU T 62 8.16 -41.51 -24.31
N THR T 63 7.24 -41.88 -25.19
CA THR T 63 6.09 -42.69 -24.82
C THR T 63 6.29 -44.10 -25.34
N LEU T 64 6.18 -45.07 -24.44
CA LEU T 64 6.24 -46.49 -24.79
C LEU T 64 4.84 -47.06 -24.77
N GLY T 65 4.44 -47.69 -25.87
CA GLY T 65 3.11 -48.25 -26.00
C GLY T 65 3.17 -49.77 -26.09
N ASN T 66 2.16 -50.41 -25.51
CA ASN T 66 2.01 -51.86 -25.57
C ASN T 66 0.56 -52.19 -25.86
N GLU T 67 0.31 -53.02 -26.85
CA GLU T 67 -1.03 -53.52 -27.12
C GLU T 67 -0.97 -55.02 -27.34
N PHE T 68 -2.00 -55.71 -26.90
CA PHE T 68 -2.13 -57.15 -27.08
C PHE T 68 -3.29 -57.43 -28.03
N ASP T 69 -3.05 -58.29 -29.01
CA ASP T 69 -4.12 -58.83 -29.83
C ASP T 69 -4.35 -60.28 -29.44
N SER T 70 -5.58 -60.60 -29.06
CA SER T 70 -5.90 -61.93 -28.56
C SER T 70 -7.31 -62.30 -28.98
N LYS T 71 -7.58 -63.59 -28.98
CA LYS T 71 -8.89 -64.12 -29.34
C LYS T 71 -9.36 -65.07 -28.24
N ASP T 72 -10.64 -64.96 -27.90
CA ASP T 72 -11.23 -65.76 -26.83
C ASP T 72 -11.97 -66.95 -27.43
N ILE T 73 -11.69 -68.14 -26.90
CA ILE T 73 -12.39 -69.35 -27.29
C ILE T 73 -13.58 -69.52 -26.35
N GLU T 74 -14.79 -69.46 -26.91
CA GLU T 74 -16.03 -69.46 -26.14
C GLU T 74 -16.69 -70.82 -26.22
N ALA T 75 -16.99 -71.39 -25.06
CA ALA T 75 -17.71 -72.66 -24.98
C ALA T 75 -19.13 -72.42 -24.47
N TYR T 76 -20.05 -73.27 -24.91
CA TYR T 76 -21.44 -73.19 -24.47
C TYR T 76 -21.52 -73.34 -22.96
N GLY T 77 -22.26 -72.43 -22.33
CA GLY T 77 -22.47 -72.46 -20.90
C GLY T 77 -21.34 -71.91 -20.06
N GLU T 78 -20.28 -71.39 -20.67
CA GLU T 78 -19.16 -70.82 -19.95
C GLU T 78 -19.20 -69.30 -20.08
N PRO T 79 -19.44 -68.56 -19.00
CA PRO T 79 -19.40 -67.10 -19.11
C PRO T 79 -18.03 -66.57 -19.50
N GLU T 80 -16.96 -67.25 -19.11
CA GLU T 80 -15.60 -66.83 -19.40
C GLU T 80 -14.96 -67.75 -20.42
N PRO T 81 -13.98 -67.26 -21.18
CA PRO T 81 -13.35 -68.11 -22.21
C PRO T 81 -12.68 -69.32 -21.59
N ILE T 82 -12.79 -70.45 -22.28
CA ILE T 82 -12.06 -71.65 -21.85
C ILE T 82 -10.60 -71.57 -22.24
N ARG T 83 -10.25 -70.69 -23.17
CA ARG T 83 -8.86 -70.48 -23.57
C ARG T 83 -8.75 -69.14 -24.28
N THR T 84 -7.72 -68.38 -23.92
CA THR T 84 -7.40 -67.13 -24.59
C THR T 84 -6.09 -67.31 -25.35
N ILE T 85 -6.12 -67.07 -26.65
CA ILE T 85 -4.96 -67.18 -27.51
C ILE T 85 -4.47 -65.77 -27.78
N ILE T 86 -3.31 -65.42 -27.24
CA ILE T 86 -2.71 -64.11 -27.48
C ILE T 86 -1.77 -64.24 -28.67
N ASN T 87 -2.04 -63.48 -29.73
CA ASN T 87 -1.21 -63.57 -30.93
C ASN T 87 0.15 -62.94 -30.70
N LYS T 88 0.19 -61.69 -30.24
CA LYS T 88 1.45 -60.99 -30.09
C LYS T 88 1.24 -59.79 -29.16
N ARG T 89 2.36 -59.23 -28.72
CA ARG T 89 2.39 -57.98 -27.98
C ARG T 89 3.14 -56.98 -28.85
N THR T 90 2.48 -55.88 -29.20
CA THR T 90 3.07 -54.87 -30.07
C THR T 90 3.61 -53.73 -29.22
N THR T 91 4.90 -53.48 -29.33
CA THR T 91 5.56 -52.40 -28.61
C THR T 91 5.91 -51.29 -29.59
N THR T 92 5.56 -50.06 -29.23
CA THR T 92 5.91 -48.88 -29.99
C THR T 92 6.50 -47.83 -29.07
N PHE T 93 7.29 -46.93 -29.65
CA PHE T 93 7.75 -45.77 -28.92
C PHE T 93 7.88 -44.59 -29.87
N ASP T 94 7.55 -43.40 -29.37
CA ASP T 94 7.63 -42.19 -30.16
C ASP T 94 8.27 -41.08 -29.33
N PHE T 95 8.89 -40.14 -30.04
CA PHE T 95 9.64 -39.04 -29.44
C PHE T 95 9.91 -38.02 -30.53
N ALA T 96 10.21 -36.79 -30.12
CA ALA T 96 10.34 -35.66 -31.04
C ALA T 96 11.80 -35.23 -31.10
N MET T 97 12.48 -35.60 -32.18
CA MET T 97 13.90 -35.29 -32.35
C MET T 97 14.12 -33.87 -32.86
N TYR T 98 15.19 -33.26 -32.39
CA TYR T 98 15.59 -31.90 -32.75
C TYR T 98 16.67 -31.83 -33.81
N GLN T 99 17.63 -32.75 -33.81
CA GLN T 99 18.88 -32.57 -34.54
C GLN T 99 18.73 -32.99 -36.00
N ASN T 100 19.20 -32.13 -36.90
CA ASN T 100 19.15 -32.39 -38.34
C ASN T 100 20.43 -33.07 -38.79
N GLN T 101 20.57 -34.33 -38.37
CA GLN T 101 21.72 -35.14 -38.72
C GLN T 101 21.29 -36.30 -39.61
N ARG T 102 22.28 -37.02 -40.14
CA ARG T 102 22.02 -37.98 -41.19
C ARG T 102 21.14 -39.14 -40.71
N ASN T 103 21.37 -39.67 -39.52
CA ASN T 103 20.61 -40.84 -39.09
C ASN T 103 19.14 -40.48 -38.83
N VAL T 104 18.87 -39.29 -38.28
CA VAL T 104 17.50 -38.85 -38.09
C VAL T 104 16.77 -38.70 -39.43
N LEU T 105 17.42 -38.03 -40.39
CA LEU T 105 16.79 -37.80 -41.68
C LEU T 105 16.62 -39.10 -42.46
N GLU T 106 17.59 -40.01 -42.33
CA GLU T 106 17.47 -41.33 -42.93
C GLU T 106 16.27 -42.08 -42.35
N LEU T 107 16.07 -41.99 -41.04
CA LEU T 107 14.91 -42.62 -40.43
C LEU T 107 13.62 -42.02 -40.96
N ILE T 108 13.52 -40.68 -40.98
CA ILE T 108 12.24 -40.07 -41.33
C ILE T 108 11.93 -40.26 -42.81
N TRP T 109 12.93 -40.29 -43.68
CA TRP T 109 12.68 -40.41 -45.11
C TRP T 109 12.75 -41.84 -45.62
N THR T 110 13.00 -42.81 -44.74
CA THR T 110 13.13 -44.22 -45.11
C THR T 110 14.07 -44.42 -46.29
N GLN T 111 15.29 -43.93 -46.10
CA GLN T 111 16.29 -43.95 -47.16
C GLN T 111 17.67 -44.07 -46.53
N ASP T 112 18.60 -44.61 -47.30
CA ASP T 112 20.02 -44.57 -46.95
C ASP T 112 20.63 -43.34 -47.62
N PHE T 113 21.18 -42.44 -46.81
CA PHE T 113 21.80 -41.21 -47.31
C PHE T 113 23.31 -41.23 -47.18
N SER T 114 23.91 -42.41 -47.01
CA SER T 114 25.36 -42.49 -46.84
C SER T 114 26.12 -42.11 -48.09
N ASN T 115 25.51 -42.23 -49.26
CA ASN T 115 26.12 -41.84 -50.52
C ASN T 115 25.89 -40.37 -50.87
N ILE T 116 25.22 -39.61 -50.01
CA ILE T 116 24.97 -38.21 -50.29
C ILE T 116 26.26 -37.42 -50.12
N GLN T 117 26.67 -36.73 -51.18
CA GLN T 117 27.85 -35.90 -51.13
C GLN T 117 27.47 -34.44 -51.04
N PRO T 118 27.97 -33.72 -50.04
CA PRO T 118 27.73 -32.28 -49.99
C PRO T 118 28.32 -31.60 -51.21
N SER T 119 27.67 -30.52 -51.63
CA SER T 119 28.11 -29.79 -52.81
C SER T 119 29.39 -29.02 -52.50
N GLU T 120 29.83 -28.22 -53.48
CA GLU T 120 31.05 -27.45 -53.33
C GLU T 120 31.00 -26.56 -52.09
N PHE T 121 29.83 -26.01 -51.78
CA PHE T 121 29.67 -25.12 -50.64
C PHE T 121 29.01 -25.80 -49.46
N GLY T 122 28.92 -27.13 -49.46
CA GLY T 122 28.39 -27.88 -48.34
C GLY T 122 26.91 -28.19 -48.39
N GLY T 123 26.19 -27.68 -49.38
CA GLY T 123 24.76 -27.93 -49.45
C GLY T 123 24.45 -29.37 -49.79
N ILE T 124 23.37 -29.89 -49.22
CA ILE T 124 22.89 -31.23 -49.51
C ILE T 124 21.41 -31.15 -49.87
N VAL T 125 20.99 -32.07 -50.74
CA VAL T 125 19.59 -32.25 -51.08
C VAL T 125 19.25 -33.71 -50.89
N LEU T 126 18.25 -33.99 -50.05
CA LEU T 126 17.83 -35.35 -49.74
C LEU T 126 16.47 -35.59 -50.39
N GLU T 127 16.46 -36.42 -51.42
CA GLU T 127 15.23 -36.75 -52.12
C GLU T 127 14.54 -37.93 -51.46
N ALA T 128 13.23 -37.80 -51.27
CA ALA T 128 12.44 -38.93 -50.79
C ALA T 128 12.43 -40.03 -51.85
N PRO T 129 12.53 -41.29 -51.44
CA PRO T 129 12.52 -42.38 -52.41
C PRO T 129 11.18 -42.48 -53.11
N LYS T 130 11.23 -42.98 -54.35
CA LYS T 130 10.01 -43.14 -55.16
C LYS T 130 8.97 -43.96 -54.41
N VAL T 131 9.39 -45.06 -53.82
CA VAL T 131 8.55 -45.86 -52.94
C VAL T 131 9.21 -45.84 -51.56
N PRO T 132 8.46 -45.62 -50.48
CA PRO T 132 9.05 -45.76 -49.15
C PRO T 132 9.60 -47.17 -48.94
N LYS T 133 10.74 -47.25 -48.28
CA LYS T 133 11.43 -48.52 -48.07
C LYS T 133 11.16 -49.04 -46.66
N ASN T 134 11.12 -50.36 -46.55
CA ASN T 134 11.05 -51.03 -45.24
C ASN T 134 12.48 -51.17 -44.72
N ILE T 135 12.85 -50.28 -43.80
CA ILE T 135 14.19 -50.27 -43.24
C ILE T 135 14.09 -50.58 -41.76
N TYR T 136 14.85 -51.56 -41.31
CA TYR T 136 14.87 -51.96 -39.91
C TYR T 136 16.10 -51.40 -39.22
N TYR T 137 15.95 -51.08 -37.95
CA TYR T 137 17.05 -50.58 -37.14
C TYR T 137 17.12 -51.36 -35.83
N ARG T 138 18.27 -51.32 -35.22
CA ARG T 138 18.45 -51.77 -33.85
C ARG T 138 18.45 -50.54 -32.94
N ALA T 139 17.67 -50.60 -31.87
CA ALA T 139 17.44 -49.45 -31.02
C ALA T 139 17.83 -49.74 -29.58
N ILE T 140 18.39 -48.75 -28.92
CA ILE T 140 18.61 -48.76 -27.48
C ILE T 140 18.02 -47.48 -26.90
N LEU T 141 17.13 -47.63 -25.94
CA LEU T 141 16.63 -46.52 -25.14
C LEU T 141 17.21 -46.69 -23.75
N VAL T 142 18.21 -45.90 -23.40
CA VAL T 142 18.86 -45.98 -22.10
C VAL T 142 18.68 -44.66 -21.37
N GLY T 143 18.20 -44.74 -20.13
CA GLY T 143 18.02 -43.59 -19.28
C GLY T 143 18.88 -43.67 -18.04
N MET T 144 19.12 -42.54 -17.39
CA MET T 144 19.96 -42.49 -16.20
C MET T 144 19.20 -41.84 -15.06
N ASP T 145 19.26 -42.47 -13.90
CA ASP T 145 18.82 -41.88 -12.64
C ASP T 145 20.06 -41.73 -11.78
N ASP T 146 20.68 -40.55 -11.83
CA ASP T 146 21.93 -40.29 -11.11
C ASP T 146 21.58 -39.70 -9.74
N ARG T 147 21.23 -40.56 -8.79
CA ARG T 147 20.93 -40.13 -7.45
C ARG T 147 22.10 -40.48 -6.55
N ASN T 148 22.48 -39.55 -5.67
CA ASN T 148 23.51 -39.77 -4.66
C ASN T 148 24.84 -40.20 -5.28
N ASP T 149 25.11 -39.74 -6.50
CA ASP T 149 26.34 -40.01 -7.25
C ASP T 149 26.53 -41.48 -7.58
N ARG T 150 25.51 -42.32 -7.38
CA ARG T 150 25.55 -43.72 -7.80
C ARG T 150 24.46 -43.94 -8.84
N PRO T 151 24.77 -43.80 -10.13
CA PRO T 151 23.71 -43.80 -11.14
C PRO T 151 23.08 -45.17 -11.34
N ILE T 152 21.82 -45.15 -11.73
CA ILE T 152 21.10 -46.33 -12.21
C ILE T 152 20.83 -46.12 -13.69
N TRP T 153 21.17 -47.12 -14.50
CA TRP T 153 20.85 -47.10 -15.92
C TRP T 153 19.71 -48.07 -16.18
N LEU T 154 18.56 -47.52 -16.56
CA LEU T 154 17.41 -48.30 -16.99
C LEU T 154 17.32 -48.19 -18.51
N TYR T 155 17.18 -49.32 -19.17
CA TYR T 155 17.23 -49.30 -20.62
C TYR T 155 16.29 -50.33 -21.23
N TRP T 156 15.99 -50.11 -22.50
CA TRP T 156 15.18 -51.00 -23.31
C TRP T 156 15.97 -51.37 -24.55
N LEU T 157 16.02 -52.65 -24.87
CA LEU T 157 16.69 -53.13 -26.07
C LEU T 157 15.64 -53.59 -27.07
N MET T 158 15.64 -52.97 -28.24
CA MET T 158 14.72 -53.31 -29.32
C MET T 158 15.55 -53.62 -30.56
N PRO T 159 15.87 -54.89 -30.78
CA PRO T 159 16.81 -55.24 -31.87
C PRO T 159 16.27 -54.99 -33.28
N LYS T 160 14.96 -54.88 -33.47
CA LYS T 160 14.39 -54.76 -34.81
C LYS T 160 13.22 -53.78 -34.79
N VAL T 161 13.50 -52.51 -35.06
CA VAL T 161 12.48 -51.47 -35.09
C VAL T 161 12.37 -50.89 -36.48
N LYS T 162 11.17 -50.43 -36.81
CA LYS T 162 10.88 -49.85 -38.12
C LYS T 162 9.99 -48.64 -37.92
N LEU T 163 10.14 -47.66 -38.81
CA LEU T 163 9.28 -46.50 -38.80
C LEU T 163 7.84 -46.90 -39.10
N ASP T 164 6.92 -46.53 -38.21
CA ASP T 164 5.52 -46.87 -38.34
C ASP T 164 4.65 -45.66 -38.68
N LYS T 165 5.00 -44.50 -38.16
CA LYS T 165 4.15 -43.32 -38.27
C LYS T 165 5.02 -42.08 -38.13
N LEU T 166 4.58 -41.01 -38.77
CA LEU T 166 5.25 -39.72 -38.68
C LEU T 166 4.21 -38.66 -38.38
N ASP T 167 4.35 -37.99 -37.25
CA ASP T 167 3.40 -36.96 -36.87
C ASP T 167 3.58 -35.72 -37.74
N ASN T 168 2.55 -34.88 -37.74
CA ASN T 168 2.60 -33.63 -38.51
C ASN T 168 3.73 -32.75 -38.03
N GLN T 169 4.47 -32.20 -38.98
CA GLN T 169 5.59 -31.32 -38.69
C GLN T 169 5.13 -29.87 -38.88
N THR T 170 5.14 -29.09 -37.81
CA THR T 170 4.71 -27.70 -37.86
C THR T 170 5.92 -26.79 -37.81
N LEU T 171 5.98 -25.86 -38.75
CA LEU T 171 7.05 -24.86 -38.80
C LEU T 171 6.52 -23.56 -38.20
N ASN T 172 7.09 -23.18 -37.05
CA ASN T 172 6.76 -21.92 -36.40
C ASN T 172 8.01 -21.07 -36.31
N ASP T 173 7.82 -19.75 -36.38
CA ASP T 173 8.96 -18.84 -36.41
C ASP T 173 9.65 -18.70 -35.06
N ASP T 174 9.09 -19.28 -33.99
CA ASP T 174 9.69 -19.23 -32.67
C ASP T 174 10.05 -20.61 -32.13
N ASN T 175 10.21 -21.60 -33.00
CA ASN T 175 10.51 -22.95 -32.57
C ASN T 175 11.48 -23.60 -33.55
N VAL T 176 12.19 -24.62 -33.09
CA VAL T 176 13.02 -25.42 -33.97
C VAL T 176 12.15 -26.49 -34.61
N ILE T 177 12.59 -26.99 -35.75
CA ILE T 177 11.88 -28.05 -36.45
C ILE T 177 12.03 -29.35 -35.67
N GLU T 178 10.93 -30.08 -35.53
CA GLU T 178 10.93 -31.34 -34.80
C GLU T 178 10.50 -32.47 -35.72
N TYR T 179 11.16 -33.61 -35.59
CA TYR T 179 10.78 -34.84 -36.26
C TYR T 179 10.21 -35.78 -35.21
N LYS T 180 8.98 -36.25 -35.44
CA LYS T 180 8.20 -36.98 -34.44
C LYS T 180 7.79 -38.32 -35.04
N PRO T 181 8.69 -39.30 -35.07
CA PRO T 181 8.33 -40.64 -35.55
C PRO T 181 7.79 -41.53 -34.45
N THR T 182 7.02 -42.52 -34.87
CA THR T 182 6.65 -43.65 -34.02
C THR T 182 7.33 -44.89 -34.56
N LEU T 183 8.09 -45.56 -33.73
CA LEU T 183 8.81 -46.76 -34.12
C LEU T 183 8.15 -47.99 -33.52
N LYS T 184 7.97 -49.00 -34.35
CA LYS T 184 7.37 -50.26 -33.94
C LYS T 184 8.45 -51.32 -33.81
N ALA T 185 8.45 -52.03 -32.70
CA ALA T 185 9.41 -53.09 -32.45
C ALA T 185 8.92 -54.40 -33.04
N PHE T 186 9.82 -55.13 -33.68
CA PHE T 186 9.55 -56.44 -34.22
C PHE T 186 10.48 -57.44 -33.58
N ARG T 187 10.06 -58.71 -33.57
CA ARG T 187 10.92 -59.74 -33.00
C ARG T 187 12.08 -60.02 -33.93
N ASP T 188 13.29 -60.05 -33.35
CA ASP T 188 14.48 -60.46 -34.07
C ASP T 188 14.74 -61.94 -33.76
N ASP T 189 14.80 -62.76 -34.81
CA ASP T 189 14.89 -64.21 -34.61
C ASP T 189 16.21 -64.60 -33.96
N VAL T 190 17.31 -63.94 -34.35
CA VAL T 190 18.63 -64.33 -33.86
C VAL T 190 18.73 -64.13 -32.35
N VAL T 191 18.29 -62.98 -31.85
CA VAL T 191 18.36 -62.72 -30.42
C VAL T 191 17.15 -63.24 -29.67
N GLY T 192 16.04 -63.52 -30.36
CA GLY T 192 14.92 -64.20 -29.75
C GLY T 192 13.97 -63.34 -28.94
N TYR T 193 13.87 -62.05 -29.24
CA TYR T 193 12.89 -61.20 -28.59
C TYR T 193 12.70 -59.94 -29.40
N SER T 194 11.65 -59.20 -29.07
CA SER T 194 11.44 -57.87 -29.65
C SER T 194 11.80 -56.75 -28.69
N VAL T 195 11.54 -56.92 -27.39
CA VAL T 195 11.84 -55.91 -26.38
C VAL T 195 12.46 -56.58 -25.17
N ALA T 196 13.48 -55.93 -24.61
CA ALA T 196 14.07 -56.34 -23.35
C ALA T 196 14.27 -55.10 -22.49
N GLN T 197 13.98 -55.23 -21.20
CA GLN T 197 14.18 -54.14 -20.25
C GLN T 197 15.38 -54.48 -19.36
N GLY T 198 16.26 -53.52 -19.18
CA GLY T 198 17.48 -53.74 -18.43
C GLY T 198 17.68 -52.74 -17.33
N PHE T 199 18.39 -53.18 -16.28
CA PHE T 199 18.79 -52.35 -15.16
C PHE T 199 20.26 -52.61 -14.88
N ALA T 200 21.02 -51.54 -14.67
CA ALA T 200 22.45 -51.65 -14.43
C ALA T 200 22.94 -50.42 -13.68
N GLY T 201 24.21 -50.43 -13.32
CA GLY T 201 24.82 -49.34 -12.61
C GLY T 201 25.03 -49.62 -11.14
N PRO T 202 25.97 -48.91 -10.52
CA PRO T 202 26.21 -49.11 -9.08
C PRO T 202 24.98 -48.83 -8.22
N GLY T 203 24.17 -47.85 -8.60
CA GLY T 203 22.96 -47.58 -7.86
C GLY T 203 21.97 -48.72 -7.93
N TRP T 204 21.92 -49.41 -9.07
CA TRP T 204 21.07 -50.59 -9.18
C TRP T 204 21.60 -51.73 -8.32
N ARG T 205 22.93 -51.88 -8.26
CA ARG T 205 23.54 -52.96 -7.48
C ARG T 205 23.15 -52.88 -6.01
N ASP T 206 22.91 -51.67 -5.49
CA ASP T 206 22.41 -51.55 -4.13
C ASP T 206 21.00 -52.10 -3.97
N LEU T 207 20.24 -52.18 -5.07
CA LEU T 207 18.82 -52.48 -4.99
C LEU T 207 18.41 -53.82 -5.58
N VAL T 208 19.33 -54.58 -6.17
CA VAL T 208 18.93 -55.78 -6.90
C VAL T 208 18.25 -56.77 -5.97
N ALA T 209 18.83 -56.98 -4.79
CA ALA T 209 18.23 -57.90 -3.82
C ALA T 209 16.90 -57.37 -3.30
N THR T 210 16.83 -56.07 -3.01
CA THR T 210 15.56 -55.46 -2.61
C THR T 210 14.51 -55.59 -3.71
N ALA T 211 14.92 -55.49 -4.97
CA ALA T 211 14.00 -55.62 -6.09
C ALA T 211 13.51 -57.05 -6.28
N GLY T 212 14.09 -58.02 -5.59
CA GLY T 212 13.63 -59.39 -5.68
C GLY T 212 14.32 -60.24 -6.73
N PHE T 213 15.44 -59.78 -7.29
CA PHE T 213 16.20 -60.53 -8.27
C PHE T 213 17.41 -61.14 -7.59
N GLY T 214 17.57 -62.45 -7.72
CA GLY T 214 18.64 -63.12 -7.01
C GLY T 214 18.34 -63.22 -5.52
N GLU T 215 19.40 -63.36 -4.74
CA GLU T 215 19.32 -63.49 -3.29
C GLU T 215 19.98 -62.29 -2.62
N ALA T 216 19.63 -62.08 -1.35
CA ALA T 216 20.19 -60.98 -0.59
C ALA T 216 21.64 -61.26 -0.22
N LEU T 217 22.39 -60.19 0.03
CA LEU T 217 23.81 -60.28 0.35
C LEU T 217 23.98 -60.41 1.86
N THR T 218 24.60 -61.51 2.29
CA THR T 218 24.76 -61.79 3.72
C THR T 218 26.20 -62.07 4.14
N ALA T 219 27.14 -62.18 3.19
CA ALA T 219 28.53 -62.45 3.55
C ALA T 219 29.44 -61.96 2.44
N LEU T 220 30.60 -61.44 2.81
CA LEU T 220 31.60 -60.95 1.88
C LEU T 220 32.80 -61.88 1.86
N THR T 221 33.24 -62.26 0.67
CA THR T 221 34.34 -63.19 0.49
C THR T 221 35.42 -62.55 -0.37
N ILE T 222 36.68 -62.68 0.06
CA ILE T 222 37.82 -62.20 -0.71
C ILE T 222 38.37 -63.38 -1.50
N THR T 223 38.28 -63.29 -2.83
CA THR T 223 38.64 -64.44 -3.67
C THR T 223 40.14 -64.75 -3.67
N PRO T 224 41.06 -63.78 -3.74
CA PRO T 224 42.48 -64.16 -3.68
C PRO T 224 42.85 -64.89 -2.40
N GLY T 225 42.18 -64.57 -1.30
CA GLY T 225 42.41 -65.26 -0.04
C GLY T 225 43.72 -64.89 0.63
N SER T 226 44.83 -65.28 0.01
CA SER T 226 46.15 -64.96 0.54
C SER T 226 47.18 -64.95 -0.59
N PRO T 227 47.35 -63.83 -1.28
CA PRO T 227 48.32 -63.76 -2.37
C PRO T 227 49.72 -63.44 -1.87
N THR T 228 50.68 -63.57 -2.78
CA THR T 228 52.08 -63.25 -2.49
C THR T 228 52.59 -62.29 -3.54
N VAL T 229 53.22 -61.21 -3.10
CA VAL T 229 53.69 -60.15 -3.98
C VAL T 229 55.19 -59.98 -3.81
N THR T 230 55.90 -59.79 -4.91
CA THR T 230 57.34 -59.58 -4.86
C THR T 230 57.66 -58.12 -4.63
N VAL T 231 58.68 -57.86 -3.81
CA VAL T 231 59.11 -56.49 -3.54
C VAL T 231 59.61 -55.83 -4.83
N ALA T 232 60.38 -56.56 -5.62
CA ALA T 232 60.92 -56.01 -6.86
C ALA T 232 59.80 -55.76 -7.87
N THR T 233 60.01 -54.76 -8.72
CA THR T 233 59.05 -54.42 -9.75
C THR T 233 58.98 -55.53 -10.79
N GLY T 234 57.75 -55.88 -11.17
CA GLY T 234 57.55 -56.92 -12.16
C GLY T 234 56.08 -57.20 -12.36
N ALA T 235 55.80 -58.22 -13.16
CA ALA T 235 54.43 -58.60 -13.45
C ALA T 235 53.72 -59.10 -12.20
N SER T 236 54.42 -59.90 -11.38
CA SER T 236 53.86 -60.45 -10.16
C SER T 236 54.09 -59.56 -8.95
N HIS T 237 54.58 -58.33 -9.17
CA HIS T 237 54.83 -57.42 -8.05
C HIS T 237 53.54 -56.93 -7.42
N THR T 238 52.48 -56.78 -8.19
CA THR T 238 51.20 -56.28 -7.70
C THR T 238 50.11 -57.34 -7.89
N ALA T 239 49.08 -57.25 -7.05
CA ALA T 239 47.95 -58.18 -7.11
C ALA T 239 46.65 -57.40 -6.97
N GLN T 240 45.67 -57.74 -7.81
CA GLN T 240 44.37 -57.09 -7.78
C GLN T 240 43.39 -57.98 -7.03
N LEU T 241 42.77 -57.45 -5.99
CA LEU T 241 41.81 -58.21 -5.19
C LEU T 241 40.44 -58.19 -5.86
N LEU T 242 39.57 -59.10 -5.42
CA LEU T 242 38.20 -59.15 -5.90
C LEU T 242 37.32 -59.62 -4.75
N VAL T 243 36.25 -58.87 -4.47
CA VAL T 243 35.38 -59.12 -3.33
C VAL T 243 34.00 -59.49 -3.87
N GLU T 244 33.48 -60.64 -3.42
CA GLU T 244 32.19 -61.14 -3.89
C GLU T 244 31.26 -61.34 -2.70
N GLY T 245 30.01 -61.63 -3.02
CA GLY T 245 28.99 -61.91 -2.04
C GLY T 245 28.40 -63.31 -2.22
N ASP T 246 27.50 -63.66 -1.31
CA ASP T 246 26.84 -64.95 -1.38
C ASP T 246 25.93 -65.04 -2.61
N ASN T 247 25.49 -63.90 -3.13
CA ASN T 247 24.59 -63.87 -4.28
C ASN T 247 25.32 -63.87 -5.61
N GLY T 248 26.65 -63.91 -5.60
CA GLY T 248 27.41 -63.90 -6.84
C GLY T 248 27.64 -62.54 -7.45
N ILE T 249 27.43 -61.47 -6.69
CA ILE T 249 27.59 -60.10 -7.18
C ILE T 249 28.93 -59.56 -6.69
N ASN T 250 29.69 -58.98 -7.61
CA ASN T 250 30.95 -58.33 -7.26
C ASN T 250 30.67 -57.04 -6.50
N TYR T 251 31.20 -56.93 -5.28
CA TYR T 251 31.03 -55.75 -4.47
C TYR T 251 32.34 -54.99 -4.27
N THR T 252 33.37 -55.29 -5.06
CA THR T 252 34.65 -54.60 -4.93
C THR T 252 34.55 -53.08 -5.07
N PRO T 253 33.80 -52.51 -6.01
CA PRO T 253 33.65 -51.05 -6.02
C PRO T 253 32.91 -50.49 -4.82
N ASP T 254 32.16 -51.30 -4.08
CA ASP T 254 31.32 -50.82 -3.00
C ASP T 254 31.92 -51.05 -1.62
N VAL T 255 33.13 -51.60 -1.52
CA VAL T 255 33.74 -51.90 -0.24
C VAL T 255 34.82 -50.87 0.07
N VAL T 256 35.29 -50.90 1.31
CA VAL T 256 36.37 -50.03 1.78
C VAL T 256 37.60 -50.90 2.05
N PHE T 257 38.72 -50.54 1.43
CA PHE T 257 39.95 -51.30 1.58
C PHE T 257 40.84 -50.65 2.64
N THR T 258 41.16 -51.42 3.69
CA THR T 258 42.03 -50.97 4.77
C THR T 258 43.12 -52.01 4.98
N SER T 259 44.35 -51.54 5.19
CA SER T 259 45.50 -52.42 5.39
C SER T 259 46.00 -52.32 6.83
N SER T 260 46.36 -53.48 7.39
CA SER T 260 46.88 -53.51 8.77
C SER T 260 48.23 -52.80 8.87
N ALA T 261 49.17 -53.16 7.99
CA ALA T 261 50.50 -52.54 7.96
C ALA T 261 50.71 -51.92 6.60
N PRO T 262 50.47 -50.61 6.44
CA PRO T 262 50.61 -50.00 5.10
C PRO T 262 51.99 -50.11 4.51
N ASP T 263 53.04 -50.06 5.34
CA ASP T 263 54.40 -50.14 4.82
C ASP T 263 54.67 -51.50 4.20
N LYS T 264 54.19 -52.57 4.84
CA LYS T 264 54.44 -53.91 4.31
C LYS T 264 53.73 -54.11 2.96
N ALA T 265 52.46 -53.73 2.88
CA ALA T 265 51.69 -53.87 1.65
C ALA T 265 50.74 -52.69 1.53
N SER T 266 50.83 -51.97 0.41
CA SER T 266 49.97 -50.83 0.16
C SER T 266 48.81 -51.23 -0.75
N VAL T 267 47.60 -50.89 -0.32
CA VAL T 267 46.38 -51.19 -1.07
C VAL T 267 45.68 -49.87 -1.38
N SER T 268 45.25 -49.72 -2.62
CA SER T 268 44.53 -48.51 -3.04
C SER T 268 43.05 -48.68 -2.71
N ALA T 269 42.24 -47.70 -3.12
CA ALA T 269 40.78 -47.81 -2.93
C ALA T 269 40.19 -48.90 -3.81
N ALA T 270 40.70 -49.06 -5.02
CA ALA T 270 40.20 -50.09 -5.92
C ALA T 270 40.45 -51.48 -5.36
N GLY T 271 41.61 -51.70 -4.76
CA GLY T 271 41.91 -53.00 -4.18
C GLY T 271 43.12 -53.68 -4.78
N LEU T 272 44.07 -52.89 -5.30
CA LEU T 272 45.31 -53.42 -5.80
C LEU T 272 46.35 -53.44 -4.69
N VAL T 273 46.87 -54.62 -4.39
CA VAL T 273 47.81 -54.81 -3.28
C VAL T 273 49.22 -54.78 -3.85
N THR T 274 50.01 -53.79 -3.42
CA THR T 274 51.40 -53.65 -3.82
C THR T 274 52.27 -53.84 -2.58
N GLY T 275 53.18 -54.81 -2.63
CA GLY T 275 54.06 -55.07 -1.51
C GLY T 275 55.28 -54.18 -1.53
N VAL T 276 55.28 -53.15 -0.69
CA VAL T 276 56.41 -52.22 -0.64
C VAL T 276 57.63 -52.90 0.00
N ALA T 277 57.41 -53.62 1.10
CA ALA T 277 58.49 -54.28 1.81
C ALA T 277 58.02 -55.63 2.31
N ALA T 278 58.96 -56.55 2.46
CA ALA T 278 58.62 -57.91 2.87
C ALA T 278 58.03 -57.90 4.28
N GLY T 279 56.99 -58.69 4.46
CA GLY T 279 56.31 -58.78 5.74
C GLY T 279 54.90 -59.28 5.55
N SER T 280 54.19 -59.40 6.68
CA SER T 280 52.82 -59.90 6.71
C SER T 280 51.88 -58.72 6.88
N ALA T 281 50.89 -58.62 6.00
CA ALA T 281 49.91 -57.55 6.03
C ALA T 281 48.51 -58.11 5.86
N THR T 282 47.56 -57.52 6.58
CA THR T 282 46.16 -57.92 6.54
C THR T 282 45.36 -56.86 5.80
N ILE T 283 44.72 -57.25 4.70
CA ILE T 283 43.86 -56.37 3.93
C ILE T 283 42.43 -56.70 4.31
N THR T 284 41.70 -55.69 4.80
CA THR T 284 40.33 -55.85 5.25
C THR T 284 39.42 -55.05 4.33
N ALA T 285 38.44 -55.72 3.74
CA ALA T 285 37.42 -55.08 2.90
C ALA T 285 36.14 -54.98 3.72
N THR T 286 35.69 -53.75 3.96
CA THR T 286 34.53 -53.49 4.79
C THR T 286 33.44 -52.81 3.98
N LYS T 287 32.24 -53.37 4.03
CA LYS T 287 31.06 -52.79 3.37
C LYS T 287 29.91 -52.88 4.35
N GLY T 288 29.56 -51.76 4.96
CA GLY T 288 28.54 -51.78 5.99
C GLY T 288 28.98 -52.66 7.15
N ALA T 289 28.12 -53.60 7.53
CA ALA T 289 28.42 -54.55 8.59
C ALA T 289 29.25 -55.74 8.10
N LEU T 290 29.23 -56.03 6.80
CA LEU T 290 29.96 -57.18 6.29
C LEU T 290 31.43 -56.86 6.14
N THR T 291 32.28 -57.89 6.28
CA THR T 291 33.71 -57.71 6.26
C THR T 291 34.38 -58.96 5.69
N ALA T 292 35.30 -58.75 4.75
CA ALA T 292 36.15 -59.81 4.22
C ALA T 292 37.60 -59.46 4.52
N THR T 293 38.31 -60.38 5.16
CA THR T 293 39.68 -60.17 5.59
C THR T 293 40.61 -61.13 4.86
N ALA T 294 41.74 -60.61 4.38
CA ALA T 294 42.74 -61.39 3.68
C ALA T 294 44.12 -61.05 4.22
N THR T 295 45.01 -62.04 4.18
CA THR T 295 46.37 -61.91 4.68
C THR T 295 47.34 -62.02 3.51
N VAL T 296 48.28 -61.06 3.42
CA VAL T 296 49.27 -61.04 2.37
C VAL T 296 50.66 -61.11 2.99
N THR T 297 51.48 -62.03 2.51
CA THR T 297 52.86 -62.18 2.98
C THR T 297 53.78 -61.72 1.85
N VAL T 298 54.38 -60.54 2.03
CA VAL T 298 55.28 -59.98 1.03
C VAL T 298 56.64 -60.66 1.12
N THR T 299 57.22 -60.98 -0.03
CA THR T 299 58.53 -61.60 -0.10
C THR T 299 59.47 -60.73 -0.93
N ALA T 300 60.68 -60.55 -0.41
CA ALA T 300 61.70 -59.75 -1.08
C ALA T 300 62.58 -60.64 -1.96
N THR U 2 33.05 -44.48 -20.53
CA THR U 2 32.18 -43.53 -21.23
C THR U 2 30.97 -43.18 -20.39
N ASP U 3 30.84 -41.91 -20.03
CA ASP U 3 29.70 -41.46 -19.25
C ASP U 3 28.48 -41.27 -20.14
N PHE U 4 27.34 -41.00 -19.51
CA PHE U 4 26.08 -40.83 -20.22
C PHE U 4 26.14 -39.66 -21.19
N TYR U 5 26.77 -38.56 -20.77
CA TYR U 5 26.83 -37.36 -21.61
C TYR U 5 27.55 -37.63 -22.92
N THR U 6 28.67 -38.36 -22.86
CA THR U 6 29.41 -38.67 -24.08
C THR U 6 28.61 -39.56 -25.02
N ILE U 7 27.90 -40.54 -24.45
CA ILE U 7 27.08 -41.42 -25.27
C ILE U 7 25.94 -40.64 -25.93
N LYS U 8 25.35 -39.70 -25.20
CA LYS U 8 24.24 -38.93 -25.75
C LYS U 8 24.67 -38.12 -26.96
N ASP U 9 25.89 -37.55 -26.92
CA ASP U 9 26.48 -36.86 -28.06
C ASP U 9 25.55 -35.78 -28.61
N ALA U 10 24.97 -35.00 -27.71
CA ALA U 10 23.99 -34.01 -28.12
C ALA U 10 24.67 -32.80 -28.78
N GLN U 11 24.08 -32.33 -29.88
CA GLN U 11 24.57 -31.18 -30.62
C GLN U 11 23.42 -30.18 -30.73
N ALA U 12 23.40 -29.19 -29.83
CA ALA U 12 22.35 -28.18 -29.87
C ALA U 12 22.39 -27.35 -31.16
N ASP U 13 23.57 -27.19 -31.75
CA ASP U 13 23.69 -26.41 -32.97
C ASP U 13 23.00 -27.06 -34.17
N LEU U 14 22.75 -28.36 -34.11
CA LEU U 14 22.04 -29.03 -35.21
C LEU U 14 20.53 -28.85 -35.14
N ALA U 15 20.01 -28.23 -34.07
CA ALA U 15 18.62 -27.82 -34.04
C ALA U 15 18.46 -26.52 -34.83
N ILE U 16 17.59 -26.54 -35.83
CA ILE U 16 17.45 -25.43 -36.77
C ILE U 16 16.04 -24.87 -36.64
N ALA U 17 15.96 -23.54 -36.48
CA ALA U 17 14.69 -22.85 -36.31
C ALA U 17 14.35 -22.07 -37.56
N PRO U 18 13.21 -22.33 -38.20
CA PRO U 18 12.82 -21.50 -39.36
C PRO U 18 12.27 -20.15 -38.92
N LEU U 19 13.21 -19.24 -38.60
CA LEU U 19 12.84 -17.92 -38.10
C LEU U 19 12.03 -17.14 -39.13
N ASN U 20 12.42 -17.25 -40.39
CA ASN U 20 11.62 -16.73 -41.49
C ASN U 20 11.36 -17.85 -42.49
N LEU U 21 10.25 -17.73 -43.21
CA LEU U 21 9.82 -18.76 -44.12
C LEU U 21 9.11 -18.11 -45.30
N THR U 22 9.33 -18.65 -46.48
CA THR U 22 8.64 -18.18 -47.67
C THR U 22 8.24 -19.38 -48.52
N VAL U 23 7.06 -19.28 -49.12
CA VAL U 23 6.53 -20.27 -50.04
C VAL U 23 6.57 -19.68 -51.44
N LEU U 24 7.20 -20.38 -52.36
CA LEU U 24 7.25 -19.94 -53.75
C LEU U 24 6.57 -20.97 -54.63
N LEU U 25 5.72 -20.48 -55.53
CA LEU U 25 5.02 -21.33 -56.47
C LEU U 25 5.41 -20.92 -57.88
N ALA U 26 5.52 -21.92 -58.76
CA ALA U 26 5.78 -21.71 -60.16
C ALA U 26 4.78 -22.50 -60.98
N PRO U 27 4.42 -22.02 -62.17
CA PRO U 27 3.58 -22.82 -63.06
C PRO U 27 4.28 -24.11 -63.45
N TYR U 28 3.47 -25.11 -63.80
CA TYR U 28 4.02 -26.44 -64.09
C TYR U 28 4.97 -26.42 -65.28
N SER U 29 4.88 -25.43 -66.16
CA SER U 29 5.81 -25.31 -67.28
C SER U 29 7.21 -24.90 -66.85
N THR U 30 7.38 -24.40 -65.63
CA THR U 30 8.70 -24.00 -65.14
C THR U 30 9.60 -25.22 -64.98
N THR U 31 10.87 -25.04 -65.25
CA THR U 31 11.86 -26.08 -64.95
C THR U 31 11.99 -26.21 -63.44
N PRO U 32 11.82 -27.41 -62.88
CA PRO U 32 11.87 -27.55 -61.43
C PRO U 32 13.25 -27.24 -60.87
N ALA U 33 13.25 -26.69 -59.66
CA ALA U 33 14.50 -26.44 -58.95
C ALA U 33 15.11 -27.77 -58.50
N THR U 34 16.41 -27.92 -58.75
CA THR U 34 17.15 -29.07 -58.23
C THR U 34 17.87 -28.74 -56.93
N THR U 35 18.34 -27.51 -56.78
CA THR U 35 18.99 -27.06 -55.56
C THR U 35 18.81 -25.55 -55.48
N LEU U 36 18.78 -25.04 -54.25
CA LEU U 36 18.68 -23.60 -54.02
C LEU U 36 20.04 -22.94 -53.84
N GLU U 37 21.12 -23.72 -53.89
CA GLU U 37 22.46 -23.20 -53.68
C GLU U 37 23.04 -22.78 -55.02
N SER U 38 23.49 -21.54 -55.10
CA SER U 38 24.11 -21.04 -56.32
C SER U 38 25.44 -21.75 -56.57
N PRO U 39 25.71 -22.19 -57.80
CA PRO U 39 27.02 -22.80 -58.10
C PRO U 39 28.17 -21.81 -58.05
N THR U 40 27.90 -20.50 -58.08
CA THR U 40 28.95 -19.49 -58.11
C THR U 40 29.59 -19.29 -56.74
N ASP U 41 28.79 -18.87 -55.75
CA ASP U 41 29.30 -18.60 -54.41
C ASP U 41 28.54 -19.33 -53.31
N GLY U 42 27.58 -20.18 -53.64
CA GLY U 42 26.80 -20.88 -52.64
C GLY U 42 25.65 -20.09 -52.07
N SER U 43 25.40 -18.87 -52.55
CA SER U 43 24.31 -18.07 -52.05
C SER U 43 22.96 -18.65 -52.48
N LEU U 44 21.91 -18.15 -51.86
CA LEU U 44 20.57 -18.67 -52.11
C LEU U 44 20.05 -18.18 -53.46
N ALA U 45 19.71 -19.12 -54.34
CA ALA U 45 19.34 -18.81 -55.72
C ALA U 45 18.01 -19.47 -56.04
N ILE U 46 17.01 -18.67 -56.38
CA ILE U 46 15.70 -19.18 -56.78
C ILE U 46 15.61 -19.20 -58.29
N PRO U 47 15.24 -20.33 -58.89
CA PRO U 47 15.12 -20.38 -60.35
C PRO U 47 14.03 -19.45 -60.83
N PRO U 48 14.15 -18.90 -62.04
CA PRO U 48 13.11 -18.03 -62.57
C PRO U 48 11.81 -18.80 -62.80
N GLY U 49 10.69 -18.10 -62.62
CA GLY U 49 9.37 -18.68 -62.68
C GLY U 49 8.74 -18.90 -61.33
N TYR U 50 9.56 -19.10 -60.29
CA TYR U 50 9.04 -19.24 -58.94
C TYR U 50 8.73 -17.87 -58.36
N LYS U 51 7.53 -17.72 -57.83
CA LYS U 51 7.11 -16.45 -57.26
C LYS U 51 6.60 -16.69 -55.84
N SER U 52 6.99 -15.81 -54.92
CA SER U 52 6.56 -15.93 -53.54
C SER U 52 5.09 -15.59 -53.40
N VAL U 53 4.40 -16.28 -52.48
CA VAL U 53 3.03 -15.92 -52.14
C VAL U 53 2.96 -14.76 -51.16
N GLY U 54 4.09 -14.34 -50.61
CA GLY U 54 4.10 -13.23 -49.68
C GLY U 54 3.84 -13.64 -48.25
N HIS U 55 3.29 -12.72 -47.46
CA HIS U 55 3.08 -12.94 -46.04
C HIS U 55 2.03 -14.01 -45.80
N PHE U 56 2.25 -14.81 -44.76
CA PHE U 56 1.26 -15.77 -44.31
C PHE U 56 1.16 -15.72 -42.78
N GLU U 57 0.09 -16.31 -42.26
CA GLU U 57 -0.26 -16.16 -40.85
C GLU U 57 0.82 -16.74 -39.95
N LYS U 58 1.18 -15.99 -38.91
CA LYS U 58 2.26 -16.40 -38.02
C LYS U 58 1.84 -17.59 -37.14
N GLN U 59 0.67 -17.49 -36.50
CA GLN U 59 0.29 -18.49 -35.51
C GLN U 59 0.02 -19.84 -36.15
N ALA U 60 -0.66 -19.87 -37.30
CA ALA U 60 -0.86 -21.13 -38.00
C ALA U 60 0.45 -21.74 -38.43
N GLY U 61 1.41 -20.92 -38.84
CA GLY U 61 2.66 -21.43 -39.33
C GLY U 61 2.45 -22.22 -40.61
N LEU U 62 3.33 -23.19 -40.84
CA LEU U 62 3.21 -24.09 -41.96
C LEU U 62 3.32 -25.52 -41.42
N THR U 63 2.31 -26.33 -41.71
CA THR U 63 2.26 -27.71 -41.25
C THR U 63 2.58 -28.64 -42.41
N LEU U 64 3.55 -29.52 -42.21
CA LEU U 64 3.89 -30.54 -43.19
C LEU U 64 3.36 -31.88 -42.70
N GLY U 65 2.58 -32.55 -43.54
CA GLY U 65 1.98 -33.83 -43.20
C GLY U 65 2.55 -34.94 -44.04
N ASN U 66 2.71 -36.11 -43.42
CA ASN U 66 3.17 -37.31 -44.11
C ASN U 66 2.27 -38.48 -43.73
N GLU U 67 1.79 -39.19 -44.74
CA GLU U 67 0.95 -40.36 -44.53
C GLU U 67 1.48 -41.51 -45.37
N PHE U 68 1.55 -42.69 -44.77
CA PHE U 68 1.92 -43.91 -45.48
C PHE U 68 0.69 -44.80 -45.63
N ASP U 69 0.47 -45.30 -46.84
CA ASP U 69 -0.52 -46.35 -47.06
C ASP U 69 0.21 -47.64 -47.41
N SER U 70 -0.06 -48.69 -46.65
CA SER U 70 0.65 -49.95 -46.81
C SER U 70 -0.29 -51.10 -46.52
N LYS U 71 0.08 -52.28 -46.99
CA LYS U 71 -0.70 -53.49 -46.78
C LYS U 71 0.22 -54.58 -46.26
N ASP U 72 -0.27 -55.34 -45.28
CA ASP U 72 0.51 -56.39 -44.64
C ASP U 72 0.15 -57.74 -45.23
N ILE U 73 1.16 -58.48 -45.65
CA ILE U 73 0.98 -59.85 -46.11
C ILE U 73 1.11 -60.77 -44.92
N GLU U 74 0.03 -61.49 -44.59
CA GLU U 74 -0.05 -62.28 -43.38
C GLU U 74 0.01 -63.77 -43.74
N ALA U 75 0.92 -64.49 -43.10
CA ALA U 75 1.07 -65.91 -43.29
C ALA U 75 0.56 -66.65 -42.05
N TYR U 76 0.04 -67.85 -42.27
CA TYR U 76 -0.44 -68.69 -41.18
C TYR U 76 0.67 -68.95 -40.17
N GLY U 77 0.35 -68.75 -38.89
CA GLY U 77 1.29 -69.00 -37.82
C GLY U 77 2.32 -67.91 -37.59
N GLU U 78 2.22 -66.79 -38.31
CA GLU U 78 3.16 -65.70 -38.15
C GLU U 78 2.46 -64.51 -37.48
N PRO U 79 2.82 -64.17 -36.25
CA PRO U 79 2.20 -62.99 -35.62
C PRO U 79 2.47 -61.70 -36.37
N GLU U 80 3.63 -61.58 -37.00
CA GLU U 80 4.00 -60.38 -37.73
C GLU U 80 3.95 -60.63 -39.24
N PRO U 81 3.72 -59.59 -40.05
CA PRO U 81 3.65 -59.80 -41.50
C PRO U 81 4.97 -60.33 -42.06
N ILE U 82 4.85 -61.24 -43.02
CA ILE U 82 6.04 -61.73 -43.72
C ILE U 82 6.53 -60.72 -44.74
N ARG U 83 5.68 -59.78 -45.14
CA ARG U 83 6.08 -58.72 -46.06
C ARG U 83 5.09 -57.56 -45.92
N THR U 84 5.62 -56.35 -45.91
CA THR U 84 4.81 -55.14 -45.90
C THR U 84 5.05 -54.39 -47.20
N ILE U 85 3.97 -54.16 -47.94
CA ILE U 85 4.03 -53.46 -49.22
C ILE U 85 3.52 -52.04 -48.97
N ILE U 86 4.42 -51.06 -49.06
CA ILE U 86 4.06 -49.66 -48.90
C ILE U 86 3.76 -49.11 -50.29
N ASN U 87 2.53 -48.62 -50.48
CA ASN U 87 2.14 -48.10 -51.78
C ASN U 87 2.80 -46.76 -52.06
N LYS U 88 2.64 -45.80 -51.15
CA LYS U 88 3.17 -44.46 -51.38
C LYS U 88 3.25 -43.73 -50.05
N ARG U 89 3.97 -42.61 -50.07
CA ARG U 89 4.03 -41.67 -48.96
C ARG U 89 3.40 -40.37 -49.45
N THR U 90 2.34 -39.95 -48.79
CA THR U 90 1.61 -38.74 -49.19
C THR U 90 2.10 -37.57 -48.35
N THR U 91 2.62 -36.55 -49.01
CA THR U 91 3.08 -35.33 -48.35
C THR U 91 2.11 -34.20 -48.66
N THR U 92 1.70 -33.49 -47.61
CA THR U 92 0.84 -32.32 -47.74
C THR U 92 1.42 -31.18 -46.92
N PHE U 93 1.08 -29.96 -47.29
CA PHE U 93 1.41 -28.81 -46.48
C PHE U 93 0.32 -27.75 -46.62
N ASP U 94 0.01 -27.09 -45.51
CA ASP U 94 -1.01 -26.06 -45.48
C ASP U 94 -0.50 -24.85 -44.72
N PHE U 95 -1.05 -23.69 -45.07
CA PHE U 95 -0.64 -22.40 -44.53
C PHE U 95 -1.71 -21.38 -44.89
N ALA U 96 -1.72 -20.27 -44.17
CA ALA U 96 -2.77 -19.27 -44.29
C ALA U 96 -2.19 -18.00 -44.92
N MET U 97 -2.47 -17.81 -46.21
CA MET U 97 -1.92 -16.67 -46.95
C MET U 97 -2.73 -15.40 -46.70
N TYR U 98 -2.02 -14.27 -46.70
CA TYR U 98 -2.60 -12.96 -46.45
C TYR U 98 -2.82 -12.13 -47.72
N GLN U 99 -1.94 -12.24 -48.70
CA GLN U 99 -1.87 -11.27 -49.79
C GLN U 99 -2.84 -11.64 -50.91
N ASN U 100 -3.62 -10.66 -51.35
CA ASN U 100 -4.56 -10.84 -52.45
C ASN U 100 -3.85 -10.61 -53.78
N GLN U 101 -2.95 -11.53 -54.09
CA GLN U 101 -2.16 -11.51 -55.31
C GLN U 101 -2.80 -12.41 -56.36
N ARG U 102 -2.33 -12.26 -57.59
CA ARG U 102 -2.87 -13.08 -58.67
C ARG U 102 -2.53 -14.56 -58.47
N ASN U 103 -1.30 -14.89 -58.05
CA ASN U 103 -0.94 -16.29 -57.92
C ASN U 103 -1.70 -16.97 -56.78
N VAL U 104 -1.91 -16.26 -55.67
CA VAL U 104 -2.71 -16.80 -54.56
C VAL U 104 -4.14 -17.06 -55.01
N LEU U 105 -4.76 -16.08 -55.68
CA LEU U 105 -6.15 -16.22 -56.10
C LEU U 105 -6.30 -17.27 -57.18
N GLU U 106 -5.28 -17.39 -58.05
CA GLU U 106 -5.27 -18.45 -59.04
C GLU U 106 -5.22 -19.82 -58.37
N LEU U 107 -4.41 -19.95 -57.33
CA LEU U 107 -4.35 -21.20 -56.58
C LEU U 107 -5.70 -21.54 -55.95
N ILE U 108 -6.31 -20.57 -55.26
CA ILE U 108 -7.51 -20.90 -54.50
C ILE U 108 -8.69 -21.18 -55.43
N TRP U 109 -8.76 -20.51 -56.58
CA TRP U 109 -9.90 -20.68 -57.47
C TRP U 109 -9.65 -21.70 -58.57
N THR U 110 -8.48 -22.34 -58.59
CA THR U 110 -8.10 -23.34 -59.61
C THR U 110 -8.37 -22.82 -61.01
N GLN U 111 -7.75 -21.69 -61.32
CA GLN U 111 -7.98 -21.01 -62.58
C GLN U 111 -6.71 -20.26 -62.97
N ASP U 112 -6.56 -20.03 -64.27
CA ASP U 112 -5.54 -19.11 -64.77
C ASP U 112 -6.18 -17.73 -64.96
N PHE U 113 -5.65 -16.74 -64.26
CA PHE U 113 -6.16 -15.37 -64.33
C PHE U 113 -5.21 -14.43 -65.07
N SER U 114 -4.29 -14.97 -65.87
CA SER U 114 -3.32 -14.14 -66.57
C SER U 114 -3.98 -13.29 -67.65
N ASN U 115 -5.14 -13.69 -68.16
CA ASN U 115 -5.87 -12.93 -69.17
C ASN U 115 -6.84 -11.94 -68.55
N ILE U 116 -6.88 -11.82 -67.22
CA ILE U 116 -7.79 -10.88 -66.57
C ILE U 116 -7.28 -9.47 -66.78
N GLN U 117 -8.10 -8.62 -67.37
CA GLN U 117 -7.74 -7.23 -67.59
C GLN U 117 -8.46 -6.35 -66.58
N PRO U 118 -7.74 -5.54 -65.82
CA PRO U 118 -8.40 -4.59 -64.93
C PRO U 118 -9.27 -3.63 -65.73
N SER U 119 -10.37 -3.20 -65.13
CA SER U 119 -11.29 -2.30 -65.79
C SER U 119 -10.66 -0.91 -65.91
N GLU U 120 -11.44 0.03 -66.45
CA GLU U 120 -10.94 1.38 -66.67
C GLU U 120 -10.46 2.02 -65.36
N PHE U 121 -11.10 1.68 -64.25
CA PHE U 121 -10.73 2.21 -62.95
C PHE U 121 -9.94 1.21 -62.11
N GLY U 122 -9.46 0.13 -62.71
CA GLY U 122 -8.62 -0.83 -62.03
C GLY U 122 -9.35 -2.01 -61.40
N GLY U 123 -10.68 -2.03 -61.43
CA GLY U 123 -11.40 -3.13 -60.83
C GLY U 123 -11.25 -4.42 -61.61
N ILE U 124 -11.22 -5.53 -60.88
CA ILE U 124 -11.16 -6.86 -61.48
C ILE U 124 -12.27 -7.71 -60.89
N VAL U 125 -12.77 -8.63 -61.70
CA VAL U 125 -13.72 -9.65 -61.26
C VAL U 125 -13.17 -11.01 -61.66
N LEU U 126 -13.03 -11.89 -60.68
CA LEU U 126 -12.47 -13.23 -60.89
C LEU U 126 -13.59 -14.25 -60.75
N GLU U 127 -14.01 -14.84 -61.86
CA GLU U 127 -15.07 -15.83 -61.86
C GLU U 127 -14.50 -17.22 -61.61
N ALA U 128 -15.12 -17.95 -60.71
CA ALA U 128 -14.74 -19.35 -60.51
C ALA U 128 -15.09 -20.15 -61.76
N PRO U 129 -14.24 -21.10 -62.15
CA PRO U 129 -14.53 -21.91 -63.34
C PRO U 129 -15.75 -22.78 -63.13
N LYS U 130 -16.42 -23.11 -64.24
CA LYS U 130 -17.64 -23.92 -64.17
C LYS U 130 -17.37 -25.25 -63.46
N VAL U 131 -16.27 -25.90 -63.82
CA VAL U 131 -15.79 -27.06 -63.07
C VAL U 131 -14.39 -26.72 -62.55
N PRO U 132 -14.04 -27.11 -61.34
CA PRO U 132 -12.68 -26.88 -60.86
C PRO U 132 -11.66 -27.60 -61.74
N LYS U 133 -10.52 -26.96 -61.93
CA LYS U 133 -9.47 -27.48 -62.79
C LYS U 133 -8.39 -28.16 -61.97
N ASN U 134 -7.80 -29.21 -62.54
CA ASN U 134 -6.62 -29.86 -61.97
C ASN U 134 -5.40 -29.10 -62.45
N ILE U 135 -4.88 -28.23 -61.59
CA ILE U 135 -3.72 -27.40 -61.93
C ILE U 135 -2.58 -27.80 -61.01
N TYR U 136 -1.44 -28.10 -61.60
CA TYR U 136 -0.25 -28.46 -60.86
C TYR U 136 0.71 -27.29 -60.79
N TYR U 137 1.45 -27.22 -59.68
CA TYR U 137 2.45 -26.18 -59.47
C TYR U 137 3.75 -26.81 -59.01
N ARG U 138 4.82 -26.06 -59.19
CA ARG U 138 6.10 -26.38 -58.58
C ARG U 138 6.27 -25.48 -57.36
N ALA U 139 6.66 -26.08 -56.24
CA ALA U 139 6.68 -25.39 -54.97
C ALA U 139 8.07 -25.45 -54.36
N ILE U 140 8.45 -24.35 -53.70
CA ILE U 140 9.63 -24.29 -52.86
C ILE U 140 9.22 -23.71 -51.52
N LEU U 141 9.49 -24.44 -50.45
CA LEU U 141 9.36 -23.93 -49.10
C LEU U 141 10.78 -23.79 -48.55
N VAL U 142 11.28 -22.56 -48.47
CA VAL U 142 12.61 -22.30 -47.98
C VAL U 142 12.53 -21.45 -46.73
N GLY U 143 13.20 -21.89 -45.67
CA GLY U 143 13.25 -21.17 -44.41
C GLY U 143 14.67 -20.75 -44.10
N MET U 144 14.82 -19.78 -43.22
CA MET U 144 16.14 -19.27 -42.85
C MET U 144 16.28 -19.28 -41.35
N ASP U 145 17.42 -19.79 -40.88
CA ASP U 145 17.85 -19.68 -39.49
C ASP U 145 19.07 -18.77 -39.50
N ASP U 146 18.86 -17.48 -39.27
CA ASP U 146 19.92 -16.49 -39.32
C ASP U 146 20.54 -16.37 -37.94
N ARG U 147 21.56 -17.17 -37.68
CA ARG U 147 22.22 -17.23 -36.38
C ARG U 147 23.68 -16.81 -36.54
N ASN U 148 24.13 -15.90 -35.68
CA ASN U 148 25.52 -15.44 -35.66
C ASN U 148 25.96 -14.91 -37.02
N ASP U 149 25.02 -14.31 -37.77
CA ASP U 149 25.25 -13.72 -39.07
C ASP U 149 25.70 -14.73 -40.12
N ARG U 150 25.59 -16.03 -39.85
CA ARG U 150 25.87 -17.08 -40.83
C ARG U 150 24.60 -17.88 -41.04
N PRO U 151 23.76 -17.51 -42.01
CA PRO U 151 22.44 -18.13 -42.11
C PRO U 151 22.50 -19.58 -42.57
N ILE U 152 21.51 -20.34 -42.12
CA ILE U 152 21.24 -21.68 -42.63
C ILE U 152 19.92 -21.61 -43.40
N TRP U 153 19.92 -22.14 -44.61
CA TRP U 153 18.71 -22.24 -45.41
C TRP U 153 18.26 -23.69 -45.44
N LEU U 154 17.12 -23.96 -44.83
CA LEU U 154 16.48 -25.28 -44.89
C LEU U 154 15.29 -25.17 -45.81
N TYR U 155 15.16 -26.10 -46.74
CA TYR U 155 14.12 -25.98 -47.75
C TYR U 155 13.57 -27.32 -48.15
N TRP U 156 12.38 -27.28 -48.74
CA TRP U 156 11.71 -28.45 -49.30
C TRP U 156 11.39 -28.16 -50.75
N LEU U 157 11.68 -29.11 -51.62
CA LEU U 157 11.38 -29.00 -53.04
C LEU U 157 10.25 -29.97 -53.37
N MET U 158 9.16 -29.43 -53.89
CA MET U 158 7.99 -30.22 -54.29
C MET U 158 7.64 -29.84 -55.71
N PRO U 159 8.16 -30.58 -56.69
CA PRO U 159 8.01 -30.17 -58.09
C PRO U 159 6.59 -30.27 -58.64
N LYS U 160 5.68 -31.00 -57.99
CA LYS U 160 4.34 -31.19 -58.53
C LYS U 160 3.33 -31.19 -57.38
N VAL U 161 2.77 -30.01 -57.10
CA VAL U 161 1.79 -29.87 -56.04
C VAL U 161 0.47 -29.41 -56.63
N LYS U 162 -0.61 -29.81 -55.98
CA LYS U 162 -1.96 -29.48 -56.43
C LYS U 162 -2.80 -29.13 -55.21
N LEU U 163 -3.75 -28.21 -55.40
CA LEU U 163 -4.68 -27.86 -54.34
C LEU U 163 -5.54 -29.07 -53.97
N ASP U 164 -5.53 -29.41 -52.68
CA ASP U 164 -6.27 -30.56 -52.18
C ASP U 164 -7.47 -30.16 -51.34
N LYS U 165 -7.38 -29.06 -50.61
CA LYS U 165 -8.39 -28.69 -49.63
C LYS U 165 -8.31 -27.19 -49.40
N LEU U 166 -9.45 -26.61 -49.06
CA LEU U 166 -9.53 -25.19 -48.73
C LEU U 166 -10.32 -25.04 -47.44
N ASP U 167 -9.67 -24.50 -46.41
CA ASP U 167 -10.33 -24.33 -45.13
C ASP U 167 -11.38 -23.22 -45.21
N ASN U 168 -12.28 -23.23 -44.23
CA ASN U 168 -13.31 -22.20 -44.18
C ASN U 168 -12.69 -20.83 -44.03
N GLN U 169 -13.21 -19.87 -44.78
CA GLN U 169 -12.72 -18.51 -44.77
C GLN U 169 -13.69 -17.66 -43.96
N THR U 170 -13.23 -17.13 -42.84
CA THR U 170 -14.05 -16.33 -41.95
C THR U 170 -13.72 -14.86 -42.12
N LEU U 171 -14.76 -14.04 -42.32
CA LEU U 171 -14.59 -12.60 -42.43
C LEU U 171 -14.97 -11.96 -41.10
N ASN U 172 -13.98 -11.35 -40.45
CA ASN U 172 -14.17 -10.63 -39.20
C ASN U 172 -13.76 -9.17 -39.40
N ASP U 173 -14.42 -8.28 -38.67
CA ASP U 173 -14.18 -6.85 -38.87
C ASP U 173 -12.87 -6.39 -38.25
N ASP U 174 -12.16 -7.25 -37.53
CA ASP U 174 -10.88 -6.90 -36.92
C ASP U 174 -9.73 -7.77 -37.45
N ASN U 175 -9.91 -8.40 -38.61
CA ASN U 175 -8.88 -9.28 -39.15
C ASN U 175 -8.81 -9.09 -40.65
N VAL U 176 -7.66 -9.45 -41.23
CA VAL U 176 -7.52 -9.46 -42.68
C VAL U 176 -8.02 -10.80 -43.19
N ILE U 177 -8.35 -10.86 -44.47
CA ILE U 177 -8.85 -12.10 -45.07
C ILE U 177 -7.68 -13.06 -45.29
N GLU U 178 -7.88 -14.31 -44.89
CA GLU U 178 -6.87 -15.35 -45.03
C GLU U 178 -7.35 -16.41 -46.01
N TYR U 179 -6.43 -16.92 -46.81
CA TYR U 179 -6.67 -18.07 -47.68
C TYR U 179 -5.85 -19.23 -47.13
N LYS U 180 -6.51 -20.36 -46.87
CA LYS U 180 -5.90 -21.48 -46.16
C LYS U 180 -6.00 -22.73 -47.02
N PRO U 181 -5.14 -22.88 -48.02
CA PRO U 181 -5.14 -24.10 -48.81
C PRO U 181 -4.31 -25.20 -48.17
N THR U 182 -4.65 -26.43 -48.52
CA THR U 182 -3.79 -27.59 -48.29
C THR U 182 -3.32 -28.09 -49.64
N LEU U 183 -2.01 -28.16 -49.83
CA LEU U 183 -1.42 -28.61 -51.08
C LEU U 183 -0.86 -30.00 -50.91
N LYS U 184 -1.16 -30.87 -51.88
CA LYS U 184 -0.68 -32.24 -51.88
C LYS U 184 0.43 -32.38 -52.90
N ALA U 185 1.54 -32.98 -52.50
CA ALA U 185 2.68 -33.20 -53.38
C ALA U 185 2.48 -34.49 -54.17
N PHE U 186 2.83 -34.45 -55.44
CA PHE U 186 2.79 -35.61 -56.32
C PHE U 186 4.17 -35.85 -56.89
N ARG U 187 4.44 -37.09 -57.25
CA ARG U 187 5.73 -37.43 -57.84
C ARG U 187 5.82 -36.86 -59.25
N ASP U 188 6.91 -36.14 -59.52
CA ASP U 188 7.20 -35.65 -60.85
C ASP U 188 8.16 -36.63 -61.53
N ASP U 189 7.74 -37.16 -62.68
CA ASP U 189 8.52 -38.21 -63.35
C ASP U 189 9.87 -37.71 -63.82
N VAL U 190 9.93 -36.48 -64.34
CA VAL U 190 11.17 -35.97 -64.92
C VAL U 190 12.26 -35.85 -63.86
N VAL U 191 11.92 -35.28 -62.71
CA VAL U 191 12.91 -35.14 -61.63
C VAL U 191 12.98 -36.35 -60.73
N GLY U 192 11.97 -37.21 -60.75
CA GLY U 192 12.05 -38.48 -60.05
C GLY U 192 11.81 -38.45 -58.57
N TYR U 193 11.05 -37.47 -58.07
CA TYR U 193 10.67 -37.46 -56.66
C TYR U 193 9.47 -36.55 -56.49
N SER U 194 8.83 -36.67 -55.32
CA SER U 194 7.76 -35.76 -54.94
C SER U 194 8.20 -34.72 -53.93
N VAL U 195 9.08 -35.08 -53.00
CA VAL U 195 9.58 -34.17 -51.97
C VAL U 195 11.08 -34.35 -51.84
N ALA U 196 11.79 -33.24 -51.67
CA ALA U 196 13.21 -33.25 -51.35
C ALA U 196 13.46 -32.22 -50.27
N GLN U 197 14.31 -32.56 -49.29
CA GLN U 197 14.68 -31.66 -48.22
C GLN U 197 16.12 -31.22 -48.43
N GLY U 198 16.36 -29.92 -48.31
CA GLY U 198 17.67 -29.36 -48.58
C GLY U 198 18.19 -28.51 -47.45
N PHE U 199 19.51 -28.45 -47.36
CA PHE U 199 20.21 -27.61 -46.39
C PHE U 199 21.32 -26.88 -47.13
N ALA U 200 21.48 -25.59 -46.86
CA ALA U 200 22.48 -24.78 -47.54
C ALA U 200 22.81 -23.57 -46.67
N GLY U 201 23.81 -22.80 -47.11
CA GLY U 201 24.25 -21.63 -46.40
C GLY U 201 25.55 -21.85 -45.66
N PRO U 202 26.28 -20.76 -45.38
CA PRO U 202 27.54 -20.91 -44.62
C PRO U 202 27.35 -21.49 -43.23
N GLY U 203 26.24 -21.16 -42.57
CA GLY U 203 25.95 -21.77 -41.28
C GLY U 203 25.78 -23.27 -41.38
N TRP U 204 25.17 -23.74 -42.47
CA TRP U 204 25.11 -25.17 -42.70
C TRP U 204 26.49 -25.74 -42.98
N ARG U 205 27.29 -25.03 -43.78
CA ARG U 205 28.65 -25.49 -44.09
C ARG U 205 29.48 -25.67 -42.83
N ASP U 206 29.22 -24.88 -41.79
CA ASP U 206 29.86 -25.12 -40.50
C ASP U 206 29.48 -26.47 -39.91
N LEU U 207 28.33 -27.03 -40.30
CA LEU U 207 27.76 -28.17 -39.59
C LEU U 207 27.64 -29.44 -40.42
N VAL U 208 28.02 -29.42 -41.71
CA VAL U 208 27.73 -30.56 -42.57
C VAL U 208 28.42 -31.82 -42.05
N ALA U 209 29.69 -31.69 -41.66
CA ALA U 209 30.43 -32.85 -41.15
C ALA U 209 29.86 -33.32 -39.82
N THR U 210 29.52 -32.38 -38.93
CA THR U 210 28.88 -32.75 -37.67
C THR U 210 27.54 -33.45 -37.91
N ALA U 211 26.81 -33.04 -38.94
CA ALA U 211 25.54 -33.67 -39.26
C ALA U 211 25.69 -35.08 -39.83
N GLY U 212 26.90 -35.51 -40.15
CA GLY U 212 27.12 -36.85 -40.64
C GLY U 212 27.08 -37.01 -42.14
N PHE U 213 27.11 -35.92 -42.89
CA PHE U 213 27.12 -35.97 -44.35
C PHE U 213 28.53 -35.70 -44.84
N GLY U 214 29.07 -36.61 -45.64
CA GLY U 214 30.45 -36.48 -46.06
C GLY U 214 31.40 -36.81 -44.91
N GLU U 215 32.63 -36.31 -45.05
CA GLU U 215 33.68 -36.51 -44.06
C GLU U 215 34.06 -35.19 -43.41
N ALA U 216 34.70 -35.30 -42.25
CA ALA U 216 35.12 -34.12 -41.50
C ALA U 216 36.31 -33.46 -42.18
N LEU U 217 36.47 -32.17 -41.92
CA LEU U 217 37.53 -31.36 -42.52
C LEU U 217 38.78 -31.43 -41.65
N THR U 218 39.90 -31.83 -42.26
CA THR U 218 41.16 -31.97 -41.53
C THR U 218 42.28 -31.09 -42.07
N ALA U 219 42.38 -30.90 -43.38
CA ALA U 219 43.46 -30.13 -43.97
C ALA U 219 42.91 -29.18 -45.02
N LEU U 220 43.56 -28.02 -45.15
CA LEU U 220 43.17 -27.00 -46.11
C LEU U 220 44.19 -26.97 -47.24
N THR U 221 43.68 -26.92 -48.47
CA THR U 221 44.51 -26.97 -49.67
C THR U 221 44.20 -25.77 -50.55
N ILE U 222 45.25 -25.09 -51.01
CA ILE U 222 45.11 -23.97 -51.93
C ILE U 222 45.39 -24.47 -53.34
N THR U 223 44.36 -24.46 -54.20
CA THR U 223 44.49 -25.02 -55.54
C THR U 223 45.48 -24.22 -56.39
N PRO U 224 45.44 -22.88 -56.42
CA PRO U 224 46.53 -22.20 -57.15
C PRO U 224 47.74 -21.98 -56.24
N GLY U 225 48.46 -23.06 -55.98
CA GLY U 225 49.57 -22.98 -55.03
C GLY U 225 50.71 -22.11 -55.51
N SER U 226 50.97 -22.10 -56.82
CA SER U 226 52.08 -21.36 -57.41
C SER U 226 51.58 -20.51 -58.57
N PRO U 227 50.92 -19.39 -58.29
CA PRO U 227 50.48 -18.49 -59.35
C PRO U 227 51.50 -17.40 -59.65
N THR U 228 51.32 -16.74 -60.80
CA THR U 228 52.16 -15.64 -61.20
C THR U 228 51.28 -14.52 -61.75
N VAL U 229 51.48 -13.31 -61.25
CA VAL U 229 50.67 -12.16 -61.60
C VAL U 229 51.56 -11.08 -62.19
N THR U 230 51.11 -10.45 -63.27
CA THR U 230 51.84 -9.38 -63.91
C THR U 230 51.59 -8.05 -63.20
N VAL U 231 52.64 -7.25 -63.08
CA VAL U 231 52.51 -5.92 -62.47
C VAL U 231 51.56 -5.05 -63.28
N ALA U 232 51.70 -5.06 -64.60
CA ALA U 232 50.86 -4.24 -65.46
C ALA U 232 49.41 -4.71 -65.40
N THR U 233 48.50 -3.74 -65.57
CA THR U 233 47.08 -4.03 -65.58
C THR U 233 46.71 -4.86 -66.80
N GLY U 234 45.92 -5.91 -66.58
CA GLY U 234 45.51 -6.78 -67.67
C GLY U 234 44.67 -7.92 -67.15
N ALA U 235 44.33 -8.83 -68.07
CA ALA U 235 43.50 -9.98 -67.71
C ALA U 235 44.23 -10.89 -66.73
N SER U 236 45.51 -11.13 -66.95
CA SER U 236 46.32 -11.98 -66.08
C SER U 236 47.02 -11.20 -64.98
N HIS U 237 46.59 -9.96 -64.72
CA HIS U 237 47.21 -9.15 -63.68
C HIS U 237 46.80 -9.60 -62.28
N THR U 238 45.59 -10.15 -62.14
CA THR U 238 45.08 -10.59 -60.85
C THR U 238 44.75 -12.07 -60.89
N ALA U 239 44.81 -12.71 -59.73
CA ALA U 239 44.52 -14.13 -59.60
C ALA U 239 43.57 -14.36 -58.43
N GLN U 240 42.55 -15.19 -58.65
CA GLN U 240 41.58 -15.52 -57.62
C GLN U 240 41.95 -16.87 -56.99
N LEU U 241 42.14 -16.87 -55.68
CA LEU U 241 42.50 -18.10 -54.98
C LEU U 241 41.26 -18.94 -54.70
N LEU U 242 41.50 -20.21 -54.37
CA LEU U 242 40.43 -21.13 -54.01
C LEU U 242 40.96 -22.11 -52.98
N VAL U 243 40.32 -22.16 -51.82
CA VAL U 243 40.75 -22.98 -50.70
C VAL U 243 39.74 -24.10 -50.50
N GLU U 244 40.22 -25.34 -50.49
CA GLU U 244 39.37 -26.51 -50.36
C GLU U 244 39.78 -27.31 -49.14
N GLY U 245 38.96 -28.32 -48.82
CA GLY U 245 39.24 -29.24 -47.74
C GLY U 245 39.34 -30.66 -48.24
N ASP U 246 39.67 -31.56 -47.31
CA ASP U 246 39.77 -32.97 -47.64
C ASP U 246 38.42 -33.58 -47.99
N ASN U 247 37.33 -32.94 -47.56
CA ASN U 247 35.98 -33.44 -47.82
C ASN U 247 35.40 -32.91 -49.13
N GLY U 248 36.15 -32.12 -49.88
CA GLY U 248 35.67 -31.57 -51.13
C GLY U 248 34.80 -30.34 -51.00
N ILE U 249 34.82 -29.67 -49.86
CA ILE U 249 34.00 -28.49 -49.63
C ILE U 249 34.87 -27.25 -49.77
N ASN U 250 34.39 -26.28 -50.56
CA ASN U 250 35.07 -25.00 -50.70
C ASN U 250 34.95 -24.21 -49.42
N TYR U 251 36.08 -23.90 -48.79
CA TYR U 251 36.11 -23.14 -47.54
C TYR U 251 36.67 -21.73 -47.72
N THR U 252 36.74 -21.25 -48.96
CA THR U 252 37.27 -19.91 -49.21
C THR U 252 36.53 -18.80 -48.48
N PRO U 253 35.19 -18.77 -48.41
CA PRO U 253 34.54 -17.73 -47.61
C PRO U 253 34.81 -17.82 -46.12
N ASP U 254 35.23 -18.97 -45.62
CA ASP U 254 35.37 -19.20 -44.20
C ASP U 254 36.80 -19.06 -43.68
N VAL U 255 37.76 -18.75 -44.55
CA VAL U 255 39.16 -18.66 -44.15
C VAL U 255 39.55 -17.19 -44.03
N VAL U 256 40.73 -16.97 -43.45
CA VAL U 256 41.31 -15.64 -43.30
C VAL U 256 42.54 -15.54 -44.18
N PHE U 257 42.56 -14.53 -45.06
CA PHE U 257 43.66 -14.33 -45.99
C PHE U 257 44.66 -13.33 -45.41
N THR U 258 45.88 -13.80 -45.17
CA THR U 258 46.97 -12.96 -44.67
C THR U 258 48.17 -13.11 -45.59
N SER U 259 48.75 -11.98 -45.99
CA SER U 259 49.89 -11.98 -46.89
C SER U 259 51.20 -11.74 -46.13
N SER U 260 52.31 -12.15 -46.74
CA SER U 260 53.62 -11.97 -46.14
C SER U 260 54.11 -10.54 -46.33
N ALA U 261 54.29 -10.12 -47.59
CA ALA U 261 54.68 -8.75 -47.92
C ALA U 261 53.54 -8.09 -48.68
N PRO U 262 52.74 -7.25 -48.03
CA PRO U 262 51.58 -6.64 -48.73
C PRO U 262 51.97 -5.82 -49.95
N ASP U 263 53.12 -5.16 -49.92
CA ASP U 263 53.54 -4.35 -51.06
C ASP U 263 53.79 -5.21 -52.30
N LYS U 264 54.40 -6.38 -52.11
CA LYS U 264 54.69 -7.25 -53.24
C LYS U 264 53.40 -7.78 -53.87
N ALA U 265 52.48 -8.27 -53.05
CA ALA U 265 51.21 -8.81 -53.53
C ALA U 265 50.11 -8.48 -52.53
N SER U 266 49.06 -7.83 -53.00
CA SER U 266 47.94 -7.47 -52.15
C SER U 266 46.80 -8.48 -52.33
N VAL U 267 46.31 -9.01 -51.21
CA VAL U 267 45.22 -9.98 -51.22
C VAL U 267 44.07 -9.41 -50.41
N SER U 268 42.86 -9.50 -50.95
CA SER U 268 41.67 -9.02 -50.27
C SER U 268 41.15 -10.11 -49.33
N ALA U 269 40.02 -9.84 -48.67
CA ALA U 269 39.41 -10.84 -47.81
C ALA U 269 38.88 -12.02 -48.62
N ALA U 270 38.31 -11.74 -49.79
CA ALA U 270 37.76 -12.80 -50.64
C ALA U 270 38.82 -13.72 -51.19
N GLY U 271 40.07 -13.26 -51.28
CA GLY U 271 41.16 -14.08 -51.77
C GLY U 271 41.63 -13.78 -53.17
N LEU U 272 41.54 -12.53 -53.62
CA LEU U 272 42.09 -12.14 -54.92
C LEU U 272 43.48 -11.57 -54.73
N VAL U 273 44.46 -12.18 -55.40
CA VAL U 273 45.86 -11.80 -55.26
C VAL U 273 46.22 -10.86 -56.41
N THR U 274 46.58 -9.62 -56.06
CA THR U 274 47.03 -8.62 -57.03
C THR U 274 48.49 -8.30 -56.75
N GLY U 275 49.34 -8.50 -57.75
CA GLY U 275 50.75 -8.22 -57.60
C GLY U 275 51.07 -6.75 -57.84
N VAL U 276 51.23 -5.99 -56.76
CA VAL U 276 51.50 -4.57 -56.91
C VAL U 276 52.92 -4.33 -57.43
N ALA U 277 53.90 -5.05 -56.88
CA ALA U 277 55.28 -4.90 -57.28
C ALA U 277 55.93 -6.26 -57.37
N ALA U 278 56.93 -6.38 -58.24
CA ALA U 278 57.59 -7.66 -58.47
C ALA U 278 58.30 -8.12 -57.21
N GLY U 279 58.22 -9.43 -56.96
CA GLY U 279 58.83 -10.02 -55.80
C GLY U 279 58.12 -11.31 -55.44
N SER U 280 58.54 -11.89 -54.32
CA SER U 280 57.98 -13.14 -53.82
C SER U 280 57.10 -12.84 -52.63
N ALA U 281 55.88 -13.36 -52.64
CA ALA U 281 54.92 -13.15 -51.57
C ALA U 281 54.26 -14.46 -51.18
N THR U 282 54.03 -14.61 -49.88
CA THR U 282 53.39 -15.81 -49.32
C THR U 282 52.00 -15.45 -48.85
N ILE U 283 50.99 -16.11 -49.40
CA ILE U 283 49.60 -15.92 -49.00
C ILE U 283 49.22 -17.10 -48.13
N THR U 284 48.79 -16.80 -46.90
CA THR U 284 48.42 -17.82 -45.93
C THR U 284 46.92 -17.71 -45.65
N ALA U 285 46.21 -18.81 -45.86
CA ALA U 285 44.78 -18.90 -45.55
C ALA U 285 44.63 -19.70 -44.26
N THR U 286 44.07 -19.05 -43.23
CA THR U 286 43.94 -19.65 -41.91
C THR U 286 42.48 -19.78 -41.55
N LYS U 287 42.08 -20.96 -41.07
CA LYS U 287 40.72 -21.21 -40.62
C LYS U 287 40.81 -22.04 -39.35
N GLY U 288 40.58 -21.40 -38.21
CA GLY U 288 40.74 -22.09 -36.94
C GLY U 288 42.17 -22.54 -36.75
N ALA U 289 42.33 -23.81 -36.39
CA ALA U 289 43.64 -24.42 -36.19
C ALA U 289 44.22 -25.00 -37.47
N LEU U 290 43.52 -24.85 -38.59
CA LEU U 290 43.98 -25.36 -39.88
C LEU U 290 44.43 -24.21 -40.76
N THR U 291 45.42 -24.48 -41.61
CA THR U 291 46.01 -23.42 -42.41
C THR U 291 46.45 -23.99 -43.76
N ALA U 292 46.61 -23.08 -44.73
CA ALA U 292 47.12 -23.41 -46.04
C ALA U 292 48.01 -22.26 -46.51
N THR U 293 49.20 -22.59 -46.99
CA THR U 293 50.19 -21.59 -47.41
C THR U 293 50.45 -21.72 -48.89
N ALA U 294 50.52 -20.58 -49.58
CA ALA U 294 50.79 -20.53 -51.01
C ALA U 294 51.84 -19.45 -51.27
N THR U 295 52.64 -19.67 -52.33
CA THR U 295 53.70 -18.76 -52.71
C THR U 295 53.40 -18.17 -54.08
N VAL U 296 53.49 -16.85 -54.19
CA VAL U 296 53.23 -16.13 -55.42
C VAL U 296 54.48 -15.32 -55.78
N THR U 297 54.94 -15.45 -57.01
CA THR U 297 56.07 -14.69 -57.52
C THR U 297 55.55 -13.65 -58.52
N VAL U 298 55.66 -12.37 -58.16
CA VAL U 298 55.18 -11.29 -59.01
C VAL U 298 56.26 -10.92 -60.01
N THR U 299 55.87 -10.76 -61.27
CA THR U 299 56.78 -10.39 -62.34
C THR U 299 56.35 -9.07 -62.96
N ALA U 300 57.33 -8.20 -63.19
CA ALA U 300 57.06 -6.90 -63.79
C ALA U 300 57.30 -6.95 -65.29
N THR V 2 20.95 -11.90 -53.87
CA THR V 2 19.56 -11.80 -53.43
C THR V 2 19.38 -12.42 -52.05
N ASP V 3 19.07 -11.59 -51.07
CA ASP V 3 18.85 -12.06 -49.71
C ASP V 3 17.45 -12.66 -49.56
N PHE V 4 17.20 -13.21 -48.38
CA PHE V 4 15.92 -13.85 -48.11
C PHE V 4 14.77 -12.86 -48.21
N TYR V 5 14.98 -11.64 -47.71
CA TYR V 5 13.91 -10.64 -47.71
C TYR V 5 13.46 -10.30 -49.12
N THR V 6 14.40 -10.16 -50.06
CA THR V 6 14.04 -9.85 -51.43
C THR V 6 13.27 -10.99 -52.08
N ILE V 7 13.68 -12.23 -51.81
CA ILE V 7 12.98 -13.38 -52.35
C ILE V 7 11.56 -13.46 -51.81
N LYS V 8 11.40 -13.18 -50.50
CA LYS V 8 10.07 -13.26 -49.89
C LYS V 8 9.10 -12.28 -50.54
N ASP V 9 9.57 -11.08 -50.89
CA ASP V 9 8.79 -10.10 -51.65
C ASP V 9 7.44 -9.83 -50.98
N ALA V 10 7.47 -9.66 -49.66
CA ALA V 10 6.24 -9.49 -48.91
C ALA V 10 5.64 -8.11 -49.15
N GLN V 11 4.32 -8.06 -49.33
CA GLN V 11 3.57 -6.83 -49.58
C GLN V 11 2.46 -6.76 -48.53
N ALA V 12 2.74 -6.05 -47.42
CA ALA V 12 1.74 -5.93 -46.37
C ALA V 12 0.49 -5.19 -46.85
N ASP V 13 0.63 -4.29 -47.82
CA ASP V 13 -0.52 -3.54 -48.32
C ASP V 13 -1.52 -4.41 -49.06
N LEU V 14 -1.11 -5.60 -49.52
CA LEU V 14 -2.03 -6.48 -50.22
C LEU V 14 -2.88 -7.32 -49.25
N ALA V 15 -2.64 -7.22 -47.94
CA ALA V 15 -3.55 -7.80 -46.98
C ALA V 15 -4.73 -6.86 -46.76
N ILE V 16 -5.94 -7.36 -46.98
CA ILE V 16 -7.14 -6.54 -46.99
C ILE V 16 -8.06 -6.99 -45.87
N ALA V 17 -8.51 -6.04 -45.06
CA ALA V 17 -9.36 -6.32 -43.91
C ALA V 17 -10.78 -5.86 -44.20
N PRO V 18 -11.77 -6.75 -44.15
CA PRO V 18 -13.17 -6.31 -44.32
C PRO V 18 -13.69 -5.62 -43.05
N LEU V 19 -13.30 -4.36 -42.88
CA LEU V 19 -13.66 -3.61 -41.68
C LEU V 19 -15.17 -3.45 -41.56
N ASN V 20 -15.84 -3.23 -42.68
CA ASN V 20 -17.29 -3.28 -42.74
C ASN V 20 -17.72 -4.24 -43.84
N LEU V 21 -18.90 -4.80 -43.67
CA LEU V 21 -19.40 -5.83 -44.56
C LEU V 21 -20.90 -5.71 -44.64
N THR V 22 -21.45 -5.95 -45.83
CA THR V 22 -22.88 -5.96 -46.03
C THR V 22 -23.26 -7.07 -47.00
N VAL V 23 -24.38 -7.73 -46.71
CA VAL V 23 -24.93 -8.77 -47.55
C VAL V 23 -26.17 -8.21 -48.21
N LEU V 24 -26.23 -8.29 -49.53
CA LEU V 24 -27.41 -7.84 -50.27
C LEU V 24 -28.02 -9.02 -51.01
N LEU V 25 -29.33 -9.14 -50.91
CA LEU V 25 -30.08 -10.18 -51.58
C LEU V 25 -31.05 -9.55 -52.56
N ALA V 26 -31.24 -10.18 -53.69
CA ALA V 26 -32.22 -9.78 -54.68
C ALA V 26 -33.05 -10.99 -55.09
N PRO V 27 -34.30 -10.78 -55.48
CA PRO V 27 -35.10 -11.90 -56.00
C PRO V 27 -34.49 -12.43 -57.29
N TYR V 28 -34.79 -13.69 -57.58
CA TYR V 28 -34.19 -14.34 -58.74
C TYR V 28 -34.52 -13.66 -60.06
N SER V 29 -35.60 -12.89 -60.11
CA SER V 29 -35.95 -12.15 -61.32
C SER V 29 -35.02 -10.97 -61.59
N THR V 30 -34.25 -10.54 -60.60
CA THR V 30 -33.33 -9.43 -60.78
C THR V 30 -32.22 -9.81 -61.76
N THR V 31 -31.79 -8.84 -62.57
CA THR V 31 -30.62 -9.03 -63.41
C THR V 31 -29.38 -9.15 -62.52
N PRO V 32 -28.59 -10.21 -62.64
CA PRO V 32 -27.43 -10.36 -61.74
C PRO V 32 -26.40 -9.28 -61.96
N ALA V 33 -25.73 -8.91 -60.86
CA ALA V 33 -24.62 -7.98 -60.94
C ALA V 33 -23.43 -8.63 -61.62
N THR V 34 -22.84 -7.91 -62.58
CA THR V 34 -21.59 -8.33 -63.20
C THR V 34 -20.37 -7.71 -62.55
N THR V 35 -20.49 -6.47 -62.10
CA THR V 35 -19.41 -5.78 -61.39
C THR V 35 -20.05 -4.73 -60.50
N LEU V 36 -19.39 -4.44 -59.39
CA LEU V 36 -19.85 -3.41 -58.47
C LEU V 36 -19.23 -2.06 -58.75
N GLU V 37 -18.35 -1.96 -59.74
CA GLU V 37 -17.67 -0.72 -60.08
C GLU V 37 -18.51 0.05 -61.09
N SER V 38 -18.79 1.31 -60.78
CA SER V 38 -19.56 2.14 -61.70
C SER V 38 -18.74 2.44 -62.95
N PRO V 39 -19.31 2.34 -64.15
CA PRO V 39 -18.57 2.72 -65.36
C PRO V 39 -18.29 4.20 -65.47
N THR V 40 -18.98 5.04 -64.70
CA THR V 40 -18.82 6.49 -64.81
C THR V 40 -17.55 6.96 -64.11
N ASP V 41 -17.46 6.73 -62.80
CA ASP V 41 -16.34 7.19 -62.01
C ASP V 41 -15.64 6.10 -61.21
N GLY V 42 -16.07 4.84 -61.35
CA GLY V 42 -15.47 3.76 -60.60
C GLY V 42 -15.98 3.60 -59.18
N SER V 43 -16.97 4.39 -58.76
CA SER V 43 -17.51 4.29 -57.42
C SER V 43 -18.35 3.01 -57.27
N LEU V 44 -18.66 2.69 -56.03
CA LEU V 44 -19.45 1.50 -55.73
C LEU V 44 -20.88 1.67 -56.24
N ALA V 45 -21.34 0.73 -57.06
CA ALA V 45 -22.64 0.80 -57.69
C ALA V 45 -23.35 -0.53 -57.52
N ILE V 46 -24.46 -0.53 -56.77
CA ILE V 46 -25.26 -1.72 -56.57
C ILE V 46 -26.43 -1.73 -57.56
N PRO V 47 -26.63 -2.81 -58.31
CA PRO V 47 -27.75 -2.84 -59.25
C PRO V 47 -29.07 -2.78 -58.50
N PRO V 48 -30.09 -2.20 -59.13
CA PRO V 48 -31.42 -2.17 -58.49
C PRO V 48 -31.98 -3.57 -58.32
N GLY V 49 -32.75 -3.76 -57.24
CA GLY V 49 -33.29 -5.03 -56.86
C GLY V 49 -32.54 -5.68 -55.71
N TYR V 50 -31.25 -5.38 -55.55
CA TYR V 50 -30.48 -5.89 -54.42
C TYR V 50 -30.78 -5.06 -53.18
N LYS V 51 -31.11 -5.73 -52.09
CA LYS V 51 -31.44 -5.07 -50.84
C LYS V 51 -30.59 -5.65 -49.73
N SER V 52 -30.05 -4.77 -48.88
CA SER V 52 -29.23 -5.21 -47.76
C SER V 52 -30.08 -5.88 -46.69
N VAL V 53 -29.50 -6.89 -46.04
CA VAL V 53 -30.15 -7.50 -44.88
C VAL V 53 -29.93 -6.70 -43.60
N GLY V 54 -29.11 -5.66 -43.65
CA GLY V 54 -28.86 -4.86 -42.48
C GLY V 54 -27.79 -5.43 -41.56
N HIS V 55 -27.90 -5.12 -40.28
CA HIS V 55 -26.88 -5.52 -39.31
C HIS V 55 -26.82 -7.04 -39.14
N PHE V 56 -25.62 -7.55 -38.95
CA PHE V 56 -25.43 -8.93 -38.57
C PHE V 56 -24.41 -9.01 -37.45
N GLU V 57 -24.43 -10.15 -36.75
CA GLU V 57 -23.63 -10.34 -35.55
C GLU V 57 -22.15 -10.19 -35.82
N LYS V 58 -21.47 -9.48 -34.91
CA LYS V 58 -20.07 -9.17 -35.10
C LYS V 58 -19.19 -10.39 -34.90
N GLN V 59 -19.37 -11.10 -33.78
CA GLN V 59 -18.45 -12.16 -33.41
C GLN V 59 -18.51 -13.34 -34.36
N ALA V 60 -19.71 -13.74 -34.79
CA ALA V 60 -19.80 -14.81 -35.77
C ALA V 60 -19.16 -14.41 -37.09
N GLY V 61 -19.30 -13.14 -37.47
CA GLY V 61 -18.78 -12.68 -38.74
C GLY V 61 -19.50 -13.37 -39.88
N LEU V 62 -18.78 -13.53 -40.99
CA LEU V 62 -19.29 -14.25 -42.14
C LEU V 62 -18.28 -15.32 -42.52
N THR V 63 -18.74 -16.56 -42.59
CA THR V 63 -17.89 -17.70 -42.92
C THR V 63 -18.20 -18.15 -44.33
N LEU V 64 -17.16 -18.21 -45.16
CA LEU V 64 -17.27 -18.72 -46.52
C LEU V 64 -16.68 -20.12 -46.57
N GLY V 65 -17.44 -21.07 -47.07
CA GLY V 65 -17.02 -22.46 -47.13
C GLY V 65 -16.87 -22.92 -48.57
N ASN V 66 -15.86 -23.76 -48.79
CA ASN V 66 -15.62 -24.38 -50.09
C ASN V 66 -15.32 -25.85 -49.88
N GLU V 67 -16.01 -26.71 -50.63
CA GLU V 67 -15.71 -28.13 -50.61
C GLU V 67 -15.69 -28.64 -52.04
N PHE V 68 -14.80 -29.58 -52.32
CA PHE V 68 -14.68 -30.21 -53.61
C PHE V 68 -15.11 -31.68 -53.50
N ASP V 69 -15.95 -32.12 -54.43
CA ASP V 69 -16.23 -33.53 -54.58
C ASP V 69 -15.55 -34.03 -55.86
N SER V 70 -14.72 -35.05 -55.71
CA SER V 70 -13.92 -35.55 -56.82
C SER V 70 -13.76 -37.06 -56.68
N LYS V 71 -13.45 -37.70 -57.79
CA LYS V 71 -13.23 -39.13 -57.83
C LYS V 71 -11.90 -39.42 -58.51
N ASP V 72 -11.15 -40.35 -57.94
CA ASP V 72 -9.82 -40.71 -58.45
C ASP V 72 -9.93 -41.96 -59.32
N ILE V 73 -9.34 -41.90 -60.51
CA ILE V 73 -9.26 -43.04 -61.40
C ILE V 73 -7.96 -43.76 -61.10
N GLU V 74 -8.06 -45.00 -60.64
CA GLU V 74 -6.90 -45.77 -60.18
C GLU V 74 -6.52 -46.81 -61.22
N ALA V 75 -5.25 -46.80 -61.61
CA ALA V 75 -4.71 -47.79 -62.53
C ALA V 75 -3.78 -48.74 -61.79
N TYR V 76 -3.74 -49.98 -62.28
CA TYR V 76 -2.87 -51.00 -61.69
C TYR V 76 -1.42 -50.56 -61.73
N GLY V 77 -0.74 -50.68 -60.59
CA GLY V 77 0.65 -50.32 -60.49
C GLY V 77 0.93 -48.84 -60.36
N GLU V 78 -0.09 -48.02 -60.22
CA GLU V 78 0.08 -46.57 -60.09
C GLU V 78 -0.28 -46.15 -58.67
N PRO V 79 0.68 -45.73 -57.86
CA PRO V 79 0.33 -45.26 -56.50
C PRO V 79 -0.58 -44.05 -56.51
N GLU V 80 -0.47 -43.18 -57.52
CA GLU V 80 -1.27 -41.98 -57.62
C GLU V 80 -2.30 -42.10 -58.75
N PRO V 81 -3.42 -41.40 -58.66
CA PRO V 81 -4.45 -41.50 -59.71
C PRO V 81 -3.91 -41.07 -61.06
N ILE V 82 -4.31 -41.80 -62.11
CA ILE V 82 -3.97 -41.38 -63.47
C ILE V 82 -4.86 -40.23 -63.93
N ARG V 83 -5.99 -40.02 -63.27
CA ARG V 83 -6.87 -38.90 -63.57
C ARG V 83 -7.77 -38.66 -62.38
N THR V 84 -7.95 -37.38 -62.04
CA THR V 84 -8.89 -36.98 -61.00
C THR V 84 -10.01 -36.19 -61.65
N ILE V 85 -11.23 -36.65 -61.47
CA ILE V 85 -12.42 -35.99 -62.02
C ILE V 85 -13.08 -35.23 -60.88
N ILE V 86 -13.04 -33.90 -60.95
CA ILE V 86 -13.69 -33.05 -59.96
C ILE V 86 -15.09 -32.73 -60.46
N ASN V 87 -16.09 -33.14 -59.69
CA ASN V 87 -17.48 -32.91 -60.11
C ASN V 87 -17.85 -31.44 -59.98
N LYS V 88 -17.66 -30.86 -58.80
CA LYS V 88 -18.06 -29.48 -58.58
C LYS V 88 -17.33 -28.94 -57.36
N ARG V 89 -17.39 -27.62 -57.22
CA ARG V 89 -16.93 -26.92 -56.02
C ARG V 89 -18.17 -26.29 -55.39
N THR V 90 -18.45 -26.66 -54.15
CA THR V 90 -19.63 -26.16 -53.44
C THR V 90 -19.22 -25.00 -52.54
N THR V 91 -19.81 -23.84 -52.77
CA THR V 91 -19.56 -22.65 -51.96
C THR V 91 -20.77 -22.38 -51.08
N THR V 92 -20.53 -22.16 -49.79
CA THR V 92 -21.56 -21.78 -48.85
C THR V 92 -21.09 -20.57 -48.05
N PHE V 93 -22.05 -19.81 -47.53
CA PHE V 93 -21.73 -18.76 -46.58
C PHE V 93 -22.85 -18.64 -45.56
N ASP V 94 -22.48 -18.35 -44.31
CA ASP V 94 -23.41 -18.27 -43.21
C ASP V 94 -23.08 -17.06 -42.35
N PHE V 95 -24.11 -16.49 -41.74
CA PHE V 95 -24.01 -15.27 -40.94
C PHE V 95 -25.26 -15.14 -40.10
N ALA V 96 -25.20 -14.29 -39.08
CA ALA V 96 -26.24 -14.18 -38.07
C ALA V 96 -26.92 -12.81 -38.16
N MET V 97 -28.12 -12.77 -38.71
CA MET V 97 -28.82 -11.49 -38.92
C MET V 97 -29.60 -11.06 -37.69
N TYR V 98 -29.60 -9.75 -37.43
CA TYR V 98 -30.39 -9.13 -36.38
C TYR V 98 -31.74 -8.60 -36.82
N GLN V 99 -31.84 -8.01 -38.01
CA GLN V 99 -32.98 -7.16 -38.34
C GLN V 99 -34.20 -7.99 -38.75
N ASN V 100 -35.34 -7.66 -38.15
CA ASN V 100 -36.61 -8.33 -38.43
C ASN V 100 -37.36 -7.59 -39.54
N GLN V 101 -36.83 -7.72 -40.75
CA GLN V 101 -37.42 -7.09 -41.92
C GLN V 101 -37.90 -8.16 -42.88
N ARG V 102 -38.62 -7.72 -43.91
CA ARG V 102 -39.33 -8.67 -44.76
C ARG V 102 -38.39 -9.61 -45.51
N ASN V 103 -37.28 -9.10 -46.07
CA ASN V 103 -36.43 -9.98 -46.86
C ASN V 103 -35.74 -11.03 -46.00
N VAL V 104 -35.31 -10.65 -44.80
CA VAL V 104 -34.72 -11.63 -43.88
C VAL V 104 -35.73 -12.72 -43.52
N LEU V 105 -36.94 -12.33 -43.16
CA LEU V 105 -37.95 -13.30 -42.76
C LEU V 105 -38.40 -14.16 -43.94
N GLU V 106 -38.45 -13.58 -45.13
CA GLU V 106 -38.76 -14.35 -46.33
C GLU V 106 -37.70 -15.41 -46.59
N LEU V 107 -36.43 -15.05 -46.42
CA LEU V 107 -35.36 -16.03 -46.55
C LEU V 107 -35.50 -17.12 -45.50
N ILE V 108 -35.77 -16.72 -44.26
CA ILE V 108 -35.80 -17.68 -43.14
C ILE V 108 -36.94 -18.67 -43.32
N TRP V 109 -38.11 -18.21 -43.73
CA TRP V 109 -39.29 -19.06 -43.81
C TRP V 109 -39.53 -19.65 -45.21
N THR V 110 -38.64 -19.38 -46.16
CA THR V 110 -38.76 -19.85 -47.55
C THR V 110 -40.15 -19.55 -48.10
N GLN V 111 -40.50 -18.28 -48.10
CA GLN V 111 -41.81 -17.83 -48.51
C GLN V 111 -41.72 -16.42 -49.08
N ASP V 112 -42.66 -16.08 -49.94
CA ASP V 112 -42.85 -14.71 -50.39
C ASP V 112 -43.89 -14.05 -49.49
N PHE V 113 -43.48 -12.99 -48.79
CA PHE V 113 -44.37 -12.27 -47.89
C PHE V 113 -44.76 -10.90 -48.44
N SER V 114 -44.61 -10.69 -49.75
CA SER V 114 -44.93 -9.39 -50.34
C SER V 114 -46.42 -9.08 -50.31
N ASN V 115 -47.27 -10.10 -50.21
CA ASN V 115 -48.71 -9.91 -50.12
C ASN V 115 -49.21 -9.80 -48.68
N ILE V 116 -48.31 -9.82 -47.70
CA ILE V 116 -48.71 -9.71 -46.30
C ILE V 116 -49.14 -8.27 -46.02
N GLN V 117 -50.37 -8.10 -45.59
CA GLN V 117 -50.87 -6.79 -45.24
C GLN V 117 -50.86 -6.61 -43.73
N PRO V 118 -50.23 -5.57 -43.21
CA PRO V 118 -50.30 -5.31 -41.77
C PRO V 118 -51.75 -5.11 -41.35
N SER V 119 -52.06 -5.55 -40.13
CA SER V 119 -53.42 -5.47 -39.62
C SER V 119 -53.80 -4.01 -39.39
N GLU V 120 -55.02 -3.82 -38.89
CA GLU V 120 -55.55 -2.48 -38.71
C GLU V 120 -54.74 -1.68 -37.70
N PHE V 121 -54.00 -2.36 -36.81
CA PHE V 121 -53.08 -1.72 -35.89
C PHE V 121 -51.61 -1.98 -36.23
N GLY V 122 -51.34 -2.54 -37.41
CA GLY V 122 -49.97 -2.74 -37.86
C GLY V 122 -49.38 -4.11 -37.59
N GLY V 123 -50.10 -4.99 -36.90
CA GLY V 123 -49.58 -6.31 -36.63
C GLY V 123 -49.54 -7.18 -37.88
N ILE V 124 -48.55 -8.06 -37.94
CA ILE V 124 -48.42 -9.01 -39.03
C ILE V 124 -48.25 -10.40 -38.46
N VAL V 125 -48.75 -11.40 -39.19
CA VAL V 125 -48.55 -12.80 -38.88
C VAL V 125 -47.99 -13.48 -40.12
N LEU V 126 -46.85 -14.14 -39.98
CA LEU V 126 -46.18 -14.81 -41.09
C LEU V 126 -46.26 -16.31 -40.87
N GLU V 127 -47.09 -16.97 -41.65
CA GLU V 127 -47.27 -18.42 -41.55
C GLU V 127 -46.20 -19.12 -42.39
N ALA V 128 -45.59 -20.14 -41.80
CA ALA V 128 -44.67 -20.98 -42.57
C ALA V 128 -45.45 -21.74 -43.64
N PRO V 129 -44.89 -21.89 -44.84
CA PRO V 129 -45.61 -22.62 -45.89
C PRO V 129 -45.79 -24.08 -45.54
N LYS V 130 -46.87 -24.66 -46.07
CA LYS V 130 -47.17 -26.06 -45.82
C LYS V 130 -45.99 -26.96 -46.19
N VAL V 131 -45.40 -26.70 -47.34
CA VAL V 131 -44.16 -27.37 -47.75
C VAL V 131 -43.11 -26.28 -47.92
N PRO V 132 -41.88 -26.46 -47.42
CA PRO V 132 -40.84 -25.48 -47.69
C PRO V 132 -40.58 -25.34 -49.18
N LYS V 133 -40.34 -24.12 -49.62
CA LYS V 133 -40.20 -23.81 -51.03
C LYS V 133 -38.74 -23.65 -51.41
N ASN V 134 -38.41 -24.07 -52.63
CA ASN V 134 -37.09 -23.86 -53.20
C ASN V 134 -37.06 -22.46 -53.82
N ILE V 135 -36.49 -21.50 -53.11
CA ILE V 135 -36.43 -20.12 -53.54
C ILE V 135 -34.98 -19.74 -53.74
N TYR V 136 -34.66 -19.22 -54.92
CA TYR V 136 -33.31 -18.79 -55.24
C TYR V 136 -33.21 -17.27 -55.14
N TYR V 137 -32.03 -16.81 -54.74
CA TYR V 137 -31.74 -15.39 -54.63
C TYR V 137 -30.43 -15.09 -55.33
N ARG V 138 -30.27 -13.83 -55.69
CA ARG V 138 -28.99 -13.29 -56.11
C ARG V 138 -28.38 -12.57 -54.93
N ALA V 139 -27.09 -12.83 -54.68
CA ALA V 139 -26.44 -12.34 -53.49
C ALA V 139 -25.19 -11.54 -53.84
N ILE V 140 -24.94 -10.49 -53.08
CA ILE V 140 -23.70 -9.74 -53.12
C ILE V 140 -23.17 -9.63 -51.70
N LEU V 141 -21.94 -10.08 -51.50
CA LEU V 141 -21.23 -9.86 -50.24
C LEU V 141 -20.11 -8.88 -50.55
N VAL V 142 -20.28 -7.63 -50.16
CA VAL V 142 -19.28 -6.59 -50.41
C VAL V 142 -18.76 -6.06 -49.08
N GLY V 143 -17.44 -6.02 -48.97
CA GLY V 143 -16.78 -5.49 -47.80
C GLY V 143 -15.93 -4.30 -48.14
N MET V 144 -15.60 -3.48 -47.15
CA MET V 144 -14.81 -2.28 -47.37
C MET V 144 -13.60 -2.28 -46.44
N ASP V 145 -12.44 -1.98 -47.00
CA ASP V 145 -11.23 -1.70 -46.22
C ASP V 145 -10.92 -0.22 -46.44
N ASP V 146 -11.41 0.63 -45.53
CA ASP V 146 -11.27 2.07 -45.66
C ASP V 146 -9.96 2.48 -45.00
N ARG V 147 -8.89 2.50 -45.80
CA ARG V 147 -7.55 2.79 -45.31
C ARG V 147 -7.03 4.05 -45.99
N ASN V 148 -6.55 5.00 -45.18
CA ASN V 148 -5.94 6.24 -45.68
C ASN V 148 -6.88 7.00 -46.61
N ASP V 149 -8.18 6.94 -46.34
CA ASP V 149 -9.24 7.60 -47.08
C ASP V 149 -9.40 7.07 -48.50
N ARG V 150 -8.63 6.07 -48.91
CA ARG V 150 -8.78 5.45 -50.21
C ARG V 150 -9.34 4.05 -50.04
N PRO V 151 -10.66 3.87 -50.06
CA PRO V 151 -11.23 2.57 -49.71
C PRO V 151 -10.97 1.51 -50.78
N ILE V 152 -10.88 0.27 -50.31
CA ILE V 152 -10.86 -0.91 -51.17
C ILE V 152 -12.17 -1.64 -50.95
N TRP V 153 -12.87 -1.94 -52.04
CA TRP V 153 -14.07 -2.76 -51.98
C TRP V 153 -13.74 -4.13 -52.52
N LEU V 154 -13.88 -5.14 -51.67
CA LEU V 154 -13.70 -6.53 -52.07
C LEU V 154 -15.02 -7.24 -51.88
N TYR V 155 -15.44 -7.98 -52.90
CA TYR V 155 -16.80 -8.49 -52.90
C TYR V 155 -16.87 -9.86 -53.56
N TRP V 156 -17.97 -10.54 -53.29
CA TRP V 156 -18.29 -11.83 -53.87
C TRP V 156 -19.65 -11.73 -54.53
N LEU V 157 -19.74 -12.21 -55.77
CA LEU V 157 -21.00 -12.24 -56.49
C LEU V 157 -21.48 -13.68 -56.58
N MET V 158 -22.66 -13.94 -56.03
CA MET V 158 -23.28 -15.26 -56.07
C MET V 158 -24.66 -15.10 -56.69
N PRO V 159 -24.77 -15.32 -58.00
CA PRO V 159 -26.03 -15.03 -58.69
C PRO V 159 -27.19 -15.95 -58.35
N LYS V 160 -26.94 -17.11 -57.75
CA LYS V 160 -28.00 -18.09 -57.49
C LYS V 160 -27.72 -18.80 -56.16
N VAL V 161 -28.31 -18.28 -55.08
CA VAL V 161 -28.12 -18.85 -53.75
C VAL V 161 -29.47 -19.31 -53.23
N LYS V 162 -29.44 -20.36 -52.40
CA LYS V 162 -30.62 -20.92 -51.80
C LYS V 162 -30.33 -21.22 -50.33
N LEU V 163 -31.37 -21.13 -49.51
CA LEU V 163 -31.24 -21.50 -48.10
C LEU V 163 -30.94 -22.99 -47.98
N ASP V 164 -29.85 -23.32 -47.30
CA ASP V 164 -29.43 -24.69 -47.12
C ASP V 164 -29.64 -25.19 -45.70
N LYS V 165 -29.47 -24.34 -44.70
CA LYS V 165 -29.48 -24.76 -43.31
C LYS V 165 -29.86 -23.56 -42.45
N LEU V 166 -30.47 -23.85 -41.30
CA LEU V 166 -30.84 -22.83 -40.34
C LEU V 166 -30.38 -23.28 -38.96
N ASP V 167 -29.49 -22.50 -38.35
CA ASP V 167 -28.99 -22.85 -37.04
C ASP V 167 -30.07 -22.65 -35.97
N ASN V 168 -29.86 -23.29 -34.83
CA ASN V 168 -30.80 -23.15 -33.72
C ASN V 168 -30.89 -21.70 -33.27
N GLN V 169 -32.12 -21.25 -33.06
CA GLN V 169 -32.39 -19.88 -32.63
C GLN V 169 -32.66 -19.90 -31.13
N THR V 170 -31.81 -19.24 -30.37
CA THR V 170 -31.93 -19.20 -28.92
C THR V 170 -32.47 -17.84 -28.47
N LEU V 171 -33.50 -17.86 -27.65
CA LEU V 171 -34.09 -16.65 -27.09
C LEU V 171 -33.55 -16.47 -25.67
N ASN V 172 -32.80 -15.40 -25.46
CA ASN V 172 -32.27 -15.04 -24.15
C ASN V 172 -32.77 -13.65 -23.79
N ASP V 173 -32.99 -13.42 -22.50
CA ASP V 173 -33.55 -12.16 -22.06
C ASP V 173 -32.56 -11.00 -22.13
N ASP V 174 -31.28 -11.28 -22.43
CA ASP V 174 -30.27 -10.24 -22.55
C ASP V 174 -29.67 -10.18 -23.94
N ASN V 175 -30.40 -10.61 -24.97
CA ASN V 175 -29.89 -10.62 -26.32
C ASN V 175 -31.02 -10.37 -27.31
N VAL V 176 -30.67 -9.90 -28.49
CA VAL V 176 -31.64 -9.77 -29.57
C VAL V 176 -31.76 -11.12 -30.28
N ILE V 177 -32.88 -11.31 -30.95
CA ILE V 177 -33.07 -12.55 -31.70
C ILE V 177 -32.19 -12.52 -32.94
N GLU V 178 -31.60 -13.65 -33.26
CA GLU V 178 -30.69 -13.79 -34.39
C GLU V 178 -31.21 -14.87 -35.33
N TYR V 179 -31.08 -14.62 -36.63
CA TYR V 179 -31.37 -15.60 -37.66
C TYR V 179 -30.04 -15.99 -38.31
N LYS V 180 -29.75 -17.29 -38.32
CA LYS V 180 -28.45 -17.81 -38.73
C LYS V 180 -28.63 -18.78 -39.88
N PRO V 181 -28.82 -18.30 -41.09
CA PRO V 181 -28.92 -19.19 -42.25
C PRO V 181 -27.55 -19.55 -42.80
N THR V 182 -27.50 -20.69 -43.47
CA THR V 182 -26.39 -21.05 -44.35
C THR V 182 -26.92 -21.06 -45.76
N LEU V 183 -26.30 -20.27 -46.63
CA LEU V 183 -26.72 -20.17 -48.02
C LEU V 183 -25.73 -20.89 -48.92
N LYS V 184 -26.27 -21.70 -49.82
CA LYS V 184 -25.47 -22.46 -50.77
C LYS V 184 -25.56 -21.81 -52.14
N ALA V 185 -24.40 -21.61 -52.77
CA ALA V 185 -24.33 -21.01 -54.10
C ALA V 185 -24.49 -22.07 -55.16
N PHE V 186 -25.26 -21.76 -56.19
CA PHE V 186 -25.45 -22.63 -57.33
C PHE V 186 -25.02 -21.91 -58.59
N ARG V 187 -24.67 -22.68 -59.61
CA ARG V 187 -24.25 -22.07 -60.87
C ARG V 187 -25.45 -21.49 -61.59
N ASP V 188 -25.33 -20.23 -62.01
CA ASP V 188 -26.34 -19.59 -62.83
C ASP V 188 -25.90 -19.69 -64.30
N ASP V 189 -26.75 -20.31 -65.12
CA ASP V 189 -26.37 -20.59 -66.51
C ASP V 189 -26.18 -19.30 -67.31
N VAL V 190 -27.03 -18.31 -67.09
CA VAL V 190 -26.99 -17.10 -67.90
C VAL V 190 -25.67 -16.36 -67.70
N VAL V 191 -25.24 -16.22 -66.46
CA VAL V 191 -23.96 -15.54 -66.19
C VAL V 191 -22.77 -16.49 -66.23
N GLY V 192 -23.00 -17.80 -66.12
CA GLY V 192 -21.94 -18.76 -66.32
C GLY V 192 -20.99 -18.97 -65.16
N TYR V 193 -21.44 -18.74 -63.94
CA TYR V 193 -20.62 -19.05 -62.76
C TYR V 193 -21.53 -19.13 -61.54
N SER V 194 -20.98 -19.67 -60.47
CA SER V 194 -21.67 -19.67 -59.18
C SER V 194 -21.11 -18.64 -58.21
N VAL V 195 -19.80 -18.39 -58.24
CA VAL V 195 -19.15 -17.43 -57.37
C VAL V 195 -18.14 -16.63 -58.17
N ALA V 196 -18.08 -15.33 -57.92
CA ALA V 196 -17.04 -14.47 -58.46
C ALA V 196 -16.52 -13.58 -57.35
N GLN V 197 -15.21 -13.38 -57.30
CA GLN V 197 -14.58 -12.49 -56.33
C GLN V 197 -14.11 -11.23 -57.04
N GLY V 198 -14.39 -10.08 -56.46
CA GLY V 198 -14.11 -8.82 -57.08
C GLY V 198 -13.33 -7.88 -56.17
N PHE V 199 -12.57 -6.99 -56.80
CA PHE V 199 -11.82 -5.94 -56.12
C PHE V 199 -12.02 -4.63 -56.87
N ALA V 200 -12.26 -3.55 -56.13
CA ALA V 200 -12.53 -2.26 -56.73
C ALA V 200 -12.20 -1.17 -55.72
N GLY V 201 -12.26 0.08 -56.18
CA GLY V 201 -11.98 1.22 -55.36
C GLY V 201 -10.63 1.84 -55.66
N PRO V 202 -10.46 3.11 -55.33
CA PRO V 202 -9.15 3.77 -55.56
C PRO V 202 -8.01 3.11 -54.81
N GLY V 203 -8.27 2.65 -53.59
CA GLY V 203 -7.24 1.92 -52.86
C GLY V 203 -6.80 0.66 -53.58
N TRP V 204 -7.75 -0.03 -54.21
CA TRP V 204 -7.38 -1.17 -55.05
C TRP V 204 -6.61 -0.71 -56.27
N ARG V 205 -7.03 0.39 -56.89
CA ARG V 205 -6.32 0.91 -58.07
C ARG V 205 -4.86 1.21 -57.76
N ASP V 206 -4.56 1.61 -56.52
CA ASP V 206 -3.17 1.76 -56.13
C ASP V 206 -2.41 0.44 -56.17
N LEU V 207 -3.11 -0.69 -56.08
CA LEU V 207 -2.46 -1.98 -55.85
C LEU V 207 -2.61 -2.98 -56.99
N VAL V 208 -3.35 -2.66 -58.05
CA VAL V 208 -3.68 -3.67 -59.05
C VAL V 208 -2.41 -4.23 -59.70
N ALA V 209 -1.48 -3.34 -60.07
CA ALA V 209 -0.24 -3.79 -60.68
C ALA V 209 0.62 -4.59 -59.70
N THR V 210 0.69 -4.14 -58.45
CA THR V 210 1.40 -4.90 -57.42
C THR V 210 0.78 -6.27 -57.21
N ALA V 211 -0.56 -6.36 -57.31
CA ALA V 211 -1.25 -7.63 -57.15
C ALA V 211 -1.01 -8.59 -58.30
N GLY V 212 -0.40 -8.13 -59.39
CA GLY V 212 -0.10 -9.00 -60.51
C GLY V 212 -1.15 -9.08 -61.59
N PHE V 213 -2.13 -8.17 -61.59
CA PHE V 213 -3.16 -8.13 -62.60
C PHE V 213 -2.84 -7.00 -63.56
N GLY V 214 -2.76 -7.30 -64.85
CA GLY V 214 -2.34 -6.31 -65.81
C GLY V 214 -0.86 -6.00 -65.70
N GLU V 215 -0.48 -4.87 -66.27
CA GLU V 215 0.89 -4.39 -66.26
C GLU V 215 1.03 -3.17 -65.36
N ALA V 216 2.28 -2.88 -64.99
CA ALA V 216 2.57 -1.75 -64.14
C ALA V 216 2.47 -0.44 -64.91
N LEU V 217 2.24 0.65 -64.16
CA LEU V 217 2.06 1.97 -64.75
C LEU V 217 3.41 2.67 -64.87
N THR V 218 3.77 3.05 -66.10
CA THR V 218 5.04 3.70 -66.35
C THR V 218 4.92 5.10 -66.92
N ALA V 219 3.90 5.38 -67.73
CA ALA V 219 3.76 6.69 -68.35
C ALA V 219 2.31 7.15 -68.27
N LEU V 220 2.12 8.47 -68.16
CA LEU V 220 0.81 9.08 -68.08
C LEU V 220 0.52 9.81 -69.38
N THR V 221 -0.68 9.62 -69.91
CA THR V 221 -1.08 10.19 -71.20
C THR V 221 -2.38 10.97 -71.03
N ILE V 222 -2.41 12.18 -71.58
CA ILE V 222 -3.63 12.97 -71.59
C ILE V 222 -4.37 12.73 -72.92
N THR V 223 -5.65 12.41 -72.84
CA THR V 223 -6.40 12.04 -74.03
C THR V 223 -6.73 13.30 -74.85
N PRO V 224 -7.35 14.35 -74.26
CA PRO V 224 -7.47 15.58 -75.07
C PRO V 224 -6.19 16.41 -74.98
N GLY V 225 -5.19 15.99 -75.74
CA GLY V 225 -3.88 16.62 -75.66
C GLY V 225 -3.90 18.07 -76.12
N SER V 226 -4.69 18.38 -77.14
CA SER V 226 -4.76 19.73 -77.72
C SER V 226 -6.21 20.15 -77.85
N PRO V 227 -6.86 20.54 -76.75
CA PRO V 227 -8.24 21.00 -76.82
C PRO V 227 -8.34 22.51 -77.01
N THR V 228 -9.53 22.95 -77.38
CA THR V 228 -9.83 24.37 -77.58
C THR V 228 -11.13 24.70 -76.88
N VAL V 229 -11.12 25.76 -76.08
CA VAL V 229 -12.27 26.16 -75.28
C VAL V 229 -12.65 27.58 -75.65
N THR V 230 -13.96 27.81 -75.79
CA THR V 230 -14.46 29.14 -76.11
C THR V 230 -14.62 29.98 -74.85
N VAL V 231 -14.27 31.26 -74.94
CA VAL V 231 -14.41 32.17 -73.80
C VAL V 231 -15.88 32.30 -73.41
N ALA V 232 -16.77 32.45 -74.39
CA ALA V 232 -18.18 32.62 -74.10
C ALA V 232 -18.77 31.33 -73.52
N THR V 233 -19.81 31.51 -72.71
CA THR V 233 -20.50 30.38 -72.11
C THR V 233 -21.25 29.58 -73.17
N GLY V 234 -21.15 28.26 -73.08
CA GLY V 234 -21.81 27.40 -74.02
C GLY V 234 -21.46 25.94 -73.75
N ALA V 235 -21.96 25.08 -74.65
CA ALA V 235 -21.70 23.65 -74.51
C ALA V 235 -20.22 23.34 -74.70
N SER V 236 -19.58 23.97 -75.67
CA SER V 236 -18.15 23.77 -75.94
C SER V 236 -17.27 24.74 -75.18
N HIS V 237 -17.82 25.45 -74.19
CA HIS V 237 -17.04 26.40 -73.42
C HIS V 237 -16.04 25.72 -72.51
N THR V 238 -16.39 24.56 -71.96
CA THR V 238 -15.54 23.82 -71.04
C THR V 238 -15.17 22.47 -71.64
N ALA V 239 -14.07 21.90 -71.13
CA ALA V 239 -13.58 20.61 -71.59
C ALA V 239 -13.13 19.79 -70.40
N GLN V 240 -13.51 18.51 -70.39
CA GLN V 240 -13.13 17.59 -69.32
C GLN V 240 -11.95 16.74 -69.78
N LEU V 241 -10.85 16.80 -69.04
CA LEU V 241 -9.66 16.04 -69.39
C LEU V 241 -9.81 14.59 -68.94
N LEU V 242 -8.94 13.74 -69.49
CA LEU V 242 -8.88 12.33 -69.11
C LEU V 242 -7.43 11.88 -69.16
N VAL V 243 -6.95 11.31 -68.06
CA VAL V 243 -5.56 10.89 -67.92
C VAL V 243 -5.53 9.38 -67.79
N GLU V 244 -4.73 8.72 -68.63
CA GLU V 244 -4.63 7.28 -68.66
C GLU V 244 -3.18 6.85 -68.45
N GLY V 245 -2.99 5.53 -68.34
CA GLY V 245 -1.69 4.95 -68.21
C GLY V 245 -1.42 3.93 -69.30
N ASP V 246 -0.19 3.39 -69.27
CA ASP V 246 0.17 2.37 -70.25
C ASP V 246 -0.61 1.09 -70.05
N ASN V 247 -1.10 0.86 -68.83
CA ASN V 247 -1.85 -0.35 -68.52
C ASN V 247 -3.33 -0.25 -68.85
N GLY V 248 -3.78 0.90 -69.35
CA GLY V 248 -5.18 1.09 -69.68
C GLY V 248 -6.07 1.47 -68.51
N ILE V 249 -5.49 1.91 -67.40
CA ILE V 249 -6.24 2.29 -66.21
C ILE V 249 -6.37 3.82 -66.18
N ASN V 250 -7.59 4.30 -65.98
CA ASN V 250 -7.85 5.72 -65.82
C ASN V 250 -7.28 6.19 -64.48
N TYR V 251 -6.33 7.11 -64.53
CA TYR V 251 -5.69 7.64 -63.32
C TYR V 251 -6.08 9.09 -63.04
N THR V 252 -7.13 9.59 -63.70
CA THR V 252 -7.56 10.97 -63.50
C THR V 252 -7.87 11.32 -62.05
N PRO V 253 -8.58 10.49 -61.27
CA PRO V 253 -8.78 10.83 -59.84
C PRO V 253 -7.50 10.85 -59.02
N ASP V 254 -6.44 10.19 -59.48
CA ASP V 254 -5.21 10.04 -58.69
C ASP V 254 -4.12 11.02 -59.07
N VAL V 255 -4.35 11.93 -60.00
CA VAL V 255 -3.33 12.86 -60.45
C VAL V 255 -3.60 14.24 -59.85
N VAL V 256 -2.62 15.12 -59.98
CA VAL V 256 -2.71 16.50 -59.53
C VAL V 256 -2.73 17.41 -60.75
N PHE V 257 -3.76 18.24 -60.85
CA PHE V 257 -3.90 19.15 -61.98
C PHE V 257 -3.32 20.53 -61.64
N THR V 258 -2.28 20.92 -62.36
CA THR V 258 -1.65 22.23 -62.20
C THR V 258 -1.61 22.93 -63.55
N SER V 259 -2.02 24.19 -63.57
CA SER V 259 -2.05 24.96 -64.81
C SER V 259 -0.87 25.93 -64.88
N SER V 260 -0.56 26.37 -66.10
CA SER V 260 0.52 27.32 -66.33
C SER V 260 0.07 28.75 -66.05
N ALA V 261 -0.94 29.22 -66.79
CA ALA V 261 -1.52 30.54 -66.58
C ALA V 261 -2.97 30.37 -66.14
N PRO V 262 -3.27 30.47 -64.84
CA PRO V 262 -4.64 30.23 -64.38
C PRO V 262 -5.67 31.15 -65.00
N ASP V 263 -5.30 32.41 -65.29
CA ASP V 263 -6.27 33.34 -65.87
C ASP V 263 -6.70 32.90 -67.27
N LYS V 264 -5.76 32.41 -68.07
CA LYS V 264 -6.09 31.98 -69.43
C LYS V 264 -7.04 30.78 -69.41
N ALA V 265 -6.72 29.76 -68.61
CA ALA V 265 -7.54 28.57 -68.51
C ALA V 265 -7.53 28.09 -67.07
N SER V 266 -8.73 27.92 -66.50
CA SER V 266 -8.87 27.46 -65.12
C SER V 266 -9.24 25.98 -65.11
N VAL V 267 -8.45 25.20 -64.38
CA VAL V 267 -8.66 23.75 -64.26
C VAL V 267 -8.89 23.43 -62.80
N SER V 268 -9.93 22.64 -62.52
CA SER V 268 -10.25 22.23 -61.17
C SER V 268 -9.40 21.01 -60.79
N ALA V 269 -9.66 20.45 -59.60
CA ALA V 269 -8.95 19.23 -59.20
C ALA V 269 -9.38 18.04 -60.04
N ALA V 270 -10.66 17.97 -60.40
CA ALA V 270 -11.15 16.87 -61.23
C ALA V 270 -10.49 16.86 -62.60
N GLY V 271 -10.30 18.04 -63.19
CA GLY V 271 -9.66 18.12 -64.49
C GLY V 271 -10.52 18.73 -65.57
N LEU V 272 -11.46 19.59 -65.19
CA LEU V 272 -12.27 20.31 -66.15
C LEU V 272 -11.59 21.63 -66.48
N VAL V 273 -11.26 21.82 -67.76
CA VAL V 273 -10.53 23.00 -68.21
C VAL V 273 -11.54 24.01 -68.74
N THR V 274 -11.59 25.18 -68.09
CA THR V 274 -12.46 26.28 -68.50
C THR V 274 -11.60 27.44 -68.92
N GLY V 275 -11.77 27.90 -70.15
CA GLY V 275 -11.00 29.03 -70.65
C GLY V 275 -11.62 30.36 -70.27
N VAL V 276 -11.07 30.99 -69.24
CA VAL V 276 -11.61 32.27 -68.79
C VAL V 276 -11.30 33.37 -69.79
N ALA V 277 -10.07 33.42 -70.29
CA ALA V 277 -9.65 34.44 -71.23
C ALA V 277 -8.81 33.80 -72.33
N ALA V 278 -8.87 34.39 -73.51
CA ALA V 278 -8.15 33.84 -74.66
C ALA V 278 -6.65 33.89 -74.42
N GLY V 279 -5.97 32.85 -74.89
CA GLY V 279 -4.53 32.72 -74.73
C GLY V 279 -4.14 31.27 -74.77
N SER V 280 -2.88 31.02 -74.42
CA SER V 280 -2.31 29.68 -74.41
C SER V 280 -2.01 29.28 -72.98
N ALA V 281 -2.48 28.09 -72.59
CA ALA V 281 -2.29 27.60 -71.24
C ALA V 281 -1.84 26.14 -71.29
N THR V 282 -0.97 25.78 -70.35
CA THR V 282 -0.44 24.42 -70.25
C THR V 282 -1.01 23.77 -68.99
N ILE V 283 -1.70 22.65 -69.17
CA ILE V 283 -2.25 21.89 -68.06
C ILE V 283 -1.32 20.70 -67.82
N THR V 284 -0.82 20.59 -66.59
CA THR V 284 0.10 19.53 -66.22
C THR V 284 -0.56 18.63 -65.19
N ALA V 285 -0.65 17.34 -65.50
CA ALA V 285 -1.16 16.33 -64.59
C ALA V 285 0.00 15.54 -64.02
N THR V 286 0.20 15.64 -62.70
CA THR V 286 1.34 15.03 -62.03
C THR V 286 0.84 13.98 -61.05
N LYS V 287 1.40 12.79 -61.12
CA LYS V 287 1.09 11.70 -60.19
C LYS V 287 2.40 11.05 -59.80
N GLY V 288 2.86 11.34 -58.58
CA GLY V 288 4.17 10.85 -58.17
C GLY V 288 5.25 11.41 -59.08
N ALA V 289 6.12 10.52 -59.55
CA ALA V 289 7.19 10.90 -60.47
C ALA V 289 6.74 10.91 -61.92
N LEU V 290 5.52 10.49 -62.21
CA LEU V 290 5.01 10.45 -63.56
C LEU V 290 4.21 11.72 -63.85
N THR V 291 4.27 12.18 -65.11
CA THR V 291 3.69 13.46 -65.46
C THR V 291 3.19 13.44 -66.90
N ALA V 292 1.99 13.98 -67.10
CA ALA V 292 1.43 14.19 -68.43
C ALA V 292 1.13 15.67 -68.61
N THR V 293 1.62 16.24 -69.70
CA THR V 293 1.48 17.67 -69.98
C THR V 293 0.66 17.87 -71.25
N ALA V 294 -0.23 18.85 -71.22
CA ALA V 294 -1.07 19.18 -72.35
C ALA V 294 -1.14 20.70 -72.52
N THR V 295 -1.36 21.12 -73.76
CA THR V 295 -1.45 22.54 -74.10
C THR V 295 -2.85 22.86 -74.60
N VAL V 296 -3.42 23.94 -74.06
CA VAL V 296 -4.76 24.39 -74.42
C VAL V 296 -4.67 25.81 -74.94
N THR V 297 -5.26 26.07 -76.10
CA THR V 297 -5.34 27.41 -76.67
C THR V 297 -6.77 27.91 -76.56
N VAL V 298 -6.97 29.00 -75.82
CA VAL V 298 -8.29 29.57 -75.59
C VAL V 298 -8.57 30.59 -76.68
N THR V 299 -9.77 30.51 -77.27
CA THR V 299 -10.19 31.43 -78.31
C THR V 299 -11.43 32.19 -77.86
N ALA V 300 -11.41 33.50 -78.08
CA ALA V 300 -12.54 34.35 -77.70
C ALA V 300 -13.52 34.49 -78.86
N THR W 2 -23.04 6.86 -53.94
CA THR W 2 -23.55 6.13 -52.78
C THR W 2 -22.41 5.48 -52.01
N ASP W 3 -22.23 5.91 -50.77
CA ASP W 3 -21.18 5.35 -49.93
C ASP W 3 -21.62 4.00 -49.36
N PHE W 4 -20.68 3.34 -48.68
CA PHE W 4 -20.94 2.02 -48.12
C PHE W 4 -22.05 2.07 -47.07
N TYR W 5 -22.06 3.12 -46.25
CA TYR W 5 -23.04 3.22 -45.18
C TYR W 5 -24.46 3.27 -45.73
N THR W 6 -24.68 4.02 -46.81
CA THR W 6 -26.02 4.11 -47.39
C THR W 6 -26.45 2.77 -47.98
N ILE W 7 -25.53 2.06 -48.63
CA ILE W 7 -25.85 0.76 -49.19
C ILE W 7 -26.20 -0.24 -48.08
N LYS W 8 -25.45 -0.20 -46.97
CA LYS W 8 -25.71 -1.12 -45.87
C LYS W 8 -27.11 -0.93 -45.30
N ASP W 9 -27.57 0.32 -45.20
CA ASP W 9 -28.93 0.64 -44.78
C ASP W 9 -29.29 -0.05 -43.47
N ALA W 10 -28.37 0.00 -42.52
CA ALA W 10 -28.59 -0.69 -41.26
C ALA W 10 -29.65 0.02 -40.42
N GLN W 11 -30.53 -0.77 -39.82
CA GLN W 11 -31.62 -0.28 -38.97
C GLN W 11 -31.49 -0.98 -37.62
N ALA W 12 -30.83 -0.33 -36.67
CA ALA W 12 -30.65 -0.94 -35.35
C ALA W 12 -31.98 -1.14 -34.62
N ASP W 13 -32.97 -0.29 -34.91
CA ASP W 13 -34.26 -0.42 -34.25
C ASP W 13 -35.02 -1.68 -34.65
N LEU W 14 -34.66 -2.31 -35.77
CA LEU W 14 -35.31 -3.54 -36.17
C LEU W 14 -34.76 -4.77 -35.47
N ALA W 15 -33.70 -4.62 -34.66
CA ALA W 15 -33.25 -5.70 -33.79
C ALA W 15 -34.12 -5.73 -32.55
N ILE W 16 -34.75 -6.87 -32.29
CA ILE W 16 -35.75 -7.01 -31.24
C ILE W 16 -35.24 -8.00 -30.21
N ALA W 17 -35.27 -7.60 -28.94
CA ALA W 17 -34.78 -8.43 -27.84
C ALA W 17 -35.95 -8.96 -27.03
N PRO W 18 -36.11 -10.26 -26.90
CA PRO W 18 -37.18 -10.80 -26.03
C PRO W 18 -36.81 -10.67 -24.55
N LEU W 19 -37.00 -9.45 -24.03
CA LEU W 19 -36.62 -9.16 -22.65
C LEU W 19 -37.41 -10.01 -21.68
N ASN W 20 -38.69 -10.22 -21.95
CA ASN W 20 -39.50 -11.16 -21.22
C ASN W 20 -40.16 -12.12 -22.21
N LEU W 21 -40.46 -13.32 -21.73
CA LEU W 21 -40.97 -14.38 -22.57
C LEU W 21 -41.92 -15.23 -21.75
N THR W 22 -42.99 -15.69 -22.39
CA THR W 22 -43.93 -16.60 -21.74
C THR W 22 -44.40 -17.65 -22.75
N VAL W 23 -44.53 -18.87 -22.27
CA VAL W 23 -45.05 -19.99 -23.05
C VAL W 23 -46.44 -20.31 -22.54
N LEU W 24 -47.41 -20.32 -23.44
CA LEU W 24 -48.78 -20.67 -23.09
C LEU W 24 -49.19 -21.93 -23.85
N LEU W 25 -49.78 -22.87 -23.13
CA LEU W 25 -50.27 -24.11 -23.70
C LEU W 25 -51.77 -24.18 -23.51
N ALA W 26 -52.45 -24.73 -24.50
CA ALA W 26 -53.88 -24.97 -24.43
C ALA W 26 -54.15 -26.40 -24.85
N PRO W 27 -55.21 -27.02 -24.33
CA PRO W 27 -55.59 -28.35 -24.80
C PRO W 27 -55.99 -28.31 -26.26
N TYR W 28 -55.86 -29.45 -26.93
CA TYR W 28 -56.10 -29.52 -28.36
C TYR W 28 -57.52 -29.14 -28.75
N SER W 29 -58.47 -29.24 -27.82
CA SER W 29 -59.84 -28.83 -28.10
C SER W 29 -60.00 -27.31 -28.20
N THR W 30 -59.03 -26.54 -27.73
CA THR W 30 -59.10 -25.09 -27.81
C THR W 30 -59.05 -24.62 -29.27
N THR W 31 -59.79 -23.56 -29.57
CA THR W 31 -59.68 -22.93 -30.87
C THR W 31 -58.32 -22.26 -30.99
N PRO W 32 -57.53 -22.58 -32.03
CA PRO W 32 -56.19 -22.01 -32.13
C PRO W 32 -56.21 -20.51 -32.29
N ALA W 33 -55.19 -19.87 -31.74
CA ALA W 33 -55.01 -18.44 -31.92
C ALA W 33 -54.59 -18.14 -33.35
N THR W 34 -55.24 -17.15 -33.97
CA THR W 34 -54.83 -16.67 -35.28
C THR W 34 -53.93 -15.46 -35.20
N THR W 35 -54.17 -14.58 -34.23
CA THR W 35 -53.34 -13.41 -33.99
C THR W 35 -53.45 -13.07 -32.51
N LEU W 36 -52.39 -12.46 -31.98
CA LEU W 36 -52.38 -12.02 -30.60
C LEU W 36 -52.79 -10.56 -30.44
N GLU W 37 -53.09 -9.88 -31.54
CA GLU W 37 -53.47 -8.48 -31.51
C GLU W 37 -54.97 -8.36 -31.36
N SER W 38 -55.41 -7.58 -30.38
CA SER W 38 -56.84 -7.38 -30.18
C SER W 38 -57.42 -6.54 -31.31
N PRO W 39 -58.57 -6.91 -31.87
CA PRO W 39 -59.20 -6.07 -32.89
C PRO W 39 -59.72 -4.74 -32.37
N THR W 40 -59.85 -4.60 -31.05
CA THR W 40 -60.43 -3.38 -30.47
C THR W 40 -59.41 -2.25 -30.42
N ASP W 41 -58.30 -2.45 -29.71
CA ASP W 41 -57.28 -1.42 -29.56
C ASP W 41 -55.89 -1.87 -29.98
N GLY W 42 -55.74 -3.09 -30.46
CA GLY W 42 -54.42 -3.59 -30.81
C GLY W 42 -53.60 -4.12 -29.67
N SER W 43 -54.16 -4.17 -28.45
CA SER W 43 -53.42 -4.68 -27.30
C SER W 43 -53.27 -6.20 -27.38
N LEU W 44 -52.41 -6.72 -26.53
CA LEU W 44 -52.14 -8.15 -26.50
C LEU W 44 -53.35 -8.90 -25.97
N ALA W 45 -53.83 -9.88 -26.75
CA ALA W 45 -55.04 -10.62 -26.41
C ALA W 45 -54.77 -12.11 -26.56
N ILE W 46 -54.84 -12.84 -25.46
CA ILE W 46 -54.65 -14.29 -25.47
C ILE W 46 -56.00 -14.98 -25.52
N PRO W 47 -56.24 -15.88 -26.46
CA PRO W 47 -57.54 -16.55 -26.52
C PRO W 47 -57.77 -17.41 -25.28
N PRO W 48 -59.02 -17.60 -24.89
CA PRO W 48 -59.30 -18.45 -23.72
C PRO W 48 -58.88 -19.89 -23.98
N GLY W 49 -58.46 -20.55 -22.90
CA GLY W 49 -57.95 -21.89 -22.96
C GLY W 49 -56.44 -21.98 -22.91
N TYR W 50 -55.74 -20.95 -23.37
CA TYR W 50 -54.28 -20.91 -23.27
C TYR W 50 -53.88 -20.52 -21.85
N LYS W 51 -52.99 -21.31 -21.27
CA LYS W 51 -52.53 -21.08 -19.91
C LYS W 51 -51.01 -21.04 -19.90
N SER W 52 -50.45 -20.05 -19.24
CA SER W 52 -49.00 -19.93 -19.13
C SER W 52 -48.41 -21.04 -18.27
N VAL W 53 -47.21 -21.48 -18.63
CA VAL W 53 -46.48 -22.44 -17.80
C VAL W 53 -45.74 -21.76 -16.65
N GLY W 54 -45.73 -20.44 -16.61
CA GLY W 54 -45.04 -19.71 -15.56
C GLY W 54 -43.55 -19.55 -15.80
N HIS W 55 -42.79 -19.42 -14.72
CA HIS W 55 -41.37 -19.13 -14.81
C HIS W 55 -40.61 -20.28 -15.46
N PHE W 56 -39.59 -19.93 -16.24
CA PHE W 56 -38.67 -20.92 -16.76
C PHE W 56 -37.25 -20.41 -16.62
N GLU W 57 -36.30 -21.32 -16.78
CA GLU W 57 -34.90 -21.05 -16.45
C GLU W 57 -34.34 -19.94 -17.33
N LYS W 58 -33.62 -19.01 -16.70
CA LYS W 58 -33.08 -17.85 -17.43
C LYS W 58 -31.95 -18.25 -18.37
N GLN W 59 -30.97 -19.01 -17.86
CA GLN W 59 -29.75 -19.26 -18.62
C GLN W 59 -30.03 -20.16 -19.82
N ALA W 60 -30.85 -21.19 -19.65
CA ALA W 60 -31.22 -22.04 -20.78
C ALA W 60 -31.97 -21.23 -21.83
N GLY W 61 -32.82 -20.31 -21.40
CA GLY W 61 -33.64 -19.58 -22.34
C GLY W 61 -34.60 -20.51 -23.05
N LEU W 62 -34.94 -20.14 -24.28
CA LEU W 62 -35.79 -20.97 -25.12
C LEU W 62 -35.12 -21.11 -26.48
N THR W 63 -34.89 -22.35 -26.90
CA THR W 63 -34.21 -22.63 -28.16
C THR W 63 -35.22 -23.11 -29.18
N LEU W 64 -35.25 -22.47 -30.34
CA LEU W 64 -36.09 -22.85 -31.46
C LEU W 64 -35.23 -23.55 -32.49
N GLY W 65 -35.62 -24.75 -32.88
CA GLY W 65 -34.88 -25.55 -33.85
C GLY W 65 -35.66 -25.71 -35.13
N ASN W 66 -34.95 -25.76 -36.25
CA ASN W 66 -35.53 -26.01 -37.56
C ASN W 66 -34.62 -26.96 -38.32
N GLU W 67 -35.18 -28.03 -38.86
CA GLU W 67 -34.42 -28.91 -39.74
C GLU W 67 -35.26 -29.22 -40.97
N PHE W 68 -34.59 -29.34 -42.11
CA PHE W 68 -35.24 -29.68 -43.36
C PHE W 68 -34.80 -31.08 -43.77
N ASP W 69 -35.77 -31.91 -44.14
CA ASP W 69 -35.48 -33.18 -44.78
C ASP W 69 -35.84 -33.06 -46.26
N SER W 70 -34.86 -33.32 -47.12
CA SER W 70 -35.05 -33.11 -48.55
C SER W 70 -34.29 -34.20 -49.30
N LYS W 71 -34.69 -34.39 -50.56
CA LYS W 71 -34.06 -35.36 -51.44
C LYS W 71 -33.65 -34.68 -52.73
N ASP W 72 -32.47 -35.04 -53.23
CA ASP W 72 -31.93 -34.45 -54.44
C ASP W 72 -32.12 -35.41 -55.61
N ILE W 73 -32.71 -34.92 -56.69
CA ILE W 73 -32.86 -35.69 -57.91
C ILE W 73 -31.65 -35.41 -58.79
N GLU W 74 -30.85 -36.45 -59.06
CA GLU W 74 -29.57 -36.30 -59.74
C GLU W 74 -29.68 -36.85 -61.15
N ALA W 75 -29.27 -36.05 -62.13
CA ALA W 75 -29.26 -36.45 -63.53
C ALA W 75 -27.83 -36.64 -63.99
N TYR W 76 -27.65 -37.53 -64.96
CA TYR W 76 -26.34 -37.79 -65.54
C TYR W 76 -25.76 -36.50 -66.13
N GLY W 77 -24.51 -36.21 -65.79
CA GLY W 77 -23.82 -35.05 -66.30
C GLY W 77 -24.15 -33.74 -65.63
N GLU W 78 -24.98 -33.75 -64.59
CA GLU W 78 -25.34 -32.54 -63.87
C GLU W 78 -24.65 -32.53 -62.51
N PRO W 79 -23.69 -31.64 -62.26
CA PRO W 79 -23.08 -31.58 -60.92
C PRO W 79 -24.08 -31.24 -59.82
N GLU W 80 -25.11 -30.45 -60.13
CA GLU W 80 -26.10 -30.05 -59.15
C GLU W 80 -27.44 -30.73 -59.43
N PRO W 81 -28.28 -30.91 -58.42
CA PRO W 81 -29.55 -31.59 -58.63
C PRO W 81 -30.44 -30.83 -59.62
N ILE W 82 -31.13 -31.58 -60.47
CA ILE W 82 -32.10 -30.95 -61.36
C ILE W 82 -33.38 -30.60 -60.63
N ARG W 83 -33.61 -31.20 -59.46
CA ARG W 83 -34.77 -30.88 -58.65
C ARG W 83 -34.50 -31.33 -57.23
N THR W 84 -34.85 -30.49 -56.26
CA THR W 84 -34.77 -30.82 -54.84
C THR W 84 -36.18 -30.88 -54.28
N ILE W 85 -36.54 -32.03 -53.72
CA ILE W 85 -37.85 -32.24 -53.11
C ILE W 85 -37.68 -32.13 -51.61
N ILE W 86 -38.26 -31.09 -51.01
CA ILE W 86 -38.21 -30.90 -49.57
C ILE W 86 -39.45 -31.53 -48.97
N ASN W 87 -39.27 -32.56 -48.15
CA ASN W 87 -40.42 -33.25 -47.56
C ASN W 87 -41.14 -32.35 -46.56
N LYS W 88 -40.41 -31.76 -45.61
CA LYS W 88 -41.03 -30.96 -44.58
C LYS W 88 -39.97 -30.16 -43.84
N ARG W 89 -40.43 -29.22 -43.03
CA ARG W 89 -39.61 -28.46 -42.11
C ARG W 89 -40.07 -28.78 -40.70
N THR W 90 -39.18 -29.30 -39.88
CA THR W 90 -39.52 -29.69 -38.52
C THR W 90 -39.08 -28.59 -37.55
N THR W 91 -40.04 -28.04 -36.80
CA THR W 91 -39.76 -27.03 -35.81
C THR W 91 -39.89 -27.63 -34.42
N THR W 92 -38.89 -27.39 -33.58
CA THR W 92 -38.91 -27.80 -32.19
C THR W 92 -38.55 -26.62 -31.31
N PHE W 93 -38.98 -26.68 -30.05
CA PHE W 93 -38.53 -25.72 -29.06
C PHE W 93 -38.45 -26.39 -27.70
N ASP W 94 -37.43 -26.02 -26.93
CA ASP W 94 -37.22 -26.57 -25.60
C ASP W 94 -36.91 -25.45 -24.62
N PHE W 95 -37.23 -25.69 -23.36
CA PHE W 95 -37.10 -24.73 -22.28
C PHE W 95 -37.25 -25.48 -20.96
N ALA W 96 -36.76 -24.87 -19.89
CA ALA W 96 -36.68 -25.51 -18.59
C ALA W 96 -37.68 -24.85 -17.63
N MET W 97 -38.80 -25.52 -17.38
CA MET W 97 -39.85 -24.98 -16.53
C MET W 97 -39.54 -25.21 -15.05
N TYR W 98 -39.95 -24.23 -14.24
CA TYR W 98 -39.77 -24.25 -12.80
C TYR W 98 -41.01 -24.67 -12.02
N GLN W 99 -42.20 -24.30 -12.47
CA GLN W 99 -43.38 -24.35 -11.62
C GLN W 99 -44.01 -25.73 -11.63
N ASN W 100 -44.32 -26.24 -10.44
CA ASN W 100 -44.95 -27.55 -10.28
C ASN W 100 -46.47 -27.40 -10.26
N GLN W 101 -47.01 -27.08 -11.43
CA GLN W 101 -48.45 -26.93 -11.61
C GLN W 101 -48.97 -28.01 -12.54
N ARG W 102 -50.30 -28.06 -12.65
CA ARG W 102 -50.95 -29.20 -13.30
C ARG W 102 -50.60 -29.29 -14.78
N ASN W 103 -50.58 -28.17 -15.50
CA ASN W 103 -50.34 -28.25 -16.94
C ASN W 103 -48.91 -28.68 -17.25
N VAL W 104 -47.94 -28.22 -16.47
CA VAL W 104 -46.56 -28.65 -16.66
C VAL W 104 -46.42 -30.15 -16.42
N LEU W 105 -46.99 -30.64 -15.31
CA LEU W 105 -46.87 -32.05 -14.97
C LEU W 105 -47.64 -32.93 -15.96
N GLU W 106 -48.78 -32.44 -16.43
CA GLU W 106 -49.53 -33.13 -17.47
C GLU W 106 -48.71 -33.25 -18.75
N LEU W 107 -48.01 -32.18 -19.13
CA LEU W 107 -47.14 -32.24 -20.29
C LEU W 107 -46.02 -33.26 -20.09
N ILE W 108 -45.34 -33.20 -18.95
CA ILE W 108 -44.16 -34.06 -18.79
C ILE W 108 -44.55 -35.53 -18.67
N TRP W 109 -45.70 -35.82 -18.06
CA TRP W 109 -46.10 -37.21 -17.84
C TRP W 109 -47.02 -37.75 -18.93
N THR W 110 -47.34 -36.95 -19.94
CA THR W 110 -48.23 -37.32 -21.04
C THR W 110 -49.52 -37.95 -20.51
N GLN W 111 -50.20 -37.16 -19.67
CA GLN W 111 -51.41 -37.64 -19.02
C GLN W 111 -52.33 -36.45 -18.78
N ASP W 112 -53.62 -36.72 -18.69
CA ASP W 112 -54.59 -35.75 -18.20
C ASP W 112 -54.77 -35.95 -16.70
N PHE W 113 -54.48 -34.91 -15.93
CA PHE W 113 -54.59 -34.96 -14.47
C PHE W 113 -55.76 -34.13 -13.95
N SER W 114 -56.73 -33.81 -14.80
CA SER W 114 -57.86 -32.98 -14.39
C SER W 114 -58.77 -33.71 -13.41
N ASN W 115 -58.76 -35.03 -13.39
CA ASN W 115 -59.55 -35.82 -12.46
C ASN W 115 -58.82 -36.11 -11.16
N ILE W 116 -57.60 -35.60 -10.99
CA ILE W 116 -56.85 -35.85 -9.77
C ILE W 116 -57.45 -35.03 -8.63
N GLN W 117 -57.85 -35.71 -7.57
CA GLN W 117 -58.40 -35.05 -6.41
C GLN W 117 -57.38 -35.02 -5.29
N PRO W 118 -57.05 -33.84 -4.75
CA PRO W 118 -56.18 -33.79 -3.59
C PRO W 118 -56.79 -34.53 -2.41
N SER W 119 -55.92 -35.11 -1.60
CA SER W 119 -56.38 -35.88 -0.45
C SER W 119 -56.93 -34.95 0.63
N GLU W 120 -57.28 -35.54 1.78
CA GLU W 120 -57.84 -34.77 2.88
C GLU W 120 -56.91 -33.62 3.29
N PHE W 121 -55.61 -33.84 3.23
CA PHE W 121 -54.63 -32.84 3.62
C PHE W 121 -53.96 -32.16 2.44
N GLY W 122 -54.51 -32.33 1.24
CA GLY W 122 -54.01 -31.65 0.06
C GLY W 122 -53.00 -32.42 -0.76
N GLY W 123 -52.55 -33.58 -0.30
CA GLY W 123 -51.57 -34.34 -1.04
C GLY W 123 -52.13 -34.90 -2.33
N ILE W 124 -51.27 -34.95 -3.36
CA ILE W 124 -51.63 -35.54 -4.64
C ILE W 124 -50.56 -36.53 -5.03
N VAL W 125 -50.98 -37.58 -5.74
CA VAL W 125 -50.07 -38.55 -6.33
C VAL W 125 -50.41 -38.66 -7.82
N LEU W 126 -49.42 -38.41 -8.67
CA LEU W 126 -49.59 -38.45 -10.12
C LEU W 126 -48.87 -39.68 -10.66
N GLU W 127 -49.64 -40.68 -11.09
CA GLU W 127 -49.07 -41.90 -11.65
C GLU W 127 -48.82 -41.73 -13.14
N ALA W 128 -47.64 -42.16 -13.58
CA ALA W 128 -47.38 -42.19 -15.01
C ALA W 128 -48.28 -43.22 -15.69
N PRO W 129 -48.80 -42.92 -16.87
CA PRO W 129 -49.66 -43.88 -17.56
C PRO W 129 -48.90 -45.14 -17.94
N LYS W 130 -49.64 -46.25 -18.01
CA LYS W 130 -49.06 -47.53 -18.38
C LYS W 130 -48.32 -47.44 -19.71
N VAL W 131 -48.96 -46.81 -20.70
CA VAL W 131 -48.32 -46.49 -21.96
C VAL W 131 -48.30 -44.98 -22.10
N PRO W 132 -47.19 -44.37 -22.52
CA PRO W 132 -47.20 -42.93 -22.76
C PRO W 132 -48.22 -42.58 -23.84
N LYS W 133 -48.88 -41.45 -23.66
CA LYS W 133 -49.96 -41.02 -24.54
C LYS W 133 -49.46 -39.99 -25.53
N ASN W 134 -50.03 -40.04 -26.74
CA ASN W 134 -49.82 -39.01 -27.75
C ASN W 134 -50.81 -37.89 -27.49
N ILE W 135 -50.35 -36.83 -26.84
CA ILE W 135 -51.21 -35.70 -26.48
C ILE W 135 -50.70 -34.47 -27.23
N TYR W 136 -51.60 -33.80 -27.93
CA TYR W 136 -51.28 -32.61 -28.67
C TYR W 136 -51.74 -31.37 -27.90
N TYR W 137 -50.99 -30.29 -28.05
CA TYR W 137 -51.32 -29.02 -27.43
C TYR W 137 -51.24 -27.92 -28.47
N ARG W 138 -51.92 -26.82 -28.17
CA ARG W 138 -51.74 -25.57 -28.88
C ARG W 138 -50.82 -24.68 -28.06
N ALA W 139 -49.84 -24.09 -28.72
CA ALA W 139 -48.79 -23.36 -28.02
C ALA W 139 -48.69 -21.93 -28.56
N ILE W 140 -48.41 -21.01 -27.65
CA ILE W 140 -48.06 -19.64 -27.99
C ILE W 140 -46.77 -19.29 -27.26
N LEU W 141 -45.76 -18.88 -28.01
CA LEU W 141 -44.54 -18.31 -27.44
C LEU W 141 -44.55 -16.83 -27.77
N VAL W 142 -44.86 -16.00 -26.79
CA VAL W 142 -44.93 -14.55 -26.99
C VAL W 142 -43.88 -13.89 -26.10
N GLY W 143 -43.07 -13.03 -26.71
CA GLY W 143 -42.07 -12.26 -26.00
C GLY W 143 -42.33 -10.77 -26.11
N MET W 144 -41.76 -10.00 -25.21
CA MET W 144 -41.96 -8.56 -25.19
C MET W 144 -40.61 -7.86 -25.23
N ASP W 145 -40.52 -6.84 -26.08
CA ASP W 145 -39.40 -5.90 -26.09
C ASP W 145 -39.99 -4.54 -25.73
N ASP W 146 -39.86 -4.16 -24.46
CA ASP W 146 -40.43 -2.90 -23.97
C ASP W 146 -39.37 -1.81 -24.12
N ARG W 147 -39.47 -1.04 -25.19
CA ARG W 147 -38.50 0.00 -25.51
C ARG W 147 -39.22 1.34 -25.54
N ASN W 148 -38.76 2.27 -24.70
CA ASN W 148 -39.32 3.63 -24.64
C ASN W 148 -40.82 3.62 -24.41
N ASP W 149 -41.29 2.70 -23.56
CA ASP W 149 -42.68 2.56 -23.16
C ASP W 149 -43.59 2.15 -24.32
N ARG W 150 -43.03 1.84 -25.49
CA ARG W 150 -43.80 1.37 -26.64
C ARG W 150 -43.41 -0.07 -26.92
N PRO W 151 -44.07 -1.05 -26.30
CA PRO W 151 -43.61 -2.43 -26.39
C PRO W 151 -43.83 -3.04 -27.77
N ILE W 152 -42.95 -3.97 -28.11
CA ILE W 152 -43.10 -4.83 -29.29
C ILE W 152 -43.36 -6.23 -28.79
N TRP W 153 -44.40 -6.87 -29.31
CA TRP W 153 -44.68 -8.26 -29.00
C TRP W 153 -44.32 -9.11 -30.20
N LEU W 154 -43.31 -9.95 -30.04
CA LEU W 154 -42.92 -10.92 -31.04
C LEU W 154 -43.37 -12.29 -30.55
N TYR W 155 -44.04 -13.04 -31.41
CA TYR W 155 -44.62 -14.29 -30.95
C TYR W 155 -44.57 -15.36 -32.04
N TRP W 156 -44.71 -16.59 -31.60
CA TRP W 156 -44.79 -17.76 -32.46
C TRP W 156 -46.06 -18.52 -32.12
N LEU W 157 -46.82 -18.88 -33.15
CA LEU W 157 -48.04 -19.66 -32.98
C LEU W 157 -47.79 -21.07 -33.48
N MET W 158 -47.94 -22.06 -32.60
CA MET W 158 -47.77 -23.47 -32.95
C MET W 158 -49.05 -24.18 -32.54
N PRO W 159 -49.99 -24.35 -33.48
CA PRO W 159 -51.31 -24.90 -33.13
C PRO W 159 -51.30 -26.36 -32.71
N LYS W 160 -50.26 -27.13 -33.05
CA LYS W 160 -50.27 -28.58 -32.77
C LYS W 160 -48.86 -29.02 -32.36
N VAL W 161 -48.60 -29.02 -31.05
CA VAL W 161 -47.31 -29.42 -30.52
C VAL W 161 -47.48 -30.66 -29.66
N LYS W 162 -46.44 -31.47 -29.62
CA LYS W 162 -46.42 -32.70 -28.84
C LYS W 162 -45.07 -32.84 -28.16
N LEU W 163 -45.07 -33.49 -27.00
CA LEU W 163 -43.83 -33.78 -26.30
C LEU W 163 -42.99 -34.74 -27.12
N ASP W 164 -41.76 -34.34 -27.40
CA ASP W 164 -40.83 -35.15 -28.19
C ASP W 164 -39.71 -35.75 -27.35
N LYS W 165 -39.24 -35.03 -26.35
CA LYS W 165 -38.06 -35.43 -25.60
C LYS W 165 -38.12 -34.81 -24.22
N LEU W 166 -37.51 -35.47 -23.26
CA LEU W 166 -37.41 -34.96 -21.90
C LEU W 166 -35.96 -35.10 -21.44
N ASP W 167 -35.34 -33.98 -21.13
CA ASP W 167 -33.94 -34.01 -20.69
C ASP W 167 -33.84 -34.58 -19.28
N ASN W 168 -32.63 -35.00 -18.92
CA ASN W 168 -32.39 -35.54 -17.59
C ASN W 168 -32.68 -34.51 -16.52
N GLN W 169 -33.39 -34.95 -15.48
CA GLN W 169 -33.76 -34.10 -14.37
C GLN W 169 -32.79 -34.36 -13.22
N THR W 170 -32.02 -33.35 -12.84
CA THR W 170 -31.05 -33.47 -11.76
C THR W 170 -31.58 -32.79 -10.52
N LEU W 171 -31.55 -33.51 -9.40
CA LEU W 171 -31.94 -32.97 -8.11
C LEU W 171 -30.70 -32.57 -7.33
N ASN W 172 -30.52 -31.27 -7.10
CA ASN W 172 -29.43 -30.74 -6.32
C ASN W 172 -30.00 -30.01 -5.11
N ASP W 173 -29.26 -30.04 -4.00
CA ASP W 173 -29.76 -29.46 -2.76
C ASP W 173 -29.73 -27.94 -2.76
N ASP W 174 -29.15 -27.31 -3.79
CA ASP W 174 -29.09 -25.86 -3.90
C ASP W 174 -29.82 -25.34 -5.14
N ASN W 175 -30.77 -26.10 -5.68
CA ASN W 175 -31.47 -25.70 -6.89
C ASN W 175 -32.92 -26.17 -6.82
N VAL W 176 -33.78 -25.53 -7.57
CA VAL W 176 -35.16 -25.98 -7.72
C VAL W 176 -35.20 -27.04 -8.80
N ILE W 177 -36.23 -27.88 -8.76
CA ILE W 177 -36.40 -28.92 -9.76
C ILE W 177 -36.83 -28.28 -11.07
N GLU W 178 -36.25 -28.72 -12.17
CA GLU W 178 -36.55 -28.20 -13.49
C GLU W 178 -37.09 -29.29 -14.38
N TYR W 179 -38.10 -28.96 -15.17
CA TYR W 179 -38.64 -29.84 -16.20
C TYR W 179 -38.22 -29.27 -17.55
N LYS W 180 -37.54 -30.08 -18.36
CA LYS W 180 -36.89 -29.63 -19.58
C LYS W 180 -37.40 -30.46 -20.76
N PRO W 181 -38.59 -30.15 -21.26
CA PRO W 181 -39.11 -30.85 -22.43
C PRO W 181 -38.67 -30.21 -23.74
N THR W 182 -38.70 -31.02 -24.78
CA THR W 182 -38.59 -30.55 -26.15
C THR W 182 -39.92 -30.82 -26.83
N LEU W 183 -40.53 -29.77 -27.37
CA LEU W 183 -41.81 -29.89 -28.04
C LEU W 183 -41.63 -29.78 -29.55
N LYS W 184 -42.28 -30.68 -30.27
CA LYS W 184 -42.23 -30.70 -31.73
C LYS W 184 -43.54 -30.17 -32.28
N ALA W 185 -43.45 -29.24 -33.23
CA ALA W 185 -44.62 -28.67 -33.87
C ALA W 185 -45.05 -29.55 -35.04
N PHE W 186 -46.36 -29.73 -35.16
CA PHE W 186 -46.95 -30.47 -36.27
C PHE W 186 -47.92 -29.56 -37.00
N ARG W 187 -48.15 -29.88 -38.27
CA ARG W 187 -49.10 -29.09 -39.05
C ARG W 187 -50.52 -29.36 -38.58
N ASP W 188 -51.26 -28.29 -38.33
CA ASP W 188 -52.68 -28.38 -38.03
C ASP W 188 -53.48 -28.12 -39.29
N ASP W 189 -54.29 -29.09 -39.70
CA ASP W 189 -54.99 -29.00 -40.98
C ASP W 189 -55.98 -27.84 -41.01
N VAL W 190 -56.69 -27.61 -39.91
CA VAL W 190 -57.73 -26.59 -39.88
C VAL W 190 -57.14 -25.21 -40.11
N VAL W 191 -56.03 -24.89 -39.43
CA VAL W 191 -55.41 -23.58 -39.61
C VAL W 191 -54.40 -23.56 -40.75
N GLY W 192 -53.93 -24.73 -41.20
CA GLY W 192 -53.12 -24.81 -42.39
C GLY W 192 -51.64 -24.52 -42.23
N TYR W 193 -51.11 -24.56 -41.01
CA TYR W 193 -49.69 -24.35 -40.80
C TYR W 193 -49.27 -25.04 -39.50
N SER W 194 -47.95 -25.19 -39.34
CA SER W 194 -47.39 -25.67 -38.09
C SER W 194 -46.79 -24.57 -37.25
N VAL W 195 -46.19 -23.55 -37.87
CA VAL W 195 -45.57 -22.44 -37.17
C VAL W 195 -45.93 -21.14 -37.86
N ALA W 196 -46.22 -20.12 -37.08
CA ALA W 196 -46.41 -18.76 -37.57
C ALA W 196 -45.67 -17.80 -36.64
N GLN W 197 -45.01 -16.82 -37.24
CA GLN W 197 -44.30 -15.80 -36.48
C GLN W 197 -45.07 -14.49 -36.58
N GLY W 198 -45.26 -13.82 -35.45
CA GLY W 198 -46.06 -12.62 -35.40
C GLY W 198 -45.34 -11.46 -34.75
N PHE W 199 -45.72 -10.25 -35.16
CA PHE W 199 -45.22 -9.02 -34.59
C PHE W 199 -46.40 -8.10 -34.34
N ALA W 200 -46.43 -7.46 -33.18
CA ALA W 200 -47.54 -6.60 -32.80
C ALA W 200 -47.07 -5.60 -31.75
N GLY W 201 -47.94 -4.65 -31.42
CA GLY W 201 -47.63 -3.63 -30.45
C GLY W 201 -47.36 -2.28 -31.09
N PRO W 202 -47.54 -1.21 -30.32
CA PRO W 202 -47.25 0.14 -30.86
C PRO W 202 -45.81 0.32 -31.30
N GLY W 203 -44.86 -0.28 -30.57
CA GLY W 203 -43.48 -0.23 -30.99
C GLY W 203 -43.27 -0.87 -32.34
N TRP W 204 -43.97 -1.97 -32.61
CA TRP W 204 -43.93 -2.57 -33.93
C TRP W 204 -44.58 -1.66 -34.95
N ARG W 205 -45.71 -1.03 -34.60
CA ARG W 205 -46.39 -0.13 -35.52
C ARG W 205 -45.49 1.02 -35.94
N ASP W 206 -44.58 1.44 -35.07
CA ASP W 206 -43.57 2.41 -35.48
C ASP W 206 -42.67 1.89 -36.59
N LEU W 207 -42.54 0.56 -36.71
CA LEU W 207 -41.50 -0.03 -37.54
C LEU W 207 -42.01 -0.84 -38.73
N VAL W 208 -43.32 -1.00 -38.90
CA VAL W 208 -43.82 -1.95 -39.90
C VAL W 208 -43.37 -1.54 -41.30
N ALA W 209 -43.48 -0.24 -41.62
CA ALA W 209 -43.07 0.24 -42.93
C ALA W 209 -41.56 0.12 -43.13
N THR W 210 -40.78 0.45 -42.09
CA THR W 210 -39.34 0.26 -42.15
C THR W 210 -38.98 -1.20 -42.35
N ALA W 211 -39.74 -2.12 -41.74
CA ALA W 211 -39.48 -3.55 -41.90
C ALA W 211 -39.83 -4.07 -43.29
N GLY W 212 -40.48 -3.26 -44.12
CA GLY W 212 -40.79 -3.68 -45.47
C GLY W 212 -42.13 -4.36 -45.65
N PHE W 213 -43.02 -4.28 -44.68
CA PHE W 213 -44.34 -4.85 -44.77
C PHE W 213 -45.35 -3.74 -45.04
N GLY W 214 -46.14 -3.90 -46.10
CA GLY W 214 -47.03 -2.83 -46.48
C GLY W 214 -46.27 -1.67 -47.11
N GLU W 215 -46.90 -0.50 -47.05
CA GLU W 215 -46.34 0.73 -47.60
C GLU W 215 -46.06 1.73 -46.49
N ALA W 216 -45.20 2.70 -46.81
CA ALA W 216 -44.84 3.73 -45.84
C ALA W 216 -46.00 4.71 -45.65
N LEU W 217 -46.00 5.37 -44.48
CA LEU W 217 -47.05 6.31 -44.11
C LEU W 217 -46.68 7.70 -44.59
N THR W 218 -47.52 8.28 -45.46
CA THR W 218 -47.24 9.58 -46.04
C THR W 218 -48.37 10.60 -45.87
N ALA W 219 -49.53 10.20 -45.33
CA ALA W 219 -50.62 11.13 -45.14
C ALA W 219 -51.55 10.61 -44.05
N LEU W 220 -52.11 11.55 -43.28
CA LEU W 220 -53.02 11.23 -42.20
C LEU W 220 -54.43 11.69 -42.56
N THR W 221 -55.41 10.82 -42.36
CA THR W 221 -56.80 11.09 -42.71
C THR W 221 -57.68 10.90 -41.50
N ILE W 222 -58.59 11.84 -41.26
CA ILE W 222 -59.55 11.74 -40.17
C ILE W 222 -60.85 11.20 -40.75
N THR W 223 -61.20 9.96 -40.38
CA THR W 223 -62.32 9.24 -40.99
C THR W 223 -63.68 9.87 -40.70
N PRO W 224 -64.00 10.29 -39.46
CA PRO W 224 -65.36 10.83 -39.23
C PRO W 224 -65.68 12.04 -40.08
N GLY W 225 -64.68 12.84 -40.43
CA GLY W 225 -64.89 13.96 -41.33
C GLY W 225 -65.39 15.21 -40.65
N SER W 226 -66.69 15.48 -40.77
CA SER W 226 -67.32 16.65 -40.16
C SER W 226 -68.54 16.20 -39.37
N PRO W 227 -68.34 15.72 -38.15
CA PRO W 227 -69.46 15.21 -37.36
C PRO W 227 -70.20 16.32 -36.63
N THR W 228 -71.31 15.96 -36.02
CA THR W 228 -72.14 16.89 -35.25
C THR W 228 -72.50 16.25 -33.93
N VAL W 229 -72.26 16.98 -32.84
CA VAL W 229 -72.49 16.48 -31.49
C VAL W 229 -73.53 17.36 -30.81
N THR W 230 -74.42 16.71 -30.06
CA THR W 230 -75.46 17.42 -29.33
C THR W 230 -74.94 17.91 -27.98
N VAL W 231 -75.32 19.13 -27.61
CA VAL W 231 -74.92 19.68 -26.32
C VAL W 231 -75.49 18.84 -25.18
N ALA W 232 -76.77 18.45 -25.29
CA ALA W 232 -77.41 17.65 -24.26
C ALA W 232 -76.78 16.27 -24.15
N THR W 233 -76.80 15.72 -22.95
CA THR W 233 -76.27 14.38 -22.71
C THR W 233 -77.14 13.34 -23.41
N GLY W 234 -76.47 12.41 -24.09
CA GLY W 234 -77.17 11.37 -24.80
C GLY W 234 -76.20 10.47 -25.54
N ALA W 235 -76.78 9.54 -26.30
CA ALA W 235 -75.97 8.61 -27.08
C ALA W 235 -75.16 9.32 -28.16
N SER W 236 -75.77 10.31 -28.81
CA SER W 236 -75.11 11.06 -29.87
C SER W 236 -74.42 12.32 -29.34
N HIS W 237 -74.34 12.47 -28.02
CA HIS W 237 -73.69 13.65 -27.44
C HIS W 237 -72.18 13.66 -27.70
N THR W 238 -71.54 12.49 -27.72
CA THR W 238 -70.11 12.37 -27.92
C THR W 238 -69.81 11.60 -29.20
N ALA W 239 -68.62 11.84 -29.74
CA ALA W 239 -68.18 11.18 -30.97
C ALA W 239 -66.72 10.77 -30.82
N GLN W 240 -66.41 9.54 -31.24
CA GLN W 240 -65.06 9.02 -31.18
C GLN W 240 -64.42 9.14 -32.56
N LEU W 241 -63.26 9.80 -32.61
CA LEU W 241 -62.56 9.99 -33.87
C LEU W 241 -61.71 8.77 -34.21
N LEU W 242 -61.30 8.69 -35.47
CA LEU W 242 -60.41 7.64 -35.93
C LEU W 242 -59.48 8.21 -36.99
N VAL W 243 -58.17 8.01 -36.81
CA VAL W 243 -57.15 8.57 -37.68
C VAL W 243 -56.44 7.42 -38.37
N GLU W 244 -56.37 7.48 -39.70
CA GLU W 244 -55.76 6.42 -40.50
C GLU W 244 -54.66 7.00 -41.37
N GLY W 245 -53.91 6.10 -41.99
CA GLY W 245 -52.86 6.47 -42.92
C GLY W 245 -53.11 5.92 -44.30
N ASP W 246 -52.20 6.27 -45.22
CA ASP W 246 -52.32 5.79 -46.59
C ASP W 246 -52.10 4.28 -46.67
N ASN W 247 -51.39 3.71 -45.69
CA ASN W 247 -51.08 2.29 -45.67
C ASN W 247 -52.19 1.45 -45.02
N GLY W 248 -53.26 2.08 -44.54
CA GLY W 248 -54.32 1.36 -43.89
C GLY W 248 -54.09 1.03 -42.44
N ILE W 249 -53.17 1.71 -41.77
CA ILE W 249 -52.85 1.47 -40.37
C ILE W 249 -53.47 2.57 -39.52
N ASN W 250 -54.17 2.16 -38.46
CA ASN W 250 -54.73 3.11 -37.51
C ASN W 250 -53.61 3.75 -36.71
N TYR W 251 -53.53 5.08 -36.76
CA TYR W 251 -52.53 5.82 -36.02
C TYR W 251 -53.14 6.68 -34.91
N THR W 252 -54.40 6.43 -34.56
CA THR W 252 -55.05 7.20 -33.50
C THR W 252 -54.32 7.17 -32.17
N PRO W 253 -53.81 6.03 -31.68
CA PRO W 253 -53.01 6.07 -30.45
C PRO W 253 -51.71 6.85 -30.58
N ASP W 254 -51.20 7.06 -31.79
CA ASP W 254 -49.90 7.67 -31.99
C ASP W 254 -49.96 9.15 -32.36
N VAL W 255 -51.14 9.74 -32.42
CA VAL W 255 -51.29 11.14 -32.82
C VAL W 255 -51.55 11.99 -31.59
N VAL W 256 -51.48 13.30 -31.79
CA VAL W 256 -51.76 14.29 -30.75
C VAL W 256 -53.04 15.03 -31.13
N PHE W 257 -54.00 15.05 -30.21
CA PHE W 257 -55.28 15.70 -30.45
C PHE W 257 -55.29 17.10 -29.85
N THR W 258 -55.48 18.11 -30.70
CA THR W 258 -55.56 19.51 -30.29
C THR W 258 -56.84 20.11 -30.85
N SER W 259 -57.53 20.89 -30.03
CA SER W 259 -58.79 21.52 -30.42
C SER W 259 -58.60 23.03 -30.57
N SER W 260 -59.23 23.59 -31.60
CA SER W 260 -59.14 25.03 -31.84
C SER W 260 -59.83 25.82 -30.73
N ALA W 261 -61.08 25.46 -30.43
CA ALA W 261 -61.86 26.11 -29.38
C ALA W 261 -62.27 25.07 -28.35
N PRO W 262 -61.52 24.93 -27.25
CA PRO W 262 -61.85 23.87 -26.27
C PRO W 262 -63.23 23.99 -25.67
N ASP W 263 -63.72 25.22 -25.47
CA ASP W 263 -65.05 25.39 -24.87
C ASP W 263 -66.14 24.85 -25.79
N LYS W 264 -66.01 25.08 -27.10
CA LYS W 264 -67.02 24.62 -28.04
C LYS W 264 -67.08 23.10 -28.09
N ALA W 265 -65.92 22.45 -28.23
CA ALA W 265 -65.84 21.00 -28.28
C ALA W 265 -64.57 20.55 -27.58
N SER W 266 -64.73 19.67 -26.59
CA SER W 266 -63.60 19.15 -25.82
C SER W 266 -63.20 17.79 -26.37
N VAL W 267 -61.91 17.61 -26.65
CA VAL W 267 -61.37 16.36 -27.16
C VAL W 267 -60.31 15.88 -26.17
N SER W 268 -60.36 14.59 -25.85
CA SER W 268 -59.38 14.00 -24.95
C SER W 268 -58.15 13.57 -25.75
N ALA W 269 -57.20 12.91 -25.08
CA ALA W 269 -56.02 12.41 -25.78
C ALA W 269 -56.38 11.27 -26.71
N ALA W 270 -57.33 10.42 -26.31
CA ALA W 270 -57.75 9.30 -27.16
C ALA W 270 -58.39 9.79 -28.45
N GLY W 271 -59.19 10.86 -28.37
CA GLY W 271 -59.82 11.40 -29.55
C GLY W 271 -61.33 11.38 -29.52
N LEU W 272 -61.92 11.43 -28.32
CA LEU W 272 -63.35 11.51 -28.18
C LEU W 272 -63.77 12.98 -28.12
N VAL W 273 -64.62 13.39 -29.05
CA VAL W 273 -65.04 14.77 -29.18
C VAL W 273 -66.38 14.95 -28.45
N THR W 274 -66.37 15.78 -27.42
CA THR W 274 -67.57 16.09 -26.65
C THR W 274 -67.88 17.58 -26.83
N GLY W 275 -69.08 17.87 -27.32
CA GLY W 275 -69.50 19.24 -27.53
C GLY W 275 -70.06 19.87 -26.28
N VAL W 276 -69.25 20.69 -25.60
CA VAL W 276 -69.70 21.35 -24.39
C VAL W 276 -70.74 22.42 -24.70
N ALA W 277 -70.49 23.21 -25.74
CA ALA W 277 -71.41 24.29 -26.12
C ALA W 277 -71.45 24.38 -27.63
N ALA W 278 -72.58 24.88 -28.14
CA ALA W 278 -72.78 24.97 -29.58
C ALA W 278 -71.76 25.94 -30.20
N GLY W 279 -71.24 25.55 -31.35
CA GLY W 279 -70.27 26.34 -32.06
C GLY W 279 -69.43 25.46 -32.97
N SER W 280 -68.55 26.11 -33.70
CA SER W 280 -67.67 25.45 -34.66
C SER W 280 -66.29 25.26 -34.02
N ALA W 281 -65.79 24.02 -34.06
CA ALA W 281 -64.51 23.68 -33.48
C ALA W 281 -63.71 22.83 -34.46
N THR W 282 -62.41 23.08 -34.50
CA THR W 282 -61.48 22.36 -35.37
C THR W 282 -60.62 21.44 -34.53
N ILE W 283 -60.70 20.14 -34.79
CA ILE W 283 -59.89 19.14 -34.12
C ILE W 283 -58.74 18.78 -35.04
N THR W 284 -57.51 18.97 -34.57
CA THR W 284 -56.31 18.72 -35.35
C THR W 284 -55.56 17.55 -34.74
N ALA W 285 -55.31 16.51 -35.54
CA ALA W 285 -54.52 15.36 -35.13
C ALA W 285 -53.14 15.48 -35.75
N THR W 286 -52.11 15.59 -34.90
CA THR W 286 -50.75 15.80 -35.35
C THR W 286 -49.89 14.62 -34.94
N LYS W 287 -49.14 14.08 -35.90
CA LYS W 287 -48.19 12.99 -35.65
C LYS W 287 -46.93 13.30 -36.44
N GLY W 288 -45.89 13.77 -35.75
CA GLY W 288 -44.70 14.19 -36.45
C GLY W 288 -45.01 15.33 -37.39
N ALA W 289 -44.62 15.18 -38.65
CA ALA W 289 -44.91 16.17 -39.68
C ALA W 289 -46.29 16.04 -40.27
N LEU W 290 -46.92 14.86 -40.18
CA LEU W 290 -48.23 14.67 -40.77
C LEU W 290 -49.32 15.25 -39.88
N THR W 291 -50.41 15.68 -40.50
CA THR W 291 -51.49 16.35 -39.79
C THR W 291 -52.82 16.07 -40.48
N ALA W 292 -53.81 15.68 -39.67
CA ALA W 292 -55.19 15.52 -40.14
C ALA W 292 -56.07 16.50 -39.37
N THR W 293 -56.80 17.33 -40.11
CA THR W 293 -57.65 18.36 -39.52
C THR W 293 -59.11 18.06 -39.83
N ALA W 294 -59.96 18.20 -38.80
CA ALA W 294 -61.38 17.96 -38.92
C ALA W 294 -62.15 19.11 -38.27
N THR W 295 -63.35 19.37 -38.80
CA THR W 295 -64.20 20.45 -38.32
C THR W 295 -65.47 19.85 -37.74
N VAL W 296 -65.83 20.29 -36.53
CA VAL W 296 -67.03 19.83 -35.85
C VAL W 296 -67.89 21.04 -35.53
N THR W 297 -69.18 20.96 -35.88
CA THR W 297 -70.15 22.01 -35.57
C THR W 297 -71.09 21.49 -34.49
N VAL W 298 -70.97 22.05 -33.29
CA VAL W 298 -71.80 21.63 -32.17
C VAL W 298 -73.17 22.29 -32.27
N THR W 299 -74.22 21.51 -32.00
CA THR W 299 -75.59 22.01 -32.02
C THR W 299 -76.24 21.80 -30.66
N ALA W 300 -76.90 22.85 -30.18
CA ALA W 300 -77.59 22.78 -28.90
C ALA W 300 -79.04 22.37 -29.09
N THR X 2 -54.96 -6.41 -20.73
CA THR X 2 -54.10 -7.35 -20.02
C THR X 2 -52.64 -7.14 -20.43
N ASP X 3 -51.81 -6.79 -19.46
CA ASP X 3 -50.39 -6.60 -19.72
C ASP X 3 -49.66 -7.94 -19.75
N PHE X 4 -48.39 -7.88 -20.13
CA PHE X 4 -47.58 -9.09 -20.27
C PHE X 4 -47.44 -9.81 -18.93
N TYR X 5 -47.27 -9.06 -17.84
CA TYR X 5 -47.07 -9.67 -16.52
C TYR X 5 -48.27 -10.50 -16.11
N THR X 6 -49.48 -9.99 -16.34
CA THR X 6 -50.68 -10.74 -15.99
C THR X 6 -50.81 -12.01 -16.82
N ILE X 7 -50.49 -11.94 -18.10
CA ILE X 7 -50.56 -13.12 -18.95
C ILE X 7 -49.54 -14.16 -18.51
N LYS X 8 -48.34 -13.72 -18.12
CA LYS X 8 -47.31 -14.65 -17.70
C LYS X 8 -47.73 -15.45 -16.47
N ASP X 9 -48.42 -14.79 -15.54
CA ASP X 9 -49.01 -15.47 -14.37
C ASP X 9 -47.96 -16.30 -13.62
N ALA X 10 -46.79 -15.70 -13.41
CA ALA X 10 -45.69 -16.43 -12.78
C ALA X 10 -45.94 -16.60 -11.29
N GLN X 11 -45.66 -17.79 -10.78
CA GLN X 11 -45.79 -18.12 -9.37
C GLN X 11 -44.46 -18.68 -8.88
N ALA X 12 -43.64 -17.81 -8.27
CA ALA X 12 -42.34 -18.25 -7.77
C ALA X 12 -42.47 -19.29 -6.67
N ASP X 13 -43.57 -19.25 -5.91
CA ASP X 13 -43.76 -20.20 -4.83
C ASP X 13 -43.97 -21.63 -5.31
N LEU X 14 -44.34 -21.81 -6.59
CA LEU X 14 -44.51 -23.15 -7.13
C LEU X 14 -43.19 -23.79 -7.55
N ALA X 15 -42.09 -23.04 -7.51
CA ALA X 15 -40.77 -23.63 -7.68
C ALA X 15 -40.34 -24.28 -6.38
N ILE X 16 -40.03 -25.58 -6.43
CA ILE X 16 -39.75 -26.37 -5.25
C ILE X 16 -38.32 -26.87 -5.32
N ALA X 17 -37.57 -26.65 -4.23
CA ALA X 17 -36.18 -27.04 -4.15
C ALA X 17 -36.01 -28.23 -3.24
N PRO X 18 -35.47 -29.35 -3.71
CA PRO X 18 -35.19 -30.49 -2.80
C PRO X 18 -33.96 -30.23 -1.94
N LEU X 19 -34.16 -29.45 -0.88
CA LEU X 19 -33.05 -29.06 0.00
C LEU X 19 -32.45 -30.28 0.68
N ASN X 20 -33.28 -31.23 1.08
CA ASN X 20 -32.82 -32.51 1.55
C ASN X 20 -33.51 -33.61 0.76
N LEU X 21 -32.85 -34.74 0.65
CA LEU X 21 -33.33 -35.85 -0.16
C LEU X 21 -32.91 -37.16 0.48
N THR X 22 -33.79 -38.15 0.43
CA THR X 22 -33.46 -39.48 0.92
C THR X 22 -34.02 -40.51 -0.04
N VAL X 23 -33.24 -41.57 -0.24
CA VAL X 23 -33.65 -42.71 -1.05
C VAL X 23 -33.92 -43.87 -0.11
N LEU X 24 -35.10 -44.45 -0.22
CA LEU X 24 -35.48 -45.60 0.59
C LEU X 24 -35.74 -46.79 -0.32
N LEU X 25 -35.18 -47.93 0.04
CA LEU X 25 -35.36 -49.17 -0.70
C LEU X 25 -36.02 -50.19 0.20
N ALA X 26 -36.90 -50.99 -0.38
CA ALA X 26 -37.54 -52.09 0.31
C ALA X 26 -37.42 -53.34 -0.54
N PRO X 27 -37.38 -54.52 0.09
CA PRO X 27 -37.41 -55.77 -0.68
C PRO X 27 -38.72 -55.89 -1.44
N TYR X 28 -38.68 -56.66 -2.52
CA TYR X 28 -39.84 -56.78 -3.40
C TYR X 28 -41.05 -57.38 -2.69
N SER X 29 -40.84 -58.11 -1.59
CA SER X 29 -41.95 -58.65 -0.81
C SER X 29 -42.72 -57.58 -0.04
N THR X 30 -42.15 -56.39 0.11
CA THR X 30 -42.84 -55.31 0.82
C THR X 30 -44.07 -54.84 0.04
N THR X 31 -45.11 -54.47 0.76
CA THR X 31 -46.26 -53.84 0.13
C THR X 31 -45.87 -52.46 -0.37
N PRO X 32 -46.07 -52.16 -1.64
CA PRO X 32 -45.64 -50.86 -2.17
C PRO X 32 -46.38 -49.70 -1.53
N ALA X 33 -45.66 -48.59 -1.39
CA ALA X 33 -46.27 -47.36 -0.91
C ALA X 33 -47.20 -46.79 -1.96
N THR X 34 -48.41 -46.41 -1.54
CA THR X 34 -49.34 -45.70 -2.41
C THR X 34 -49.28 -44.20 -2.23
N THR X 35 -49.02 -43.74 -1.01
CA THR X 35 -48.85 -42.33 -0.71
C THR X 35 -47.98 -42.20 0.52
N LEU X 36 -47.25 -41.11 0.61
CA LEU X 36 -46.42 -40.83 1.77
C LEU X 36 -47.12 -39.97 2.80
N GLU X 37 -48.35 -39.57 2.55
CA GLU X 37 -49.12 -38.71 3.45
C GLU X 37 -49.89 -39.59 4.43
N SER X 38 -49.72 -39.32 5.71
CA SER X 38 -50.43 -40.08 6.73
C SER X 38 -51.92 -39.75 6.69
N PRO X 39 -52.81 -40.75 6.75
CA PRO X 39 -54.25 -40.45 6.81
C PRO X 39 -54.69 -39.80 8.11
N THR X 40 -53.86 -39.83 9.15
CA THR X 40 -54.25 -39.28 10.45
C THR X 40 -54.16 -37.75 10.47
N ASP X 41 -52.95 -37.22 10.26
CA ASP X 41 -52.73 -35.78 10.30
C ASP X 41 -52.03 -35.23 9.06
N GLY X 42 -51.79 -36.05 8.05
CA GLY X 42 -51.11 -35.59 6.86
C GLY X 42 -49.60 -35.54 6.95
N SER X 43 -49.03 -35.98 8.06
CA SER X 43 -47.58 -35.98 8.20
C SER X 43 -46.95 -37.05 7.33
N LEU X 44 -45.63 -36.93 7.14
CA LEU X 44 -44.91 -37.82 6.25
C LEU X 44 -44.78 -39.21 6.88
N ALA X 45 -45.25 -40.23 6.16
CA ALA X 45 -45.34 -41.58 6.71
C ALA X 45 -44.75 -42.57 5.72
N ILE X 46 -43.68 -43.25 6.14
CA ILE X 46 -43.01 -44.26 5.31
C ILE X 46 -43.52 -45.65 5.70
N PRO X 47 -43.99 -46.45 4.74
CA PRO X 47 -44.46 -47.79 5.07
C PRO X 47 -43.33 -48.65 5.61
N PRO X 48 -43.64 -49.60 6.50
CA PRO X 48 -42.60 -50.48 7.01
C PRO X 48 -42.00 -51.35 5.90
N GLY X 49 -40.71 -51.66 6.04
CA GLY X 49 -39.96 -52.38 5.06
C GLY X 49 -39.05 -51.49 4.22
N TYR X 50 -39.40 -50.22 4.06
CA TYR X 50 -38.54 -49.28 3.35
C TYR X 50 -37.44 -48.80 4.29
N LYS X 51 -36.20 -48.87 3.82
CA LYS X 51 -35.05 -48.47 4.60
C LYS X 51 -34.22 -47.48 3.79
N SER X 52 -33.78 -46.41 4.46
CA SER X 52 -32.97 -45.41 3.79
C SER X 52 -31.57 -45.95 3.50
N VAL X 53 -31.01 -45.52 2.37
CA VAL X 53 -29.61 -45.83 2.06
C VAL X 53 -28.65 -44.91 2.77
N GLY X 54 -29.14 -43.85 3.42
CA GLY X 54 -28.29 -42.93 4.13
C GLY X 54 -27.72 -41.82 3.26
N HIS X 55 -26.56 -41.32 3.65
CA HIS X 55 -25.96 -40.18 2.96
C HIS X 55 -25.54 -40.55 1.54
N PHE X 56 -25.68 -39.59 0.63
CA PHE X 56 -25.15 -39.74 -0.72
C PHE X 56 -24.48 -38.44 -1.14
N GLU X 57 -23.70 -38.54 -2.22
CA GLU X 57 -22.82 -37.44 -2.63
C GLU X 57 -23.61 -36.20 -3.00
N LYS X 58 -23.15 -35.05 -2.49
CA LYS X 58 -23.87 -33.80 -2.71
C LYS X 58 -23.75 -33.33 -4.15
N GLN X 59 -22.54 -33.31 -4.70
CA GLN X 59 -22.32 -32.69 -6.01
C GLN X 59 -22.98 -33.50 -7.12
N ALA X 60 -22.89 -34.83 -7.06
CA ALA X 60 -23.57 -35.64 -8.05
C ALA X 60 -25.08 -35.46 -7.96
N GLY X 61 -25.61 -35.31 -6.76
CA GLY X 61 -27.03 -35.20 -6.57
C GLY X 61 -27.73 -36.49 -6.99
N LEU X 62 -28.96 -36.35 -7.45
CA LEU X 62 -29.72 -37.47 -7.99
C LEU X 62 -30.26 -37.07 -9.35
N THR X 63 -29.95 -37.86 -10.37
CA THR X 63 -30.38 -37.60 -11.73
C THR X 63 -31.50 -38.55 -12.09
N LEU X 64 -32.61 -38.01 -12.56
CA LEU X 64 -33.74 -38.79 -13.05
C LEU X 64 -33.76 -38.72 -14.56
N GLY X 65 -33.76 -39.88 -15.21
CA GLY X 65 -33.75 -39.97 -16.66
C GLY X 65 -35.06 -40.53 -17.19
N ASN X 66 -35.48 -40.03 -18.33
CA ASN X 66 -36.67 -40.51 -19.01
C ASN X 66 -36.36 -40.70 -20.49
N GLU X 67 -36.69 -41.88 -21.01
CA GLU X 67 -36.49 -42.18 -22.42
C GLU X 67 -37.77 -42.77 -22.99
N PHE X 68 -38.15 -42.31 -24.17
CA PHE X 68 -39.29 -42.87 -24.90
C PHE X 68 -38.78 -43.64 -26.11
N ASP X 69 -39.28 -44.86 -26.28
CA ASP X 69 -39.07 -45.61 -27.51
C ASP X 69 -40.38 -45.68 -28.27
N SER X 70 -40.37 -45.23 -29.51
CA SER X 70 -41.58 -45.14 -30.30
C SER X 70 -41.25 -45.42 -31.76
N LYS X 71 -42.28 -45.77 -32.51
CA LYS X 71 -42.15 -46.04 -33.94
C LYS X 71 -43.20 -45.26 -34.70
N ASP X 72 -42.79 -44.68 -35.83
CA ASP X 72 -43.66 -43.84 -36.64
C ASP X 72 -44.22 -44.65 -37.79
N ILE X 73 -45.54 -44.57 -37.98
CA ILE X 73 -46.20 -45.20 -39.12
C ILE X 73 -46.26 -44.18 -40.25
N GLU X 74 -45.58 -44.49 -41.35
CA GLU X 74 -45.43 -43.55 -42.47
C GLU X 74 -46.35 -43.95 -43.60
N ALA X 75 -47.15 -43.00 -44.06
CA ALA X 75 -48.04 -43.19 -45.21
C ALA X 75 -47.51 -42.40 -46.41
N TYR X 76 -47.75 -42.94 -47.60
CA TYR X 76 -47.35 -42.28 -48.82
C TYR X 76 -47.96 -40.89 -48.93
N GLY X 77 -47.13 -39.91 -49.26
CA GLY X 77 -47.59 -38.55 -49.42
C GLY X 77 -47.83 -37.78 -48.13
N GLU X 78 -47.48 -38.36 -46.98
CA GLU X 78 -47.67 -37.69 -45.70
C GLU X 78 -46.32 -37.33 -45.12
N PRO X 79 -45.96 -36.04 -45.03
CA PRO X 79 -44.68 -35.69 -44.41
C PRO X 79 -44.57 -36.10 -42.96
N GLU X 80 -45.68 -36.12 -42.23
CA GLU X 80 -45.69 -36.48 -40.82
C GLU X 80 -46.35 -37.85 -40.63
N PRO X 81 -45.98 -38.57 -39.57
CA PRO X 81 -46.58 -39.89 -39.35
C PRO X 81 -48.09 -39.81 -39.16
N ILE X 82 -48.80 -40.79 -39.73
CA ILE X 82 -50.23 -40.90 -39.51
C ILE X 82 -50.55 -41.50 -38.15
N ARG X 83 -49.57 -42.15 -37.52
CA ARG X 83 -49.74 -42.68 -36.18
C ARG X 83 -48.37 -42.92 -35.58
N THR X 84 -48.21 -42.56 -34.31
CA THR X 84 -46.99 -42.83 -33.55
C THR X 84 -47.32 -43.81 -32.44
N ILE X 85 -46.64 -44.95 -32.44
CA ILE X 85 -46.84 -45.98 -31.42
C ILE X 85 -45.68 -45.88 -30.44
N ILE X 86 -45.98 -45.45 -29.21
CA ILE X 86 -44.98 -45.37 -28.17
C ILE X 86 -45.00 -46.67 -27.39
N ASN X 87 -43.87 -47.38 -27.38
CA ASN X 87 -43.81 -48.67 -26.69
C ASN X 87 -43.81 -48.49 -25.19
N LYS X 88 -42.89 -47.67 -24.67
CA LYS X 88 -42.78 -47.51 -23.23
C LYS X 88 -41.99 -46.23 -22.92
N ARG X 89 -42.05 -45.84 -21.66
CA ARG X 89 -41.24 -44.75 -21.14
C ARG X 89 -40.32 -45.36 -20.09
N THR X 90 -39.01 -45.25 -20.30
CA THR X 90 -38.03 -45.83 -19.40
C THR X 90 -37.54 -44.77 -18.42
N THR X 91 -37.74 -45.01 -17.14
CA THR X 91 -37.28 -44.11 -16.09
C THR X 91 -36.10 -44.74 -15.37
N THR X 92 -35.04 -43.95 -15.21
CA THR X 92 -33.86 -44.38 -14.45
C THR X 92 -33.49 -43.28 -13.47
N PHE X 93 -32.78 -43.67 -12.41
CA PHE X 93 -32.19 -42.70 -11.51
C PHE X 93 -30.89 -43.24 -10.96
N ASP X 94 -29.92 -42.35 -10.81
CA ASP X 94 -28.60 -42.72 -10.29
C ASP X 94 -28.15 -41.70 -9.26
N PHE X 95 -27.31 -42.17 -8.34
CA PHE X 95 -26.83 -41.39 -7.21
C PHE X 95 -25.63 -42.13 -6.61
N ALA X 96 -24.83 -41.40 -5.86
CA ALA X 96 -23.57 -41.91 -5.33
C ALA X 96 -23.68 -42.09 -3.81
N MET X 97 -23.86 -43.34 -3.38
CA MET X 97 -24.04 -43.64 -1.96
C MET X 97 -22.72 -43.69 -1.22
N TYR X 98 -22.75 -43.26 0.05
CA TYR X 98 -21.58 -43.20 0.91
C TYR X 98 -21.49 -44.34 1.91
N GLN X 99 -22.62 -44.81 2.43
CA GLN X 99 -22.63 -45.65 3.62
C GLN X 99 -22.47 -47.12 3.25
N ASN X 100 -21.55 -47.79 3.94
CA ASN X 100 -21.29 -49.22 3.74
C ASN X 100 -22.26 -50.04 4.60
N GLN X 101 -23.53 -49.96 4.22
CA GLN X 101 -24.61 -50.67 4.89
C GLN X 101 -24.92 -51.96 4.15
N ARG X 102 -25.69 -52.82 4.81
CA ARG X 102 -26.06 -54.09 4.19
C ARG X 102 -26.94 -53.88 2.96
N ASN X 103 -27.90 -52.97 3.02
CA ASN X 103 -28.80 -52.79 1.88
C ASN X 103 -28.08 -52.20 0.66
N VAL X 104 -27.16 -51.27 0.91
CA VAL X 104 -26.36 -50.72 -0.19
C VAL X 104 -25.50 -51.81 -0.84
N LEU X 105 -24.80 -52.59 -0.02
CA LEU X 105 -23.91 -53.62 -0.55
C LEU X 105 -24.71 -54.73 -1.22
N GLU X 106 -25.89 -55.04 -0.70
CA GLU X 106 -26.78 -55.99 -1.34
C GLU X 106 -27.21 -55.50 -2.71
N LEU X 107 -27.51 -54.21 -2.82
CA LEU X 107 -27.87 -53.64 -4.11
C LEU X 107 -26.71 -53.74 -5.10
N ILE X 108 -25.51 -53.33 -4.68
CA ILE X 108 -24.42 -53.26 -5.64
C ILE X 108 -23.95 -54.64 -6.07
N TRP X 109 -24.02 -55.63 -5.19
CA TRP X 109 -23.53 -56.97 -5.50
C TRP X 109 -24.62 -57.90 -5.99
N THR X 110 -25.86 -57.43 -6.11
CA THR X 110 -27.01 -58.22 -6.55
C THR X 110 -27.09 -59.55 -5.79
N GLN X 111 -27.18 -59.43 -4.46
CA GLN X 111 -27.16 -60.59 -3.60
C GLN X 111 -27.97 -60.28 -2.34
N ASP X 112 -28.48 -61.33 -1.71
CA ASP X 112 -29.05 -61.22 -0.38
C ASP X 112 -27.96 -61.56 0.64
N PHE X 113 -27.66 -60.62 1.53
CA PHE X 113 -26.63 -60.80 2.55
C PHE X 113 -27.23 -60.93 3.94
N SER X 114 -28.52 -61.24 4.05
CA SER X 114 -29.17 -61.34 5.35
C SER X 114 -28.67 -62.53 6.16
N ASN X 115 -28.13 -63.55 5.51
CA ASN X 115 -27.56 -64.71 6.19
C ASN X 115 -26.08 -64.54 6.51
N ILE X 116 -25.50 -63.38 6.23
CA ILE X 116 -24.08 -63.16 6.52
C ILE X 116 -23.92 -62.97 8.02
N GLN X 117 -23.08 -63.81 8.63
CA GLN X 117 -22.81 -63.72 10.04
C GLN X 117 -21.44 -63.10 10.26
N PRO X 118 -21.35 -62.01 11.03
CA PRO X 118 -20.03 -61.47 11.37
C PRO X 118 -19.20 -62.49 12.12
N SER X 119 -17.89 -62.43 11.89
CA SER X 119 -16.99 -63.37 12.53
C SER X 119 -16.88 -63.06 14.02
N GLU X 120 -16.02 -63.82 14.70
CA GLU X 120 -15.88 -63.66 16.15
C GLU X 120 -15.48 -62.24 16.51
N PHE X 121 -14.69 -61.59 15.66
CA PHE X 121 -14.25 -60.22 15.90
C PHE X 121 -15.03 -59.20 15.07
N GLY X 122 -16.14 -59.60 14.48
CA GLY X 122 -17.00 -58.69 13.75
C GLY X 122 -16.74 -58.58 12.26
N GLY X 123 -15.70 -59.22 11.75
CA GLY X 123 -15.40 -59.12 10.33
C GLY X 123 -16.42 -59.86 9.48
N ILE X 124 -16.68 -59.29 8.31
CA ILE X 124 -17.57 -59.91 7.33
C ILE X 124 -16.87 -59.98 5.99
N VAL X 125 -17.20 -61.00 5.22
CA VAL X 125 -16.75 -61.14 3.84
C VAL X 125 -17.98 -61.35 2.96
N LEU X 126 -18.14 -60.49 1.97
CA LEU X 126 -19.29 -60.53 1.06
C LEU X 126 -18.82 -61.02 -0.30
N GLU X 127 -19.18 -62.24 -0.65
CA GLU X 127 -18.79 -62.83 -1.93
C GLU X 127 -19.80 -62.45 -3.00
N ALA X 128 -19.30 -62.01 -4.15
CA ALA X 128 -20.18 -61.79 -5.29
C ALA X 128 -20.75 -63.11 -5.78
N PRO X 129 -22.03 -63.15 -6.16
CA PRO X 129 -22.61 -64.41 -6.64
C PRO X 129 -21.96 -64.84 -7.95
N LYS X 130 -21.97 -66.16 -8.16
CA LYS X 130 -21.37 -66.73 -9.37
C LYS X 130 -22.01 -66.12 -10.62
N VAL X 131 -23.33 -66.02 -10.63
CA VAL X 131 -24.06 -65.29 -11.67
C VAL X 131 -24.76 -64.12 -11.00
N PRO X 132 -24.71 -62.91 -11.56
CA PRO X 132 -25.49 -61.81 -11.01
C PRO X 132 -26.98 -62.15 -11.03
N LYS X 133 -27.68 -61.75 -9.99
CA LYS X 133 -29.09 -62.06 -9.84
C LYS X 133 -29.95 -60.88 -10.25
N ASN X 134 -31.13 -61.17 -10.77
CA ASN X 134 -32.14 -60.16 -11.07
C ASN X 134 -32.95 -59.95 -9.80
N ILE X 135 -32.63 -58.89 -9.07
CA ILE X 135 -33.29 -58.57 -7.80
C ILE X 135 -34.04 -57.26 -7.97
N TYR X 136 -35.33 -57.28 -7.64
CA TYR X 136 -36.16 -56.09 -7.72
C TYR X 136 -36.35 -55.49 -6.35
N TYR X 137 -36.49 -54.17 -6.32
CA TYR X 137 -36.72 -53.43 -5.10
C TYR X 137 -37.87 -52.47 -5.29
N ARG X 138 -38.46 -52.06 -4.17
CA ARG X 138 -39.39 -50.95 -4.13
C ARG X 138 -38.65 -49.72 -3.63
N ALA X 139 -38.81 -48.61 -4.33
CA ALA X 139 -38.02 -47.42 -4.07
C ALA X 139 -38.92 -46.23 -3.78
N ILE X 140 -38.48 -45.39 -2.85
CA ILE X 140 -39.08 -44.09 -2.60
C ILE X 140 -37.96 -43.05 -2.62
N LEU X 141 -38.12 -42.05 -3.49
CA LEU X 141 -37.26 -40.88 -3.47
C LEU X 141 -38.12 -39.72 -2.97
N VAL X 142 -37.91 -39.31 -1.72
CA VAL X 142 -38.67 -38.24 -1.12
C VAL X 142 -37.73 -37.10 -0.75
N GLY X 143 -38.07 -35.89 -1.20
CA GLY X 143 -37.31 -34.70 -0.90
C GLY X 143 -38.12 -33.73 -0.09
N MET X 144 -37.45 -32.79 0.58
CA MET X 144 -38.13 -31.81 1.41
C MET X 144 -37.69 -30.41 1.03
N ASP X 145 -38.66 -29.53 0.86
CA ASP X 145 -38.42 -28.09 0.74
C ASP X 145 -39.00 -27.46 2.00
N ASP X 146 -38.15 -27.31 3.01
CA ASP X 146 -38.57 -26.80 4.31
C ASP X 146 -38.36 -25.30 4.34
N ARG X 147 -39.35 -24.56 3.84
CA ARG X 147 -39.28 -23.11 3.77
C ARG X 147 -40.45 -22.52 4.54
N ASN X 148 -40.16 -21.45 5.29
CA ASN X 148 -41.13 -20.77 6.15
C ASN X 148 -41.74 -21.69 7.19
N ASP X 149 -41.00 -22.73 7.61
CA ASP X 149 -41.39 -23.70 8.63
C ASP X 149 -42.62 -24.52 8.21
N ARG X 150 -43.04 -24.45 6.95
CA ARG X 150 -44.12 -25.28 6.44
C ARG X 150 -43.57 -26.14 5.31
N PRO X 151 -43.09 -27.34 5.60
CA PRO X 151 -42.36 -28.12 4.59
C PRO X 151 -43.25 -28.62 3.48
N ILE X 152 -42.65 -28.76 2.31
CA ILE X 152 -43.25 -29.45 1.17
C ILE X 152 -42.45 -30.72 0.94
N TRP X 153 -43.16 -31.85 0.83
CA TRP X 153 -42.54 -33.11 0.51
C TRP X 153 -42.87 -33.47 -0.93
N LEU X 154 -41.86 -33.49 -1.78
CA LEU X 154 -41.99 -33.95 -3.14
C LEU X 154 -41.32 -35.31 -3.24
N TYR X 155 -42.01 -36.27 -3.85
CA TYR X 155 -41.49 -37.63 -3.84
C TYR X 155 -41.85 -38.36 -5.13
N TRP X 156 -41.10 -39.43 -5.36
CA TRP X 156 -41.32 -40.32 -6.48
C TRP X 156 -41.47 -41.74 -5.93
N LEU X 157 -42.49 -42.44 -6.40
CA LEU X 157 -42.72 -43.83 -6.01
C LEU X 157 -42.40 -44.73 -7.19
N MET X 158 -41.44 -45.63 -7.00
CA MET X 158 -41.05 -46.59 -8.02
C MET X 158 -41.16 -47.99 -7.41
N PRO X 159 -42.28 -48.67 -7.61
CA PRO X 159 -42.51 -49.94 -6.90
C PRO X 159 -41.63 -51.10 -7.37
N LYS X 160 -41.01 -51.01 -8.54
CA LYS X 160 -40.23 -52.15 -9.07
C LYS X 160 -38.98 -51.61 -9.77
N VAL X 161 -37.88 -51.52 -9.03
CA VAL X 161 -36.62 -51.04 -9.57
C VAL X 161 -35.58 -52.14 -9.49
N LYS X 162 -34.65 -52.10 -10.45
CA LYS X 162 -33.59 -53.09 -10.54
C LYS X 162 -32.28 -52.38 -10.90
N LEU X 163 -31.18 -52.90 -10.39
CA LEU X 163 -29.86 -52.38 -10.74
C LEU X 163 -29.61 -52.55 -12.23
N ASP X 164 -29.28 -51.45 -12.90
CA ASP X 164 -29.04 -51.45 -14.33
C ASP X 164 -27.57 -51.25 -14.68
N LYS X 165 -26.86 -50.46 -13.88
CA LYS X 165 -25.51 -50.05 -14.22
C LYS X 165 -24.79 -49.67 -12.94
N LEU X 166 -23.47 -49.86 -12.95
CA LEU X 166 -22.62 -49.48 -11.83
C LEU X 166 -21.44 -48.70 -12.37
N ASP X 167 -21.31 -47.45 -11.94
CA ASP X 167 -20.22 -46.62 -12.40
C ASP X 167 -18.89 -47.08 -11.80
N ASN X 168 -17.80 -46.64 -12.43
CA ASN X 168 -16.48 -46.99 -11.95
C ASN X 168 -16.26 -46.45 -10.54
N GLN X 169 -15.69 -47.29 -9.69
CA GLN X 169 -15.42 -46.93 -8.30
C GLN X 169 -13.95 -46.60 -8.16
N THR X 170 -13.66 -45.34 -7.83
CA THR X 170 -12.28 -44.87 -7.69
C THR X 170 -11.93 -44.74 -6.22
N LEU X 171 -10.81 -45.33 -5.83
CA LEU X 171 -10.30 -45.23 -4.47
C LEU X 171 -9.20 -44.18 -4.42
N ASN X 172 -9.46 -43.09 -3.70
CA ASN X 172 -8.49 -42.02 -3.50
C ASN X 172 -8.22 -41.88 -2.01
N ASP X 173 -7.00 -41.47 -1.67
CA ASP X 173 -6.61 -41.42 -0.28
C ASP X 173 -7.20 -40.22 0.46
N ASP X 174 -7.89 -39.32 -0.25
CA ASP X 174 -8.52 -38.16 0.37
C ASP X 174 -10.04 -38.17 0.20
N ASN X 175 -10.64 -39.32 -0.10
CA ASN X 175 -12.07 -39.39 -0.33
C ASN X 175 -12.61 -40.67 0.30
N VAL X 176 -13.91 -40.66 0.59
CA VAL X 176 -14.58 -41.88 1.04
C VAL X 176 -15.00 -42.67 -0.18
N ILE X 177 -15.25 -43.95 0.01
CA ILE X 177 -15.66 -44.82 -1.09
C ILE X 177 -17.12 -44.56 -1.43
N GLU X 178 -17.40 -44.42 -2.72
CA GLU X 178 -18.74 -44.15 -3.22
C GLU X 178 -19.22 -45.32 -4.06
N TYR X 179 -20.50 -45.65 -3.92
CA TYR X 179 -21.17 -46.61 -4.77
C TYR X 179 -22.17 -45.85 -5.64
N LYS X 180 -22.07 -46.02 -6.96
CA LYS X 180 -22.81 -45.21 -7.93
C LYS X 180 -23.64 -46.12 -8.82
N PRO X 181 -24.77 -46.61 -8.34
CA PRO X 181 -25.65 -47.42 -9.18
C PRO X 181 -26.59 -46.56 -10.02
N THR X 182 -27.02 -47.13 -11.12
CA THR X 182 -28.16 -46.61 -11.88
C THR X 182 -29.28 -47.63 -11.76
N LEU X 183 -30.43 -47.19 -11.28
CA LEU X 183 -31.59 -48.05 -11.10
C LEU X 183 -32.63 -47.77 -12.17
N LYS X 184 -33.15 -48.82 -12.76
CA LYS X 184 -34.18 -48.72 -13.79
C LYS X 184 -35.51 -49.11 -13.19
N ALA X 185 -36.53 -48.29 -13.42
CA ALA X 185 -37.87 -48.56 -12.93
C ALA X 185 -38.63 -49.44 -13.91
N PHE X 186 -39.36 -50.40 -13.37
CA PHE X 186 -40.20 -51.29 -14.16
C PHE X 186 -41.64 -51.16 -13.69
N ARG X 187 -42.57 -51.47 -14.57
CA ARG X 187 -43.97 -51.42 -14.22
C ARG X 187 -44.32 -52.56 -13.27
N ASP X 188 -44.95 -52.23 -12.16
CA ASP X 188 -45.47 -53.22 -11.23
C ASP X 188 -46.95 -53.46 -11.53
N ASP X 189 -47.30 -54.70 -11.83
CA ASP X 189 -48.66 -55.01 -12.27
C ASP X 189 -49.69 -54.75 -11.17
N VAL X 190 -49.36 -55.09 -9.93
CA VAL X 190 -50.33 -54.98 -8.84
C VAL X 190 -50.73 -53.54 -8.61
N VAL X 191 -49.76 -52.62 -8.59
CA VAL X 191 -50.08 -51.21 -8.38
C VAL X 191 -50.37 -50.48 -9.69
N GLY X 192 -49.96 -51.04 -10.83
CA GLY X 192 -50.37 -50.49 -12.12
C GLY X 192 -49.59 -49.29 -12.60
N TYR X 193 -48.35 -49.12 -12.18
CA TYR X 193 -47.49 -48.06 -12.71
C TYR X 193 -46.04 -48.40 -12.42
N SER X 194 -45.14 -47.69 -13.10
CA SER X 194 -43.72 -47.78 -12.82
C SER X 194 -43.21 -46.60 -12.02
N VAL X 195 -43.73 -45.40 -12.25
CA VAL X 195 -43.29 -44.20 -11.55
C VAL X 195 -44.52 -43.37 -11.20
N ALA X 196 -44.52 -42.81 -9.99
CA ALA X 196 -45.53 -41.85 -9.57
C ALA X 196 -44.84 -40.69 -8.86
N GLN X 197 -45.31 -39.48 -9.13
CA GLN X 197 -44.79 -38.27 -8.51
C GLN X 197 -45.81 -37.75 -7.50
N GLY X 198 -45.36 -37.42 -6.31
CA GLY X 198 -46.24 -37.01 -5.25
C GLY X 198 -45.83 -35.69 -4.61
N PHE X 199 -46.82 -34.98 -4.09
CA PHE X 199 -46.62 -33.74 -3.35
C PHE X 199 -47.45 -33.80 -2.09
N ALA X 200 -46.87 -33.38 -0.96
CA ALA X 200 -47.55 -33.44 0.32
C ALA X 200 -46.92 -32.42 1.26
N GLY X 201 -47.52 -32.28 2.44
CA GLY X 201 -47.06 -31.34 3.43
C GLY X 201 -47.92 -30.10 3.52
N PRO X 202 -47.88 -29.43 4.66
CA PRO X 202 -48.67 -28.19 4.80
C PRO X 202 -48.27 -27.10 3.82
N GLY X 203 -46.98 -27.01 3.51
CA GLY X 203 -46.55 -26.06 2.49
C GLY X 203 -47.15 -26.35 1.13
N TRP X 204 -47.29 -27.64 0.79
CA TRP X 204 -48.00 -27.99 -0.43
C TRP X 204 -49.47 -27.64 -0.32
N ARG X 205 -50.09 -27.91 0.84
CA ARG X 205 -51.49 -27.59 1.04
C ARG X 205 -51.77 -26.10 0.83
N ASP X 206 -50.79 -25.25 1.14
CA ASP X 206 -50.94 -23.83 0.80
C ASP X 206 -51.04 -23.61 -0.71
N LEU X 207 -50.53 -24.53 -1.52
CA LEU X 207 -50.34 -24.27 -2.94
C LEU X 207 -51.16 -25.16 -3.87
N VAL X 208 -51.93 -26.12 -3.35
CA VAL X 208 -52.56 -27.12 -4.21
C VAL X 208 -53.50 -26.44 -5.20
N ALA X 209 -54.31 -25.49 -4.73
CA ALA X 209 -55.25 -24.81 -5.60
C ALA X 209 -54.51 -23.92 -6.61
N THR X 210 -53.47 -23.22 -6.17
CA THR X 210 -52.64 -22.45 -7.10
C THR X 210 -52.00 -23.34 -8.15
N ALA X 211 -51.62 -24.56 -7.78
CA ALA X 211 -51.00 -25.50 -8.72
C ALA X 211 -52.00 -26.04 -9.73
N GLY X 212 -53.30 -25.79 -9.56
CA GLY X 212 -54.28 -26.23 -10.52
C GLY X 212 -54.89 -27.59 -10.25
N PHE X 213 -54.69 -28.15 -9.06
CA PHE X 213 -55.28 -29.43 -8.68
C PHE X 213 -56.47 -29.17 -7.77
N GLY X 214 -57.62 -29.71 -8.14
CA GLY X 214 -58.82 -29.41 -7.37
C GLY X 214 -59.30 -27.98 -7.63
N GLU X 215 -60.09 -27.50 -6.69
CA GLU X 215 -60.67 -26.16 -6.75
C GLU X 215 -60.10 -25.29 -5.63
N ALA X 216 -60.22 -23.97 -5.81
CA ALA X 216 -59.73 -23.03 -4.83
C ALA X 216 -60.63 -23.00 -3.59
N LEU X 217 -60.04 -22.59 -2.47
CA LEU X 217 -60.74 -22.55 -1.19
C LEU X 217 -61.44 -21.21 -1.04
N THR X 218 -62.75 -21.25 -0.81
CA THR X 218 -63.55 -20.04 -0.66
C THR X 218 -64.26 -19.92 0.67
N ALA X 219 -64.73 -21.01 1.25
CA ALA X 219 -65.47 -20.96 2.52
C ALA X 219 -64.98 -22.05 3.45
N LEU X 220 -65.03 -21.77 4.75
CA LEU X 220 -64.59 -22.69 5.79
C LEU X 220 -65.81 -23.21 6.53
N THR X 221 -65.85 -24.53 6.76
CA THR X 221 -66.97 -25.19 7.39
C THR X 221 -66.49 -25.97 8.60
N ILE X 222 -67.19 -25.81 9.72
CA ILE X 222 -66.90 -26.57 10.94
C ILE X 222 -67.81 -27.79 10.97
N THR X 223 -67.23 -28.98 10.81
CA THR X 223 -68.02 -30.20 10.66
C THR X 223 -68.80 -30.60 11.91
N PRO X 224 -68.24 -30.55 13.13
CA PRO X 224 -69.03 -30.99 14.29
C PRO X 224 -70.29 -30.19 14.49
N GLY X 225 -70.32 -28.92 14.09
CA GLY X 225 -71.53 -28.14 14.15
C GLY X 225 -71.79 -27.51 15.50
N SER X 226 -72.72 -28.08 16.27
CA SER X 226 -73.07 -27.60 17.60
C SER X 226 -73.02 -28.78 18.57
N PRO X 227 -71.83 -29.13 19.06
CA PRO X 227 -71.71 -30.28 19.96
C PRO X 227 -72.01 -29.91 21.41
N THR X 228 -72.05 -30.94 22.24
CA THR X 228 -72.30 -30.78 23.67
C THR X 228 -71.26 -31.57 24.44
N VAL X 229 -70.62 -30.92 25.41
CA VAL X 229 -69.54 -31.51 26.19
C VAL X 229 -69.96 -31.55 27.65
N THR X 230 -69.65 -32.66 28.32
CA THR X 230 -69.98 -32.81 29.73
C THR X 230 -68.89 -32.18 30.60
N VAL X 231 -69.31 -31.51 31.67
CA VAL X 231 -68.36 -30.92 32.61
C VAL X 231 -67.50 -31.99 33.26
N ALA X 232 -68.11 -33.09 33.67
CA ALA X 232 -67.37 -34.17 34.32
C ALA X 232 -66.41 -34.83 33.34
N THR X 233 -65.30 -35.33 33.89
CA THR X 233 -64.31 -36.03 33.09
C THR X 233 -64.87 -37.35 32.57
N GLY X 234 -64.66 -37.61 31.29
CA GLY X 234 -65.16 -38.83 30.68
C GLY X 234 -64.82 -38.88 29.20
N ALA X 235 -65.33 -39.92 28.55
CA ALA X 235 -65.08 -40.09 27.12
C ALA X 235 -65.70 -38.98 26.31
N SER X 236 -66.93 -38.57 26.66
CA SER X 236 -67.65 -37.51 25.95
C SER X 236 -67.40 -36.13 26.57
N HIS X 237 -66.43 -36.02 27.47
CA HIS X 237 -66.14 -34.75 28.10
C HIS X 237 -65.51 -33.75 27.13
N THR X 238 -64.70 -34.22 26.19
CA THR X 238 -64.01 -33.38 25.23
C THR X 238 -64.47 -33.71 23.81
N ALA X 239 -64.35 -32.72 22.92
CA ALA X 239 -64.74 -32.88 21.53
C ALA X 239 -63.65 -32.31 20.63
N GLN X 240 -63.30 -33.06 19.59
CA GLN X 240 -62.29 -32.63 18.63
C GLN X 240 -62.97 -32.04 17.41
N LEU X 241 -62.64 -30.79 17.08
CA LEU X 241 -63.25 -30.13 15.94
C LEU X 241 -62.53 -30.52 14.64
N LEU X 242 -63.18 -30.23 13.53
CA LEU X 242 -62.60 -30.46 12.22
C LEU X 242 -63.10 -29.38 11.27
N VAL X 243 -62.18 -28.71 10.59
CA VAL X 243 -62.48 -27.58 9.71
C VAL X 243 -62.14 -27.97 8.29
N GLU X 244 -63.10 -27.79 7.38
CA GLU X 244 -62.93 -28.18 5.98
C GLU X 244 -63.19 -26.98 5.09
N GLY X 245 -62.84 -27.14 3.82
CA GLY X 245 -63.09 -26.14 2.80
C GLY X 245 -64.04 -26.67 1.73
N ASP X 246 -64.37 -25.77 0.80
CA ASP X 246 -65.24 -26.15 -0.32
C ASP X 246 -64.56 -27.15 -1.25
N ASN X 247 -63.23 -27.23 -1.22
CA ASN X 247 -62.48 -28.13 -2.09
C ASN X 247 -62.28 -29.50 -1.47
N GLY X 248 -62.79 -29.74 -0.28
CA GLY X 248 -62.63 -31.02 0.39
C GLY X 248 -61.31 -31.21 1.10
N ILE X 249 -60.58 -30.14 1.36
CA ILE X 249 -59.28 -30.21 2.02
C ILE X 249 -59.44 -29.83 3.49
N ASN X 250 -58.90 -30.67 4.37
CA ASN X 250 -58.91 -30.37 5.80
C ASN X 250 -57.94 -29.23 6.08
N TYR X 251 -58.47 -28.13 6.62
CA TYR X 251 -57.67 -26.95 6.93
C TYR X 251 -57.52 -26.72 8.43
N THR X 252 -57.83 -27.73 9.24
CA THR X 252 -57.72 -27.61 10.69
C THR X 252 -56.33 -27.21 11.17
N PRO X 253 -55.23 -27.77 10.68
CA PRO X 253 -53.91 -27.28 11.12
C PRO X 253 -53.61 -25.86 10.71
N ASP X 254 -54.29 -25.32 9.70
CA ASP X 254 -53.97 -24.00 9.16
C ASP X 254 -54.87 -22.89 9.66
N VAL X 255 -55.79 -23.17 10.58
CA VAL X 255 -56.73 -22.17 11.08
C VAL X 255 -56.31 -21.74 12.48
N VAL X 256 -56.91 -20.66 12.95
CA VAL X 256 -56.70 -20.13 14.29
C VAL X 256 -57.97 -20.33 15.10
N PHE X 257 -57.85 -21.01 16.24
CA PHE X 257 -58.99 -21.28 17.10
C PHE X 257 -59.10 -20.22 18.19
N THR X 258 -60.20 -19.47 18.17
CA THR X 258 -60.48 -18.44 19.18
C THR X 258 -61.85 -18.71 19.77
N SER X 259 -61.94 -18.69 21.09
CA SER X 259 -63.20 -18.95 21.78
C SER X 259 -63.83 -17.65 22.27
N SER X 260 -65.15 -17.71 22.51
CA SER X 260 -65.88 -16.54 23.00
C SER X 260 -65.68 -16.37 24.51
N ALA X 261 -66.09 -17.36 25.29
CA ALA X 261 -65.90 -17.36 26.74
C ALA X 261 -64.97 -18.50 27.11
N PRO X 262 -63.69 -18.24 27.36
CA PRO X 262 -62.76 -19.35 27.65
C PRO X 262 -63.14 -20.17 28.86
N ASP X 263 -63.75 -19.55 29.88
CA ASP X 263 -64.14 -20.30 31.08
C ASP X 263 -65.20 -21.34 30.76
N LYS X 264 -66.18 -21.00 29.92
CA LYS X 264 -67.24 -21.93 29.58
C LYS X 264 -66.69 -23.13 28.80
N ALA X 265 -65.87 -22.87 27.78
CA ALA X 265 -65.29 -23.93 26.97
C ALA X 265 -63.89 -23.54 26.56
N SER X 266 -62.92 -24.40 26.86
CA SER X 266 -61.52 -24.15 26.52
C SER X 266 -61.16 -24.92 25.25
N VAL X 267 -60.60 -24.22 24.28
CA VAL X 267 -60.18 -24.81 23.01
C VAL X 267 -58.68 -24.58 22.84
N SER X 268 -57.97 -25.62 22.46
CA SER X 268 -56.53 -25.53 22.24
C SER X 268 -56.27 -25.05 20.82
N ALA X 269 -55.00 -24.99 20.43
CA ALA X 269 -54.66 -24.61 19.06
C ALA X 269 -55.11 -25.67 18.06
N ALA X 270 -54.98 -26.95 18.42
CA ALA X 270 -55.38 -28.03 17.53
C ALA X 270 -56.88 -28.08 17.30
N GLY X 271 -57.67 -27.53 18.21
CA GLY X 271 -59.10 -27.49 18.07
C GLY X 271 -59.89 -28.46 18.92
N LEU X 272 -59.36 -28.88 20.06
CA LEU X 272 -60.11 -29.73 20.98
C LEU X 272 -60.88 -28.87 21.96
N VAL X 273 -62.19 -29.05 22.00
CA VAL X 273 -63.07 -28.24 22.84
C VAL X 273 -63.34 -28.99 24.14
N THR X 274 -62.92 -28.40 25.25
CA THR X 274 -63.15 -28.95 26.58
C THR X 274 -64.04 -27.98 27.34
N GLY X 275 -65.19 -28.49 27.80
CA GLY X 275 -66.12 -27.67 28.56
C GLY X 275 -65.77 -27.62 30.03
N VAL X 276 -65.14 -26.51 30.46
CA VAL X 276 -64.75 -26.37 31.86
C VAL X 276 -65.98 -26.16 32.74
N ALA X 277 -66.91 -25.32 32.29
CA ALA X 277 -68.11 -25.03 33.07
C ALA X 277 -69.29 -24.91 32.13
N ALA X 278 -70.47 -25.21 32.66
CA ALA X 278 -71.68 -25.21 31.85
C ALA X 278 -71.98 -23.80 31.35
N GLY X 279 -72.46 -23.72 30.12
CA GLY X 279 -72.77 -22.45 29.50
C GLY X 279 -72.66 -22.58 27.99
N SER X 280 -72.84 -21.44 27.32
CA SER X 280 -72.80 -21.36 25.88
C SER X 280 -71.50 -20.68 25.46
N ALA X 281 -70.78 -21.31 24.54
CA ALA X 281 -69.51 -20.78 24.05
C ALA X 281 -69.45 -20.86 22.54
N THR X 282 -68.86 -19.84 21.92
CA THR X 282 -68.71 -19.77 20.48
C THR X 282 -67.25 -19.98 20.13
N ILE X 283 -66.97 -21.00 19.31
CA ILE X 283 -65.63 -21.29 18.84
C ILE X 283 -65.54 -20.80 17.41
N THR X 284 -64.59 -19.91 17.14
CA THR X 284 -64.41 -19.31 15.82
C THR X 284 -63.06 -19.75 15.26
N ALA X 285 -63.07 -20.38 14.10
CA ALA X 285 -61.86 -20.77 13.39
C ALA X 285 -61.62 -19.78 12.26
N THR X 286 -60.49 -19.07 12.31
CA THR X 286 -60.18 -18.03 11.35
C THR X 286 -58.91 -18.39 10.60
N LYS X 287 -58.98 -18.29 9.27
CA LYS X 287 -57.83 -18.55 8.40
C LYS X 287 -57.80 -17.46 7.35
N GLY X 288 -56.88 -16.50 7.50
CA GLY X 288 -56.84 -15.37 6.60
C GLY X 288 -58.12 -14.57 6.67
N ALA X 289 -58.69 -14.29 5.50
CA ALA X 289 -59.94 -13.53 5.40
C ALA X 289 -61.17 -14.44 5.48
N LEU X 290 -60.98 -15.73 5.67
CA LEU X 290 -62.07 -16.70 5.76
C LEU X 290 -62.21 -17.16 7.20
N THR X 291 -63.45 -17.47 7.58
CA THR X 291 -63.74 -17.80 8.97
C THR X 291 -64.88 -18.81 9.03
N ALA X 292 -64.95 -19.51 10.15
CA ALA X 292 -66.03 -20.45 10.42
C ALA X 292 -66.38 -20.35 11.91
N THR X 293 -67.66 -20.24 12.21
CA THR X 293 -68.14 -20.05 13.57
C THR X 293 -68.97 -21.25 14.00
N ALA X 294 -68.75 -21.69 15.23
CA ALA X 294 -69.50 -22.80 15.81
C ALA X 294 -69.89 -22.45 17.23
N THR X 295 -71.04 -23.00 17.66
CA THR X 295 -71.57 -22.75 19.00
C THR X 295 -71.60 -24.07 19.78
N VAL X 296 -71.07 -24.04 20.99
CA VAL X 296 -71.04 -25.20 21.87
C VAL X 296 -71.76 -24.86 23.16
N THR X 297 -72.69 -25.71 23.58
CA THR X 297 -73.40 -25.55 24.84
C THR X 297 -72.91 -26.60 25.82
N VAL X 298 -72.28 -26.15 26.90
CA VAL X 298 -71.71 -27.04 27.91
C VAL X 298 -72.81 -27.39 28.92
N THR X 299 -72.88 -28.67 29.30
CA THR X 299 -73.85 -29.14 30.27
C THR X 299 -73.13 -29.81 31.43
N ALA X 300 -73.57 -29.49 32.64
CA ALA X 300 -72.98 -30.05 33.85
C ALA X 300 -73.76 -31.30 34.28
N THR Y 2 -64.05 -60.42 -19.26
CA THR Y 2 -62.70 -60.94 -19.39
C THR Y 2 -61.86 -60.09 -20.34
N ASP Y 3 -60.84 -59.43 -19.80
CA ASP Y 3 -60.00 -58.56 -20.60
C ASP Y 3 -59.01 -59.38 -21.41
N PHE Y 4 -58.26 -58.67 -22.27
CA PHE Y 4 -57.31 -59.33 -23.15
C PHE Y 4 -56.20 -60.02 -22.36
N TYR Y 5 -55.74 -59.38 -21.28
CA TYR Y 5 -54.63 -59.94 -20.50
C TYR Y 5 -55.01 -61.27 -19.87
N THR Y 6 -56.23 -61.39 -19.34
CA THR Y 6 -56.65 -62.66 -18.75
C THR Y 6 -56.78 -63.75 -19.81
N ILE Y 7 -57.26 -63.40 -21.00
CA ILE Y 7 -57.39 -64.37 -22.07
C ILE Y 7 -56.01 -64.85 -22.51
N LYS Y 8 -55.04 -63.94 -22.59
CA LYS Y 8 -53.69 -64.31 -23.03
C LYS Y 8 -53.06 -65.33 -22.09
N ASP Y 9 -53.25 -65.15 -20.78
CA ASP Y 9 -52.80 -66.12 -19.77
C ASP Y 9 -51.33 -66.44 -19.92
N ALA Y 10 -50.51 -65.42 -20.13
CA ALA Y 10 -49.09 -65.62 -20.35
C ALA Y 10 -48.39 -66.02 -19.06
N GLN Y 11 -47.53 -67.03 -19.16
CA GLN Y 11 -46.74 -67.54 -18.04
C GLN Y 11 -45.27 -67.44 -18.41
N ALA Y 12 -44.64 -66.34 -18.00
CA ALA Y 12 -43.22 -66.14 -18.31
C ALA Y 12 -42.34 -67.19 -17.66
N ASP Y 13 -42.76 -67.73 -16.52
CA ASP Y 13 -41.98 -68.76 -15.83
C ASP Y 13 -41.90 -70.06 -16.62
N LEU Y 14 -42.79 -70.27 -17.59
CA LEU Y 14 -42.75 -71.47 -18.41
C LEU Y 14 -41.78 -71.37 -19.56
N ALA Y 15 -41.16 -70.22 -19.78
CA ALA Y 15 -40.07 -70.10 -20.74
C ALA Y 15 -38.77 -70.58 -20.09
N ILE Y 16 -38.15 -71.59 -20.71
CA ILE Y 16 -36.99 -72.27 -20.13
C ILE Y 16 -35.79 -72.00 -21.01
N ALA Y 17 -34.71 -71.51 -20.40
CA ALA Y 17 -33.47 -71.19 -21.10
C ALA Y 17 -32.43 -72.27 -20.83
N PRO Y 18 -31.90 -72.93 -21.85
CA PRO Y 18 -30.80 -73.90 -21.61
C PRO Y 18 -29.48 -73.18 -21.36
N LEU Y 19 -29.33 -72.68 -20.13
CA LEU Y 19 -28.16 -71.89 -19.78
C LEU Y 19 -26.89 -72.72 -19.88
N ASN Y 20 -26.95 -73.98 -19.48
CA ASN Y 20 -25.89 -74.93 -19.71
C ASN Y 20 -26.46 -76.16 -20.40
N LEU Y 21 -25.62 -76.81 -21.19
CA LEU Y 21 -26.05 -77.92 -22.02
C LEU Y 21 -24.91 -78.93 -22.12
N THR Y 22 -25.26 -80.20 -22.19
CA THR Y 22 -24.27 -81.25 -22.36
C THR Y 22 -24.87 -82.35 -23.24
N VAL Y 23 -24.02 -82.95 -24.07
CA VAL Y 23 -24.39 -84.04 -24.94
C VAL Y 23 -23.65 -85.29 -24.48
N LEU Y 24 -24.40 -86.34 -24.20
CA LEU Y 24 -23.82 -87.60 -23.77
C LEU Y 24 -24.13 -88.69 -24.79
N LEU Y 25 -23.11 -89.45 -25.15
CA LEU Y 25 -23.25 -90.55 -26.10
C LEU Y 25 -22.89 -91.85 -25.40
N ALA Y 26 -23.56 -92.92 -25.80
CA ALA Y 26 -23.29 -94.25 -25.29
C ALA Y 26 -23.22 -95.22 -26.46
N PRO Y 27 -22.45 -96.30 -26.32
CA PRO Y 27 -22.45 -97.33 -27.36
C PRO Y 27 -23.83 -97.98 -27.48
N TYR Y 28 -24.12 -98.52 -28.66
CA TYR Y 28 -25.43 -99.09 -28.92
C TYR Y 28 -25.76 -100.24 -27.98
N SER Y 29 -24.76 -100.91 -27.42
CA SER Y 29 -25.00 -101.98 -26.47
C SER Y 29 -25.52 -101.49 -25.13
N THR Y 30 -25.40 -100.20 -24.84
CA THR Y 30 -25.87 -99.65 -23.57
C THR Y 30 -27.39 -99.73 -23.49
N THR Y 31 -27.90 -99.97 -22.28
CA THR Y 31 -29.33 -99.92 -22.04
C THR Y 31 -29.82 -98.48 -22.16
N PRO Y 32 -30.80 -98.20 -23.02
CA PRO Y 32 -31.21 -96.82 -23.23
C PRO Y 32 -31.83 -96.19 -21.98
N ALA Y 33 -31.57 -94.90 -21.81
CA ALA Y 33 -32.21 -94.16 -20.74
C ALA Y 33 -33.70 -94.01 -21.02
N THR Y 34 -34.51 -94.19 -19.98
CA THR Y 34 -35.94 -93.92 -20.08
C THR Y 34 -36.33 -92.60 -19.43
N THR Y 35 -35.59 -92.17 -18.41
CA THR Y 35 -35.80 -90.89 -17.76
C THR Y 35 -34.50 -90.49 -17.08
N LEU Y 36 -34.31 -89.19 -16.91
CA LEU Y 36 -33.12 -88.68 -16.25
C LEU Y 36 -33.37 -88.35 -14.78
N GLU Y 37 -34.56 -88.65 -14.26
CA GLU Y 37 -34.90 -88.34 -12.89
C GLU Y 37 -34.62 -89.55 -12.00
N SER Y 38 -33.88 -89.33 -10.92
CA SER Y 38 -33.55 -90.42 -10.02
C SER Y 38 -34.81 -90.88 -9.28
N PRO Y 39 -35.05 -92.19 -9.18
CA PRO Y 39 -36.22 -92.68 -8.43
C PRO Y 39 -36.12 -92.46 -6.93
N THR Y 40 -34.95 -92.08 -6.41
CA THR Y 40 -34.78 -91.93 -4.98
C THR Y 40 -35.15 -90.53 -4.50
N ASP Y 41 -34.48 -89.51 -5.05
CA ASP Y 41 -34.72 -88.13 -4.64
C ASP Y 41 -35.09 -87.21 -5.79
N GLY Y 42 -35.21 -87.72 -7.01
CA GLY Y 42 -35.55 -86.89 -8.16
C GLY Y 42 -34.39 -86.13 -8.76
N SER Y 43 -33.17 -86.35 -8.28
CA SER Y 43 -32.02 -85.65 -8.82
C SER Y 43 -31.64 -86.20 -10.20
N LEU Y 44 -30.79 -85.46 -10.91
CA LEU Y 44 -30.35 -85.87 -12.22
C LEU Y 44 -29.51 -87.14 -12.11
N ALA Y 45 -29.87 -88.17 -12.87
CA ALA Y 45 -29.19 -89.46 -12.82
C ALA Y 45 -28.98 -89.96 -14.24
N ILE Y 46 -27.73 -89.97 -14.67
CA ILE Y 46 -27.37 -90.48 -16.00
C ILE Y 46 -27.07 -91.97 -15.90
N PRO Y 47 -27.67 -92.80 -16.75
CA PRO Y 47 -27.37 -94.23 -16.71
C PRO Y 47 -25.92 -94.48 -17.07
N PRO Y 48 -25.33 -95.56 -16.54
CA PRO Y 48 -23.95 -95.88 -16.89
C PRO Y 48 -23.80 -96.18 -18.38
N GLY Y 49 -22.63 -95.83 -18.92
CA GLY Y 49 -22.33 -96.00 -20.32
C GLY Y 49 -22.45 -94.73 -21.14
N TYR Y 50 -23.22 -93.75 -20.66
CA TYR Y 50 -23.32 -92.47 -21.33
C TYR Y 50 -22.16 -91.58 -20.92
N LYS Y 51 -21.41 -91.09 -21.91
CA LYS Y 51 -20.25 -90.25 -21.65
C LYS Y 51 -20.43 -88.92 -22.37
N SER Y 52 -20.13 -87.83 -21.67
CA SER Y 52 -20.23 -86.51 -22.26
C SER Y 52 -19.15 -86.29 -23.32
N VAL Y 53 -19.50 -85.55 -24.36
CA VAL Y 53 -18.51 -85.16 -25.37
C VAL Y 53 -17.69 -83.96 -24.92
N GLY Y 54 -18.07 -83.30 -23.84
CA GLY Y 54 -17.32 -82.16 -23.34
C GLY Y 54 -17.80 -80.83 -23.89
N HIS Y 55 -16.89 -79.86 -23.93
CA HIS Y 55 -17.22 -78.51 -24.38
C HIS Y 55 -17.59 -78.51 -25.87
N PHE Y 56 -18.55 -77.64 -26.21
CA PHE Y 56 -18.85 -77.38 -27.61
C PHE Y 56 -19.03 -75.88 -27.81
N GLU Y 57 -18.94 -75.46 -29.07
CA GLU Y 57 -18.90 -74.05 -29.43
C GLU Y 57 -20.16 -73.32 -28.95
N LYS Y 58 -19.95 -72.16 -28.33
CA LYS Y 58 -21.08 -71.39 -27.80
C LYS Y 58 -21.92 -70.78 -28.92
N GLN Y 59 -21.26 -70.14 -29.89
CA GLN Y 59 -21.99 -69.39 -30.91
C GLN Y 59 -22.84 -70.30 -31.77
N ALA Y 60 -22.31 -71.46 -32.17
CA ALA Y 60 -23.11 -72.41 -32.94
C ALA Y 60 -24.27 -72.94 -32.12
N GLY Y 61 -24.04 -73.19 -30.83
CA GLY Y 61 -25.06 -73.77 -30.00
C GLY Y 61 -25.39 -75.18 -30.47
N LEU Y 62 -26.63 -75.59 -30.23
CA LEU Y 62 -27.12 -76.88 -30.70
C LEU Y 62 -28.41 -76.63 -31.48
N THR Y 63 -28.47 -77.15 -32.69
CA THR Y 63 -29.62 -77.00 -33.56
C THR Y 63 -30.34 -78.33 -33.68
N LEU Y 64 -31.63 -78.34 -33.36
CA LEU Y 64 -32.48 -79.51 -33.50
C LEU Y 64 -33.36 -79.32 -34.72
N GLY Y 65 -33.34 -80.29 -35.62
CA GLY Y 65 -34.10 -80.22 -36.86
C GLY Y 65 -35.21 -81.27 -36.87
N ASN Y 66 -36.33 -80.91 -37.48
CA ASN Y 66 -37.46 -81.82 -37.67
C ASN Y 66 -38.05 -81.59 -39.04
N GLU Y 67 -38.18 -82.66 -39.81
CA GLU Y 67 -38.84 -82.58 -41.11
C GLU Y 67 -39.81 -83.73 -41.26
N PHE Y 68 -40.92 -83.47 -41.95
CA PHE Y 68 -41.94 -84.48 -42.20
C PHE Y 68 -41.98 -84.79 -43.69
N ASP Y 69 -41.99 -86.08 -44.02
CA ASP Y 69 -42.26 -86.53 -45.38
C ASP Y 69 -43.65 -87.15 -45.42
N SER Y 70 -44.48 -86.67 -46.34
CA SER Y 70 -45.87 -87.08 -46.39
C SER Y 70 -46.36 -87.05 -47.83
N LYS Y 71 -47.43 -87.80 -48.07
CA LYS Y 71 -48.05 -87.86 -49.39
C LYS Y 71 -49.54 -87.58 -49.26
N ASP Y 72 -50.05 -86.70 -50.11
CA ASP Y 72 -51.45 -86.31 -50.10
C ASP Y 72 -52.23 -87.17 -51.08
N ILE Y 73 -53.35 -87.73 -50.63
CA ILE Y 73 -54.26 -88.49 -51.48
C ILE Y 73 -55.29 -87.51 -52.02
N GLU Y 74 -55.25 -87.27 -53.33
CA GLU Y 74 -56.10 -86.28 -53.97
C GLU Y 74 -57.26 -86.96 -54.68
N ALA Y 75 -58.47 -86.52 -54.39
CA ALA Y 75 -59.67 -87.03 -55.04
C ALA Y 75 -60.24 -85.98 -55.98
N TYR Y 76 -60.97 -86.45 -56.99
CA TYR Y 76 -61.61 -85.55 -57.93
C TYR Y 76 -62.59 -84.62 -57.22
N GLY Y 77 -62.50 -83.34 -57.54
CA GLY Y 77 -63.42 -82.36 -57.00
C GLY Y 77 -63.15 -81.89 -55.60
N GLU Y 78 -62.07 -82.36 -54.98
CA GLU Y 78 -61.73 -81.93 -53.63
C GLU Y 78 -60.49 -81.05 -53.66
N PRO Y 79 -60.59 -79.76 -53.34
CA PRO Y 79 -59.40 -78.91 -53.35
C PRO Y 79 -58.34 -79.35 -52.36
N GLU Y 80 -58.73 -79.90 -51.21
CA GLU Y 80 -57.82 -80.35 -50.19
C GLU Y 80 -57.74 -81.87 -50.19
N PRO Y 81 -56.62 -82.44 -49.74
CA PRO Y 81 -56.49 -83.91 -49.75
C PRO Y 81 -57.55 -84.56 -48.87
N ILE Y 82 -58.06 -85.71 -49.33
CA ILE Y 82 -58.99 -86.48 -48.51
C ILE Y 82 -58.27 -87.32 -47.46
N ARG Y 83 -56.95 -87.51 -47.62
CA ARG Y 83 -56.16 -88.21 -46.61
C ARG Y 83 -54.70 -87.86 -46.83
N THR Y 84 -54.01 -87.55 -45.74
CA THR Y 84 -52.57 -87.30 -45.76
C THR Y 84 -51.86 -88.41 -45.02
N ILE Y 85 -50.94 -89.08 -45.70
CA ILE Y 85 -50.16 -90.17 -45.13
C ILE Y 85 -48.77 -89.63 -44.81
N ILE Y 86 -48.45 -89.56 -43.53
CA ILE Y 86 -47.14 -89.10 -43.08
C ILE Y 86 -46.25 -90.33 -42.89
N ASN Y 87 -45.17 -90.40 -43.67
CA ASN Y 87 -44.29 -91.57 -43.58
C ASN Y 87 -43.52 -91.58 -42.27
N LYS Y 88 -42.90 -90.46 -41.90
CA LYS Y 88 -42.09 -90.41 -40.69
C LYS Y 88 -41.76 -88.95 -40.38
N ARG Y 89 -41.09 -88.76 -39.25
CA ARG Y 89 -40.59 -87.47 -38.82
C ARG Y 89 -39.10 -87.62 -38.55
N THR Y 90 -38.27 -86.96 -39.36
CA THR Y 90 -36.82 -87.07 -39.26
C THR Y 90 -36.30 -86.00 -38.32
N THR Y 91 -35.63 -86.43 -37.26
CA THR Y 91 -35.05 -85.52 -36.28
C THR Y 91 -33.53 -85.56 -36.40
N THR Y 92 -32.92 -84.38 -36.45
CA THR Y 92 -31.47 -84.25 -36.52
C THR Y 92 -31.01 -83.23 -35.50
N PHE Y 93 -29.76 -83.37 -35.07
CA PHE Y 93 -29.15 -82.35 -34.23
C PHE Y 93 -27.66 -82.25 -34.56
N ASP Y 94 -27.15 -81.02 -34.52
CA ASP Y 94 -25.77 -80.75 -34.87
C ASP Y 94 -25.18 -79.76 -33.87
N PHE Y 95 -23.87 -79.83 -33.69
CA PHE Y 95 -23.13 -79.05 -32.71
C PHE Y 95 -21.66 -79.18 -33.03
N ALA Y 96 -20.86 -78.25 -32.48
CA ALA Y 96 -19.44 -78.14 -32.81
C ALA Y 96 -18.60 -78.51 -31.59
N MET Y 97 -18.07 -79.73 -31.57
CA MET Y 97 -17.32 -80.23 -30.43
C MET Y 97 -15.88 -79.73 -30.44
N TYR Y 98 -15.36 -79.43 -29.25
CA TYR Y 98 -14.00 -78.94 -29.04
C TYR Y 98 -13.00 -80.01 -28.64
N GLN Y 99 -13.41 -81.00 -27.85
CA GLN Y 99 -12.47 -81.85 -27.13
C GLN Y 99 -12.00 -83.01 -28.00
N ASN Y 100 -10.69 -83.20 -28.07
CA ASN Y 100 -10.09 -84.30 -28.84
C ASN Y 100 -9.96 -85.53 -27.94
N GLN Y 101 -11.11 -86.12 -27.64
CA GLN Y 101 -11.17 -87.33 -26.84
C GLN Y 101 -11.66 -88.48 -27.69
N ARG Y 102 -11.59 -89.69 -27.12
CA ARG Y 102 -11.80 -90.90 -27.91
C ARG Y 102 -13.22 -91.00 -28.46
N ASN Y 103 -14.24 -90.70 -27.65
CA ASN Y 103 -15.60 -90.87 -28.14
C ASN Y 103 -15.92 -89.88 -29.26
N VAL Y 104 -15.45 -88.64 -29.15
CA VAL Y 104 -15.68 -87.66 -30.21
C VAL Y 104 -15.01 -88.12 -31.51
N LEU Y 105 -13.74 -88.52 -31.43
CA LEU Y 105 -13.02 -88.94 -32.62
C LEU Y 105 -13.59 -90.23 -33.21
N GLU Y 106 -14.07 -91.13 -32.36
CA GLU Y 106 -14.73 -92.33 -32.83
C GLU Y 106 -16.00 -91.98 -33.61
N LEU Y 107 -16.77 -91.03 -33.10
CA LEU Y 107 -17.96 -90.57 -33.82
C LEU Y 107 -17.57 -89.94 -35.15
N ILE Y 108 -16.52 -89.11 -35.16
CA ILE Y 108 -16.12 -88.40 -36.37
C ILE Y 108 -15.68 -89.37 -37.45
N TRP Y 109 -14.87 -90.37 -37.09
CA TRP Y 109 -14.26 -91.25 -38.08
C TRP Y 109 -15.05 -92.54 -38.31
N THR Y 110 -16.20 -92.71 -37.66
CA THR Y 110 -17.05 -93.89 -37.79
C THR Y 110 -16.24 -95.17 -37.58
N GLN Y 111 -15.56 -95.22 -36.44
CA GLN Y 111 -14.67 -96.33 -36.14
C GLN Y 111 -14.62 -96.51 -34.63
N ASP Y 112 -14.39 -97.75 -34.19
CA ASP Y 112 -14.13 -98.06 -32.81
C ASP Y 112 -12.63 -97.99 -32.56
N PHE Y 113 -12.22 -97.09 -31.66
CA PHE Y 113 -10.81 -96.88 -31.34
C PHE Y 113 -10.45 -97.39 -29.96
N SER Y 114 -11.23 -98.34 -29.42
CA SER Y 114 -10.92 -98.88 -28.10
C SER Y 114 -9.67 -99.74 -28.10
N ASN Y 115 -9.31 -100.32 -29.24
CA ASN Y 115 -8.10 -101.13 -29.35
C ASN Y 115 -6.86 -100.31 -29.66
N ILE Y 116 -6.99 -98.99 -29.82
CA ILE Y 116 -5.84 -98.13 -30.09
C ILE Y 116 -4.99 -98.05 -28.84
N GLN Y 117 -3.71 -98.39 -28.95
CA GLN Y 117 -2.79 -98.29 -27.85
C GLN Y 117 -1.84 -97.13 -28.08
N PRO Y 118 -1.69 -96.24 -27.09
CA PRO Y 118 -0.73 -95.14 -27.25
C PRO Y 118 0.67 -95.67 -27.47
N SER Y 119 1.44 -94.94 -28.26
CA SER Y 119 2.80 -95.35 -28.58
C SER Y 119 3.66 -95.27 -27.33
N GLU Y 120 4.94 -95.64 -27.48
CA GLU Y 120 5.84 -95.73 -26.34
C GLU Y 120 6.06 -94.36 -25.70
N PHE Y 121 5.79 -93.29 -26.43
CA PHE Y 121 5.81 -91.94 -25.89
C PHE Y 121 4.43 -91.31 -25.79
N GLY Y 122 3.37 -92.11 -25.90
CA GLY Y 122 2.01 -91.63 -25.76
C GLY Y 122 1.32 -91.22 -27.04
N GLY Y 123 2.02 -91.20 -28.16
CA GLY Y 123 1.39 -90.80 -29.41
C GLY Y 123 0.41 -91.85 -29.92
N ILE Y 124 -0.63 -91.37 -30.61
CA ILE Y 124 -1.64 -92.23 -31.19
C ILE Y 124 -1.85 -91.85 -32.65
N VAL Y 125 -2.21 -92.84 -33.46
CA VAL Y 125 -2.57 -92.63 -34.85
C VAL Y 125 -3.92 -93.31 -35.09
N LEU Y 126 -4.88 -92.55 -35.58
CA LEU Y 126 -6.24 -93.03 -35.83
C LEU Y 126 -6.47 -93.06 -37.33
N GLU Y 127 -6.55 -94.25 -37.90
CA GLU Y 127 -6.75 -94.41 -39.33
C GLU Y 127 -8.23 -94.50 -39.64
N ALA Y 128 -8.67 -93.78 -40.67
CA ALA Y 128 -10.02 -93.93 -41.17
C ALA Y 128 -10.21 -95.29 -41.82
N PRO Y 129 -11.35 -95.93 -41.58
CA PRO Y 129 -11.57 -97.28 -42.11
C PRO Y 129 -11.69 -97.27 -43.63
N LYS Y 130 -11.45 -98.45 -44.21
CA LYS Y 130 -11.76 -98.71 -45.62
C LYS Y 130 -13.12 -98.16 -46.00
N VAL Y 131 -14.17 -98.67 -45.37
CA VAL Y 131 -15.52 -98.27 -45.72
C VAL Y 131 -16.06 -97.58 -44.48
N PRO Y 132 -16.70 -96.42 -44.60
CA PRO Y 132 -17.33 -95.83 -43.41
C PRO Y 132 -18.35 -96.79 -42.84
N LYS Y 133 -18.37 -96.89 -41.52
CA LYS Y 133 -19.19 -97.86 -40.83
C LYS Y 133 -20.47 -97.23 -40.33
N ASN Y 134 -21.55 -98.00 -40.38
CA ASN Y 134 -22.85 -97.58 -39.86
C ASN Y 134 -22.88 -97.91 -38.37
N ILE Y 135 -22.50 -96.94 -37.55
CA ILE Y 135 -22.41 -97.09 -36.11
C ILE Y 135 -23.53 -96.28 -35.47
N TYR Y 136 -24.29 -96.92 -34.59
CA TYR Y 136 -25.37 -96.25 -33.87
C TYR Y 136 -24.95 -95.98 -32.44
N TYR Y 137 -25.46 -94.88 -31.90
CA TYR Y 137 -25.20 -94.49 -30.53
C TYR Y 137 -26.52 -94.16 -29.84
N ARG Y 138 -26.48 -94.20 -28.52
CA ARG Y 138 -27.56 -93.68 -27.70
C ARG Y 138 -27.16 -92.29 -27.22
N ALA Y 139 -28.06 -91.33 -27.36
CA ALA Y 139 -27.75 -89.94 -27.12
C ALA Y 139 -28.67 -89.35 -26.07
N ILE Y 140 -28.10 -88.49 -25.22
CA ILE Y 140 -28.85 -87.68 -24.28
C ILE Y 140 -28.39 -86.23 -24.43
N LEU Y 141 -29.33 -85.35 -24.74
CA LEU Y 141 -29.09 -83.91 -24.75
C LEU Y 141 -29.86 -83.32 -23.58
N VAL Y 142 -29.15 -82.96 -22.51
CA VAL Y 142 -29.78 -82.43 -21.32
C VAL Y 142 -29.26 -81.03 -21.05
N GLY Y 143 -30.18 -80.11 -20.81
CA GLY Y 143 -29.84 -78.74 -20.49
C GLY Y 143 -30.34 -78.35 -19.12
N MET Y 144 -29.76 -77.30 -18.53
CA MET Y 144 -30.12 -76.86 -17.20
C MET Y 144 -30.50 -75.38 -17.24
N ASP Y 145 -31.65 -75.06 -16.65
CA ASP Y 145 -32.05 -73.68 -16.40
C ASP Y 145 -31.99 -73.49 -14.89
N ASP Y 146 -30.87 -72.96 -14.41
CA ASP Y 146 -30.63 -72.77 -12.98
C ASP Y 146 -31.17 -71.41 -12.58
N ARG Y 147 -32.44 -71.35 -12.21
CA ARG Y 147 -33.11 -70.12 -11.83
C ARG Y 147 -33.50 -70.18 -10.37
N ASN Y 148 -33.09 -69.17 -9.60
CA ASN Y 148 -33.45 -69.04 -8.19
C ASN Y 148 -33.06 -70.29 -7.39
N ASP Y 149 -31.95 -70.93 -7.79
CA ASP Y 149 -31.37 -72.11 -7.17
C ASP Y 149 -32.27 -73.34 -7.27
N ARG Y 150 -33.41 -73.25 -7.97
CA ARG Y 150 -34.25 -74.42 -8.21
C ARG Y 150 -34.14 -74.78 -9.69
N PRO Y 151 -33.21 -75.65 -10.06
CA PRO Y 151 -32.94 -75.87 -11.49
C PRO Y 151 -34.06 -76.63 -12.19
N ILE Y 152 -34.15 -76.42 -13.49
CA ILE Y 152 -35.00 -77.21 -14.38
C ILE Y 152 -34.07 -77.94 -15.34
N TRP Y 153 -34.21 -79.26 -15.40
CA TRP Y 153 -33.48 -80.07 -16.37
C TRP Y 153 -34.45 -80.45 -17.49
N LEU Y 154 -34.20 -79.91 -18.67
CA LEU Y 154 -34.96 -80.26 -19.86
C LEU Y 154 -34.04 -81.02 -20.80
N TYR Y 155 -34.52 -82.14 -21.32
CA TYR Y 155 -33.63 -83.05 -22.03
C TYR Y 155 -34.35 -83.72 -23.19
N TRP Y 156 -33.55 -84.28 -24.07
CA TRP Y 156 -34.02 -85.07 -25.19
C TRP Y 156 -33.34 -86.43 -25.15
N LEU Y 157 -34.12 -87.49 -25.30
CA LEU Y 157 -33.60 -88.84 -25.35
C LEU Y 157 -33.69 -89.36 -26.78
N MET Y 158 -32.55 -89.75 -27.34
CA MET Y 158 -32.47 -90.26 -28.71
C MET Y 158 -31.75 -91.60 -28.66
N PRO Y 159 -32.48 -92.70 -28.46
CA PRO Y 159 -31.82 -93.99 -28.21
C PRO Y 159 -31.01 -94.52 -29.39
N LYS Y 160 -31.25 -94.05 -30.62
CA LYS Y 160 -30.57 -94.60 -31.79
C LYS Y 160 -30.22 -93.47 -32.74
N VAL Y 161 -29.01 -92.92 -32.60
CA VAL Y 161 -28.52 -91.86 -33.48
C VAL Y 161 -27.35 -92.39 -34.29
N LYS Y 162 -27.19 -91.82 -35.48
CA LYS Y 162 -26.11 -92.18 -36.38
C LYS Y 162 -25.52 -90.90 -36.97
N LEU Y 163 -24.24 -90.95 -37.30
CA LEU Y 163 -23.60 -89.83 -37.97
C LEU Y 163 -24.17 -89.70 -39.38
N ASP Y 164 -24.66 -88.51 -39.71
CA ASP Y 164 -25.26 -88.24 -41.00
C ASP Y 164 -24.45 -87.30 -41.87
N LYS Y 165 -23.80 -86.30 -41.27
CA LYS Y 165 -23.12 -85.27 -42.03
C LYS Y 165 -21.99 -84.70 -41.19
N LEU Y 166 -20.94 -84.23 -41.87
CA LEU Y 166 -19.80 -83.63 -41.21
C LEU Y 166 -19.47 -82.32 -41.91
N ASP Y 167 -19.52 -81.22 -41.18
CA ASP Y 167 -19.23 -79.92 -41.75
C ASP Y 167 -17.74 -79.78 -42.06
N ASN Y 168 -17.43 -78.83 -42.92
CA ASN Y 168 -16.04 -78.55 -43.25
C ASN Y 168 -15.28 -78.10 -42.01
N GLN Y 169 -14.09 -78.66 -41.82
CA GLN Y 169 -13.24 -78.34 -40.68
C GLN Y 169 -12.16 -77.37 -41.14
N THR Y 170 -12.20 -76.15 -40.61
CA THR Y 170 -11.26 -75.10 -40.98
C THR Y 170 -10.23 -74.92 -39.86
N LEU Y 171 -8.95 -75.00 -40.22
CA LEU Y 171 -7.87 -74.78 -39.29
C LEU Y 171 -7.42 -73.33 -39.38
N ASN Y 172 -7.49 -72.62 -38.26
CA ASN Y 172 -7.02 -71.25 -38.17
C ASN Y 172 -6.03 -71.14 -37.02
N ASP Y 173 -5.06 -70.24 -37.17
CA ASP Y 173 -4.02 -70.11 -36.16
C ASP Y 173 -4.48 -69.38 -34.90
N ASP Y 174 -5.72 -68.90 -34.89
CA ASP Y 174 -6.28 -68.23 -33.71
C ASP Y 174 -7.54 -68.91 -33.20
N ASN Y 175 -7.74 -70.18 -33.53
CA ASN Y 175 -8.91 -70.92 -33.08
C ASN Y 175 -8.53 -72.37 -32.83
N VAL Y 176 -9.29 -73.02 -31.97
CA VAL Y 176 -9.12 -74.45 -31.74
C VAL Y 176 -9.82 -75.21 -32.85
N ILE Y 177 -9.41 -76.46 -33.05
CA ILE Y 177 -10.05 -77.31 -34.05
C ILE Y 177 -11.44 -77.69 -33.55
N GLU Y 178 -12.39 -77.74 -34.47
CA GLU Y 178 -13.77 -78.04 -34.14
C GLU Y 178 -14.26 -79.20 -35.01
N TYR Y 179 -15.08 -80.05 -34.41
CA TYR Y 179 -15.74 -81.13 -35.11
C TYR Y 179 -17.24 -80.84 -35.10
N LYS Y 180 -17.85 -80.81 -36.28
CA LYS Y 180 -19.24 -80.37 -36.45
C LYS Y 180 -20.03 -81.49 -37.12
N PRO Y 181 -20.44 -82.50 -36.36
CA PRO Y 181 -21.26 -83.57 -36.93
C PRO Y 181 -22.74 -83.22 -36.89
N THR Y 182 -23.45 -83.78 -37.84
CA THR Y 182 -24.91 -83.80 -37.82
C THR Y 182 -25.35 -85.23 -37.54
N LEU Y 183 -26.12 -85.42 -36.48
CA LEU Y 183 -26.58 -86.73 -36.07
C LEU Y 183 -28.07 -86.87 -36.34
N LYS Y 184 -28.44 -88.00 -36.92
CA LYS Y 184 -29.83 -88.29 -37.25
C LYS Y 184 -30.36 -89.34 -36.29
N ALA Y 185 -31.52 -89.06 -35.69
CA ALA Y 185 -32.14 -89.99 -34.76
C ALA Y 185 -32.98 -91.00 -35.52
N PHE Y 186 -32.87 -92.26 -35.11
CA PHE Y 186 -33.64 -93.35 -35.69
C PHE Y 186 -34.52 -93.98 -34.62
N ARG Y 187 -35.58 -94.63 -35.08
CA ARG Y 187 -36.49 -95.28 -34.14
C ARG Y 187 -35.85 -96.54 -33.57
N ASP Y 188 -35.84 -96.65 -32.24
CA ASP Y 188 -35.38 -97.85 -31.56
C ASP Y 188 -36.59 -98.71 -31.23
N ASP Y 189 -36.58 -99.97 -31.70
CA ASP Y 189 -37.76 -100.81 -31.58
C ASP Y 189 -38.05 -101.16 -30.13
N VAL Y 190 -37.01 -101.41 -29.32
CA VAL Y 190 -37.23 -101.86 -27.96
C VAL Y 190 -37.90 -100.78 -27.12
N VAL Y 191 -37.38 -99.55 -27.17
CA VAL Y 191 -38.00 -98.47 -26.41
C VAL Y 191 -39.16 -97.84 -27.18
N GLY Y 192 -39.29 -98.09 -28.47
CA GLY Y 192 -40.47 -97.69 -29.20
C GLY Y 192 -40.58 -96.24 -29.57
N TYR Y 193 -39.46 -95.52 -29.62
CA TYR Y 193 -39.49 -94.13 -30.06
C TYR Y 193 -38.10 -93.75 -30.57
N SER Y 194 -38.05 -92.68 -31.36
CA SER Y 194 -36.79 -92.12 -31.81
C SER Y 194 -36.36 -90.90 -30.99
N VAL Y 195 -37.30 -90.06 -30.58
CA VAL Y 195 -36.99 -88.86 -29.79
C VAL Y 195 -38.00 -88.76 -28.66
N ALA Y 196 -37.52 -88.39 -27.48
CA ALA Y 196 -38.38 -88.06 -26.35
C ALA Y 196 -37.89 -86.79 -25.69
N GLN Y 197 -38.81 -85.94 -25.28
CA GLN Y 197 -38.48 -84.70 -24.58
C GLN Y 197 -38.90 -84.84 -23.12
N GLY Y 198 -38.00 -84.45 -22.22
CA GLY Y 198 -38.25 -84.60 -20.80
C GLY Y 198 -38.02 -83.31 -20.05
N PHE Y 199 -38.71 -83.19 -18.93
CA PHE Y 199 -38.57 -82.07 -18.00
C PHE Y 199 -38.48 -82.63 -16.59
N ALA Y 200 -37.55 -82.10 -15.80
CA ALA Y 200 -37.34 -82.60 -14.44
C ALA Y 200 -36.68 -81.51 -13.60
N GLY Y 201 -36.54 -81.79 -12.31
CA GLY Y 201 -35.95 -80.86 -11.38
C GLY Y 201 -36.98 -80.18 -10.50
N PRO Y 202 -36.53 -79.66 -9.36
CA PRO Y 202 -37.47 -78.95 -8.48
C PRO Y 202 -38.11 -77.74 -9.12
N GLY Y 203 -37.36 -77.00 -9.94
CA GLY Y 203 -37.93 -75.88 -10.65
C GLY Y 203 -39.04 -76.31 -11.59
N TRP Y 204 -38.89 -77.47 -12.21
CA TRP Y 204 -39.97 -78.00 -13.03
C TRP Y 204 -41.14 -78.43 -12.16
N ARG Y 205 -40.87 -79.08 -11.02
CA ARG Y 205 -41.94 -79.50 -10.13
C ARG Y 205 -42.79 -78.32 -9.69
N ASP Y 206 -42.19 -77.14 -9.54
CA ASP Y 206 -42.98 -75.95 -9.21
C ASP Y 206 -43.89 -75.55 -10.37
N LEU Y 207 -43.67 -76.08 -11.57
CA LEU Y 207 -44.39 -75.62 -12.76
C LEU Y 207 -45.25 -76.69 -13.43
N VAL Y 208 -45.23 -77.94 -12.95
CA VAL Y 208 -45.86 -79.02 -13.70
C VAL Y 208 -47.35 -78.77 -13.85
N ALA Y 209 -48.01 -78.36 -12.78
CA ALA Y 209 -49.44 -78.06 -12.85
C ALA Y 209 -49.72 -76.86 -13.74
N THR Y 210 -48.87 -75.83 -13.66
CA THR Y 210 -49.01 -74.68 -14.55
C THR Y 210 -48.82 -75.07 -16.01
N ALA Y 211 -47.87 -75.97 -16.28
CA ALA Y 211 -47.62 -76.43 -17.64
C ALA Y 211 -48.76 -77.27 -18.19
N GLY Y 212 -49.71 -77.68 -17.36
CA GLY Y 212 -50.87 -78.41 -17.84
C GLY Y 212 -50.76 -79.92 -17.78
N PHE Y 213 -49.77 -80.45 -17.07
CA PHE Y 213 -49.60 -81.89 -16.92
C PHE Y 213 -50.09 -82.31 -15.54
N GLY Y 214 -50.99 -83.28 -15.50
CA GLY Y 214 -51.59 -83.67 -14.24
C GLY Y 214 -52.59 -82.65 -13.74
N GLU Y 215 -52.83 -82.72 -12.43
CA GLU Y 215 -53.76 -81.80 -11.76
C GLU Y 215 -53.00 -80.90 -10.80
N ALA Y 216 -53.64 -79.78 -10.45
CA ALA Y 216 -53.03 -78.82 -9.55
C ALA Y 216 -53.01 -79.35 -8.12
N LEU Y 217 -52.05 -78.85 -7.35
CA LEU Y 217 -51.89 -79.26 -5.96
C LEU Y 217 -52.84 -78.45 -5.09
N THR Y 218 -53.63 -79.13 -4.26
CA THR Y 218 -54.56 -78.48 -3.35
C THR Y 218 -54.46 -78.97 -1.91
N ALA Y 219 -54.00 -80.19 -1.68
CA ALA Y 219 -53.94 -80.75 -0.34
C ALA Y 219 -52.61 -81.44 -0.12
N LEU Y 220 -52.04 -81.23 1.07
CA LEU Y 220 -50.79 -81.86 1.46
C LEU Y 220 -51.10 -82.94 2.50
N THR Y 221 -50.74 -84.18 2.18
CA THR Y 221 -51.01 -85.32 3.05
C THR Y 221 -49.70 -85.92 3.51
N ILE Y 222 -49.55 -86.10 4.82
CA ILE Y 222 -48.39 -86.75 5.40
C ILE Y 222 -48.73 -88.23 5.56
N THR Y 223 -48.03 -89.08 4.81
CA THR Y 223 -48.35 -90.51 4.84
C THR Y 223 -48.10 -91.16 6.20
N PRO Y 224 -46.99 -90.90 6.91
CA PRO Y 224 -46.93 -91.44 8.28
C PRO Y 224 -47.72 -90.54 9.23
N GLY Y 225 -49.04 -90.74 9.24
CA GLY Y 225 -49.91 -89.91 10.06
C GLY Y 225 -49.63 -90.03 11.55
N SER Y 226 -49.46 -91.26 12.03
CA SER Y 226 -49.20 -91.53 13.45
C SER Y 226 -48.03 -92.49 13.57
N PRO Y 227 -46.80 -91.99 13.36
CA PRO Y 227 -45.62 -92.84 13.56
C PRO Y 227 -45.23 -92.91 15.03
N THR Y 228 -44.43 -93.93 15.35
CA THR Y 228 -43.90 -94.13 16.69
C THR Y 228 -42.40 -94.37 16.59
N VAL Y 229 -41.64 -93.62 17.38
CA VAL Y 229 -40.18 -93.71 17.39
C VAL Y 229 -39.72 -94.06 18.79
N THR Y 230 -38.83 -95.04 18.88
CA THR Y 230 -38.28 -95.44 20.17
C THR Y 230 -37.17 -94.50 20.59
N VAL Y 231 -37.15 -94.15 21.88
CA VAL Y 231 -36.10 -93.29 22.40
C VAL Y 231 -34.73 -93.97 22.26
N ALA Y 232 -34.66 -95.26 22.56
CA ALA Y 232 -33.41 -96.00 22.43
C ALA Y 232 -33.00 -96.08 20.97
N THR Y 233 -31.68 -96.06 20.76
CA THR Y 233 -31.11 -96.13 19.41
C THR Y 233 -31.37 -97.52 18.81
N GLY Y 234 -31.68 -97.54 17.53
CA GLY Y 234 -31.96 -98.79 16.85
C GLY Y 234 -32.41 -98.54 15.43
N ALA Y 235 -32.83 -99.64 14.78
CA ALA Y 235 -33.32 -99.55 13.41
C ALA Y 235 -34.61 -98.75 13.34
N SER Y 236 -35.51 -98.96 14.30
CA SER Y 236 -36.79 -98.25 14.36
C SER Y 236 -36.74 -97.03 15.27
N HIS Y 237 -35.54 -96.57 15.64
CA HIS Y 237 -35.41 -95.41 16.50
C HIS Y 237 -35.86 -94.12 15.82
N THR Y 238 -35.65 -94.02 14.51
CA THR Y 238 -36.03 -92.84 13.74
C THR Y 238 -37.08 -93.22 12.71
N ALA Y 239 -37.77 -92.19 12.20
CA ALA Y 239 -38.80 -92.38 11.18
C ALA Y 239 -38.68 -91.28 10.13
N GLN Y 240 -38.75 -91.68 8.85
CA GLN Y 240 -38.65 -90.74 7.74
C GLN Y 240 -40.04 -90.43 7.23
N LEU Y 241 -40.36 -89.13 7.14
CA LEU Y 241 -41.68 -88.71 6.68
C LEU Y 241 -41.71 -88.59 5.16
N LEU Y 242 -42.93 -88.51 4.63
CA LEU Y 242 -43.15 -88.35 3.20
C LEU Y 242 -44.42 -87.55 3.00
N VAL Y 243 -44.30 -86.42 2.30
CA VAL Y 243 -45.39 -85.48 2.10
C VAL Y 243 -45.79 -85.52 0.63
N GLU Y 244 -47.07 -85.77 0.36
CA GLU Y 244 -47.59 -85.92 -0.99
C GLU Y 244 -48.65 -84.86 -1.26
N GLY Y 245 -49.14 -84.88 -2.50
CA GLY Y 245 -50.20 -83.99 -2.92
C GLY Y 245 -51.36 -84.76 -3.53
N ASP Y 246 -52.42 -84.01 -3.84
CA ASP Y 246 -53.60 -84.63 -4.44
C ASP Y 246 -53.31 -85.13 -5.86
N ASN Y 247 -52.28 -84.59 -6.50
CA ASN Y 247 -51.90 -85.01 -7.84
C ASN Y 247 -50.87 -86.14 -7.84
N GLY Y 248 -50.42 -86.59 -6.67
CA GLY Y 248 -49.49 -87.71 -6.60
C GLY Y 248 -48.03 -87.34 -6.70
N ILE Y 249 -47.67 -86.09 -6.45
CA ILE Y 249 -46.30 -85.62 -6.56
C ILE Y 249 -45.72 -85.45 -5.15
N ASN Y 250 -44.54 -86.03 -4.93
CA ASN Y 250 -43.87 -85.93 -3.64
C ASN Y 250 -43.34 -84.51 -3.46
N TYR Y 251 -43.91 -83.79 -2.51
CA TYR Y 251 -43.53 -82.42 -2.22
C TYR Y 251 -42.64 -82.29 -0.99
N THR Y 252 -42.07 -83.40 -0.51
CA THR Y 252 -41.23 -83.37 0.67
C THR Y 252 -40.08 -82.37 0.59
N PRO Y 253 -39.30 -82.29 -0.49
CA PRO Y 253 -38.25 -81.26 -0.53
C PRO Y 253 -38.77 -79.84 -0.48
N ASP Y 254 -40.02 -79.61 -0.89
CA ASP Y 254 -40.56 -78.26 -1.01
C ASP Y 254 -41.36 -77.82 0.21
N VAL Y 255 -41.40 -78.62 1.27
CA VAL Y 255 -42.16 -78.27 2.47
C VAL Y 255 -41.19 -77.99 3.61
N VAL Y 256 -41.67 -77.20 4.57
CA VAL Y 256 -40.90 -76.83 5.76
C VAL Y 256 -41.42 -77.64 6.93
N PHE Y 257 -40.52 -78.35 7.60
CA PHE Y 257 -40.88 -79.18 8.73
C PHE Y 257 -40.70 -78.42 10.04
N THR Y 258 -41.78 -78.28 10.80
CA THR Y 258 -41.76 -77.62 12.09
C THR Y 258 -42.35 -78.56 13.13
N SER Y 259 -41.65 -78.71 14.25
CA SER Y 259 -42.09 -79.57 15.33
C SER Y 259 -42.72 -78.75 16.46
N SER Y 260 -43.61 -79.39 17.21
CA SER Y 260 -44.27 -78.74 18.35
C SER Y 260 -43.31 -78.64 19.54
N ALA Y 261 -42.83 -79.78 20.02
CA ALA Y 261 -41.83 -79.83 21.08
C ALA Y 261 -40.54 -80.40 20.52
N PRO Y 262 -39.54 -79.57 20.20
CA PRO Y 262 -38.30 -80.10 19.63
C PRO Y 262 -37.58 -81.09 20.52
N ASP Y 263 -37.66 -80.92 21.84
CA ASP Y 263 -36.97 -81.83 22.75
C ASP Y 263 -37.54 -83.25 22.67
N LYS Y 264 -38.87 -83.36 22.53
CA LYS Y 264 -39.49 -84.68 22.51
C LYS Y 264 -39.12 -85.45 21.24
N ALA Y 265 -39.26 -84.81 20.09
CA ALA Y 265 -38.94 -85.43 18.81
C ALA Y 265 -38.33 -84.37 17.91
N SER Y 266 -37.08 -84.59 17.49
CA SER Y 266 -36.37 -83.65 16.64
C SER Y 266 -36.53 -84.06 15.17
N VAL Y 267 -36.94 -83.11 14.35
CA VAL Y 267 -37.14 -83.33 12.92
C VAL Y 267 -36.21 -82.39 12.16
N SER Y 268 -35.52 -82.93 11.15
CA SER Y 268 -34.62 -82.15 10.33
C SER Y 268 -35.42 -81.45 9.23
N ALA Y 269 -34.72 -80.71 8.36
CA ALA Y 269 -35.39 -80.06 7.24
C ALA Y 269 -35.94 -81.09 6.27
N ALA Y 270 -35.21 -82.20 6.06
CA ALA Y 270 -35.68 -83.24 5.15
C ALA Y 270 -36.98 -83.85 5.64
N GLY Y 271 -37.09 -84.09 6.95
CA GLY Y 271 -38.32 -84.65 7.50
C GLY Y 271 -38.11 -85.96 8.23
N LEU Y 272 -36.90 -86.19 8.72
CA LEU Y 272 -36.62 -87.37 9.53
C LEU Y 272 -36.88 -87.07 11.00
N VAL Y 273 -37.77 -87.85 11.61
CA VAL Y 273 -38.20 -87.62 12.98
C VAL Y 273 -37.47 -88.60 13.89
N THR Y 274 -36.65 -88.06 14.79
CA THR Y 274 -35.86 -88.85 15.71
C THR Y 274 -36.36 -88.59 17.14
N GLY Y 275 -36.68 -89.66 17.86
CA GLY Y 275 -37.25 -89.52 19.18
C GLY Y 275 -36.21 -89.33 20.26
N VAL Y 276 -36.01 -88.08 20.68
CA VAL Y 276 -35.04 -87.80 21.74
C VAL Y 276 -35.60 -88.19 23.10
N ALA Y 277 -36.83 -87.80 23.40
CA ALA Y 277 -37.46 -88.08 24.69
C ALA Y 277 -38.89 -88.54 24.46
N ALA Y 278 -39.40 -89.31 25.42
CA ALA Y 278 -40.77 -89.79 25.33
C ALA Y 278 -41.75 -88.64 25.42
N GLY Y 279 -42.90 -88.82 24.77
CA GLY Y 279 -43.95 -87.83 24.79
C GLY Y 279 -44.64 -87.76 23.45
N SER Y 280 -45.54 -86.79 23.33
CA SER Y 280 -46.30 -86.57 22.11
C SER Y 280 -45.87 -85.26 21.48
N ALA Y 281 -45.48 -85.32 20.21
CA ALA Y 281 -45.02 -84.16 19.48
C ALA Y 281 -45.75 -84.09 18.14
N THR Y 282 -45.97 -82.86 17.67
CA THR Y 282 -46.70 -82.61 16.42
C THR Y 282 -45.71 -82.12 15.38
N ILE Y 283 -45.66 -82.79 14.24
CA ILE Y 283 -44.78 -82.43 13.13
C ILE Y 283 -45.66 -81.85 12.03
N THR Y 284 -45.39 -80.59 11.66
CA THR Y 284 -46.23 -79.85 10.72
C THR Y 284 -45.41 -79.46 9.50
N ALA Y 285 -45.85 -79.89 8.32
CA ALA Y 285 -45.18 -79.58 7.07
C ALA Y 285 -45.96 -78.50 6.34
N THR Y 286 -45.30 -77.40 6.02
CA THR Y 286 -45.93 -76.24 5.41
C THR Y 286 -45.29 -75.95 4.06
N LYS Y 287 -46.13 -75.71 3.04
CA LYS Y 287 -45.69 -75.25 1.73
C LYS Y 287 -46.69 -74.20 1.27
N GLY Y 288 -46.24 -72.94 1.21
CA GLY Y 288 -47.15 -71.87 0.87
C GLY Y 288 -48.24 -71.75 1.93
N ALA Y 289 -49.49 -71.75 1.48
CA ALA Y 289 -50.65 -71.72 2.37
C ALA Y 289 -51.16 -73.10 2.71
N LEU Y 290 -50.59 -74.15 2.13
CA LEU Y 290 -51.02 -75.52 2.39
C LEU Y 290 -50.25 -76.11 3.57
N THR Y 291 -50.94 -76.91 4.37
CA THR Y 291 -50.38 -77.43 5.59
C THR Y 291 -50.74 -78.90 5.76
N ALA Y 292 -49.77 -79.70 6.18
CA ALA Y 292 -49.99 -81.10 6.54
C ALA Y 292 -49.54 -81.29 7.98
N THR Y 293 -50.40 -81.91 8.80
CA THR Y 293 -50.14 -82.06 10.22
C THR Y 293 -50.07 -83.55 10.58
N ALA Y 294 -49.03 -83.92 11.32
CA ALA Y 294 -48.85 -85.28 11.79
C ALA Y 294 -48.54 -85.25 13.29
N THR Y 295 -48.94 -86.32 13.98
CA THR Y 295 -48.70 -86.48 15.40
C THR Y 295 -47.87 -87.72 15.64
N VAL Y 296 -46.85 -87.60 16.49
CA VAL Y 296 -45.92 -88.68 16.80
C VAL Y 296 -45.95 -88.95 18.29
N THR Y 297 -46.10 -90.22 18.65
CA THR Y 297 -46.00 -90.66 20.04
C THR Y 297 -44.64 -91.32 20.23
N VAL Y 298 -43.90 -90.86 21.22
CA VAL Y 298 -42.54 -91.34 21.48
C VAL Y 298 -42.56 -92.19 22.74
N THR Y 299 -41.99 -93.40 22.65
CA THR Y 299 -41.91 -94.32 23.77
C THR Y 299 -40.45 -94.63 24.07
N ALA Y 300 -40.15 -94.88 25.33
CA ALA Y 300 -38.80 -95.19 25.76
C ALA Y 300 -38.71 -96.58 26.38
N THR Z 2 -25.31 -86.16 -8.20
CA THR Z 2 -24.39 -85.68 -9.24
C THR Z 2 -24.95 -84.43 -9.91
N ASP Z 3 -24.23 -83.32 -9.77
CA ASP Z 3 -24.66 -82.06 -10.34
C ASP Z 3 -24.37 -82.02 -11.84
N PHE Z 4 -24.88 -80.97 -12.48
CA PHE Z 4 -24.73 -80.82 -13.93
C PHE Z 4 -23.27 -80.71 -14.33
N TYR Z 5 -22.48 -79.98 -13.54
CA TYR Z 5 -21.07 -79.75 -13.88
C TYR Z 5 -20.29 -81.06 -13.92
N THR Z 6 -20.52 -81.96 -12.95
CA THR Z 6 -19.81 -83.23 -12.94
C THR Z 6 -20.22 -84.10 -14.13
N ILE Z 7 -21.50 -84.07 -14.49
CA ILE Z 7 -21.97 -84.84 -15.64
C ILE Z 7 -21.33 -84.31 -16.92
N LYS Z 8 -21.23 -82.99 -17.05
CA LYS Z 8 -20.65 -82.41 -18.26
C LYS Z 8 -19.20 -82.83 -18.46
N ASP Z 9 -18.42 -82.88 -17.38
CA ASP Z 9 -17.05 -83.40 -17.40
C ASP Z 9 -16.20 -82.71 -18.46
N ALA Z 10 -16.32 -81.39 -18.55
CA ALA Z 10 -15.63 -80.64 -19.59
C ALA Z 10 -14.13 -80.57 -19.30
N GLN Z 11 -13.33 -80.82 -20.34
CA GLN Z 11 -11.87 -80.76 -20.26
C GLN Z 11 -11.39 -79.72 -21.26
N ALA Z 12 -11.17 -78.49 -20.78
CA ALA Z 12 -10.72 -77.43 -21.66
C ALA Z 12 -9.33 -77.70 -22.22
N ASP Z 13 -8.50 -78.45 -21.49
CA ASP Z 13 -7.17 -78.78 -21.96
C ASP Z 13 -7.19 -79.69 -23.18
N LEU Z 14 -8.30 -80.37 -23.44
CA LEU Z 14 -8.40 -81.23 -24.61
C LEU Z 14 -8.74 -80.47 -25.89
N ALA Z 15 -9.01 -79.18 -25.79
CA ALA Z 15 -9.17 -78.35 -26.98
C ALA Z 15 -7.80 -77.93 -27.49
N ILE Z 16 -7.50 -78.27 -28.73
CA ILE Z 16 -6.17 -78.10 -29.31
C ILE Z 16 -6.25 -77.08 -30.43
N ALA Z 17 -5.41 -76.06 -30.37
CA ALA Z 17 -5.37 -75.00 -31.36
C ALA Z 17 -4.17 -75.18 -32.26
N PRO Z 18 -4.34 -75.28 -33.58
CA PRO Z 18 -3.18 -75.34 -34.49
C PRO Z 18 -2.56 -73.96 -34.68
N LEU Z 19 -1.78 -73.55 -33.68
CA LEU Z 19 -1.19 -72.22 -33.69
C LEU Z 19 -0.24 -72.04 -34.87
N ASN Z 20 0.53 -73.08 -35.18
CA ASN Z 20 1.33 -73.13 -36.39
C ASN Z 20 1.00 -74.40 -37.15
N LEU Z 21 1.15 -74.34 -38.46
CA LEU Z 21 0.75 -75.43 -39.34
C LEU Z 21 1.69 -75.47 -40.52
N THR Z 22 2.01 -76.67 -40.98
CA THR Z 22 2.82 -76.85 -42.17
C THR Z 22 2.28 -78.00 -42.98
N VAL Z 23 2.41 -77.89 -44.31
CA VAL Z 23 1.99 -78.92 -45.24
C VAL Z 23 3.22 -79.44 -45.95
N LEU Z 24 3.43 -80.76 -45.89
CA LEU Z 24 4.57 -81.39 -46.52
C LEU Z 24 4.08 -82.34 -47.59
N LEU Z 25 4.71 -82.27 -48.76
CA LEU Z 25 4.37 -83.14 -49.87
C LEU Z 25 5.60 -83.96 -50.25
N ALA Z 26 5.36 -85.19 -50.67
CA ALA Z 26 6.41 -86.08 -51.13
C ALA Z 26 5.99 -86.72 -52.44
N PRO Z 27 6.95 -87.08 -53.30
CA PRO Z 27 6.60 -87.81 -54.52
C PRO Z 27 6.01 -89.17 -54.16
N TYR Z 28 5.21 -89.70 -55.08
CA TYR Z 28 4.51 -90.96 -54.81
C TYR Z 28 5.47 -92.12 -54.58
N SER Z 29 6.71 -92.02 -55.06
CA SER Z 29 7.69 -93.07 -54.83
C SER Z 29 8.21 -93.08 -53.39
N THR Z 30 7.95 -92.04 -52.62
CA THR Z 30 8.41 -91.99 -51.23
C THR Z 30 7.67 -93.02 -50.38
N THR Z 31 8.39 -93.58 -49.41
CA THR Z 31 7.75 -94.48 -48.45
C THR Z 31 6.82 -93.67 -47.54
N PRO Z 32 5.54 -94.03 -47.47
CA PRO Z 32 4.59 -93.20 -46.70
C PRO Z 32 4.92 -93.18 -45.22
N ALA Z 33 4.68 -92.03 -44.60
CA ALA Z 33 4.81 -91.91 -43.16
C ALA Z 33 3.72 -92.71 -42.47
N THR Z 34 4.09 -93.45 -41.42
CA THR Z 34 3.12 -94.14 -40.58
C THR Z 34 2.87 -93.40 -39.27
N THR Z 35 3.84 -92.66 -38.78
CA THR Z 35 3.69 -91.84 -37.59
C THR Z 35 4.74 -90.74 -37.64
N LEU Z 36 4.46 -89.64 -36.94
CA LEU Z 36 5.39 -88.52 -36.89
C LEU Z 36 6.21 -88.50 -35.61
N GLU Z 37 6.08 -89.52 -34.77
CA GLU Z 37 6.78 -89.56 -33.49
C GLU Z 37 8.07 -90.36 -33.65
N SER Z 38 9.18 -89.79 -33.20
CA SER Z 38 10.46 -90.47 -33.29
C SER Z 38 10.49 -91.66 -32.33
N PRO Z 39 10.92 -92.83 -32.78
CA PRO Z 39 11.04 -93.98 -31.86
C PRO Z 39 12.09 -93.80 -30.79
N THR Z 40 13.01 -92.85 -30.94
CA THR Z 40 14.09 -92.69 -29.98
C THR Z 40 13.66 -91.88 -28.76
N ASP Z 41 13.22 -90.64 -28.99
CA ASP Z 41 12.83 -89.77 -27.90
C ASP Z 41 11.42 -89.21 -28.02
N GLY Z 42 10.66 -89.61 -29.04
CA GLY Z 42 9.31 -89.11 -29.22
C GLY Z 42 9.21 -87.75 -29.87
N SER Z 43 10.31 -87.17 -30.33
CA SER Z 43 10.26 -85.87 -30.97
C SER Z 43 9.67 -86.00 -32.38
N LEU Z 44 9.32 -84.84 -32.95
CA LEU Z 44 8.75 -84.81 -34.29
C LEU Z 44 9.81 -85.25 -35.31
N ALA Z 45 9.46 -86.26 -36.11
CA ALA Z 45 10.38 -86.82 -37.10
C ALA Z 45 9.64 -86.96 -38.43
N ILE Z 46 10.06 -86.18 -39.41
CA ILE Z 46 9.47 -86.24 -40.76
C ILE Z 46 10.29 -87.21 -41.59
N PRO Z 47 9.66 -88.18 -42.25
CA PRO Z 47 10.43 -89.11 -43.09
C PRO Z 47 11.08 -88.38 -44.25
N PRO Z 48 12.21 -88.89 -44.74
CA PRO Z 48 12.86 -88.26 -45.89
C PRO Z 48 11.96 -88.29 -47.12
N GLY Z 49 12.09 -87.25 -47.94
CA GLY Z 49 11.30 -87.10 -49.14
C GLY Z 49 10.11 -86.16 -49.00
N TYR Z 50 9.66 -85.90 -47.77
CA TYR Z 50 8.59 -84.95 -47.54
C TYR Z 50 9.17 -83.55 -47.45
N LYS Z 51 8.67 -82.65 -48.30
CA LYS Z 51 9.14 -81.27 -48.34
C LYS Z 51 7.99 -80.32 -48.07
N SER Z 52 8.22 -79.35 -47.20
CA SER Z 52 7.20 -78.36 -46.89
C SER Z 52 6.96 -77.44 -48.07
N VAL Z 53 5.70 -77.02 -48.24
CA VAL Z 53 5.37 -76.03 -49.26
C VAL Z 53 5.64 -74.61 -48.80
N GLY Z 54 6.00 -74.42 -47.53
CA GLY Z 54 6.31 -73.10 -47.03
C GLY Z 54 5.11 -72.34 -46.51
N HIS Z 55 5.18 -71.01 -46.55
CA HIS Z 55 4.13 -70.16 -46.03
C HIS Z 55 2.85 -70.30 -46.83
N PHE Z 56 1.71 -70.27 -46.13
CA PHE Z 56 0.41 -70.20 -46.79
C PHE Z 56 -0.42 -69.13 -46.11
N GLU Z 57 -1.50 -68.73 -46.78
CA GLU Z 57 -2.22 -67.52 -46.42
C GLU Z 57 -2.94 -67.71 -45.08
N LYS Z 58 -2.85 -66.70 -44.22
CA LYS Z 58 -3.34 -66.84 -42.85
C LYS Z 58 -4.87 -66.88 -42.80
N GLN Z 59 -5.54 -65.95 -43.48
CA GLN Z 59 -6.98 -65.80 -43.31
C GLN Z 59 -7.73 -67.03 -43.81
N ALA Z 60 -7.36 -67.55 -44.98
CA ALA Z 60 -8.02 -68.74 -45.50
C ALA Z 60 -7.74 -69.94 -44.61
N GLY Z 61 -6.56 -70.01 -44.02
CA GLY Z 61 -6.20 -71.17 -43.23
C GLY Z 61 -6.14 -72.41 -44.08
N LEU Z 62 -6.49 -73.54 -43.46
CA LEU Z 62 -6.61 -74.81 -44.18
C LEU Z 62 -7.96 -75.40 -43.85
N THR Z 63 -8.70 -75.77 -44.89
CA THR Z 63 -10.03 -76.34 -44.73
C THR Z 63 -9.98 -77.81 -45.09
N LEU Z 64 -10.46 -78.66 -44.18
CA LEU Z 64 -10.56 -80.09 -44.40
C LEU Z 64 -12.03 -80.44 -44.65
N GLY Z 65 -12.29 -81.12 -45.76
CA GLY Z 65 -13.64 -81.49 -46.14
C GLY Z 65 -13.84 -82.99 -46.09
N ASN Z 66 -15.03 -83.41 -45.70
CA ASN Z 66 -15.42 -84.81 -45.69
C ASN Z 66 -16.85 -84.93 -46.20
N GLU Z 67 -17.07 -85.81 -47.17
CA GLU Z 67 -18.40 -86.09 -47.66
C GLU Z 67 -18.60 -87.59 -47.79
N PHE Z 68 -19.81 -88.04 -47.50
CA PHE Z 68 -20.17 -89.44 -47.62
C PHE Z 68 -21.16 -89.63 -48.76
N ASP Z 69 -20.88 -90.61 -49.63
CA ASP Z 69 -21.84 -91.05 -50.63
C ASP Z 69 -22.39 -92.41 -50.21
N SER Z 70 -23.71 -92.51 -50.14
CA SER Z 70 -24.34 -93.72 -49.63
C SER Z 70 -25.68 -93.93 -50.33
N LYS Z 71 -26.14 -95.17 -50.30
CA LYS Z 71 -27.42 -95.55 -50.88
C LYS Z 71 -28.25 -96.28 -49.83
N ASP Z 72 -29.52 -95.89 -49.72
CA ASP Z 72 -30.44 -96.47 -48.76
C ASP Z 72 -31.26 -97.57 -49.43
N ILE Z 73 -31.35 -98.72 -48.77
CA ILE Z 73 -32.17 -99.82 -49.25
C ILE Z 73 -33.54 -99.70 -48.60
N GLU Z 74 -34.57 -99.44 -49.42
CA GLU Z 74 -35.91 -99.19 -48.93
C GLU Z 74 -36.77 -100.44 -49.07
N ALA Z 75 -37.39 -100.85 -47.98
CA ALA Z 75 -38.32 -101.97 -47.98
C ALA Z 75 -39.74 -101.47 -47.80
N TYR Z 76 -40.70 -102.24 -48.30
CA TYR Z 76 -42.11 -101.90 -48.16
C TYR Z 76 -42.48 -101.85 -46.68
N GLY Z 77 -43.18 -100.78 -46.29
CA GLY Z 77 -43.67 -100.63 -44.94
C GLY Z 77 -42.65 -100.17 -43.92
N GLU Z 78 -41.42 -99.90 -44.32
CA GLU Z 78 -40.39 -99.44 -43.39
C GLU Z 78 -40.12 -97.97 -43.64
N PRO Z 79 -40.47 -97.08 -42.70
CA PRO Z 79 -40.17 -95.65 -42.93
C PRO Z 79 -38.69 -95.35 -43.06
N GLU Z 80 -37.85 -96.09 -42.36
CA GLU Z 80 -36.40 -95.90 -42.39
C GLU Z 80 -35.74 -97.03 -43.18
N PRO Z 81 -34.56 -96.78 -43.75
CA PRO Z 81 -33.89 -97.83 -44.53
C PRO Z 81 -33.59 -99.05 -43.68
N ILE Z 82 -33.73 -100.22 -44.29
CA ILE Z 82 -33.34 -101.45 -43.62
C ILE Z 82 -31.84 -101.70 -43.73
N ARG Z 83 -31.15 -101.01 -44.63
CA ARG Z 83 -29.71 -101.12 -44.76
C ARG Z 83 -29.21 -99.91 -45.52
N THR Z 84 -28.16 -99.27 -45.00
CA THR Z 84 -27.49 -98.17 -45.67
C THR Z 84 -26.10 -98.62 -46.11
N ILE Z 85 -25.83 -98.50 -47.40
CA ILE Z 85 -24.54 -98.89 -47.97
C ILE Z 85 -23.76 -97.60 -48.24
N ILE Z 86 -22.66 -97.41 -47.53
CA ILE Z 86 -21.80 -96.25 -47.72
C ILE Z 86 -20.67 -96.65 -48.66
N ASN Z 87 -20.62 -95.99 -49.82
CA ASN Z 87 -19.60 -96.34 -50.82
C ASN Z 87 -18.22 -95.94 -50.34
N LYS Z 88 -18.06 -94.70 -49.88
CA LYS Z 88 -16.75 -94.21 -49.47
C LYS Z 88 -16.93 -92.90 -48.72
N ARG Z 89 -15.80 -92.38 -48.23
CA ARG Z 89 -15.72 -91.09 -47.56
C ARG Z 89 -14.65 -90.27 -48.26
N THR Z 90 -15.05 -89.19 -48.93
CA THR Z 90 -14.15 -88.36 -49.71
C THR Z 90 -13.59 -87.25 -48.83
N THR Z 91 -12.28 -87.22 -48.67
CA THR Z 91 -11.60 -86.20 -47.88
C THR Z 91 -10.84 -85.27 -48.80
N THR Z 92 -11.00 -83.97 -48.60
CA THR Z 92 -10.31 -82.95 -49.37
C THR Z 92 -9.71 -81.92 -48.42
N PHE Z 93 -8.68 -81.22 -48.89
CA PHE Z 93 -8.16 -80.09 -48.15
C PHE Z 93 -7.61 -79.06 -49.12
N ASP Z 94 -7.82 -77.79 -48.80
CA ASP Z 94 -7.38 -76.68 -49.63
C ASP Z 94 -6.73 -75.61 -48.76
N PHE Z 95 -5.84 -74.86 -49.38
CA PHE Z 95 -5.01 -73.85 -48.71
C PHE Z 95 -4.35 -73.01 -49.80
N ALA Z 96 -3.96 -71.79 -49.44
CA ALA Z 96 -3.44 -70.81 -50.38
C ALA Z 96 -1.94 -70.63 -50.16
N MET Z 97 -1.14 -71.20 -51.06
CA MET Z 97 0.31 -71.16 -50.92
C MET Z 97 0.91 -69.87 -51.47
N TYR Z 98 1.93 -69.38 -50.79
CA TYR Z 98 2.64 -68.16 -51.16
C TYR Z 98 3.91 -68.39 -51.95
N GLN Z 99 4.65 -69.45 -51.68
CA GLN Z 99 6.04 -69.56 -52.12
C GLN Z 99 6.13 -70.10 -53.54
N ASN Z 100 6.88 -69.42 -54.39
CA ASN Z 100 7.10 -69.83 -55.78
C ASN Z 100 8.31 -70.75 -55.86
N GLN Z 101 8.13 -71.96 -55.32
CA GLN Z 101 9.16 -72.98 -55.35
C GLN Z 101 8.72 -74.14 -56.23
N ARG Z 102 9.66 -75.06 -56.47
CA ARG Z 102 9.45 -76.07 -57.50
C ARG Z 102 8.30 -77.01 -57.16
N ASN Z 103 8.21 -77.46 -55.91
CA ASN Z 103 7.17 -78.43 -55.58
C ASN Z 103 5.76 -77.83 -55.69
N VAL Z 104 5.60 -76.58 -55.27
CA VAL Z 104 4.31 -75.90 -55.39
C VAL Z 104 3.91 -75.76 -56.86
N LEU Z 105 4.84 -75.29 -57.69
CA LEU Z 105 4.53 -75.10 -59.11
C LEU Z 105 4.30 -76.43 -59.82
N GLU Z 106 5.05 -77.45 -59.44
CA GLU Z 106 4.81 -78.79 -59.97
C GLU Z 106 3.41 -79.26 -59.62
N LEU Z 107 2.97 -79.01 -58.39
CA LEU Z 107 1.62 -79.39 -57.99
C LEU Z 107 0.58 -78.65 -58.81
N ILE Z 108 0.71 -77.33 -58.93
CA ILE Z 108 -0.33 -76.56 -59.61
C ILE Z 108 -0.37 -76.87 -61.10
N TRP Z 109 0.78 -77.14 -61.72
CA TRP Z 109 0.81 -77.36 -63.16
C TRP Z 109 0.72 -78.83 -63.57
N THR Z 110 0.63 -79.74 -62.59
CA THR Z 110 0.54 -81.18 -62.84
C THR Z 110 1.65 -81.65 -63.78
N GLN Z 111 2.87 -81.29 -63.41
CA GLN Z 111 4.04 -81.61 -64.22
C GLN Z 111 5.23 -81.81 -63.30
N ASP Z 112 6.18 -82.63 -63.77
CA ASP Z 112 7.47 -82.80 -63.11
C ASP Z 112 8.45 -81.79 -63.71
N PHE Z 113 8.97 -80.91 -62.87
CA PHE Z 113 9.90 -79.87 -63.31
C PHE Z 113 11.33 -80.11 -62.82
N SER Z 114 11.66 -81.36 -62.50
CA SER Z 114 13.02 -81.67 -62.04
C SER Z 114 14.04 -81.52 -63.14
N ASN Z 115 13.63 -81.67 -64.41
CA ASN Z 115 14.52 -81.52 -65.55
C ASN Z 115 14.65 -80.08 -66.02
N ILE Z 116 13.94 -79.14 -65.39
CA ILE Z 116 14.04 -77.74 -65.76
C ILE Z 116 15.39 -77.20 -65.35
N GLN Z 117 16.13 -76.65 -66.30
CA GLN Z 117 17.42 -76.05 -66.01
C GLN Z 117 17.33 -74.54 -66.12
N PRO Z 118 17.79 -73.80 -65.11
CA PRO Z 118 17.79 -72.34 -65.20
C PRO Z 118 18.68 -71.88 -66.35
N SER Z 119 18.30 -70.75 -66.95
CA SER Z 119 19.05 -70.20 -68.06
C SER Z 119 20.37 -69.62 -67.55
N GLU Z 120 21.12 -69.02 -68.47
CA GLU Z 120 22.44 -68.47 -68.12
C GLU Z 120 22.32 -67.44 -67.01
N PHE Z 121 21.23 -66.68 -67.00
CA PHE Z 121 21.00 -65.65 -65.99
C PHE Z 121 20.01 -66.08 -64.93
N GLY Z 122 19.70 -67.37 -64.85
CA GLY Z 122 18.84 -67.91 -63.82
C GLY Z 122 17.38 -68.00 -64.16
N GLY Z 123 16.96 -67.49 -65.31
CA GLY Z 123 15.56 -67.52 -65.66
C GLY Z 123 15.08 -68.93 -65.99
N ILE Z 124 13.82 -69.20 -65.62
CA ILE Z 124 13.20 -70.49 -65.91
C ILE Z 124 11.86 -70.23 -66.59
N VAL Z 125 11.47 -71.19 -67.42
CA VAL Z 125 10.16 -71.19 -68.07
C VAL Z 125 9.51 -72.54 -67.83
N LEU Z 126 8.32 -72.54 -67.27
CA LEU Z 126 7.59 -73.76 -66.94
C LEU Z 126 6.37 -73.85 -67.85
N GLU Z 127 6.41 -74.76 -68.80
CA GLU Z 127 5.31 -74.95 -69.73
C GLU Z 127 4.32 -75.95 -69.17
N ALA Z 128 3.04 -75.61 -69.27
CA ALA Z 128 1.99 -76.54 -68.88
C ALA Z 128 1.99 -77.74 -69.83
N PRO Z 129 1.76 -78.95 -69.33
CA PRO Z 129 1.74 -80.12 -70.20
C PRO Z 129 0.57 -80.05 -71.18
N LYS Z 130 0.77 -80.70 -72.33
CA LYS Z 130 -0.27 -80.73 -73.36
C LYS Z 130 -1.57 -81.31 -72.80
N VAL Z 131 -1.46 -82.39 -72.05
CA VAL Z 131 -2.59 -82.98 -71.35
C VAL Z 131 -2.25 -82.93 -69.86
N PRO Z 132 -3.16 -82.48 -69.00
CA PRO Z 132 -2.89 -82.53 -67.56
C PRO Z 132 -2.66 -83.97 -67.12
N LYS Z 133 -1.70 -84.15 -66.22
CA LYS Z 133 -1.30 -85.46 -65.76
C LYS Z 133 -1.92 -85.79 -64.41
N ASN Z 134 -2.20 -87.07 -64.20
CA ASN Z 134 -2.68 -87.57 -62.91
C ASN Z 134 -1.47 -87.91 -62.07
N ILE Z 135 -1.06 -86.97 -61.22
CA ILE Z 135 0.11 -87.13 -60.37
C ILE Z 135 -0.36 -87.25 -58.92
N TYR Z 136 0.12 -88.25 -58.22
CA TYR Z 136 -0.21 -88.47 -56.82
C TYR Z 136 0.96 -88.08 -55.94
N TYR Z 137 0.63 -87.57 -54.76
CA TYR Z 137 1.63 -87.17 -53.78
C TYR Z 137 1.28 -87.79 -52.43
N ARG Z 138 2.28 -87.87 -51.57
CA ARG Z 138 2.07 -88.20 -50.17
C ARG Z 138 2.10 -86.90 -49.37
N ALA Z 139 1.11 -86.73 -48.50
CA ALA Z 139 0.89 -85.47 -47.82
C ALA Z 139 0.92 -85.66 -46.31
N ILE Z 140 1.50 -84.69 -45.62
CA ILE Z 140 1.46 -84.59 -44.17
C ILE Z 140 1.02 -83.18 -43.81
N LEU Z 141 -0.07 -83.07 -43.07
CA LEU Z 141 -0.52 -81.80 -42.50
C LEU Z 141 -0.32 -81.90 -41.00
N VAL Z 142 0.70 -81.24 -40.47
CA VAL Z 142 1.03 -81.31 -39.05
C VAL Z 142 0.95 -79.90 -38.46
N GLY Z 143 0.23 -79.78 -37.34
CA GLY Z 143 0.12 -78.53 -36.63
C GLY Z 143 0.71 -78.61 -35.24
N MET Z 144 1.03 -77.47 -34.66
CA MET Z 144 1.63 -77.41 -33.34
C MET Z 144 0.80 -76.52 -32.42
N ASP Z 145 0.49 -77.02 -31.24
CA ASP Z 145 -0.08 -76.25 -30.15
C ASP Z 145 0.97 -76.18 -29.06
N ASP Z 146 1.80 -75.14 -29.10
CA ASP Z 146 2.90 -74.97 -28.15
C ASP Z 146 2.36 -74.19 -26.95
N ARG Z 147 1.78 -74.90 -26.00
CA ARG Z 147 1.23 -74.30 -24.79
C ARG Z 147 2.03 -74.76 -23.58
N ASN Z 148 2.41 -73.79 -22.74
CA ASN Z 148 3.15 -74.05 -21.50
C ASN Z 148 4.46 -74.81 -21.76
N ASP Z 149 5.07 -74.53 -22.91
CA ASP Z 149 6.35 -75.11 -23.33
C ASP Z 149 6.30 -76.62 -23.52
N ARG Z 150 5.12 -77.22 -23.52
CA ARG Z 150 4.96 -78.64 -23.81
C ARG Z 150 4.09 -78.80 -25.06
N PRO Z 151 4.69 -78.86 -26.25
CA PRO Z 151 3.89 -78.81 -27.47
C PRO Z 151 3.06 -80.06 -27.70
N ILE Z 152 1.96 -79.87 -28.42
CA ILE Z 152 1.15 -80.96 -28.95
C ILE Z 152 1.23 -80.89 -30.46
N TRP Z 153 1.56 -82.01 -31.09
CA TRP Z 153 1.58 -82.11 -32.54
C TRP Z 153 0.35 -82.90 -33.00
N LEU Z 154 -0.59 -82.19 -33.60
CA LEU Z 154 -1.75 -82.81 -34.23
C LEU Z 154 -1.48 -82.86 -35.73
N TYR Z 155 -1.70 -84.01 -36.35
CA TYR Z 155 -1.36 -84.16 -37.75
C TYR Z 155 -2.32 -85.08 -38.46
N TRP Z 156 -2.31 -84.96 -39.78
CA TRP Z 156 -3.10 -85.80 -40.67
C TRP Z 156 -2.15 -86.42 -41.68
N LEU Z 157 -2.28 -87.72 -41.90
CA LEU Z 157 -1.49 -88.43 -42.89
C LEU Z 157 -2.38 -88.82 -44.06
N MET Z 158 -2.00 -88.37 -45.25
CA MET Z 158 -2.74 -88.64 -46.48
C MET Z 158 -1.77 -89.21 -47.50
N PRO Z 159 -1.60 -90.54 -47.51
CA PRO Z 159 -0.54 -91.14 -48.34
C PRO Z 159 -0.74 -90.98 -49.84
N LYS Z 160 -1.95 -90.68 -50.31
CA LYS Z 160 -2.22 -90.62 -51.76
C LYS Z 160 -3.18 -89.46 -52.04
N VAL Z 161 -2.62 -88.29 -52.32
CA VAL Z 161 -3.41 -87.11 -52.65
C VAL Z 161 -3.15 -86.73 -54.10
N LYS Z 162 -4.16 -86.13 -54.72
CA LYS Z 162 -4.07 -85.67 -56.10
C LYS Z 162 -4.70 -84.29 -56.19
N LEU Z 163 -4.20 -83.48 -57.12
CA LEU Z 163 -4.80 -82.18 -57.37
C LEU Z 163 -6.20 -82.36 -57.93
N ASP Z 164 -7.17 -81.73 -57.29
CA ASP Z 164 -8.57 -81.85 -57.68
C ASP Z 164 -9.15 -80.57 -58.27
N LYS Z 165 -8.74 -79.43 -57.74
CA LYS Z 165 -9.35 -78.15 -58.12
C LYS Z 165 -8.33 -77.04 -57.88
N LEU Z 166 -8.43 -76.00 -58.69
CA LEU Z 166 -7.57 -74.82 -58.57
C LEU Z 166 -8.44 -73.58 -58.59
N ASP Z 167 -8.39 -72.79 -57.51
CA ASP Z 167 -9.20 -71.59 -57.44
C ASP Z 167 -8.63 -70.50 -58.35
N ASN Z 168 -9.46 -69.51 -58.64
CA ASN Z 168 -9.03 -68.40 -59.48
C ASN Z 168 -7.89 -67.64 -58.83
N GLN Z 169 -6.89 -67.31 -59.63
CA GLN Z 169 -5.71 -66.58 -59.17
C GLN Z 169 -5.85 -65.13 -59.58
N THR Z 170 -5.97 -64.24 -58.59
CA THR Z 170 -6.13 -62.81 -58.83
C THR Z 170 -4.82 -62.09 -58.54
N LEU Z 171 -4.35 -61.33 -59.52
CA LEU Z 171 -3.15 -60.53 -59.35
C LEU Z 171 -3.55 -59.12 -58.95
N ASN Z 172 -3.06 -58.67 -57.81
CA ASN Z 172 -3.29 -57.32 -57.32
C ASN Z 172 -1.94 -56.66 -57.04
N ASP Z 173 -1.88 -55.35 -57.21
CA ASP Z 173 -0.61 -54.65 -57.04
C ASP Z 173 -0.25 -54.43 -55.58
N ASP Z 174 -1.10 -54.86 -54.64
CA ASP Z 174 -0.82 -54.75 -53.22
C ASP Z 174 -0.86 -56.10 -52.51
N ASN Z 175 -0.73 -57.20 -53.26
CA ASN Z 175 -0.75 -58.53 -52.68
C ASN Z 175 0.24 -59.41 -53.44
N VAL Z 176 0.71 -60.45 -52.77
CA VAL Z 176 1.55 -61.45 -53.42
C VAL Z 176 0.64 -62.42 -54.17
N ILE Z 177 1.23 -63.12 -55.13
CA ILE Z 177 0.49 -64.13 -55.89
C ILE Z 177 0.26 -65.33 -54.98
N GLU Z 178 -0.94 -65.91 -55.08
CA GLU Z 178 -1.31 -67.06 -54.27
C GLU Z 178 -1.75 -68.21 -55.16
N TYR Z 179 -1.41 -69.42 -54.75
CA TYR Z 179 -1.86 -70.64 -55.40
C TYR Z 179 -2.78 -71.35 -54.43
N LYS Z 180 -4.01 -71.63 -54.86
CA LYS Z 180 -5.07 -72.15 -54.01
C LYS Z 180 -5.58 -73.46 -54.60
N PRO Z 181 -4.87 -74.56 -54.37
CA PRO Z 181 -5.33 -75.86 -54.86
C PRO Z 181 -6.24 -76.56 -53.85
N THR Z 182 -7.09 -77.42 -54.37
CA THR Z 182 -7.86 -78.37 -53.57
C THR Z 182 -7.32 -79.75 -53.86
N LEU Z 183 -6.87 -80.43 -52.82
CA LEU Z 183 -6.30 -81.77 -52.95
C LEU Z 183 -7.28 -82.80 -52.40
N LYS Z 184 -7.45 -83.88 -53.15
CA LYS Z 184 -8.35 -84.97 -52.76
C LYS Z 184 -7.51 -86.16 -52.33
N ALA Z 185 -7.81 -86.71 -51.16
CA ALA Z 185 -7.10 -87.87 -50.63
C ALA Z 185 -7.72 -89.16 -51.15
N PHE Z 186 -6.86 -90.07 -51.59
CA PHE Z 186 -7.24 -91.37 -52.10
C PHE Z 186 -6.64 -92.45 -51.21
N ARG Z 187 -7.24 -93.63 -51.27
CA ARG Z 187 -6.72 -94.74 -50.50
C ARG Z 187 -5.44 -95.27 -51.12
N ASP Z 188 -4.41 -95.40 -50.29
CA ASP Z 188 -3.21 -96.12 -50.65
C ASP Z 188 -3.35 -97.56 -50.19
N ASP Z 189 -3.19 -98.50 -51.13
CA ASP Z 189 -3.45 -99.89 -50.81
C ASP Z 189 -2.44 -100.46 -49.83
N VAL Z 190 -1.18 -100.05 -49.93
CA VAL Z 190 -0.13 -100.63 -49.10
C VAL Z 190 -0.31 -100.25 -47.64
N VAL Z 191 -0.50 -98.97 -47.36
CA VAL Z 191 -0.64 -98.54 -45.97
C VAL Z 191 -2.05 -98.76 -45.42
N GLY Z 192 -3.03 -98.96 -46.30
CA GLY Z 192 -4.35 -99.40 -45.89
C GLY Z 192 -5.30 -98.32 -45.42
N TYR Z 193 -5.10 -97.07 -45.83
CA TYR Z 193 -6.01 -95.99 -45.46
C TYR Z 193 -5.78 -94.82 -46.40
N SER Z 194 -6.77 -93.92 -46.44
CA SER Z 194 -6.63 -92.67 -47.15
C SER Z 194 -6.30 -91.49 -46.24
N VAL Z 195 -6.85 -91.45 -45.04
CA VAL Z 195 -6.58 -90.38 -44.08
C VAL Z 195 -6.35 -91.00 -42.71
N ALA Z 196 -5.38 -90.47 -41.98
CA ALA Z 196 -5.15 -90.83 -40.59
C ALA Z 196 -4.92 -89.56 -39.79
N GLN Z 197 -5.44 -89.53 -38.57
CA GLN Z 197 -5.25 -88.40 -37.67
C GLN Z 197 -4.33 -88.83 -36.53
N GLY Z 198 -3.35 -88.00 -36.20
CA GLY Z 198 -2.38 -88.34 -35.20
C GLY Z 198 -2.24 -87.25 -34.15
N PHE Z 199 -1.86 -87.68 -32.96
CA PHE Z 199 -1.55 -86.79 -31.84
C PHE Z 199 -0.25 -87.24 -31.20
N ALA Z 200 0.63 -86.30 -30.93
CA ALA Z 200 1.94 -86.62 -30.37
C ALA Z 200 2.49 -85.40 -29.65
N GLY Z 201 3.64 -85.59 -29.00
CA GLY Z 201 4.29 -84.53 -28.29
C GLY Z 201 4.16 -84.66 -26.79
N PRO Z 202 5.06 -83.99 -26.04
CA PRO Z 202 4.97 -84.05 -24.58
C PRO Z 202 3.68 -83.50 -24.03
N GLY Z 203 3.12 -82.46 -24.67
CA GLY Z 203 1.83 -81.95 -24.23
C GLY Z 203 0.71 -82.95 -24.43
N TRP Z 204 0.78 -83.75 -25.49
CA TRP Z 204 -0.23 -84.78 -25.70
C TRP Z 204 -0.12 -85.89 -24.67
N ARG Z 205 1.12 -86.26 -24.30
CA ARG Z 205 1.33 -87.35 -23.35
C ARG Z 205 0.65 -87.07 -22.02
N ASP Z 206 0.57 -85.80 -21.61
CA ASP Z 206 -0.13 -85.46 -20.39
C ASP Z 206 -1.64 -85.68 -20.51
N LEU Z 207 -2.16 -85.77 -21.73
CA LEU Z 207 -3.59 -85.82 -21.95
C LEU Z 207 -4.11 -87.15 -22.47
N VAL Z 208 -3.24 -88.11 -22.79
CA VAL Z 208 -3.69 -89.32 -23.49
C VAL Z 208 -4.71 -90.07 -22.64
N ALA Z 209 -4.43 -90.23 -21.35
CA ALA Z 209 -5.38 -90.88 -20.46
C ALA Z 209 -6.67 -90.07 -20.32
N THR Z 210 -6.55 -88.75 -20.22
CA THR Z 210 -7.72 -87.88 -20.18
C THR Z 210 -8.53 -87.98 -21.48
N ALA Z 211 -7.84 -88.07 -22.62
CA ALA Z 211 -8.51 -88.20 -23.91
C ALA Z 211 -9.20 -89.55 -24.08
N GLY Z 212 -8.97 -90.50 -23.19
CA GLY Z 212 -9.64 -91.78 -23.24
C GLY Z 212 -8.95 -92.86 -24.04
N PHE Z 213 -7.66 -92.70 -24.32
CA PHE Z 213 -6.89 -93.71 -25.04
C PHE Z 213 -5.97 -94.43 -24.07
N GLY Z 214 -6.03 -95.76 -24.08
CA GLY Z 214 -5.27 -96.52 -23.12
C GLY Z 214 -5.88 -96.44 -21.72
N GLU Z 215 -5.02 -96.66 -20.73
CA GLU Z 215 -5.42 -96.61 -19.33
C GLU Z 215 -4.70 -95.48 -18.62
N ALA Z 216 -5.26 -95.08 -17.48
CA ALA Z 216 -4.67 -93.98 -16.71
C ALA Z 216 -3.40 -94.44 -16.01
N LEU Z 217 -2.52 -93.48 -15.74
CA LEU Z 217 -1.25 -93.76 -15.09
C LEU Z 217 -1.45 -93.79 -13.58
N THR Z 218 -1.02 -94.88 -12.95
CA THR Z 218 -1.16 -95.04 -11.51
C THR Z 218 0.11 -95.52 -10.81
N ALA Z 219 1.15 -95.87 -11.54
CA ALA Z 219 2.37 -96.38 -10.92
C ALA Z 219 3.56 -96.10 -11.81
N LEU Z 220 4.68 -95.71 -11.20
CA LEU Z 220 5.92 -95.45 -11.90
C LEU Z 220 6.93 -96.52 -11.53
N THR Z 221 7.44 -97.24 -12.53
CA THR Z 221 8.38 -98.33 -12.32
C THR Z 221 9.69 -98.01 -13.02
N ILE Z 222 10.79 -98.17 -12.32
CA ILE Z 222 12.12 -97.98 -12.89
C ILE Z 222 12.58 -99.34 -13.43
N THR Z 223 12.74 -99.41 -14.76
CA THR Z 223 13.03 -100.70 -15.38
C THR Z 223 14.39 -101.29 -15.00
N PRO Z 224 15.50 -100.53 -14.93
CA PRO Z 224 16.76 -101.16 -14.51
C PRO Z 224 16.69 -101.77 -13.12
N GLY Z 225 15.95 -101.15 -12.21
CA GLY Z 225 15.80 -101.68 -10.87
C GLY Z 225 17.03 -101.48 -10.01
N SER Z 226 18.13 -102.14 -10.37
CA SER Z 226 19.37 -102.01 -9.62
C SER Z 226 20.56 -102.23 -10.54
N PRO Z 227 21.05 -101.20 -11.21
CA PRO Z 227 22.21 -101.35 -12.09
C PRO Z 227 23.52 -101.22 -11.32
N THR Z 228 24.60 -101.62 -11.98
CA THR Z 228 25.94 -101.50 -11.44
C THR Z 228 26.81 -100.75 -12.44
N VAL Z 229 27.42 -99.65 -12.00
CA VAL Z 229 28.25 -98.81 -12.84
C VAL Z 229 29.67 -98.82 -12.28
N THR Z 230 30.64 -98.96 -13.18
CA THR Z 230 32.04 -98.99 -12.76
C THR Z 230 32.58 -97.57 -12.60
N VAL Z 231 33.40 -97.38 -11.58
CA VAL Z 231 34.04 -96.08 -11.36
C VAL Z 231 34.93 -95.72 -12.54
N ALA Z 232 35.70 -96.70 -13.04
CA ALA Z 232 36.56 -96.47 -14.19
C ALA Z 232 35.73 -96.17 -15.43
N THR Z 233 36.27 -95.28 -16.27
CA THR Z 233 35.61 -94.90 -17.51
C THR Z 233 35.55 -96.08 -18.47
N GLY Z 234 34.43 -96.21 -19.16
CA GLY Z 234 34.26 -97.29 -20.10
C GLY Z 234 32.84 -97.32 -20.64
N ALA Z 235 32.55 -98.39 -21.39
CA ALA Z 235 31.22 -98.57 -21.96
C ALA Z 235 30.19 -98.78 -20.86
N SER Z 236 30.53 -99.56 -19.83
CA SER Z 236 29.63 -99.84 -18.73
C SER Z 236 29.82 -98.89 -17.55
N HIS Z 237 30.57 -97.80 -17.76
CA HIS Z 237 30.79 -96.83 -16.69
C HIS Z 237 29.53 -96.06 -16.33
N THR Z 238 28.65 -95.84 -17.31
CA THR Z 238 27.40 -95.11 -17.09
C THR Z 238 26.21 -96.02 -17.41
N ALA Z 239 25.06 -95.69 -16.83
CA ALA Z 239 23.83 -96.43 -17.05
C ALA Z 239 22.68 -95.46 -17.27
N GLN Z 240 21.88 -95.72 -18.29
CA GLN Z 240 20.74 -94.88 -18.62
C GLN Z 240 19.46 -95.50 -18.05
N LEU Z 241 18.71 -94.70 -17.30
CA LEU Z 241 17.48 -95.19 -16.69
C LEU Z 241 16.30 -95.01 -17.64
N LEU Z 242 15.19 -95.68 -17.29
CA LEU Z 242 13.96 -95.58 -18.05
C LEU Z 242 12.80 -95.79 -17.09
N VAL Z 243 11.86 -94.84 -17.08
CA VAL Z 243 10.74 -94.84 -16.15
C VAL Z 243 9.45 -95.03 -16.96
N GLU Z 244 8.69 -96.05 -16.60
CA GLU Z 244 7.49 -96.43 -17.31
C GLU Z 244 6.27 -96.27 -16.40
N GLY Z 245 5.09 -96.47 -16.99
CA GLY Z 245 3.84 -96.45 -16.26
C GLY Z 245 3.08 -97.76 -16.42
N ASP Z 246 1.96 -97.84 -15.71
CA ASP Z 246 1.13 -99.04 -15.79
C ASP Z 246 0.48 -99.16 -17.15
N ASN Z 247 0.38 -98.07 -17.90
CA ASN Z 247 -0.21 -98.06 -19.23
C ASN Z 247 0.81 -98.27 -20.34
N GLY Z 248 2.09 -98.44 -20.00
CA GLY Z 248 3.11 -98.67 -21.00
C GLY Z 248 3.66 -97.44 -21.67
N ILE Z 249 3.52 -96.27 -21.06
CA ILE Z 249 3.99 -95.01 -21.63
C ILE Z 249 5.24 -94.57 -20.89
N ASN Z 250 6.29 -94.23 -21.65
CA ASN Z 250 7.53 -93.77 -21.06
C ASN Z 250 7.36 -92.36 -20.51
N TYR Z 251 7.54 -92.21 -19.20
CA TYR Z 251 7.43 -90.92 -18.54
C TYR Z 251 8.79 -90.36 -18.13
N THR Z 252 9.88 -90.91 -18.65
CA THR Z 252 11.21 -90.43 -18.30
C THR Z 252 11.41 -88.94 -18.52
N PRO Z 253 11.01 -88.33 -19.64
CA PRO Z 253 11.14 -86.88 -19.76
C PRO Z 253 10.31 -86.11 -18.75
N ASP Z 254 9.24 -86.71 -18.22
CA ASP Z 254 8.31 -86.01 -17.34
C ASP Z 254 8.59 -86.25 -15.86
N VAL Z 255 9.67 -86.94 -15.51
CA VAL Z 255 9.99 -87.22 -14.11
C VAL Z 255 11.24 -86.45 -13.72
N VAL Z 256 11.39 -86.24 -12.42
CA VAL Z 256 12.53 -85.54 -11.84
C VAL Z 256 13.44 -86.57 -11.18
N PHE Z 257 14.72 -86.55 -11.54
CA PHE Z 257 15.69 -87.51 -11.01
C PHE Z 257 16.44 -86.88 -9.85
N THR Z 258 16.44 -87.57 -8.70
CA THR Z 258 17.16 -87.14 -7.52
C THR Z 258 18.01 -88.30 -7.01
N SER Z 259 19.27 -88.01 -6.68
CA SER Z 259 20.19 -89.00 -6.17
C SER Z 259 20.40 -88.79 -4.67
N SER Z 260 20.36 -89.88 -3.91
CA SER Z 260 20.55 -89.80 -2.46
C SER Z 260 21.94 -89.27 -2.12
N ALA Z 261 22.97 -89.83 -2.73
CA ALA Z 261 24.35 -89.37 -2.56
C ALA Z 261 24.89 -88.93 -3.92
N PRO Z 262 24.84 -87.63 -4.23
CA PRO Z 262 25.35 -87.18 -5.55
C PRO Z 262 26.82 -87.52 -5.78
N ASP Z 263 27.63 -87.51 -4.73
CA ASP Z 263 29.05 -87.82 -4.89
C ASP Z 263 29.26 -89.28 -5.34
N LYS Z 264 28.47 -90.20 -4.78
CA LYS Z 264 28.65 -91.61 -5.10
C LYS Z 264 28.25 -91.91 -6.55
N ALA Z 265 27.07 -91.45 -6.96
CA ALA Z 265 26.59 -91.64 -8.32
C ALA Z 265 25.83 -90.39 -8.73
N SER Z 266 26.28 -89.75 -9.80
CA SER Z 266 25.67 -88.53 -10.30
C SER Z 266 24.68 -88.87 -11.40
N VAL Z 267 23.46 -88.35 -11.29
CA VAL Z 267 22.41 -88.57 -12.26
C VAL Z 267 21.97 -87.21 -12.82
N SER Z 268 21.89 -87.12 -14.14
CA SER Z 268 21.46 -85.89 -14.80
C SER Z 268 19.93 -85.80 -14.75
N ALA Z 269 19.39 -84.73 -15.33
CA ALA Z 269 17.93 -84.59 -15.40
C ALA Z 269 17.33 -85.65 -16.30
N ALA Z 270 18.04 -86.02 -17.37
CA ALA Z 270 17.55 -87.05 -18.28
C ALA Z 270 17.41 -88.40 -17.58
N GLY Z 271 18.38 -88.73 -16.72
CA GLY Z 271 18.32 -89.99 -16.00
C GLY Z 271 19.48 -90.92 -16.28
N LEU Z 272 20.63 -90.35 -16.64
CA LEU Z 272 21.84 -91.12 -16.85
C LEU Z 272 22.65 -91.14 -15.55
N VAL Z 273 22.93 -92.34 -15.06
CA VAL Z 273 23.61 -92.53 -13.77
C VAL Z 273 25.08 -92.85 -14.04
N THR Z 274 25.96 -91.97 -13.59
CA THR Z 274 27.40 -92.11 -13.79
C THR Z 274 28.05 -92.33 -12.44
N GLY Z 275 28.86 -93.38 -12.31
CA GLY Z 275 29.44 -93.72 -11.04
C GLY Z 275 30.74 -92.98 -10.74
N VAL Z 276 30.64 -91.90 -9.96
CA VAL Z 276 31.82 -91.14 -9.60
C VAL Z 276 32.68 -91.91 -8.61
N ALA Z 277 32.07 -92.50 -7.59
CA ALA Z 277 32.80 -93.22 -6.55
C ALA Z 277 31.98 -94.42 -6.10
N ALA Z 278 32.68 -95.41 -5.55
CA ALA Z 278 32.02 -96.61 -5.07
C ALA Z 278 31.09 -96.29 -3.92
N GLY Z 279 29.98 -97.01 -3.87
CA GLY Z 279 29.01 -96.84 -2.81
C GLY Z 279 27.61 -97.15 -3.31
N SER Z 280 26.67 -97.14 -2.37
CA SER Z 280 25.27 -97.42 -2.65
C SER Z 280 24.51 -96.11 -2.62
N ALA Z 281 23.92 -95.74 -3.75
CA ALA Z 281 23.14 -94.51 -3.88
C ALA Z 281 21.76 -94.83 -4.42
N THR Z 282 20.78 -94.04 -3.99
CA THR Z 282 19.39 -94.23 -4.37
C THR Z 282 18.99 -93.17 -5.37
N ILE Z 283 18.47 -93.59 -6.51
CA ILE Z 283 18.00 -92.69 -7.56
C ILE Z 283 16.48 -92.76 -7.57
N THR Z 284 15.85 -91.62 -7.30
CA THR Z 284 14.39 -91.55 -7.13
C THR Z 284 13.80 -90.65 -8.20
N ALA Z 285 12.86 -91.18 -8.98
CA ALA Z 285 12.18 -90.45 -10.03
C ALA Z 285 10.78 -90.06 -9.56
N THR Z 286 10.48 -88.77 -9.61
CA THR Z 286 9.22 -88.24 -9.10
C THR Z 286 8.45 -87.54 -10.21
N LYS Z 287 7.16 -87.83 -10.32
CA LYS Z 287 6.24 -87.12 -11.19
C LYS Z 287 4.93 -86.96 -10.45
N GLY Z 288 4.59 -85.73 -10.08
CA GLY Z 288 3.43 -85.52 -9.23
C GLY Z 288 3.64 -86.20 -7.89
N ALA Z 289 2.66 -87.01 -7.48
CA ALA Z 289 2.78 -87.81 -6.27
C ALA Z 289 3.40 -89.17 -6.52
N LEU Z 290 3.46 -89.61 -7.77
CA LEU Z 290 4.00 -90.93 -8.08
C LEU Z 290 5.53 -90.91 -7.97
N THR Z 291 6.09 -92.01 -7.48
CA THR Z 291 7.51 -92.08 -7.21
C THR Z 291 8.03 -93.46 -7.57
N ALA Z 292 9.17 -93.49 -8.27
CA ALA Z 292 9.89 -94.72 -8.59
C ALA Z 292 11.28 -94.63 -8.00
N THR Z 293 11.68 -95.68 -7.27
CA THR Z 293 12.96 -95.68 -6.56
C THR Z 293 13.86 -96.78 -7.11
N ALA Z 294 15.11 -96.43 -7.36
CA ALA Z 294 16.13 -97.37 -7.82
C ALA Z 294 17.39 -97.19 -7.00
N THR Z 295 18.09 -98.29 -6.77
CA THR Z 295 19.33 -98.31 -5.99
C THR Z 295 20.47 -98.79 -6.87
N VAL Z 296 21.60 -98.09 -6.81
CA VAL Z 296 22.76 -98.39 -7.63
C VAL Z 296 23.94 -98.68 -6.71
N THR Z 297 24.58 -99.83 -6.90
CA THR Z 297 25.78 -100.20 -6.16
C THR Z 297 26.98 -99.94 -7.06
N VAL Z 298 27.73 -98.88 -6.77
CA VAL Z 298 28.87 -98.51 -7.58
C VAL Z 298 30.10 -99.30 -7.14
N THR Z 299 30.83 -99.83 -8.11
CA THR Z 299 32.05 -100.58 -7.86
C THR Z 299 33.22 -99.92 -8.55
N ALA Z 300 34.41 -100.08 -7.97
CA ALA Z 300 35.62 -99.48 -8.52
C ALA Z 300 36.65 -100.55 -8.84
N THR AA 2 14.59 -82.06 -34.46
CA THR AA 2 14.11 -81.06 -35.41
C THR AA 2 12.83 -80.41 -34.93
N ASP AA 3 12.88 -79.11 -34.71
CA ASP AA 3 11.72 -78.37 -34.23
C ASP AA 3 10.76 -78.08 -35.38
N PHE AA 4 9.59 -77.55 -35.02
CA PHE AA 4 8.55 -77.26 -36.01
C PHE AA 4 9.02 -76.22 -37.01
N TYR AA 5 9.75 -75.20 -36.54
CA TYR AA 5 10.18 -74.12 -37.42
C TYR AA 5 11.10 -74.62 -38.51
N THR AA 6 12.04 -75.51 -38.18
CA THR AA 6 12.95 -76.03 -39.19
C THR AA 6 12.21 -76.90 -40.20
N ILE AA 7 11.23 -77.67 -39.74
CA ILE AA 7 10.44 -78.50 -40.65
C ILE AA 7 9.64 -77.62 -41.61
N LYS AA 8 9.08 -76.52 -41.10
CA LYS AA 8 8.27 -75.65 -41.95
C LYS AA 8 9.09 -75.06 -43.10
N ASP AA 9 10.33 -74.66 -42.82
CA ASP AA 9 11.26 -74.18 -43.85
C ASP AA 9 10.65 -73.06 -44.68
N ALA AA 10 10.02 -72.11 -44.01
CA ALA AA 10 9.35 -71.02 -44.70
C ALA AA 10 10.36 -70.03 -45.28
N GLN AA 11 10.15 -69.64 -46.53
CA GLN AA 11 10.98 -68.67 -47.22
C GLN AA 11 10.09 -67.51 -47.66
N ALA AA 12 10.08 -66.45 -46.85
CA ALA AA 12 9.25 -65.28 -47.18
C ALA AA 12 9.72 -64.60 -48.46
N ASP AA 13 11.01 -64.70 -48.78
CA ASP AA 13 11.53 -64.09 -49.99
C ASP AA 13 11.00 -64.75 -51.26
N LEU AA 14 10.46 -65.97 -51.16
CA LEU AA 14 9.89 -66.63 -52.33
C LEU AA 14 8.46 -66.19 -52.62
N ALA AA 15 7.86 -65.38 -51.77
CA ALA AA 15 6.57 -64.77 -52.08
C ALA AA 15 6.79 -63.55 -52.96
N ILE AA 16 6.17 -63.56 -54.14
CA ILE AA 16 6.41 -62.54 -55.16
C ILE AA 16 5.13 -61.74 -55.37
N ALA AA 17 5.24 -60.42 -55.27
CA ALA AA 17 4.11 -59.52 -55.44
C ALA AA 17 4.19 -58.85 -56.80
N PRO AA 18 3.17 -58.99 -57.64
CA PRO AA 18 3.17 -58.25 -58.93
C PRO AA 18 2.81 -56.78 -58.72
N LEU AA 19 3.81 -56.02 -58.26
CA LEU AA 19 3.59 -54.61 -57.94
C LEU AA 19 3.18 -53.82 -59.16
N ASN AA 20 3.80 -54.10 -60.30
CA ASN AA 20 3.37 -53.57 -61.57
C ASN AA 20 3.14 -54.72 -62.53
N LEU AA 21 2.23 -54.50 -63.48
CA LEU AA 21 1.82 -55.54 -64.40
C LEU AA 21 1.47 -54.91 -65.73
N THR AA 22 1.81 -55.61 -66.81
CA THR AA 22 1.47 -55.15 -68.15
C THR AA 22 1.02 -56.34 -68.99
N VAL AA 23 0.09 -56.07 -69.89
CA VAL AA 23 -0.45 -57.08 -70.80
C VAL AA 23 -0.07 -56.68 -72.22
N LEU AA 24 0.61 -57.59 -72.92
CA LEU AA 24 1.04 -57.33 -74.29
C LEU AA 24 0.37 -58.32 -75.22
N LEU AA 25 -0.17 -57.83 -76.31
CA LEU AA 25 -0.82 -58.64 -77.33
C LEU AA 25 -0.09 -58.47 -78.64
N ALA AA 26 -0.05 -59.53 -79.43
CA ALA AA 26 0.54 -59.53 -80.75
C ALA AA 26 -0.39 -60.22 -81.73
N PRO AA 27 -0.35 -59.84 -83.00
CA PRO AA 27 -1.13 -60.57 -84.01
C PRO AA 27 -0.65 -62.00 -84.12
N TYR AA 28 -1.55 -62.88 -84.57
CA TYR AA 28 -1.23 -64.29 -84.63
C TYR AA 28 -0.06 -64.59 -85.57
N SER AA 29 0.21 -63.71 -86.52
CA SER AA 29 1.35 -63.90 -87.41
C SER AA 29 2.69 -63.67 -86.73
N THR AA 30 2.70 -63.05 -85.56
CA THR AA 30 3.94 -62.80 -84.83
C THR AA 30 4.57 -64.12 -84.37
N THR AA 31 5.90 -64.15 -84.36
CA THR AA 31 6.61 -65.30 -83.81
C THR AA 31 6.42 -65.32 -82.29
N PRO AA 32 5.93 -66.42 -81.72
CA PRO AA 32 5.65 -66.43 -80.28
C PRO AA 32 6.91 -66.28 -79.44
N ALA AA 33 6.75 -65.59 -78.32
CA ALA AA 33 7.84 -65.48 -77.36
C ALA AA 33 8.07 -66.83 -76.69
N THR AA 34 9.33 -67.21 -76.55
CA THR AA 34 9.70 -68.40 -75.80
C THR AA 34 10.22 -68.08 -74.41
N THR AA 35 10.81 -66.90 -74.23
CA THR AA 35 11.28 -66.44 -72.93
C THR AA 35 11.37 -64.92 -73.00
N LEU AA 36 11.28 -64.29 -71.83
CA LEU AA 36 11.39 -62.84 -71.73
C LEU AA 36 12.78 -62.38 -71.29
N GLU AA 37 13.72 -63.30 -71.14
CA GLU AA 37 15.06 -62.98 -70.67
C GLU AA 37 15.98 -62.78 -71.87
N SER AA 38 16.67 -61.65 -71.88
CA SER AA 38 17.58 -61.36 -72.99
C SER AA 38 18.77 -62.31 -72.95
N PRO AA 39 19.17 -62.88 -74.09
CA PRO AA 39 20.34 -63.78 -74.09
C PRO AA 39 21.67 -63.05 -73.88
N THR AA 40 21.68 -61.72 -73.90
CA THR AA 40 22.92 -60.97 -73.77
C THR AA 40 23.25 -60.65 -72.31
N ASP AA 41 22.35 -59.96 -71.61
CA ASP AA 41 22.57 -59.59 -70.23
C ASP AA 41 21.47 -60.05 -69.28
N GLY AA 42 20.48 -60.77 -69.76
CA GLY AA 42 19.39 -61.24 -68.93
C GLY AA 42 18.30 -60.23 -68.65
N SER AA 43 18.35 -59.06 -69.26
CA SER AA 43 17.33 -58.04 -69.03
C SER AA 43 16.03 -58.44 -69.73
N LEU AA 44 14.96 -57.74 -69.36
CA LEU AA 44 13.66 -57.99 -69.96
C LEU AA 44 13.69 -57.63 -71.45
N ALA AA 45 13.25 -58.55 -72.29
CA ALA AA 45 13.29 -58.36 -73.74
C ALA AA 45 11.98 -58.86 -74.32
N ILE AA 46 11.15 -57.94 -74.80
CA ILE AA 46 9.88 -58.28 -75.43
C ILE AA 46 10.12 -58.46 -76.93
N PRO AA 47 9.68 -59.57 -77.52
CA PRO AA 47 9.87 -59.74 -78.96
C PRO AA 47 9.08 -58.70 -79.73
N PRO AA 48 9.55 -58.34 -80.93
CA PRO AA 48 8.80 -57.37 -81.74
C PRO AA 48 7.43 -57.92 -82.12
N GLY AA 49 6.47 -57.00 -82.23
CA GLY AA 49 5.10 -57.33 -82.55
C GLY AA 49 4.17 -57.35 -81.35
N TYR AA 50 4.72 -57.52 -80.15
CA TYR AA 50 3.92 -57.47 -78.94
C TYR AA 50 3.74 -56.02 -78.50
N LYS AA 51 2.49 -55.60 -78.36
CA LYS AA 51 2.18 -54.23 -77.96
C LYS AA 51 1.36 -54.25 -76.68
N SER AA 52 1.74 -53.41 -75.73
CA SER AA 52 1.01 -53.30 -74.48
C SER AA 52 -0.37 -52.70 -74.70
N VAL AA 53 -1.35 -53.17 -73.93
CA VAL AA 53 -2.68 -52.58 -73.96
C VAL AA 53 -2.78 -51.32 -73.10
N GLY AA 54 -1.75 -51.02 -72.32
CA GLY AA 54 -1.74 -49.83 -71.50
C GLY AA 54 -2.31 -50.02 -70.10
N HIS AA 55 -2.81 -48.95 -69.52
CA HIS AA 55 -3.33 -48.99 -68.16
C HIS AA 55 -4.58 -49.85 -68.07
N PHE AA 56 -4.73 -50.56 -66.96
CA PHE AA 56 -5.95 -51.28 -66.67
C PHE AA 56 -6.34 -51.04 -65.22
N GLU AA 57 -7.60 -51.37 -64.91
CA GLU AA 57 -8.19 -51.04 -63.62
C GLU AA 57 -7.44 -51.70 -62.47
N LYS AA 58 -7.14 -50.91 -61.44
CA LYS AA 58 -6.37 -51.41 -60.31
C LYS AA 58 -7.18 -52.37 -59.45
N GLN AA 59 -8.42 -51.99 -59.11
CA GLN AA 59 -9.21 -52.77 -58.17
C GLN AA 59 -9.55 -54.14 -58.72
N ALA AA 60 -9.95 -54.20 -59.99
CA ALA AA 60 -10.22 -55.50 -60.61
C ALA AA 60 -8.95 -56.34 -60.71
N GLY AA 61 -7.81 -55.70 -60.95
CA GLY AA 61 -6.58 -56.45 -61.13
C GLY AA 61 -6.67 -57.33 -62.36
N LEU AA 62 -5.98 -58.46 -62.29
CA LEU AA 62 -6.03 -59.47 -63.34
C LEU AA 62 -6.32 -60.82 -62.69
N THR AA 63 -7.32 -61.52 -63.20
CA THR AA 63 -7.72 -62.81 -62.67
C THR AA 63 -7.36 -63.89 -63.67
N LEU AA 64 -6.61 -64.88 -63.22
CA LEU AA 64 -6.26 -66.04 -64.02
C LEU AA 64 -7.09 -67.23 -63.56
N GLY AA 65 -7.81 -67.84 -64.50
CA GLY AA 65 -8.68 -68.96 -64.19
C GLY AA 65 -8.16 -70.24 -64.81
N ASN AA 66 -8.35 -71.35 -64.10
CA ASN AA 66 -7.97 -72.68 -64.58
C ASN AA 66 -9.10 -73.63 -64.29
N GLU AA 67 -9.51 -74.41 -65.29
CA GLU AA 67 -10.57 -75.38 -65.15
C GLU AA 67 -10.12 -76.70 -65.78
N PHE AA 68 -10.38 -77.80 -65.08
CA PHE AA 68 -10.12 -79.14 -65.60
C PHE AA 68 -11.43 -79.83 -65.92
N ASP AA 69 -11.51 -80.41 -67.12
CA ASP AA 69 -12.60 -81.30 -67.49
C ASP AA 69 -12.07 -82.72 -67.60
N SER AA 70 -12.72 -83.65 -66.91
CA SER AA 70 -12.21 -85.01 -66.81
C SER AA 70 -13.37 -85.97 -66.66
N LYS AA 71 -13.11 -87.23 -67.00
CA LYS AA 71 -14.09 -88.29 -66.88
C LYS AA 71 -13.49 -89.44 -66.09
N ASP AA 72 -14.26 -89.96 -65.14
CA ASP AA 72 -13.82 -91.03 -64.27
C ASP AA 72 -14.31 -92.38 -64.81
N ILE AA 73 -13.40 -93.32 -64.93
CA ILE AA 73 -13.75 -94.68 -65.34
C ILE AA 73 -14.06 -95.49 -64.08
N GLU AA 74 -15.31 -95.90 -63.94
CA GLU AA 74 -15.79 -96.56 -62.73
C GLU AA 74 -15.91 -98.05 -62.99
N ALA AA 75 -15.33 -98.86 -62.11
CA ALA AA 75 -15.40 -100.30 -62.18
C ALA AA 75 -16.25 -100.83 -61.03
N TYR AA 76 -16.83 -102.00 -61.24
CA TYR AA 76 -17.64 -102.64 -60.21
C TYR AA 76 -16.79 -102.92 -58.97
N GLY AA 77 -17.32 -102.57 -57.81
CA GLY AA 77 -16.66 -102.85 -56.55
C GLY AA 77 -15.53 -101.93 -56.18
N GLU AA 78 -15.27 -100.90 -56.97
CA GLU AA 78 -14.20 -99.96 -56.68
C GLU AA 78 -14.80 -98.61 -56.28
N PRO AA 79 -14.67 -98.20 -55.02
CA PRO AA 79 -15.23 -96.89 -54.62
C PRO AA 79 -14.62 -95.73 -55.38
N GLU AA 80 -13.34 -95.79 -55.71
CA GLU AA 80 -12.65 -94.74 -56.43
C GLU AA 80 -12.44 -95.15 -57.88
N PRO AA 81 -12.33 -94.19 -58.80
CA PRO AA 81 -12.13 -94.54 -60.21
C PRO AA 81 -10.85 -95.31 -60.42
N ILE AA 82 -10.90 -96.29 -61.33
CA ILE AA 82 -9.69 -97.02 -61.69
C ILE AA 82 -8.85 -96.24 -62.68
N ARG AA 83 -9.42 -95.24 -63.35
CA ARG AA 83 -8.67 -94.39 -64.26
C ARG AA 83 -9.42 -93.08 -64.44
N THR AA 84 -8.70 -91.97 -64.37
CA THR AA 84 -9.26 -90.65 -64.63
C THR AA 84 -8.63 -90.10 -65.91
N ILE AA 85 -9.47 -89.75 -66.86
CA ILE AA 85 -9.04 -89.20 -68.14
C ILE AA 85 -9.32 -87.71 -68.12
N ILE AA 86 -8.27 -86.91 -68.12
CA ILE AA 86 -8.40 -85.45 -68.14
C ILE AA 86 -8.32 -84.99 -69.58
N ASN AA 87 -9.39 -84.39 -70.07
CA ASN AA 87 -9.43 -83.96 -71.47
C ASN AA 87 -8.49 -82.79 -71.72
N LYS AA 88 -8.55 -81.77 -70.87
CA LYS AA 88 -7.73 -80.57 -71.06
C LYS AA 88 -7.79 -79.71 -69.81
N ARG AA 89 -7.01 -78.64 -69.82
CA ARG AA 89 -7.00 -77.64 -68.77
C ARG AA 89 -7.27 -76.28 -69.42
N THR AA 90 -8.42 -75.68 -69.10
CA THR AA 90 -8.83 -74.43 -69.71
C THR AA 90 -8.32 -73.26 -68.88
N THR AA 91 -7.49 -72.42 -69.48
CA THR AA 91 -6.94 -71.25 -68.83
C THR AA 91 -7.57 -69.99 -69.41
N THR AA 92 -8.02 -69.10 -68.53
CA THR AA 92 -8.61 -67.83 -68.93
C THR AA 92 -8.00 -66.72 -68.10
N PHE AA 93 -8.07 -65.49 -68.63
CA PHE AA 93 -7.67 -64.33 -67.86
C PHE AA 93 -8.50 -63.13 -68.31
N ASP AA 94 -8.89 -62.31 -67.34
CA ASP AA 94 -9.70 -61.13 -67.60
C ASP AA 94 -9.14 -59.94 -66.84
N PHE AA 95 -9.39 -58.75 -67.38
CA PHE AA 95 -8.88 -57.49 -66.86
C PHE AA 95 -9.67 -56.37 -67.52
N ALA AA 96 -9.62 -55.19 -66.90
CA ALA AA 96 -10.44 -54.05 -67.32
C ALA AA 96 -9.54 -52.97 -67.91
N MET AA 97 -9.51 -52.87 -69.24
CA MET AA 97 -8.62 -51.94 -69.92
C MET AA 97 -9.21 -50.53 -69.98
N TYR AA 98 -8.33 -49.55 -69.83
CA TYR AA 98 -8.68 -48.14 -69.81
C TYR AA 98 -8.50 -47.43 -71.15
N GLN AA 99 -7.49 -47.79 -71.93
CA GLN AA 99 -7.02 -46.97 -73.03
C GLN AA 99 -7.76 -47.30 -74.32
N ASN AA 100 -8.25 -46.26 -74.99
CA ASN AA 100 -8.97 -46.42 -76.25
C ASN AA 100 -7.97 -46.44 -77.41
N GLN AA 101 -7.17 -47.51 -77.42
CA GLN AA 101 -6.17 -47.74 -78.45
C GLN AA 101 -6.73 -48.64 -79.53
N ARG AA 102 -6.01 -48.70 -80.66
CA ARG AA 102 -6.46 -49.53 -81.77
C ARG AA 102 -6.46 -51.00 -81.41
N ASN AA 103 -5.42 -51.47 -80.71
CA ASN AA 103 -5.35 -52.90 -80.40
C ASN AA 103 -6.44 -53.32 -79.42
N VAL AA 104 -6.74 -52.48 -78.43
CA VAL AA 104 -7.81 -52.78 -77.47
C VAL AA 104 -9.15 -52.84 -78.20
N LEU AA 105 -9.44 -51.83 -79.02
CA LEU AA 105 -10.72 -51.78 -79.72
C LEU AA 105 -10.83 -52.90 -80.74
N GLU AA 106 -9.73 -53.27 -81.37
CA GLU AA 106 -9.72 -54.43 -82.26
C GLU AA 106 -10.05 -55.70 -81.50
N LEU AA 107 -9.50 -55.84 -80.29
CA LEU AA 107 -9.79 -57.01 -79.48
C LEU AA 107 -11.27 -57.08 -79.11
N ILE AA 108 -11.83 -55.97 -78.61
CA ILE AA 108 -13.20 -56.02 -78.12
C ILE AA 108 -14.19 -56.22 -79.27
N TRP AA 109 -13.92 -55.66 -80.45
CA TRP AA 109 -14.86 -55.72 -81.56
C TRP AA 109 -14.60 -56.88 -82.51
N THR AA 110 -13.59 -57.70 -82.25
CA THR AA 110 -13.24 -58.87 -83.08
C THR AA 110 -13.11 -58.46 -84.55
N GLN AA 111 -12.30 -57.44 -84.78
CA GLN AA 111 -12.13 -56.90 -86.12
C GLN AA 111 -10.72 -56.35 -86.25
N ASP AA 112 -10.22 -56.35 -87.48
CA ASP AA 112 -8.96 -55.68 -87.80
C ASP AA 112 -9.26 -54.26 -88.26
N PHE AA 113 -8.70 -53.28 -87.56
CA PHE AA 113 -8.92 -51.86 -87.84
C PHE AA 113 -7.69 -51.18 -88.42
N SER AA 114 -6.76 -51.94 -88.99
CA SER AA 114 -5.56 -51.34 -89.57
C SER AA 114 -5.87 -50.53 -90.81
N ASN AA 115 -6.95 -50.82 -91.51
CA ASN AA 115 -7.35 -50.08 -92.69
C ASN AA 115 -8.22 -48.86 -92.36
N ILE AA 116 -8.53 -48.63 -91.09
CA ILE AA 116 -9.32 -47.49 -90.71
C ILE AA 116 -8.49 -46.23 -90.87
N GLN AA 117 -9.00 -45.28 -91.65
CA GLN AA 117 -8.32 -44.01 -91.85
C GLN AA 117 -9.05 -42.90 -91.13
N PRO AA 118 -8.34 -42.10 -90.33
CA PRO AA 118 -8.98 -40.97 -89.66
C PRO AA 118 -9.52 -39.99 -90.69
N SER AA 119 -10.63 -39.34 -90.34
CA SER AA 119 -11.25 -38.38 -91.22
C SER AA 119 -10.38 -37.12 -91.31
N GLU AA 120 -10.86 -36.13 -92.07
CA GLU AA 120 -10.08 -34.92 -92.27
C GLU AA 120 -9.77 -34.23 -90.96
N PHE AA 121 -10.69 -34.31 -89.99
CA PHE AA 121 -10.50 -33.71 -88.68
C PHE AA 121 -10.08 -34.73 -87.63
N GLY AA 122 -9.68 -35.93 -88.04
CA GLY AA 122 -9.18 -36.93 -87.13
C GLY AA 122 -10.20 -37.93 -86.62
N GLY AA 123 -11.48 -37.73 -86.91
CA GLY AA 123 -12.49 -38.63 -86.41
C GLY AA 123 -12.43 -39.99 -87.06
N ILE AA 124 -12.75 -41.02 -86.27
CA ILE AA 124 -12.78 -42.39 -86.75
C ILE AA 124 -14.11 -43.01 -86.36
N VAL AA 125 -14.57 -43.95 -87.18
CA VAL AA 125 -15.76 -44.74 -86.90
C VAL AA 125 -15.41 -46.20 -87.06
N LEU AA 126 -15.65 -47.00 -86.02
CA LEU AA 126 -15.32 -48.41 -86.01
C LEU AA 126 -16.62 -49.20 -86.02
N GLU AA 127 -16.90 -49.86 -87.14
CA GLU AA 127 -18.11 -50.65 -87.29
C GLU AA 127 -17.84 -52.08 -86.84
N ALA AA 128 -18.77 -52.63 -86.06
CA ALA AA 128 -18.68 -54.03 -85.70
C ALA AA 128 -18.91 -54.90 -86.92
N PRO AA 129 -18.20 -56.01 -87.05
CA PRO AA 129 -18.40 -56.89 -88.22
C PRO AA 129 -19.78 -57.52 -88.21
N LYS AA 130 -20.24 -57.88 -89.42
CA LYS AA 130 -21.58 -58.46 -89.56
C LYS AA 130 -21.72 -59.72 -88.71
N VAL AA 131 -20.70 -60.58 -88.71
CA VAL AA 131 -20.62 -61.69 -87.77
C VAL AA 131 -19.31 -61.54 -87.01
N PRO AA 132 -19.27 -61.87 -85.71
CA PRO AA 132 -18.00 -61.80 -84.98
C PRO AA 132 -16.99 -62.76 -85.58
N LYS AA 133 -15.73 -62.32 -85.58
CA LYS AA 133 -14.64 -63.07 -86.17
C LYS AA 133 -13.86 -63.82 -85.09
N ASN AA 134 -13.36 -65.00 -85.46
CA ASN AA 134 -12.50 -65.79 -84.58
C ASN AA 134 -11.06 -65.34 -84.81
N ILE AA 135 -10.59 -64.42 -83.98
CA ILE AA 135 -9.26 -63.84 -84.11
C ILE AA 135 -8.42 -64.32 -82.93
N TYR AA 136 -7.22 -64.81 -83.22
CA TYR AA 136 -6.31 -65.26 -82.20
C TYR AA 136 -5.17 -64.27 -82.04
N TYR AA 137 -4.68 -64.15 -80.81
CA TYR AA 137 -3.57 -63.26 -80.49
C TYR AA 137 -2.53 -64.04 -79.69
N ARG AA 138 -1.33 -63.51 -79.68
CA ARG AA 138 -0.28 -63.97 -78.78
C ARG AA 138 -0.19 -63.00 -77.60
N ALA AA 139 -0.18 -63.55 -76.40
CA ALA AA 139 -0.29 -62.75 -75.20
C ALA AA 139 0.90 -62.97 -74.29
N ILE AA 140 1.36 -61.89 -73.66
CA ILE AA 140 2.36 -61.94 -72.60
C ILE AA 140 1.81 -61.17 -71.42
N LEU AA 141 1.75 -61.83 -70.27
CA LEU AA 141 1.36 -61.20 -69.01
C LEU AA 141 2.60 -61.17 -68.13
N VAL AA 142 3.26 -60.04 -68.04
CA VAL AA 142 4.51 -59.93 -67.30
C VAL AA 142 4.33 -58.93 -66.16
N GLY AA 143 4.70 -59.35 -64.95
CA GLY AA 143 4.66 -58.50 -63.79
C GLY AA 143 6.04 -58.28 -63.20
N MET AA 144 6.19 -57.24 -62.40
CA MET AA 144 7.48 -56.90 -61.80
C MET AA 144 7.32 -56.77 -60.30
N ASP AA 145 8.21 -57.44 -59.57
CA ASP AA 145 8.36 -57.26 -58.13
C ASP AA 145 9.70 -56.56 -57.91
N ASP AA 146 9.66 -55.23 -57.80
CA ASP AA 146 10.86 -54.42 -57.65
C ASP AA 146 11.17 -54.30 -56.17
N ARG AA 147 11.99 -55.22 -55.65
CA ARG AA 147 12.36 -55.24 -54.25
C ARG AA 147 13.87 -55.06 -54.12
N ASN AA 148 14.27 -54.10 -53.28
CA ASN AA 148 15.68 -53.84 -52.98
C ASN AA 148 16.50 -53.61 -54.24
N ASP AA 149 15.89 -52.96 -55.23
CA ASP AA 149 16.51 -52.60 -56.51
C ASP AA 149 16.94 -53.80 -57.33
N ARG AA 150 16.52 -55.01 -56.97
CA ARG AA 150 16.78 -56.21 -57.77
C ARG AA 150 15.46 -56.82 -58.19
N PRO AA 151 14.92 -56.44 -59.35
CA PRO AA 151 13.56 -56.85 -59.70
C PRO AA 151 13.44 -58.32 -60.03
N ILE AA 152 12.23 -58.85 -59.83
CA ILE AA 152 11.84 -60.16 -60.31
C ILE AA 152 10.75 -59.97 -61.34
N TRP AA 153 10.92 -60.59 -62.51
CA TRP AA 153 9.92 -60.56 -63.55
C TRP AA 153 9.22 -61.91 -63.59
N LEU AA 154 7.99 -61.95 -63.11
CA LEU AA 154 7.13 -63.12 -63.23
C LEU AA 154 6.21 -62.89 -64.42
N TYR AA 155 6.08 -63.91 -65.27
CA TYR AA 155 5.31 -63.71 -66.48
C TYR AA 155 4.61 -65.00 -66.90
N TRP AA 156 3.61 -64.83 -67.75
CA TRP AA 156 2.87 -65.92 -68.35
C TRP AA 156 2.90 -65.74 -69.86
N LEU AA 157 3.18 -66.82 -70.57
CA LEU AA 157 3.18 -66.82 -72.03
C LEU AA 157 2.01 -67.62 -72.54
N MET AA 158 1.16 -67.00 -73.35
CA MET AA 158 -0.01 -67.65 -73.92
C MET AA 158 -0.01 -67.38 -75.42
N PRO AA 159 0.60 -68.26 -76.21
CA PRO AA 159 0.80 -67.98 -77.64
C PRO AA 159 -0.47 -67.91 -78.45
N LYS AA 160 -1.60 -68.43 -77.96
CA LYS AA 160 -2.84 -68.47 -78.75
C LYS AA 160 -4.03 -68.18 -77.84
N VAL AA 161 -4.40 -66.90 -77.76
CA VAL AA 161 -5.55 -66.48 -76.96
C VAL AA 161 -6.61 -65.93 -77.89
N LYS AA 162 -7.87 -66.07 -77.46
CA LYS AA 162 -9.00 -65.59 -78.23
C LYS AA 162 -9.99 -64.93 -77.27
N LEU AA 163 -10.69 -63.91 -77.76
CA LEU AA 163 -11.73 -63.29 -76.95
C LEU AA 163 -12.85 -64.29 -76.68
N ASP AA 164 -13.20 -64.43 -75.42
CA ASP AA 164 -14.21 -65.40 -74.99
C ASP AA 164 -15.46 -64.75 -74.43
N LYS AA 165 -15.32 -63.64 -73.71
CA LYS AA 165 -16.44 -63.02 -73.03
C LYS AA 165 -16.13 -61.54 -72.86
N LEU AA 166 -17.21 -60.74 -72.85
CA LEU AA 166 -17.10 -59.30 -72.64
C LEU AA 166 -18.08 -58.89 -71.55
N ASP AA 167 -17.58 -58.28 -70.49
CA ASP AA 167 -18.44 -57.86 -69.40
C ASP AA 167 -19.27 -56.64 -69.80
N ASN AA 168 -20.33 -56.40 -69.03
CA ASN AA 168 -21.17 -55.24 -69.26
C ASN AA 168 -20.37 -53.96 -69.07
N GLN AA 169 -20.54 -53.03 -69.99
CA GLN AA 169 -19.83 -51.76 -69.98
C GLN AA 169 -20.79 -50.68 -69.46
N THR AA 170 -20.50 -50.16 -68.27
CA THR AA 170 -21.34 -49.15 -67.64
C THR AA 170 -20.68 -47.79 -67.79
N LEU AA 171 -21.45 -46.83 -68.32
CA LEU AA 171 -20.99 -45.46 -68.48
C LEU AA 171 -21.47 -44.64 -67.29
N ASN AA 172 -20.54 -44.03 -66.58
CA ASN AA 172 -20.84 -43.16 -65.45
C ASN AA 172 -20.16 -41.82 -65.67
N ASP AA 173 -20.78 -40.75 -65.17
CA ASP AA 173 -20.23 -39.41 -65.39
C ASP AA 173 -19.05 -39.10 -64.48
N ASP AA 174 -18.66 -40.03 -63.60
CA ASP AA 174 -17.51 -39.84 -62.73
C ASP AA 174 -16.46 -40.93 -62.92
N ASN AA 175 -16.52 -41.68 -64.01
CA ASN AA 175 -15.57 -42.75 -64.27
C ASN AA 175 -15.20 -42.75 -65.75
N VAL AA 176 -14.02 -43.28 -66.05
CA VAL AA 176 -13.62 -43.47 -67.44
C VAL AA 176 -14.26 -44.75 -67.95
N ILE AA 177 -14.30 -44.91 -69.26
CA ILE AA 177 -14.90 -46.09 -69.86
C ILE AA 177 -13.90 -47.24 -69.80
N GLU AA 178 -14.39 -48.41 -69.39
CA GLU AA 178 -13.56 -49.60 -69.24
C GLU AA 178 -14.00 -50.69 -70.21
N TYR AA 179 -13.04 -51.46 -70.69
CA TYR AA 179 -13.30 -52.63 -71.50
C TYR AA 179 -12.83 -53.85 -70.71
N LYS AA 180 -13.72 -54.83 -70.51
CA LYS AA 180 -13.48 -55.95 -69.61
C LYS AA 180 -13.63 -57.25 -70.39
N PRO AA 181 -12.62 -57.63 -71.16
CA PRO AA 181 -12.69 -58.90 -71.89
C PRO AA 181 -12.21 -60.06 -71.04
N THR AA 182 -12.72 -61.25 -71.34
CA THR AA 182 -12.19 -62.49 -70.84
C THR AA 182 -11.55 -63.21 -72.02
N LEU AA 183 -10.26 -63.53 -71.89
CA LEU AA 183 -9.51 -64.18 -72.94
C LEU AA 183 -9.22 -65.63 -72.55
N LYS AA 184 -9.44 -66.53 -73.50
CA LYS AA 184 -9.20 -67.95 -73.28
C LYS AA 184 -7.95 -68.37 -74.05
N ALA AA 185 -7.04 -69.06 -73.37
CA ALA AA 185 -5.81 -69.53 -73.97
C ALA AA 185 -6.05 -70.87 -74.66
N PHE AA 186 -5.48 -71.01 -75.85
CA PHE AA 186 -5.57 -72.24 -76.62
C PHE AA 186 -4.18 -72.79 -76.86
N ARG AA 187 -4.11 -74.10 -77.08
CA ARG AA 187 -2.82 -74.73 -77.35
C ARG AA 187 -2.33 -74.35 -78.73
N ASP AA 188 -1.10 -73.85 -78.80
CA ASP AA 188 -0.44 -73.57 -80.06
C ASP AA 188 0.41 -74.76 -80.45
N ASP AA 189 0.20 -75.30 -81.65
CA ASP AA 189 0.85 -76.53 -82.04
C ASP AA 189 2.36 -76.37 -82.20
N VAL AA 190 2.79 -75.24 -82.75
CA VAL AA 190 4.21 -75.06 -83.06
C VAL AA 190 5.04 -75.00 -81.77
N VAL AA 191 4.62 -74.18 -80.81
CA VAL AA 191 5.36 -74.09 -79.55
C VAL AA 191 4.95 -75.18 -78.56
N GLY AA 192 3.84 -75.86 -78.80
CA GLY AA 192 3.51 -77.05 -78.04
C GLY AA 192 2.97 -76.82 -76.65
N TYR AA 193 2.41 -75.64 -76.36
CA TYR AA 193 1.79 -75.39 -75.08
C TYR AA 193 0.78 -74.27 -75.22
N SER AA 194 -0.14 -74.20 -74.27
CA SER AA 194 -1.10 -73.11 -74.20
C SER AA 194 -0.70 -72.04 -73.21
N VAL AA 195 -0.12 -72.41 -72.07
CA VAL AA 195 0.28 -71.47 -71.03
C VAL AA 195 1.65 -71.88 -70.51
N ALA AA 196 2.52 -70.90 -70.31
CA ALA AA 196 3.80 -71.11 -69.66
C ALA AA 196 4.01 -70.03 -68.61
N GLN AA 197 4.60 -70.39 -67.49
CA GLN AA 197 4.92 -69.45 -66.43
C GLN AA 197 6.43 -69.27 -66.36
N GLY AA 198 6.88 -68.03 -66.27
CA GLY AA 198 8.29 -67.73 -66.27
C GLY AA 198 8.70 -66.84 -65.12
N PHE AA 199 9.96 -66.99 -64.72
CA PHE AA 199 10.58 -66.16 -63.69
C PHE AA 199 11.93 -65.71 -64.19
N ALA AA 200 12.25 -64.45 -64.00
CA ALA AA 200 13.51 -63.89 -64.50
C ALA AA 200 13.86 -62.65 -63.68
N GLY AA 201 15.04 -62.11 -63.96
CA GLY AA 201 15.54 -60.95 -63.26
C GLY AA 201 16.60 -61.29 -62.24
N PRO AA 202 17.41 -60.30 -61.86
CA PRO AA 202 18.44 -60.55 -60.84
C PRO AA 202 17.88 -60.98 -59.50
N GLY AA 203 16.73 -60.40 -59.10
CA GLY AA 203 16.08 -60.82 -57.88
C GLY AA 203 15.67 -62.28 -57.92
N TRP AA 204 15.26 -62.76 -59.09
CA TRP AA 204 14.97 -64.18 -59.23
C TRP AA 204 16.26 -65.00 -59.18
N ARG AA 205 17.31 -64.53 -59.85
CA ARG AA 205 18.58 -65.24 -59.84
C ARG AA 205 19.09 -65.44 -58.42
N ASP AA 206 18.82 -64.49 -57.53
CA ASP AA 206 19.19 -64.67 -56.13
C ASP AA 206 18.39 -65.80 -55.47
N LEU AA 207 17.28 -66.21 -56.07
CA LEU AA 207 16.37 -67.16 -55.43
C LEU AA 207 16.23 -68.50 -56.15
N VAL AA 208 16.87 -68.69 -57.31
CA VAL AA 208 16.59 -69.86 -58.12
C VAL AA 208 16.93 -71.14 -57.36
N ALA AA 209 18.08 -71.17 -56.71
CA ALA AA 209 18.46 -72.35 -55.93
C ALA AA 209 17.53 -72.55 -54.74
N THR AA 210 17.13 -71.47 -54.07
CA THR AA 210 16.17 -71.57 -52.98
C THR AA 210 14.83 -72.09 -53.47
N ALA AA 211 14.39 -71.66 -54.65
CA ALA AA 211 13.13 -72.12 -55.21
C ALA AA 211 13.16 -73.58 -55.64
N GLY AA 212 14.33 -74.22 -55.64
CA GLY AA 212 14.41 -75.63 -55.93
C GLY AA 212 14.67 -75.98 -57.37
N PHE AA 213 15.10 -75.03 -58.19
CA PHE AA 213 15.41 -75.27 -59.59
C PHE AA 213 16.92 -75.30 -59.78
N GLY AA 214 17.43 -76.36 -60.39
CA GLY AA 214 18.87 -76.51 -60.52
C GLY AA 214 19.51 -76.89 -59.19
N GLU AA 215 20.79 -76.58 -59.08
CA GLU AA 215 21.58 -76.84 -57.89
C GLU AA 215 22.04 -75.54 -57.27
N ALA AA 216 22.41 -75.62 -55.99
CA ALA AA 216 22.86 -74.44 -55.26
C ALA AA 216 24.26 -74.03 -55.71
N LEU AA 217 24.55 -72.75 -55.54
CA LEU AA 217 25.84 -72.19 -55.92
C LEU AA 217 26.86 -72.43 -54.81
N THR AA 218 28.01 -73.01 -55.16
CA THR AA 218 29.08 -73.24 -54.20
C THR AA 218 30.43 -72.71 -54.64
N ALA AA 219 30.71 -72.63 -55.94
CA ALA AA 219 32.02 -72.22 -56.43
C ALA AA 219 31.86 -71.21 -57.55
N LEU AA 220 32.74 -70.22 -57.55
CA LEU AA 220 32.77 -69.18 -58.59
C LEU AA 220 33.98 -69.40 -59.47
N THR AA 221 33.75 -69.52 -60.78
CA THR AA 221 34.80 -69.80 -61.74
C THR AA 221 34.91 -68.66 -62.72
N ILE AA 222 36.12 -68.15 -62.91
CA ILE AA 222 36.40 -67.16 -63.94
C ILE AA 222 36.89 -67.91 -65.18
N THR AA 223 36.09 -67.86 -66.25
CA THR AA 223 36.43 -68.60 -67.47
C THR AA 223 37.70 -68.06 -68.12
N PRO AA 224 37.89 -66.72 -68.25
CA PRO AA 224 39.21 -66.30 -68.74
C PRO AA 224 40.21 -66.16 -67.58
N GLY AA 225 40.67 -67.32 -67.09
CA GLY AA 225 41.56 -67.31 -65.95
C GLY AA 225 42.90 -66.68 -66.23
N SER AA 226 43.42 -66.87 -67.45
CA SER AA 226 44.73 -66.33 -67.85
C SER AA 226 44.59 -65.60 -69.18
N PRO AA 227 44.08 -64.37 -69.15
CA PRO AA 227 44.03 -63.56 -70.38
C PRO AA 227 45.26 -62.67 -70.49
N THR AA 228 45.45 -62.13 -71.69
CA THR AA 228 46.53 -61.18 -71.96
C THR AA 228 45.96 -60.02 -72.77
N VAL AA 229 46.20 -58.80 -72.29
CA VAL AA 229 45.70 -57.59 -72.93
C VAL AA 229 46.87 -56.72 -73.32
N THR AA 230 46.87 -56.24 -74.56
CA THR AA 230 47.95 -55.39 -75.05
C THR AA 230 47.76 -53.97 -74.53
N VAL AA 231 48.88 -53.33 -74.19
CA VAL AA 231 48.84 -51.94 -73.73
C VAL AA 231 48.32 -51.03 -74.84
N ALA AA 232 48.75 -51.27 -76.07
CA ALA AA 232 48.29 -50.47 -77.20
C ALA AA 232 46.80 -50.69 -77.44
N THR AA 233 46.14 -49.62 -77.89
CA THR AA 233 44.71 -49.67 -78.18
C THR AA 233 44.46 -50.54 -79.39
N GLY AA 234 43.40 -51.34 -79.33
CA GLY AA 234 43.07 -52.23 -80.43
C GLY AA 234 41.91 -53.12 -80.06
N ALA AA 235 41.64 -54.08 -80.95
CA ALA AA 235 40.55 -55.02 -80.73
C ALA AA 235 40.83 -55.91 -79.52
N SER AA 236 42.07 -56.37 -79.39
CA SER AA 236 42.48 -57.22 -78.27
C SER AA 236 43.09 -56.43 -77.13
N HIS AA 237 42.87 -55.12 -77.08
CA HIS AA 237 43.43 -54.30 -76.03
C HIS AA 237 42.73 -54.52 -74.69
N THR AA 238 41.45 -54.89 -74.71
CA THR AA 238 40.67 -55.13 -73.51
C THR AA 238 40.12 -56.55 -73.54
N ALA AA 239 39.84 -57.08 -72.34
CA ALA AA 239 39.27 -58.42 -72.20
C ALA AA 239 38.07 -58.36 -71.26
N GLN AA 240 36.99 -59.01 -71.66
CA GLN AA 240 35.77 -59.05 -70.87
C GLN AA 240 35.74 -60.34 -70.06
N LEU AA 241 35.52 -60.23 -68.76
CA LEU AA 241 35.50 -61.39 -67.89
C LEU AA 241 34.11 -62.00 -67.82
N LEU AA 242 34.03 -63.22 -67.30
CA LEU AA 242 32.76 -63.93 -67.14
C LEU AA 242 32.89 -64.86 -65.95
N VAL AA 243 32.05 -64.66 -64.94
CA VAL AA 243 32.09 -65.42 -63.69
C VAL AA 243 30.87 -66.33 -63.65
N GLU AA 244 31.11 -67.63 -63.48
CA GLU AA 244 30.06 -68.63 -63.49
C GLU AA 244 30.00 -69.33 -62.15
N GLY AA 245 29.00 -70.20 -62.00
CA GLY AA 245 28.84 -71.02 -60.83
C GLY AA 245 28.82 -72.51 -61.17
N ASP AA 246 28.79 -73.32 -60.11
CA ASP AA 246 28.74 -74.77 -60.30
C ASP AA 246 27.42 -75.23 -60.90
N ASN AA 247 26.38 -74.40 -60.83
CA ASN AA 247 25.08 -74.72 -61.41
C ASN AA 247 24.91 -74.18 -62.82
N GLY AA 248 25.92 -73.51 -63.37
CA GLY AA 248 25.84 -73.01 -64.72
C GLY AA 248 25.19 -71.66 -64.90
N ILE AA 249 25.07 -70.87 -63.83
CA ILE AA 249 24.41 -69.57 -63.89
C ILE AA 249 25.47 -68.48 -63.88
N ASN AA 250 25.37 -67.56 -64.83
CA ASN AA 250 26.31 -66.44 -64.92
C ASN AA 250 26.06 -65.47 -63.77
N TYR AA 251 27.03 -65.36 -62.86
CA TYR AA 251 26.91 -64.49 -61.70
C TYR AA 251 27.72 -63.21 -61.86
N THR AA 252 28.14 -62.88 -63.09
CA THR AA 252 28.95 -61.68 -63.32
C THR AA 252 28.30 -60.39 -62.80
N PRO AA 253 27.01 -60.11 -63.04
CA PRO AA 253 26.44 -58.88 -62.46
C PRO AA 253 26.44 -58.88 -60.94
N ASP AA 254 26.44 -60.05 -60.30
CA ASP AA 254 26.30 -60.15 -58.86
C ASP AA 254 27.63 -60.23 -58.11
N VAL AA 255 28.76 -60.10 -58.80
CA VAL AA 255 30.06 -60.20 -58.17
C VAL AA 255 30.74 -58.84 -58.20
N VAL AA 256 31.65 -58.64 -57.25
CA VAL AA 256 32.41 -57.40 -57.13
C VAL AA 256 33.81 -57.64 -57.66
N PHE AA 257 34.24 -56.82 -58.61
CA PHE AA 257 35.54 -56.97 -59.24
C PHE AA 257 36.55 -56.07 -58.54
N THR AA 258 37.63 -56.67 -58.03
CA THR AA 258 38.71 -55.95 -57.39
C THR AA 258 40.03 -56.34 -58.05
N SER AA 259 40.82 -55.34 -58.43
CA SER AA 259 42.11 -55.58 -59.05
C SER AA 259 43.23 -55.42 -58.03
N SER AA 260 44.32 -56.16 -58.24
CA SER AA 260 45.47 -56.08 -57.36
C SER AA 260 46.19 -54.75 -57.51
N ALA AA 261 46.71 -54.48 -58.71
CA ALA AA 261 47.34 -53.21 -59.03
C ALA AA 261 46.47 -52.47 -60.05
N PRO AA 262 45.71 -51.46 -59.64
CA PRO AA 262 44.85 -50.76 -60.60
C PRO AA 262 45.61 -50.12 -61.75
N ASP AA 263 46.83 -49.65 -61.51
CA ASP AA 263 47.60 -48.99 -62.56
C ASP AA 263 47.96 -49.97 -63.69
N LYS AA 264 48.28 -51.21 -63.33
CA LYS AA 264 48.70 -52.19 -64.33
C LYS AA 264 47.54 -52.59 -65.23
N ALA AA 265 46.41 -52.93 -64.64
CA ALA AA 265 45.21 -53.32 -65.39
C ALA AA 265 43.99 -52.82 -64.63
N SER AA 266 43.20 -51.99 -65.30
CA SER AA 266 42.00 -51.42 -64.69
C SER AA 266 40.78 -52.23 -65.08
N VAL AA 267 39.99 -52.60 -64.08
CA VAL AA 267 38.78 -53.40 -64.28
C VAL AA 267 37.59 -52.60 -63.76
N SER AA 268 36.54 -52.52 -64.57
CA SER AA 268 35.33 -51.81 -64.20
C SER AA 268 34.46 -52.72 -63.33
N ALA AA 269 33.31 -52.21 -62.90
CA ALA AA 269 32.39 -53.02 -62.11
C ALA AA 269 31.84 -54.18 -62.93
N ALA AA 270 31.55 -53.95 -64.20
CA ALA AA 270 31.03 -55.01 -65.07
C ALA AA 270 32.04 -56.12 -65.30
N GLY AA 271 33.33 -55.86 -65.12
CA GLY AA 271 34.34 -56.86 -65.28
C GLY AA 271 35.12 -56.82 -66.57
N LEU AA 272 35.39 -55.64 -67.12
CA LEU AA 272 36.21 -55.50 -68.31
C LEU AA 272 37.62 -55.08 -67.90
N VAL AA 273 38.60 -55.89 -68.30
CA VAL AA 273 39.99 -55.68 -67.91
C VAL AA 273 40.71 -54.98 -69.06
N THR AA 274 41.18 -53.77 -68.80
CA THR AA 274 41.88 -52.96 -69.80
C THR AA 274 43.32 -52.80 -69.36
N GLY AA 275 44.26 -53.13 -70.26
CA GLY AA 275 45.66 -53.08 -69.90
C GLY AA 275 46.28 -51.70 -70.02
N VAL AA 276 46.43 -51.02 -68.89
CA VAL AA 276 47.02 -49.69 -68.90
C VAL AA 276 48.54 -49.77 -69.00
N ALA AA 277 49.17 -50.62 -68.19
CA ALA AA 277 50.61 -50.74 -68.18
C ALA AA 277 50.99 -52.21 -68.09
N ALA AA 278 52.18 -52.54 -68.58
CA ALA AA 278 52.65 -53.91 -68.54
C ALA AA 278 52.85 -54.36 -67.10
N GLY AA 279 52.61 -55.64 -66.87
CA GLY AA 279 52.79 -56.23 -65.56
C GLY AA 279 51.77 -57.33 -65.34
N SER AA 280 51.89 -57.98 -64.18
CA SER AA 280 50.99 -59.05 -63.78
C SER AA 280 50.06 -58.52 -62.70
N ALA AA 281 48.76 -58.58 -62.97
CA ALA AA 281 47.74 -58.10 -62.06
C ALA AA 281 46.72 -59.18 -61.79
N THR AA 282 46.20 -59.19 -60.56
CA THR AA 282 45.23 -60.19 -60.13
C THR AA 282 43.85 -59.55 -60.03
N ILE AA 283 42.88 -60.14 -60.72
CA ILE AA 283 41.50 -59.68 -60.71
C ILE AA 283 40.68 -60.69 -59.93
N THR AA 284 40.09 -60.25 -58.82
CA THR AA 284 39.37 -61.13 -57.91
C THR AA 284 37.90 -60.73 -57.86
N ALA AA 285 37.02 -61.68 -58.16
CA ALA AA 285 35.58 -61.46 -58.13
C ALA AA 285 34.99 -62.09 -56.88
N THR AA 286 34.28 -61.29 -56.08
CA THR AA 286 33.74 -61.73 -54.80
C THR AA 286 32.22 -61.60 -54.81
N LYS AA 287 31.54 -62.63 -54.31
CA LYS AA 287 30.11 -62.60 -54.09
C LYS AA 287 29.83 -63.29 -52.76
N GLY AA 288 29.42 -62.51 -51.77
CA GLY AA 288 29.20 -63.08 -50.44
C GLY AA 288 30.50 -63.63 -49.87
N ALA AA 289 30.45 -64.89 -49.45
CA ALA AA 289 31.60 -65.58 -48.90
C ALA AA 289 32.36 -66.40 -49.93
N LEU AA 290 31.99 -66.31 -51.21
CA LEU AA 290 32.65 -67.02 -52.29
C LEU AA 290 33.50 -66.06 -53.11
N THR AA 291 34.57 -66.58 -53.69
CA THR AA 291 35.51 -65.74 -54.43
C THR AA 291 36.05 -66.51 -55.63
N ALA AA 292 36.55 -65.75 -56.59
CA ALA AA 292 37.20 -66.31 -57.78
C ALA AA 292 38.38 -65.41 -58.12
N THR AA 293 39.52 -66.02 -58.42
CA THR AA 293 40.75 -65.28 -58.68
C THR AA 293 41.22 -65.52 -60.11
N ALA AA 294 41.61 -64.44 -60.78
CA ALA AA 294 42.14 -64.50 -62.13
C ALA AA 294 43.42 -63.68 -62.21
N THR AA 295 44.35 -64.13 -63.03
CA THR AA 295 45.63 -63.47 -63.22
C THR AA 295 45.78 -63.06 -64.68
N VAL AA 296 46.18 -61.80 -64.90
CA VAL AA 296 46.33 -61.24 -66.23
C VAL AA 296 47.76 -60.75 -66.39
N THR AA 297 48.40 -61.17 -67.48
CA THR AA 297 49.73 -60.68 -67.85
C THR AA 297 49.54 -59.64 -68.95
N VAL AA 298 49.99 -58.42 -68.69
CA VAL AA 298 49.83 -57.32 -69.63
C VAL AA 298 51.15 -57.10 -70.36
N THR AA 299 51.08 -57.00 -71.68
CA THR AA 299 52.25 -56.77 -72.52
C THR AA 299 52.07 -55.48 -73.31
N ALA AA 300 53.19 -54.87 -73.66
CA ALA AA 300 53.17 -53.61 -74.41
C ALA AA 300 53.93 -53.75 -75.72
N THR BA 2 15.64 -52.02 -71.92
CA THR BA 2 14.27 -51.55 -71.83
C THR BA 2 13.65 -51.92 -70.50
N ASP BA 3 13.35 -50.91 -69.69
CA ASP BA 3 12.78 -51.14 -68.37
C ASP BA 3 11.28 -51.46 -68.49
N PHE BA 4 10.70 -51.81 -67.34
CA PHE BA 4 9.29 -52.19 -67.30
C PHE BA 4 8.38 -51.04 -67.71
N TYR BA 5 8.72 -49.82 -67.29
CA TYR BA 5 7.89 -48.67 -67.58
C TYR BA 5 7.79 -48.40 -69.07
N THR BA 6 8.90 -48.51 -69.80
CA THR BA 6 8.87 -48.29 -71.24
C THR BA 6 8.07 -49.38 -71.95
N ILE BA 7 8.18 -50.63 -71.48
CA ILE BA 7 7.40 -51.71 -72.07
C ILE BA 7 5.91 -51.50 -71.85
N LYS BA 8 5.53 -51.03 -70.66
CA LYS BA 8 4.13 -50.83 -70.35
C LYS BA 8 3.50 -49.78 -71.28
N ASP BA 9 4.23 -48.70 -71.57
CA ASP BA 9 3.81 -47.69 -72.54
C ASP BA 9 2.41 -47.16 -72.22
N ALA BA 10 2.16 -46.87 -70.95
CA ALA BA 10 0.85 -46.42 -70.53
C ALA BA 10 0.59 -45.00 -70.98
N GLN BA 11 -0.60 -44.77 -71.52
CA GLN BA 11 -1.05 -43.46 -72.00
C GLN BA 11 -2.31 -43.09 -71.23
N ALA BA 12 -2.15 -42.33 -70.15
CA ALA BA 12 -3.30 -41.93 -69.34
C ALA BA 12 -4.26 -41.04 -70.12
N ASP BA 13 -3.74 -40.27 -71.09
CA ASP BA 13 -4.58 -39.40 -71.89
C ASP BA 13 -5.55 -40.17 -72.77
N LEU BA 14 -5.31 -41.45 -73.02
CA LEU BA 14 -6.21 -42.25 -73.83
C LEU BA 14 -7.38 -42.81 -73.04
N ALA BA 15 -7.42 -42.61 -71.73
CA ALA BA 15 -8.60 -42.93 -70.94
C ALA BA 15 -9.61 -41.80 -71.05
N ILE BA 16 -10.81 -42.14 -71.53
CA ILE BA 16 -11.83 -41.15 -71.85
C ILE BA 16 -13.01 -41.34 -70.91
N ALA BA 17 -13.41 -40.25 -70.25
CA ALA BA 17 -14.51 -40.26 -69.30
C ALA BA 17 -15.75 -39.63 -69.93
N PRO BA 18 -16.86 -40.33 -70.02
CA PRO BA 18 -18.10 -39.70 -70.52
C PRO BA 18 -18.72 -38.80 -69.45
N LEU BA 19 -18.14 -37.60 -69.31
CA LEU BA 19 -18.59 -36.68 -68.28
C LEU BA 19 -20.03 -36.25 -68.49
N ASN BA 20 -20.41 -36.02 -69.74
CA ASN BA 20 -21.80 -35.82 -70.11
C ASN BA 20 -22.17 -36.80 -71.20
N LEU BA 21 -23.45 -37.15 -71.24
CA LEU BA 21 -23.94 -38.17 -72.15
C LEU BA 21 -25.35 -37.82 -72.57
N THR BA 22 -25.70 -38.14 -73.81
CA THR BA 22 -27.03 -37.94 -74.30
C THR BA 22 -27.41 -39.08 -75.24
N VAL BA 23 -28.69 -39.45 -75.21
CA VAL BA 23 -29.23 -40.50 -76.06
C VAL BA 23 -30.23 -39.85 -77.01
N LEU BA 24 -30.02 -40.05 -78.31
CA LEU BA 24 -30.91 -39.50 -79.32
C LEU BA 24 -31.54 -40.63 -80.11
N LEU BA 25 -32.85 -40.54 -80.28
CA LEU BA 25 -33.61 -41.53 -81.03
C LEU BA 25 -34.25 -40.86 -82.24
N ALA BA 26 -34.37 -41.62 -83.32
CA ALA BA 26 -35.00 -41.17 -84.54
C ALA BA 26 -35.96 -42.24 -85.02
N PRO BA 27 -37.03 -41.86 -85.73
CA PRO BA 27 -37.90 -42.86 -86.34
C PRO BA 27 -37.15 -43.65 -87.38
N TYR BA 28 -37.61 -44.88 -87.64
CA TYR BA 28 -36.93 -45.76 -88.56
C TYR BA 28 -36.85 -45.20 -89.97
N SER BA 29 -37.75 -44.28 -90.34
CA SER BA 29 -37.70 -43.66 -91.65
C SER BA 29 -36.55 -42.66 -91.80
N THR BA 30 -35.92 -42.26 -90.69
CA THR BA 30 -34.82 -41.32 -90.76
C THR BA 30 -33.60 -41.95 -91.43
N THR BA 31 -32.85 -41.14 -92.16
CA THR BA 31 -31.60 -41.60 -92.75
C THR BA 31 -30.58 -41.81 -91.63
N PRO BA 32 -29.99 -42.99 -91.50
CA PRO BA 32 -29.09 -43.25 -90.38
C PRO BA 32 -27.84 -42.39 -90.42
N ALA BA 33 -27.37 -42.02 -89.23
CA ALA BA 33 -26.11 -41.31 -89.12
C ALA BA 33 -24.95 -42.24 -89.46
N THR BA 34 -24.01 -41.74 -90.26
CA THR BA 34 -22.77 -42.45 -90.53
C THR BA 34 -21.60 -41.95 -89.70
N THR BA 35 -21.61 -40.67 -89.33
CA THR BA 35 -20.59 -40.09 -88.48
C THR BA 35 -21.19 -38.85 -87.83
N LEU BA 36 -20.68 -38.50 -86.66
CA LEU BA 36 -21.12 -37.31 -85.95
C LEU BA 36 -20.22 -36.11 -86.17
N GLU BA 37 -19.21 -36.24 -87.03
CA GLU BA 37 -18.26 -35.17 -87.28
C GLU BA 37 -18.72 -34.36 -88.49
N SER BA 38 -18.80 -33.04 -88.33
CA SER BA 38 -19.23 -32.18 -89.43
C SER BA 38 -18.17 -32.16 -90.52
N PRO BA 39 -18.55 -32.30 -91.79
CA PRO BA 39 -17.56 -32.23 -92.87
C PRO BA 39 -16.97 -30.84 -93.07
N THR BA 40 -17.53 -29.80 -92.44
CA THR BA 40 -17.05 -28.45 -92.66
C THR BA 40 -15.92 -28.09 -91.70
N ASP BA 41 -16.18 -28.16 -90.40
CA ASP BA 41 -15.19 -27.80 -89.39
C ASP BA 41 -14.90 -28.91 -88.38
N GLY BA 42 -15.51 -30.09 -88.53
CA GLY BA 42 -15.29 -31.17 -87.60
C GLY BA 42 -16.08 -31.09 -86.31
N SER BA 43 -16.98 -30.12 -86.18
CA SER BA 43 -17.78 -30.00 -84.97
C SER BA 43 -18.86 -31.09 -84.93
N LEU BA 44 -19.43 -31.26 -83.75
CA LEU BA 44 -20.50 -32.24 -83.57
C LEU BA 44 -21.72 -31.85 -84.40
N ALA BA 45 -22.20 -32.78 -85.22
CA ALA BA 45 -23.32 -32.52 -86.11
C ALA BA 45 -24.26 -33.72 -86.07
N ILE BA 46 -25.44 -33.51 -85.49
CA ILE BA 46 -26.46 -34.56 -85.42
C ILE BA 46 -27.36 -34.47 -86.64
N PRO BA 47 -27.59 -35.57 -87.36
CA PRO BA 47 -28.48 -35.51 -88.52
C PRO BA 47 -29.89 -35.17 -88.09
N PRO BA 48 -30.67 -34.52 -88.96
CA PRO BA 48 -32.06 -34.22 -88.61
C PRO BA 48 -32.88 -35.48 -88.39
N GLY BA 49 -33.87 -35.37 -87.50
CA GLY BA 49 -34.71 -36.47 -87.13
C GLY BA 49 -34.33 -37.15 -85.83
N TYR BA 50 -33.08 -36.99 -85.39
CA TYR BA 50 -32.66 -37.52 -84.11
C TYR BA 50 -33.01 -36.54 -83.00
N LYS BA 51 -33.75 -37.03 -82.00
CA LYS BA 51 -34.18 -36.19 -80.90
C LYS BA 51 -33.70 -36.80 -79.58
N SER BA 52 -33.16 -35.96 -78.72
CA SER BA 52 -32.68 -36.40 -77.42
C SER BA 52 -33.85 -36.81 -76.52
N VAL BA 53 -33.62 -37.84 -75.70
CA VAL BA 53 -34.61 -38.22 -74.69
C VAL BA 53 -34.53 -37.34 -73.46
N GLY BA 54 -33.52 -36.50 -73.34
CA GLY BA 54 -33.40 -35.61 -72.21
C GLY BA 54 -32.61 -36.20 -71.05
N HIS BA 55 -32.91 -35.74 -69.85
CA HIS BA 55 -32.18 -36.19 -68.66
C HIS BA 55 -32.43 -37.67 -68.38
N PHE BA 56 -31.38 -38.35 -67.94
CA PHE BA 56 -31.52 -39.70 -67.42
C PHE BA 56 -30.76 -39.81 -66.10
N GLU BA 57 -31.15 -40.82 -65.33
CA GLU BA 57 -30.72 -40.95 -63.95
C GLU BA 57 -29.20 -41.15 -63.86
N LYS BA 58 -28.59 -40.46 -62.89
CA LYS BA 58 -27.13 -40.42 -62.83
C LYS BA 58 -26.56 -41.74 -62.34
N GLN BA 59 -27.10 -42.28 -61.26
CA GLN BA 59 -26.47 -43.41 -60.59
C GLN BA 59 -26.47 -44.66 -61.46
N ALA BA 60 -27.60 -44.95 -62.11
CA ALA BA 60 -27.63 -46.09 -63.01
C ALA BA 60 -26.73 -45.89 -64.22
N GLY BA 61 -26.60 -44.65 -64.68
CA GLY BA 61 -25.80 -44.38 -65.85
C GLY BA 61 -26.38 -45.07 -67.07
N LEU BA 62 -25.51 -45.45 -67.98
CA LEU BA 62 -25.88 -46.22 -69.16
C LEU BA 62 -25.04 -47.48 -69.19
N THR BA 63 -25.70 -48.63 -69.33
CA THR BA 63 -25.03 -49.92 -69.39
C THR BA 63 -25.11 -50.48 -70.80
N LEU BA 64 -23.97 -50.81 -71.38
CA LEU BA 64 -23.89 -51.42 -72.70
C LEU BA 64 -23.56 -52.89 -72.51
N GLY BA 65 -24.38 -53.76 -73.09
CA GLY BA 65 -24.21 -55.20 -72.97
C GLY BA 65 -23.81 -55.81 -74.30
N ASN BA 66 -22.98 -56.84 -74.25
CA ASN BA 66 -22.57 -57.61 -75.43
C ASN BA 66 -22.51 -59.07 -75.05
N GLU BA 67 -23.19 -59.91 -75.82
CA GLU BA 67 -23.14 -61.35 -75.63
C GLU BA 67 -22.94 -62.03 -76.97
N PHE BA 68 -22.20 -63.13 -76.96
CA PHE BA 68 -21.95 -63.92 -78.16
C PHE BA 68 -22.63 -65.28 -78.02
N ASP BA 69 -23.34 -65.68 -79.07
CA ASP BA 69 -23.87 -67.03 -79.19
C ASP BA 69 -23.05 -67.77 -80.24
N SER BA 70 -22.52 -68.93 -79.87
CA SER BA 70 -21.61 -69.66 -80.73
C SER BA 70 -21.75 -71.15 -80.49
N LYS BA 71 -21.34 -71.93 -81.47
CA LYS BA 71 -21.36 -73.39 -81.38
C LYS BA 71 -19.99 -73.94 -81.75
N ASP BA 72 -19.52 -74.88 -80.94
CA ASP BA 72 -18.21 -75.50 -81.13
C ASP BA 72 -18.37 -76.80 -81.89
N ILE BA 73 -17.54 -76.98 -82.92
CA ILE BA 73 -17.50 -78.22 -83.68
C ILE BA 73 -16.45 -79.12 -83.06
N GLU BA 74 -16.88 -80.24 -82.48
CA GLU BA 74 -16.00 -81.14 -81.75
C GLU BA 74 -15.64 -82.33 -82.62
N ALA BA 75 -14.34 -82.58 -82.75
CA ALA BA 75 -13.83 -83.74 -83.47
C ALA BA 75 -13.25 -84.74 -82.48
N TYR BA 76 -13.27 -86.01 -82.89
CA TYR BA 76 -12.70 -87.07 -82.05
C TYR BA 76 -11.22 -86.81 -81.82
N GLY BA 77 -10.80 -86.94 -80.55
CA GLY BA 77 -9.41 -86.81 -80.20
C GLY BA 77 -8.89 -85.40 -80.09
N GLU BA 78 -9.73 -84.40 -80.26
CA GLU BA 78 -9.30 -83.01 -80.16
C GLU BA 78 -9.89 -82.39 -78.90
N PRO BA 79 -9.08 -82.04 -77.90
CA PRO BA 79 -9.63 -81.41 -76.70
C PRO BA 79 -10.31 -80.09 -76.97
N GLU BA 80 -9.81 -79.31 -77.92
CA GLU BA 80 -10.36 -78.01 -78.27
C GLU BA 80 -11.14 -78.10 -79.57
N PRO BA 81 -12.12 -77.21 -79.78
CA PRO BA 81 -12.90 -77.26 -81.02
C PRO BA 81 -12.01 -77.05 -82.25
N ILE BA 82 -12.34 -77.80 -83.31
CA ILE BA 82 -11.64 -77.59 -84.58
C ILE BA 82 -12.21 -76.40 -85.34
N ARG BA 83 -13.41 -75.95 -84.98
CA ARG BA 83 -14.00 -74.76 -85.57
C ARG BA 83 -15.09 -74.24 -84.64
N THR BA 84 -15.08 -72.93 -84.41
CA THR BA 84 -16.12 -72.26 -83.65
C THR BA 84 -16.94 -71.37 -84.58
N ILE BA 85 -18.24 -71.60 -84.61
CA ILE BA 85 -19.16 -70.82 -85.44
C ILE BA 85 -19.89 -69.85 -84.53
N ILE BA 86 -19.64 -68.57 -84.71
CA ILE BA 86 -20.31 -67.52 -83.94
C ILE BA 86 -21.50 -67.04 -84.74
N ASN BA 87 -22.70 -67.21 -84.17
CA ASN BA 87 -23.92 -66.83 -84.89
C ASN BA 87 -24.03 -65.32 -84.99
N LYS BA 88 -23.85 -64.61 -83.88
CA LYS BA 88 -24.02 -63.17 -83.86
C LYS BA 88 -23.48 -62.62 -82.55
N ARG BA 89 -23.50 -61.29 -82.45
CA ARG BA 89 -23.14 -60.57 -81.24
C ARG BA 89 -24.30 -59.65 -80.89
N THR BA 90 -24.96 -59.92 -79.77
CA THR BA 90 -26.14 -59.17 -79.35
C THR BA 90 -25.71 -58.00 -78.47
N THR BA 91 -26.03 -56.79 -78.90
CA THR BA 91 -25.70 -55.58 -78.17
C THR BA 91 -26.98 -54.98 -77.59
N THR BA 92 -26.94 -54.65 -76.30
CA THR BA 92 -28.06 -54.02 -75.62
C THR BA 92 -27.56 -52.80 -74.85
N PHE BA 93 -28.46 -51.87 -74.60
CA PHE BA 93 -28.15 -50.74 -73.72
C PHE BA 93 -29.42 -50.33 -72.98
N ASP BA 94 -29.24 -49.95 -71.71
CA ASP BA 94 -30.34 -49.60 -70.85
C ASP BA 94 -29.98 -48.36 -70.04
N PHE BA 95 -31.01 -47.60 -69.66
CA PHE BA 95 -30.85 -46.33 -68.97
C PHE BA 95 -32.21 -45.92 -68.43
N ALA BA 96 -32.20 -44.98 -67.48
CA ALA BA 96 -33.40 -44.59 -66.74
C ALA BA 96 -33.78 -43.15 -67.08
N MET BA 97 -34.80 -42.98 -67.90
CA MET BA 97 -35.20 -41.66 -68.36
C MET BA 97 -36.13 -40.95 -67.38
N TYR BA 98 -35.94 -39.65 -67.21
CA TYR BA 98 -36.80 -38.81 -66.40
C TYR BA 98 -37.93 -38.13 -67.18
N GLN BA 99 -37.67 -37.65 -68.38
CA GLN BA 99 -38.55 -36.67 -69.01
C GLN BA 99 -39.77 -37.32 -69.61
N ASN BA 100 -40.94 -36.80 -69.25
CA ASN BA 100 -42.23 -37.27 -69.77
C ASN BA 100 -42.57 -36.53 -71.06
N GLN BA 101 -41.82 -36.86 -72.11
CA GLN BA 101 -42.04 -36.27 -73.42
C GLN BA 101 -42.52 -37.35 -74.38
N ARG BA 102 -42.92 -36.91 -75.58
CA ARG BA 102 -43.61 -37.80 -76.48
C ARG BA 102 -42.74 -38.96 -76.96
N ASN BA 103 -41.47 -38.70 -77.30
CA ASN BA 103 -40.65 -39.78 -77.83
C ASN BA 103 -40.35 -40.84 -76.77
N VAL BA 104 -40.12 -40.41 -75.52
CA VAL BA 104 -39.88 -41.37 -74.44
C VAL BA 104 -41.11 -42.24 -74.20
N LEU BA 105 -42.29 -41.61 -74.11
CA LEU BA 105 -43.51 -42.36 -73.87
C LEU BA 105 -43.87 -43.25 -75.05
N GLU BA 106 -43.60 -42.80 -76.27
CA GLU BA 106 -43.81 -43.64 -77.44
C GLU BA 106 -42.93 -44.87 -77.39
N LEU BA 107 -41.67 -44.71 -76.99
CA LEU BA 107 -40.78 -45.86 -76.82
C LEU BA 107 -41.30 -46.80 -75.74
N ILE BA 108 -41.76 -46.24 -74.62
CA ILE BA 108 -42.19 -47.06 -73.49
C ILE BA 108 -43.42 -47.89 -73.86
N TRP BA 109 -44.38 -47.28 -74.55
CA TRP BA 109 -45.66 -47.93 -74.81
C TRP BA 109 -45.72 -48.62 -76.17
N THR BA 110 -44.63 -48.59 -76.94
CA THR BA 110 -44.56 -49.21 -78.27
C THR BA 110 -45.72 -48.76 -79.15
N GLN BA 111 -45.86 -47.44 -79.26
CA GLN BA 111 -46.97 -46.84 -79.99
C GLN BA 111 -46.53 -45.52 -80.56
N ASP BA 112 -47.13 -45.13 -81.68
CA ASP BA 112 -46.95 -43.81 -82.27
C ASP BA 112 -48.02 -42.89 -81.70
N PHE BA 113 -47.59 -41.83 -81.00
CA PHE BA 113 -48.49 -40.88 -80.38
C PHE BA 113 -48.50 -39.53 -81.09
N SER BA 114 -48.12 -39.50 -82.38
CA SER BA 114 -48.11 -38.25 -83.12
C SER BA 114 -49.52 -37.73 -83.39
N ASN BA 115 -50.51 -38.61 -83.44
CA ASN BA 115 -51.90 -38.21 -83.67
C ASN BA 115 -52.62 -37.83 -82.38
N ILE BA 116 -51.96 -37.92 -81.23
CA ILE BA 116 -52.58 -37.55 -79.96
C ILE BA 116 -52.74 -36.04 -79.92
N GLN BA 117 -53.96 -35.59 -79.71
CA GLN BA 117 -54.24 -34.18 -79.58
C GLN BA 117 -54.53 -33.83 -78.13
N PRO BA 118 -53.89 -32.81 -77.59
CA PRO BA 118 -54.18 -32.40 -76.21
C PRO BA 118 -55.64 -31.99 -76.08
N SER BA 119 -56.21 -32.26 -74.92
CA SER BA 119 -57.61 -31.95 -74.68
C SER BA 119 -57.80 -30.43 -74.64
N GLU BA 120 -59.05 -30.02 -74.42
CA GLU BA 120 -59.38 -28.61 -74.50
C GLU BA 120 -58.67 -27.81 -73.41
N PHE BA 121 -58.23 -28.49 -72.34
CA PHE BA 121 -57.42 -27.88 -71.29
C PHE BA 121 -55.98 -28.40 -71.30
N GLY BA 122 -55.56 -29.07 -72.37
CA GLY BA 122 -54.19 -29.53 -72.50
C GLY BA 122 -53.93 -30.95 -72.05
N GLY BA 123 -54.89 -31.61 -71.43
CA GLY BA 123 -54.67 -32.97 -70.97
C GLY BA 123 -54.57 -33.96 -72.11
N ILE BA 124 -53.78 -35.00 -71.89
CA ILE BA 124 -53.60 -36.07 -72.87
C ILE BA 124 -53.80 -37.41 -72.19
N VAL BA 125 -54.28 -38.38 -72.97
CA VAL BA 125 -54.43 -39.76 -72.52
C VAL BA 125 -53.76 -40.65 -73.55
N LEU BA 126 -52.80 -41.46 -73.11
CA LEU BA 126 -52.05 -42.35 -73.99
C LEU BA 126 -52.45 -43.78 -73.66
N GLU BA 127 -53.18 -44.41 -74.57
CA GLU BA 127 -53.64 -45.78 -74.39
C GLU BA 127 -52.59 -46.74 -74.93
N ALA BA 128 -52.30 -47.79 -74.17
CA ALA BA 128 -51.42 -48.82 -74.66
C ALA BA 128 -52.08 -49.57 -75.81
N PRO BA 129 -51.33 -49.94 -76.84
CA PRO BA 129 -51.93 -50.66 -77.97
C PRO BA 129 -52.44 -52.03 -77.54
N LYS BA 130 -53.48 -52.49 -78.25
CA LYS BA 130 -54.08 -53.78 -77.96
C LYS BA 130 -53.05 -54.90 -78.03
N VAL BA 131 -52.19 -54.85 -79.05
CA VAL BA 131 -51.06 -55.77 -79.16
C VAL BA 131 -49.80 -54.91 -79.19
N PRO BA 132 -48.78 -55.23 -78.40
CA PRO BA 132 -47.53 -54.47 -78.48
C PRO BA 132 -46.94 -54.53 -79.89
N LYS BA 133 -46.40 -53.40 -80.34
CA LYS BA 133 -45.92 -53.27 -81.71
C LYS BA 133 -44.40 -53.38 -81.75
N ASN BA 134 -43.91 -53.95 -82.85
CA ASN BA 134 -42.47 -54.04 -83.11
C ASN BA 134 -42.03 -52.78 -83.83
N ILE BA 135 -41.55 -51.81 -83.07
CA ILE BA 135 -41.15 -50.51 -83.60
C ILE BA 135 -39.64 -50.40 -83.48
N TYR BA 136 -38.99 -50.04 -84.59
CA TYR BA 136 -37.55 -49.86 -84.61
C TYR BA 136 -37.20 -48.38 -84.63
N TYR BA 137 -36.07 -48.04 -84.03
CA TYR BA 137 -35.57 -46.68 -83.97
C TYR BA 137 -34.11 -46.66 -84.37
N ARG BA 138 -33.66 -45.49 -84.78
CA ARG BA 138 -32.24 -45.22 -84.96
C ARG BA 138 -31.73 -44.49 -83.73
N ALA BA 139 -30.61 -44.96 -83.18
CA ALA BA 139 -30.12 -44.49 -81.90
C ALA BA 139 -28.71 -43.94 -82.03
N ILE BA 140 -28.44 -42.85 -81.31
CA ILE BA 140 -27.11 -42.31 -81.15
C ILE BA 140 -26.86 -42.11 -79.66
N LEU BA 141 -25.81 -42.74 -79.15
CA LEU BA 141 -25.34 -42.51 -77.78
C LEU BA 141 -24.01 -41.79 -77.89
N VAL BA 142 -24.00 -40.49 -77.60
CA VAL BA 142 -22.80 -39.68 -77.73
C VAL BA 142 -22.46 -39.08 -76.38
N GLY BA 143 -21.19 -39.23 -75.98
CA GLY BA 143 -20.70 -38.67 -74.74
C GLY BA 143 -19.60 -37.66 -74.98
N MET BA 144 -19.37 -36.78 -74.00
CA MET BA 144 -18.35 -35.75 -74.13
C MET BA 144 -17.39 -35.83 -72.97
N ASP BA 145 -16.10 -35.82 -73.28
CA ASP BA 145 -15.03 -35.68 -72.30
C ASP BA 145 -14.42 -34.30 -72.53
N ASP BA 146 -14.89 -33.31 -71.77
CA ASP BA 146 -14.45 -31.93 -71.93
C ASP BA 146 -13.23 -31.72 -71.04
N ARG BA 147 -12.04 -31.97 -71.59
CA ARG BA 147 -10.79 -31.85 -70.86
C ARG BA 147 -9.95 -30.74 -71.49
N ASN BA 148 -9.52 -29.80 -70.66
CA ASN BA 148 -8.63 -28.70 -71.09
C ASN BA 148 -9.23 -27.93 -72.26
N ASP BA 149 -10.55 -27.82 -72.29
CA ASP BA 149 -11.35 -27.11 -73.30
C ASP BA 149 -11.23 -27.72 -74.68
N ARG BA 150 -10.55 -28.85 -74.85
CA ARG BA 150 -10.52 -29.57 -76.12
C ARG BA 150 -11.33 -30.84 -75.97
N PRO BA 151 -12.63 -30.81 -76.28
CA PRO BA 151 -13.49 -31.96 -75.98
C PRO BA 151 -13.22 -33.16 -76.87
N ILE BA 152 -13.53 -34.33 -76.33
CA ILE BA 152 -13.56 -35.58 -77.08
C ILE BA 152 -15.00 -36.05 -77.11
N TRP BA 153 -15.53 -36.28 -78.30
CA TRP BA 153 -16.85 -36.87 -78.47
C TRP BA 153 -16.69 -38.33 -78.84
N LEU BA 154 -17.09 -39.21 -77.93
CA LEU BA 154 -17.09 -40.64 -78.20
C LEU BA 154 -18.54 -41.10 -78.25
N TYR BA 155 -18.88 -41.88 -79.27
CA TYR BA 155 -20.27 -42.16 -79.52
C TYR BA 155 -20.45 -43.57 -80.06
N TRP BA 156 -21.70 -44.02 -80.00
CA TRP BA 156 -22.11 -45.30 -80.54
C TRP BA 156 -23.27 -45.05 -81.49
N LEU BA 157 -23.20 -45.65 -82.68
CA LEU BA 157 -24.28 -45.56 -83.66
C LEU BA 157 -24.97 -46.91 -83.74
N MET BA 158 -26.28 -46.90 -83.50
CA MET BA 158 -27.10 -48.11 -83.53
C MET BA 158 -28.29 -47.84 -84.44
N PRO BA 159 -28.13 -48.11 -85.74
CA PRO BA 159 -29.17 -47.69 -86.71
C PRO BA 159 -30.50 -48.39 -86.53
N LYS BA 160 -30.58 -49.53 -85.85
CA LYS BA 160 -31.83 -50.29 -85.76
C LYS BA 160 -31.94 -50.88 -84.34
N VAL BA 161 -32.59 -50.14 -83.45
CA VAL BA 161 -32.81 -50.61 -82.08
C VAL BA 161 -34.30 -50.81 -81.86
N LYS BA 162 -34.62 -51.74 -80.97
CA LYS BA 162 -35.99 -52.06 -80.62
C LYS BA 162 -36.08 -52.19 -79.10
N LEU BA 163 -37.25 -51.89 -78.56
CA LEU BA 163 -37.49 -52.10 -77.14
C LEU BA 163 -37.52 -53.58 -76.84
N ASP BA 164 -36.72 -54.00 -75.86
CA ASP BA 164 -36.59 -55.40 -75.49
C ASP BA 164 -37.12 -55.70 -74.10
N LYS BA 165 -36.94 -54.80 -73.15
CA LYS BA 165 -37.30 -55.05 -71.76
C LYS BA 165 -37.61 -53.73 -71.08
N LEU BA 166 -38.50 -53.80 -70.09
CA LEU BA 166 -38.87 -52.63 -69.31
C LEU BA 166 -38.78 -52.99 -67.84
N ASP BA 167 -37.96 -52.26 -67.09
CA ASP BA 167 -37.80 -52.54 -65.67
C ASP BA 167 -39.04 -52.09 -64.90
N ASN BA 168 -39.15 -52.62 -63.69
CA ASN BA 168 -40.26 -52.24 -62.81
C ASN BA 168 -40.19 -50.75 -62.49
N GLN BA 169 -41.33 -50.09 -62.58
CA GLN BA 169 -41.44 -48.66 -62.31
C GLN BA 169 -42.02 -48.46 -60.92
N THR BA 170 -41.21 -47.92 -60.01
CA THR BA 170 -41.61 -47.72 -58.63
C THR BA 170 -41.93 -46.25 -58.39
N LEU BA 171 -43.12 -45.97 -57.89
CA LEU BA 171 -43.53 -44.61 -57.55
C LEU BA 171 -43.24 -44.37 -56.08
N ASN BA 172 -42.45 -43.35 -55.80
CA ASN BA 172 -42.13 -42.93 -54.44
C ASN BA 172 -42.45 -41.45 -54.30
N ASP BA 173 -42.85 -41.05 -53.09
CA ASP BA 173 -43.24 -39.66 -52.89
C ASP BA 173 -42.05 -38.72 -52.76
N ASP BA 174 -40.82 -39.24 -52.82
CA ASP BA 174 -39.62 -38.42 -52.77
C ASP BA 174 -38.73 -38.62 -54.00
N ASN BA 175 -39.30 -39.08 -55.10
CA ASN BA 175 -38.53 -39.31 -56.32
C ASN BA 175 -39.43 -39.03 -57.53
N VAL BA 176 -38.81 -38.68 -58.64
CA VAL BA 176 -39.53 -38.52 -59.89
C VAL BA 176 -39.74 -39.89 -60.51
N ILE BA 177 -40.73 -39.99 -61.39
CA ILE BA 177 -40.98 -41.23 -62.10
C ILE BA 177 -39.86 -41.48 -63.10
N GLU BA 178 -39.47 -42.73 -63.24
CA GLU BA 178 -38.38 -43.13 -64.13
C GLU BA 178 -38.86 -44.20 -65.08
N TYR BA 179 -38.39 -44.13 -66.32
CA TYR BA 179 -38.62 -45.16 -67.32
C TYR BA 179 -37.30 -45.83 -67.63
N LYS BA 180 -37.24 -47.15 -67.49
CA LYS BA 180 -36.00 -47.90 -67.59
C LYS BA 180 -36.14 -48.95 -68.68
N PRO BA 181 -36.00 -48.56 -69.94
CA PRO BA 181 -36.05 -49.55 -71.02
C PRO BA 181 -34.69 -50.17 -71.29
N THR BA 182 -34.74 -51.40 -71.79
CA THR BA 182 -33.58 -52.06 -72.37
C THR BA 182 -33.78 -52.14 -73.87
N LEU BA 183 -32.87 -51.57 -74.63
CA LEU BA 183 -32.96 -51.54 -76.07
C LEU BA 183 -31.93 -52.48 -76.69
N LYS BA 184 -32.38 -53.27 -77.66
CA LYS BA 184 -31.53 -54.23 -78.34
C LYS BA 184 -31.24 -53.72 -79.75
N ALA BA 185 -29.96 -53.71 -80.11
CA ALA BA 185 -29.52 -53.26 -81.42
C ALA BA 185 -29.61 -54.41 -82.42
N PHE BA 186 -30.14 -54.11 -83.60
CA PHE BA 186 -30.26 -55.07 -84.68
C PHE BA 186 -29.44 -54.59 -85.87
N ARG BA 187 -29.07 -55.54 -86.73
CA ARG BA 187 -28.29 -55.19 -87.90
C ARG BA 187 -29.19 -54.50 -88.93
N ASP BA 188 -28.74 -53.34 -89.41
CA ASP BA 188 -29.41 -52.63 -90.48
C ASP BA 188 -28.72 -52.98 -91.80
N ASP BA 189 -29.49 -53.49 -92.76
CA ASP BA 189 -28.91 -54.01 -93.99
C ASP BA 189 -28.28 -52.91 -94.83
N VAL BA 190 -28.91 -51.73 -94.87
CA VAL BA 190 -28.43 -50.67 -95.75
C VAL BA 190 -27.07 -50.16 -95.30
N VAL BA 191 -26.93 -49.85 -94.00
CA VAL BA 191 -25.65 -49.39 -93.49
C VAL BA 191 -24.71 -50.55 -93.16
N GLY BA 192 -25.23 -51.77 -93.06
CA GLY BA 192 -24.38 -52.94 -92.95
C GLY BA 192 -23.76 -53.19 -91.60
N TYR BA 193 -24.32 -52.65 -90.53
CA TYR BA 193 -23.82 -52.92 -89.19
C TYR BA 193 -24.94 -52.68 -88.19
N SER BA 194 -24.77 -53.26 -87.01
CA SER BA 194 -25.69 -53.01 -85.89
C SER BA 194 -25.17 -51.99 -84.91
N VAL BA 195 -23.86 -52.00 -84.63
CA VAL BA 195 -23.25 -51.05 -83.69
C VAL BA 195 -21.96 -50.53 -84.30
N ALA BA 196 -21.72 -49.23 -84.14
CA ALA BA 196 -20.46 -48.61 -84.51
C ALA BA 196 -20.01 -47.70 -83.38
N GLN BA 197 -18.72 -47.69 -83.10
CA GLN BA 197 -18.14 -46.81 -82.10
C GLN BA 197 -17.32 -45.74 -82.78
N GLY BA 198 -17.51 -44.49 -82.36
CA GLY BA 198 -16.85 -43.37 -82.99
C GLY BA 198 -16.15 -42.49 -81.99
N PHE BA 199 -15.10 -41.82 -82.46
CA PHE BA 199 -14.35 -40.85 -81.69
C PHE BA 199 -14.15 -39.61 -82.55
N ALA BA 200 -14.34 -38.43 -81.96
CA ALA BA 200 -14.23 -37.18 -82.71
C ALA BA 200 -13.93 -36.04 -81.74
N GLY BA 201 -13.69 -34.86 -82.30
CA GLY BA 201 -13.37 -33.69 -81.52
C GLY BA 201 -11.90 -33.34 -81.57
N PRO BA 202 -11.57 -32.08 -81.26
CA PRO BA 202 -10.15 -31.68 -81.25
C PRO BA 202 -9.32 -32.45 -80.25
N GLY BA 203 -9.89 -32.74 -79.08
CA GLY BA 203 -9.18 -33.55 -78.09
C GLY BA 203 -8.86 -34.93 -78.62
N TRP BA 204 -9.76 -35.50 -79.42
CA TRP BA 204 -9.44 -36.78 -80.07
C TRP BA 204 -8.37 -36.59 -81.13
N ARG BA 205 -8.47 -35.53 -81.92
CA ARG BA 205 -7.47 -35.26 -82.96
C ARG BA 205 -6.07 -35.18 -82.37
N ASP BA 206 -5.95 -34.66 -81.15
CA ASP BA 206 -4.64 -34.65 -80.49
C ASP BA 206 -4.15 -36.06 -80.15
N LEU BA 207 -5.04 -37.06 -80.19
CA LEU BA 207 -4.70 -38.40 -79.72
C LEU BA 207 -4.77 -39.48 -80.79
N VAL BA 208 -5.19 -39.16 -82.02
CA VAL BA 208 -5.48 -40.20 -83.00
C VAL BA 208 -4.22 -41.02 -83.29
N ALA BA 209 -3.08 -40.35 -83.50
CA ALA BA 209 -1.83 -41.05 -83.75
C ALA BA 209 -1.40 -41.86 -82.54
N THR BA 210 -1.55 -41.30 -81.34
CA THR BA 210 -1.25 -42.05 -80.12
C THR BA 210 -2.14 -43.28 -79.98
N ALA BA 211 -3.42 -43.15 -80.33
CA ALA BA 211 -4.35 -44.27 -80.26
C ALA BA 211 -4.04 -45.37 -81.27
N GLY BA 212 -3.16 -45.11 -82.23
CA GLY BA 212 -2.75 -46.14 -83.18
C GLY BA 212 -3.53 -46.16 -84.48
N PHE BA 213 -4.29 -45.12 -84.79
CA PHE BA 213 -5.05 -45.04 -86.03
C PHE BA 213 -4.33 -44.08 -86.97
N GLY BA 214 -4.04 -44.54 -88.18
CA GLY BA 214 -3.27 -43.75 -89.11
C GLY BA 214 -1.80 -43.68 -88.73
N GLU BA 215 -1.14 -42.66 -89.26
CA GLU BA 215 0.27 -42.42 -89.00
C GLU BA 215 0.45 -41.15 -88.19
N ALA BA 216 1.62 -41.04 -87.55
CA ALA BA 216 1.93 -39.88 -86.73
C ALA BA 216 2.21 -38.66 -87.60
N LEU BA 217 1.96 -37.49 -87.02
CA LEU BA 217 2.16 -36.22 -87.72
C LEU BA 217 3.63 -35.83 -87.61
N THR BA 218 4.25 -35.52 -88.76
CA THR BA 218 5.63 -35.08 -88.80
C THR BA 218 5.86 -33.81 -89.60
N ALA BA 219 5.01 -33.50 -90.57
CA ALA BA 219 5.21 -32.34 -91.42
C ALA BA 219 3.90 -31.58 -91.59
N LEU BA 220 4.00 -30.25 -91.57
CA LEU BA 220 2.86 -29.38 -91.76
C LEU BA 220 2.98 -28.71 -93.12
N THR BA 221 1.94 -28.85 -93.94
CA THR BA 221 1.96 -28.35 -95.31
C THR BA 221 0.81 -27.37 -95.49
N ILE BA 222 1.11 -26.20 -96.05
CA ILE BA 222 0.07 -25.25 -96.42
C ILE BA 222 -0.35 -25.53 -97.86
N THR BA 223 -1.66 -25.66 -98.08
CA THR BA 223 -2.15 -26.00 -99.41
C THR BA 223 -2.06 -24.78 -100.33
N PRO BA 224 -2.58 -23.60 -99.94
CA PRO BA 224 -2.30 -22.43 -100.79
C PRO BA 224 -0.94 -21.83 -100.45
N GLY BA 225 0.11 -22.48 -100.98
CA GLY BA 225 1.46 -22.04 -100.67
C GLY BA 225 1.79 -20.67 -101.22
N SER BA 226 1.30 -20.37 -102.44
CA SER BA 226 1.54 -19.09 -103.10
C SER BA 226 0.22 -18.52 -103.58
N PRO BA 227 -0.56 -17.92 -102.68
CA PRO BA 227 -1.79 -17.24 -103.09
C PRO BA 227 -1.56 -15.76 -103.37
N THR BA 228 -2.54 -15.16 -104.04
CA THR BA 228 -2.54 -13.74 -104.34
C THR BA 228 -3.91 -13.16 -103.97
N VAL BA 229 -3.90 -12.09 -103.19
CA VAL BA 229 -5.11 -11.43 -102.73
C VAL BA 229 -5.12 -10.00 -103.23
N THR BA 230 -6.24 -9.58 -103.81
CA THR BA 230 -6.37 -8.21 -104.30
C THR BA 230 -6.65 -7.26 -103.15
N VAL BA 231 -6.03 -6.08 -103.21
CA VAL BA 231 -6.27 -5.06 -102.20
C VAL BA 231 -7.73 -4.61 -102.22
N ALA BA 232 -8.29 -4.43 -103.41
CA ALA BA 232 -9.68 -4.03 -103.53
C ALA BA 232 -10.61 -5.14 -103.03
N THR BA 233 -11.72 -4.71 -102.44
CA THR BA 233 -12.71 -5.64 -101.93
C THR BA 233 -13.38 -6.40 -103.07
N GLY BA 234 -13.62 -7.69 -102.84
CA GLY BA 234 -14.24 -8.51 -103.85
C GLY BA 234 -14.30 -9.96 -103.40
N ALA BA 235 -14.73 -10.81 -104.34
CA ALA BA 235 -14.80 -12.24 -104.06
C ALA BA 235 -13.42 -12.83 -103.83
N SER BA 236 -12.44 -12.43 -104.63
CA SER BA 236 -11.07 -12.91 -104.52
C SER BA 236 -10.20 -11.98 -103.68
N HIS BA 237 -10.80 -11.07 -102.91
CA HIS BA 237 -10.04 -10.15 -102.09
C HIS BA 237 -9.33 -10.85 -100.93
N THR BA 238 -9.94 -11.90 -100.38
CA THR BA 238 -9.38 -12.65 -99.27
C THR BA 238 -9.12 -14.09 -99.69
N ALA BA 239 -8.23 -14.76 -98.96
CA ALA BA 239 -7.89 -16.15 -99.21
C ALA BA 239 -7.89 -16.91 -97.89
N GLN BA 240 -8.52 -18.08 -97.89
CA GLN BA 240 -8.59 -18.93 -96.71
C GLN BA 240 -7.51 -20.01 -96.80
N LEU BA 241 -6.68 -20.12 -95.76
CA LEU BA 241 -5.61 -21.08 -95.76
C LEU BA 241 -6.10 -22.43 -95.25
N LEU BA 242 -5.26 -23.45 -95.44
CA LEU BA 242 -5.56 -24.80 -94.97
C LEU BA 242 -4.25 -25.52 -94.71
N VAL BA 243 -4.06 -26.00 -93.49
CA VAL BA 243 -2.82 -26.63 -93.05
C VAL BA 243 -3.10 -28.10 -92.79
N GLU BA 244 -2.31 -28.97 -93.42
CA GLU BA 244 -2.49 -30.40 -93.35
C GLU BA 244 -1.26 -31.05 -92.74
N GLY BA 245 -1.34 -32.38 -92.59
CA GLY BA 245 -0.23 -33.18 -92.11
C GLY BA 245 0.09 -34.32 -93.05
N ASP BA 246 1.17 -35.02 -92.71
CA ASP BA 246 1.59 -36.16 -93.52
C ASP BA 246 0.59 -37.31 -93.44
N ASN BA 247 -0.23 -37.33 -92.39
CA ASN BA 247 -1.25 -38.37 -92.24
C ASN BA 247 -2.59 -37.99 -92.85
N GLY BA 248 -2.70 -36.79 -93.42
CA GLY BA 248 -3.94 -36.38 -94.06
C GLY BA 248 -4.98 -35.77 -93.14
N ILE BA 249 -4.57 -35.27 -91.98
CA ILE BA 249 -5.51 -34.68 -91.02
C ILE BA 249 -5.36 -33.17 -91.06
N ASN BA 250 -6.48 -32.47 -91.18
CA ASN BA 250 -6.48 -31.01 -91.20
C ASN BA 250 -6.17 -30.48 -89.80
N TYR BA 251 -5.00 -29.84 -89.65
CA TYR BA 251 -4.57 -29.30 -88.38
C TYR BA 251 -4.75 -27.79 -88.28
N THR BA 252 -5.54 -27.20 -89.18
CA THR BA 252 -5.75 -25.75 -89.18
C THR BA 252 -6.25 -25.20 -87.85
N PRO BA 253 -7.23 -25.79 -87.17
CA PRO BA 253 -7.62 -25.25 -85.85
C PRO BA 253 -6.51 -25.33 -84.82
N ASP BA 254 -5.56 -26.25 -84.96
CA ASP BA 254 -4.54 -26.50 -83.95
C ASP BA 254 -3.23 -25.76 -84.21
N VAL BA 255 -3.18 -24.91 -85.24
CA VAL BA 255 -1.96 -24.19 -85.57
C VAL BA 255 -2.16 -22.71 -85.28
N VAL BA 256 -1.05 -22.02 -85.04
CA VAL BA 256 -1.04 -20.59 -84.76
C VAL BA 256 -0.56 -19.86 -86.01
N PHE BA 257 -1.35 -18.90 -86.48
CA PHE BA 257 -1.02 -18.14 -87.68
C PHE BA 257 -0.31 -16.85 -87.30
N THR BA 258 0.91 -16.69 -87.80
CA THR BA 258 1.70 -15.49 -87.58
C THR BA 258 2.12 -14.92 -88.92
N SER BA 259 1.90 -13.62 -89.11
CA SER BA 259 2.26 -12.96 -90.36
C SER BA 259 3.57 -12.19 -90.19
N SER BA 260 4.27 -11.99 -91.31
CA SER BA 260 5.52 -11.25 -91.32
C SER BA 260 5.26 -9.75 -91.21
N ALA BA 261 4.53 -9.18 -92.16
CA ALA BA 261 4.11 -7.79 -92.12
C ALA BA 261 2.60 -7.73 -91.98
N PRO BA 262 2.07 -7.47 -90.79
CA PRO BA 262 0.61 -7.44 -90.62
C PRO BA 262 -0.09 -6.41 -91.48
N ASP BA 263 0.55 -5.27 -91.73
CA ASP BA 263 -0.07 -4.21 -92.53
C ASP BA 263 -0.31 -4.67 -93.97
N LYS BA 264 0.64 -5.42 -94.54
CA LYS BA 264 0.51 -5.84 -95.93
C LYS BA 264 -0.62 -6.86 -96.10
N ALA BA 265 -0.64 -7.88 -95.26
CA ALA BA 265 -1.68 -8.91 -95.31
C ALA BA 265 -2.01 -9.32 -93.88
N SER BA 266 -3.26 -9.15 -93.50
CA SER BA 266 -3.71 -9.49 -92.15
C SER BA 266 -4.33 -10.88 -92.15
N VAL BA 267 -3.87 -11.71 -91.23
CA VAL BA 267 -4.36 -13.09 -91.09
C VAL BA 267 -4.95 -13.23 -89.69
N SER BA 268 -6.13 -13.83 -89.61
CA SER BA 268 -6.80 -14.06 -88.34
C SER BA 268 -6.25 -15.34 -87.71
N ALA BA 269 -6.79 -15.71 -86.55
CA ALA BA 269 -6.38 -16.97 -85.91
C ALA BA 269 -6.81 -18.17 -86.73
N ALA BA 270 -7.98 -18.08 -87.37
CA ALA BA 270 -8.46 -19.19 -88.20
C ALA BA 270 -7.54 -19.44 -89.39
N GLY BA 271 -7.04 -18.36 -90.00
CA GLY BA 271 -6.15 -18.51 -91.13
C GLY BA 271 -6.69 -17.92 -92.42
N LEU BA 272 -7.48 -16.86 -92.31
CA LEU BA 272 -7.96 -16.13 -93.48
C LEU BA 272 -7.04 -14.94 -93.73
N VAL BA 273 -6.47 -14.90 -94.93
CA VAL BA 273 -5.49 -13.87 -95.29
C VAL BA 273 -6.18 -12.82 -96.14
N THR BA 274 -6.24 -11.60 -95.62
CA THR BA 274 -6.90 -10.47 -96.28
C THR BA 274 -5.83 -9.45 -96.66
N GLY BA 275 -5.82 -9.05 -97.92
CA GLY BA 275 -4.79 -8.13 -98.41
C GLY BA 275 -5.11 -6.67 -98.16
N VAL BA 276 -4.56 -6.11 -97.09
CA VAL BA 276 -4.78 -4.70 -96.79
C VAL BA 276 -4.00 -3.81 -97.75
N ALA BA 277 -2.72 -4.10 -97.93
CA ALA BA 277 -1.85 -3.28 -98.78
C ALA BA 277 -1.00 -4.19 -99.65
N ALA BA 278 -0.59 -3.66 -100.80
CA ALA BA 278 0.24 -4.41 -101.71
C ALA BA 278 1.60 -4.69 -101.09
N GLY BA 279 2.18 -5.83 -101.46
CA GLY BA 279 3.49 -6.22 -100.98
C GLY BA 279 3.56 -7.71 -100.81
N SER BA 280 4.71 -8.17 -100.31
CA SER BA 280 4.96 -9.58 -100.07
C SER BA 280 4.99 -9.82 -98.57
N ALA BA 281 4.16 -10.75 -98.11
CA ALA BA 281 4.06 -11.07 -96.70
C ALA BA 281 4.14 -12.58 -96.52
N THR BA 282 4.76 -13.00 -95.42
CA THR BA 282 4.95 -14.41 -95.10
C THR BA 282 4.00 -14.80 -93.99
N ILE BA 283 3.20 -15.85 -94.24
CA ILE BA 283 2.26 -16.37 -93.26
C ILE BA 283 2.80 -17.71 -92.77
N THR BA 284 3.03 -17.80 -91.46
CA THR BA 284 3.69 -18.95 -90.86
C THR BA 284 2.76 -19.62 -89.85
N ALA BA 285 2.46 -20.89 -90.06
CA ALA BA 285 1.59 -21.65 -89.17
C ALA BA 285 2.44 -22.58 -88.32
N THR BA 286 2.31 -22.45 -87.00
CA THR BA 286 3.12 -23.19 -86.05
C THR BA 286 2.24 -24.05 -85.16
N LYS BA 287 2.64 -25.31 -84.99
CA LYS BA 287 2.00 -26.22 -84.03
C LYS BA 287 3.11 -27.01 -83.34
N GLY BA 288 3.32 -26.75 -82.06
CA GLY BA 288 4.43 -27.38 -81.36
C GLY BA 288 5.75 -26.94 -81.98
N ALA BA 289 6.59 -27.93 -82.31
CA ALA BA 289 7.85 -27.67 -82.98
C ALA BA 289 7.73 -27.69 -84.50
N LEU BA 290 6.59 -28.08 -85.04
CA LEU BA 290 6.38 -28.14 -86.48
C LEU BA 290 5.93 -26.79 -87.02
N THR BA 291 6.37 -26.48 -88.24
CA THR BA 291 6.13 -25.17 -88.83
C THR BA 291 5.85 -25.32 -90.31
N ALA BA 292 4.83 -24.62 -90.79
CA ALA BA 292 4.52 -24.51 -92.21
C ALA BA 292 4.61 -23.05 -92.61
N THR BA 293 5.33 -22.77 -93.70
CA THR BA 293 5.57 -21.40 -94.14
C THR BA 293 4.97 -21.19 -95.52
N ALA BA 294 4.25 -20.07 -95.66
CA ALA BA 294 3.64 -19.69 -96.92
C ALA BA 294 3.97 -18.23 -97.22
N THR BA 295 4.04 -17.91 -98.51
CA THR BA 295 4.32 -16.55 -98.96
C THR BA 295 3.18 -16.06 -99.84
N VAL BA 296 2.74 -14.83 -99.60
CA VAL BA 296 1.61 -14.23 -100.31
C VAL BA 296 2.08 -12.94 -100.96
N THR BA 297 1.80 -12.79 -102.25
CA THR BA 297 2.04 -11.55 -102.97
C THR BA 297 0.72 -10.80 -103.11
N VAL BA 298 0.67 -9.57 -102.62
CA VAL BA 298 -0.54 -8.77 -102.62
C VAL BA 298 -0.44 -7.73 -103.74
N THR BA 299 -1.49 -7.66 -104.56
CA THR BA 299 -1.57 -6.71 -105.67
C THR BA 299 -2.75 -5.79 -105.46
N ALA BA 300 -2.63 -4.57 -105.97
CA ALA BA 300 -3.70 -3.59 -105.84
C ALA BA 300 -4.21 -3.14 -107.21
N THR CA 2 -23.15 -26.37 -83.07
CA THR CA 2 -24.04 -26.82 -82.00
C THR CA 2 -23.27 -27.56 -80.92
N ASP CA 3 -23.28 -27.00 -79.71
CA ASP CA 3 -22.56 -27.60 -78.60
C ASP CA 3 -23.33 -28.78 -78.03
N PHE CA 4 -22.68 -29.50 -77.11
CA PHE CA 4 -23.28 -30.69 -76.51
C PHE CA 4 -24.55 -30.36 -75.73
N TYR CA 5 -24.54 -29.22 -75.03
CA TYR CA 5 -25.69 -28.84 -74.20
C TYR CA 5 -26.94 -28.62 -75.05
N THR CA 6 -26.80 -27.96 -76.19
CA THR CA 6 -27.96 -27.72 -77.05
C THR CA 6 -28.48 -29.03 -77.64
N ILE CA 7 -27.58 -29.95 -77.99
CA ILE CA 7 -28.01 -31.24 -78.51
C ILE CA 7 -28.75 -32.03 -77.45
N LYS CA 8 -28.28 -31.99 -76.20
CA LYS CA 8 -28.92 -32.73 -75.13
C LYS CA 8 -30.35 -32.25 -74.89
N ASP CA 9 -30.57 -30.93 -74.94
CA ASP CA 9 -31.91 -30.34 -74.86
C ASP CA 9 -32.68 -30.83 -73.64
N ALA CA 10 -32.00 -30.89 -72.49
CA ALA CA 10 -32.62 -31.41 -71.29
C ALA CA 10 -33.67 -30.45 -70.75
N GLN CA 11 -34.80 -31.01 -70.34
CA GLN CA 11 -35.92 -30.25 -69.77
C GLN CA 11 -36.20 -30.81 -68.39
N ALA CA 12 -35.62 -30.18 -67.36
CA ALA CA 12 -35.81 -30.65 -65.99
C ALA CA 12 -37.27 -30.52 -65.56
N ASP CA 13 -38.01 -29.55 -66.11
CA ASP CA 13 -39.40 -29.38 -65.76
C ASP CA 13 -40.27 -30.54 -66.21
N LEU CA 14 -39.81 -31.34 -67.17
CA LEU CA 14 -40.56 -32.49 -67.63
C LEU CA 14 -40.42 -33.71 -66.73
N ALA CA 15 -39.56 -33.65 -65.71
CA ALA CA 15 -39.50 -34.69 -64.70
C ALA CA 15 -40.59 -34.46 -63.67
N ILE CA 16 -41.47 -35.45 -63.50
CA ILE CA 16 -42.65 -35.32 -62.68
C ILE CA 16 -42.54 -36.26 -61.49
N ALA CA 17 -42.71 -35.72 -60.28
CA ALA CA 17 -42.62 -36.49 -59.05
C ALA CA 17 -44.01 -36.73 -58.49
N PRO CA 18 -44.42 -37.98 -58.29
CA PRO CA 18 -45.72 -38.24 -57.65
C PRO CA 18 -45.65 -38.00 -56.14
N LEU CA 19 -45.71 -36.72 -55.77
CA LEU CA 19 -45.56 -36.35 -54.36
C LEU CA 19 -46.69 -36.93 -53.52
N ASN CA 20 -47.89 -36.93 -54.05
CA ASN CA 20 -49.02 -37.62 -53.44
C ASN CA 20 -49.62 -38.56 -54.47
N LEU CA 21 -50.21 -39.64 -53.97
CA LEU CA 21 -50.74 -40.69 -54.83
C LEU CA 21 -51.96 -41.30 -54.17
N THR CA 22 -52.95 -41.65 -54.98
CA THR CA 22 -54.14 -42.32 -54.49
C THR CA 22 -54.56 -43.40 -55.48
N VAL CA 23 -55.08 -44.50 -54.96
CA VAL CA 23 -55.59 -45.61 -55.75
C VAL CA 23 -57.09 -45.68 -55.54
N LEU CA 24 -57.84 -45.65 -56.63
CA LEU CA 24 -59.30 -45.73 -56.57
C LEU CA 24 -59.76 -46.98 -57.29
N LEU CA 25 -60.66 -47.72 -56.67
CA LEU CA 25 -61.24 -48.92 -57.24
C LEU CA 25 -62.74 -48.75 -57.39
N ALA CA 26 -63.29 -49.33 -58.44
CA ALA CA 26 -64.71 -49.32 -58.70
C ALA CA 26 -65.17 -50.73 -59.05
N PRO CA 27 -66.41 -51.06 -58.74
CA PRO CA 27 -66.95 -52.36 -59.18
C PRO CA 27 -66.99 -52.44 -60.70
N TYR CA 28 -66.93 -53.67 -61.21
CA TYR CA 28 -66.87 -53.86 -62.65
C TYR CA 28 -68.09 -53.32 -63.38
N SER CA 29 -69.21 -53.16 -62.69
CA SER CA 29 -70.40 -52.59 -63.30
C SER CA 29 -70.27 -51.08 -63.54
N THR CA 30 -69.29 -50.43 -62.92
CA THR CA 30 -69.11 -48.99 -63.10
C THR CA 30 -68.67 -48.67 -64.53
N THR CA 31 -69.13 -47.53 -65.04
CA THR CA 31 -68.68 -47.06 -66.34
C THR CA 31 -67.22 -46.63 -66.24
N PRO CA 32 -66.33 -47.19 -67.06
CA PRO CA 32 -64.91 -46.89 -66.92
C PRO CA 32 -64.60 -45.42 -67.20
N ALA CA 33 -63.63 -44.89 -66.45
CA ALA CA 33 -63.14 -43.55 -66.71
C ALA CA 33 -62.38 -43.52 -68.03
N THR CA 34 -62.62 -42.48 -68.83
CA THR CA 34 -61.86 -42.25 -70.04
C THR CA 34 -60.81 -41.17 -69.87
N THR CA 35 -61.06 -40.20 -68.99
CA THR CA 35 -60.10 -39.16 -68.66
C THR CA 35 -60.43 -38.64 -67.28
N LEU CA 36 -59.44 -38.05 -66.62
CA LEU CA 36 -59.64 -37.48 -65.29
C LEU CA 36 -59.79 -35.97 -65.34
N GLU CA 37 -59.84 -35.38 -66.53
CA GLU CA 37 -59.93 -33.93 -66.67
C GLU CA 37 -61.39 -33.52 -66.85
N SER CA 38 -61.84 -32.58 -66.04
CA SER CA 38 -63.22 -32.12 -66.12
C SER CA 38 -63.43 -31.36 -67.43
N PRO CA 39 -64.52 -31.62 -68.17
CA PRO CA 39 -64.78 -30.86 -69.41
C PRO CA 39 -65.17 -29.41 -69.16
N THR CA 40 -65.42 -29.01 -67.92
CA THR CA 40 -65.87 -27.65 -67.64
C THR CA 40 -64.69 -26.70 -67.41
N ASP CA 41 -63.85 -27.02 -66.43
CA ASP CA 41 -62.71 -26.18 -66.09
C ASP CA 41 -61.37 -26.90 -66.12
N GLY CA 42 -61.35 -28.17 -66.49
CA GLY CA 42 -60.10 -28.92 -66.51
C GLY CA 42 -59.64 -29.45 -65.19
N SER CA 43 -60.43 -29.29 -64.13
CA SER CA 43 -60.04 -29.78 -62.81
C SER CA 43 -60.16 -31.30 -62.75
N LEU CA 44 -59.56 -31.86 -61.70
CA LEU CA 44 -59.60 -33.30 -61.51
C LEU CA 44 -61.03 -33.75 -61.21
N ALA CA 45 -61.53 -34.70 -62.00
CA ALA CA 45 -62.91 -35.19 -61.85
C ALA CA 45 -62.88 -36.71 -61.88
N ILE CA 46 -63.22 -37.32 -60.76
CA ILE CA 46 -63.30 -38.78 -60.65
C ILE CA 46 -64.72 -39.21 -60.94
N PRO CA 47 -64.93 -40.18 -61.84
CA PRO CA 47 -66.28 -40.63 -62.14
C PRO CA 47 -66.90 -41.28 -60.92
N PRO CA 48 -68.23 -41.23 -60.80
CA PRO CA 48 -68.89 -41.89 -59.67
C PRO CA 48 -68.65 -43.39 -59.68
N GLY CA 49 -68.59 -43.97 -58.49
CA GLY CA 49 -68.33 -45.38 -58.30
C GLY CA 49 -66.90 -45.72 -57.97
N TYR CA 50 -65.95 -44.84 -58.26
CA TYR CA 50 -64.56 -45.05 -57.90
C TYR CA 50 -64.34 -44.58 -56.47
N LYS CA 51 -63.83 -45.47 -55.63
CA LYS CA 51 -63.59 -45.18 -54.22
C LYS CA 51 -62.13 -45.41 -53.90
N SER CA 52 -61.53 -44.45 -53.21
CA SER CA 52 -60.13 -44.57 -52.81
C SER CA 52 -59.95 -45.65 -51.75
N VAL CA 53 -58.82 -46.35 -51.82
CA VAL CA 53 -58.47 -47.31 -50.78
C VAL CA 53 -57.86 -46.66 -49.55
N GLY CA 54 -57.57 -45.37 -49.61
CA GLY CA 54 -57.01 -44.67 -48.48
C GLY CA 54 -55.49 -44.70 -48.41
N HIS CA 55 -54.96 -44.59 -47.21
CA HIS CA 55 -53.52 -44.55 -47.01
C HIS CA 55 -52.86 -45.86 -47.39
N PHE CA 56 -51.68 -45.78 -47.99
CA PHE CA 56 -50.86 -46.96 -48.23
C PHE CA 56 -49.42 -46.65 -47.81
N GLU CA 57 -48.64 -47.71 -47.66
CA GLU CA 57 -47.36 -47.62 -46.97
C GLU CA 57 -46.37 -46.81 -47.80
N LYS CA 58 -45.63 -45.92 -47.13
CA LYS CA 58 -44.78 -44.95 -47.83
C LYS CA 58 -43.57 -45.63 -48.46
N GLN CA 59 -42.85 -46.46 -47.70
CA GLN CA 59 -41.57 -46.98 -48.16
C GLN CA 59 -41.74 -47.88 -49.39
N ALA CA 60 -42.73 -48.78 -49.36
CA ALA CA 60 -42.95 -49.64 -50.51
C ALA CA 60 -43.39 -48.83 -51.73
N GLY CA 61 -44.16 -47.77 -51.51
CA GLY CA 61 -44.68 -47.00 -52.61
C GLY CA 61 -45.62 -47.83 -53.45
N LEU CA 62 -45.66 -47.54 -54.74
CA LEU CA 62 -46.42 -48.33 -55.69
C LEU CA 62 -45.48 -48.72 -56.82
N THR CA 63 -45.45 -50.01 -57.14
CA THR CA 63 -44.60 -50.55 -58.18
C THR CA 63 -45.46 -50.98 -59.36
N LEU CA 64 -45.13 -50.46 -60.54
CA LEU CA 64 -45.79 -50.83 -61.78
C LEU CA 64 -44.89 -51.76 -62.57
N GLY CA 65 -45.42 -52.93 -62.94
CA GLY CA 65 -44.65 -53.93 -63.67
C GLY CA 65 -45.18 -54.09 -65.08
N ASN CA 66 -44.26 -54.34 -66.01
CA ASN CA 66 -44.60 -54.61 -67.40
C ASN CA 66 -43.71 -55.73 -67.90
N GLU CA 67 -44.32 -56.78 -68.47
CA GLU CA 67 -43.57 -57.86 -69.06
C GLU CA 67 -44.16 -58.18 -70.44
N PHE CA 68 -43.29 -58.57 -71.36
CA PHE CA 68 -43.68 -58.95 -72.71
C PHE CA 68 -43.43 -60.43 -72.92
N ASP CA 69 -44.42 -61.13 -73.45
CA ASP CA 69 -44.24 -62.50 -73.92
C ASP CA 69 -44.29 -62.52 -75.43
N SER CA 70 -43.25 -63.04 -76.06
CA SER CA 70 -43.11 -62.97 -77.50
C SER CA 70 -42.46 -64.25 -78.02
N LYS CA 71 -42.67 -64.49 -79.31
CA LYS CA 71 -42.11 -65.66 -79.98
C LYS CA 71 -41.35 -65.20 -81.21
N ASP CA 72 -40.12 -65.68 -81.36
CA ASP CA 72 -39.25 -65.32 -82.47
C ASP CA 72 -39.35 -66.38 -83.56
N ILE CA 73 -39.62 -65.94 -84.78
CA ILE CA 73 -39.64 -66.83 -85.94
C ILE CA 73 -38.24 -66.86 -86.53
N GLU CA 74 -37.60 -68.03 -86.48
CA GLU CA 74 -36.21 -68.18 -86.88
C GLU CA 74 -36.16 -68.85 -88.25
N ALA CA 75 -35.40 -68.26 -89.16
CA ALA CA 75 -35.20 -68.81 -90.50
C ALA CA 75 -33.75 -69.25 -90.65
N TYR CA 76 -33.55 -70.23 -91.54
CA TYR CA 76 -32.20 -70.72 -91.82
C TYR CA 76 -31.33 -69.59 -92.36
N GLY CA 77 -30.12 -69.48 -91.79
CA GLY CA 77 -29.16 -68.51 -92.25
C GLY CA 77 -29.36 -67.09 -91.76
N GLU CA 78 -30.37 -66.85 -90.92
CA GLU CA 78 -30.61 -65.51 -90.40
C GLU CA 78 -30.25 -65.48 -88.93
N PRO CA 79 -29.20 -64.74 -88.53
CA PRO CA 79 -28.86 -64.67 -87.11
C PRO CA 79 -29.95 -64.09 -86.25
N GLU CA 80 -30.71 -63.13 -86.77
CA GLU CA 80 -31.79 -62.49 -86.05
C GLU CA 80 -33.14 -62.97 -86.57
N PRO CA 81 -34.19 -62.93 -85.75
CA PRO CA 81 -35.50 -63.39 -86.20
C PRO CA 81 -36.00 -62.59 -87.39
N ILE CA 82 -36.67 -63.29 -88.31
CA ILE CA 82 -37.30 -62.61 -89.44
C ILE CA 82 -38.65 -62.01 -89.04
N ARG CA 83 -39.21 -62.45 -87.92
CA ARG CA 83 -40.46 -61.87 -87.42
C ARG CA 83 -40.60 -62.21 -85.95
N THR CA 84 -40.93 -61.20 -85.15
CA THR CA 84 -41.21 -61.39 -83.73
C THR CA 84 -42.69 -61.17 -83.49
N ILE CA 85 -43.35 -62.17 -82.91
CA ILE CA 85 -44.77 -62.10 -82.60
C ILE CA 85 -44.90 -61.86 -81.11
N ILE CA 86 -45.38 -60.68 -80.73
CA ILE CA 86 -45.59 -60.34 -79.33
C ILE CA 86 -47.03 -60.71 -78.97
N ASN CA 87 -47.19 -61.65 -78.03
CA ASN CA 87 -48.52 -62.10 -77.67
C ASN CA 87 -49.29 -61.01 -76.93
N LYS CA 88 -48.67 -60.40 -75.92
CA LYS CA 88 -49.35 -59.40 -75.10
C LYS CA 88 -48.33 -58.69 -74.22
N ARG CA 89 -48.80 -57.69 -73.50
CA ARG CA 89 -48.02 -56.95 -72.51
C ARG CA 89 -48.76 -57.01 -71.19
N THR CA 90 -48.18 -57.68 -70.20
CA THR CA 90 -48.82 -57.86 -68.91
C THR CA 90 -48.40 -56.75 -67.96
N THR CA 91 -49.38 -55.99 -67.47
CA THR CA 91 -49.15 -54.89 -66.56
C THR CA 91 -49.67 -55.27 -65.18
N THR CA 92 -48.84 -55.05 -64.15
CA THR CA 92 -49.22 -55.31 -62.77
C THR CA 92 -48.86 -54.11 -61.92
N PHE CA 93 -49.53 -54.00 -60.77
CA PHE CA 93 -49.15 -52.99 -59.79
C PHE CA 93 -49.47 -53.51 -58.39
N ASP CA 94 -48.58 -53.21 -57.46
CA ASP CA 94 -48.72 -53.65 -56.07
C ASP CA 94 -48.42 -52.49 -55.14
N PHE CA 95 -49.02 -52.55 -53.96
CA PHE CA 95 -48.96 -51.50 -52.95
C PHE CA 95 -49.51 -52.07 -51.64
N ALA CA 96 -49.11 -51.46 -50.53
CA ALA CA 96 -49.42 -51.98 -49.20
C ALA CA 96 -50.45 -51.07 -48.53
N MET CA 97 -51.70 -51.53 -48.48
CA MET CA 97 -52.79 -50.72 -47.94
C MET CA 97 -52.87 -50.83 -46.41
N TYR CA 98 -53.20 -49.69 -45.79
CA TYR CA 98 -53.33 -49.59 -44.34
C TYR CA 98 -54.76 -49.71 -43.83
N GLN CA 99 -55.75 -49.22 -44.56
CA GLN CA 99 -57.07 -48.97 -44.01
C GLN CA 99 -57.93 -50.22 -44.05
N ASN CA 100 -58.54 -50.55 -42.92
CA ASN CA 100 -59.43 -51.71 -42.81
C ASN CA 100 -60.85 -51.29 -43.14
N GLN CA 101 -61.08 -51.02 -44.41
CA GLN CA 101 -62.39 -50.64 -44.92
C GLN CA 101 -62.91 -51.72 -45.85
N ARG CA 102 -64.17 -51.58 -46.23
CA ARG CA 102 -64.88 -52.66 -46.91
C ARG CA 102 -64.27 -52.98 -48.27
N ASN CA 103 -63.92 -51.96 -49.05
CA ASN CA 103 -63.43 -52.23 -50.40
C ASN CA 103 -62.07 -52.94 -50.37
N VAL CA 104 -61.19 -52.55 -49.44
CA VAL CA 104 -59.89 -53.19 -49.31
C VAL CA 104 -60.05 -54.65 -48.92
N LEU CA 105 -60.89 -54.92 -47.92
CA LEU CA 105 -61.09 -56.29 -47.45
C LEU CA 105 -61.80 -57.14 -48.51
N GLU CA 106 -62.74 -56.54 -49.24
CA GLU CA 106 -63.37 -57.24 -50.36
C GLU CA 106 -62.34 -57.62 -51.40
N LEU CA 107 -61.41 -56.72 -51.70
CA LEU CA 107 -60.36 -57.03 -52.66
C LEU CA 107 -59.49 -58.18 -52.17
N ILE CA 108 -59.03 -58.11 -50.92
CA ILE CA 108 -58.09 -59.13 -50.44
C ILE CA 108 -58.77 -60.49 -50.31
N TRP CA 109 -60.05 -60.52 -49.92
CA TRP CA 109 -60.72 -61.79 -49.69
C TRP CA 109 -61.49 -62.30 -50.90
N THR CA 110 -61.47 -61.58 -52.02
CA THR CA 110 -62.17 -61.96 -53.26
C THR CA 110 -63.63 -62.30 -52.98
N GLN CA 111 -64.30 -61.37 -52.31
CA GLN CA 111 -65.68 -61.57 -51.92
C GLN CA 111 -66.39 -60.22 -51.90
N ASP CA 112 -67.70 -60.26 -52.14
CA ASP CA 112 -68.55 -59.08 -51.98
C ASP CA 112 -69.09 -59.08 -50.56
N PHE CA 113 -68.77 -58.02 -49.80
CA PHE CA 113 -69.20 -57.89 -48.42
C PHE CA 113 -70.26 -56.81 -48.24
N SER CA 114 -71.00 -56.48 -49.30
CA SER CA 114 -72.05 -55.47 -49.19
C SER CA 114 -73.23 -55.96 -48.35
N ASN CA 115 -73.44 -57.27 -48.27
CA ASN CA 115 -74.52 -57.83 -47.48
C ASN CA 115 -74.13 -58.07 -46.03
N ILE CA 116 -72.89 -57.76 -45.66
CA ILE CA 116 -72.46 -57.94 -44.28
C ILE CA 116 -73.12 -56.89 -43.40
N GLN CA 117 -73.81 -57.34 -42.36
CA GLN CA 117 -74.46 -56.43 -41.43
C GLN CA 117 -73.73 -56.43 -40.11
N PRO CA 118 -73.36 -55.27 -39.58
CA PRO CA 118 -72.71 -55.22 -38.26
C PRO CA 118 -73.64 -55.77 -37.19
N SER CA 119 -73.04 -56.40 -36.18
CA SER CA 119 -73.80 -56.97 -35.09
C SER CA 119 -74.39 -55.85 -34.22
N GLU CA 120 -75.07 -56.26 -33.14
CA GLU CA 120 -75.72 -55.30 -32.26
C GLU CA 120 -74.72 -54.28 -31.72
N PHE CA 121 -73.49 -54.72 -31.46
CA PHE CA 121 -72.45 -53.86 -30.93
C PHE CA 121 -71.45 -53.42 -31.99
N GLY CA 122 -71.78 -53.60 -33.27
CA GLY CA 122 -70.95 -53.13 -34.36
C GLY CA 122 -69.96 -54.13 -34.90
N GLY CA 123 -69.82 -55.30 -34.28
CA GLY CA 123 -68.85 -56.27 -34.74
C GLY CA 123 -69.24 -56.89 -36.07
N ILE CA 124 -68.24 -57.19 -36.88
CA ILE CA 124 -68.44 -57.82 -38.17
C ILE CA 124 -67.51 -59.03 -38.26
N VAL CA 125 -67.96 -60.05 -39.00
CA VAL CA 125 -67.17 -61.22 -39.31
C VAL CA 125 -67.20 -61.41 -40.81
N LEU CA 126 -66.02 -61.48 -41.42
CA LEU CA 126 -65.89 -61.64 -42.87
C LEU CA 126 -65.30 -63.02 -43.14
N GLU CA 127 -66.12 -63.91 -43.68
CA GLU CA 127 -65.67 -65.26 -43.99
C GLU CA 127 -65.13 -65.32 -45.41
N ALA CA 128 -63.99 -65.97 -45.57
CA ALA CA 128 -63.45 -66.20 -46.90
C ALA CA 128 -64.36 -67.14 -47.68
N PRO CA 129 -64.56 -66.90 -48.97
CA PRO CA 129 -65.42 -67.80 -49.76
C PRO CA 129 -64.83 -69.18 -49.86
N LYS CA 130 -65.71 -70.17 -50.03
CA LYS CA 130 -65.29 -71.55 -50.16
C LYS CA 130 -64.32 -71.73 -51.32
N VAL CA 131 -64.64 -71.10 -52.45
CA VAL CA 131 -63.74 -71.05 -53.60
C VAL CA 131 -63.40 -69.59 -53.86
N PRO CA 132 -62.13 -69.23 -54.04
CA PRO CA 132 -61.81 -67.84 -54.38
C PRO CA 132 -62.51 -67.44 -55.68
N LYS CA 133 -62.99 -66.19 -55.70
CA LYS CA 133 -63.78 -65.69 -56.82
C LYS CA 133 -62.92 -64.85 -57.76
N ASN CA 134 -63.25 -64.91 -59.05
CA ASN CA 134 -62.62 -64.08 -60.06
C ASN CA 134 -63.42 -62.78 -60.16
N ILE CA 135 -62.98 -61.77 -59.41
CA ILE CA 135 -63.66 -60.49 -59.37
C ILE CA 135 -62.79 -59.45 -60.05
N TYR CA 136 -63.40 -58.69 -60.97
CA TYR CA 136 -62.69 -57.64 -61.67
C TYR CA 136 -63.11 -56.27 -61.14
N TYR CA 137 -62.16 -55.34 -61.16
CA TYR CA 137 -62.39 -53.98 -60.71
C TYR CA 137 -61.90 -53.01 -61.77
N ARG CA 138 -62.41 -51.80 -61.70
CA ARG CA 138 -61.87 -50.69 -62.47
C ARG CA 138 -60.98 -49.86 -61.56
N ALA CA 139 -59.78 -49.54 -62.03
CA ALA CA 139 -58.76 -48.93 -61.20
C ALA CA 139 -58.30 -47.61 -61.79
N ILE CA 140 -58.05 -46.64 -60.90
CA ILE CA 140 -57.42 -45.38 -61.25
C ILE CA 140 -56.28 -45.15 -60.27
N LEU CA 141 -55.07 -45.02 -60.80
CA LEU CA 141 -53.90 -44.61 -60.02
C LEU CA 141 -53.54 -43.21 -60.47
N VAL CA 142 -53.85 -42.21 -59.65
CA VAL CA 142 -53.60 -40.81 -59.99
C VAL CA 142 -52.66 -40.21 -58.96
N GLY CA 143 -51.62 -39.55 -59.44
CA GLY CA 143 -50.66 -38.87 -58.59
C GLY CA 143 -50.66 -37.38 -58.84
N MET CA 144 -50.16 -36.61 -57.87
CA MET CA 144 -50.11 -35.16 -57.98
C MET CA 144 -48.68 -34.68 -57.79
N ASP CA 145 -48.23 -33.85 -58.69
CA ASP CA 145 -46.97 -33.11 -58.54
C ASP CA 145 -47.35 -31.64 -58.39
N ASP CA 146 -47.37 -31.18 -57.15
CA ASP CA 146 -47.76 -29.80 -56.83
C ASP CA 146 -46.50 -28.93 -56.88
N ARG CA 147 -46.29 -28.26 -58.01
CA ARG CA 147 -45.12 -27.42 -58.21
C ARG CA 147 -45.57 -25.99 -58.47
N ASN CA 148 -45.14 -25.07 -57.61
CA ASN CA 148 -45.42 -23.65 -57.78
C ASN CA 148 -46.92 -23.36 -57.87
N ASP CA 149 -47.71 -24.13 -57.10
CA ASP CA 149 -49.16 -24.04 -57.02
C ASP CA 149 -49.86 -24.35 -58.33
N ARG CA 150 -49.14 -24.88 -59.32
CA ARG CA 150 -49.73 -25.33 -60.59
C ARG CA 150 -49.56 -26.84 -60.67
N PRO CA 151 -50.50 -27.61 -60.15
CA PRO CA 151 -50.29 -29.06 -60.05
C PRO CA 151 -50.33 -29.77 -61.38
N ILE CA 152 -49.63 -30.89 -61.44
CA ILE CA 152 -49.71 -31.84 -62.54
C ILE CA 152 -50.32 -33.12 -62.01
N TRP CA 153 -51.35 -33.62 -62.69
CA TRP CA 153 -51.96 -34.90 -62.35
C TRP CA 153 -51.51 -35.93 -63.37
N LEU CA 154 -50.65 -36.84 -62.94
CA LEU CA 154 -50.26 -37.99 -63.73
C LEU CA 154 -51.06 -39.19 -63.25
N TYR CA 155 -51.67 -39.92 -64.17
CA TYR CA 155 -52.54 -41.01 -63.77
C TYR CA 155 -52.46 -42.17 -64.74
N TRP CA 156 -52.91 -43.33 -64.26
CA TRP CA 156 -53.02 -44.54 -65.04
C TRP CA 156 -54.46 -45.04 -64.94
N LEU CA 157 -55.04 -45.41 -66.07
CA LEU CA 157 -56.38 -45.96 -66.11
C LEU CA 157 -56.29 -47.45 -66.45
N MET CA 158 -56.84 -48.28 -65.57
CA MET CA 158 -56.83 -49.73 -65.75
C MET CA 158 -58.26 -50.22 -65.58
N PRO CA 159 -59.02 -50.26 -66.68
CA PRO CA 159 -60.47 -50.55 -66.57
C PRO CA 159 -60.80 -51.95 -66.07
N LYS CA 160 -59.87 -52.91 -66.14
CA LYS CA 160 -60.17 -54.30 -65.77
C LYS CA 160 -58.97 -54.89 -65.04
N VAL CA 161 -58.98 -54.78 -63.71
CA VAL CA 161 -57.92 -55.34 -62.89
C VAL CA 161 -58.50 -56.46 -62.03
N LYS CA 162 -57.65 -57.42 -61.71
CA LYS CA 162 -58.02 -58.56 -60.88
C LYS CA 162 -56.92 -58.82 -59.88
N LEU CA 163 -57.29 -59.33 -58.72
CA LEU CA 163 -56.30 -59.73 -57.72
C LEU CA 163 -55.48 -60.89 -58.25
N ASP CA 164 -54.16 -60.73 -58.25
CA ASP CA 164 -53.26 -61.74 -58.78
C ASP CA 164 -52.41 -62.40 -57.70
N LYS CA 165 -51.99 -61.66 -56.68
CA LYS CA 165 -51.07 -62.17 -55.69
C LYS CA 165 -51.27 -61.39 -54.40
N LEU CA 166 -51.01 -62.06 -53.28
CA LEU CA 166 -51.10 -61.44 -51.96
C LEU CA 166 -49.83 -61.76 -51.19
N ASP CA 167 -49.11 -60.73 -50.78
CA ASP CA 167 -47.86 -60.94 -50.04
C ASP CA 167 -48.16 -61.37 -48.61
N ASN CA 168 -47.14 -61.94 -47.97
CA ASN CA 168 -47.27 -62.39 -46.59
C ASN CA 168 -47.59 -61.22 -45.67
N GLN CA 169 -48.54 -61.42 -44.77
CA GLN CA 169 -48.96 -60.40 -43.82
C GLN CA 169 -48.33 -60.71 -42.47
N THR CA 170 -47.44 -59.83 -42.03
CA THR CA 170 -46.74 -59.99 -40.76
C THR CA 170 -47.33 -59.06 -39.72
N LEU CA 171 -47.73 -59.62 -38.59
CA LEU CA 171 -48.26 -58.85 -37.47
C LEU CA 171 -47.12 -58.57 -36.49
N ASN CA 172 -46.86 -57.30 -36.24
CA ASN CA 172 -45.87 -56.86 -35.29
C ASN CA 172 -46.53 -55.92 -34.28
N ASP CA 173 -46.03 -55.94 -33.05
CA ASP CA 173 -46.65 -55.13 -32.00
C ASP CA 173 -46.29 -53.66 -32.10
N ASP CA 174 -45.45 -53.27 -33.05
CA ASP CA 174 -45.08 -51.88 -33.26
C ASP CA 174 -45.42 -51.39 -34.67
N ASN CA 175 -46.33 -52.07 -35.36
CA ASN CA 175 -46.71 -51.69 -36.71
C ASN CA 175 -48.20 -51.97 -36.90
N VAL CA 176 -48.80 -51.26 -37.84
CA VAL CA 176 -50.18 -51.51 -38.21
C VAL CA 176 -50.21 -52.68 -39.19
N ILE CA 177 -51.37 -53.32 -39.31
CA ILE CA 177 -51.54 -54.41 -40.25
C ILE CA 177 -51.57 -53.83 -41.67
N GLU CA 178 -50.91 -54.51 -42.60
CA GLU CA 178 -50.84 -54.08 -43.98
C GLU CA 178 -51.37 -55.16 -44.90
N TYR CA 179 -52.05 -54.75 -45.96
CA TYR CA 179 -52.50 -55.64 -47.02
C TYR CA 179 -51.73 -55.27 -48.28
N LYS CA 180 -51.05 -56.26 -48.85
CA LYS CA 180 -50.13 -56.04 -49.96
C LYS CA 180 -50.56 -56.90 -51.14
N PRO CA 181 -51.55 -56.47 -51.90
CA PRO CA 181 -51.96 -57.22 -53.09
C PRO CA 181 -51.19 -56.81 -54.33
N THR CA 182 -51.11 -57.75 -55.26
CA THR CA 182 -50.64 -57.48 -56.61
C THR CA 182 -51.83 -57.61 -57.55
N LEU CA 183 -52.10 -56.54 -58.28
CA LEU CA 183 -53.22 -56.50 -59.21
C LEU CA 183 -52.73 -56.56 -60.63
N LYS CA 184 -53.39 -57.38 -61.45
CA LYS CA 184 -53.04 -57.55 -62.85
C LYS CA 184 -54.10 -56.89 -63.72
N ALA CA 185 -53.67 -56.07 -64.66
CA ALA CA 185 -54.58 -55.38 -65.57
C ALA CA 185 -54.90 -56.26 -66.77
N PHE CA 186 -56.17 -56.28 -67.14
CA PHE CA 186 -56.64 -57.03 -68.30
C PHE CA 186 -57.25 -56.08 -69.31
N ARG CA 187 -57.28 -56.52 -70.56
CA ARG CA 187 -57.88 -55.70 -71.61
C ARG CA 187 -59.40 -55.68 -71.46
N ASP CA 188 -59.96 -54.47 -71.42
CA ASP CA 188 -61.41 -54.30 -71.44
C ASP CA 188 -61.85 -54.08 -72.88
N ASP CA 189 -62.78 -54.91 -73.35
CA ASP CA 189 -63.16 -54.88 -74.76
C ASP CA 189 -63.86 -53.58 -75.14
N VAL CA 190 -64.72 -53.07 -74.25
CA VAL CA 190 -65.49 -51.88 -74.60
C VAL CA 190 -64.59 -50.66 -74.77
N VAL CA 191 -63.68 -50.42 -73.82
CA VAL CA 191 -62.77 -49.30 -73.95
C VAL CA 191 -61.57 -49.61 -74.82
N GLY CA 192 -61.28 -50.88 -75.08
CA GLY CA 192 -60.28 -51.27 -76.04
C GLY CA 192 -58.84 -51.17 -75.59
N TYR CA 193 -58.59 -51.08 -74.29
CA TYR CA 193 -57.22 -51.05 -73.76
C TYR CA 193 -57.21 -51.63 -72.36
N SER CA 194 -56.02 -52.04 -71.93
CA SER CA 194 -55.82 -52.50 -70.56
C SER CA 194 -55.21 -51.42 -69.67
N VAL CA 195 -54.30 -50.61 -70.19
CA VAL CA 195 -53.66 -49.55 -69.42
C VAL CA 195 -53.61 -48.29 -70.27
N ALA CA 196 -53.86 -47.15 -69.65
CA ALA CA 196 -53.70 -45.85 -70.27
C ALA CA 196 -52.98 -44.92 -69.29
N GLN CA 197 -52.09 -44.09 -69.81
CA GLN CA 197 -51.38 -43.11 -69.00
C GLN CA 197 -51.89 -41.73 -69.37
N GLY CA 198 -52.14 -40.90 -68.35
CA GLY CA 198 -52.71 -39.59 -68.57
C GLY CA 198 -51.91 -38.51 -67.85
N PHE CA 199 -51.97 -37.31 -68.42
CA PHE CA 199 -51.38 -36.11 -67.83
C PHE CA 199 -52.40 -34.99 -67.92
N ALA CA 200 -52.55 -34.25 -66.83
CA ALA CA 200 -53.54 -33.18 -66.77
C ALA CA 200 -53.11 -32.16 -65.72
N GLY CA 201 -53.86 -31.07 -65.64
CA GLY CA 201 -53.58 -30.01 -64.70
C GLY CA 201 -52.94 -28.80 -65.35
N PRO CA 202 -53.06 -27.64 -64.71
CA PRO CA 202 -52.43 -26.44 -65.28
C PRO CA 202 -50.92 -26.55 -65.42
N GLY CA 203 -50.26 -27.19 -64.48
CA GLY CA 203 -48.83 -27.42 -64.60
C GLY CA 203 -48.49 -28.25 -65.81
N TRP CA 204 -49.35 -29.22 -66.15
CA TRP CA 204 -49.14 -29.96 -67.38
C TRP CA 204 -49.39 -29.10 -68.60
N ARG CA 205 -50.46 -28.29 -68.56
CA ARG CA 205 -50.77 -27.40 -69.68
C ARG CA 205 -49.60 -26.47 -70.00
N ASP CA 206 -48.85 -26.07 -68.97
CA ASP CA 206 -47.65 -25.27 -69.22
C ASP CA 206 -46.58 -26.06 -69.97
N LEU CA 207 -46.67 -27.40 -70.00
CA LEU CA 207 -45.61 -28.23 -70.55
C LEU CA 207 -45.99 -29.03 -71.77
N VAL CA 208 -47.26 -29.00 -72.21
CA VAL CA 208 -47.70 -29.94 -73.25
C VAL CA 208 -46.91 -29.75 -74.52
N ALA CA 209 -46.70 -28.49 -74.94
CA ALA CA 209 -45.92 -28.23 -76.15
C ALA CA 209 -44.47 -28.66 -75.95
N THR CA 210 -43.90 -28.40 -74.77
CA THR CA 210 -42.54 -28.84 -74.48
C THR CA 210 -42.43 -30.35 -74.51
N ALA CA 211 -43.46 -31.05 -74.01
CA ALA CA 211 -43.45 -32.51 -74.01
C ALA CA 211 -43.61 -33.10 -75.40
N GLY CA 212 -43.90 -32.29 -76.40
CA GLY CA 212 -43.97 -32.77 -77.77
C GLY CA 212 -45.34 -33.23 -78.23
N PHE CA 213 -46.41 -32.87 -77.52
CA PHE CA 213 -47.77 -33.23 -77.91
C PHE CA 213 -48.46 -32.01 -78.48
N GLY CA 214 -49.04 -32.16 -79.68
CA GLY CA 214 -49.64 -31.02 -80.34
C GLY CA 214 -48.58 -30.08 -80.89
N GLU CA 215 -48.99 -28.81 -81.03
CA GLU CA 215 -48.13 -27.75 -81.54
C GLU CA 215 -47.90 -26.70 -80.46
N ALA CA 216 -46.84 -25.92 -80.65
CA ALA CA 216 -46.50 -24.88 -79.70
C ALA CA 216 -47.47 -23.70 -79.82
N LEU CA 217 -47.63 -22.98 -78.72
CA LEU CA 217 -48.52 -21.84 -78.65
C LEU CA 217 -47.81 -20.61 -79.20
N THR CA 218 -48.42 -19.94 -80.18
CA THR CA 218 -47.84 -18.75 -80.79
C THR CA 218 -48.82 -17.59 -80.92
N ALA CA 219 -50.10 -17.78 -80.63
CA ALA CA 219 -51.06 -16.70 -80.80
C ALA CA 219 -52.23 -16.92 -79.84
N LEU CA 220 -52.71 -15.82 -79.26
CA LEU CA 220 -53.84 -15.83 -78.35
C LEU CA 220 -55.00 -15.12 -79.02
N THR CA 221 -56.13 -15.82 -79.15
CA THR CA 221 -57.31 -15.29 -79.82
C THR CA 221 -58.48 -15.28 -78.85
N ILE CA 222 -59.15 -14.14 -78.76
CA ILE CA 222 -60.34 -14.01 -77.93
C ILE CA 222 -61.55 -14.38 -78.79
N THR CA 223 -62.18 -15.51 -78.46
CA THR CA 223 -63.23 -16.09 -79.30
C THR CA 223 -64.48 -15.21 -79.41
N PRO CA 224 -65.00 -14.60 -78.33
CA PRO CA 224 -66.23 -13.79 -78.52
C PRO CA 224 -66.05 -12.65 -79.50
N GLY CA 225 -64.89 -12.00 -79.51
CA GLY CA 225 -64.64 -10.95 -80.46
C GLY CA 225 -65.12 -9.60 -80.00
N SER CA 226 -66.31 -9.21 -80.46
CA SER CA 226 -66.93 -7.93 -80.08
C SER CA 226 -68.33 -8.21 -79.54
N PRO CA 227 -68.45 -8.48 -78.24
CA PRO CA 227 -69.77 -8.71 -77.65
C PRO CA 227 -70.41 -7.39 -77.20
N THR CA 228 -71.69 -7.51 -76.82
CA THR CA 228 -72.43 -6.39 -76.27
C THR CA 228 -73.16 -6.86 -75.02
N VAL CA 229 -72.96 -6.14 -73.92
CA VAL CA 229 -73.58 -6.46 -72.64
C VAL CA 229 -74.51 -5.33 -72.23
N THR CA 230 -75.69 -5.69 -71.74
CA THR CA 230 -76.67 -4.70 -71.34
C THR CA 230 -76.36 -4.19 -69.94
N VAL CA 231 -76.54 -2.88 -69.74
CA VAL CA 231 -76.35 -2.30 -68.42
C VAL CA 231 -77.36 -2.88 -67.43
N ALA CA 232 -78.61 -3.03 -67.86
CA ALA CA 232 -79.63 -3.61 -67.00
C ALA CA 232 -79.30 -5.07 -66.68
N THR CA 233 -79.64 -5.47 -65.46
CA THR CA 233 -79.40 -6.83 -65.01
C THR CA 233 -80.29 -7.81 -65.78
N GLY CA 234 -79.71 -8.94 -66.16
CA GLY CA 234 -80.44 -9.94 -66.90
C GLY CA 234 -79.53 -11.08 -67.31
N ALA CA 235 -80.09 -11.97 -68.13
CA ALA CA 235 -79.32 -13.11 -68.63
C ALA CA 235 -78.17 -12.66 -69.52
N SER CA 236 -78.41 -11.66 -70.37
CA SER CA 236 -77.40 -11.15 -71.27
C SER CA 236 -76.67 -9.93 -70.70
N HIS CA 237 -76.84 -9.66 -69.41
CA HIS CA 237 -76.17 -8.53 -68.78
C HIS CA 237 -74.66 -8.73 -68.69
N THR CA 238 -74.21 -9.98 -68.52
CA THR CA 238 -72.80 -10.31 -68.43
C THR CA 238 -72.40 -11.22 -69.57
N ALA CA 239 -71.10 -11.23 -69.88
CA ALA CA 239 -70.56 -12.07 -70.94
C ALA CA 239 -69.27 -12.72 -70.45
N GLN CA 240 -69.14 -14.03 -70.71
CA GLN CA 240 -67.97 -14.79 -70.31
C GLN CA 240 -67.02 -14.92 -71.49
N LEU CA 241 -65.76 -14.56 -71.29
CA LEU CA 241 -64.77 -14.62 -72.36
C LEU CA 241 -64.10 -15.99 -72.39
N LEU CA 242 -63.38 -16.23 -73.47
CA LEU CA 242 -62.64 -17.48 -73.64
C LEU CA 242 -61.44 -17.21 -74.55
N VAL CA 243 -60.24 -17.56 -74.07
CA VAL CA 243 -59.00 -17.27 -74.77
C VAL CA 243 -58.37 -18.59 -75.20
N GLU CA 244 -58.10 -18.71 -76.49
CA GLU CA 244 -57.57 -19.94 -77.08
C GLU CA 244 -56.19 -19.69 -77.66
N GLY CA 245 -55.56 -20.77 -78.11
CA GLY CA 245 -54.28 -20.71 -78.77
C GLY CA 245 -54.34 -21.34 -80.16
N ASP CA 246 -53.23 -21.22 -80.87
CA ASP CA 246 -53.16 -21.79 -82.22
C ASP CA 246 -53.22 -23.32 -82.19
N ASN CA 247 -52.88 -23.92 -81.05
CA ASN CA 247 -52.91 -25.37 -80.88
C ASN CA 247 -54.25 -25.88 -80.37
N GLY CA 248 -55.21 -24.99 -80.11
CA GLY CA 248 -56.52 -25.40 -79.65
C GLY CA 248 -56.65 -25.64 -78.17
N ILE CA 249 -55.76 -25.06 -77.36
CA ILE CA 249 -55.77 -25.24 -75.91
C ILE CA 249 -56.29 -23.97 -75.26
N ASN CA 250 -57.25 -24.13 -74.35
CA ASN CA 250 -57.81 -22.99 -73.64
C ASN CA 250 -56.79 -22.47 -72.63
N TYR CA 251 -56.38 -21.22 -72.79
CA TYR CA 251 -55.43 -20.58 -71.88
C TYR CA 251 -56.10 -19.53 -71.01
N THR CA 252 -57.43 -19.53 -70.92
CA THR CA 252 -58.13 -18.55 -70.10
C THR CA 252 -57.68 -18.53 -68.64
N PRO CA 253 -57.50 -19.66 -67.94
CA PRO CA 253 -56.97 -19.58 -66.57
C PRO CA 253 -55.56 -19.01 -66.51
N ASP CA 254 -54.80 -19.09 -67.59
CA ASP CA 254 -53.39 -18.69 -67.59
C ASP CA 254 -53.16 -17.28 -68.12
N VAL CA 255 -54.21 -16.53 -68.41
CA VAL CA 255 -54.07 -15.18 -68.94
C VAL CA 255 -54.57 -14.18 -67.89
N VAL CA 256 -54.09 -12.95 -68.02
CA VAL CA 256 -54.45 -11.85 -67.14
C VAL CA 256 -55.40 -10.93 -67.89
N PHE CA 257 -56.56 -10.64 -67.29
CA PHE CA 257 -57.57 -9.81 -67.92
C PHE CA 257 -57.45 -8.38 -67.42
N THR CA 258 -57.32 -7.44 -68.35
CA THR CA 258 -57.26 -6.01 -68.04
C THR CA 258 -58.30 -5.27 -68.87
N SER CA 259 -59.02 -4.36 -68.24
CA SER CA 259 -60.03 -3.56 -68.91
C SER CA 259 -59.53 -2.14 -69.09
N SER CA 260 -59.75 -1.58 -70.28
CA SER CA 260 -59.32 -0.21 -70.56
C SER CA 260 -60.04 0.78 -69.65
N ALA CA 261 -61.36 0.68 -69.59
CA ALA CA 261 -62.18 1.52 -68.69
C ALA CA 261 -62.91 0.62 -67.72
N PRO CA 262 -62.40 0.43 -66.50
CA PRO CA 262 -63.08 -0.45 -65.54
C PRO CA 262 -64.49 0.00 -65.22
N ASP CA 263 -64.75 1.30 -65.19
CA ASP CA 263 -66.09 1.80 -64.88
C ASP CA 263 -67.09 1.38 -65.95
N LYS CA 264 -66.69 1.41 -67.22
CA LYS CA 264 -67.61 1.09 -68.30
C LYS CA 264 -67.99 -0.39 -68.30
N ALA CA 265 -66.99 -1.25 -68.21
CA ALA CA 265 -67.21 -2.70 -68.18
C ALA CA 265 -66.17 -3.31 -67.26
N SER CA 266 -66.64 -3.99 -66.21
CA SER CA 266 -65.76 -4.61 -65.23
C SER CA 266 -65.54 -6.07 -65.59
N VAL CA 267 -64.28 -6.49 -65.64
CA VAL CA 267 -63.91 -7.86 -65.95
C VAL CA 267 -63.15 -8.43 -64.76
N SER CA 268 -63.53 -9.63 -64.34
CA SER CA 268 -62.87 -10.30 -63.23
C SER CA 268 -61.59 -10.98 -63.74
N ALA CA 269 -60.87 -11.64 -62.83
CA ALA CA 269 -59.68 -12.38 -63.24
C ALA CA 269 -60.03 -13.55 -64.15
N ALA CA 270 -61.17 -14.19 -63.90
CA ALA CA 270 -61.61 -15.29 -64.74
C ALA CA 270 -61.86 -14.83 -66.17
N GLY CA 271 -62.47 -13.67 -66.35
CA GLY CA 271 -62.73 -13.15 -67.67
C GLY CA 271 -64.20 -12.94 -67.97
N LEU CA 272 -65.00 -12.70 -66.93
CA LEU CA 272 -66.41 -12.37 -67.09
C LEU CA 272 -66.56 -10.85 -67.18
N VAL CA 273 -67.16 -10.39 -68.27
CA VAL CA 273 -67.30 -8.97 -68.55
C VAL CA 273 -68.72 -8.55 -68.21
N THR CA 274 -68.85 -7.66 -67.22
CA THR CA 274 -70.13 -7.17 -66.75
C THR CA 274 -70.24 -5.68 -67.07
N GLY CA 275 -71.34 -5.30 -67.73
CA GLY CA 275 -71.48 -3.93 -68.17
C GLY CA 275 -72.06 -3.00 -67.11
N VAL CA 276 -71.19 -2.27 -66.42
CA VAL CA 276 -71.64 -1.33 -65.40
C VAL CA 276 -72.31 -0.12 -66.05
N ALA CA 277 -71.70 0.43 -67.09
CA ALA CA 277 -72.23 1.62 -67.74
C ALA CA 277 -71.96 1.54 -69.23
N ALA CA 278 -72.77 2.26 -70.00
CA ALA CA 278 -72.63 2.27 -71.45
C ALA CA 278 -71.28 2.87 -71.86
N GLY CA 279 -70.72 2.33 -72.91
CA GLY CA 279 -69.46 2.82 -73.45
C GLY CA 279 -68.69 1.70 -74.10
N SER CA 280 -67.60 2.09 -74.76
CA SER CA 280 -66.72 1.16 -75.44
C SER CA 280 -65.48 0.94 -74.59
N ALA CA 281 -65.27 -0.30 -74.17
CA ALA CA 281 -64.14 -0.66 -73.33
C ALA CA 281 -63.37 -1.81 -73.98
N THR CA 282 -62.06 -1.82 -73.77
CA THR CA 282 -61.17 -2.81 -74.35
C THR CA 282 -60.73 -3.78 -73.27
N ILE CA 283 -60.94 -5.07 -73.51
CA ILE CA 283 -60.54 -6.13 -72.58
C ILE CA 283 -59.35 -6.86 -73.21
N THR CA 284 -58.21 -6.80 -72.54
CA THR CA 284 -56.96 -7.33 -73.07
C THR CA 284 -56.47 -8.48 -72.20
N ALA CA 285 -56.26 -9.64 -72.80
CA ALA CA 285 -55.78 -10.83 -72.12
C ALA CA 285 -54.30 -11.03 -72.44
N THR CA 286 -53.48 -11.11 -71.40
CA THR CA 286 -52.03 -11.21 -71.56
C THR CA 286 -51.52 -12.48 -70.91
N LYS CA 287 -50.65 -13.20 -71.63
CA LYS CA 287 -49.93 -14.35 -71.10
C LYS CA 287 -48.52 -14.29 -71.67
N GLY CA 288 -47.54 -14.01 -70.80
CA GLY CA 288 -46.19 -13.80 -71.30
C GLY CA 288 -46.16 -12.58 -72.20
N ALA CA 289 -45.58 -12.75 -73.39
CA ALA CA 289 -45.58 -11.70 -74.40
C ALA CA 289 -46.81 -11.75 -75.31
N LEU CA 290 -47.54 -12.86 -75.31
CA LEU CA 290 -48.70 -12.98 -76.18
C LEU CA 290 -49.87 -12.17 -75.63
N THR CA 291 -50.63 -11.56 -76.54
CA THR CA 291 -51.70 -10.66 -76.14
C THR CA 291 -52.91 -10.86 -77.06
N ALA CA 292 -54.09 -10.94 -76.44
CA ALA CA 292 -55.35 -11.00 -77.16
C ALA CA 292 -56.20 -9.81 -76.75
N THR CA 293 -56.71 -9.06 -77.72
CA THR CA 293 -57.46 -7.84 -77.45
C THR CA 293 -58.90 -8.00 -77.94
N ALA CA 294 -59.84 -7.60 -77.08
CA ALA CA 294 -61.27 -7.63 -77.40
C ALA CA 294 -61.89 -6.29 -77.03
N THR CA 295 -62.92 -5.92 -77.77
CA THR CA 295 -63.63 -4.66 -77.56
C THR CA 295 -65.11 -4.96 -77.32
N VAL CA 296 -65.69 -4.30 -76.33
CA VAL CA 296 -67.08 -4.50 -75.95
C VAL CA 296 -67.79 -3.15 -75.98
N THR CA 297 -68.92 -3.09 -76.68
CA THR CA 297 -69.76 -1.89 -76.71
C THR CA 297 -70.92 -2.12 -75.76
N VAL CA 298 -70.92 -1.39 -74.64
CA VAL CA 298 -71.95 -1.54 -73.63
C VAL CA 298 -73.14 -0.64 -73.97
N THR CA 299 -74.34 -1.21 -73.89
CA THR CA 299 -75.58 -0.49 -74.15
C THR CA 299 -76.46 -0.52 -72.91
N ALA CA 300 -77.24 0.54 -72.74
CA ALA CA 300 -78.12 0.67 -71.59
C ALA CA 300 -79.58 0.76 -72.02
N THR DA 2 -63.04 -30.49 -56.82
CA THR DA 2 -62.56 -31.47 -55.85
C THR DA 2 -61.06 -31.59 -55.91
N ASP DA 3 -60.39 -31.25 -54.80
CA ASP DA 3 -58.94 -31.31 -54.74
C ASP DA 3 -58.48 -32.76 -54.51
N PHE DA 4 -57.16 -32.93 -54.59
CA PHE DA 4 -56.58 -34.26 -54.45
C PHE DA 4 -56.84 -34.84 -53.06
N TYR DA 5 -56.76 -34.00 -52.03
CA TYR DA 5 -56.94 -34.48 -50.66
C TYR DA 5 -58.32 -35.06 -50.43
N THR DA 6 -59.36 -34.40 -50.96
CA THR DA 6 -60.72 -34.91 -50.79
C THR DA 6 -60.91 -36.22 -51.55
N ILE DA 7 -60.30 -36.34 -52.73
CA ILE DA 7 -60.42 -37.58 -53.50
C ILE DA 7 -59.72 -38.72 -52.76
N LYS DA 8 -58.58 -38.44 -52.13
CA LYS DA 8 -57.84 -39.49 -51.44
C LYS DA 8 -58.65 -40.07 -50.29
N ASP DA 9 -59.36 -39.21 -49.53
CA ASP DA 9 -60.27 -39.65 -48.47
C ASP DA 9 -59.56 -40.57 -47.47
N ALA DA 10 -58.36 -40.17 -47.07
CA ALA DA 10 -57.59 -41.01 -46.16
C ALA DA 10 -58.15 -40.96 -44.75
N GLN DA 11 -58.27 -42.13 -44.13
CA GLN DA 11 -58.74 -42.28 -42.75
C GLN DA 11 -57.65 -42.97 -41.94
N ALA DA 12 -56.84 -42.18 -41.25
CA ALA DA 12 -55.77 -42.75 -40.45
C ALA DA 12 -56.31 -43.60 -39.30
N ASP DA 13 -57.51 -43.28 -38.80
CA ASP DA 13 -58.11 -44.06 -37.73
C ASP DA 13 -58.45 -45.49 -38.15
N LEU DA 14 -58.56 -45.76 -39.45
CA LEU DA 14 -58.85 -47.09 -39.92
C LEU DA 14 -57.62 -47.98 -39.99
N ALA DA 15 -56.43 -47.45 -39.74
CA ALA DA 15 -55.25 -48.27 -39.61
C ALA DA 15 -55.18 -48.84 -38.20
N ILE DA 16 -55.13 -50.17 -38.10
CA ILE DA 16 -55.24 -50.87 -36.82
C ILE DA 16 -53.93 -51.59 -36.54
N ALA DA 17 -53.36 -51.33 -35.37
CA ALA DA 17 -52.10 -51.93 -34.96
C ALA DA 17 -52.36 -53.03 -33.95
N PRO DA 18 -51.93 -54.27 -34.21
CA PRO DA 18 -52.08 -55.34 -33.20
C PRO DA 18 -51.02 -55.19 -32.10
N LEU DA 19 -51.28 -54.26 -31.18
CA LEU DA 19 -50.33 -53.95 -30.12
C LEU DA 19 -50.10 -55.17 -29.22
N ASN DA 20 -51.16 -55.90 -28.91
CA ASN DA 20 -51.05 -57.18 -28.24
C ASN DA 20 -51.77 -58.22 -29.06
N LEU DA 21 -51.30 -59.46 -28.96
CA LEU DA 21 -51.81 -60.56 -29.77
C LEU DA 21 -51.74 -61.84 -28.96
N THR DA 22 -52.74 -62.70 -29.15
CA THR DA 22 -52.76 -64.00 -28.50
C THR DA 22 -53.29 -65.03 -29.47
N VAL DA 23 -52.76 -66.25 -29.36
CA VAL DA 23 -53.17 -67.38 -30.19
C VAL DA 23 -53.81 -68.41 -29.27
N LEU DA 24 -55.04 -68.79 -29.58
CA LEU DA 24 -55.77 -69.78 -28.80
C LEU DA 24 -56.05 -71.00 -29.66
N LEU DA 25 -55.79 -72.17 -29.10
CA LEU DA 25 -56.04 -73.44 -29.77
C LEU DA 25 -57.04 -74.25 -28.98
N ALA DA 26 -57.87 -74.99 -29.68
CA ALA DA 26 -58.85 -75.88 -29.07
C ALA DA 26 -58.79 -77.23 -29.76
N PRO DA 27 -59.13 -78.30 -29.04
CA PRO DA 27 -59.22 -79.61 -29.70
C PRO DA 27 -60.32 -79.61 -30.73
N TYR DA 28 -60.18 -80.50 -31.73
CA TYR DA 28 -61.12 -80.52 -32.83
C TYR DA 28 -62.54 -80.83 -32.38
N SER DA 29 -62.72 -81.48 -31.23
CA SER DA 29 -64.05 -81.74 -30.70
C SER DA 29 -64.76 -80.49 -30.19
N THR DA 30 -64.03 -79.39 -29.99
CA THR DA 30 -64.63 -78.15 -29.50
C THR DA 30 -65.57 -77.57 -30.55
N THR DA 31 -66.64 -76.94 -30.08
CA THR DA 31 -67.54 -76.22 -30.98
C THR DA 31 -66.83 -74.98 -31.50
N PRO DA 32 -66.73 -74.79 -32.82
CA PRO DA 32 -65.97 -73.66 -33.35
C PRO DA 32 -66.59 -72.33 -32.97
N ALA DA 33 -65.71 -71.35 -32.74
CA ALA DA 33 -66.17 -69.98 -32.52
C ALA DA 33 -66.72 -69.40 -33.81
N THR DA 34 -67.86 -68.73 -33.70
CA THR DA 34 -68.43 -67.99 -34.83
C THR DA 34 -68.16 -66.49 -34.74
N THR DA 35 -68.02 -65.97 -33.54
CA THR DA 35 -67.68 -64.57 -33.31
C THR DA 35 -67.08 -64.45 -31.93
N LEU DA 36 -66.26 -63.42 -31.74
CA LEU DA 36 -65.64 -63.16 -30.45
C LEU DA 36 -66.36 -62.08 -29.66
N GLU DA 37 -67.48 -61.58 -30.16
CA GLU DA 37 -68.23 -60.52 -29.50
C GLU DA 37 -69.32 -61.12 -28.63
N SER DA 38 -69.35 -60.72 -27.37
CA SER DA 38 -70.36 -61.25 -26.45
C SER DA 38 -71.74 -60.74 -26.85
N PRO DA 39 -72.76 -61.59 -26.88
CA PRO DA 39 -74.12 -61.12 -27.20
C PRO DA 39 -74.75 -60.27 -26.12
N THR DA 40 -74.13 -60.16 -24.95
CA THR DA 40 -74.73 -59.41 -23.85
C THR DA 40 -74.30 -57.94 -23.88
N ASP DA 41 -73.00 -57.70 -23.80
CA ASP DA 41 -72.49 -56.33 -23.78
C ASP DA 41 -71.46 -56.05 -24.88
N GLY DA 42 -71.19 -57.00 -25.77
CA GLY DA 42 -70.23 -56.81 -26.82
C GLY DA 42 -68.77 -56.98 -26.42
N SER DA 43 -68.51 -57.40 -25.19
CA SER DA 43 -67.13 -57.60 -24.76
C SER DA 43 -66.53 -58.85 -25.40
N LEU DA 44 -65.21 -58.97 -25.29
CA LEU DA 44 -64.51 -60.13 -25.83
C LEU DA 44 -64.93 -61.39 -25.07
N ALA DA 45 -65.34 -62.41 -25.82
CA ALA DA 45 -65.82 -63.65 -25.23
C ALA DA 45 -65.23 -64.82 -25.99
N ILE DA 46 -64.31 -65.55 -25.36
CA ILE DA 46 -63.71 -66.73 -25.95
C ILE DA 46 -64.54 -67.95 -25.59
N PRO DA 47 -64.94 -68.77 -26.56
CA PRO DA 47 -65.71 -69.97 -26.24
C PRO DA 47 -64.89 -70.92 -25.39
N PRO DA 48 -65.54 -71.73 -24.56
CA PRO DA 48 -64.80 -72.71 -23.76
C PRO DA 48 -64.11 -73.74 -24.65
N GLY DA 49 -62.95 -74.20 -24.17
CA GLY DA 49 -62.13 -75.15 -24.90
C GLY DA 49 -60.95 -74.53 -25.60
N TYR DA 50 -61.01 -73.23 -25.90
CA TYR DA 50 -59.89 -72.53 -26.50
C TYR DA 50 -58.91 -72.10 -25.42
N LYS DA 51 -57.65 -72.53 -25.56
CA LYS DA 51 -56.62 -72.20 -24.59
C LYS DA 51 -55.49 -71.46 -25.30
N SER DA 52 -55.03 -70.39 -24.67
CA SER DA 52 -53.92 -69.61 -25.21
C SER DA 52 -52.62 -70.41 -25.15
N VAL DA 53 -51.77 -70.21 -26.15
CA VAL DA 53 -50.44 -70.81 -26.13
C VAL DA 53 -49.46 -70.00 -25.30
N GLY DA 54 -49.85 -68.80 -24.86
CA GLY DA 54 -48.98 -67.98 -24.05
C GLY DA 54 -48.09 -67.04 -24.83
N HIS DA 55 -46.97 -66.66 -24.24
CA HIS DA 55 -46.05 -65.71 -24.87
C HIS DA 55 -45.42 -66.30 -26.12
N PHE DA 56 -45.23 -65.44 -27.12
CA PHE DA 56 -44.46 -65.81 -28.31
C PHE DA 56 -43.49 -64.70 -28.66
N GLU DA 57 -42.53 -65.05 -29.51
CA GLU DA 57 -41.40 -64.16 -29.81
C GLU DA 57 -41.87 -62.85 -30.44
N LYS DA 58 -41.36 -61.74 -29.93
CA LYS DA 58 -41.78 -60.42 -30.40
C LYS DA 58 -41.24 -60.13 -31.80
N GLN DA 59 -39.95 -60.38 -32.02
CA GLN DA 59 -39.34 -59.98 -33.28
C GLN DA 59 -39.91 -60.75 -34.46
N ALA DA 60 -40.11 -62.05 -34.30
CA ALA DA 60 -40.74 -62.84 -35.36
C ALA DA 60 -42.18 -62.39 -35.59
N GLY DA 61 -42.89 -62.04 -34.53
CA GLY DA 61 -44.29 -61.70 -34.67
C GLY DA 61 -45.09 -62.89 -35.13
N LEU DA 62 -46.15 -62.60 -35.87
CA LEU DA 62 -46.96 -63.64 -36.49
C LEU DA 62 -47.12 -63.31 -37.96
N THR DA 63 -46.85 -64.28 -38.83
CA THR DA 63 -46.92 -64.10 -40.26
C THR DA 63 -48.09 -64.91 -40.80
N LEU DA 64 -49.00 -64.25 -41.51
CA LEU DA 64 -50.12 -64.89 -42.16
C LEU DA 64 -49.82 -64.97 -43.65
N GLY DA 65 -49.90 -66.18 -44.20
CA GLY DA 65 -49.61 -66.42 -45.60
C GLY DA 65 -50.86 -66.82 -46.35
N ASN DA 66 -50.94 -66.39 -47.61
CA ASN DA 66 -52.04 -66.74 -48.50
C ASN DA 66 -51.49 -67.10 -49.86
N GLU DA 67 -51.91 -68.23 -50.40
CA GLU DA 67 -51.47 -68.69 -51.71
C GLU DA 67 -52.67 -69.14 -52.52
N PHE DA 68 -52.71 -68.75 -53.79
CA PHE DA 68 -53.74 -69.19 -54.71
C PHE DA 68 -53.15 -70.15 -55.72
N ASP DA 69 -53.82 -71.28 -55.93
CA ASP DA 69 -53.49 -72.19 -57.01
C ASP DA 69 -54.63 -72.17 -58.03
N SER DA 70 -54.27 -71.92 -59.29
CA SER DA 70 -55.28 -71.72 -60.32
C SER DA 70 -54.75 -72.22 -61.65
N LYS DA 71 -55.67 -72.50 -62.56
CA LYS DA 71 -55.34 -72.95 -63.90
C LYS DA 71 -56.05 -72.07 -64.92
N ASP DA 72 -55.32 -71.65 -65.94
CA ASP DA 72 -55.84 -70.77 -66.97
C ASP DA 72 -56.27 -71.60 -68.17
N ILE DA 73 -57.47 -71.33 -68.69
CA ILE DA 73 -57.97 -71.99 -69.88
C ILE DA 73 -57.61 -71.11 -71.07
N GLU DA 74 -56.75 -71.62 -71.94
CA GLU DA 74 -56.23 -70.86 -73.07
C GLU DA 74 -56.97 -71.25 -74.34
N ALA DA 75 -57.48 -70.25 -75.05
CA ALA DA 75 -58.15 -70.45 -76.33
C ALA DA 75 -57.28 -69.88 -77.44
N TYR DA 76 -57.41 -70.45 -78.62
CA TYR DA 76 -56.67 -69.97 -79.79
C TYR DA 76 -57.01 -68.51 -80.07
N GLY DA 77 -55.98 -67.70 -80.29
CA GLY DA 77 -56.16 -66.32 -80.65
C GLY DA 77 -56.49 -65.38 -79.51
N GLU DA 78 -56.53 -65.87 -78.28
CA GLU DA 78 -56.83 -65.03 -77.13
C GLU DA 78 -55.58 -64.85 -76.29
N PRO DA 79 -55.00 -63.65 -76.24
CA PRO DA 79 -53.79 -63.45 -75.41
C PRO DA 79 -54.02 -63.73 -73.93
N GLU DA 80 -55.20 -63.42 -73.42
CA GLU DA 80 -55.53 -63.63 -72.03
C GLU DA 80 -56.44 -64.84 -71.88
N PRO DA 81 -56.44 -65.49 -70.71
CA PRO DA 81 -57.30 -66.67 -70.53
C PRO DA 81 -58.78 -66.31 -70.68
N ILE DA 82 -59.52 -67.22 -71.30
CA ILE DA 82 -60.97 -67.05 -71.38
C ILE DA 82 -61.67 -67.49 -70.10
N ARG DA 83 -60.99 -68.24 -69.24
CA ARG DA 83 -61.53 -68.62 -67.95
C ARG DA 83 -60.39 -69.03 -67.04
N THR DA 84 -60.42 -68.54 -65.81
CA THR DA 84 -59.45 -68.92 -64.78
C THR DA 84 -60.16 -69.71 -63.70
N ILE DA 85 -59.70 -70.92 -63.44
CA ILE DA 85 -60.28 -71.79 -62.43
C ILE DA 85 -59.34 -71.77 -61.22
N ILE DA 86 -59.81 -71.20 -60.12
CA ILE DA 86 -59.03 -71.15 -58.88
C ILE DA 86 -59.43 -72.35 -58.03
N ASN DA 87 -58.46 -73.24 -57.77
CA ASN DA 87 -58.76 -74.44 -57.01
C ASN DA 87 -59.07 -74.12 -55.55
N LYS DA 88 -58.23 -73.32 -54.92
CA LYS DA 88 -58.40 -73.00 -53.49
C LYS DA 88 -57.47 -71.86 -53.12
N ARG DA 89 -57.59 -71.41 -51.88
CA ARG DA 89 -56.73 -70.40 -51.29
C ARG DA 89 -56.14 -70.98 -50.02
N THR DA 90 -54.82 -71.18 -50.02
CA THR DA 90 -54.13 -71.81 -48.89
C THR DA 90 -53.67 -70.74 -47.91
N THR DA 91 -54.17 -70.81 -46.69
CA THR DA 91 -53.82 -69.87 -45.63
C THR DA 91 -52.94 -70.57 -44.59
N THR DA 92 -51.84 -69.93 -44.24
CA THR DA 92 -50.93 -70.45 -43.23
C THR DA 92 -50.57 -69.33 -42.25
N PHE DA 93 -50.16 -69.73 -41.05
CA PHE DA 93 -49.64 -68.77 -40.09
C PHE DA 93 -48.59 -69.46 -39.23
N ASP DA 94 -47.52 -68.72 -38.92
CA ASP DA 94 -46.43 -69.23 -38.12
C ASP DA 94 -46.02 -68.20 -37.08
N PHE DA 95 -45.47 -68.69 -35.98
CA PHE DA 95 -45.10 -67.89 -34.82
C PHE DA 95 -44.19 -68.73 -33.94
N ALA DA 96 -43.44 -68.07 -33.07
CA ALA DA 96 -42.42 -68.72 -32.26
C ALA DA 96 -42.86 -68.72 -30.79
N MET DA 97 -43.33 -69.87 -30.32
CA MET DA 97 -43.87 -69.98 -28.97
C MET DA 97 -42.77 -70.18 -27.94
N TYR DA 98 -42.96 -69.56 -26.78
CA TYR DA 98 -42.01 -69.60 -25.67
C TYR DA 98 -42.33 -70.62 -24.60
N GLN DA 99 -43.60 -70.86 -24.31
CA GLN DA 99 -44.00 -71.55 -23.09
C GLN DA 99 -44.05 -73.05 -23.30
N ASN DA 100 -43.43 -73.78 -22.38
CA ASN DA 100 -43.41 -75.25 -22.42
C ASN DA 100 -44.66 -75.80 -21.74
N GLN DA 101 -45.80 -75.53 -22.36
CA GLN DA 101 -47.09 -75.98 -21.90
C GLN DA 101 -47.49 -77.27 -22.60
N ARG DA 102 -48.51 -77.94 -22.06
CA ARG DA 102 -48.95 -79.20 -22.63
C ARG DA 102 -49.52 -79.00 -24.03
N ASN DA 103 -50.29 -77.94 -24.26
CA ASN DA 103 -50.90 -77.76 -25.57
C ASN DA 103 -49.85 -77.45 -26.64
N VAL DA 104 -48.86 -76.63 -26.30
CA VAL DA 104 -47.78 -76.32 -27.24
C VAL DA 104 -47.00 -77.59 -27.59
N LEU DA 105 -46.62 -78.36 -26.58
CA LEU DA 105 -45.83 -79.57 -26.82
C LEU DA 105 -46.64 -80.62 -27.55
N GLU DA 106 -47.95 -80.69 -27.29
CA GLU DA 106 -48.83 -81.57 -28.04
C GLU DA 106 -48.87 -81.15 -29.51
N LEU DA 107 -48.92 -79.84 -29.77
CA LEU DA 107 -48.92 -79.37 -31.14
C LEU DA 107 -47.63 -79.74 -31.87
N ILE DA 108 -46.48 -79.47 -31.24
CA ILE DA 108 -45.22 -79.69 -31.94
C ILE DA 108 -44.97 -81.18 -32.17
N TRP DA 109 -45.36 -82.03 -31.24
CA TRP DA 109 -45.07 -83.46 -31.33
C TRP DA 109 -46.18 -84.27 -31.98
N THR DA 110 -47.27 -83.64 -32.39
CA THR DA 110 -48.40 -84.30 -33.03
C THR DA 110 -48.87 -85.50 -32.22
N GLN DA 111 -49.13 -85.25 -30.94
CA GLN DA 111 -49.53 -86.30 -30.02
C GLN DA 111 -50.44 -85.71 -28.96
N ASP DA 112 -51.31 -86.55 -28.42
CA ASP DA 112 -52.13 -86.20 -27.26
C ASP DA 112 -51.38 -86.61 -25.99
N PHE DA 113 -51.12 -85.64 -25.12
CA PHE DA 113 -50.38 -85.89 -23.88
C PHE DA 113 -51.26 -85.76 -22.65
N SER DA 114 -52.59 -85.90 -22.81
CA SER DA 114 -53.48 -85.79 -21.66
C SER DA 114 -53.32 -86.96 -20.70
N ASN DA 115 -52.86 -88.11 -21.17
CA ASN DA 115 -52.64 -89.28 -20.33
C ASN DA 115 -51.26 -89.28 -19.68
N ILE DA 116 -50.43 -88.29 -19.96
CA ILE DA 116 -49.10 -88.23 -19.36
C ILE DA 116 -49.24 -87.88 -17.89
N GLN DA 117 -48.69 -88.72 -17.03
CA GLN DA 117 -48.72 -88.46 -15.60
C GLN DA 117 -47.35 -88.07 -15.10
N PRO DA 118 -47.23 -86.97 -14.37
CA PRO DA 118 -45.94 -86.60 -13.80
C PRO DA 118 -45.44 -87.67 -12.84
N SER DA 119 -44.11 -87.82 -12.80
CA SER DA 119 -43.50 -88.80 -11.93
C SER DA 119 -43.65 -88.36 -10.47
N GLU DA 120 -43.09 -89.17 -9.56
CA GLU DA 120 -43.22 -88.89 -8.13
C GLU DA 120 -42.64 -87.52 -7.80
N PHE DA 121 -41.59 -87.11 -8.49
CA PHE DA 121 -40.96 -85.82 -8.26
C PHE DA 121 -41.36 -84.79 -9.31
N GLY DA 122 -42.41 -85.06 -10.09
CA GLY DA 122 -42.93 -84.11 -11.04
C GLY DA 122 -42.39 -84.21 -12.44
N GLY DA 123 -41.39 -85.06 -12.67
CA GLY DA 123 -40.80 -85.16 -14.00
C GLY DA 123 -41.75 -85.82 -15.00
N ILE DA 124 -41.67 -85.37 -16.24
CA ILE DA 124 -42.46 -85.92 -17.33
C ILE DA 124 -41.54 -86.26 -18.48
N VAL DA 125 -41.93 -87.28 -19.25
CA VAL DA 125 -41.23 -87.66 -20.48
C VAL DA 125 -42.27 -87.75 -21.59
N LEU DA 126 -42.04 -87.02 -22.67
CA LEU DA 126 -42.96 -86.97 -23.80
C LEU DA 126 -42.30 -87.66 -24.98
N GLU DA 127 -42.81 -88.83 -25.33
CA GLU DA 127 -42.27 -89.59 -26.45
C GLU DA 127 -42.98 -89.19 -27.74
N ALA DA 128 -42.19 -88.96 -28.78
CA ALA DA 128 -42.76 -88.72 -30.10
C ALA DA 128 -43.45 -89.98 -30.61
N PRO DA 129 -44.60 -89.87 -31.25
CA PRO DA 129 -45.28 -91.06 -31.77
C PRO DA 129 -44.47 -91.75 -32.85
N LYS DA 130 -44.67 -93.06 -32.96
CA LYS DA 130 -43.97 -93.85 -33.97
C LYS DA 130 -44.23 -93.30 -35.37
N VAL DA 131 -45.49 -92.97 -35.66
CA VAL DA 131 -45.86 -92.30 -36.90
C VAL DA 131 -46.46 -90.96 -36.52
N PRO DA 132 -46.06 -89.86 -37.14
CA PRO DA 132 -46.71 -88.58 -36.86
C PRO DA 132 -48.19 -88.65 -37.18
N LYS DA 133 -49.00 -88.02 -36.33
CA LYS DA 133 -50.45 -88.08 -36.44
C LYS DA 133 -50.99 -86.81 -37.10
N ASN DA 134 -52.09 -86.98 -37.84
CA ASN DA 134 -52.81 -85.85 -38.44
C ASN DA 134 -53.82 -85.35 -37.43
N ILE DA 135 -53.45 -84.33 -36.67
CA ILE DA 135 -54.30 -83.78 -35.62
C ILE DA 135 -54.74 -82.39 -36.05
N TYR DA 136 -56.03 -82.13 -35.96
CA TYR DA 136 -56.60 -80.84 -36.30
C TYR DA 136 -56.98 -80.09 -35.03
N TYR DA 137 -56.85 -78.76 -35.10
CA TYR DA 137 -57.20 -77.89 -33.99
C TYR DA 137 -58.09 -76.76 -34.51
N ARG DA 138 -58.80 -76.14 -33.59
CA ARG DA 138 -59.51 -74.90 -33.86
C ARG DA 138 -58.68 -73.75 -33.31
N ALA DA 139 -58.48 -72.73 -34.13
CA ALA DA 139 -57.55 -71.65 -33.81
C ALA DA 139 -58.27 -70.31 -33.80
N ILE DA 140 -57.87 -69.46 -32.87
CA ILE DA 140 -58.28 -68.06 -32.81
C ILE DA 140 -57.04 -67.22 -32.66
N LEU DA 141 -56.81 -66.32 -33.61
CA LEU DA 141 -55.77 -65.30 -33.50
C LEU DA 141 -56.48 -63.97 -33.29
N VAL DA 142 -56.43 -63.44 -32.09
CA VAL DA 142 -57.09 -62.17 -31.77
C VAL DA 142 -56.06 -61.17 -31.29
N GLY DA 143 -56.09 -59.98 -31.89
CA GLY DA 143 -55.22 -58.90 -31.49
C GLY DA 143 -56.00 -57.74 -30.92
N MET DA 144 -55.33 -56.87 -30.16
CA MET DA 144 -55.96 -55.73 -29.55
C MET DA 144 -55.22 -54.46 -29.93
N ASP DA 145 -55.96 -53.47 -30.41
CA ASP DA 145 -55.46 -52.12 -30.60
C ASP DA 145 -56.12 -51.26 -29.54
N ASP DA 146 -55.46 -51.11 -28.40
CA ASP DA 146 -56.00 -50.39 -27.25
C ASP DA 146 -55.54 -48.95 -27.34
N ARG DA 147 -56.28 -48.14 -28.09
CA ARG DA 147 -55.96 -46.74 -28.25
C ARG DA 147 -57.12 -45.89 -27.75
N ASN DA 148 -56.78 -44.83 -27.00
CA ASN DA 148 -57.74 -43.89 -26.43
C ASN DA 148 -58.75 -44.58 -25.51
N ASP DA 149 -58.35 -45.67 -24.87
CA ASP DA 149 -59.16 -46.44 -23.92
C ASP DA 149 -60.38 -47.09 -24.57
N ARG DA 150 -60.48 -47.08 -25.90
CA ARG DA 150 -61.57 -47.76 -26.60
C ARG DA 150 -60.94 -48.82 -27.51
N PRO DA 151 -60.78 -50.05 -27.04
CA PRO DA 151 -60.01 -51.04 -27.81
C PRO DA 151 -60.74 -51.50 -29.06
N ILE DA 152 -59.94 -51.94 -30.03
CA ILE DA 152 -60.42 -52.66 -31.20
C ILE DA 152 -59.85 -54.07 -31.14
N TRP DA 153 -60.71 -55.06 -31.28
CA TRP DA 153 -60.30 -56.45 -31.35
C TRP DA 153 -60.39 -56.92 -32.79
N LEU DA 154 -59.24 -57.09 -33.43
CA LEU DA 154 -59.14 -57.69 -34.74
C LEU DA 154 -58.75 -59.14 -34.56
N TYR DA 155 -59.44 -60.04 -35.25
CA TYR DA 155 -59.19 -61.45 -35.03
C TYR DA 155 -59.39 -62.25 -36.31
N TRP DA 156 -58.83 -63.45 -36.29
CA TRP DA 156 -58.98 -64.42 -37.36
C TRP DA 156 -59.48 -65.72 -36.75
N LEU DA 157 -60.49 -66.31 -37.38
CA LEU DA 157 -61.03 -67.59 -36.95
C LEU DA 157 -60.66 -68.65 -37.97
N MET DA 158 -59.97 -69.69 -37.51
CA MET DA 158 -59.58 -70.81 -38.35
C MET DA 158 -60.04 -72.10 -37.69
N PRO DA 159 -61.23 -72.59 -38.04
CA PRO DA 159 -61.82 -73.73 -37.31
C PRO DA 159 -61.07 -75.04 -37.50
N LYS DA 160 -60.23 -75.18 -38.52
CA LYS DA 160 -59.57 -76.45 -38.80
C LYS DA 160 -58.14 -76.19 -39.26
N VAL DA 161 -57.20 -76.18 -38.30
CA VAL DA 161 -55.79 -76.00 -38.59
C VAL DA 161 -55.03 -77.26 -38.24
N LYS DA 162 -53.94 -77.49 -38.96
CA LYS DA 162 -53.08 -78.64 -38.75
C LYS DA 162 -51.64 -78.20 -38.82
N LEU DA 163 -50.79 -78.86 -38.04
CA LEU DA 163 -49.35 -78.59 -38.11
C LEU DA 163 -48.83 -78.95 -39.49
N ASP DA 164 -48.13 -78.01 -40.11
CA ASP DA 164 -47.63 -78.20 -41.47
C ASP DA 164 -46.10 -78.24 -41.53
N LYS DA 165 -45.43 -77.44 -40.72
CA LYS DA 165 -43.98 -77.30 -40.78
C LYS DA 165 -43.46 -76.90 -39.42
N LEU DA 166 -42.24 -77.32 -39.12
CA LEU DA 166 -41.57 -76.95 -37.87
C LEU DA 166 -40.18 -76.42 -38.21
N ASP DA 167 -39.89 -75.20 -37.77
CA ASP DA 167 -38.60 -74.61 -38.05
C ASP DA 167 -37.51 -75.24 -37.18
N ASN DA 168 -36.27 -75.03 -37.60
CA ASN DA 168 -35.14 -75.55 -36.83
C ASN DA 168 -35.11 -74.90 -35.45
N GLN DA 169 -34.86 -75.72 -34.43
CA GLN DA 169 -34.82 -75.28 -33.06
C GLN DA 169 -33.37 -75.16 -32.61
N THR DA 170 -32.91 -73.93 -32.38
CA THR DA 170 -31.54 -73.68 -31.98
C THR DA 170 -31.48 -73.40 -30.49
N LEU DA 171 -30.63 -74.13 -29.79
CA LEU DA 171 -30.41 -73.93 -28.36
C LEU DA 171 -29.20 -73.05 -28.16
N ASN DA 172 -29.38 -71.94 -27.47
CA ASN DA 172 -28.31 -71.01 -27.15
C ASN DA 172 -28.32 -70.76 -25.64
N ASP DA 173 -27.14 -70.52 -25.08
CA ASP DA 173 -27.03 -70.35 -23.64
C ASP DA 173 -27.48 -68.97 -23.17
N ASP DA 174 -27.90 -68.10 -24.09
CA ASP DA 174 -28.40 -66.77 -23.74
C ASP DA 174 -29.81 -66.53 -24.25
N ASN DA 175 -30.52 -67.58 -24.64
CA ASN DA 175 -31.88 -67.47 -25.14
C ASN DA 175 -32.74 -68.59 -24.58
N VAL DA 176 -34.04 -68.35 -24.50
CA VAL DA 176 -34.98 -69.40 -24.12
C VAL DA 176 -35.25 -70.26 -25.34
N ILE DA 177 -35.80 -71.44 -25.11
CA ILE DA 177 -36.11 -72.36 -26.19
C ILE DA 177 -37.41 -71.94 -26.85
N GLU DA 178 -37.42 -71.94 -28.18
CA GLU DA 178 -38.57 -71.50 -28.96
C GLU DA 178 -39.09 -72.65 -29.82
N TYR DA 179 -40.40 -72.68 -30.00
CA TYR DA 179 -41.05 -73.62 -30.91
C TYR DA 179 -41.69 -72.79 -32.02
N LYS DA 180 -41.37 -73.12 -33.26
CA LYS DA 180 -41.75 -72.32 -34.42
C LYS DA 180 -42.53 -73.19 -35.39
N PRO DA 181 -43.81 -73.43 -35.13
CA PRO DA 181 -44.61 -74.21 -36.07
C PRO DA 181 -45.23 -73.33 -37.15
N THR DA 182 -45.49 -73.95 -38.29
CA THR DA 182 -46.31 -73.36 -39.34
C THR DA 182 -47.61 -74.15 -39.39
N LEU DA 183 -48.73 -73.46 -39.23
CA LEU DA 183 -50.03 -74.10 -39.21
C LEU DA 183 -50.78 -73.75 -40.50
N LYS DA 184 -51.39 -74.76 -41.10
CA LYS DA 184 -52.17 -74.57 -42.33
C LYS DA 184 -53.64 -74.70 -42.00
N ALA DA 185 -54.43 -73.73 -42.45
CA ALA DA 185 -55.87 -73.73 -42.24
C ALA DA 185 -56.57 -74.56 -43.30
N PHE DA 186 -57.53 -75.36 -42.86
CA PHE DA 186 -58.33 -76.18 -43.76
C PHE DA 186 -59.79 -75.79 -43.65
N ARG DA 187 -60.54 -76.05 -44.71
CA ARG DA 187 -61.96 -75.75 -44.70
C ARG DA 187 -62.71 -76.71 -43.78
N ASP DA 188 -63.47 -76.14 -42.86
CA ASP DA 188 -64.35 -76.93 -41.99
C ASP DA 188 -65.74 -76.96 -42.62
N ASP DA 189 -66.28 -78.17 -42.81
CA ASP DA 189 -67.52 -78.32 -43.55
C ASP DA 189 -68.71 -77.74 -42.78
N VAL DA 190 -68.74 -77.93 -41.46
CA VAL DA 190 -69.90 -77.52 -40.68
C VAL DA 190 -70.05 -76.00 -40.69
N VAL DA 191 -68.97 -75.27 -40.40
CA VAL DA 191 -69.04 -73.81 -40.41
C VAL DA 191 -68.85 -73.23 -41.79
N GLY DA 192 -68.37 -74.01 -42.75
CA GLY DA 192 -68.36 -73.60 -44.14
C GLY DA 192 -67.31 -72.60 -44.53
N TYR DA 193 -66.20 -72.52 -43.79
CA TYR DA 193 -65.10 -71.65 -44.18
C TYR DA 193 -63.82 -72.16 -43.53
N SER DA 194 -62.69 -71.74 -44.09
CA SER DA 194 -61.39 -72.04 -43.50
C SER DA 194 -60.82 -70.87 -42.70
N VAL DA 195 -61.04 -69.64 -43.15
CA VAL DA 195 -60.52 -68.45 -42.45
C VAL DA 195 -61.61 -67.40 -42.45
N ALA DA 196 -61.76 -66.71 -41.32
CA ALA DA 196 -62.65 -65.57 -41.20
C ALA DA 196 -61.92 -64.47 -40.45
N GLN DA 197 -62.11 -63.23 -40.89
CA GLN DA 197 -61.54 -62.06 -40.24
C GLN DA 197 -62.64 -61.28 -39.53
N GLY DA 198 -62.37 -60.90 -38.29
CA GLY DA 198 -63.37 -60.22 -37.49
C GLY DA 198 -62.84 -58.93 -36.89
N PHE DA 199 -63.77 -58.01 -36.65
CA PHE DA 199 -63.49 -56.74 -36.00
C PHE DA 199 -64.56 -56.51 -34.94
N ALA DA 200 -64.14 -56.09 -33.75
CA ALA DA 200 -65.08 -55.89 -32.64
C ALA DA 200 -64.48 -54.90 -31.66
N GLY DA 201 -65.27 -54.54 -30.66
CA GLY DA 201 -64.86 -53.60 -29.65
C GLY DA 201 -65.47 -52.23 -29.84
N PRO DA 202 -65.52 -51.44 -28.76
CA PRO DA 202 -66.07 -50.08 -28.89
C PRO DA 202 -65.30 -49.20 -29.86
N GLY DA 203 -63.98 -49.33 -29.90
CA GLY DA 203 -63.20 -48.60 -30.87
C GLY DA 203 -63.57 -48.95 -32.29
N TRP DA 204 -63.89 -50.22 -32.53
CA TRP DA 204 -64.39 -50.60 -33.85
C TRP DA 204 -65.77 -50.02 -34.10
N ARG DA 205 -66.65 -50.08 -33.10
CA ARG DA 205 -68.00 -49.53 -33.24
C ARG DA 205 -67.95 -48.06 -33.64
N ASP DA 206 -66.95 -47.32 -33.16
CA ASP DA 206 -66.80 -45.93 -33.58
C ASP DA 206 -66.45 -45.82 -35.06
N LEU DA 207 -65.98 -46.90 -35.69
CA LEU DA 207 -65.46 -46.84 -37.04
C LEU DA 207 -66.25 -47.65 -38.06
N VAL DA 208 -67.28 -48.40 -37.65
CA VAL DA 208 -67.92 -49.35 -38.56
C VAL DA 208 -68.50 -48.63 -39.78
N ALA DA 209 -69.18 -47.51 -39.56
CA ALA DA 209 -69.74 -46.75 -40.67
C ALA DA 209 -68.64 -46.16 -41.55
N THR DA 210 -67.57 -45.66 -40.93
CA THR DA 210 -66.43 -45.15 -41.70
C THR DA 210 -65.79 -46.26 -42.52
N ALA DA 211 -65.69 -47.47 -41.97
CA ALA DA 211 -65.11 -48.59 -42.69
C ALA DA 211 -65.97 -49.07 -43.84
N GLY DA 212 -67.20 -48.58 -43.97
CA GLY DA 212 -68.04 -48.93 -45.09
C GLY DA 212 -68.95 -50.11 -44.88
N PHE DA 213 -69.16 -50.54 -43.65
CA PHE DA 213 -70.06 -51.66 -43.35
C PHE DA 213 -71.34 -51.11 -42.75
N GLY DA 214 -72.48 -51.51 -43.31
CA GLY DA 214 -73.74 -50.96 -42.87
C GLY DA 214 -73.93 -49.52 -43.33
N GLU DA 215 -74.77 -48.80 -42.60
CA GLU DA 215 -75.07 -47.40 -42.88
C GLU DA 215 -74.60 -46.52 -41.73
N ALA DA 216 -74.44 -45.23 -42.04
CA ALA DA 216 -73.98 -44.29 -41.04
C ALA DA 216 -75.07 -44.00 -40.02
N LEU DA 217 -74.65 -43.58 -38.82
CA LEU DA 217 -75.57 -43.28 -37.74
C LEU DA 217 -76.06 -41.85 -37.88
N THR DA 218 -77.38 -41.67 -37.86
CA THR DA 218 -77.98 -40.35 -37.95
C THR DA 218 -78.99 -40.05 -36.84
N ALA DA 219 -79.68 -41.05 -36.31
CA ALA DA 219 -80.72 -40.84 -35.32
C ALA DA 219 -80.54 -41.80 -34.16
N LEU DA 220 -80.81 -41.31 -32.95
CA LEU DA 220 -80.72 -42.10 -31.73
C LEU DA 220 -82.14 -42.30 -31.19
N THR DA 221 -82.53 -43.56 -31.02
CA THR DA 221 -83.87 -43.91 -30.56
C THR DA 221 -83.77 -44.63 -29.24
N ILE DA 222 -84.55 -44.18 -28.26
CA ILE DA 222 -84.66 -44.86 -26.98
C ILE DA 222 -85.80 -45.88 -27.09
N THR DA 223 -85.45 -47.16 -27.07
CA THR DA 223 -86.41 -48.22 -27.35
C THR DA 223 -87.55 -48.31 -26.33
N PRO DA 224 -87.30 -48.23 -25.00
CA PRO DA 224 -88.44 -48.35 -24.07
C PRO DA 224 -89.50 -47.28 -24.28
N GLY DA 225 -89.11 -46.06 -24.62
CA GLY DA 225 -90.09 -45.01 -24.87
C GLY DA 225 -90.53 -44.32 -23.60
N SER DA 226 -91.69 -44.71 -23.08
CA SER DA 226 -92.25 -44.16 -21.86
C SER DA 226 -92.54 -45.30 -20.88
N PRO DA 227 -91.58 -45.66 -20.04
CA PRO DA 227 -91.80 -46.71 -19.05
C PRO DA 227 -92.33 -46.13 -17.74
N THR DA 228 -92.73 -47.04 -16.85
CA THR DA 228 -93.17 -46.67 -15.51
C THR DA 228 -92.45 -47.56 -14.50
N VAL DA 229 -91.82 -46.94 -13.51
CA VAL DA 229 -91.07 -47.64 -12.48
C VAL DA 229 -91.75 -47.40 -11.14
N THR DA 230 -91.92 -48.46 -10.37
CA THR DA 230 -92.57 -48.34 -9.07
C THR DA 230 -91.56 -47.83 -8.04
N VAL DA 231 -92.04 -46.95 -7.15
CA VAL DA 231 -91.19 -46.45 -6.07
C VAL DA 231 -90.77 -47.58 -5.15
N ALA DA 232 -91.70 -48.49 -4.83
CA ALA DA 232 -91.38 -49.62 -3.98
C ALA DA 232 -90.38 -50.55 -4.67
N THR DA 233 -89.53 -51.16 -3.86
CA THR DA 233 -88.52 -52.09 -4.36
C THR DA 233 -89.20 -53.36 -4.89
N GLY DA 234 -88.72 -53.86 -6.01
CA GLY DA 234 -89.29 -55.05 -6.60
C GLY DA 234 -88.64 -55.36 -7.93
N ALA DA 235 -89.20 -56.36 -8.62
CA ALA DA 235 -88.69 -56.75 -9.93
C ALA DA 235 -88.87 -55.65 -10.94
N SER DA 236 -90.03 -54.98 -10.92
CA SER DA 236 -90.33 -53.88 -11.84
C SER DA 236 -90.01 -52.51 -11.25
N HIS DA 237 -89.23 -52.47 -10.16
CA HIS DA 237 -88.88 -51.20 -9.54
C HIS DA 237 -87.93 -50.38 -10.40
N THR DA 238 -87.05 -51.03 -11.15
CA THR DA 238 -86.09 -50.37 -12.01
C THR DA 238 -86.34 -50.76 -13.47
N ALA DA 239 -85.88 -49.91 -14.39
CA ALA DA 239 -86.02 -50.15 -15.82
C ALA DA 239 -84.68 -49.89 -16.50
N GLN DA 240 -84.28 -50.80 -17.38
CA GLN DA 240 -83.03 -50.68 -18.11
C GLN DA 240 -83.31 -50.12 -19.49
N LEU DA 241 -82.61 -49.03 -19.84
CA LEU DA 241 -82.80 -48.40 -21.13
C LEU DA 241 -81.93 -49.04 -22.20
N LEU DA 242 -82.23 -48.72 -23.45
CA LEU DA 242 -81.45 -49.20 -24.59
C LEU DA 242 -81.54 -48.16 -25.70
N VAL DA 243 -80.39 -47.72 -26.19
CA VAL DA 243 -80.31 -46.66 -27.19
C VAL DA 243 -79.76 -47.25 -28.47
N GLU DA 244 -80.49 -47.07 -29.57
CA GLU DA 244 -80.15 -47.66 -30.85
C GLU DA 244 -79.91 -46.56 -31.88
N GLY DA 245 -79.46 -46.98 -33.06
CA GLY DA 245 -79.28 -46.08 -34.17
C GLY DA 245 -80.07 -46.53 -35.39
N ASP DA 246 -80.02 -45.67 -36.42
CA ASP DA 246 -80.73 -45.98 -37.66
C ASP DA 246 -80.12 -47.17 -38.39
N ASN DA 247 -78.88 -47.53 -38.07
CA ASN DA 247 -78.21 -48.67 -38.68
C ASN DA 247 -78.36 -49.96 -37.87
N GLY DA 248 -79.06 -49.91 -36.73
CA GLY DA 248 -79.28 -51.10 -35.94
C GLY DA 248 -78.19 -51.44 -34.96
N ILE DA 249 -77.33 -50.50 -34.60
CA ILE DA 249 -76.21 -50.74 -33.69
C ILE DA 249 -76.55 -50.15 -32.33
N ASN DA 250 -76.39 -50.96 -31.28
CA ASN DA 250 -76.66 -50.50 -29.92
C ASN DA 250 -75.56 -49.52 -29.49
N TYR DA 251 -75.94 -48.27 -29.28
CA TYR DA 251 -75.02 -47.22 -28.88
C TYR DA 251 -75.12 -46.87 -27.40
N THR DA 252 -75.76 -47.73 -26.61
CA THR DA 252 -75.93 -47.45 -25.19
C THR DA 252 -74.62 -47.19 -24.45
N PRO DA 253 -73.54 -47.98 -24.62
CA PRO DA 253 -72.29 -47.62 -23.93
C PRO DA 253 -71.71 -46.29 -24.36
N ASP DA 254 -72.03 -45.83 -25.56
CA ASP DA 254 -71.42 -44.63 -26.13
C ASP DA 254 -72.23 -43.36 -25.90
N VAL DA 255 -73.33 -43.44 -25.17
CA VAL DA 255 -74.18 -42.27 -24.94
C VAL DA 255 -74.09 -41.87 -23.47
N VAL DA 256 -74.37 -40.59 -23.22
CA VAL DA 256 -74.34 -40.02 -21.88
C VAL DA 256 -75.78 -39.85 -21.42
N PHE DA 257 -76.10 -40.41 -20.26
CA PHE DA 257 -77.45 -40.35 -19.71
C PHE DA 257 -77.57 -39.19 -18.74
N THR DA 258 -78.50 -38.28 -19.01
CA THR DA 258 -78.77 -37.14 -18.15
C THR DA 258 -80.25 -37.12 -17.81
N SER DA 259 -80.56 -37.07 -16.52
CA SER DA 259 -81.94 -37.01 -16.06
C SER DA 259 -82.36 -35.56 -15.79
N SER DA 260 -83.67 -35.32 -15.95
CA SER DA 260 -84.20 -33.98 -15.71
C SER DA 260 -84.23 -33.66 -14.21
N ALA DA 261 -84.97 -34.46 -13.45
CA ALA DA 261 -85.01 -34.34 -12.00
C ALA DA 261 -84.37 -35.58 -11.38
N PRO DA 262 -83.13 -35.49 -10.88
CA PRO DA 262 -82.48 -36.68 -10.32
C PRO DA 262 -83.23 -37.29 -9.15
N ASP DA 263 -83.90 -36.47 -8.33
CA ASP DA 263 -84.62 -36.99 -7.18
C ASP DA 263 -85.77 -37.89 -7.60
N LYS DA 264 -86.48 -37.52 -8.66
CA LYS DA 264 -87.65 -38.30 -9.07
C LYS DA 264 -87.24 -39.67 -9.62
N ALA DA 265 -86.26 -39.69 -10.52
CA ALA DA 265 -85.78 -40.94 -11.11
C ALA DA 265 -84.29 -40.81 -11.33
N SER DA 266 -83.52 -41.70 -10.71
CA SER DA 266 -82.07 -41.68 -10.81
C SER DA 266 -81.62 -42.66 -11.88
N VAL DA 267 -80.78 -42.19 -12.81
CA VAL DA 267 -80.26 -43.00 -13.90
C VAL DA 267 -78.74 -43.03 -13.80
N SER DA 268 -78.17 -44.23 -13.89
CA SER DA 268 -76.73 -44.40 -13.83
C SER DA 268 -76.13 -44.12 -15.22
N ALA DA 269 -74.81 -44.26 -15.33
CA ALA DA 269 -74.16 -44.08 -16.63
C ALA DA 269 -74.60 -45.14 -17.62
N ALA DA 270 -74.78 -46.38 -17.16
CA ALA DA 270 -75.20 -47.47 -18.04
C ALA DA 270 -76.61 -47.26 -18.57
N GLY DA 271 -77.43 -46.48 -17.89
CA GLY DA 271 -78.77 -46.20 -18.34
C GLY DA 271 -79.87 -46.94 -17.63
N LEU DA 272 -79.68 -47.30 -16.37
CA LEU DA 272 -80.73 -47.95 -15.58
C LEU DA 272 -81.49 -46.89 -14.79
N VAL DA 273 -82.81 -46.84 -15.00
CA VAL DA 273 -83.66 -45.82 -14.39
C VAL DA 273 -84.33 -46.43 -13.18
N THR DA 274 -84.03 -45.88 -12.00
CA THR DA 274 -84.59 -46.36 -10.73
C THR DA 274 -85.48 -45.27 -10.16
N GLY DA 275 -86.71 -45.64 -9.83
CA GLY DA 275 -87.68 -44.65 -9.36
C GLY DA 275 -87.58 -44.36 -7.88
N VAL DA 276 -86.94 -43.25 -7.53
CA VAL DA 276 -86.80 -42.87 -6.13
C VAL DA 276 -88.11 -42.29 -5.60
N ALA DA 277 -88.71 -41.35 -6.34
CA ALA DA 277 -89.93 -40.70 -5.91
C ALA DA 277 -90.87 -40.57 -7.10
N ALA DA 278 -92.16 -40.48 -6.80
CA ALA DA 278 -93.16 -40.33 -7.85
C ALA DA 278 -92.99 -39.00 -8.57
N GLY DA 279 -93.32 -39.00 -9.85
CA GLY DA 279 -93.24 -37.81 -10.66
C GLY DA 279 -92.84 -38.16 -12.08
N SER DA 280 -92.80 -37.14 -12.92
CA SER DA 280 -92.43 -37.29 -14.33
C SER DA 280 -91.02 -36.74 -14.51
N ALA DA 281 -90.12 -37.59 -15.00
CA ALA DA 281 -88.73 -37.23 -15.21
C ALA DA 281 -88.33 -37.55 -16.65
N THR DA 282 -87.45 -36.72 -17.20
CA THR DA 282 -87.00 -36.87 -18.58
C THR DA 282 -85.57 -37.38 -18.57
N ILE DA 283 -85.34 -38.50 -19.26
CA ILE DA 283 -84.02 -39.10 -19.39
C ILE DA 283 -83.55 -38.89 -20.82
N THR DA 284 -82.45 -38.16 -20.99
CA THR DA 284 -81.95 -37.76 -22.31
C THR DA 284 -80.58 -38.37 -22.52
N ALA DA 285 -80.43 -39.13 -23.61
CA ALA DA 285 -79.16 -39.76 -23.95
C ALA DA 285 -78.51 -38.98 -25.10
N THR DA 286 -77.28 -38.55 -24.89
CA THR DA 286 -76.56 -37.72 -25.84
C THR DA 286 -75.29 -38.41 -26.30
N LYS DA 287 -75.05 -38.40 -27.60
CA LYS DA 287 -73.80 -38.88 -28.19
C LYS DA 287 -73.38 -37.89 -29.27
N GLY DA 288 -72.32 -37.14 -29.02
CA GLY DA 288 -71.91 -36.13 -29.98
C GLY DA 288 -72.98 -35.08 -30.16
N ALA DA 289 -73.34 -34.83 -31.41
CA ALA DA 289 -74.37 -33.85 -31.75
C ALA DA 289 -75.76 -34.47 -31.89
N LEU DA 290 -75.90 -35.75 -31.58
CA LEU DA 290 -77.18 -36.45 -31.64
C LEU DA 290 -77.71 -36.71 -30.23
N THR DA 291 -79.03 -36.74 -30.11
CA THR DA 291 -79.66 -36.89 -28.81
C THR DA 291 -80.91 -37.75 -28.93
N ALA DA 292 -81.33 -38.31 -27.80
CA ALA DA 292 -82.56 -39.08 -27.71
C ALA DA 292 -83.22 -38.74 -26.38
N THR DA 293 -84.53 -38.48 -26.42
CA THR DA 293 -85.27 -38.05 -25.25
C THR DA 293 -86.31 -39.08 -24.86
N ALA DA 294 -86.36 -39.41 -23.57
CA ALA DA 294 -87.33 -40.34 -23.03
C ALA DA 294 -87.95 -39.75 -21.78
N THR DA 295 -89.21 -40.10 -21.55
CA THR DA 295 -89.96 -39.62 -20.40
C THR DA 295 -90.46 -40.81 -19.59
N VAL DA 296 -90.30 -40.73 -18.27
CA VAL DA 296 -90.70 -41.79 -17.35
C VAL DA 296 -91.65 -41.21 -16.32
N THR DA 297 -92.80 -41.87 -16.14
CA THR DA 297 -93.76 -41.51 -15.10
C THR DA 297 -93.56 -42.47 -13.94
N VAL DA 298 -93.18 -41.93 -12.78
CA VAL DA 298 -92.92 -42.74 -11.60
C VAL DA 298 -94.16 -42.77 -10.72
N THR DA 299 -94.55 -43.97 -10.29
CA THR DA 299 -95.70 -44.17 -9.43
C THR DA 299 -95.26 -44.86 -8.15
N ALA DA 300 -96.01 -44.60 -7.08
CA ALA DA 300 -95.70 -45.17 -5.78
C ALA DA 300 -96.85 -46.01 -5.25
#